data_2K9A
#
_entry.id   2K9A
#
_entity_poly.entity_id   1
_entity_poly.type   'polypeptide(L)'
_entity_poly.pdbx_seq_one_letter_code
;HMDALEGESFALSFSSASDAEFDAVVGYLEDIIMDDEFQLLQRNFMDKYYLEFEDTEENKLIYTPIFNEYISLVEKYIEE
QLLQRIPEFNMAAFTTTLQHHKDEVAGDIFDMLLTFTDFLAFKEMFLDYRAEKEGRG
;
_entity_poly.pdbx_strand_id   A
#
# COMPACT_ATOMS: atom_id res chain seq x y z
N MET A 2 31.29 3.73 -3.46
CA MET A 2 31.43 2.73 -2.36
C MET A 2 31.42 1.31 -2.92
N ASP A 3 32.20 0.44 -2.29
CA ASP A 3 32.29 -0.96 -2.72
C ASP A 3 32.67 -1.87 -1.56
N ALA A 4 32.02 -3.02 -1.47
CA ALA A 4 32.29 -3.98 -0.41
C ALA A 4 32.05 -5.41 -0.89
N LEU A 5 32.41 -6.38 -0.05
CA LEU A 5 32.23 -7.78 -0.40
C LEU A 5 31.45 -8.51 0.70
N GLU A 6 30.20 -8.81 0.40
CA GLU A 6 29.34 -9.50 1.36
C GLU A 6 28.64 -10.70 0.71
N GLY A 7 28.78 -11.87 1.32
CA GLY A 7 28.17 -13.07 0.78
C GLY A 7 28.85 -14.34 1.27
N GLU A 8 28.49 -14.77 2.47
CA GLU A 8 29.07 -15.98 3.04
C GLU A 8 28.06 -16.69 3.95
N SER A 9 27.63 -15.99 4.99
CA SER A 9 26.67 -16.54 5.94
C SER A 9 25.25 -16.13 5.59
N PHE A 10 25.11 -15.36 4.53
CA PHE A 10 23.80 -14.90 4.07
C PHE A 10 23.00 -16.04 3.46
N ALA A 11 21.86 -16.36 4.07
CA ALA A 11 21.00 -17.43 3.59
C ALA A 11 21.69 -18.79 3.69
N LEU A 12 20.90 -19.86 3.67
CA LEU A 12 21.43 -21.21 3.75
C LEU A 12 21.63 -21.79 2.36
N SER A 13 20.52 -21.98 1.64
CA SER A 13 20.57 -22.54 0.30
C SER A 13 19.38 -22.06 -0.53
N PHE A 14 18.28 -21.77 0.16
CA PHE A 14 17.06 -21.30 -0.50
C PHE A 14 16.77 -19.85 -0.13
N SER A 15 16.91 -18.96 -1.11
CA SER A 15 16.66 -17.54 -0.89
C SER A 15 15.28 -17.14 -1.38
N SER A 16 14.55 -16.39 -0.55
CA SER A 16 13.20 -15.94 -0.91
C SER A 16 12.74 -14.83 0.03
N ALA A 17 12.23 -15.22 1.19
CA ALA A 17 11.76 -14.26 2.18
C ALA A 17 12.92 -13.45 2.76
N SER A 18 14.14 -13.86 2.42
CA SER A 18 15.33 -13.17 2.90
C SER A 18 15.48 -11.81 2.26
N ASP A 19 15.63 -11.79 0.93
CA ASP A 19 15.79 -10.55 0.19
C ASP A 19 15.63 -10.77 -1.31
N ALA A 20 15.76 -12.02 -1.74
CA ALA A 20 15.63 -12.36 -3.15
C ALA A 20 14.20 -12.17 -3.64
N GLU A 21 13.26 -12.87 -3.01
CA GLU A 21 11.86 -12.78 -3.39
C GLU A 21 11.25 -11.47 -2.92
N PHE A 22 11.61 -11.04 -1.71
CA PHE A 22 11.08 -9.79 -1.17
C PHE A 22 11.35 -8.64 -2.13
N ASP A 23 12.61 -8.50 -2.56
CA ASP A 23 12.98 -7.43 -3.48
C ASP A 23 12.23 -7.58 -4.81
N ALA A 24 12.07 -8.83 -5.26
CA ALA A 24 11.37 -9.11 -6.50
C ALA A 24 9.98 -8.49 -6.47
N VAL A 25 9.29 -8.61 -5.34
CA VAL A 25 7.96 -8.05 -5.19
C VAL A 25 8.00 -6.53 -5.24
N VAL A 26 9.01 -5.94 -4.60
CA VAL A 26 9.17 -4.50 -4.58
C VAL A 26 9.23 -3.94 -6.00
N GLY A 27 9.88 -4.69 -6.88
CA GLY A 27 10.00 -4.26 -8.27
C GLY A 27 8.67 -4.28 -8.98
N TYR A 28 7.92 -5.37 -8.81
CA TYR A 28 6.62 -5.50 -9.44
C TYR A 28 5.66 -4.43 -8.94
N LEU A 29 5.93 -3.93 -7.74
CA LEU A 29 5.09 -2.90 -7.13
C LEU A 29 5.31 -1.55 -7.83
N GLU A 30 6.57 -1.18 -8.01
CA GLU A 30 6.91 0.08 -8.66
C GLU A 30 6.34 0.14 -10.06
N ASP A 31 6.36 -0.99 -10.76
CA ASP A 31 5.84 -1.06 -12.12
C ASP A 31 4.38 -0.66 -12.16
N ILE A 32 3.65 -0.97 -11.10
CA ILE A 32 2.23 -0.64 -11.01
C ILE A 32 2.03 0.80 -10.55
N ILE A 33 2.90 1.26 -9.65
CA ILE A 33 2.81 2.62 -9.13
C ILE A 33 2.90 3.66 -10.25
N MET A 34 3.75 3.38 -11.24
CA MET A 34 3.94 4.29 -12.36
C MET A 34 3.01 3.93 -13.53
N ASP A 35 2.21 2.88 -13.33
CA ASP A 35 1.29 2.43 -14.37
C ASP A 35 0.19 3.46 -14.61
N ASP A 36 -0.07 3.75 -15.88
CA ASP A 36 -1.09 4.72 -16.26
C ASP A 36 -2.45 4.37 -15.66
N GLU A 37 -2.85 3.11 -15.80
CA GLU A 37 -4.14 2.65 -15.28
C GLU A 37 -4.24 2.89 -13.78
N PHE A 38 -3.11 2.81 -13.09
CA PHE A 38 -3.07 3.01 -11.64
C PHE A 38 -3.24 4.49 -11.30
N GLN A 39 -2.65 5.35 -12.12
CA GLN A 39 -2.73 6.78 -11.90
C GLN A 39 -4.16 7.28 -12.05
N LEU A 40 -4.89 6.69 -13.01
CA LEU A 40 -6.26 7.06 -13.26
C LEU A 40 -7.17 6.63 -12.11
N LEU A 41 -7.04 5.36 -11.71
CA LEU A 41 -7.83 4.81 -10.62
C LEU A 41 -7.62 5.57 -9.31
N GLN A 42 -6.36 5.83 -8.99
CA GLN A 42 -6.00 6.52 -7.75
C GLN A 42 -6.62 7.92 -7.70
N ARG A 43 -6.38 8.72 -8.73
CA ARG A 43 -6.90 10.08 -8.78
C ARG A 43 -8.42 10.09 -8.88
N ASN A 44 -8.98 9.09 -9.54
CA ASN A 44 -10.43 8.99 -9.72
C ASN A 44 -11.14 8.93 -8.36
N PHE A 45 -10.67 8.06 -7.48
CA PHE A 45 -11.28 7.90 -6.16
C PHE A 45 -10.84 9.02 -5.21
N MET A 46 -9.60 9.47 -5.34
CA MET A 46 -9.08 10.53 -4.48
C MET A 46 -9.87 11.82 -4.67
N ASP A 47 -10.47 11.97 -5.84
CA ASP A 47 -11.26 13.16 -6.15
C ASP A 47 -12.47 13.29 -5.21
N LYS A 48 -12.99 12.16 -4.77
CA LYS A 48 -14.15 12.13 -3.88
C LYS A 48 -13.71 12.01 -2.42
N TYR A 49 -12.76 11.11 -2.17
CA TYR A 49 -12.24 10.89 -0.82
C TYR A 49 -11.73 12.17 -0.18
N TYR A 50 -10.91 12.92 -0.91
CA TYR A 50 -10.34 14.16 -0.39
C TYR A 50 -11.44 15.17 -0.06
N LEU A 51 -12.62 14.97 -0.63
CA LEU A 51 -13.74 15.88 -0.38
C LEU A 51 -14.43 15.55 0.94
N GLU A 52 -14.63 14.26 1.20
CA GLU A 52 -15.28 13.81 2.42
C GLU A 52 -14.42 14.09 3.65
N PHE A 53 -13.12 13.87 3.52
CA PHE A 53 -12.19 14.11 4.61
C PHE A 53 -11.99 15.60 4.86
N GLU A 54 -12.83 16.16 5.73
CA GLU A 54 -12.74 17.58 6.05
C GLU A 54 -12.21 17.79 7.46
N ASP A 55 -11.34 18.78 7.63
CA ASP A 55 -10.75 19.07 8.92
C ASP A 55 -11.80 19.62 9.89
N THR A 56 -12.25 18.76 10.80
CA THR A 56 -13.25 19.16 11.79
C THR A 56 -12.83 18.72 13.19
N GLU A 57 -13.63 19.10 14.19
CA GLU A 57 -13.34 18.75 15.58
C GLU A 57 -14.11 17.50 16.00
N GLU A 58 -15.14 17.15 15.22
CA GLU A 58 -15.96 15.98 15.53
C GLU A 58 -15.68 14.85 14.53
N ASN A 59 -15.89 13.62 14.97
CA ASN A 59 -15.68 12.46 14.12
C ASN A 59 -16.98 11.97 13.52
N LYS A 60 -17.00 11.76 12.21
CA LYS A 60 -18.19 11.29 11.52
C LYS A 60 -18.15 9.78 11.32
N LEU A 61 -19.32 9.18 11.21
CA LEU A 61 -19.42 7.73 11.03
C LEU A 61 -19.17 7.34 9.56
N ILE A 62 -19.27 8.33 8.67
CA ILE A 62 -19.06 8.08 7.25
C ILE A 62 -17.62 7.65 6.96
N TYR A 63 -16.74 7.84 7.95
CA TYR A 63 -15.34 7.46 7.80
C TYR A 63 -15.17 5.94 7.81
N THR A 64 -16.12 5.24 8.41
CA THR A 64 -16.06 3.78 8.48
C THR A 64 -16.28 3.13 7.11
N PRO A 65 -17.38 3.47 6.39
CA PRO A 65 -17.66 2.91 5.07
C PRO A 65 -16.63 3.33 4.03
N ILE A 66 -16.22 4.59 4.08
CA ILE A 66 -15.24 5.12 3.14
C ILE A 66 -13.92 4.37 3.26
N PHE A 67 -13.48 4.16 4.49
CA PHE A 67 -12.22 3.46 4.74
C PHE A 67 -12.28 2.02 4.20
N ASN A 68 -13.38 1.33 4.51
CA ASN A 68 -13.57 -0.04 4.06
C ASN A 68 -13.53 -0.14 2.53
N GLU A 69 -14.05 0.90 1.87
CA GLU A 69 -14.09 0.93 0.41
C GLU A 69 -12.67 1.03 -0.15
N TYR A 70 -11.82 1.78 0.52
CA TYR A 70 -10.43 1.96 0.08
C TYR A 70 -9.65 0.66 0.22
N ILE A 71 -9.94 -0.09 1.28
CA ILE A 71 -9.28 -1.35 1.55
C ILE A 71 -9.74 -2.44 0.59
N SER A 72 -10.99 -2.33 0.13
CA SER A 72 -11.54 -3.32 -0.78
C SER A 72 -11.28 -2.96 -2.24
N LEU A 73 -11.14 -1.66 -2.51
CA LEU A 73 -10.89 -1.20 -3.88
C LEU A 73 -9.40 -1.13 -4.21
N VAL A 74 -8.67 -0.26 -3.50
CA VAL A 74 -7.24 -0.06 -3.74
C VAL A 74 -6.39 -1.22 -3.25
N GLU A 75 -6.42 -1.47 -1.94
CA GLU A 75 -5.62 -2.54 -1.34
C GLU A 75 -5.84 -3.87 -2.06
N LYS A 76 -7.09 -4.20 -2.32
CA LYS A 76 -7.42 -5.45 -3.00
C LYS A 76 -6.88 -5.44 -4.42
N TYR A 77 -6.96 -4.28 -5.08
CA TYR A 77 -6.46 -4.14 -6.46
C TYR A 77 -5.00 -4.55 -6.56
N ILE A 78 -4.17 -3.99 -5.68
CA ILE A 78 -2.74 -4.30 -5.68
C ILE A 78 -2.51 -5.79 -5.50
N GLU A 79 -3.20 -6.38 -4.53
CA GLU A 79 -3.06 -7.81 -4.25
C GLU A 79 -3.37 -8.65 -5.48
N GLU A 80 -4.51 -8.39 -6.11
CA GLU A 80 -4.92 -9.15 -7.29
C GLU A 80 -3.87 -9.08 -8.40
N GLN A 81 -3.39 -7.87 -8.68
CA GLN A 81 -2.39 -7.66 -9.72
C GLN A 81 -1.13 -8.46 -9.48
N LEU A 82 -0.78 -8.67 -8.22
CA LEU A 82 0.42 -9.41 -7.86
C LEU A 82 0.20 -10.91 -7.99
N LEU A 83 -1.00 -11.34 -7.64
CA LEU A 83 -1.36 -12.75 -7.69
C LEU A 83 -1.44 -13.26 -9.13
N GLN A 84 -1.66 -12.34 -10.07
CA GLN A 84 -1.76 -12.71 -11.48
C GLN A 84 -0.51 -13.49 -11.92
N ARG A 85 0.58 -13.32 -11.19
CA ARG A 85 1.83 -14.01 -11.51
C ARG A 85 2.34 -14.82 -10.33
N ILE A 86 1.70 -14.64 -9.17
CA ILE A 86 2.10 -15.36 -7.97
C ILE A 86 0.86 -15.91 -7.23
N PRO A 87 0.45 -17.15 -7.53
CA PRO A 87 -0.71 -17.77 -6.89
C PRO A 87 -0.43 -18.24 -5.47
N GLU A 88 0.83 -18.10 -5.04
CA GLU A 88 1.23 -18.51 -3.70
C GLU A 88 1.63 -17.30 -2.88
N PHE A 89 1.22 -16.12 -3.33
CA PHE A 89 1.54 -14.87 -2.65
C PHE A 89 0.81 -14.77 -1.30
N ASN A 90 1.44 -14.11 -0.35
CA ASN A 90 0.86 -13.91 0.97
C ASN A 90 0.95 -12.45 1.38
N MET A 91 -0.04 -11.66 0.98
CA MET A 91 -0.08 -10.24 1.29
C MET A 91 -0.10 -10.00 2.80
N ALA A 92 -0.66 -10.96 3.53
CA ALA A 92 -0.74 -10.86 4.99
C ALA A 92 0.65 -10.86 5.62
N ALA A 93 1.41 -11.92 5.36
CA ALA A 93 2.76 -12.04 5.92
C ALA A 93 3.71 -11.04 5.27
N PHE A 94 3.39 -10.61 4.06
CA PHE A 94 4.21 -9.64 3.35
C PHE A 94 4.18 -8.28 4.02
N THR A 95 2.98 -7.76 4.24
CA THR A 95 2.82 -6.46 4.87
C THR A 95 3.39 -6.43 6.29
N THR A 96 3.11 -7.49 7.05
CA THR A 96 3.60 -7.58 8.42
C THR A 96 5.11 -7.43 8.49
N THR A 97 5.81 -8.20 7.66
CA THR A 97 7.27 -8.15 7.62
C THR A 97 7.75 -6.85 6.99
N LEU A 98 6.95 -6.30 6.08
CA LEU A 98 7.29 -5.06 5.39
C LEU A 98 7.52 -3.93 6.39
N GLN A 99 6.71 -3.92 7.45
CA GLN A 99 6.81 -2.88 8.47
C GLN A 99 8.24 -2.75 8.98
N HIS A 100 8.89 -3.89 9.21
CA HIS A 100 10.27 -3.90 9.69
C HIS A 100 11.24 -3.73 8.53
N HIS A 101 10.90 -4.33 7.39
CA HIS A 101 11.75 -4.26 6.21
C HIS A 101 11.79 -2.83 5.66
N LYS A 102 10.98 -1.95 6.25
CA LYS A 102 10.93 -0.56 5.83
C LYS A 102 12.29 0.10 6.00
N ASP A 103 13.15 -0.51 6.80
CA ASP A 103 14.48 0.02 7.05
C ASP A 103 15.40 -0.25 5.86
N GLU A 104 15.10 -1.29 5.09
CA GLU A 104 15.89 -1.66 3.92
C GLU A 104 15.24 -1.15 2.64
N VAL A 105 14.00 -1.57 2.40
CA VAL A 105 13.27 -1.15 1.21
C VAL A 105 13.08 0.36 1.19
N ALA A 106 12.80 0.90 0.00
CA ALA A 106 12.60 2.33 -0.16
C ALA A 106 11.43 2.80 0.70
N GLY A 107 11.74 3.51 1.79
CA GLY A 107 10.71 4.01 2.67
C GLY A 107 9.79 5.01 2.00
N ASP A 108 10.36 5.83 1.12
CA ASP A 108 9.60 6.85 0.40
C ASP A 108 8.48 6.21 -0.42
N ILE A 109 8.75 5.02 -0.96
CA ILE A 109 7.76 4.32 -1.77
C ILE A 109 6.65 3.72 -0.91
N PHE A 110 7.04 3.01 0.15
CA PHE A 110 6.06 2.39 1.03
C PHE A 110 5.19 3.43 1.72
N ASP A 111 5.73 4.63 1.93
CA ASP A 111 4.98 5.70 2.59
C ASP A 111 3.59 5.85 1.99
N MET A 112 3.49 5.58 0.69
CA MET A 112 2.21 5.67 0.00
C MET A 112 1.31 4.51 0.42
N LEU A 113 1.86 3.30 0.35
CA LEU A 113 1.12 2.09 0.73
C LEU A 113 0.81 2.10 2.22
N LEU A 114 1.61 2.85 2.97
CA LEU A 114 1.45 2.93 4.42
C LEU A 114 0.01 3.27 4.80
N THR A 115 -0.69 3.95 3.90
CA THR A 115 -2.08 4.33 4.13
C THR A 115 -2.98 3.11 4.33
N PHE A 116 -2.39 1.92 4.31
CA PHE A 116 -3.16 0.68 4.49
C PHE A 116 -3.77 0.63 5.90
N THR A 117 -3.07 1.20 6.86
CA THR A 117 -3.54 1.20 8.25
C THR A 117 -3.28 2.55 8.93
N ASP A 118 -2.19 3.20 8.55
CA ASP A 118 -1.82 4.50 9.13
C ASP A 118 -2.87 5.55 8.81
N PHE A 119 -3.86 5.67 9.70
CA PHE A 119 -4.93 6.65 9.51
C PHE A 119 -4.39 8.07 9.47
N LEU A 120 -3.22 8.27 10.07
CA LEU A 120 -2.59 9.58 10.10
C LEU A 120 -2.06 9.98 8.73
N ALA A 121 -1.52 9.00 8.00
CA ALA A 121 -0.97 9.25 6.67
C ALA A 121 -2.08 9.40 5.64
N PHE A 122 -3.17 8.66 5.83
CA PHE A 122 -4.30 8.71 4.92
C PHE A 122 -4.94 10.09 4.93
N LYS A 123 -5.31 10.56 6.12
CA LYS A 123 -5.93 11.86 6.28
C LYS A 123 -4.98 12.97 5.82
N GLU A 124 -3.77 12.98 6.38
CA GLU A 124 -2.78 13.99 6.04
C GLU A 124 -2.54 14.03 4.53
N MET A 125 -2.75 12.90 3.86
CA MET A 125 -2.54 12.82 2.42
C MET A 125 -3.59 13.65 1.68
N PHE A 126 -4.86 13.49 2.07
CA PHE A 126 -5.95 14.23 1.44
C PHE A 126 -5.83 15.72 1.73
N LEU A 127 -5.62 16.07 3.00
CA LEU A 127 -5.49 17.46 3.41
C LEU A 127 -4.39 18.16 2.63
N ASP A 128 -3.32 17.43 2.33
CA ASP A 128 -2.19 17.98 1.58
C ASP A 128 -2.57 18.19 0.12
N TYR A 129 -3.38 17.27 -0.42
CA TYR A 129 -3.81 17.36 -1.81
C TYR A 129 -4.66 18.61 -2.02
N ARG A 130 -5.56 18.88 -1.08
CA ARG A 130 -6.44 20.05 -1.17
C ARG A 130 -5.63 21.33 -1.01
N ALA A 131 -4.58 21.28 -0.18
CA ALA A 131 -3.73 22.43 0.05
C ALA A 131 -3.02 22.87 -1.24
N GLU A 132 -2.60 21.89 -2.02
CA GLU A 132 -1.91 22.16 -3.28
C GLU A 132 -2.83 22.89 -4.25
N LYS A 133 -4.13 22.71 -4.08
CA LYS A 133 -5.11 23.36 -4.95
C LYS A 133 -5.13 24.86 -4.73
N GLU A 134 -4.76 25.28 -3.52
CA GLU A 134 -4.73 26.70 -3.17
C GLU A 134 -3.39 27.33 -3.54
N GLY A 135 -2.48 26.52 -4.07
CA GLY A 135 -1.17 27.01 -4.45
C GLY A 135 -0.28 27.28 -3.26
N ARG A 136 0.48 26.26 -2.85
CA ARG A 136 1.38 26.39 -1.71
C ARG A 136 2.41 25.27 -1.70
N GLY A 137 3.68 25.63 -1.51
CA GLY A 137 4.74 24.63 -1.48
C GLY A 137 5.47 24.54 -2.81
N MET A 2 38.30 -25.50 -10.78
CA MET A 2 37.19 -25.61 -11.77
C MET A 2 35.85 -25.73 -11.06
N ASP A 3 35.89 -26.17 -9.80
CA ASP A 3 34.67 -26.32 -9.01
C ASP A 3 34.93 -25.97 -7.54
N ALA A 4 36.18 -26.11 -7.11
CA ALA A 4 36.57 -25.80 -5.74
C ALA A 4 35.77 -26.63 -4.73
N LEU A 5 35.96 -26.33 -3.46
CA LEU A 5 35.25 -27.05 -2.40
C LEU A 5 33.89 -26.41 -2.12
N GLU A 6 33.72 -25.16 -2.55
CA GLU A 6 32.48 -24.44 -2.34
C GLU A 6 31.76 -24.20 -3.66
N GLY A 7 30.43 -24.16 -3.62
CA GLY A 7 29.65 -23.94 -4.81
C GLY A 7 29.49 -22.46 -5.14
N GLU A 8 29.27 -22.16 -6.42
CA GLU A 8 29.11 -20.78 -6.85
C GLU A 8 27.63 -20.37 -6.85
N SER A 9 27.36 -19.21 -6.24
CA SER A 9 25.99 -18.69 -6.15
C SER A 9 25.11 -19.61 -5.30
N PHE A 10 24.08 -19.02 -4.70
CA PHE A 10 23.15 -19.77 -3.85
C PHE A 10 21.70 -19.37 -4.14
N ALA A 11 20.79 -20.33 -4.05
CA ALA A 11 19.37 -20.08 -4.29
C ALA A 11 18.60 -20.00 -2.98
N LEU A 12 17.46 -19.32 -3.02
CA LEU A 12 16.62 -19.17 -1.82
C LEU A 12 15.98 -20.50 -1.44
N SER A 13 15.92 -20.76 -0.13
CA SER A 13 15.34 -22.00 0.37
C SER A 13 15.04 -21.89 1.87
N PHE A 14 15.46 -20.78 2.46
CA PHE A 14 15.24 -20.55 3.89
C PHE A 14 14.28 -19.38 4.11
N SER A 15 14.76 -18.16 3.89
CA SER A 15 13.95 -16.97 4.06
C SER A 15 13.49 -16.42 2.71
N SER A 16 12.88 -15.25 2.71
CA SER A 16 12.39 -14.62 1.50
C SER A 16 12.53 -13.11 1.55
N ALA A 17 12.38 -12.56 2.75
CA ALA A 17 12.48 -11.11 2.94
C ALA A 17 13.91 -10.62 2.71
N SER A 18 14.88 -11.52 2.89
CA SER A 18 16.29 -11.18 2.70
C SER A 18 16.83 -11.74 1.39
N ASP A 19 16.01 -12.55 0.72
CA ASP A 19 16.41 -13.14 -0.55
C ASP A 19 15.96 -12.28 -1.72
N ALA A 20 16.15 -12.80 -2.94
CA ALA A 20 15.77 -12.09 -4.14
C ALA A 20 14.25 -11.98 -4.26
N GLU A 21 13.55 -12.90 -3.60
CA GLU A 21 12.09 -12.91 -3.62
C GLU A 21 11.52 -11.57 -3.14
N PHE A 22 12.08 -11.06 -2.04
CA PHE A 22 11.64 -9.78 -1.49
C PHE A 22 11.78 -8.67 -2.52
N ASP A 23 12.99 -8.54 -3.08
CA ASP A 23 13.27 -7.53 -4.09
C ASP A 23 12.39 -7.71 -5.32
N ALA A 24 12.00 -8.96 -5.58
CA ALA A 24 11.15 -9.27 -6.72
C ALA A 24 9.78 -8.62 -6.57
N VAL A 25 9.15 -8.83 -5.42
CA VAL A 25 7.84 -8.27 -5.14
C VAL A 25 7.86 -6.74 -5.26
N VAL A 26 8.87 -6.12 -4.66
CA VAL A 26 9.02 -4.67 -4.70
C VAL A 26 9.04 -4.16 -6.14
N GLY A 27 9.76 -4.87 -7.00
CA GLY A 27 9.85 -4.48 -8.40
C GLY A 27 8.49 -4.49 -9.09
N TYR A 28 7.70 -5.52 -8.80
CA TYR A 28 6.38 -5.65 -9.40
C TYR A 28 5.44 -4.56 -8.88
N LEU A 29 5.64 -4.17 -7.61
CA LEU A 29 4.82 -3.14 -6.99
C LEU A 29 5.05 -1.80 -7.67
N GLU A 30 6.31 -1.45 -7.88
CA GLU A 30 6.67 -0.19 -8.52
C GLU A 30 6.07 -0.10 -9.92
N ASP A 31 6.11 -1.20 -10.65
CA ASP A 31 5.57 -1.25 -12.00
C ASP A 31 4.07 -0.92 -11.99
N ILE A 32 3.40 -1.30 -10.92
CA ILE A 32 1.97 -1.05 -10.78
C ILE A 32 1.71 0.41 -10.39
N ILE A 33 2.55 0.94 -9.51
CA ILE A 33 2.41 2.32 -9.05
C ILE A 33 2.62 3.30 -10.20
N MET A 34 3.49 2.93 -11.14
CA MET A 34 3.79 3.79 -12.28
C MET A 34 2.93 3.40 -13.48
N ASP A 35 1.82 2.72 -13.23
CA ASP A 35 0.92 2.30 -14.29
C ASP A 35 -0.09 3.40 -14.63
N ASP A 36 -0.34 3.60 -15.91
CA ASP A 36 -1.27 4.62 -16.37
C ASP A 36 -2.65 4.45 -15.73
N GLU A 37 -3.19 3.24 -15.82
CA GLU A 37 -4.50 2.95 -15.25
C GLU A 37 -4.52 3.21 -13.75
N PHE A 38 -3.36 3.09 -13.12
CA PHE A 38 -3.26 3.31 -11.67
C PHE A 38 -3.31 4.79 -11.34
N GLN A 39 -2.78 5.62 -12.23
CA GLN A 39 -2.77 7.06 -12.03
C GLN A 39 -4.18 7.64 -12.11
N LEU A 40 -4.93 7.24 -13.14
CA LEU A 40 -6.29 7.72 -13.33
C LEU A 40 -7.22 7.17 -12.25
N LEU A 41 -7.07 5.89 -11.95
CA LEU A 41 -7.90 5.24 -10.93
C LEU A 41 -7.72 5.90 -9.57
N GLN A 42 -6.47 6.02 -9.15
CA GLN A 42 -6.14 6.62 -7.85
C GLN A 42 -6.72 8.04 -7.74
N ARG A 43 -6.40 8.88 -8.71
CA ARG A 43 -6.87 10.27 -8.70
C ARG A 43 -8.39 10.33 -8.78
N ASN A 44 -8.99 9.38 -9.47
CA ASN A 44 -10.45 9.32 -9.63
C ASN A 44 -11.14 9.24 -8.27
N PHE A 45 -10.68 8.33 -7.43
CA PHE A 45 -11.28 8.14 -6.10
C PHE A 45 -10.82 9.22 -5.13
N MET A 46 -9.57 9.65 -5.26
CA MET A 46 -9.01 10.67 -4.37
C MET A 46 -9.77 11.99 -4.52
N ASP A 47 -10.38 12.20 -5.68
CA ASP A 47 -11.13 13.42 -5.95
C ASP A 47 -12.33 13.55 -5.03
N LYS A 48 -12.90 12.41 -4.64
CA LYS A 48 -14.06 12.40 -3.76
C LYS A 48 -13.64 12.20 -2.30
N TYR A 49 -12.74 11.24 -2.09
CA TYR A 49 -12.25 10.93 -0.75
C TYR A 49 -11.70 12.17 -0.04
N TYR A 50 -10.88 12.95 -0.73
CA TYR A 50 -10.30 14.15 -0.14
C TYR A 50 -11.36 15.18 0.21
N LEU A 51 -12.55 15.03 -0.36
CA LEU A 51 -13.65 15.95 -0.10
C LEU A 51 -14.35 15.61 1.22
N GLU A 52 -14.57 14.32 1.44
CA GLU A 52 -15.22 13.85 2.66
C GLU A 52 -14.37 14.14 3.88
N PHE A 53 -13.06 13.90 3.76
CA PHE A 53 -12.13 14.14 4.86
C PHE A 53 -11.90 15.63 5.06
N GLU A 54 -12.73 16.25 5.89
CA GLU A 54 -12.63 17.67 6.17
C GLU A 54 -12.01 17.90 7.56
N ASP A 55 -11.20 18.95 7.67
CA ASP A 55 -10.54 19.27 8.93
C ASP A 55 -11.57 19.66 9.99
N THR A 56 -11.93 18.70 10.83
CA THR A 56 -12.91 18.95 11.90
C THR A 56 -12.50 18.25 13.19
N GLU A 57 -13.16 18.60 14.28
CA GLU A 57 -12.86 18.00 15.58
C GLU A 57 -13.77 16.80 15.85
N GLU A 58 -14.93 16.80 15.19
CA GLU A 58 -15.90 15.71 15.36
C GLU A 58 -15.70 14.63 14.30
N ASN A 59 -16.16 13.43 14.62
CA ASN A 59 -16.03 12.29 13.71
C ASN A 59 -17.40 11.80 13.25
N LYS A 60 -17.52 11.51 11.96
CA LYS A 60 -18.78 11.03 11.39
C LYS A 60 -18.73 9.53 11.12
N LEU A 61 -19.90 8.93 10.93
CA LEU A 61 -20.00 7.49 10.67
C LEU A 61 -19.69 7.18 9.20
N ILE A 62 -19.73 8.21 8.36
CA ILE A 62 -19.47 8.05 6.94
C ILE A 62 -18.03 7.58 6.70
N TYR A 63 -17.18 7.75 7.71
CA TYR A 63 -15.79 7.35 7.61
C TYR A 63 -15.64 5.83 7.61
N THR A 64 -16.66 5.13 8.11
CA THR A 64 -16.62 3.67 8.15
C THR A 64 -16.75 3.05 6.76
N PRO A 65 -17.79 3.43 5.98
CA PRO A 65 -18.00 2.89 4.63
C PRO A 65 -16.92 3.35 3.66
N ILE A 66 -16.53 4.62 3.74
CA ILE A 66 -15.51 5.17 2.86
C ILE A 66 -14.19 4.40 3.02
N PHE A 67 -13.77 4.20 4.26
CA PHE A 67 -12.53 3.49 4.54
C PHE A 67 -12.58 2.06 4.01
N ASN A 68 -13.71 1.40 4.22
CA ASN A 68 -13.89 0.02 3.77
C ASN A 68 -13.79 -0.07 2.24
N GLU A 69 -14.30 0.95 1.57
CA GLU A 69 -14.27 0.98 0.10
C GLU A 69 -12.83 1.10 -0.41
N TYR A 70 -12.01 1.83 0.34
CA TYR A 70 -10.61 2.03 -0.02
C TYR A 70 -9.83 0.73 0.12
N ILE A 71 -10.17 -0.05 1.14
CA ILE A 71 -9.52 -1.32 1.40
C ILE A 71 -9.96 -2.38 0.40
N SER A 72 -11.19 -2.26 -0.09
CA SER A 72 -11.72 -3.22 -1.04
C SER A 72 -11.36 -2.85 -2.48
N LEU A 73 -11.18 -1.55 -2.74
CA LEU A 73 -10.84 -1.07 -4.07
C LEU A 73 -9.33 -1.00 -4.29
N VAL A 74 -8.66 -0.16 -3.51
CA VAL A 74 -7.21 0.03 -3.65
C VAL A 74 -6.39 -1.14 -3.13
N GLU A 75 -6.51 -1.45 -1.84
CA GLU A 75 -5.76 -2.55 -1.25
C GLU A 75 -5.92 -3.83 -2.05
N LYS A 76 -7.13 -4.09 -2.53
CA LYS A 76 -7.41 -5.29 -3.32
C LYS A 76 -6.83 -5.15 -4.72
N TYR A 77 -6.74 -3.93 -5.21
CA TYR A 77 -6.20 -3.67 -6.54
C TYR A 77 -4.78 -4.23 -6.65
N ILE A 78 -3.95 -3.88 -5.67
CA ILE A 78 -2.56 -4.35 -5.64
C ILE A 78 -2.50 -5.85 -5.38
N GLU A 79 -3.35 -6.33 -4.47
CA GLU A 79 -3.38 -7.74 -4.13
C GLU A 79 -3.61 -8.61 -5.37
N GLU A 80 -4.63 -8.26 -6.15
CA GLU A 80 -4.97 -9.01 -7.35
C GLU A 80 -3.82 -9.00 -8.36
N GLN A 81 -3.26 -7.81 -8.60
CA GLN A 81 -2.16 -7.66 -9.55
C GLN A 81 -0.97 -8.53 -9.17
N LEU A 82 -0.80 -8.75 -7.87
CA LEU A 82 0.30 -9.57 -7.38
C LEU A 82 0.02 -11.06 -7.57
N LEU A 83 -1.23 -11.44 -7.35
CA LEU A 83 -1.64 -12.84 -7.50
C LEU A 83 -1.56 -13.28 -8.96
N GLN A 84 -1.62 -12.32 -9.87
CA GLN A 84 -1.55 -12.62 -11.30
C GLN A 84 -0.23 -13.29 -11.68
N ARG A 85 0.77 -13.16 -10.81
CA ARG A 85 2.07 -13.75 -11.07
C ARG A 85 2.48 -14.70 -9.94
N ILE A 86 1.98 -14.43 -8.74
CA ILE A 86 2.28 -15.27 -7.58
C ILE A 86 0.99 -15.70 -6.87
N PRO A 87 0.42 -16.86 -7.28
CA PRO A 87 -0.81 -17.38 -6.67
C PRO A 87 -0.61 -17.83 -5.23
N GLU A 88 0.63 -17.79 -4.78
CA GLU A 88 0.97 -18.19 -3.42
C GLU A 88 1.45 -17.00 -2.60
N PHE A 89 1.17 -15.80 -3.08
CA PHE A 89 1.58 -14.58 -2.39
C PHE A 89 0.73 -14.33 -1.15
N ASN A 90 1.33 -13.74 -0.14
CA ASN A 90 0.63 -13.43 1.11
C ASN A 90 0.83 -11.98 1.49
N MET A 91 -0.16 -11.15 1.17
CA MET A 91 -0.10 -9.72 1.47
C MET A 91 -0.07 -9.47 2.98
N ALA A 92 -0.69 -10.36 3.74
CA ALA A 92 -0.74 -10.22 5.19
C ALA A 92 0.66 -10.31 5.82
N ALA A 93 1.33 -11.42 5.58
CA ALA A 93 2.68 -11.64 6.13
C ALA A 93 3.70 -10.71 5.47
N PHE A 94 3.43 -10.33 4.23
CA PHE A 94 4.33 -9.43 3.50
C PHE A 94 4.42 -8.08 4.18
N THR A 95 3.27 -7.49 4.49
CA THR A 95 3.22 -6.19 5.15
C THR A 95 3.79 -6.27 6.56
N THR A 96 3.50 -7.36 7.25
CA THR A 96 3.97 -7.56 8.61
C THR A 96 5.50 -7.50 8.66
N THR A 97 6.14 -8.16 7.71
CA THR A 97 7.60 -8.18 7.65
C THR A 97 8.14 -6.87 7.05
N LEU A 98 7.34 -6.25 6.19
CA LEU A 98 7.73 -5.00 5.54
C LEU A 98 7.97 -3.87 6.53
N GLN A 99 7.14 -3.80 7.57
CA GLN A 99 7.26 -2.75 8.58
C GLN A 99 8.68 -2.68 9.13
N HIS A 100 9.32 -3.83 9.24
CA HIS A 100 10.69 -3.90 9.75
C HIS A 100 11.67 -3.58 8.64
N HIS A 101 11.42 -4.13 7.46
CA HIS A 101 12.28 -3.91 6.31
C HIS A 101 12.15 -2.48 5.80
N LYS A 102 11.29 -1.71 6.45
CA LYS A 102 11.08 -0.32 6.07
C LYS A 102 12.37 0.47 6.26
N ASP A 103 13.29 -0.09 7.05
CA ASP A 103 14.57 0.55 7.31
C ASP A 103 15.50 0.40 6.11
N GLU A 104 15.06 -0.35 5.11
CA GLU A 104 15.85 -0.60 3.91
C GLU A 104 15.11 -0.12 2.66
N VAL A 105 13.93 -0.69 2.42
CA VAL A 105 13.12 -0.32 1.26
C VAL A 105 12.85 1.17 1.23
N ALA A 106 12.68 1.72 0.02
CA ALA A 106 12.40 3.13 -0.14
C ALA A 106 11.18 3.55 0.67
N GLY A 107 11.43 4.29 1.75
CA GLY A 107 10.35 4.73 2.61
C GLY A 107 9.43 5.72 1.91
N ASP A 108 9.99 6.49 0.99
CA ASP A 108 9.21 7.49 0.25
C ASP A 108 8.05 6.84 -0.52
N ILE A 109 8.36 5.77 -1.24
CA ILE A 109 7.34 5.08 -2.03
C ILE A 109 6.35 4.34 -1.13
N PHE A 110 6.87 3.57 -0.18
CA PHE A 110 6.03 2.81 0.73
C PHE A 110 5.16 3.73 1.59
N ASP A 111 5.66 4.95 1.84
CA ASP A 111 4.94 5.93 2.65
C ASP A 111 3.50 6.06 2.18
N MET A 112 3.28 5.93 0.87
CA MET A 112 1.95 6.03 0.29
C MET A 112 1.14 4.79 0.64
N LEU A 113 1.79 3.64 0.55
CA LEU A 113 1.15 2.36 0.85
C LEU A 113 0.78 2.28 2.33
N LEU A 114 1.47 3.06 3.16
CA LEU A 114 1.21 3.06 4.60
C LEU A 114 -0.28 3.25 4.89
N THR A 115 -0.99 3.88 3.97
CA THR A 115 -2.43 4.11 4.12
C THR A 115 -3.19 2.81 4.32
N PHE A 116 -2.49 1.68 4.25
CA PHE A 116 -3.11 0.36 4.43
C PHE A 116 -3.66 0.22 5.85
N THR A 117 -2.97 0.81 6.81
CA THR A 117 -3.39 0.73 8.22
C THR A 117 -3.20 2.06 8.94
N ASP A 118 -2.12 2.77 8.61
CA ASP A 118 -1.82 4.05 9.24
C ASP A 118 -2.88 5.10 8.89
N PHE A 119 -3.92 5.18 9.73
CA PHE A 119 -5.01 6.13 9.51
C PHE A 119 -4.49 7.56 9.51
N LEU A 120 -3.46 7.82 10.30
CA LEU A 120 -2.87 9.16 10.38
C LEU A 120 -2.32 9.60 9.03
N ALA A 121 -1.75 8.65 8.30
CA ALA A 121 -1.19 8.95 6.99
C ALA A 121 -2.28 9.11 5.93
N PHE A 122 -3.38 8.38 6.11
CA PHE A 122 -4.50 8.43 5.20
C PHE A 122 -5.10 9.84 5.14
N LYS A 123 -5.47 10.36 6.30
CA LYS A 123 -6.05 11.69 6.39
C LYS A 123 -5.03 12.75 6.00
N GLU A 124 -3.83 12.65 6.56
CA GLU A 124 -2.77 13.62 6.26
C GLU A 124 -2.46 13.64 4.77
N MET A 125 -2.69 12.51 4.10
CA MET A 125 -2.43 12.40 2.68
C MET A 125 -3.41 13.26 1.89
N PHE A 126 -4.69 13.16 2.23
CA PHE A 126 -5.72 13.94 1.55
C PHE A 126 -5.54 15.43 1.82
N LEU A 127 -5.29 15.79 3.08
CA LEU A 127 -5.09 17.18 3.46
C LEU A 127 -3.91 17.78 2.71
N ASP A 128 -2.91 16.95 2.43
CA ASP A 128 -1.72 17.40 1.72
C ASP A 128 -2.04 17.65 0.24
N TYR A 129 -2.82 16.75 -0.34
CA TYR A 129 -3.20 16.87 -1.75
C TYR A 129 -4.02 18.13 -1.97
N ARG A 130 -4.93 18.43 -1.05
CA ARG A 130 -5.78 19.60 -1.14
C ARG A 130 -4.94 20.88 -1.10
N ALA A 131 -3.97 20.91 -0.20
CA ALA A 131 -3.09 22.07 -0.06
C ALA A 131 -2.29 22.30 -1.34
N GLU A 132 -2.02 21.21 -2.06
CA GLU A 132 -1.25 21.28 -3.29
C GLU A 132 -2.11 21.85 -4.42
N LYS A 133 -3.42 21.65 -4.32
CA LYS A 133 -4.35 22.15 -5.34
C LYS A 133 -4.35 23.67 -5.39
N GLU A 134 -4.12 24.30 -4.24
CA GLU A 134 -4.09 25.75 -4.17
C GLU A 134 -2.81 26.31 -4.79
N GLY A 135 -1.89 25.42 -5.13
CA GLY A 135 -0.65 25.83 -5.74
C GLY A 135 -0.75 25.93 -7.25
N ARG A 136 -1.79 26.62 -7.73
CA ARG A 136 -2.00 26.80 -9.15
C ARG A 136 -2.16 25.46 -9.85
N GLY A 137 -3.41 25.08 -10.13
CA GLY A 137 -3.68 23.81 -10.80
C GLY A 137 -5.16 23.49 -10.86
N MET A 2 21.17 -32.09 -4.77
CA MET A 2 20.06 -33.09 -4.77
C MET A 2 18.75 -32.44 -5.18
N ASP A 3 18.52 -31.22 -4.71
CA ASP A 3 17.30 -30.49 -5.03
C ASP A 3 17.55 -29.49 -6.16
N ALA A 4 16.58 -29.33 -7.05
CA ALA A 4 16.70 -28.41 -8.17
C ALA A 4 15.36 -27.77 -8.51
N LEU A 5 14.28 -28.32 -7.95
CA LEU A 5 12.93 -27.81 -8.19
C LEU A 5 12.49 -26.89 -7.06
N GLU A 6 12.04 -25.69 -7.42
CA GLU A 6 11.59 -24.71 -6.43
C GLU A 6 10.06 -24.68 -6.35
N GLY A 7 9.42 -24.86 -7.49
CA GLY A 7 7.95 -24.85 -7.53
C GLY A 7 7.36 -26.24 -7.51
N GLU A 8 6.03 -26.32 -7.41
CA GLU A 8 5.33 -27.60 -7.39
C GLU A 8 5.74 -28.43 -6.18
N SER A 9 6.85 -29.15 -6.31
CA SER A 9 7.35 -29.98 -5.23
C SER A 9 7.73 -29.15 -4.01
N PHE A 10 7.93 -29.82 -2.88
CA PHE A 10 8.30 -29.14 -1.64
C PHE A 10 9.69 -28.52 -1.74
N ALA A 11 9.86 -27.34 -1.17
CA ALA A 11 11.14 -26.64 -1.20
C ALA A 11 11.51 -26.11 0.19
N LEU A 12 12.71 -25.55 0.31
CA LEU A 12 13.18 -25.02 1.57
C LEU A 12 12.71 -23.58 1.78
N SER A 13 11.78 -23.14 0.93
CA SER A 13 11.25 -21.78 1.04
C SER A 13 10.05 -21.73 1.97
N PHE A 14 9.97 -20.69 2.78
CA PHE A 14 8.87 -20.51 3.72
C PHE A 14 8.29 -19.11 3.63
N SER A 15 9.17 -18.13 3.49
CA SER A 15 8.75 -16.73 3.39
C SER A 15 9.60 -15.98 2.37
N SER A 16 9.29 -14.70 2.19
CA SER A 16 10.02 -13.87 1.23
C SER A 16 11.24 -13.22 1.90
N ALA A 17 11.46 -13.57 3.16
CA ALA A 17 12.60 -13.02 3.91
C ALA A 17 13.93 -13.45 3.33
N SER A 18 13.87 -14.31 2.30
CA SER A 18 15.07 -14.81 1.64
C SER A 18 15.78 -13.69 0.89
N ASP A 19 15.21 -12.48 0.95
CA ASP A 19 15.76 -11.30 0.28
C ASP A 19 15.50 -11.33 -1.22
N ALA A 20 15.60 -12.52 -1.80
CA ALA A 20 15.38 -12.70 -3.22
C ALA A 20 13.92 -12.47 -3.59
N GLU A 21 13.04 -13.19 -2.90
CA GLU A 21 11.61 -13.07 -3.13
C GLU A 21 11.10 -11.68 -2.78
N PHE A 22 11.44 -11.21 -1.58
CA PHE A 22 11.03 -9.89 -1.12
C PHE A 22 11.36 -8.82 -2.16
N ASP A 23 12.59 -8.85 -2.66
CA ASP A 23 13.04 -7.88 -3.66
C ASP A 23 12.18 -7.95 -4.91
N ALA A 24 11.87 -9.17 -5.35
CA ALA A 24 11.06 -9.39 -6.53
C ALA A 24 9.72 -8.66 -6.41
N VAL A 25 9.07 -8.82 -5.26
CA VAL A 25 7.78 -8.18 -5.03
C VAL A 25 7.89 -6.65 -5.13
N VAL A 26 8.99 -6.11 -4.61
CA VAL A 26 9.21 -4.67 -4.65
C VAL A 26 9.23 -4.17 -6.09
N GLY A 27 9.78 -4.97 -6.98
CA GLY A 27 9.85 -4.61 -8.38
C GLY A 27 8.48 -4.57 -9.03
N TYR A 28 7.64 -5.54 -8.70
CA TYR A 28 6.29 -5.60 -9.25
C TYR A 28 5.45 -4.43 -8.76
N LEU A 29 5.71 -3.98 -7.54
CA LEU A 29 4.98 -2.86 -6.97
C LEU A 29 5.26 -1.56 -7.71
N GLU A 30 6.55 -1.27 -7.92
CA GLU A 30 6.96 -0.06 -8.62
C GLU A 30 6.41 -0.05 -10.04
N ASP A 31 6.31 -1.24 -10.64
CA ASP A 31 5.80 -1.38 -12.00
C ASP A 31 4.33 -0.97 -12.07
N ILE A 32 3.59 -1.22 -11.00
CA ILE A 32 2.18 -0.89 -10.94
C ILE A 32 1.96 0.58 -10.58
N ILE A 33 2.84 1.12 -9.74
CA ILE A 33 2.75 2.51 -9.33
C ILE A 33 2.96 3.45 -10.52
N MET A 34 3.81 3.03 -11.46
CA MET A 34 4.09 3.82 -12.64
C MET A 34 3.14 3.49 -13.78
N ASP A 35 2.21 2.57 -13.52
CA ASP A 35 1.24 2.15 -14.52
C ASP A 35 0.26 3.30 -14.82
N ASP A 36 0.04 3.55 -16.11
CA ASP A 36 -0.86 4.62 -16.53
C ASP A 36 -2.26 4.42 -15.95
N GLU A 37 -2.81 3.22 -16.12
CA GLU A 37 -4.14 2.91 -15.63
C GLU A 37 -4.21 3.06 -14.11
N PHE A 38 -3.07 2.93 -13.44
CA PHE A 38 -3.02 3.06 -11.99
C PHE A 38 -3.09 4.51 -11.56
N GLN A 39 -2.33 5.37 -12.25
CA GLN A 39 -2.31 6.80 -11.93
C GLN A 39 -3.67 7.43 -12.16
N LEU A 40 -4.38 6.96 -13.18
CA LEU A 40 -5.71 7.49 -13.50
C LEU A 40 -6.73 7.10 -12.44
N LEU A 41 -6.79 5.81 -12.13
CA LEU A 41 -7.72 5.30 -11.12
C LEU A 41 -7.47 5.93 -9.77
N GLN A 42 -6.20 6.12 -9.42
CA GLN A 42 -5.82 6.71 -8.15
C GLN A 42 -6.34 8.13 -8.02
N ARG A 43 -6.17 8.93 -9.07
CA ARG A 43 -6.62 10.32 -9.06
C ARG A 43 -8.14 10.42 -9.09
N ASN A 44 -8.77 9.53 -9.83
CA ASN A 44 -10.23 9.52 -9.96
C ASN A 44 -10.91 9.31 -8.61
N PHE A 45 -10.47 8.30 -7.86
CA PHE A 45 -11.06 8.01 -6.56
C PHE A 45 -10.62 9.01 -5.51
N MET A 46 -9.33 9.37 -5.51
CA MET A 46 -8.80 10.33 -4.55
C MET A 46 -9.56 11.66 -4.64
N ASP A 47 -10.12 11.92 -5.82
CA ASP A 47 -10.89 13.15 -6.03
C ASP A 47 -12.13 13.20 -5.16
N LYS A 48 -12.68 12.02 -4.87
CA LYS A 48 -13.89 11.92 -4.05
C LYS A 48 -13.53 11.78 -2.58
N TYR A 49 -12.53 10.95 -2.29
CA TYR A 49 -12.09 10.71 -0.92
C TYR A 49 -11.62 12.00 -0.25
N TYR A 50 -10.68 12.70 -0.90
CA TYR A 50 -10.14 13.94 -0.36
C TYR A 50 -11.25 14.96 -0.06
N LEU A 51 -12.42 14.76 -0.66
CA LEU A 51 -13.55 15.66 -0.44
C LEU A 51 -14.26 15.33 0.87
N GLU A 52 -14.52 14.04 1.08
CA GLU A 52 -15.20 13.59 2.30
C GLU A 52 -14.36 13.88 3.53
N PHE A 53 -13.05 13.64 3.43
CA PHE A 53 -12.14 13.88 4.54
C PHE A 53 -11.86 15.38 4.70
N GLU A 54 -12.71 16.04 5.47
CA GLU A 54 -12.55 17.47 5.72
C GLU A 54 -11.88 17.71 7.07
N ASP A 55 -11.30 18.90 7.24
CA ASP A 55 -10.63 19.24 8.49
C ASP A 55 -11.64 19.69 9.54
N THR A 56 -12.04 18.76 10.39
CA THR A 56 -13.01 19.06 11.45
C THR A 56 -12.48 18.61 12.81
N GLU A 57 -13.26 18.85 13.85
CA GLU A 57 -12.88 18.48 15.20
C GLU A 57 -13.58 17.19 15.63
N GLU A 58 -14.81 17.01 15.17
CA GLU A 58 -15.59 15.82 15.51
C GLU A 58 -15.63 14.84 14.34
N ASN A 59 -15.46 13.56 14.64
CA ASN A 59 -15.48 12.52 13.62
C ASN A 59 -16.90 12.04 13.37
N LYS A 60 -17.09 11.29 12.29
CA LYS A 60 -18.41 10.77 11.94
C LYS A 60 -18.35 9.27 11.67
N LEU A 61 -19.53 8.66 11.57
CA LEU A 61 -19.63 7.22 11.31
C LEU A 61 -19.41 6.91 9.84
N ILE A 62 -19.54 7.94 9.00
CA ILE A 62 -19.37 7.78 7.55
C ILE A 62 -17.92 7.41 7.22
N TYR A 63 -17.02 7.64 8.17
CA TYR A 63 -15.61 7.34 7.97
C TYR A 63 -15.37 5.82 7.92
N THR A 64 -16.30 5.06 8.47
CA THR A 64 -16.16 3.59 8.48
C THR A 64 -16.42 2.99 7.10
N PRO A 65 -17.57 3.31 6.46
CA PRO A 65 -17.88 2.79 5.12
C PRO A 65 -16.89 3.26 4.07
N ILE A 66 -16.46 4.51 4.18
CA ILE A 66 -15.49 5.07 3.23
C ILE A 66 -14.18 4.32 3.30
N PHE A 67 -13.70 4.06 4.52
CA PHE A 67 -12.45 3.35 4.73
C PHE A 67 -12.50 1.97 4.09
N ASN A 68 -13.59 1.24 4.34
CA ASN A 68 -13.76 -0.10 3.80
C ASN A 68 -13.70 -0.07 2.27
N GLU A 69 -14.26 0.99 1.68
CA GLU A 69 -14.27 1.14 0.22
C GLU A 69 -12.85 1.27 -0.31
N TYR A 70 -11.99 1.93 0.47
CA TYR A 70 -10.60 2.14 0.07
C TYR A 70 -9.84 0.82 0.07
N ILE A 71 -10.14 -0.05 1.03
CA ILE A 71 -9.49 -1.34 1.15
C ILE A 71 -9.97 -2.31 0.08
N SER A 72 -11.21 -2.15 -0.36
CA SER A 72 -11.79 -3.02 -1.38
C SER A 72 -11.44 -2.54 -2.78
N LEU A 73 -11.23 -1.24 -2.94
CA LEU A 73 -10.89 -0.69 -4.24
C LEU A 73 -9.38 -0.65 -4.48
N VAL A 74 -8.68 0.15 -3.67
CA VAL A 74 -7.23 0.31 -3.81
C VAL A 74 -6.44 -0.90 -3.30
N GLU A 75 -6.57 -1.18 -2.01
CA GLU A 75 -5.84 -2.30 -1.40
C GLU A 75 -6.07 -3.60 -2.16
N LYS A 76 -7.32 -3.87 -2.50
CA LYS A 76 -7.67 -5.08 -3.23
C LYS A 76 -7.05 -5.09 -4.61
N TYR A 77 -7.06 -3.93 -5.28
CA TYR A 77 -6.49 -3.81 -6.62
C TYR A 77 -5.01 -4.21 -6.63
N ILE A 78 -4.30 -3.86 -5.55
CA ILE A 78 -2.88 -4.17 -5.45
C ILE A 78 -2.66 -5.68 -5.33
N GLU A 79 -3.32 -6.30 -4.36
CA GLU A 79 -3.19 -7.73 -4.13
C GLU A 79 -3.57 -8.53 -5.38
N GLU A 80 -4.73 -8.22 -5.95
CA GLU A 80 -5.21 -8.92 -7.14
C GLU A 80 -4.18 -8.88 -8.27
N GLN A 81 -3.71 -7.69 -8.61
CA GLN A 81 -2.74 -7.52 -9.69
C GLN A 81 -1.47 -8.31 -9.44
N LEU A 82 -1.11 -8.49 -8.17
CA LEU A 82 0.10 -9.24 -7.83
C LEU A 82 -0.13 -10.74 -7.95
N LEU A 83 -1.32 -11.17 -7.56
CA LEU A 83 -1.69 -12.58 -7.60
C LEU A 83 -1.82 -13.08 -9.03
N GLN A 84 -2.04 -12.16 -9.96
CA GLN A 84 -2.18 -12.51 -11.37
C GLN A 84 -0.97 -13.31 -11.86
N ARG A 85 0.12 -13.22 -11.11
CA ARG A 85 1.34 -13.94 -11.46
C ARG A 85 1.79 -14.85 -10.33
N ILE A 86 1.49 -14.45 -9.10
CA ILE A 86 1.86 -15.24 -7.92
C ILE A 86 0.61 -15.75 -7.19
N PRO A 87 0.20 -17.01 -7.47
CA PRO A 87 -0.98 -17.61 -6.84
C PRO A 87 -0.72 -18.02 -5.40
N GLU A 88 0.53 -17.99 -5.00
CA GLU A 88 0.92 -18.37 -3.64
C GLU A 88 1.39 -17.15 -2.86
N PHE A 89 1.05 -15.97 -3.37
CA PHE A 89 1.43 -14.71 -2.74
C PHE A 89 0.84 -14.59 -1.33
N ASN A 90 1.57 -13.91 -0.46
CA ASN A 90 1.13 -13.71 0.92
C ASN A 90 1.30 -12.24 1.32
N MET A 91 0.35 -11.41 0.92
CA MET A 91 0.40 -9.99 1.24
C MET A 91 0.37 -9.76 2.74
N ALA A 92 -0.25 -10.69 3.46
CA ALA A 92 -0.36 -10.58 4.92
C ALA A 92 1.02 -10.58 5.57
N ALA A 93 1.79 -11.64 5.32
CA ALA A 93 3.13 -11.75 5.89
C ALA A 93 4.08 -10.76 5.24
N PHE A 94 3.77 -10.36 4.01
CA PHE A 94 4.60 -9.42 3.27
C PHE A 94 4.59 -8.05 3.96
N THR A 95 3.40 -7.55 4.27
CA THR A 95 3.26 -6.26 4.92
C THR A 95 3.85 -6.27 6.32
N THR A 96 3.60 -7.36 7.05
CA THR A 96 4.10 -7.50 8.41
C THR A 96 5.62 -7.36 8.46
N THR A 97 6.29 -8.02 7.52
CA THR A 97 7.74 -7.96 7.43
C THR A 97 8.21 -6.64 6.80
N LEU A 98 7.37 -6.09 5.93
CA LEU A 98 7.68 -4.85 5.23
C LEU A 98 8.00 -3.71 6.20
N GLN A 99 7.13 -3.49 7.18
CA GLN A 99 7.31 -2.40 8.14
C GLN A 99 8.69 -2.44 8.78
N HIS A 100 9.22 -3.64 9.00
CA HIS A 100 10.54 -3.79 9.59
C HIS A 100 11.64 -3.64 8.54
N HIS A 101 11.41 -4.23 7.38
CA HIS A 101 12.38 -4.17 6.29
C HIS A 101 12.43 -2.76 5.70
N LYS A 102 11.53 -1.90 6.18
CA LYS A 102 11.48 -0.52 5.72
C LYS A 102 12.80 0.18 6.00
N ASP A 103 13.59 -0.40 6.89
CA ASP A 103 14.89 0.17 7.25
C ASP A 103 15.79 0.29 6.03
N GLU A 104 15.42 -0.37 4.94
CA GLU A 104 16.20 -0.33 3.71
C GLU A 104 15.32 0.02 2.51
N VAL A 105 14.06 -0.39 2.55
CA VAL A 105 13.12 -0.12 1.47
C VAL A 105 12.78 1.36 1.40
N ALA A 106 12.53 1.84 0.18
CA ALA A 106 12.19 3.25 -0.02
C ALA A 106 10.97 3.65 0.80
N GLY A 107 11.21 4.43 1.85
CA GLY A 107 10.13 4.88 2.71
C GLY A 107 9.13 5.76 1.98
N ASP A 108 9.61 6.50 0.99
CA ASP A 108 8.76 7.40 0.21
C ASP A 108 7.71 6.63 -0.57
N ILE A 109 8.11 5.50 -1.16
CA ILE A 109 7.18 4.68 -1.94
C ILE A 109 6.15 4.01 -1.04
N PHE A 110 6.62 3.35 0.01
CA PHE A 110 5.73 2.66 0.93
C PHE A 110 4.85 3.65 1.69
N ASP A 111 5.34 4.87 1.87
CA ASP A 111 4.60 5.89 2.60
C ASP A 111 3.17 5.99 2.09
N MET A 112 2.97 5.66 0.82
CA MET A 112 1.63 5.69 0.22
C MET A 112 0.81 4.51 0.75
N LEU A 113 1.39 3.33 0.63
CA LEU A 113 0.72 2.10 1.09
C LEU A 113 0.57 2.09 2.60
N LEU A 114 1.41 2.86 3.28
CA LEU A 114 1.39 2.94 4.73
C LEU A 114 -0.01 3.24 5.24
N THR A 115 -0.80 3.91 4.41
CA THR A 115 -2.17 4.26 4.78
C THR A 115 -3.04 3.02 4.99
N PHE A 116 -2.43 1.83 4.89
CA PHE A 116 -3.16 0.58 5.08
C PHE A 116 -3.68 0.46 6.50
N THR A 117 -2.91 0.98 7.46
CA THR A 117 -3.29 0.92 8.86
C THR A 117 -3.05 2.26 9.56
N ASP A 118 -2.12 3.04 9.04
CA ASP A 118 -1.79 4.34 9.62
C ASP A 118 -2.85 5.39 9.23
N PHE A 119 -3.92 5.46 10.00
CA PHE A 119 -5.01 6.40 9.74
C PHE A 119 -4.50 7.83 9.73
N LEU A 120 -3.49 8.11 10.57
CA LEU A 120 -2.92 9.45 10.65
C LEU A 120 -2.39 9.90 9.29
N ALA A 121 -1.76 8.97 8.58
CA ALA A 121 -1.20 9.28 7.26
C ALA A 121 -2.29 9.35 6.20
N PHE A 122 -3.37 8.59 6.41
CA PHE A 122 -4.48 8.56 5.46
C PHE A 122 -5.16 9.93 5.39
N LYS A 123 -5.58 10.44 6.54
CA LYS A 123 -6.24 11.74 6.61
C LYS A 123 -5.29 12.84 6.17
N GLU A 124 -4.06 12.79 6.69
CA GLU A 124 -3.06 13.79 6.36
C GLU A 124 -2.74 13.77 4.87
N MET A 125 -2.91 12.59 4.25
CA MET A 125 -2.63 12.43 2.83
C MET A 125 -3.61 13.25 2.00
N PHE A 126 -4.90 13.15 2.32
CA PHE A 126 -5.93 13.88 1.60
C PHE A 126 -5.84 15.38 1.89
N LEU A 127 -5.69 15.74 3.16
CA LEU A 127 -5.59 17.14 3.57
C LEU A 127 -4.46 17.85 2.83
N ASP A 128 -3.28 17.24 2.83
CA ASP A 128 -2.12 17.81 2.17
C ASP A 128 -2.37 17.91 0.66
N TYR A 129 -2.92 16.84 0.08
CA TYR A 129 -3.21 16.80 -1.35
C TYR A 129 -4.12 17.96 -1.75
N ARG A 130 -5.05 18.30 -0.85
CA ARG A 130 -5.99 19.39 -1.11
C ARG A 130 -5.28 20.74 -1.04
N ALA A 131 -4.34 20.86 -0.11
CA ALA A 131 -3.58 22.09 0.06
C ALA A 131 -2.79 22.43 -1.20
N GLU A 132 -2.37 21.39 -1.91
CA GLU A 132 -1.60 21.58 -3.15
C GLU A 132 -2.48 22.14 -4.26
N LYS A 133 -3.78 21.87 -4.17
CA LYS A 133 -4.73 22.35 -5.17
C LYS A 133 -4.84 23.88 -5.14
N GLU A 134 -4.39 24.47 -4.03
CA GLU A 134 -4.44 25.93 -3.88
C GLU A 134 -3.37 26.61 -4.74
N GLY A 135 -2.29 25.88 -5.00
CA GLY A 135 -1.21 26.42 -5.81
C GLY A 135 -0.40 27.46 -5.06
N ARG A 136 -0.34 27.33 -3.74
CA ARG A 136 0.41 28.27 -2.91
C ARG A 136 1.31 27.52 -1.93
N GLY A 137 1.26 26.20 -1.98
CA GLY A 137 2.08 25.39 -1.09
C GLY A 137 3.49 25.22 -1.59
N MET A 2 29.02 -17.65 -0.42
CA MET A 2 29.84 -16.43 -0.55
C MET A 2 29.14 -15.23 0.07
N ASP A 3 27.99 -14.86 -0.49
CA ASP A 3 27.23 -13.73 0.00
C ASP A 3 26.17 -14.19 1.00
N ALA A 4 26.12 -15.50 1.26
CA ALA A 4 25.17 -16.06 2.19
C ALA A 4 25.30 -15.43 3.57
N LEU A 5 24.20 -15.40 4.32
CA LEU A 5 24.20 -14.82 5.66
C LEU A 5 24.35 -15.90 6.72
N GLU A 6 23.73 -17.05 6.48
CA GLU A 6 23.80 -18.16 7.43
C GLU A 6 23.50 -19.48 6.73
N GLY A 7 22.63 -19.42 5.71
CA GLY A 7 22.27 -20.60 4.96
C GLY A 7 23.47 -21.36 4.42
N GLU A 8 23.71 -22.55 4.97
CA GLU A 8 24.83 -23.37 4.54
C GLU A 8 24.61 -24.82 4.95
N SER A 9 23.86 -25.01 6.02
CA SER A 9 23.55 -26.35 6.52
C SER A 9 22.06 -26.53 6.72
N PHE A 10 21.67 -27.65 7.31
CA PHE A 10 20.25 -27.94 7.56
C PHE A 10 19.64 -26.88 8.49
N ALA A 11 18.69 -26.13 7.95
CA ALA A 11 18.02 -25.09 8.72
C ALA A 11 16.55 -24.97 8.31
N LEU A 12 16.32 -24.44 7.12
CA LEU A 12 14.96 -24.28 6.60
C LEU A 12 14.12 -23.44 7.56
N SER A 13 14.77 -22.52 8.26
CA SER A 13 14.09 -21.64 9.21
C SER A 13 13.15 -20.67 8.49
N PHE A 14 13.73 -19.70 7.79
CA PHE A 14 12.94 -18.71 7.06
C PHE A 14 13.64 -18.32 5.76
N SER A 15 12.84 -17.96 4.76
CA SER A 15 13.38 -17.56 3.47
C SER A 15 12.45 -16.57 2.77
N SER A 16 12.83 -16.16 1.56
CA SER A 16 12.06 -15.22 0.76
C SER A 16 12.20 -13.79 1.27
N ALA A 17 12.11 -13.62 2.59
CA ALA A 17 12.24 -12.31 3.21
C ALA A 17 13.60 -11.69 2.93
N SER A 18 14.65 -12.39 3.33
CA SER A 18 16.02 -11.91 3.13
C SER A 18 16.61 -12.51 1.86
N ASP A 19 15.75 -12.95 0.96
CA ASP A 19 16.20 -13.55 -0.30
C ASP A 19 15.80 -12.68 -1.49
N ALA A 20 16.07 -13.20 -2.69
CA ALA A 20 15.76 -12.48 -3.93
C ALA A 20 14.24 -12.30 -4.08
N GLU A 21 13.47 -13.15 -3.43
CA GLU A 21 12.02 -13.09 -3.50
C GLU A 21 11.51 -11.72 -3.08
N PHE A 22 12.04 -11.19 -1.97
CA PHE A 22 11.64 -9.88 -1.48
C PHE A 22 11.85 -8.81 -2.54
N ASP A 23 13.05 -8.78 -3.12
CA ASP A 23 13.38 -7.80 -4.14
C ASP A 23 12.43 -7.90 -5.33
N ALA A 24 12.04 -9.12 -5.67
CA ALA A 24 11.12 -9.36 -6.77
C ALA A 24 9.79 -8.65 -6.56
N VAL A 25 9.24 -8.80 -5.36
CA VAL A 25 7.96 -8.18 -5.03
C VAL A 25 8.04 -6.67 -5.18
N VAL A 26 9.12 -6.08 -4.68
CA VAL A 26 9.32 -4.63 -4.77
C VAL A 26 9.23 -4.15 -6.21
N GLY A 27 9.80 -4.93 -7.12
CA GLY A 27 9.78 -4.57 -8.53
C GLY A 27 8.37 -4.54 -9.09
N TYR A 28 7.58 -5.56 -8.76
CA TYR A 28 6.21 -5.65 -9.24
C TYR A 28 5.37 -4.50 -8.70
N LEU A 29 5.75 -4.00 -7.53
CA LEU A 29 5.03 -2.89 -6.91
C LEU A 29 5.26 -1.59 -7.67
N GLU A 30 6.52 -1.32 -8.00
CA GLU A 30 6.86 -0.10 -8.74
C GLU A 30 6.17 -0.06 -10.09
N ASP A 31 6.00 -1.25 -10.69
CA ASP A 31 5.35 -1.35 -11.99
C ASP A 31 3.89 -0.90 -11.92
N ILE A 32 3.26 -1.14 -10.77
CA ILE A 32 1.86 -0.78 -10.58
C ILE A 32 1.73 0.69 -10.18
N ILE A 33 2.60 1.15 -9.29
CA ILE A 33 2.58 2.54 -8.83
C ILE A 33 2.75 3.50 -9.99
N MET A 34 3.53 3.10 -10.99
CA MET A 34 3.77 3.95 -12.16
C MET A 34 2.87 3.55 -13.32
N ASP A 35 1.95 2.62 -13.07
CA ASP A 35 1.04 2.16 -14.10
C ASP A 35 0.00 3.24 -14.41
N ASP A 36 -0.20 3.50 -15.70
CA ASP A 36 -1.15 4.51 -16.14
C ASP A 36 -2.54 4.29 -15.55
N GLU A 37 -3.07 3.08 -15.72
CA GLU A 37 -4.40 2.75 -15.21
C GLU A 37 -4.47 2.89 -13.69
N PHE A 38 -3.33 2.72 -13.01
CA PHE A 38 -3.29 2.83 -11.56
C PHE A 38 -3.33 4.29 -11.13
N GLN A 39 -2.65 5.16 -11.87
CA GLN A 39 -2.63 6.58 -11.56
C GLN A 39 -4.01 7.21 -11.76
N LEU A 40 -4.64 6.89 -12.89
CA LEU A 40 -5.97 7.42 -13.20
C LEU A 40 -6.99 6.95 -12.16
N LEU A 41 -7.03 5.66 -11.93
CA LEU A 41 -7.97 5.08 -10.97
C LEU A 41 -7.79 5.69 -9.59
N GLN A 42 -6.54 5.74 -9.12
CA GLN A 42 -6.24 6.30 -7.80
C GLN A 42 -6.74 7.73 -7.67
N ARG A 43 -6.43 8.56 -8.65
CA ARG A 43 -6.84 9.96 -8.64
C ARG A 43 -8.35 10.10 -8.76
N ASN A 44 -8.98 9.19 -9.48
CA ASN A 44 -10.43 9.23 -9.67
C ASN A 44 -11.17 9.12 -8.35
N PHE A 45 -10.77 8.16 -7.52
CA PHE A 45 -11.41 7.96 -6.22
C PHE A 45 -10.97 9.00 -5.21
N MET A 46 -9.67 9.30 -5.18
CA MET A 46 -9.13 10.29 -4.26
C MET A 46 -9.81 11.64 -4.44
N ASP A 47 -10.35 11.87 -5.64
CA ASP A 47 -11.02 13.12 -5.96
C ASP A 47 -12.27 13.29 -5.10
N LYS A 48 -12.90 12.17 -4.75
CA LYS A 48 -14.12 12.18 -3.93
C LYS A 48 -13.77 12.03 -2.45
N TYR A 49 -12.80 11.17 -2.17
CA TYR A 49 -12.38 10.92 -0.80
C TYR A 49 -11.86 12.19 -0.12
N TYR A 50 -10.93 12.88 -0.77
CA TYR A 50 -10.35 14.10 -0.22
C TYR A 50 -11.43 15.16 0.03
N LEU A 51 -12.59 15.00 -0.60
CA LEU A 51 -13.68 15.95 -0.43
C LEU A 51 -14.42 15.70 0.88
N GLU A 52 -14.73 14.43 1.15
CA GLU A 52 -15.45 14.07 2.37
C GLU A 52 -14.56 14.27 3.61
N PHE A 53 -13.27 14.01 3.45
CA PHE A 53 -12.33 14.15 4.56
C PHE A 53 -12.09 15.63 4.89
N GLU A 54 -12.89 16.17 5.80
CA GLU A 54 -12.76 17.56 6.21
C GLU A 54 -11.71 17.70 7.31
N ASP A 55 -10.91 18.77 7.22
CA ASP A 55 -9.87 19.03 8.21
C ASP A 55 -10.47 19.59 9.49
N THR A 56 -11.03 18.69 10.31
CA THR A 56 -11.62 19.10 11.58
C THR A 56 -11.40 18.03 12.65
N GLU A 57 -11.89 18.30 13.86
CA GLU A 57 -11.76 17.36 14.98
C GLU A 57 -12.97 16.42 15.04
N GLU A 58 -14.10 16.90 14.54
CA GLU A 58 -15.32 16.10 14.55
C GLU A 58 -15.20 14.91 13.60
N ASN A 59 -15.95 13.85 13.89
CA ASN A 59 -15.92 12.65 13.05
C ASN A 59 -17.33 12.10 12.85
N LYS A 60 -17.48 11.21 11.87
CA LYS A 60 -18.76 10.59 11.58
C LYS A 60 -18.62 9.09 11.37
N LEU A 61 -19.74 8.40 11.29
CA LEU A 61 -19.75 6.95 11.10
C LEU A 61 -19.51 6.60 9.64
N ILE A 62 -19.65 7.59 8.75
CA ILE A 62 -19.47 7.39 7.33
C ILE A 62 -18.01 7.03 7.01
N TYR A 63 -17.13 7.24 7.98
CA TYR A 63 -15.72 6.95 7.81
C TYR A 63 -15.47 5.44 7.79
N THR A 64 -16.42 4.68 8.32
CA THR A 64 -16.29 3.23 8.37
C THR A 64 -16.48 2.60 6.99
N PRO A 65 -17.59 2.91 6.27
CA PRO A 65 -17.84 2.37 4.94
C PRO A 65 -16.83 2.88 3.92
N ILE A 66 -16.50 4.17 4.00
CA ILE A 66 -15.55 4.77 3.07
C ILE A 66 -14.19 4.08 3.19
N PHE A 67 -13.75 3.84 4.43
CA PHE A 67 -12.47 3.20 4.67
C PHE A 67 -12.45 1.78 4.09
N ASN A 68 -13.55 1.06 4.27
CA ASN A 68 -13.67 -0.30 3.76
C ASN A 68 -13.68 -0.29 2.23
N GLU A 69 -14.12 0.81 1.66
CA GLU A 69 -14.19 0.95 0.21
C GLU A 69 -12.78 1.15 -0.37
N TYR A 70 -11.93 1.83 0.39
CA TYR A 70 -10.55 2.08 -0.05
C TYR A 70 -9.75 0.78 -0.03
N ILE A 71 -9.97 -0.02 1.00
CA ILE A 71 -9.27 -1.28 1.16
C ILE A 71 -9.80 -2.32 0.17
N SER A 72 -11.06 -2.19 -0.19
CA SER A 72 -11.69 -3.12 -1.13
C SER A 72 -11.41 -2.72 -2.58
N LEU A 73 -11.23 -1.42 -2.81
CA LEU A 73 -10.96 -0.93 -4.16
C LEU A 73 -9.46 -0.86 -4.45
N VAL A 74 -8.75 0.00 -3.71
CA VAL A 74 -7.31 0.19 -3.90
C VAL A 74 -6.48 -0.98 -3.39
N GLU A 75 -6.55 -1.23 -2.08
CA GLU A 75 -5.77 -2.31 -1.47
C GLU A 75 -6.01 -3.64 -2.18
N LYS A 76 -7.27 -3.92 -2.50
CA LYS A 76 -7.62 -5.16 -3.18
C LYS A 76 -7.05 -5.18 -4.60
N TYR A 77 -7.04 -4.00 -5.23
CA TYR A 77 -6.51 -3.88 -6.59
C TYR A 77 -5.06 -4.36 -6.66
N ILE A 78 -4.23 -3.86 -5.75
CA ILE A 78 -2.82 -4.22 -5.71
C ILE A 78 -2.65 -5.73 -5.45
N GLU A 79 -3.47 -6.26 -4.55
CA GLU A 79 -3.41 -7.68 -4.21
C GLU A 79 -3.72 -8.56 -5.41
N GLU A 80 -4.80 -8.25 -6.11
CA GLU A 80 -5.21 -9.04 -7.27
C GLU A 80 -4.13 -9.03 -8.36
N GLN A 81 -3.61 -7.84 -8.66
CA GLN A 81 -2.58 -7.70 -9.68
C GLN A 81 -1.35 -8.53 -9.36
N LEU A 82 -1.04 -8.66 -8.07
CA LEU A 82 0.12 -9.43 -7.64
C LEU A 82 -0.15 -10.93 -7.70
N LEU A 83 -1.38 -11.33 -7.42
CA LEU A 83 -1.76 -12.73 -7.45
C LEU A 83 -1.77 -13.27 -8.87
N GLN A 84 -1.94 -12.38 -9.84
CA GLN A 84 -1.96 -12.78 -11.25
C GLN A 84 -0.62 -13.35 -11.67
N ARG A 85 0.43 -13.05 -10.91
CA ARG A 85 1.76 -13.53 -11.21
C ARG A 85 2.26 -14.47 -10.11
N ILE A 86 1.81 -14.22 -8.89
CA ILE A 86 2.20 -15.03 -7.74
C ILE A 86 0.98 -15.51 -6.96
N PRO A 87 0.45 -16.70 -7.31
CA PRO A 87 -0.73 -17.25 -6.63
C PRO A 87 -0.42 -17.69 -5.19
N GLU A 88 0.85 -17.61 -4.82
CA GLU A 88 1.28 -17.98 -3.48
C GLU A 88 1.70 -16.76 -2.68
N PHE A 89 1.35 -15.58 -3.18
CA PHE A 89 1.70 -14.34 -2.51
C PHE A 89 0.77 -14.06 -1.35
N ASN A 90 1.30 -13.42 -0.30
CA ASN A 90 0.52 -13.09 0.88
C ASN A 90 0.68 -11.60 1.21
N MET A 91 -0.29 -10.80 0.76
CA MET A 91 -0.26 -9.37 0.99
C MET A 91 -0.22 -9.05 2.49
N ALA A 92 -0.84 -9.90 3.28
CA ALA A 92 -0.88 -9.71 4.73
C ALA A 92 0.48 -10.00 5.37
N ALA A 93 1.05 -11.16 5.03
CA ALA A 93 2.34 -11.55 5.57
C ALA A 93 3.46 -10.65 5.03
N PHE A 94 3.24 -10.09 3.85
CA PHE A 94 4.22 -9.21 3.22
C PHE A 94 4.31 -7.89 3.97
N THR A 95 3.16 -7.29 4.27
CA THR A 95 3.13 -6.01 4.97
C THR A 95 3.73 -6.13 6.37
N THR A 96 3.42 -7.23 7.05
CA THR A 96 3.94 -7.47 8.39
C THR A 96 5.47 -7.48 8.39
N THR A 97 6.04 -8.24 7.46
CA THR A 97 7.50 -8.32 7.35
C THR A 97 8.09 -7.03 6.84
N LEU A 98 7.31 -6.31 6.03
CA LEU A 98 7.73 -5.04 5.47
C LEU A 98 8.05 -4.02 6.57
N GLN A 99 7.27 -4.06 7.64
CA GLN A 99 7.46 -3.14 8.77
C GLN A 99 8.90 -3.14 9.24
N HIS A 100 9.55 -4.30 9.19
CA HIS A 100 10.93 -4.42 9.60
C HIS A 100 11.86 -3.98 8.47
N HIS A 101 11.53 -4.39 7.25
CA HIS A 101 12.33 -4.05 6.09
C HIS A 101 12.17 -2.58 5.73
N LYS A 102 11.35 -1.88 6.51
CA LYS A 102 11.11 -0.46 6.29
C LYS A 102 12.39 0.33 6.56
N ASP A 103 13.31 -0.29 7.30
CA ASP A 103 14.57 0.35 7.63
C ASP A 103 15.56 0.25 6.46
N GLU A 104 15.18 -0.50 5.43
CA GLU A 104 16.04 -0.67 4.26
C GLU A 104 15.36 -0.13 3.00
N VAL A 105 14.21 -0.70 2.66
CA VAL A 105 13.47 -0.29 1.48
C VAL A 105 13.17 1.20 1.52
N ALA A 106 12.87 1.78 0.36
CA ALA A 106 12.56 3.19 0.27
C ALA A 106 11.34 3.54 1.11
N GLY A 107 11.56 4.20 2.23
CA GLY A 107 10.47 4.59 3.11
C GLY A 107 9.54 5.59 2.46
N ASP A 108 10.10 6.42 1.58
CA ASP A 108 9.31 7.43 0.89
C ASP A 108 8.25 6.80 -0.01
N ILE A 109 8.58 5.66 -0.62
CA ILE A 109 7.64 4.97 -1.49
C ILE A 109 6.55 4.26 -0.70
N PHE A 110 6.96 3.48 0.31
CA PHE A 110 6.00 2.76 1.14
C PHE A 110 5.12 3.73 1.93
N ASP A 111 5.67 4.91 2.22
CA ASP A 111 4.93 5.93 2.98
C ASP A 111 3.54 6.13 2.39
N MET A 112 3.41 5.97 1.09
CA MET A 112 2.13 6.13 0.42
C MET A 112 1.21 4.95 0.75
N LEU A 113 1.77 3.76 0.63
CA LEU A 113 1.04 2.53 0.90
C LEU A 113 0.68 2.42 2.38
N LEU A 114 1.43 3.13 3.22
CA LEU A 114 1.19 3.11 4.66
C LEU A 114 -0.29 3.38 4.97
N THR A 115 -0.96 4.09 4.07
CA THR A 115 -2.37 4.42 4.25
C THR A 115 -3.24 3.17 4.46
N PHE A 116 -2.62 1.99 4.34
CA PHE A 116 -3.34 0.73 4.52
C PHE A 116 -3.82 0.57 5.96
N THR A 117 -3.06 1.11 6.91
CA THR A 117 -3.42 1.01 8.32
C THR A 117 -3.24 2.35 9.04
N ASP A 118 -2.13 3.03 8.75
CA ASP A 118 -1.85 4.31 9.38
C ASP A 118 -2.89 5.36 9.00
N PHE A 119 -3.93 5.48 9.82
CA PHE A 119 -5.00 6.43 9.58
C PHE A 119 -4.48 7.86 9.56
N LEU A 120 -3.35 8.08 10.23
CA LEU A 120 -2.74 9.40 10.29
C LEU A 120 -2.22 9.83 8.94
N ALA A 121 -1.65 8.88 8.19
CA ALA A 121 -1.10 9.16 6.87
C ALA A 121 -2.22 9.29 5.84
N PHE A 122 -3.31 8.57 6.07
CA PHE A 122 -4.44 8.59 5.17
C PHE A 122 -5.09 9.98 5.13
N LYS A 123 -5.44 10.49 6.30
CA LYS A 123 -6.06 11.80 6.41
C LYS A 123 -5.11 12.91 5.96
N GLU A 124 -3.89 12.89 6.51
CA GLU A 124 -2.89 13.89 6.17
C GLU A 124 -2.64 13.93 4.67
N MET A 125 -2.77 12.78 4.02
CA MET A 125 -2.57 12.69 2.58
C MET A 125 -3.62 13.50 1.82
N PHE A 126 -4.88 13.31 2.19
CA PHE A 126 -5.97 14.02 1.54
C PHE A 126 -5.85 15.54 1.75
N LEU A 127 -5.65 15.94 3.00
CA LEU A 127 -5.52 17.36 3.33
C LEU A 127 -4.38 18.01 2.53
N ASP A 128 -3.28 17.29 2.36
CA ASP A 128 -2.14 17.80 1.61
C ASP A 128 -2.50 17.94 0.14
N TYR A 129 -3.37 17.07 -0.34
CA TYR A 129 -3.80 17.10 -1.73
C TYR A 129 -4.56 18.38 -2.04
N ARG A 130 -5.46 18.76 -1.14
CA ARG A 130 -6.25 19.97 -1.31
C ARG A 130 -5.37 21.21 -1.17
N ALA A 131 -4.37 21.13 -0.30
CA ALA A 131 -3.45 22.24 -0.08
C ALA A 131 -2.69 22.59 -1.35
N GLU A 132 -2.36 21.57 -2.13
CA GLU A 132 -1.64 21.77 -3.38
C GLU A 132 -2.51 22.45 -4.43
N LYS A 133 -3.83 22.34 -4.25
CA LYS A 133 -4.78 22.94 -5.18
C LYS A 133 -4.73 24.47 -5.07
N GLU A 134 -4.17 24.96 -3.98
CA GLU A 134 -4.06 26.40 -3.75
C GLU A 134 -2.65 26.89 -4.04
N GLY A 135 -1.75 25.95 -4.33
CA GLY A 135 -0.38 26.30 -4.62
C GLY A 135 -0.07 26.23 -6.12
N ARG A 136 -1.06 26.58 -6.93
CA ARG A 136 -0.89 26.57 -8.38
C ARG A 136 -0.11 27.80 -8.84
N GLY A 137 -0.27 28.89 -8.11
CA GLY A 137 0.43 30.12 -8.45
C GLY A 137 -0.49 31.17 -9.04
N MET A 2 -2.22 -23.83 0.28
CA MET A 2 -3.39 -24.26 1.08
C MET A 2 -2.96 -24.83 2.43
N ASP A 3 -3.82 -24.68 3.43
CA ASP A 3 -3.53 -25.17 4.77
C ASP A 3 -2.26 -24.53 5.32
N ALA A 4 -2.42 -23.46 6.10
CA ALA A 4 -1.28 -22.76 6.69
C ALA A 4 -1.66 -22.10 7.99
N LEU A 5 -2.92 -22.27 8.40
CA LEU A 5 -3.42 -21.68 9.63
C LEU A 5 -3.91 -22.76 10.59
N GLU A 6 -4.18 -23.94 10.05
CA GLU A 6 -4.65 -25.06 10.85
C GLU A 6 -3.49 -25.92 11.34
N GLY A 7 -2.33 -25.76 10.69
CA GLY A 7 -1.16 -26.53 11.07
C GLY A 7 -0.34 -25.84 12.14
N GLU A 8 0.75 -26.48 12.54
CA GLU A 8 1.64 -25.93 13.58
C GLU A 8 2.67 -24.99 12.96
N SER A 9 3.59 -24.49 13.79
CA SER A 9 4.62 -23.59 13.32
C SER A 9 6.01 -24.04 13.78
N PHE A 10 6.23 -24.00 15.10
CA PHE A 10 7.51 -24.40 15.67
C PHE A 10 8.65 -23.52 15.15
N ALA A 11 9.19 -23.89 13.99
CA ALA A 11 10.28 -23.14 13.38
C ALA A 11 9.81 -22.42 12.12
N LEU A 12 10.48 -21.34 11.77
CA LEU A 12 10.13 -20.56 10.58
C LEU A 12 10.47 -21.34 9.32
N SER A 13 9.44 -21.72 8.56
CA SER A 13 9.63 -22.47 7.32
C SER A 13 9.32 -21.61 6.10
N PHE A 14 9.94 -21.95 4.98
CA PHE A 14 9.75 -21.22 3.73
C PHE A 14 10.15 -19.75 3.86
N SER A 15 11.28 -19.41 3.27
CA SER A 15 11.78 -18.03 3.32
C SER A 15 11.53 -17.31 2.00
N SER A 16 10.68 -16.28 2.04
CA SER A 16 10.36 -15.51 0.85
C SER A 16 10.65 -14.03 1.07
N ALA A 17 10.39 -13.57 2.29
CA ALA A 17 10.61 -12.16 2.64
C ALA A 17 12.11 -11.87 2.82
N SER A 18 12.86 -12.88 3.22
CA SER A 18 14.29 -12.73 3.44
C SER A 18 15.08 -13.30 2.26
N ASP A 19 14.36 -13.81 1.26
CA ASP A 19 14.98 -14.38 0.07
C ASP A 19 14.87 -13.41 -1.11
N ALA A 20 15.46 -13.80 -2.24
CA ALA A 20 15.44 -12.97 -3.45
C ALA A 20 14.00 -12.68 -3.88
N GLU A 21 13.07 -13.53 -3.46
CA GLU A 21 11.67 -13.36 -3.82
C GLU A 21 11.16 -11.99 -3.37
N PHE A 22 11.52 -11.60 -2.15
CA PHE A 22 11.11 -10.31 -1.60
C PHE A 22 11.47 -9.18 -2.56
N ASP A 23 12.70 -9.21 -3.06
CA ASP A 23 13.18 -8.19 -3.99
C ASP A 23 12.29 -8.15 -5.23
N ALA A 24 11.90 -9.32 -5.70
CA ALA A 24 11.04 -9.41 -6.88
C ALA A 24 9.70 -8.71 -6.64
N VAL A 25 9.16 -8.89 -5.44
CA VAL A 25 7.89 -8.28 -5.08
C VAL A 25 7.97 -6.75 -5.18
N VAL A 26 9.05 -6.19 -4.66
CA VAL A 26 9.25 -4.75 -4.70
C VAL A 26 9.27 -4.24 -6.13
N GLY A 27 9.88 -5.03 -7.02
CA GLY A 27 9.96 -4.65 -8.42
C GLY A 27 8.59 -4.50 -9.06
N TYR A 28 7.76 -5.54 -8.90
CA TYR A 28 6.41 -5.53 -9.47
C TYR A 28 5.62 -4.35 -8.93
N LEU A 29 5.86 -4.00 -7.66
CA LEU A 29 5.16 -2.89 -7.03
C LEU A 29 5.46 -1.58 -7.76
N GLU A 30 6.73 -1.34 -8.05
CA GLU A 30 7.14 -0.11 -8.73
C GLU A 30 6.46 -0.01 -10.10
N ASP A 31 6.35 -1.13 -10.79
CA ASP A 31 5.71 -1.16 -12.10
C ASP A 31 4.24 -0.76 -12.01
N ILE A 32 3.61 -1.12 -10.90
CA ILE A 32 2.20 -0.81 -10.69
C ILE A 32 2.00 0.66 -10.29
N ILE A 33 2.91 1.16 -9.46
CA ILE A 33 2.84 2.54 -8.99
C ILE A 33 3.04 3.53 -10.14
N MET A 34 3.83 3.12 -11.13
CA MET A 34 4.11 3.99 -12.28
C MET A 34 3.18 3.65 -13.45
N ASP A 35 2.20 2.79 -13.21
CA ASP A 35 1.25 2.39 -14.23
C ASP A 35 0.24 3.51 -14.50
N ASP A 36 -0.02 3.77 -15.78
CA ASP A 36 -0.95 4.82 -16.17
C ASP A 36 -2.35 4.57 -15.57
N GLU A 37 -2.85 3.36 -15.74
CA GLU A 37 -4.17 3.00 -15.23
C GLU A 37 -4.23 3.16 -13.72
N PHE A 38 -3.07 3.07 -13.07
CA PHE A 38 -3.00 3.21 -11.62
C PHE A 38 -3.16 4.66 -11.20
N GLN A 39 -2.50 5.56 -11.92
CA GLN A 39 -2.57 6.98 -11.63
C GLN A 39 -3.98 7.51 -11.88
N LEU A 40 -4.62 6.99 -12.92
CA LEU A 40 -5.98 7.41 -13.27
C LEU A 40 -6.98 6.95 -12.22
N LEU A 41 -6.96 5.66 -11.92
CA LEU A 41 -7.87 5.09 -10.93
C LEU A 41 -7.71 5.75 -9.57
N GLN A 42 -6.47 5.84 -9.10
CA GLN A 42 -6.18 6.44 -7.81
C GLN A 42 -6.66 7.89 -7.74
N ARG A 43 -6.34 8.67 -8.76
CA ARG A 43 -6.75 10.07 -8.80
C ARG A 43 -8.26 10.22 -8.91
N ASN A 44 -8.90 9.29 -9.60
CA ASN A 44 -10.34 9.31 -9.78
C ASN A 44 -11.08 9.13 -8.46
N PHE A 45 -10.65 8.14 -7.68
CA PHE A 45 -11.28 7.87 -6.39
C PHE A 45 -10.92 8.93 -5.36
N MET A 46 -9.63 9.25 -5.26
CA MET A 46 -9.15 10.25 -4.31
C MET A 46 -9.84 11.59 -4.54
N ASP A 47 -10.30 11.82 -5.77
CA ASP A 47 -10.99 13.06 -6.11
C ASP A 47 -12.21 13.27 -5.23
N LYS A 48 -12.82 12.16 -4.83
CA LYS A 48 -14.02 12.22 -3.98
C LYS A 48 -13.65 12.04 -2.51
N TYR A 49 -12.71 11.13 -2.26
CA TYR A 49 -12.26 10.85 -0.89
C TYR A 49 -11.77 12.11 -0.18
N TYR A 50 -10.90 12.86 -0.84
CA TYR A 50 -10.35 14.09 -0.26
C TYR A 50 -11.45 15.11 0.03
N LEU A 51 -12.58 14.98 -0.65
CA LEU A 51 -13.71 15.89 -0.45
C LEU A 51 -14.42 15.60 0.86
N GLU A 52 -14.64 14.31 1.13
CA GLU A 52 -15.33 13.90 2.36
C GLU A 52 -14.47 14.21 3.59
N PHE A 53 -13.17 13.99 3.47
CA PHE A 53 -12.25 14.24 4.57
C PHE A 53 -12.03 15.74 4.77
N GLU A 54 -12.88 16.35 5.60
CA GLU A 54 -12.78 17.78 5.89
C GLU A 54 -12.01 18.01 7.18
N ASP A 55 -11.34 19.16 7.28
CA ASP A 55 -10.57 19.50 8.46
C ASP A 55 -11.48 19.96 9.60
N THR A 56 -11.84 19.03 10.47
CA THR A 56 -12.69 19.32 11.62
C THR A 56 -12.27 18.54 12.85
N GLU A 57 -12.85 18.88 13.99
CA GLU A 57 -12.53 18.20 15.25
C GLU A 57 -13.55 17.11 15.55
N GLU A 58 -14.71 17.19 14.89
CA GLU A 58 -15.77 16.21 15.10
C GLU A 58 -15.72 15.12 14.02
N ASN A 59 -15.62 13.87 14.45
CA ASN A 59 -15.56 12.74 13.53
C ASN A 59 -16.96 12.30 13.12
N LYS A 60 -17.06 11.60 11.99
CA LYS A 60 -18.35 11.12 11.51
C LYS A 60 -18.32 9.61 11.28
N LEU A 61 -19.51 9.02 11.19
CA LEU A 61 -19.65 7.59 10.98
C LEU A 61 -19.43 7.23 9.52
N ILE A 62 -19.43 8.25 8.65
CA ILE A 62 -19.23 8.05 7.22
C ILE A 62 -17.82 7.56 6.91
N TYR A 63 -16.91 7.75 7.85
CA TYR A 63 -15.52 7.33 7.67
C TYR A 63 -15.39 5.81 7.71
N THR A 64 -16.38 5.13 8.28
CA THR A 64 -16.35 3.68 8.37
C THR A 64 -16.59 3.01 7.01
N PRO A 65 -17.68 3.39 6.30
CA PRO A 65 -17.99 2.81 4.98
C PRO A 65 -16.96 3.22 3.92
N ILE A 66 -16.55 4.49 3.95
CA ILE A 66 -15.57 4.98 2.99
C ILE A 66 -14.25 4.24 3.12
N PHE A 67 -13.83 3.98 4.36
CA PHE A 67 -12.60 3.27 4.62
C PHE A 67 -12.64 1.86 4.05
N ASN A 68 -13.75 1.17 4.27
CA ASN A 68 -13.92 -0.20 3.77
C ASN A 68 -13.87 -0.23 2.25
N GLU A 69 -14.28 0.86 1.62
CA GLU A 69 -14.29 0.95 0.16
C GLU A 69 -12.87 1.05 -0.38
N TYR A 70 -12.01 1.79 0.33
CA TYR A 70 -10.62 1.97 -0.08
C TYR A 70 -9.86 0.65 0.00
N ILE A 71 -10.14 -0.12 1.05
CA ILE A 71 -9.49 -1.41 1.25
C ILE A 71 -10.00 -2.46 0.28
N SER A 72 -11.25 -2.33 -0.14
CA SER A 72 -11.85 -3.29 -1.06
C SER A 72 -11.48 -2.98 -2.51
N LEU A 73 -11.33 -1.69 -2.82
CA LEU A 73 -11.00 -1.28 -4.19
C LEU A 73 -9.49 -1.18 -4.43
N VAL A 74 -8.82 -0.30 -3.69
CA VAL A 74 -7.38 -0.10 -3.85
C VAL A 74 -6.53 -1.25 -3.33
N GLU A 75 -6.68 -1.56 -2.04
CA GLU A 75 -5.89 -2.64 -1.43
C GLU A 75 -6.00 -3.92 -2.25
N LYS A 76 -7.21 -4.25 -2.70
CA LYS A 76 -7.44 -5.44 -3.50
C LYS A 76 -6.88 -5.28 -4.91
N TYR A 77 -6.82 -4.04 -5.37
CA TYR A 77 -6.29 -3.77 -6.71
C TYR A 77 -4.85 -4.25 -6.83
N ILE A 78 -4.02 -3.86 -5.87
CA ILE A 78 -2.61 -4.26 -5.87
C ILE A 78 -2.45 -5.75 -5.63
N GLU A 79 -3.18 -6.27 -4.64
CA GLU A 79 -3.12 -7.69 -4.29
C GLU A 79 -3.42 -8.57 -5.50
N GLU A 80 -4.53 -8.30 -6.18
CA GLU A 80 -4.93 -9.10 -7.33
C GLU A 80 -3.87 -9.08 -8.43
N GLN A 81 -3.39 -7.89 -8.78
CA GLN A 81 -2.39 -7.74 -9.83
C GLN A 81 -1.11 -8.53 -9.52
N LEU A 82 -0.80 -8.68 -8.24
CA LEU A 82 0.41 -9.40 -7.83
C LEU A 82 0.19 -10.91 -7.90
N LEU A 83 -1.00 -11.32 -7.51
CA LEU A 83 -1.37 -12.73 -7.49
C LEU A 83 -1.47 -13.31 -8.89
N GLN A 84 -1.68 -12.45 -9.89
CA GLN A 84 -1.79 -12.90 -11.27
C GLN A 84 -0.55 -13.69 -11.68
N ARG A 85 0.54 -13.50 -10.94
CA ARG A 85 1.79 -14.21 -11.21
C ARG A 85 2.25 -15.02 -10.01
N ILE A 86 1.81 -14.59 -8.82
CA ILE A 86 2.18 -15.28 -7.59
C ILE A 86 0.95 -15.72 -6.81
N PRO A 87 0.44 -16.94 -7.07
CA PRO A 87 -0.74 -17.46 -6.38
C PRO A 87 -0.46 -17.80 -4.92
N GLU A 88 0.80 -17.97 -4.59
CA GLU A 88 1.22 -18.30 -3.23
C GLU A 88 1.59 -17.03 -2.46
N PHE A 89 1.16 -15.89 -2.99
CA PHE A 89 1.45 -14.60 -2.36
C PHE A 89 0.61 -14.40 -1.10
N ASN A 90 1.17 -13.68 -0.13
CA ASN A 90 0.47 -13.39 1.12
C ASN A 90 0.71 -11.94 1.53
N MET A 91 -0.25 -11.08 1.18
CA MET A 91 -0.15 -9.65 1.49
C MET A 91 -0.01 -9.41 3.00
N ALA A 92 -0.71 -10.20 3.80
CA ALA A 92 -0.66 -10.06 5.26
C ALA A 92 0.77 -10.19 5.77
N ALA A 93 1.45 -11.26 5.38
CA ALA A 93 2.81 -11.51 5.82
C ALA A 93 3.79 -10.54 5.17
N PHE A 94 3.42 -10.06 3.98
CA PHE A 94 4.27 -9.12 3.24
C PHE A 94 4.34 -7.77 3.94
N THR A 95 3.20 -7.25 4.37
CA THR A 95 3.14 -5.95 5.05
C THR A 95 3.80 -6.00 6.42
N THR A 96 3.45 -6.99 7.23
CA THR A 96 4.01 -7.12 8.57
C THR A 96 5.53 -7.17 8.52
N THR A 97 6.07 -7.89 7.54
CA THR A 97 7.52 -8.01 7.38
C THR A 97 8.09 -6.75 6.73
N LEU A 98 7.28 -6.10 5.90
CA LEU A 98 7.70 -4.90 5.19
C LEU A 98 8.17 -3.80 6.16
N GLN A 99 7.43 -3.62 7.25
CA GLN A 99 7.77 -2.60 8.23
C GLN A 99 9.23 -2.73 8.69
N HIS A 100 9.73 -3.97 8.70
CA HIS A 100 11.10 -4.23 9.11
C HIS A 100 12.06 -3.86 7.99
N HIS A 101 11.73 -4.29 6.78
CA HIS A 101 12.56 -4.01 5.61
C HIS A 101 12.48 -2.53 5.24
N LYS A 102 11.62 -1.80 5.94
CA LYS A 102 11.44 -0.38 5.69
C LYS A 102 12.71 0.39 6.03
N ASP A 103 13.60 -0.25 6.79
CA ASP A 103 14.86 0.37 7.18
C ASP A 103 15.79 0.50 5.99
N GLU A 104 15.38 -0.04 4.85
CA GLU A 104 16.17 0.02 3.63
C GLU A 104 15.33 0.49 2.45
N VAL A 105 14.17 -0.14 2.28
CA VAL A 105 13.25 0.21 1.20
C VAL A 105 12.89 1.69 1.24
N ALA A 106 12.68 2.27 0.06
CA ALA A 106 12.33 3.68 -0.04
C ALA A 106 11.10 4.00 0.81
N GLY A 107 11.33 4.70 1.92
CA GLY A 107 10.23 5.05 2.80
C GLY A 107 9.26 6.02 2.16
N ASP A 108 9.77 6.87 1.28
CA ASP A 108 8.93 7.86 0.60
C ASP A 108 7.88 7.19 -0.27
N ILE A 109 8.26 6.11 -0.95
CA ILE A 109 7.33 5.39 -1.81
C ILE A 109 6.32 4.59 -1.00
N PHE A 110 6.81 3.81 -0.04
CA PHE A 110 5.93 3.00 0.80
C PHE A 110 5.02 3.88 1.64
N ASP A 111 5.48 5.08 1.98
CA ASP A 111 4.70 6.00 2.80
C ASP A 111 3.28 6.14 2.26
N MET A 112 3.12 5.95 0.96
CA MET A 112 1.80 6.01 0.33
C MET A 112 0.99 4.79 0.72
N LEU A 113 1.58 3.62 0.51
CA LEU A 113 0.93 2.35 0.82
C LEU A 113 0.72 2.21 2.33
N LEU A 114 1.51 2.94 3.09
CA LEU A 114 1.44 2.90 4.55
C LEU A 114 0.00 3.11 5.03
N THR A 115 -0.78 3.81 4.24
CA THR A 115 -2.18 4.08 4.57
C THR A 115 -2.99 2.80 4.73
N PHE A 116 -2.33 1.65 4.54
CA PHE A 116 -3.01 0.36 4.69
C PHE A 116 -3.46 0.14 6.12
N THR A 117 -2.82 0.81 7.06
CA THR A 117 -3.16 0.68 8.47
C THR A 117 -3.02 2.01 9.21
N ASP A 118 -2.05 2.82 8.79
CA ASP A 118 -1.81 4.12 9.42
C ASP A 118 -2.92 5.11 9.06
N PHE A 119 -3.97 5.14 9.87
CA PHE A 119 -5.10 6.03 9.64
C PHE A 119 -4.67 7.49 9.67
N LEU A 120 -3.69 7.81 10.51
CA LEU A 120 -3.19 9.18 10.61
C LEU A 120 -2.60 9.65 9.29
N ALA A 121 -1.98 8.73 8.56
CA ALA A 121 -1.37 9.05 7.27
C ALA A 121 -2.42 9.18 6.18
N PHE A 122 -3.48 8.39 6.30
CA PHE A 122 -4.58 8.40 5.33
C PHE A 122 -5.25 9.77 5.28
N LYS A 123 -5.69 10.24 6.44
CA LYS A 123 -6.35 11.54 6.53
C LYS A 123 -5.39 12.66 6.14
N GLU A 124 -4.21 12.66 6.74
CA GLU A 124 -3.21 13.68 6.45
C GLU A 124 -2.84 13.68 4.98
N MET A 125 -2.95 12.52 4.33
CA MET A 125 -2.64 12.40 2.92
C MET A 125 -3.60 13.23 2.07
N PHE A 126 -4.89 13.09 2.34
CA PHE A 126 -5.91 13.84 1.61
C PHE A 126 -5.83 15.33 1.91
N LEU A 127 -5.65 15.67 3.18
CA LEU A 127 -5.56 17.06 3.59
C LEU A 127 -4.43 17.77 2.86
N ASP A 128 -3.29 17.10 2.75
CA ASP A 128 -2.13 17.66 2.07
C ASP A 128 -2.42 17.83 0.58
N TYR A 129 -3.06 16.83 0.00
CA TYR A 129 -3.40 16.85 -1.42
C TYR A 129 -4.25 18.07 -1.75
N ARG A 130 -5.16 18.42 -0.84
CA ARG A 130 -6.03 19.57 -1.05
C ARG A 130 -5.24 20.87 -0.92
N ALA A 131 -4.25 20.87 -0.03
CA ALA A 131 -3.41 22.05 0.17
C ALA A 131 -2.67 22.42 -1.10
N GLU A 132 -2.28 21.41 -1.87
CA GLU A 132 -1.57 21.64 -3.13
C GLU A 132 -2.47 22.35 -4.14
N LYS A 133 -3.78 22.16 -4.00
CA LYS A 133 -4.74 22.78 -4.90
C LYS A 133 -4.77 24.29 -4.71
N GLU A 134 -4.32 24.74 -3.54
CA GLU A 134 -4.28 26.17 -3.23
C GLU A 134 -3.10 26.85 -3.90
N GLY A 135 -2.29 26.07 -4.61
CA GLY A 135 -1.12 26.61 -5.28
C GLY A 135 -0.84 25.92 -6.60
N ARG A 136 -1.82 25.94 -7.49
CA ARG A 136 -1.69 25.31 -8.80
C ARG A 136 -0.97 26.24 -9.78
N GLY A 137 -1.18 27.55 -9.60
CA GLY A 137 -0.56 28.53 -10.48
C GLY A 137 0.53 29.32 -9.77
N MET A 2 15.23 -34.25 27.27
CA MET A 2 16.47 -33.52 26.92
C MET A 2 16.16 -32.35 25.99
N ASP A 3 17.01 -31.33 26.03
CA ASP A 3 16.84 -30.15 25.19
C ASP A 3 18.15 -29.73 24.53
N ALA A 4 18.15 -29.71 23.21
CA ALA A 4 19.34 -29.32 22.46
C ALA A 4 19.50 -27.80 22.42
N LEU A 5 20.54 -27.34 21.73
CA LEU A 5 20.80 -25.91 21.61
C LEU A 5 19.94 -25.28 20.52
N GLU A 6 19.22 -26.12 19.78
CA GLU A 6 18.35 -25.66 18.71
C GLU A 6 19.14 -24.87 17.67
N GLY A 7 18.43 -24.28 16.72
CA GLY A 7 19.07 -23.50 15.68
C GLY A 7 18.14 -22.48 15.05
N GLU A 8 18.71 -21.47 14.39
CA GLU A 8 17.92 -20.44 13.75
C GLU A 8 17.56 -20.83 12.32
N SER A 9 16.29 -21.15 12.10
CA SER A 9 15.82 -21.54 10.78
C SER A 9 14.58 -20.72 10.38
N PHE A 10 14.77 -19.76 9.49
CA PHE A 10 13.68 -18.90 9.04
C PHE A 10 13.64 -18.83 7.52
N ALA A 11 14.82 -18.88 6.90
CA ALA A 11 14.91 -18.82 5.44
C ALA A 11 14.47 -20.14 4.81
N LEU A 12 13.31 -20.12 4.17
CA LEU A 12 12.77 -21.31 3.52
C LEU A 12 12.20 -20.98 2.15
N SER A 13 11.59 -21.98 1.50
CA SER A 13 11.00 -21.78 0.18
C SER A 13 9.83 -20.82 0.25
N PHE A 14 8.90 -21.08 1.15
CA PHE A 14 7.72 -20.23 1.32
C PHE A 14 7.95 -19.22 2.44
N SER A 15 8.39 -18.02 2.07
CA SER A 15 8.64 -16.97 3.04
C SER A 15 8.88 -15.63 2.35
N SER A 16 9.59 -15.69 1.21
CA SER A 16 9.90 -14.49 0.42
C SER A 16 10.87 -13.56 1.16
N ALA A 17 11.12 -13.87 2.43
CA ALA A 17 12.03 -13.06 3.25
C ALA A 17 13.39 -12.93 2.60
N SER A 18 13.78 -13.95 1.85
CA SER A 18 15.06 -13.96 1.15
C SER A 18 15.21 -12.70 0.29
N ASP A 19 16.43 -12.16 0.24
CA ASP A 19 16.71 -10.97 -0.54
C ASP A 19 16.31 -11.16 -2.00
N ALA A 20 16.31 -12.42 -2.44
CA ALA A 20 15.95 -12.76 -3.81
C ALA A 20 14.48 -12.51 -4.10
N GLU A 21 13.61 -13.16 -3.32
CA GLU A 21 12.16 -13.02 -3.51
C GLU A 21 11.67 -11.64 -3.07
N PHE A 22 12.05 -11.22 -1.86
CA PHE A 22 11.64 -9.92 -1.35
C PHE A 22 11.88 -8.81 -2.38
N ASP A 23 13.12 -8.72 -2.86
CA ASP A 23 13.49 -7.71 -3.85
C ASP A 23 12.66 -7.88 -5.12
N ALA A 24 12.41 -9.13 -5.49
CA ALA A 24 11.63 -9.43 -6.69
C ALA A 24 10.26 -8.77 -6.63
N VAL A 25 9.60 -8.90 -5.48
CA VAL A 25 8.28 -8.30 -5.30
C VAL A 25 8.34 -6.79 -5.42
N VAL A 26 9.38 -6.19 -4.85
CA VAL A 26 9.56 -4.75 -4.90
C VAL A 26 9.49 -4.25 -6.33
N GLY A 27 10.15 -4.97 -7.24
CA GLY A 27 10.15 -4.59 -8.64
C GLY A 27 8.76 -4.64 -9.24
N TYR A 28 8.05 -5.75 -9.03
CA TYR A 28 6.70 -5.91 -9.55
C TYR A 28 5.79 -4.78 -9.05
N LEU A 29 6.07 -4.31 -7.83
CA LEU A 29 5.28 -3.24 -7.25
C LEU A 29 5.54 -1.92 -7.96
N GLU A 30 6.81 -1.65 -8.25
CA GLU A 30 7.20 -0.42 -8.93
C GLU A 30 6.46 -0.28 -10.26
N ASP A 31 6.26 -1.41 -10.94
CA ASP A 31 5.55 -1.42 -12.21
C ASP A 31 4.10 -0.98 -12.03
N ILE A 32 3.52 -1.32 -10.88
CA ILE A 32 2.13 -0.97 -10.60
C ILE A 32 2.01 0.50 -10.21
N ILE A 33 3.01 1.01 -9.48
CA ILE A 33 3.01 2.41 -9.05
C ILE A 33 3.06 3.34 -10.25
N MET A 34 3.83 2.94 -11.27
CA MET A 34 3.97 3.76 -12.47
C MET A 34 2.97 3.34 -13.54
N ASP A 35 2.02 2.48 -13.16
CA ASP A 35 1.00 2.00 -14.10
C ASP A 35 -0.01 3.09 -14.41
N ASP A 36 -0.38 3.21 -15.67
CA ASP A 36 -1.33 4.22 -16.12
C ASP A 36 -2.68 4.05 -15.43
N GLU A 37 -3.18 2.82 -15.40
CA GLU A 37 -4.47 2.53 -14.77
C GLU A 37 -4.42 2.82 -13.27
N PHE A 38 -3.23 2.83 -12.70
CA PHE A 38 -3.05 3.09 -11.28
C PHE A 38 -3.15 4.57 -10.97
N GLN A 39 -2.52 5.39 -11.79
CA GLN A 39 -2.53 6.84 -11.60
C GLN A 39 -3.93 7.41 -11.81
N LEU A 40 -4.60 6.95 -12.86
CA LEU A 40 -5.95 7.42 -13.18
C LEU A 40 -6.95 6.99 -12.12
N LEU A 41 -6.93 5.71 -11.76
CA LEU A 41 -7.84 5.18 -10.76
C LEU A 41 -7.63 5.83 -9.39
N GLN A 42 -6.38 5.84 -8.92
CA GLN A 42 -6.05 6.42 -7.62
C GLN A 42 -6.55 7.87 -7.51
N ARG A 43 -6.28 8.67 -8.53
CA ARG A 43 -6.68 10.08 -8.53
C ARG A 43 -8.18 10.22 -8.68
N ASN A 44 -8.78 9.34 -9.47
CA ASN A 44 -10.23 9.38 -9.72
C ASN A 44 -11.02 9.23 -8.42
N PHE A 45 -10.63 8.26 -7.61
CA PHE A 45 -11.33 8.00 -6.35
C PHE A 45 -10.95 9.00 -5.27
N MET A 46 -9.67 9.39 -5.23
CA MET A 46 -9.19 10.34 -4.22
C MET A 46 -9.92 11.68 -4.36
N ASP A 47 -10.37 11.99 -5.56
CA ASP A 47 -11.08 13.25 -5.81
C ASP A 47 -12.30 13.39 -4.91
N LYS A 48 -12.92 12.26 -4.56
CA LYS A 48 -14.09 12.27 -3.70
C LYS A 48 -13.71 11.99 -2.24
N TYR A 49 -12.73 11.12 -2.05
CA TYR A 49 -12.27 10.76 -0.71
C TYR A 49 -11.78 11.99 0.06
N TYR A 50 -10.91 12.77 -0.56
CA TYR A 50 -10.36 13.96 0.09
C TYR A 50 -11.46 14.96 0.42
N LEU A 51 -12.63 14.78 -0.18
CA LEU A 51 -13.77 15.67 0.07
C LEU A 51 -14.46 15.29 1.37
N GLU A 52 -14.73 14.01 1.54
CA GLU A 52 -15.39 13.51 2.74
C GLU A 52 -14.52 13.76 3.98
N PHE A 53 -13.21 13.63 3.81
CA PHE A 53 -12.27 13.83 4.91
C PHE A 53 -12.01 15.32 5.12
N GLU A 54 -12.87 15.96 5.89
CA GLU A 54 -12.74 17.38 6.19
C GLU A 54 -11.87 17.61 7.42
N ASP A 55 -11.14 18.71 7.43
CA ASP A 55 -10.26 19.04 8.55
C ASP A 55 -11.05 19.71 9.68
N THR A 56 -11.58 18.89 10.58
CA THR A 56 -12.35 19.39 11.71
C THR A 56 -12.07 18.59 12.98
N GLU A 57 -12.48 19.12 14.11
CA GLU A 57 -12.28 18.46 15.40
C GLU A 57 -13.20 17.24 15.52
N GLU A 58 -14.48 17.44 15.20
CA GLU A 58 -15.46 16.36 15.29
C GLU A 58 -15.42 15.50 14.02
N ASN A 59 -15.77 14.22 14.18
CA ASN A 59 -15.78 13.29 13.05
C ASN A 59 -17.16 12.70 12.84
N LYS A 60 -17.29 11.83 11.84
CA LYS A 60 -18.56 11.20 11.52
C LYS A 60 -18.38 9.69 11.35
N LEU A 61 -19.49 8.97 11.30
CA LEU A 61 -19.47 7.52 11.13
C LEU A 61 -19.27 7.14 9.67
N ILE A 62 -19.35 8.13 8.78
CA ILE A 62 -19.18 7.88 7.35
C ILE A 62 -17.76 7.47 7.03
N TYR A 63 -16.85 7.66 7.98
CA TYR A 63 -15.45 7.31 7.79
C TYR A 63 -15.24 5.80 7.79
N THR A 64 -16.20 5.07 8.37
CA THR A 64 -16.11 3.62 8.44
C THR A 64 -16.40 2.98 7.07
N PRO A 65 -17.53 3.32 6.42
CA PRO A 65 -17.87 2.76 5.10
C PRO A 65 -16.89 3.19 4.02
N ILE A 66 -16.45 4.44 4.07
CA ILE A 66 -15.49 4.96 3.10
C ILE A 66 -14.17 4.22 3.19
N PHE A 67 -13.70 4.01 4.42
CA PHE A 67 -12.44 3.32 4.65
C PHE A 67 -12.49 1.91 4.08
N ASN A 68 -13.59 1.20 4.34
CA ASN A 68 -13.76 -0.16 3.84
C ASN A 68 -13.71 -0.20 2.32
N GLU A 69 -14.29 0.83 1.69
CA GLU A 69 -14.32 0.91 0.24
C GLU A 69 -12.90 1.03 -0.31
N TYR A 70 -12.03 1.72 0.44
CA TYR A 70 -10.65 1.91 0.03
C TYR A 70 -9.88 0.59 0.09
N ILE A 71 -10.19 -0.22 1.09
CA ILE A 71 -9.53 -1.51 1.27
C ILE A 71 -10.01 -2.53 0.23
N SER A 72 -11.25 -2.39 -0.20
CA SER A 72 -11.82 -3.30 -1.18
C SER A 72 -11.50 -2.87 -2.61
N LEU A 73 -11.36 -1.57 -2.82
CA LEU A 73 -11.06 -1.04 -4.15
C LEU A 73 -9.55 -0.94 -4.40
N VAL A 74 -8.88 -0.10 -3.61
CA VAL A 74 -7.45 0.13 -3.76
C VAL A 74 -6.60 -1.05 -3.26
N GLU A 75 -6.71 -1.36 -1.97
CA GLU A 75 -5.93 -2.45 -1.38
C GLU A 75 -6.10 -3.74 -2.19
N LYS A 76 -7.34 -4.03 -2.57
CA LYS A 76 -7.63 -5.23 -3.33
C LYS A 76 -6.98 -5.16 -4.71
N TYR A 77 -6.98 -3.97 -5.31
CA TYR A 77 -6.39 -3.76 -6.62
C TYR A 77 -4.92 -4.21 -6.64
N ILE A 78 -4.17 -3.83 -5.61
CA ILE A 78 -2.76 -4.19 -5.52
C ILE A 78 -2.58 -5.70 -5.38
N GLU A 79 -3.35 -6.30 -4.48
CA GLU A 79 -3.28 -7.73 -4.23
C GLU A 79 -3.58 -8.53 -5.51
N GLU A 80 -4.58 -8.08 -6.26
CA GLU A 80 -4.97 -8.76 -7.50
C GLU A 80 -3.84 -8.78 -8.52
N GLN A 81 -3.25 -7.60 -8.76
CA GLN A 81 -2.17 -7.49 -9.73
C GLN A 81 -0.99 -8.39 -9.37
N LEU A 82 -0.77 -8.59 -8.08
CA LEU A 82 0.33 -9.43 -7.62
C LEU A 82 -0.03 -10.92 -7.74
N LEU A 83 -1.28 -11.26 -7.46
CA LEU A 83 -1.74 -12.64 -7.54
C LEU A 83 -1.73 -13.15 -8.98
N GLN A 84 -1.84 -12.22 -9.93
CA GLN A 84 -1.85 -12.58 -11.35
C GLN A 84 -0.54 -13.28 -11.75
N ARG A 85 0.54 -12.97 -11.04
CA ARG A 85 1.84 -13.55 -11.32
C ARG A 85 2.26 -14.52 -10.23
N ILE A 86 1.77 -14.29 -9.01
CA ILE A 86 2.10 -15.14 -7.88
C ILE A 86 0.82 -15.63 -7.18
N PRO A 87 0.34 -16.83 -7.53
CA PRO A 87 -0.87 -17.39 -6.92
C PRO A 87 -0.66 -17.83 -5.48
N GLU A 88 0.57 -17.72 -5.01
CA GLU A 88 0.91 -18.12 -3.65
C GLU A 88 1.32 -16.90 -2.82
N PHE A 89 1.17 -15.71 -3.39
CA PHE A 89 1.54 -14.48 -2.70
C PHE A 89 0.66 -14.25 -1.48
N ASN A 90 1.26 -13.74 -0.41
CA ASN A 90 0.54 -13.47 0.82
C ASN A 90 0.69 -12.00 1.22
N MET A 91 -0.26 -11.18 0.78
CA MET A 91 -0.24 -9.75 1.08
C MET A 91 -0.29 -9.50 2.59
N ALA A 92 -0.84 -10.46 3.32
CA ALA A 92 -0.95 -10.36 4.77
C ALA A 92 0.42 -10.49 5.44
N ALA A 93 1.09 -11.59 5.18
CA ALA A 93 2.42 -11.84 5.75
C ALA A 93 3.46 -10.92 5.16
N PHE A 94 3.21 -10.45 3.93
CA PHE A 94 4.15 -9.55 3.25
C PHE A 94 4.22 -8.21 3.96
N THR A 95 3.07 -7.61 4.22
CA THR A 95 3.00 -6.32 4.89
C THR A 95 3.53 -6.42 6.31
N THR A 96 3.20 -7.52 6.99
CA THR A 96 3.66 -7.74 8.36
C THR A 96 5.17 -7.73 8.45
N THR A 97 5.82 -8.40 7.49
CA THR A 97 7.28 -8.45 7.46
C THR A 97 7.87 -7.15 6.92
N LEU A 98 7.10 -6.48 6.07
CA LEU A 98 7.54 -5.22 5.47
C LEU A 98 7.80 -4.15 6.51
N GLN A 99 6.98 -4.12 7.56
CA GLN A 99 7.13 -3.12 8.62
C GLN A 99 8.57 -3.09 9.15
N HIS A 100 9.19 -4.25 9.21
CA HIS A 100 10.58 -4.34 9.69
C HIS A 100 11.54 -3.98 8.57
N HIS A 101 11.25 -4.47 7.37
CA HIS A 101 12.09 -4.20 6.21
C HIS A 101 11.97 -2.73 5.78
N LYS A 102 11.14 -1.99 6.50
CA LYS A 102 10.93 -0.58 6.21
C LYS A 102 12.24 0.19 6.43
N ASP A 103 13.13 -0.39 7.20
CA ASP A 103 14.43 0.23 7.49
C ASP A 103 15.38 0.07 6.31
N GLU A 104 15.09 -0.89 5.45
CA GLU A 104 15.93 -1.16 4.27
C GLU A 104 15.30 -0.56 3.02
N VAL A 105 14.10 -1.03 2.68
CA VAL A 105 13.40 -0.56 1.49
C VAL A 105 13.13 0.95 1.57
N ALA A 106 12.92 1.57 0.42
CA ALA A 106 12.66 3.01 0.37
C ALA A 106 11.44 3.37 1.20
N GLY A 107 11.67 4.01 2.34
CA GLY A 107 10.59 4.41 3.22
C GLY A 107 9.65 5.39 2.56
N ASP A 108 10.20 6.22 1.66
CA ASP A 108 9.40 7.21 0.96
C ASP A 108 8.33 6.56 0.09
N ILE A 109 8.67 5.43 -0.52
CA ILE A 109 7.74 4.72 -1.38
C ILE A 109 6.64 4.04 -0.56
N PHE A 110 7.05 3.29 0.46
CA PHE A 110 6.09 2.60 1.31
C PHE A 110 5.20 3.58 2.06
N ASP A 111 5.74 4.77 2.32
CA ASP A 111 5.00 5.81 3.03
C ASP A 111 3.60 5.99 2.43
N MET A 112 3.51 5.81 1.11
CA MET A 112 2.22 5.94 0.43
C MET A 112 1.34 4.74 0.75
N LEU A 113 1.93 3.55 0.67
CA LEU A 113 1.24 2.31 0.95
C LEU A 113 0.79 2.23 2.41
N LEU A 114 1.47 3.00 3.28
CA LEU A 114 1.15 3.00 4.70
C LEU A 114 -0.35 3.22 4.92
N THR A 115 -1.00 3.87 3.97
CA THR A 115 -2.43 4.14 4.06
C THR A 115 -3.25 2.86 4.25
N PHE A 116 -2.58 1.70 4.27
CA PHE A 116 -3.26 0.43 4.45
C PHE A 116 -3.89 0.36 5.85
N THR A 117 -3.34 1.11 6.79
CA THR A 117 -3.85 1.13 8.15
C THR A 117 -3.49 2.43 8.87
N ASP A 118 -2.44 3.09 8.41
CA ASP A 118 -1.99 4.34 9.01
C ASP A 118 -2.97 5.47 8.71
N PHE A 119 -4.03 5.56 9.51
CA PHE A 119 -5.05 6.59 9.35
C PHE A 119 -4.44 7.98 9.39
N LEU A 120 -3.29 8.10 10.04
CA LEU A 120 -2.61 9.38 10.16
C LEU A 120 -2.12 9.88 8.79
N ALA A 121 -1.50 8.97 8.04
CA ALA A 121 -0.99 9.31 6.70
C ALA A 121 -2.12 9.42 5.69
N PHE A 122 -3.21 8.69 5.95
CA PHE A 122 -4.36 8.69 5.06
C PHE A 122 -5.04 10.06 5.03
N LYS A 123 -5.40 10.54 6.22
CA LYS A 123 -6.06 11.84 6.34
C LYS A 123 -5.11 12.97 5.97
N GLU A 124 -3.87 12.88 6.44
CA GLU A 124 -2.86 13.90 6.15
C GLU A 124 -2.63 14.01 4.64
N MET A 125 -2.73 12.90 3.94
CA MET A 125 -2.53 12.88 2.50
C MET A 125 -3.61 13.68 1.79
N PHE A 126 -4.87 13.44 2.18
CA PHE A 126 -5.99 14.15 1.57
C PHE A 126 -5.88 15.65 1.78
N LEU A 127 -5.41 16.05 2.96
CA LEU A 127 -5.24 17.47 3.28
C LEU A 127 -4.22 18.13 2.37
N ASP A 128 -3.12 17.41 2.12
CA ASP A 128 -2.07 17.92 1.25
C ASP A 128 -2.59 18.15 -0.16
N TYR A 129 -3.34 17.19 -0.68
CA TYR A 129 -3.91 17.28 -2.01
C TYR A 129 -4.82 18.49 -2.14
N ARG A 130 -5.57 18.77 -1.07
CA ARG A 130 -6.49 19.90 -1.05
C ARG A 130 -5.73 21.22 -1.04
N ALA A 131 -4.58 21.23 -0.37
CA ALA A 131 -3.76 22.45 -0.28
C ALA A 131 -3.19 22.82 -1.65
N GLU A 132 -2.91 21.81 -2.46
CA GLU A 132 -2.36 22.03 -3.79
C GLU A 132 -3.39 22.74 -4.69
N LYS A 133 -4.67 22.60 -4.34
CA LYS A 133 -5.74 23.22 -5.11
C LYS A 133 -5.62 24.74 -5.06
N GLU A 134 -4.96 25.25 -4.03
CA GLU A 134 -4.78 26.69 -3.87
C GLU A 134 -3.64 27.19 -4.76
N GLY A 135 -2.73 26.30 -5.10
CA GLY A 135 -1.59 26.66 -5.93
C GLY A 135 -0.69 27.69 -5.27
N ARG A 136 -0.58 27.60 -3.95
CA ARG A 136 0.26 28.52 -3.18
C ARG A 136 -0.18 29.97 -3.39
N GLY A 137 -1.41 30.14 -3.88
CA GLY A 137 -1.93 31.49 -4.11
C GLY A 137 -1.57 32.02 -5.48
N MET A 2 25.46 -32.65 27.79
CA MET A 2 24.20 -32.97 28.52
C MET A 2 22.99 -32.78 27.61
N ASP A 3 23.07 -31.79 26.72
CA ASP A 3 21.98 -31.51 25.80
C ASP A 3 22.50 -31.37 24.37
N ALA A 4 23.66 -30.75 24.23
CA ALA A 4 24.27 -30.55 22.91
C ALA A 4 25.61 -31.27 22.81
N LEU A 5 25.91 -31.80 21.62
CA LEU A 5 27.15 -32.52 21.40
C LEU A 5 28.29 -31.55 21.09
N GLU A 6 28.24 -30.93 19.92
CA GLU A 6 29.27 -29.98 19.51
C GLU A 6 28.91 -28.57 19.97
N GLY A 7 27.63 -28.24 19.91
CA GLY A 7 27.18 -26.92 20.31
C GLY A 7 26.38 -26.23 19.22
N GLU A 8 25.06 -26.44 19.24
CA GLU A 8 24.18 -25.85 18.26
C GLU A 8 23.68 -24.47 18.71
N SER A 9 24.18 -23.42 18.07
CA SER A 9 23.78 -22.06 18.41
C SER A 9 24.15 -21.09 17.30
N PHE A 10 23.14 -20.46 16.71
CA PHE A 10 23.36 -19.50 15.63
C PHE A 10 24.06 -20.14 14.44
N ALA A 11 23.29 -20.48 13.42
CA ALA A 11 23.84 -21.11 12.21
C ALA A 11 23.14 -20.60 10.96
N LEU A 12 21.86 -20.30 11.09
CA LEU A 12 21.08 -19.81 9.96
C LEU A 12 20.95 -18.28 10.01
N SER A 13 20.42 -17.71 8.93
CA SER A 13 20.25 -16.26 8.85
C SER A 13 19.03 -15.91 7.98
N PHE A 14 18.44 -16.93 7.38
CA PHE A 14 17.27 -16.75 6.52
C PHE A 14 17.60 -15.91 5.29
N SER A 15 16.81 -16.07 4.25
CA SER A 15 17.01 -15.33 3.00
C SER A 15 15.84 -15.54 2.05
N SER A 16 16.01 -15.10 0.80
CA SER A 16 14.97 -15.23 -0.22
C SER A 16 13.74 -14.41 0.12
N ALA A 17 12.91 -14.92 1.03
CA ALA A 17 11.70 -14.23 1.45
C ALA A 17 12.00 -12.84 1.99
N SER A 18 13.26 -12.60 2.32
CA SER A 18 13.69 -11.31 2.85
C SER A 18 14.92 -10.78 2.12
N ASP A 19 15.09 -11.22 0.88
CA ASP A 19 16.23 -10.79 0.07
C ASP A 19 15.92 -10.89 -1.42
N ALA A 20 16.09 -12.08 -1.98
CA ALA A 20 15.83 -12.30 -3.40
C ALA A 20 14.34 -12.18 -3.73
N GLU A 21 13.54 -13.00 -3.06
CA GLU A 21 12.09 -12.99 -3.28
C GLU A 21 11.48 -11.65 -2.89
N PHE A 22 11.92 -11.12 -1.75
CA PHE A 22 11.42 -9.83 -1.27
C PHE A 22 11.65 -8.73 -2.30
N ASP A 23 12.89 -8.62 -2.76
CA ASP A 23 13.26 -7.60 -3.75
C ASP A 23 12.39 -7.74 -5.00
N ALA A 24 12.04 -8.98 -5.34
CA ALA A 24 11.22 -9.24 -6.51
C ALA A 24 9.85 -8.58 -6.37
N VAL A 25 9.26 -8.71 -5.19
CA VAL A 25 7.95 -8.12 -4.93
C VAL A 25 8.00 -6.60 -5.06
N VAL A 26 9.08 -6.01 -4.58
CA VAL A 26 9.26 -4.56 -4.64
C VAL A 26 9.21 -4.07 -6.09
N GLY A 27 9.86 -4.81 -6.98
CA GLY A 27 9.87 -4.45 -8.38
C GLY A 27 8.48 -4.45 -8.99
N TYR A 28 7.71 -5.50 -8.70
CA TYR A 28 6.35 -5.61 -9.21
C TYR A 28 5.50 -4.44 -8.76
N LEU A 29 5.75 -3.96 -7.54
CA LEU A 29 5.02 -2.83 -6.99
C LEU A 29 5.26 -1.57 -7.82
N GLU A 30 6.52 -1.35 -8.19
CA GLU A 30 6.89 -0.18 -8.99
C GLU A 30 6.13 -0.16 -10.30
N ASP A 31 5.98 -1.34 -10.92
CA ASP A 31 5.28 -1.46 -12.19
C ASP A 31 3.82 -1.02 -12.03
N ILE A 32 3.26 -1.27 -10.85
CA ILE A 32 1.86 -0.91 -10.57
C ILE A 32 1.74 0.59 -10.30
N ILE A 33 2.72 1.15 -9.63
CA ILE A 33 2.73 2.58 -9.30
C ILE A 33 2.78 3.41 -10.58
N MET A 34 3.41 2.86 -11.61
CA MET A 34 3.53 3.56 -12.89
C MET A 34 2.46 3.09 -13.88
N ASP A 35 1.65 2.13 -13.45
CA ASP A 35 0.59 1.60 -14.30
C ASP A 35 -0.40 2.69 -14.67
N ASP A 36 -0.68 2.79 -15.97
CA ASP A 36 -1.60 3.81 -16.48
C ASP A 36 -2.96 3.73 -15.79
N GLU A 37 -3.48 2.51 -15.64
CA GLU A 37 -4.78 2.30 -15.00
C GLU A 37 -4.73 2.67 -13.52
N PHE A 38 -3.56 2.51 -12.91
CA PHE A 38 -3.40 2.84 -11.50
C PHE A 38 -3.45 4.35 -11.27
N GLN A 39 -2.78 5.10 -12.15
CA GLN A 39 -2.75 6.55 -12.05
C GLN A 39 -4.14 7.15 -12.26
N LEU A 40 -4.82 6.70 -13.32
CA LEU A 40 -6.15 7.19 -13.64
C LEU A 40 -7.14 6.87 -12.53
N LEU A 41 -7.04 5.65 -11.99
CA LEU A 41 -7.94 5.20 -10.92
C LEU A 41 -7.60 5.88 -9.60
N GLN A 42 -6.34 6.23 -9.41
CA GLN A 42 -5.90 6.87 -8.17
C GLN A 42 -6.51 8.26 -8.01
N ARG A 43 -6.46 9.06 -9.07
CA ARG A 43 -6.99 10.42 -9.04
C ARG A 43 -8.52 10.42 -9.08
N ASN A 44 -9.11 9.45 -9.77
CA ASN A 44 -10.55 9.36 -9.87
C ASN A 44 -11.21 9.19 -8.51
N PHE A 45 -10.69 8.27 -7.70
CA PHE A 45 -11.24 8.01 -6.38
C PHE A 45 -10.82 9.10 -5.39
N MET A 46 -9.52 9.40 -5.34
CA MET A 46 -9.01 10.42 -4.43
C MET A 46 -9.72 11.76 -4.64
N ASP A 47 -10.25 11.96 -5.84
CA ASP A 47 -10.95 13.20 -6.18
C ASP A 47 -12.14 13.44 -5.25
N LYS A 48 -12.76 12.34 -4.80
CA LYS A 48 -13.91 12.43 -3.91
C LYS A 48 -13.50 12.26 -2.45
N TYR A 49 -12.56 11.34 -2.21
CA TYR A 49 -12.08 11.06 -0.86
C TYR A 49 -11.54 12.32 -0.17
N TYR A 50 -10.68 13.07 -0.86
CA TYR A 50 -10.10 14.27 -0.30
C TYR A 50 -11.16 15.34 -0.03
N LEU A 51 -12.35 15.16 -0.62
CA LEU A 51 -13.44 16.10 -0.42
C LEU A 51 -14.17 15.85 0.90
N GLU A 52 -14.52 14.59 1.14
CA GLU A 52 -15.22 14.22 2.36
C GLU A 52 -14.32 14.39 3.58
N PHE A 53 -13.03 14.13 3.40
CA PHE A 53 -12.07 14.27 4.48
C PHE A 53 -11.76 15.74 4.76
N GLU A 54 -12.57 16.35 5.62
CA GLU A 54 -12.39 17.74 5.97
C GLU A 54 -11.75 17.89 7.35
N ASP A 55 -11.04 18.99 7.55
CA ASP A 55 -10.38 19.24 8.83
C ASP A 55 -11.39 19.60 9.91
N THR A 56 -11.84 18.60 10.64
CA THR A 56 -12.81 18.81 11.71
C THR A 56 -12.40 18.06 12.97
N GLU A 57 -13.08 18.36 14.08
CA GLU A 57 -12.79 17.72 15.35
C GLU A 57 -13.84 16.67 15.70
N GLU A 58 -14.96 16.72 14.99
CA GLU A 58 -16.05 15.77 15.22
C GLU A 58 -15.80 14.47 14.48
N ASN A 59 -16.02 13.35 15.16
CA ASN A 59 -15.81 12.03 14.57
C ASN A 59 -17.07 11.54 13.89
N LYS A 60 -17.02 11.46 12.55
CA LYS A 60 -18.17 11.00 11.77
C LYS A 60 -18.08 9.51 11.48
N LEU A 61 -19.23 8.86 11.38
CA LEU A 61 -19.28 7.43 11.12
C LEU A 61 -19.09 7.15 9.63
N ILE A 62 -19.18 8.19 8.81
CA ILE A 62 -19.03 8.05 7.36
C ILE A 62 -17.61 7.62 7.01
N TYR A 63 -16.70 7.80 7.95
CA TYR A 63 -15.29 7.43 7.75
C TYR A 63 -15.11 5.91 7.71
N THR A 64 -16.04 5.18 8.33
CA THR A 64 -15.96 3.73 8.36
C THR A 64 -16.21 3.11 6.97
N PRO A 65 -17.32 3.47 6.30
CA PRO A 65 -17.64 2.94 4.96
C PRO A 65 -16.64 3.40 3.91
N ILE A 66 -16.25 4.68 3.98
CA ILE A 66 -15.29 5.23 3.03
C ILE A 66 -13.93 4.53 3.15
N PHE A 67 -13.46 4.38 4.37
CA PHE A 67 -12.18 3.72 4.63
C PHE A 67 -12.20 2.29 4.09
N ASN A 68 -13.25 1.55 4.42
CA ASN A 68 -13.38 0.17 3.97
C ASN A 68 -13.41 0.09 2.45
N GLU A 69 -13.92 1.15 1.82
CA GLU A 69 -14.01 1.21 0.37
C GLU A 69 -12.61 1.28 -0.25
N TYR A 70 -11.73 2.03 0.40
CA TYR A 70 -10.35 2.18 -0.08
C TYR A 70 -9.58 0.87 0.08
N ILE A 71 -9.87 0.15 1.16
CA ILE A 71 -9.21 -1.11 1.44
C ILE A 71 -9.72 -2.22 0.53
N SER A 72 -10.97 -2.10 0.10
CA SER A 72 -11.57 -3.10 -0.78
C SER A 72 -11.34 -2.77 -2.25
N LEU A 73 -11.18 -1.48 -2.55
CA LEU A 73 -10.97 -1.04 -3.93
C LEU A 73 -9.49 -1.00 -4.31
N VAL A 74 -8.73 -0.14 -3.62
CA VAL A 74 -7.30 0.02 -3.90
C VAL A 74 -6.46 -1.16 -3.43
N GLU A 75 -6.48 -1.42 -2.12
CA GLU A 75 -5.69 -2.51 -1.55
C GLU A 75 -5.95 -3.82 -2.27
N LYS A 76 -7.20 -4.06 -2.65
CA LYS A 76 -7.55 -5.28 -3.36
C LYS A 76 -6.99 -5.27 -4.77
N TYR A 77 -6.98 -4.10 -5.39
CA TYR A 77 -6.45 -3.95 -6.75
C TYR A 77 -4.99 -4.37 -6.82
N ILE A 78 -4.18 -3.85 -5.90
CA ILE A 78 -2.75 -4.16 -5.86
C ILE A 78 -2.53 -5.66 -5.66
N GLU A 79 -3.24 -6.24 -4.70
CA GLU A 79 -3.11 -7.66 -4.39
C GLU A 79 -3.38 -8.53 -5.62
N GLU A 80 -4.50 -8.28 -6.28
CA GLU A 80 -4.86 -9.06 -7.48
C GLU A 80 -3.77 -9.00 -8.54
N GLN A 81 -3.29 -7.79 -8.82
CA GLN A 81 -2.25 -7.58 -9.83
C GLN A 81 -1.00 -8.38 -9.52
N LEU A 82 -0.68 -8.55 -8.24
CA LEU A 82 0.51 -9.29 -7.83
C LEU A 82 0.30 -10.79 -7.94
N LEU A 83 -0.89 -11.22 -7.56
CA LEU A 83 -1.23 -12.64 -7.58
C LEU A 83 -1.27 -13.18 -9.01
N GLN A 84 -1.47 -12.28 -9.97
CA GLN A 84 -1.52 -12.66 -11.37
C GLN A 84 -0.32 -13.49 -11.78
N ARG A 85 0.80 -13.30 -11.08
CA ARG A 85 2.01 -14.03 -11.36
C ARG A 85 2.44 -14.90 -10.18
N ILE A 86 1.94 -14.55 -9.00
CA ILE A 86 2.27 -15.29 -7.79
C ILE A 86 1.00 -15.82 -7.10
N PRO A 87 0.59 -17.06 -7.42
CA PRO A 87 -0.62 -17.66 -6.83
C PRO A 87 -0.40 -18.10 -5.38
N GLU A 88 0.85 -17.99 -4.92
CA GLU A 88 1.19 -18.37 -3.56
C GLU A 88 1.60 -17.15 -2.75
N PHE A 89 1.26 -15.97 -3.27
CA PHE A 89 1.59 -14.72 -2.61
C PHE A 89 0.91 -14.60 -1.25
N ASN A 90 1.57 -13.91 -0.32
CA ASN A 90 1.03 -13.71 1.02
C ASN A 90 1.12 -12.25 1.42
N MET A 91 0.09 -11.48 1.09
CA MET A 91 0.05 -10.05 1.41
C MET A 91 0.01 -9.83 2.91
N ALA A 92 -0.50 -10.82 3.65
CA ALA A 92 -0.60 -10.72 5.10
C ALA A 92 0.77 -10.73 5.75
N ALA A 93 1.56 -11.76 5.46
CA ALA A 93 2.90 -11.89 6.02
C ALA A 93 3.86 -10.88 5.40
N PHE A 94 3.58 -10.50 4.16
CA PHE A 94 4.43 -9.54 3.45
C PHE A 94 4.35 -8.16 4.09
N THR A 95 3.13 -7.68 4.32
CA THR A 95 2.92 -6.37 4.93
C THR A 95 3.48 -6.34 6.35
N THR A 96 3.18 -7.38 7.12
CA THR A 96 3.65 -7.47 8.50
C THR A 96 5.16 -7.33 8.58
N THR A 97 5.86 -8.02 7.69
CA THR A 97 7.32 -7.98 7.64
C THR A 97 7.82 -6.65 7.10
N LEU A 98 7.05 -6.09 6.17
CA LEU A 98 7.40 -4.81 5.54
C LEU A 98 7.43 -3.67 6.56
N GLN A 99 6.52 -3.73 7.54
CA GLN A 99 6.42 -2.70 8.57
C GLN A 99 7.77 -2.40 9.20
N HIS A 100 8.54 -3.44 9.49
CA HIS A 100 9.85 -3.27 10.10
C HIS A 100 10.95 -3.31 9.04
N HIS A 101 10.69 -4.03 7.97
CA HIS A 101 11.66 -4.15 6.88
C HIS A 101 11.77 -2.84 6.12
N LYS A 102 10.92 -1.88 6.48
CA LYS A 102 10.92 -0.57 5.84
C LYS A 102 12.27 0.12 6.05
N ASP A 103 13.01 -0.36 7.05
CA ASP A 103 14.32 0.22 7.36
C ASP A 103 15.27 0.07 6.17
N GLU A 104 14.94 -0.82 5.25
CA GLU A 104 15.76 -1.07 4.06
C GLU A 104 15.07 -0.53 2.81
N VAL A 105 13.95 -1.14 2.45
CA VAL A 105 13.20 -0.73 1.27
C VAL A 105 12.84 0.76 1.35
N ALA A 106 12.77 1.40 0.19
CA ALA A 106 12.45 2.83 0.12
C ALA A 106 11.20 3.15 0.93
N GLY A 107 11.39 3.82 2.06
CA GLY A 107 10.28 4.19 2.90
C GLY A 107 9.36 5.19 2.26
N ASP A 108 9.92 6.06 1.41
CA ASP A 108 9.14 7.08 0.72
C ASP A 108 8.12 6.45 -0.21
N ILE A 109 8.53 5.41 -0.92
CA ILE A 109 7.63 4.72 -1.86
C ILE A 109 6.54 3.98 -1.10
N PHE A 110 6.93 3.20 -0.10
CA PHE A 110 5.97 2.44 0.69
C PHE A 110 5.06 3.37 1.48
N ASP A 111 5.57 4.55 1.82
CA ASP A 111 4.79 5.53 2.58
C ASP A 111 3.40 5.72 1.98
N MET A 112 3.31 5.52 0.67
CA MET A 112 2.02 5.64 -0.02
C MET A 112 1.12 4.47 0.36
N LEU A 113 1.67 3.27 0.21
CA LEU A 113 0.95 2.04 0.53
C LEU A 113 0.67 1.97 2.03
N LEU A 114 1.48 2.67 2.81
CA LEU A 114 1.33 2.69 4.27
C LEU A 114 -0.11 2.99 4.67
N THR A 115 -0.82 3.71 3.81
CA THR A 115 -2.22 4.07 4.06
C THR A 115 -3.10 2.83 4.24
N PHE A 116 -2.51 1.64 4.19
CA PHE A 116 -3.26 0.39 4.35
C PHE A 116 -3.86 0.32 5.76
N THR A 117 -3.14 0.86 6.74
CA THR A 117 -3.60 0.83 8.12
C THR A 117 -3.34 2.17 8.82
N ASP A 118 -2.25 2.84 8.45
CA ASP A 118 -1.89 4.12 9.06
C ASP A 118 -2.90 5.20 8.66
N PHE A 119 -3.98 5.29 9.43
CA PHE A 119 -5.02 6.28 9.17
C PHE A 119 -4.49 7.70 9.24
N LEU A 120 -3.46 7.90 10.07
CA LEU A 120 -2.86 9.22 10.23
C LEU A 120 -2.28 9.71 8.90
N ALA A 121 -1.68 8.78 8.15
CA ALA A 121 -1.08 9.12 6.86
C ALA A 121 -2.15 9.28 5.80
N PHE A 122 -3.25 8.54 5.97
CA PHE A 122 -4.37 8.60 5.02
C PHE A 122 -5.00 9.99 5.00
N LYS A 123 -5.39 10.46 6.18
CA LYS A 123 -6.02 11.77 6.31
C LYS A 123 -5.01 12.87 5.97
N GLU A 124 -3.80 12.74 6.48
CA GLU A 124 -2.75 13.72 6.24
C GLU A 124 -2.44 13.82 4.74
N MET A 125 -2.59 12.70 4.04
CA MET A 125 -2.34 12.66 2.60
C MET A 125 -3.34 13.53 1.85
N PHE A 126 -4.62 13.36 2.16
CA PHE A 126 -5.67 14.13 1.50
C PHE A 126 -5.55 15.62 1.82
N LEU A 127 -5.32 15.94 3.09
CA LEU A 127 -5.20 17.34 3.52
C LEU A 127 -4.09 18.05 2.75
N ASP A 128 -2.95 17.37 2.58
CA ASP A 128 -1.82 17.94 1.87
C ASP A 128 -2.20 18.24 0.42
N TYR A 129 -2.90 17.29 -0.21
CA TYR A 129 -3.34 17.44 -1.58
C TYR A 129 -4.30 18.61 -1.72
N ARG A 130 -5.11 18.82 -0.69
CA ARG A 130 -6.10 19.90 -0.68
C ARG A 130 -5.40 21.26 -0.64
N ALA A 131 -4.39 21.38 0.20
CA ALA A 131 -3.64 22.62 0.35
C ALA A 131 -2.97 23.02 -0.96
N GLU A 132 -2.52 22.01 -1.71
CA GLU A 132 -1.86 22.26 -2.99
C GLU A 132 -2.82 22.85 -4.01
N LYS A 133 -4.10 22.51 -3.86
CA LYS A 133 -5.14 23.01 -4.77
C LYS A 133 -5.30 24.52 -4.64
N GLU A 134 -4.90 25.06 -3.49
CA GLU A 134 -5.01 26.49 -3.24
C GLU A 134 -4.15 27.28 -4.22
N GLY A 135 -3.05 26.67 -4.67
CA GLY A 135 -2.16 27.33 -5.61
C GLY A 135 -0.95 27.93 -4.94
N ARG A 136 -1.14 28.48 -3.74
CA ARG A 136 -0.05 29.08 -2.99
C ARG A 136 0.64 28.05 -2.09
N GLY A 137 1.95 28.17 -1.98
CA GLY A 137 2.71 27.24 -1.15
C GLY A 137 4.20 27.51 -1.19
N MET A 2 24.55 -32.43 -18.55
CA MET A 2 25.16 -31.61 -17.46
C MET A 2 24.19 -31.48 -16.28
N ASP A 3 24.74 -31.51 -15.07
CA ASP A 3 23.93 -31.39 -13.86
C ASP A 3 24.56 -30.41 -12.88
N ALA A 4 23.72 -29.61 -12.23
CA ALA A 4 24.19 -28.62 -11.26
C ALA A 4 23.15 -28.38 -10.18
N LEU A 5 23.59 -28.43 -8.92
CA LEU A 5 22.70 -28.22 -7.78
C LEU A 5 22.66 -26.74 -7.40
N GLU A 6 23.45 -25.92 -8.09
CA GLU A 6 23.50 -24.48 -7.82
C GLU A 6 22.88 -23.69 -8.96
N GLY A 7 22.24 -22.57 -8.61
CA GLY A 7 21.62 -21.74 -9.63
C GLY A 7 20.34 -21.07 -9.13
N GLU A 8 19.40 -21.87 -8.66
CA GLU A 8 18.13 -21.33 -8.17
C GLU A 8 18.07 -21.36 -6.64
N SER A 9 17.68 -20.25 -6.05
CA SER A 9 17.58 -20.14 -4.59
C SER A 9 18.92 -20.41 -3.93
N PHE A 10 19.63 -19.34 -3.56
CA PHE A 10 20.93 -19.46 -2.92
C PHE A 10 20.77 -19.81 -1.44
N ALA A 11 19.97 -19.03 -0.73
CA ALA A 11 19.74 -19.25 0.69
C ALA A 11 18.96 -20.55 0.91
N LEU A 12 19.47 -21.38 1.81
CA LEU A 12 18.82 -22.65 2.12
C LEU A 12 17.57 -22.44 2.98
N SER A 13 17.42 -21.21 3.48
CA SER A 13 16.28 -20.88 4.31
C SER A 13 15.03 -20.67 3.46
N PHE A 14 13.86 -20.73 4.10
CA PHE A 14 12.60 -20.53 3.40
C PHE A 14 12.11 -19.10 3.53
N SER A 15 12.95 -18.25 4.10
CA SER A 15 12.61 -16.84 4.30
C SER A 15 12.75 -16.06 2.99
N SER A 16 11.62 -15.63 2.45
CA SER A 16 11.62 -14.88 1.20
C SER A 16 11.99 -13.42 1.45
N ALA A 17 11.91 -13.00 2.70
CA ALA A 17 12.24 -11.63 3.08
C ALA A 17 13.69 -11.31 2.78
N SER A 18 14.60 -12.11 3.31
CA SER A 18 16.02 -11.91 3.10
C SER A 18 16.49 -12.59 1.81
N ASP A 19 15.52 -13.07 1.03
CA ASP A 19 15.82 -13.74 -0.23
C ASP A 19 15.55 -12.84 -1.42
N ALA A 20 16.03 -13.24 -2.59
CA ALA A 20 15.86 -12.46 -3.81
C ALA A 20 14.37 -12.25 -4.13
N GLU A 21 13.53 -13.13 -3.59
CA GLU A 21 12.09 -13.05 -3.82
C GLU A 21 11.54 -11.70 -3.37
N PHE A 22 11.94 -11.27 -2.17
CA PHE A 22 11.49 -9.99 -1.63
C PHE A 22 11.78 -8.85 -2.60
N ASP A 23 13.01 -8.81 -3.11
CA ASP A 23 13.42 -7.77 -4.04
C ASP A 23 12.52 -7.75 -5.28
N ALA A 24 12.17 -8.94 -5.77
CA ALA A 24 11.32 -9.06 -6.94
C ALA A 24 9.97 -8.39 -6.69
N VAL A 25 9.41 -8.61 -5.50
CA VAL A 25 8.12 -8.02 -5.15
C VAL A 25 8.18 -6.50 -5.19
N VAL A 26 9.28 -5.94 -4.70
CA VAL A 26 9.46 -4.49 -4.68
C VAL A 26 9.39 -3.93 -6.10
N GLY A 27 10.00 -4.64 -7.04
CA GLY A 27 9.99 -4.19 -8.42
C GLY A 27 8.59 -4.11 -8.98
N TYR A 28 7.78 -5.13 -8.69
CA TYR A 28 6.41 -5.17 -9.17
C TYR A 28 5.57 -4.09 -8.49
N LEU A 29 5.94 -3.72 -7.26
CA LEU A 29 5.23 -2.69 -6.53
C LEU A 29 5.35 -1.34 -7.21
N GLU A 30 6.59 -0.98 -7.57
CA GLU A 30 6.86 0.29 -8.24
C GLU A 30 6.17 0.34 -9.61
N ASP A 31 6.11 -0.81 -10.27
CA ASP A 31 5.49 -0.90 -11.59
C ASP A 31 4.00 -0.54 -11.51
N ILE A 32 3.34 -1.00 -10.45
CA ILE A 32 1.92 -0.73 -10.26
C ILE A 32 1.68 0.73 -9.91
N ILE A 33 2.58 1.31 -9.11
CA ILE A 33 2.45 2.70 -8.70
C ILE A 33 2.49 3.64 -9.90
N MET A 34 3.38 3.36 -10.83
CA MET A 34 3.53 4.18 -12.02
C MET A 34 2.60 3.73 -13.14
N ASP A 35 1.79 2.71 -12.86
CA ASP A 35 0.85 2.18 -13.85
C ASP A 35 -0.19 3.24 -14.23
N ASP A 36 -0.38 3.43 -15.53
CA ASP A 36 -1.33 4.41 -16.04
C ASP A 36 -2.73 4.15 -15.48
N GLU A 37 -3.20 2.91 -15.59
CA GLU A 37 -4.53 2.55 -15.10
C GLU A 37 -4.64 2.76 -13.59
N PHE A 38 -3.50 2.67 -12.91
CA PHE A 38 -3.47 2.85 -11.46
C PHE A 38 -3.59 4.33 -11.09
N GLN A 39 -2.91 5.18 -11.84
CA GLN A 39 -2.95 6.62 -11.59
C GLN A 39 -4.33 7.18 -11.87
N LEU A 40 -4.99 6.65 -12.90
CA LEU A 40 -6.32 7.09 -13.29
C LEU A 40 -7.34 6.69 -12.23
N LEU A 41 -7.23 5.48 -11.72
CA LEU A 41 -8.14 4.97 -10.70
C LEU A 41 -7.89 5.63 -9.35
N GLN A 42 -6.63 5.91 -9.05
CA GLN A 42 -6.26 6.54 -7.78
C GLN A 42 -6.77 7.97 -7.72
N ARG A 43 -6.44 8.76 -8.74
CA ARG A 43 -6.86 10.16 -8.78
C ARG A 43 -8.38 10.28 -8.88
N ASN A 44 -9.00 9.33 -9.57
CA ASN A 44 -10.45 9.34 -9.75
C ASN A 44 -11.18 9.27 -8.41
N PHE A 45 -10.77 8.32 -7.56
CA PHE A 45 -11.40 8.14 -6.26
C PHE A 45 -10.92 9.19 -5.26
N MET A 46 -9.65 9.54 -5.31
CA MET A 46 -9.09 10.55 -4.40
C MET A 46 -9.82 11.88 -4.56
N ASP A 47 -10.36 12.11 -5.74
CA ASP A 47 -11.09 13.34 -6.03
C ASP A 47 -12.33 13.45 -5.14
N LYS A 48 -12.90 12.30 -4.79
CA LYS A 48 -14.10 12.27 -3.96
C LYS A 48 -13.73 12.14 -2.47
N TYR A 49 -12.82 11.21 -2.20
CA TYR A 49 -12.37 10.96 -0.83
C TYR A 49 -11.85 12.23 -0.16
N TYR A 50 -11.00 12.98 -0.86
CA TYR A 50 -10.43 14.20 -0.31
C TYR A 50 -11.50 15.25 -0.03
N LEU A 51 -12.67 15.09 -0.66
CA LEU A 51 -13.77 16.02 -0.45
C LEU A 51 -14.45 15.78 0.89
N GLU A 52 -14.82 14.52 1.15
CA GLU A 52 -15.46 14.16 2.41
C GLU A 52 -14.51 14.35 3.58
N PHE A 53 -13.24 14.02 3.37
CA PHE A 53 -12.23 14.16 4.41
C PHE A 53 -11.86 15.62 4.62
N GLU A 54 -12.60 16.28 5.51
CA GLU A 54 -12.35 17.68 5.82
C GLU A 54 -11.36 17.81 6.97
N ASP A 55 -10.78 19.00 7.11
CA ASP A 55 -9.81 19.25 8.16
C ASP A 55 -10.51 19.43 9.51
N THR A 56 -11.80 19.16 9.55
CA THR A 56 -12.59 19.29 10.78
C THR A 56 -12.13 18.29 11.82
N GLU A 57 -12.08 18.73 13.08
CA GLU A 57 -11.67 17.87 14.19
C GLU A 57 -12.81 16.98 14.66
N GLU A 58 -13.98 17.15 14.03
CA GLU A 58 -15.15 16.35 14.40
C GLU A 58 -15.08 14.96 13.79
N ASN A 59 -15.77 14.01 14.42
CA ASN A 59 -15.79 12.64 13.96
C ASN A 59 -17.16 12.27 13.39
N LYS A 60 -17.17 11.52 12.29
CA LYS A 60 -18.42 11.11 11.65
C LYS A 60 -18.42 9.61 11.38
N LEU A 61 -19.60 9.05 11.20
CA LEU A 61 -19.75 7.62 10.93
C LEU A 61 -19.45 7.31 9.46
N ILE A 62 -19.38 8.35 8.64
CA ILE A 62 -19.11 8.18 7.22
C ILE A 62 -17.69 7.69 6.96
N TYR A 63 -16.84 7.78 7.99
CA TYR A 63 -15.46 7.35 7.87
C TYR A 63 -15.35 5.83 7.82
N THR A 64 -16.38 5.13 8.29
CA THR A 64 -16.38 3.67 8.27
C THR A 64 -16.63 3.11 6.87
N PRO A 65 -17.72 3.54 6.18
CA PRO A 65 -18.03 3.06 4.84
C PRO A 65 -16.94 3.45 3.84
N ILE A 66 -16.43 4.67 3.96
CA ILE A 66 -15.39 5.15 3.06
C ILE A 66 -14.11 4.33 3.21
N PHE A 67 -13.70 4.10 4.46
CA PHE A 67 -12.49 3.34 4.74
C PHE A 67 -12.57 1.93 4.16
N ASN A 68 -13.69 1.26 4.41
CA ASN A 68 -13.89 -0.11 3.91
C ASN A 68 -13.85 -0.14 2.39
N GLU A 69 -14.28 0.96 1.77
CA GLU A 69 -14.29 1.05 0.31
C GLU A 69 -12.88 1.14 -0.25
N TYR A 70 -12.01 1.84 0.46
CA TYR A 70 -10.63 2.01 0.04
C TYR A 70 -9.84 0.70 0.18
N ILE A 71 -10.10 -0.02 1.26
CA ILE A 71 -9.41 -1.28 1.52
C ILE A 71 -9.89 -2.39 0.60
N SER A 72 -11.15 -2.30 0.17
CA SER A 72 -11.72 -3.31 -0.72
C SER A 72 -11.47 -2.99 -2.18
N LEU A 73 -11.38 -1.71 -2.51
CA LEU A 73 -11.14 -1.29 -3.89
C LEU A 73 -9.65 -1.16 -4.20
N VAL A 74 -8.97 -0.25 -3.50
CA VAL A 74 -7.54 0.00 -3.74
C VAL A 74 -6.64 -1.13 -3.24
N GLU A 75 -6.66 -1.39 -1.94
CA GLU A 75 -5.82 -2.43 -1.36
C GLU A 75 -6.01 -3.76 -2.08
N LYS A 76 -7.26 -4.07 -2.41
CA LYS A 76 -7.59 -5.31 -3.09
C LYS A 76 -7.08 -5.28 -4.53
N TYR A 77 -7.08 -4.09 -5.13
CA TYR A 77 -6.60 -3.92 -6.50
C TYR A 77 -5.13 -4.31 -6.62
N ILE A 78 -4.32 -3.75 -5.75
CA ILE A 78 -2.88 -4.02 -5.74
C ILE A 78 -2.62 -5.51 -5.51
N GLU A 79 -3.39 -6.10 -4.62
CA GLU A 79 -3.25 -7.52 -4.29
C GLU A 79 -3.51 -8.39 -5.52
N GLU A 80 -4.63 -8.16 -6.19
CA GLU A 80 -4.98 -8.95 -7.37
C GLU A 80 -3.95 -8.82 -8.49
N GLN A 81 -3.46 -7.59 -8.69
CA GLN A 81 -2.46 -7.33 -9.73
C GLN A 81 -1.16 -8.10 -9.48
N LEU A 82 -0.81 -8.27 -8.21
CA LEU A 82 0.42 -8.97 -7.86
C LEU A 82 0.24 -10.47 -7.97
N LEU A 83 -0.93 -10.94 -7.58
CA LEU A 83 -1.24 -12.37 -7.60
C LEU A 83 -1.34 -12.90 -9.03
N GLN A 84 -1.62 -12.01 -9.99
CA GLN A 84 -1.74 -12.40 -11.38
C GLN A 84 -0.47 -13.12 -11.85
N ARG A 85 0.62 -12.90 -11.13
CA ARG A 85 1.89 -13.53 -11.47
C ARG A 85 2.38 -14.41 -10.34
N ILE A 86 1.78 -14.26 -9.16
CA ILE A 86 2.15 -15.04 -7.99
C ILE A 86 0.90 -15.54 -7.25
N PRO A 87 0.39 -16.74 -7.60
CA PRO A 87 -0.81 -17.31 -6.97
C PRO A 87 -0.54 -17.81 -5.56
N GLU A 88 0.72 -17.71 -5.13
CA GLU A 88 1.10 -18.16 -3.79
C GLU A 88 1.53 -16.97 -2.93
N PHE A 89 1.32 -15.77 -3.46
CA PHE A 89 1.67 -14.54 -2.76
C PHE A 89 0.88 -14.40 -1.46
N ASN A 90 1.50 -13.78 -0.46
CA ASN A 90 0.85 -13.56 0.82
C ASN A 90 1.10 -12.14 1.31
N MET A 91 0.24 -11.23 0.88
CA MET A 91 0.36 -9.82 1.24
C MET A 91 0.30 -9.63 2.76
N ALA A 92 -0.27 -10.61 3.45
CA ALA A 92 -0.39 -10.56 4.90
C ALA A 92 0.99 -10.60 5.56
N ALA A 93 1.75 -11.65 5.25
CA ALA A 93 3.09 -11.81 5.81
C ALA A 93 4.06 -10.79 5.20
N PHE A 94 3.75 -10.35 3.99
CA PHE A 94 4.60 -9.38 3.30
C PHE A 94 4.55 -8.02 4.00
N THR A 95 3.35 -7.60 4.37
CA THR A 95 3.18 -6.31 5.05
C THR A 95 3.80 -6.33 6.44
N THR A 96 3.47 -7.36 7.22
CA THR A 96 3.99 -7.50 8.57
C THR A 96 5.52 -7.49 8.56
N THR A 97 6.11 -8.13 7.57
CA THR A 97 7.56 -8.20 7.44
C THR A 97 8.12 -6.88 6.91
N LEU A 98 7.33 -6.21 6.08
CA LEU A 98 7.74 -4.94 5.50
C LEU A 98 7.96 -3.89 6.58
N GLN A 99 7.15 -3.94 7.63
CA GLN A 99 7.25 -2.99 8.74
C GLN A 99 8.68 -2.89 9.26
N HIS A 100 9.44 -3.96 9.08
CA HIS A 100 10.83 -3.98 9.52
C HIS A 100 11.75 -3.62 8.36
N HIS A 101 11.38 -4.09 7.16
CA HIS A 101 12.18 -3.84 5.97
C HIS A 101 12.11 -2.37 5.56
N LYS A 102 11.33 -1.58 6.29
CA LYS A 102 11.21 -0.16 6.01
C LYS A 102 12.56 0.53 6.18
N ASP A 103 13.45 -0.11 6.94
CA ASP A 103 14.77 0.43 7.18
C ASP A 103 15.70 0.17 5.99
N GLU A 104 15.32 -0.80 5.17
CA GLU A 104 16.11 -1.16 4.00
C GLU A 104 15.56 -0.50 2.73
N VAL A 105 14.32 -0.83 2.39
CA VAL A 105 13.68 -0.27 1.21
C VAL A 105 13.41 1.22 1.38
N ALA A 106 12.80 1.83 0.37
CA ALA A 106 12.49 3.25 0.41
C ALA A 106 11.22 3.50 1.22
N GLY A 107 11.39 4.06 2.41
CA GLY A 107 10.26 4.35 3.27
C GLY A 107 9.31 5.35 2.66
N ASP A 108 9.86 6.26 1.84
CA ASP A 108 9.05 7.27 1.18
C ASP A 108 8.04 6.65 0.23
N ILE A 109 8.45 5.61 -0.49
CA ILE A 109 7.57 4.94 -1.43
C ILE A 109 6.47 4.17 -0.73
N PHE A 110 6.86 3.34 0.24
CA PHE A 110 5.90 2.54 0.99
C PHE A 110 4.99 3.42 1.82
N ASP A 111 5.50 4.59 2.22
CA ASP A 111 4.71 5.52 3.03
C ASP A 111 3.33 5.74 2.43
N MET A 112 3.25 5.66 1.11
CA MET A 112 1.98 5.84 0.42
C MET A 112 1.09 4.62 0.66
N LEU A 113 1.65 3.44 0.45
CA LEU A 113 0.92 2.19 0.65
C LEU A 113 0.60 1.99 2.13
N LEU A 114 1.39 2.64 2.98
CA LEU A 114 1.22 2.55 4.43
C LEU A 114 -0.22 2.82 4.84
N THR A 115 -0.93 3.60 4.03
CA THR A 115 -2.32 3.94 4.30
C THR A 115 -3.21 2.70 4.43
N PHE A 116 -2.61 1.51 4.32
CA PHE A 116 -3.38 0.26 4.45
C PHE A 116 -3.95 0.13 5.86
N THR A 117 -3.27 0.70 6.83
CA THR A 117 -3.73 0.64 8.22
C THR A 117 -3.49 1.96 8.95
N ASP A 118 -2.49 2.71 8.52
CA ASP A 118 -2.17 3.99 9.14
C ASP A 118 -3.18 5.07 8.74
N PHE A 119 -4.28 5.13 9.49
CA PHE A 119 -5.33 6.10 9.23
C PHE A 119 -4.80 7.52 9.36
N LEU A 120 -3.75 7.69 10.16
CA LEU A 120 -3.14 8.99 10.36
C LEU A 120 -2.56 9.53 9.05
N ALA A 121 -1.93 8.65 8.28
CA ALA A 121 -1.34 9.05 7.01
C ALA A 121 -2.41 9.21 5.93
N PHE A 122 -3.50 8.48 6.09
CA PHE A 122 -4.62 8.52 5.15
C PHE A 122 -5.25 9.91 5.16
N LYS A 123 -5.66 10.37 6.33
CA LYS A 123 -6.29 11.68 6.47
C LYS A 123 -5.30 12.79 6.13
N GLU A 124 -4.08 12.67 6.66
CA GLU A 124 -3.05 13.66 6.41
C GLU A 124 -2.73 13.76 4.92
N MET A 125 -2.94 12.66 4.20
CA MET A 125 -2.67 12.61 2.77
C MET A 125 -3.68 13.47 2.01
N PHE A 126 -4.95 13.34 2.37
CA PHE A 126 -6.01 14.10 1.71
C PHE A 126 -5.89 15.60 2.00
N LEU A 127 -5.63 15.95 3.27
CA LEU A 127 -5.49 17.35 3.66
C LEU A 127 -4.38 18.03 2.87
N ASP A 128 -3.19 17.42 2.89
CA ASP A 128 -2.05 17.96 2.17
C ASP A 128 -2.31 17.98 0.66
N TYR A 129 -3.07 16.99 0.19
CA TYR A 129 -3.40 16.89 -1.22
C TYR A 129 -4.18 18.11 -1.69
N ARG A 130 -5.17 18.51 -0.89
CA ARG A 130 -6.00 19.67 -1.22
C ARG A 130 -5.16 20.94 -1.23
N ALA A 131 -4.25 21.06 -0.27
CA ALA A 131 -3.39 22.23 -0.18
C ALA A 131 -2.58 22.42 -1.45
N GLU A 132 -2.17 21.30 -2.06
CA GLU A 132 -1.39 21.34 -3.30
C GLU A 132 -2.28 21.73 -4.48
N LYS A 133 -3.56 21.36 -4.41
CA LYS A 133 -4.49 21.67 -5.49
C LYS A 133 -4.67 23.18 -5.64
N GLU A 134 -4.55 23.91 -4.53
CA GLU A 134 -4.70 25.36 -4.55
C GLU A 134 -3.35 26.05 -4.35
N GLY A 135 -2.29 25.25 -4.29
CA GLY A 135 -0.96 25.79 -4.10
C GLY A 135 0.08 25.06 -4.92
N ARG A 136 -0.09 25.09 -6.24
CA ARG A 136 0.84 24.43 -7.15
C ARG A 136 2.08 25.30 -7.38
N GLY A 137 3.01 24.78 -8.17
CA GLY A 137 4.23 25.51 -8.46
C GLY A 137 5.37 24.61 -8.87
N MET A 2 20.17 -36.78 -1.59
CA MET A 2 19.56 -38.00 -2.15
C MET A 2 18.64 -38.66 -1.14
N ASP A 3 19.21 -39.11 -0.02
CA ASP A 3 18.44 -39.76 1.04
C ASP A 3 18.23 -38.82 2.21
N ALA A 4 19.35 -38.37 2.80
CA ALA A 4 19.29 -37.46 3.94
C ALA A 4 20.56 -36.62 4.04
N LEU A 5 20.46 -35.46 4.66
CA LEU A 5 21.60 -34.56 4.82
C LEU A 5 22.64 -35.18 5.75
N GLU A 6 23.79 -34.51 5.86
CA GLU A 6 24.87 -34.99 6.72
C GLU A 6 24.94 -34.16 8.00
N GLY A 7 24.89 -32.84 7.84
CA GLY A 7 24.94 -31.96 8.99
C GLY A 7 25.08 -30.50 8.60
N GLU A 8 24.63 -30.18 7.38
CA GLU A 8 24.70 -28.82 6.87
C GLU A 8 23.53 -28.53 5.93
N SER A 9 23.49 -27.31 5.41
CA SER A 9 22.43 -26.91 4.49
C SER A 9 22.99 -26.59 3.11
N PHE A 10 22.24 -26.95 2.06
CA PHE A 10 22.67 -26.70 0.69
C PHE A 10 22.70 -25.21 0.41
N ALA A 11 23.33 -24.83 -0.70
CA ALA A 11 23.42 -23.44 -1.10
C ALA A 11 22.05 -22.82 -1.31
N LEU A 12 21.10 -23.64 -1.74
CA LEU A 12 19.73 -23.18 -1.97
C LEU A 12 18.88 -23.36 -0.73
N SER A 13 18.50 -22.25 -0.11
CA SER A 13 17.67 -22.28 1.09
C SER A 13 16.22 -21.94 0.77
N PHE A 14 15.30 -22.45 1.58
CA PHE A 14 13.88 -22.20 1.37
C PHE A 14 13.55 -20.73 1.63
N SER A 15 14.43 -20.05 2.36
CA SER A 15 14.23 -18.64 2.67
C SER A 15 14.55 -17.76 1.47
N SER A 16 13.52 -17.11 0.94
CA SER A 16 13.69 -16.23 -0.21
C SER A 16 12.65 -15.11 -0.20
N ALA A 17 11.51 -15.36 0.41
CA ALA A 17 10.44 -14.37 0.50
C ALA A 17 10.89 -13.14 1.27
N SER A 18 12.00 -13.27 2.00
CA SER A 18 12.53 -12.17 2.78
C SER A 18 13.95 -11.81 2.33
N ASP A 19 14.35 -12.38 1.19
CA ASP A 19 15.68 -12.11 0.65
C ASP A 19 15.62 -11.81 -0.85
N ALA A 20 15.85 -12.83 -1.67
CA ALA A 20 15.83 -12.67 -3.11
C ALA A 20 14.41 -12.37 -3.62
N GLU A 21 13.49 -13.26 -3.31
CA GLU A 21 12.09 -13.10 -3.75
C GLU A 21 11.51 -11.79 -3.22
N PHE A 22 11.98 -11.36 -2.06
CA PHE A 22 11.51 -10.12 -1.46
C PHE A 22 11.75 -8.94 -2.40
N ASP A 23 13.00 -8.80 -2.85
CA ASP A 23 13.36 -7.71 -3.75
C ASP A 23 12.55 -7.79 -5.05
N ALA A 24 12.30 -9.01 -5.51
CA ALA A 24 11.52 -9.22 -6.73
C ALA A 24 10.14 -8.60 -6.60
N VAL A 25 9.51 -8.78 -5.45
CA VAL A 25 8.18 -8.24 -5.21
C VAL A 25 8.20 -6.71 -5.24
N VAL A 26 9.21 -6.12 -4.59
CA VAL A 26 9.36 -4.68 -4.55
C VAL A 26 9.40 -4.11 -5.96
N GLY A 27 10.03 -4.84 -6.87
CA GLY A 27 10.12 -4.40 -8.25
C GLY A 27 8.77 -4.40 -8.94
N TYR A 28 8.02 -5.49 -8.77
CA TYR A 28 6.70 -5.61 -9.37
C TYR A 28 5.77 -4.50 -8.88
N LEU A 29 5.92 -4.14 -7.61
CA LEU A 29 5.10 -3.08 -7.01
C LEU A 29 5.37 -1.74 -7.69
N GLU A 30 6.64 -1.43 -7.88
CA GLU A 30 7.04 -0.17 -8.53
C GLU A 30 6.39 -0.04 -9.89
N ASP A 31 6.38 -1.12 -10.66
CA ASP A 31 5.78 -1.12 -11.99
C ASP A 31 4.30 -0.75 -11.92
N ILE A 32 3.65 -1.13 -10.83
CA ILE A 32 2.24 -0.84 -10.63
C ILE A 32 2.02 0.60 -10.19
N ILE A 33 2.90 1.09 -9.31
CA ILE A 33 2.79 2.46 -8.81
C ILE A 33 3.00 3.47 -9.93
N MET A 34 3.88 3.14 -10.88
CA MET A 34 4.16 4.03 -12.00
C MET A 34 3.25 3.72 -13.19
N ASP A 35 2.30 2.83 -12.98
CA ASP A 35 1.37 2.45 -14.03
C ASP A 35 0.34 3.56 -14.26
N ASP A 36 0.12 3.93 -15.52
CA ASP A 36 -0.82 4.97 -15.87
C ASP A 36 -2.22 4.66 -15.34
N GLU A 37 -2.71 3.46 -15.64
CA GLU A 37 -4.03 3.04 -15.20
C GLU A 37 -4.15 3.08 -13.68
N PHE A 38 -3.02 2.94 -13.00
CA PHE A 38 -3.01 2.97 -11.53
C PHE A 38 -3.19 4.38 -11.00
N GLN A 39 -2.57 5.34 -11.66
CA GLN A 39 -2.67 6.74 -11.24
C GLN A 39 -4.08 7.27 -11.47
N LEU A 40 -4.72 6.81 -12.53
CA LEU A 40 -6.07 7.24 -12.86
C LEU A 40 -7.09 6.72 -11.84
N LEU A 41 -6.93 5.45 -11.48
CA LEU A 41 -7.83 4.81 -10.52
C LEU A 41 -7.76 5.50 -9.15
N GLN A 42 -6.54 5.64 -8.64
CA GLN A 42 -6.32 6.27 -7.34
C GLN A 42 -6.85 7.70 -7.32
N ARG A 43 -6.47 8.48 -8.33
CA ARG A 43 -6.89 9.88 -8.43
C ARG A 43 -8.40 9.99 -8.56
N ASN A 44 -9.01 9.07 -9.30
CA ASN A 44 -10.45 9.07 -9.50
C ASN A 44 -11.20 9.03 -8.17
N PHE A 45 -10.81 8.13 -7.30
CA PHE A 45 -11.46 7.99 -6.00
C PHE A 45 -11.05 9.11 -5.04
N MET A 46 -9.80 9.53 -5.11
CA MET A 46 -9.30 10.59 -4.25
C MET A 46 -10.08 11.89 -4.47
N ASP A 47 -10.65 12.04 -5.66
CA ASP A 47 -11.42 13.23 -5.99
C ASP A 47 -12.62 13.39 -5.06
N LYS A 48 -13.15 12.25 -4.60
CA LYS A 48 -14.31 12.26 -3.71
C LYS A 48 -13.87 12.14 -2.24
N TYR A 49 -12.93 11.25 -1.99
CA TYR A 49 -12.43 11.02 -0.63
C TYR A 49 -11.94 12.33 0.01
N TYR A 50 -11.12 13.07 -0.72
CA TYR A 50 -10.56 14.33 -0.20
C TYR A 50 -11.67 15.33 0.13
N LEU A 51 -12.86 15.13 -0.45
CA LEU A 51 -13.98 16.02 -0.21
C LEU A 51 -14.63 15.73 1.13
N GLU A 52 -14.88 14.44 1.40
CA GLU A 52 -15.50 14.02 2.64
C GLU A 52 -14.54 14.18 3.81
N PHE A 53 -13.25 14.06 3.53
CA PHE A 53 -12.23 14.19 4.56
C PHE A 53 -12.00 15.66 4.91
N GLU A 54 -12.79 16.17 5.86
CA GLU A 54 -12.67 17.56 6.28
C GLU A 54 -11.58 17.71 7.33
N ASP A 55 -11.06 18.93 7.47
CA ASP A 55 -10.01 19.22 8.43
C ASP A 55 -10.58 19.37 9.84
N THR A 56 -11.86 19.05 9.99
CA THR A 56 -12.53 19.16 11.29
C THR A 56 -11.99 18.12 12.27
N GLU A 57 -12.00 18.47 13.55
CA GLU A 57 -11.52 17.57 14.60
C GLU A 57 -12.56 16.49 14.91
N GLU A 58 -13.83 16.82 14.69
CA GLU A 58 -14.91 15.89 14.96
C GLU A 58 -14.91 14.75 13.94
N ASN A 59 -15.03 13.53 14.44
CA ASN A 59 -15.05 12.35 13.58
C ASN A 59 -16.48 11.88 13.33
N LYS A 60 -16.68 11.16 12.22
CA LYS A 60 -18.00 10.66 11.87
C LYS A 60 -17.94 9.18 11.51
N LEU A 61 -19.12 8.56 11.41
CA LEU A 61 -19.21 7.14 11.08
C LEU A 61 -19.07 6.92 9.58
N ILE A 62 -19.15 8.00 8.81
CA ILE A 62 -19.03 7.92 7.36
C ILE A 62 -17.63 7.44 6.95
N TYR A 63 -16.67 7.62 7.86
CA TYR A 63 -15.30 7.21 7.59
C TYR A 63 -15.16 5.69 7.61
N THR A 64 -16.18 5.00 8.14
CA THR A 64 -16.16 3.55 8.21
C THR A 64 -16.43 2.92 6.84
N PRO A 65 -17.54 3.30 6.16
CA PRO A 65 -17.86 2.76 4.84
C PRO A 65 -16.87 3.21 3.78
N ILE A 66 -16.41 4.47 3.89
CA ILE A 66 -15.45 5.01 2.94
C ILE A 66 -14.13 4.25 3.01
N PHE A 67 -13.66 4.00 4.23
CA PHE A 67 -12.41 3.27 4.45
C PHE A 67 -12.51 1.86 3.90
N ASN A 68 -13.62 1.18 4.21
CA ASN A 68 -13.84 -0.19 3.74
C ASN A 68 -13.78 -0.26 2.22
N GLU A 69 -14.22 0.81 1.56
CA GLU A 69 -14.21 0.86 0.10
C GLU A 69 -12.79 0.96 -0.42
N TYR A 70 -11.96 1.71 0.28
CA TYR A 70 -10.56 1.90 -0.11
C TYR A 70 -9.77 0.60 0.02
N ILE A 71 -10.07 -0.16 1.08
CA ILE A 71 -9.39 -1.42 1.34
C ILE A 71 -9.84 -2.51 0.37
N SER A 72 -11.08 -2.42 -0.10
CA SER A 72 -11.62 -3.40 -1.02
C SER A 72 -11.34 -3.02 -2.47
N LEU A 73 -11.19 -1.72 -2.73
CA LEU A 73 -10.91 -1.24 -4.07
C LEU A 73 -9.41 -1.14 -4.35
N VAL A 74 -8.72 -0.30 -3.60
CA VAL A 74 -7.29 -0.08 -3.80
C VAL A 74 -6.43 -1.25 -3.30
N GLU A 75 -6.50 -1.54 -2.01
CA GLU A 75 -5.71 -2.63 -1.42
C GLU A 75 -5.93 -3.94 -2.16
N LYS A 76 -7.18 -4.25 -2.46
CA LYS A 76 -7.51 -5.48 -3.17
C LYS A 76 -6.92 -5.46 -4.58
N TYR A 77 -6.93 -4.28 -5.21
CA TYR A 77 -6.42 -4.13 -6.56
C TYR A 77 -4.94 -4.56 -6.62
N ILE A 78 -4.15 -4.08 -5.68
CA ILE A 78 -2.73 -4.42 -5.64
C ILE A 78 -2.52 -5.92 -5.44
N GLU A 79 -3.34 -6.51 -4.59
CA GLU A 79 -3.25 -7.93 -4.30
C GLU A 79 -3.48 -8.77 -5.55
N GLU A 80 -4.53 -8.43 -6.30
CA GLU A 80 -4.87 -9.16 -7.52
C GLU A 80 -3.75 -9.04 -8.56
N GLN A 81 -3.20 -7.84 -8.71
CA GLN A 81 -2.12 -7.60 -9.66
C GLN A 81 -0.93 -8.50 -9.38
N LEU A 82 -0.66 -8.72 -8.09
CA LEU A 82 0.47 -9.56 -7.69
C LEU A 82 0.14 -11.04 -7.85
N LEU A 83 -1.13 -11.39 -7.63
CA LEU A 83 -1.56 -12.78 -7.75
C LEU A 83 -1.50 -13.25 -9.21
N GLN A 84 -1.54 -12.30 -10.14
CA GLN A 84 -1.48 -12.61 -11.56
C GLN A 84 -0.23 -13.42 -11.90
N ARG A 85 0.81 -13.26 -11.08
CA ARG A 85 2.07 -13.97 -11.31
C ARG A 85 2.43 -14.83 -10.11
N ILE A 86 1.93 -14.46 -8.94
CA ILE A 86 2.20 -15.21 -7.71
C ILE A 86 0.91 -15.60 -7.01
N PRO A 87 0.29 -16.72 -7.41
CA PRO A 87 -0.97 -17.19 -6.81
C PRO A 87 -0.80 -17.62 -5.36
N GLU A 88 0.43 -17.55 -4.87
CA GLU A 88 0.72 -17.91 -3.48
C GLU A 88 1.15 -16.70 -2.67
N PHE A 89 0.87 -15.51 -3.21
CA PHE A 89 1.24 -14.27 -2.54
C PHE A 89 0.19 -13.87 -1.50
N ASN A 90 0.66 -13.23 -0.43
CA ASN A 90 -0.23 -12.77 0.64
C ASN A 90 0.12 -11.35 1.08
N MET A 91 -0.75 -10.41 0.77
CA MET A 91 -0.53 -9.01 1.13
C MET A 91 -0.51 -8.82 2.65
N ALA A 92 -1.20 -9.70 3.36
CA ALA A 92 -1.25 -9.62 4.81
C ALA A 92 0.11 -9.89 5.43
N ALA A 93 0.67 -11.06 5.14
CA ALA A 93 1.97 -11.44 5.67
C ALA A 93 3.09 -10.57 5.09
N PHE A 94 2.92 -10.15 3.84
CA PHE A 94 3.91 -9.32 3.16
C PHE A 94 4.07 -7.97 3.86
N THR A 95 2.94 -7.29 4.08
CA THR A 95 2.96 -5.98 4.74
C THR A 95 3.51 -6.08 6.16
N THR A 96 3.18 -7.17 6.84
CA THR A 96 3.64 -7.38 8.22
C THR A 96 5.16 -7.36 8.28
N THR A 97 5.80 -8.13 7.40
CA THR A 97 7.25 -8.20 7.36
C THR A 97 7.85 -6.92 6.78
N LEU A 98 7.09 -6.28 5.90
CA LEU A 98 7.53 -5.04 5.26
C LEU A 98 7.79 -3.94 6.29
N GLN A 99 6.95 -3.90 7.33
CA GLN A 99 7.08 -2.89 8.37
C GLN A 99 8.51 -2.84 8.91
N HIS A 100 9.10 -4.01 9.10
CA HIS A 100 10.47 -4.09 9.61
C HIS A 100 11.47 -3.79 8.49
N HIS A 101 11.18 -4.32 7.30
CA HIS A 101 12.04 -4.12 6.15
C HIS A 101 11.99 -2.68 5.67
N LYS A 102 11.15 -1.88 6.32
CA LYS A 102 11.00 -0.47 5.97
C LYS A 102 12.31 0.27 6.20
N ASP A 103 13.20 -0.33 6.99
CA ASP A 103 14.49 0.26 7.29
C ASP A 103 15.45 0.12 6.11
N GLU A 104 15.18 -0.88 5.27
CA GLU A 104 16.02 -1.15 4.11
C GLU A 104 15.37 -0.61 2.83
N VAL A 105 14.17 -1.10 2.54
CA VAL A 105 13.45 -0.67 1.33
C VAL A 105 13.18 0.83 1.35
N ALA A 106 12.86 1.38 0.18
CA ALA A 106 12.59 2.81 0.05
C ALA A 106 11.39 3.21 0.91
N GLY A 107 11.66 3.96 1.98
CA GLY A 107 10.60 4.40 2.86
C GLY A 107 9.65 5.36 2.19
N ASP A 108 10.17 6.15 1.24
CA ASP A 108 9.35 7.12 0.52
C ASP A 108 8.28 6.42 -0.33
N ILE A 109 8.65 5.33 -0.96
CA ILE A 109 7.72 4.58 -1.80
C ILE A 109 6.64 3.91 -0.96
N PHE A 110 7.05 3.18 0.08
CA PHE A 110 6.11 2.50 0.95
C PHE A 110 5.23 3.49 1.70
N ASP A 111 5.76 4.68 1.95
CA ASP A 111 5.03 5.72 2.68
C ASP A 111 3.63 5.90 2.10
N MET A 112 3.49 5.67 0.80
CA MET A 112 2.19 5.79 0.15
C MET A 112 1.29 4.63 0.54
N LEU A 113 1.83 3.43 0.45
CA LEU A 113 1.10 2.22 0.79
C LEU A 113 0.75 2.16 2.27
N LEU A 114 1.51 2.91 3.08
CA LEU A 114 1.29 2.95 4.53
C LEU A 114 -0.17 3.21 4.85
N THR A 115 -0.88 3.87 3.94
CA THR A 115 -2.30 4.19 4.14
C THR A 115 -3.12 2.94 4.45
N PHE A 116 -2.50 1.76 4.37
CA PHE A 116 -3.19 0.51 4.65
C PHE A 116 -3.64 0.44 6.11
N THR A 117 -2.84 1.01 7.00
CA THR A 117 -3.17 1.01 8.43
C THR A 117 -2.88 2.36 9.08
N ASP A 118 -1.97 3.11 8.47
CA ASP A 118 -1.59 4.43 9.00
C ASP A 118 -2.69 5.46 8.71
N PHE A 119 -3.75 5.42 9.50
CA PHE A 119 -4.87 6.35 9.33
C PHE A 119 -4.39 7.80 9.45
N LEU A 120 -3.33 8.01 10.21
CA LEU A 120 -2.77 9.35 10.40
C LEU A 120 -2.28 9.91 9.07
N ALA A 121 -1.59 9.07 8.30
CA ALA A 121 -1.05 9.48 7.00
C ALA A 121 -2.16 9.55 5.95
N PHE A 122 -3.20 8.75 6.15
CA PHE A 122 -4.33 8.71 5.23
C PHE A 122 -5.06 10.05 5.20
N LYS A 123 -5.48 10.50 6.38
CA LYS A 123 -6.18 11.77 6.51
C LYS A 123 -5.29 12.93 6.10
N GLU A 124 -4.06 12.94 6.59
CA GLU A 124 -3.11 14.00 6.29
C GLU A 124 -2.82 14.05 4.79
N MET A 125 -2.87 12.89 4.14
CA MET A 125 -2.62 12.80 2.71
C MET A 125 -3.67 13.57 1.93
N PHE A 126 -4.94 13.35 2.26
CA PHE A 126 -6.03 14.05 1.58
C PHE A 126 -5.95 15.55 1.80
N LEU A 127 -5.59 15.95 3.02
CA LEU A 127 -5.49 17.37 3.34
C LEU A 127 -4.39 18.03 2.52
N ASP A 128 -3.37 17.25 2.16
CA ASP A 128 -2.27 17.75 1.35
C ASP A 128 -2.71 17.98 -0.09
N TYR A 129 -3.52 17.05 -0.60
CA TYR A 129 -4.04 17.14 -1.96
C TYR A 129 -4.99 18.34 -2.08
N ARG A 130 -5.71 18.63 -1.01
CA ARG A 130 -6.65 19.74 -0.99
C ARG A 130 -5.92 21.08 -1.00
N ALA A 131 -4.83 21.15 -0.23
CA ALA A 131 -4.03 22.37 -0.15
C ALA A 131 -3.34 22.67 -1.47
N GLU A 132 -3.04 21.62 -2.23
CA GLU A 132 -2.37 21.77 -3.53
C GLU A 132 -3.29 22.47 -4.53
N LYS A 133 -4.58 22.50 -4.23
CA LYS A 133 -5.56 23.14 -5.11
C LYS A 133 -5.41 24.66 -5.06
N GLU A 134 -4.53 25.15 -4.19
CA GLU A 134 -4.31 26.57 -4.05
C GLU A 134 -3.29 27.06 -5.07
N GLY A 135 -2.46 26.15 -5.56
CA GLY A 135 -1.45 26.50 -6.54
C GLY A 135 -1.80 26.02 -7.93
N ARG A 136 -2.78 25.12 -8.02
CA ARG A 136 -3.22 24.56 -9.30
C ARG A 136 -2.07 23.89 -10.03
N GLY A 137 -1.91 22.59 -9.79
CA GLY A 137 -0.84 21.84 -10.43
C GLY A 137 0.02 21.09 -9.43
N MET A 2 16.14 -32.50 0.58
CA MET A 2 16.15 -31.40 1.57
C MET A 2 15.86 -31.92 2.98
N ASP A 3 16.07 -31.05 3.97
CA ASP A 3 15.83 -31.42 5.36
C ASP A 3 14.51 -30.84 5.86
N ALA A 4 14.01 -31.36 6.97
CA ALA A 4 12.75 -30.90 7.54
C ALA A 4 12.62 -31.31 9.01
N LEU A 5 12.83 -32.60 9.27
CA LEU A 5 12.73 -33.12 10.63
C LEU A 5 14.03 -33.83 11.02
N GLU A 6 15.02 -33.80 10.13
CA GLU A 6 16.30 -34.44 10.39
C GLU A 6 17.44 -33.59 9.84
N GLY A 7 18.65 -33.82 10.37
CA GLY A 7 19.81 -33.06 9.93
C GLY A 7 20.51 -32.36 11.07
N GLU A 8 21.24 -31.30 10.76
CA GLU A 8 21.97 -30.53 11.77
C GLU A 8 21.08 -29.43 12.36
N SER A 9 21.67 -28.61 13.21
CA SER A 9 20.94 -27.51 13.85
C SER A 9 21.18 -26.20 13.12
N PHE A 10 20.14 -25.65 12.52
CA PHE A 10 20.24 -24.40 11.79
C PHE A 10 19.31 -23.34 12.39
N ALA A 11 19.23 -22.19 11.74
CA ALA A 11 18.39 -21.10 12.19
C ALA A 11 16.98 -21.23 11.65
N LEU A 12 16.10 -20.30 12.04
CA LEU A 12 14.71 -20.31 11.59
C LEU A 12 14.56 -19.60 10.25
N SER A 13 14.15 -20.34 9.24
CA SER A 13 13.96 -19.77 7.91
C SER A 13 13.00 -20.63 7.08
N PHE A 14 12.29 -19.97 6.17
CA PHE A 14 11.33 -20.66 5.31
C PHE A 14 11.67 -20.44 3.83
N SER A 15 11.66 -19.18 3.41
CA SER A 15 11.97 -18.83 2.03
C SER A 15 12.70 -17.49 1.96
N SER A 16 12.94 -17.02 0.74
CA SER A 16 13.64 -15.75 0.53
C SER A 16 12.64 -14.60 0.38
N ALA A 17 11.46 -14.77 0.95
CA ALA A 17 10.42 -13.75 0.88
C ALA A 17 10.85 -12.45 1.56
N SER A 18 11.98 -12.50 2.27
CA SER A 18 12.49 -11.33 2.97
C SER A 18 13.88 -10.95 2.48
N ASP A 19 14.36 -11.67 1.46
CA ASP A 19 15.68 -11.41 0.90
C ASP A 19 15.62 -11.29 -0.62
N ALA A 20 15.85 -12.41 -1.30
CA ALA A 20 15.83 -12.43 -2.76
C ALA A 20 14.43 -12.21 -3.31
N GLU A 21 13.49 -13.06 -2.90
CA GLU A 21 12.12 -12.95 -3.36
C GLU A 21 11.53 -11.59 -3.00
N PHE A 22 11.95 -11.06 -1.86
CA PHE A 22 11.48 -9.76 -1.41
C PHE A 22 11.78 -8.69 -2.45
N ASP A 23 13.03 -8.64 -2.91
CA ASP A 23 13.45 -7.67 -3.92
C ASP A 23 12.59 -7.79 -5.16
N ALA A 24 12.29 -9.03 -5.56
CA ALA A 24 11.47 -9.29 -6.73
C ALA A 24 10.11 -8.64 -6.59
N VAL A 25 9.50 -8.82 -5.42
CA VAL A 25 8.19 -8.24 -5.15
C VAL A 25 8.22 -6.72 -5.30
N VAL A 26 9.17 -6.08 -4.62
CA VAL A 26 9.31 -4.63 -4.69
C VAL A 26 9.33 -4.14 -6.13
N GLY A 27 9.97 -4.92 -7.00
CA GLY A 27 10.03 -4.56 -8.40
C GLY A 27 8.66 -4.52 -9.05
N TYR A 28 7.85 -5.54 -8.80
CA TYR A 28 6.51 -5.61 -9.35
C TYR A 28 5.66 -4.42 -8.91
N LEU A 29 5.63 -4.15 -7.60
CA LEU A 29 4.87 -3.04 -7.06
C LEU A 29 5.23 -1.73 -7.75
N GLU A 30 6.52 -1.48 -7.89
CA GLU A 30 6.99 -0.26 -8.53
C GLU A 30 6.42 -0.11 -9.93
N ASP A 31 6.34 -1.22 -10.66
CA ASP A 31 5.81 -1.22 -12.02
C ASP A 31 4.32 -0.86 -12.02
N ILE A 32 3.63 -1.26 -10.95
CA ILE A 32 2.20 -0.99 -10.81
C ILE A 32 1.95 0.46 -10.41
N ILE A 33 2.79 0.98 -9.51
CA ILE A 33 2.66 2.35 -9.04
C ILE A 33 2.87 3.34 -10.18
N MET A 34 3.70 2.96 -11.14
CA MET A 34 4.00 3.82 -12.28
C MET A 34 3.04 3.53 -13.44
N ASP A 35 2.18 2.54 -13.26
CA ASP A 35 1.22 2.17 -14.29
C ASP A 35 0.21 3.29 -14.52
N ASP A 36 -0.03 3.62 -15.78
CA ASP A 36 -0.97 4.67 -16.14
C ASP A 36 -2.35 4.42 -15.55
N GLU A 37 -2.87 3.21 -15.75
CA GLU A 37 -4.19 2.85 -15.24
C GLU A 37 -4.25 3.00 -13.73
N PHE A 38 -3.12 2.80 -13.06
CA PHE A 38 -3.05 2.92 -11.62
C PHE A 38 -3.19 4.38 -11.18
N GLN A 39 -2.43 5.25 -11.84
CA GLN A 39 -2.46 6.68 -11.54
C GLN A 39 -3.88 7.23 -11.70
N LEU A 40 -4.60 6.74 -12.70
CA LEU A 40 -5.96 7.19 -12.96
C LEU A 40 -6.90 6.72 -11.85
N LEU A 41 -6.73 5.49 -11.41
CA LEU A 41 -7.57 4.92 -10.36
C LEU A 41 -7.42 5.70 -9.06
N GLN A 42 -6.19 5.91 -8.64
CA GLN A 42 -5.90 6.63 -7.40
C GLN A 42 -6.49 8.04 -7.41
N ARG A 43 -6.20 8.80 -8.47
CA ARG A 43 -6.69 10.17 -8.58
C ARG A 43 -8.21 10.23 -8.71
N ASN A 44 -8.78 9.24 -9.40
CA ASN A 44 -10.23 9.19 -9.60
C ASN A 44 -10.99 9.15 -8.29
N PHE A 45 -10.59 8.25 -7.40
CA PHE A 45 -11.25 8.09 -6.11
C PHE A 45 -10.82 9.15 -5.11
N MET A 46 -9.53 9.45 -5.08
CA MET A 46 -9.00 10.45 -4.15
C MET A 46 -9.68 11.79 -4.35
N ASP A 47 -10.17 12.03 -5.56
CA ASP A 47 -10.86 13.28 -5.88
C ASP A 47 -12.11 13.45 -5.01
N LYS A 48 -12.72 12.34 -4.64
CA LYS A 48 -13.93 12.36 -3.82
C LYS A 48 -13.58 12.19 -2.34
N TYR A 49 -12.68 11.25 -2.08
CA TYR A 49 -12.24 10.96 -0.72
C TYR A 49 -11.76 12.23 0.00
N TYR A 50 -10.88 12.97 -0.65
CA TYR A 50 -10.33 14.19 -0.05
C TYR A 50 -11.44 15.21 0.26
N LEU A 51 -12.60 15.03 -0.37
CA LEU A 51 -13.72 15.94 -0.15
C LEU A 51 -14.46 15.58 1.13
N GLU A 52 -14.64 14.28 1.36
CA GLU A 52 -15.34 13.80 2.54
C GLU A 52 -14.49 14.03 3.80
N PHE A 53 -13.17 13.86 3.66
CA PHE A 53 -12.26 14.07 4.78
C PHE A 53 -11.95 15.54 4.98
N GLU A 54 -12.83 16.23 5.69
CA GLU A 54 -12.64 17.66 5.96
C GLU A 54 -11.99 17.87 7.33
N ASP A 55 -11.23 18.95 7.46
CA ASP A 55 -10.56 19.27 8.71
C ASP A 55 -11.56 19.74 9.77
N THR A 56 -11.99 18.81 10.62
CA THR A 56 -12.95 19.13 11.67
C THR A 56 -12.47 18.61 13.02
N GLU A 57 -13.25 18.88 14.06
CA GLU A 57 -12.90 18.43 15.41
C GLU A 57 -13.74 17.22 15.81
N GLU A 58 -14.83 16.99 15.09
CA GLU A 58 -15.72 15.87 15.38
C GLU A 58 -15.53 14.75 14.36
N ASN A 59 -15.59 13.51 14.82
CA ASN A 59 -15.43 12.35 13.95
C ASN A 59 -16.79 11.79 13.53
N LYS A 60 -16.94 11.54 12.23
CA LYS A 60 -18.18 11.00 11.70
C LYS A 60 -18.05 9.50 11.45
N LEU A 61 -19.20 8.82 11.37
CA LEU A 61 -19.21 7.39 11.13
C LEU A 61 -19.01 7.08 9.65
N ILE A 62 -19.07 8.12 8.83
CA ILE A 62 -18.89 7.98 7.39
C ILE A 62 -17.48 7.50 7.04
N TYR A 63 -16.57 7.64 7.99
CA TYR A 63 -15.19 7.24 7.79
C TYR A 63 -15.06 5.71 7.75
N THR A 64 -16.05 5.02 8.31
CA THR A 64 -16.03 3.56 8.32
C THR A 64 -16.31 2.96 6.94
N PRO A 65 -17.43 3.37 6.29
CA PRO A 65 -17.78 2.85 4.96
C PRO A 65 -16.77 3.27 3.89
N ILE A 66 -16.33 4.53 3.96
CA ILE A 66 -15.36 5.04 3.00
C ILE A 66 -14.06 4.25 3.07
N PHE A 67 -13.57 4.00 4.29
CA PHE A 67 -12.34 3.26 4.48
C PHE A 67 -12.45 1.85 3.90
N ASN A 68 -13.62 1.24 4.08
CA ASN A 68 -13.86 -0.12 3.58
C ASN A 68 -13.79 -0.15 2.06
N GLU A 69 -14.21 0.94 1.42
CA GLU A 69 -14.20 1.04 -0.03
C GLU A 69 -12.77 1.12 -0.56
N TYR A 70 -11.90 1.80 0.20
CA TYR A 70 -10.50 1.95 -0.20
C TYR A 70 -9.76 0.62 -0.12
N ILE A 71 -10.07 -0.16 0.92
CA ILE A 71 -9.44 -1.45 1.13
C ILE A 71 -9.96 -2.49 0.15
N SER A 72 -11.20 -2.33 -0.29
CA SER A 72 -11.81 -3.26 -1.22
C SER A 72 -11.46 -2.90 -2.67
N LEU A 73 -11.26 -1.61 -2.94
CA LEU A 73 -10.92 -1.16 -4.28
C LEU A 73 -9.42 -1.13 -4.53
N VAL A 74 -8.70 -0.31 -3.75
CA VAL A 74 -7.25 -0.15 -3.92
C VAL A 74 -6.47 -1.36 -3.42
N GLU A 75 -6.59 -1.66 -2.13
CA GLU A 75 -5.86 -2.79 -1.53
C GLU A 75 -6.07 -4.07 -2.32
N LYS A 76 -7.33 -4.38 -2.63
CA LYS A 76 -7.65 -5.60 -3.37
C LYS A 76 -7.03 -5.58 -4.77
N TYR A 77 -7.06 -4.41 -5.43
CA TYR A 77 -6.49 -4.28 -6.76
C TYR A 77 -5.03 -4.69 -6.78
N ILE A 78 -4.32 -4.37 -5.70
CA ILE A 78 -2.89 -4.71 -5.59
C ILE A 78 -2.69 -6.21 -5.43
N GLU A 79 -3.41 -6.80 -4.49
CA GLU A 79 -3.30 -8.23 -4.22
C GLU A 79 -3.63 -9.06 -5.47
N GLU A 80 -4.68 -8.65 -6.17
CA GLU A 80 -5.10 -9.37 -7.38
C GLU A 80 -4.02 -9.38 -8.44
N GLN A 81 -3.47 -8.19 -8.74
CA GLN A 81 -2.43 -8.06 -9.76
C GLN A 81 -1.21 -8.91 -9.41
N LEU A 82 -0.96 -9.06 -8.12
CA LEU A 82 0.18 -9.85 -7.66
C LEU A 82 -0.09 -11.35 -7.76
N LEU A 83 -1.32 -11.75 -7.46
CA LEU A 83 -1.69 -13.16 -7.51
C LEU A 83 -1.71 -13.67 -8.95
N GLN A 84 -1.92 -12.77 -9.90
CA GLN A 84 -1.97 -13.13 -11.31
C GLN A 84 -0.64 -13.76 -11.76
N ARG A 85 0.41 -13.54 -10.98
CA ARG A 85 1.72 -14.09 -11.30
C ARG A 85 2.24 -14.98 -10.19
N ILE A 86 1.81 -14.71 -8.96
CA ILE A 86 2.23 -15.48 -7.80
C ILE A 86 1.02 -16.01 -7.02
N PRO A 87 0.55 -17.23 -7.32
CA PRO A 87 -0.61 -17.83 -6.64
C PRO A 87 -0.30 -18.22 -5.20
N GLU A 88 0.96 -18.04 -4.80
CA GLU A 88 1.40 -18.38 -3.45
C GLU A 88 1.79 -17.13 -2.68
N PHE A 89 1.45 -15.96 -3.23
CA PHE A 89 1.78 -14.69 -2.59
C PHE A 89 0.88 -14.42 -1.39
N ASN A 90 1.47 -13.92 -0.31
CA ASN A 90 0.72 -13.60 0.89
C ASN A 90 0.84 -12.11 1.22
N MET A 91 -0.19 -11.34 0.86
CA MET A 91 -0.19 -9.91 1.11
C MET A 91 -0.15 -9.60 2.61
N ALA A 92 -0.77 -10.46 3.39
CA ALA A 92 -0.81 -10.29 4.84
C ALA A 92 0.58 -10.39 5.46
N ALA A 93 1.24 -11.51 5.24
CA ALA A 93 2.58 -11.74 5.77
C ALA A 93 3.59 -10.75 5.18
N PHE A 94 3.34 -10.32 3.95
CA PHE A 94 4.23 -9.38 3.28
C PHE A 94 4.26 -8.02 3.99
N THR A 95 3.08 -7.47 4.24
CA THR A 95 2.96 -6.17 4.90
C THR A 95 3.56 -6.22 6.30
N THR A 96 3.30 -7.31 7.02
CA THR A 96 3.82 -7.47 8.38
C THR A 96 5.33 -7.32 8.42
N THR A 97 6.01 -8.01 7.51
CA THR A 97 7.46 -7.96 7.44
C THR A 97 7.95 -6.63 6.86
N LEU A 98 7.14 -6.05 5.99
CA LEU A 98 7.48 -4.78 5.34
C LEU A 98 7.58 -3.65 6.36
N GLN A 99 6.72 -3.68 7.37
CA GLN A 99 6.69 -2.65 8.40
C GLN A 99 8.07 -2.38 8.99
N HIS A 100 8.81 -3.44 9.30
CA HIS A 100 10.15 -3.28 9.88
C HIS A 100 11.20 -3.24 8.79
N HIS A 101 10.95 -3.98 7.70
CA HIS A 101 11.90 -4.02 6.59
C HIS A 101 11.92 -2.69 5.85
N LYS A 102 11.07 -1.77 6.28
CA LYS A 102 10.99 -0.45 5.68
C LYS A 102 12.31 0.30 5.83
N ASP A 103 13.13 -0.17 6.77
CA ASP A 103 14.43 0.45 7.02
C ASP A 103 15.40 0.15 5.88
N GLU A 104 14.94 -0.65 4.92
CA GLU A 104 15.76 -1.04 3.77
C GLU A 104 15.15 -0.53 2.47
N VAL A 105 13.93 -0.97 2.18
CA VAL A 105 13.24 -0.56 0.96
C VAL A 105 12.96 0.94 0.97
N ALA A 106 12.74 1.50 -0.22
CA ALA A 106 12.46 2.92 -0.36
C ALA A 106 11.24 3.32 0.47
N GLY A 107 11.49 4.04 1.57
CA GLY A 107 10.40 4.47 2.42
C GLY A 107 9.44 5.40 1.70
N ASP A 108 9.96 6.16 0.75
CA ASP A 108 9.13 7.09 -0.02
C ASP A 108 8.07 6.36 -0.83
N ILE A 109 8.42 5.19 -1.34
CA ILE A 109 7.48 4.40 -2.14
C ILE A 109 6.40 3.75 -1.27
N PHE A 110 6.83 3.09 -0.21
CA PHE A 110 5.90 2.42 0.69
C PHE A 110 5.02 3.42 1.42
N ASP A 111 5.54 4.63 1.65
CA ASP A 111 4.80 5.67 2.34
C ASP A 111 3.40 5.82 1.77
N MET A 112 3.26 5.52 0.47
CA MET A 112 1.96 5.60 -0.18
C MET A 112 1.08 4.44 0.27
N LEU A 113 1.62 3.23 0.20
CA LEU A 113 0.91 2.03 0.61
C LEU A 113 0.64 2.04 2.11
N LEU A 114 1.46 2.81 2.83
CA LEU A 114 1.34 2.91 4.28
C LEU A 114 -0.09 3.23 4.70
N THR A 115 -0.83 3.90 3.82
CA THR A 115 -2.21 4.26 4.09
C THR A 115 -3.11 3.04 4.26
N PHE A 116 -2.51 1.84 4.28
CA PHE A 116 -3.27 0.61 4.44
C PHE A 116 -3.93 0.55 5.81
N THR A 117 -3.25 1.09 6.83
CA THR A 117 -3.77 1.09 8.19
C THR A 117 -3.43 2.38 8.92
N ASP A 118 -2.44 3.11 8.41
CA ASP A 118 -2.03 4.37 9.03
C ASP A 118 -3.04 5.47 8.73
N PHE A 119 -4.07 5.57 9.57
CA PHE A 119 -5.11 6.58 9.40
C PHE A 119 -4.51 7.98 9.40
N LEU A 120 -3.39 8.15 10.09
CA LEU A 120 -2.73 9.45 10.16
C LEU A 120 -2.21 9.88 8.80
N ALA A 121 -1.62 8.94 8.07
CA ALA A 121 -1.08 9.24 6.75
C ALA A 121 -2.19 9.39 5.72
N PHE A 122 -3.31 8.73 5.98
CA PHE A 122 -4.46 8.78 5.09
C PHE A 122 -5.07 10.19 5.09
N LYS A 123 -5.40 10.67 6.27
CA LYS A 123 -5.99 12.00 6.42
C LYS A 123 -5.01 13.07 5.98
N GLU A 124 -3.75 12.92 6.40
CA GLU A 124 -2.71 13.90 6.04
C GLU A 124 -2.53 13.96 4.52
N MET A 125 -2.76 12.84 3.86
CA MET A 125 -2.63 12.77 2.41
C MET A 125 -3.67 13.66 1.73
N PHE A 126 -4.93 13.52 2.17
CA PHE A 126 -6.01 14.31 1.59
C PHE A 126 -5.82 15.80 1.87
N LEU A 127 -5.53 16.15 3.12
CA LEU A 127 -5.33 17.54 3.50
C LEU A 127 -4.19 18.16 2.70
N ASP A 128 -3.23 17.33 2.30
CA ASP A 128 -2.09 17.80 1.51
C ASP A 128 -2.54 18.20 0.11
N TYR A 129 -3.35 17.36 -0.50
CA TYR A 129 -3.86 17.61 -1.84
C TYR A 129 -4.67 18.89 -1.88
N ARG A 130 -5.44 19.14 -0.81
CA ARG A 130 -6.26 20.33 -0.71
C ARG A 130 -5.38 21.57 -0.58
N ALA A 131 -4.26 21.41 0.12
CA ALA A 131 -3.32 22.51 0.32
C ALA A 131 -2.74 22.98 -1.01
N GLU A 132 -2.52 22.03 -1.91
CA GLU A 132 -1.98 22.34 -3.24
C GLU A 132 -2.94 23.21 -4.02
N LYS A 133 -4.23 23.07 -3.72
CA LYS A 133 -5.27 23.85 -4.40
C LYS A 133 -5.20 25.32 -4.00
N GLU A 134 -4.36 25.62 -3.01
CA GLU A 134 -4.20 26.99 -2.53
C GLU A 134 -2.92 27.61 -3.07
N GLY A 135 -2.22 26.88 -3.93
CA GLY A 135 -0.99 27.38 -4.50
C GLY A 135 -0.91 27.16 -6.00
N ARG A 136 -2.04 26.81 -6.60
CA ARG A 136 -2.10 26.57 -8.04
C ARG A 136 -1.98 27.88 -8.82
N GLY A 137 -2.97 28.76 -8.62
CA GLY A 137 -2.97 30.04 -9.31
C GLY A 137 -3.59 29.95 -10.68
N MET A 2 9.12 -20.29 -19.28
CA MET A 2 10.42 -20.98 -19.53
C MET A 2 11.56 -20.27 -18.82
N ASP A 3 12.52 -21.05 -18.34
CA ASP A 3 13.68 -20.50 -17.63
C ASP A 3 14.95 -20.69 -18.45
N ALA A 4 16.09 -20.35 -17.86
CA ALA A 4 17.38 -20.48 -18.52
C ALA A 4 17.43 -19.68 -19.81
N LEU A 5 16.50 -18.74 -19.97
CA LEU A 5 16.43 -17.91 -21.16
C LEU A 5 16.40 -16.43 -20.80
N GLU A 6 15.74 -16.11 -19.69
CA GLU A 6 15.63 -14.74 -19.23
C GLU A 6 15.55 -14.67 -17.72
N GLY A 7 16.60 -14.12 -17.10
CA GLY A 7 16.63 -14.01 -15.65
C GLY A 7 17.89 -13.32 -15.15
N GLU A 8 18.22 -13.55 -13.87
CA GLU A 8 19.40 -12.94 -13.28
C GLU A 8 20.44 -14.00 -12.93
N SER A 9 21.66 -13.56 -12.62
CA SER A 9 22.73 -14.47 -12.26
C SER A 9 23.68 -13.83 -11.25
N PHE A 10 23.53 -14.20 -9.99
CA PHE A 10 24.37 -13.68 -8.92
C PHE A 10 24.72 -14.76 -7.91
N ALA A 11 24.05 -15.91 -8.03
CA ALA A 11 24.28 -17.04 -7.14
C ALA A 11 23.98 -16.66 -5.68
N LEU A 12 23.25 -15.57 -5.49
CA LEU A 12 22.89 -15.12 -4.15
C LEU A 12 21.44 -15.44 -3.83
N SER A 13 21.25 -16.31 -2.85
CA SER A 13 19.90 -16.71 -2.43
C SER A 13 19.94 -17.48 -1.12
N PHE A 14 19.16 -17.02 -0.14
CA PHE A 14 19.10 -17.67 1.16
C PHE A 14 17.71 -17.57 1.76
N SER A 15 17.28 -16.34 2.05
CA SER A 15 15.96 -16.10 2.61
C SER A 15 14.88 -16.14 1.54
N SER A 16 15.26 -15.72 0.33
CA SER A 16 14.33 -15.69 -0.80
C SER A 16 13.17 -14.74 -0.55
N ALA A 17 12.16 -15.21 0.16
CA ALA A 17 10.99 -14.39 0.46
C ALA A 17 11.38 -13.11 1.20
N SER A 18 12.52 -13.15 1.87
CA SER A 18 13.01 -11.99 2.62
C SER A 18 14.36 -11.53 2.09
N ASP A 19 14.66 -11.87 0.83
CA ASP A 19 15.92 -11.48 0.22
C ASP A 19 15.75 -11.27 -1.28
N ALA A 20 15.93 -12.33 -2.06
CA ALA A 20 15.82 -12.25 -3.51
C ALA A 20 14.39 -11.98 -3.95
N GLU A 21 13.47 -12.84 -3.54
CA GLU A 21 12.06 -12.68 -3.88
C GLU A 21 11.52 -11.35 -3.37
N PHE A 22 12.01 -10.93 -2.21
CA PHE A 22 11.57 -9.66 -1.62
C PHE A 22 11.81 -8.51 -2.57
N ASP A 23 13.04 -8.37 -3.04
CA ASP A 23 13.39 -7.31 -3.98
C ASP A 23 12.54 -7.40 -5.23
N ALA A 24 12.20 -8.62 -5.63
CA ALA A 24 11.38 -8.83 -6.82
C ALA A 24 10.03 -8.16 -6.67
N VAL A 25 9.38 -8.39 -5.53
CA VAL A 25 8.07 -7.81 -5.27
C VAL A 25 8.14 -6.29 -5.31
N VAL A 26 9.10 -5.72 -4.58
CA VAL A 26 9.28 -4.28 -4.53
C VAL A 26 9.33 -3.70 -5.94
N GLY A 27 9.95 -4.44 -6.86
CA GLY A 27 10.04 -3.98 -8.23
C GLY A 27 8.68 -3.94 -8.91
N TYR A 28 7.86 -4.94 -8.63
CA TYR A 28 6.53 -5.02 -9.22
C TYR A 28 5.67 -3.84 -8.79
N LEU A 29 5.59 -3.61 -7.47
CA LEU A 29 4.82 -2.50 -6.92
C LEU A 29 5.18 -1.19 -7.60
N GLU A 30 6.48 -0.93 -7.73
CA GLU A 30 6.96 0.30 -8.37
C GLU A 30 6.36 0.46 -9.76
N ASP A 31 6.36 -0.64 -10.53
CA ASP A 31 5.82 -0.63 -11.88
C ASP A 31 4.34 -0.29 -11.86
N ILE A 32 3.65 -0.74 -10.81
CA ILE A 32 2.22 -0.50 -10.66
C ILE A 32 1.96 0.97 -10.34
N ILE A 33 2.86 1.58 -9.60
CA ILE A 33 2.73 2.98 -9.21
C ILE A 33 2.79 3.89 -10.44
N MET A 34 3.71 3.58 -11.35
CA MET A 34 3.88 4.38 -12.56
C MET A 34 2.94 3.89 -13.66
N ASP A 35 2.00 3.03 -13.30
CA ASP A 35 1.04 2.49 -14.27
C ASP A 35 -0.04 3.53 -14.58
N ASP A 36 -0.30 3.72 -15.87
CA ASP A 36 -1.31 4.69 -16.31
C ASP A 36 -2.67 4.41 -15.68
N GLU A 37 -3.14 3.16 -15.80
CA GLU A 37 -4.43 2.78 -15.24
C GLU A 37 -4.46 3.00 -13.72
N PHE A 38 -3.30 2.93 -13.09
CA PHE A 38 -3.21 3.12 -11.64
C PHE A 38 -3.41 4.58 -11.27
N GLN A 39 -2.78 5.48 -12.02
CA GLN A 39 -2.90 6.91 -11.76
C GLN A 39 -4.32 7.39 -12.05
N LEU A 40 -4.96 6.78 -13.05
CA LEU A 40 -6.32 7.14 -13.43
C LEU A 40 -7.30 6.72 -12.34
N LEU A 41 -7.19 5.47 -11.91
CA LEU A 41 -8.08 4.93 -10.87
C LEU A 41 -7.89 5.65 -9.54
N GLN A 42 -6.64 5.79 -9.13
CA GLN A 42 -6.31 6.45 -7.86
C GLN A 42 -6.88 7.88 -7.83
N ARG A 43 -6.61 8.64 -8.87
CA ARG A 43 -7.10 10.01 -8.96
C ARG A 43 -8.62 10.07 -9.04
N ASN A 44 -9.22 9.06 -9.66
CA ASN A 44 -10.67 9.00 -9.82
C ASN A 44 -11.38 8.93 -8.47
N PHE A 45 -10.91 8.04 -7.60
CA PHE A 45 -11.51 7.89 -6.27
C PHE A 45 -11.06 9.00 -5.32
N MET A 46 -9.76 9.29 -5.32
CA MET A 46 -9.22 10.33 -4.45
C MET A 46 -9.91 11.66 -4.69
N ASP A 47 -10.47 11.84 -5.88
CA ASP A 47 -11.16 13.08 -6.23
C ASP A 47 -12.37 13.29 -5.32
N LYS A 48 -12.95 12.19 -4.86
CA LYS A 48 -14.12 12.26 -3.98
C LYS A 48 -13.69 12.16 -2.52
N TYR A 49 -12.78 11.24 -2.23
CA TYR A 49 -12.29 11.04 -0.87
C TYR A 49 -11.76 12.34 -0.27
N TYR A 50 -10.84 12.99 -0.98
CA TYR A 50 -10.23 14.23 -0.51
C TYR A 50 -11.29 15.30 -0.22
N LEU A 51 -12.47 15.13 -0.80
CA LEU A 51 -13.56 16.08 -0.60
C LEU A 51 -14.26 15.83 0.73
N GLU A 52 -14.47 14.56 1.05
CA GLU A 52 -15.13 14.18 2.30
C GLU A 52 -14.23 14.45 3.50
N PHE A 53 -12.94 14.18 3.34
CA PHE A 53 -11.98 14.39 4.42
C PHE A 53 -11.60 15.87 4.55
N GLU A 54 -12.41 16.61 5.30
CA GLU A 54 -12.15 18.03 5.51
C GLU A 54 -11.43 18.26 6.83
N ASP A 55 -10.67 19.34 6.92
CA ASP A 55 -9.93 19.66 8.13
C ASP A 55 -10.88 20.04 9.25
N THR A 56 -11.33 19.04 10.01
CA THR A 56 -12.25 19.26 11.11
C THR A 56 -11.77 18.56 12.38
N GLU A 57 -12.61 18.55 13.40
CA GLU A 57 -12.26 17.92 14.67
C GLU A 57 -13.39 17.01 15.15
N GLU A 58 -14.39 16.82 14.32
CA GLU A 58 -15.53 15.97 14.66
C GLU A 58 -15.42 14.60 13.99
N ASN A 59 -15.84 13.56 14.72
CA ASN A 59 -15.78 12.20 14.20
C ASN A 59 -17.14 11.77 13.65
N LYS A 60 -17.20 11.59 12.33
CA LYS A 60 -18.44 11.18 11.68
C LYS A 60 -18.44 9.67 11.41
N LEU A 61 -19.64 9.10 11.29
CA LEU A 61 -19.78 7.67 11.03
C LEU A 61 -19.57 7.36 9.56
N ILE A 62 -19.48 8.40 8.73
CA ILE A 62 -19.28 8.23 7.29
C ILE A 62 -17.86 7.75 6.99
N TYR A 63 -16.97 7.86 7.98
CA TYR A 63 -15.59 7.43 7.80
C TYR A 63 -15.50 5.91 7.76
N THR A 64 -16.55 5.22 8.21
CA THR A 64 -16.56 3.77 8.21
C THR A 64 -16.79 3.21 6.81
N PRO A 65 -17.86 3.64 6.10
CA PRO A 65 -18.15 3.16 4.75
C PRO A 65 -17.07 3.59 3.76
N ILE A 66 -16.60 4.82 3.89
CA ILE A 66 -15.57 5.34 3.00
C ILE A 66 -14.28 4.55 3.15
N PHE A 67 -13.85 4.33 4.38
CA PHE A 67 -12.62 3.58 4.66
C PHE A 67 -12.72 2.17 4.10
N ASN A 68 -13.80 1.47 4.44
CA ASN A 68 -14.02 0.11 3.98
C ASN A 68 -13.95 0.03 2.45
N GLU A 69 -14.39 1.11 1.80
CA GLU A 69 -14.39 1.17 0.34
C GLU A 69 -12.95 1.18 -0.19
N TYR A 70 -12.08 1.90 0.51
CA TYR A 70 -10.69 2.00 0.11
C TYR A 70 -9.97 0.67 0.34
N ILE A 71 -10.40 -0.06 1.37
CA ILE A 71 -9.81 -1.34 1.71
C ILE A 71 -10.23 -2.44 0.72
N SER A 72 -11.41 -2.29 0.14
CA SER A 72 -11.92 -3.27 -0.80
C SER A 72 -11.59 -2.89 -2.25
N LEU A 73 -11.40 -1.60 -2.50
CA LEU A 73 -11.11 -1.13 -3.84
C LEU A 73 -9.60 -1.09 -4.12
N VAL A 74 -8.88 -0.27 -3.36
CA VAL A 74 -7.44 -0.11 -3.54
C VAL A 74 -6.63 -1.31 -3.04
N GLU A 75 -6.77 -1.62 -1.75
CA GLU A 75 -6.03 -2.73 -1.16
C GLU A 75 -6.22 -4.02 -1.97
N LYS A 76 -7.44 -4.26 -2.43
CA LYS A 76 -7.73 -5.46 -3.21
C LYS A 76 -7.16 -5.33 -4.62
N TYR A 77 -7.09 -4.11 -5.12
CA TYR A 77 -6.56 -3.85 -6.45
C TYR A 77 -5.09 -4.26 -6.52
N ILE A 78 -4.34 -3.95 -5.47
CA ILE A 78 -2.92 -4.29 -5.41
C ILE A 78 -2.72 -5.79 -5.29
N GLU A 79 -3.41 -6.40 -4.32
CA GLU A 79 -3.29 -7.84 -4.08
C GLU A 79 -3.61 -8.64 -5.35
N GLU A 80 -4.72 -8.33 -5.99
CA GLU A 80 -5.13 -9.04 -7.21
C GLU A 80 -4.04 -8.97 -8.28
N GLN A 81 -3.60 -7.75 -8.59
CA GLN A 81 -2.58 -7.54 -9.62
C GLN A 81 -1.27 -8.26 -9.29
N LEU A 82 -0.99 -8.44 -8.00
CA LEU A 82 0.25 -9.10 -7.57
C LEU A 82 0.13 -10.61 -7.70
N LEU A 83 -1.02 -11.14 -7.32
CA LEU A 83 -1.27 -12.58 -7.37
C LEU A 83 -1.34 -13.10 -8.79
N GLN A 84 -1.67 -12.22 -9.73
CA GLN A 84 -1.77 -12.60 -11.14
C GLN A 84 -0.47 -13.24 -11.62
N ARG A 85 0.62 -13.01 -10.89
CA ARG A 85 1.92 -13.56 -11.24
C ARG A 85 2.49 -14.39 -10.09
N ILE A 86 1.86 -14.29 -8.93
CA ILE A 86 2.31 -15.02 -7.75
C ILE A 86 1.12 -15.68 -7.04
N PRO A 87 0.81 -16.94 -7.38
CA PRO A 87 -0.31 -17.67 -6.77
C PRO A 87 0.01 -18.13 -5.35
N GLU A 88 1.24 -17.89 -4.92
CA GLU A 88 1.68 -18.28 -3.58
C GLU A 88 1.98 -17.04 -2.73
N PHE A 89 1.56 -15.88 -3.22
CA PHE A 89 1.79 -14.63 -2.51
C PHE A 89 1.04 -14.60 -1.18
N ASN A 90 1.62 -13.95 -0.19
CA ASN A 90 1.01 -13.84 1.13
C ASN A 90 1.06 -12.38 1.61
N MET A 91 -0.03 -11.65 1.36
CA MET A 91 -0.10 -10.24 1.76
C MET A 91 0.05 -10.08 3.27
N ALA A 92 -0.49 -11.03 4.02
CA ALA A 92 -0.42 -10.98 5.48
C ALA A 92 1.02 -11.03 5.98
N ALA A 93 1.73 -12.09 5.61
CA ALA A 93 3.12 -12.27 6.02
C ALA A 93 4.03 -11.24 5.36
N PHE A 94 3.64 -10.77 4.18
CA PHE A 94 4.42 -9.78 3.45
C PHE A 94 4.43 -8.44 4.17
N THR A 95 3.25 -7.99 4.61
CA THR A 95 3.13 -6.73 5.30
C THR A 95 3.84 -6.75 6.65
N THR A 96 3.74 -7.88 7.36
CA THR A 96 4.39 -8.02 8.65
C THR A 96 5.90 -7.83 8.53
N THR A 97 6.48 -8.42 7.50
CA THR A 97 7.91 -8.31 7.26
C THR A 97 8.27 -6.95 6.64
N LEU A 98 7.33 -6.39 5.89
CA LEU A 98 7.54 -5.10 5.23
C LEU A 98 7.68 -3.96 6.23
N GLN A 99 6.76 -3.87 7.19
CA GLN A 99 6.79 -2.81 8.20
C GLN A 99 8.15 -2.72 8.86
N HIS A 100 8.91 -3.80 8.81
CA HIS A 100 10.24 -3.83 9.39
C HIS A 100 11.30 -3.62 8.31
N HIS A 101 11.07 -4.21 7.14
CA HIS A 101 12.00 -4.10 6.04
C HIS A 101 11.99 -2.70 5.44
N LYS A 102 11.13 -1.84 5.98
CA LYS A 102 11.03 -0.47 5.50
C LYS A 102 12.33 0.28 5.77
N ASP A 103 13.13 -0.27 6.67
CA ASP A 103 14.41 0.34 7.03
C ASP A 103 15.43 0.18 5.90
N GLU A 104 15.13 -0.71 4.96
CA GLU A 104 16.02 -0.96 3.83
C GLU A 104 15.47 -0.32 2.55
N VAL A 105 14.26 -0.69 2.17
CA VAL A 105 13.63 -0.16 0.97
C VAL A 105 13.36 1.34 1.10
N ALA A 106 12.73 1.91 0.08
CA ALA A 106 12.42 3.33 0.07
C ALA A 106 11.17 3.62 0.91
N GLY A 107 11.37 4.25 2.06
CA GLY A 107 10.27 4.58 2.94
C GLY A 107 9.24 5.46 2.25
N ASP A 108 9.71 6.29 1.31
CA ASP A 108 8.83 7.19 0.58
C ASP A 108 7.86 6.42 -0.30
N ILE A 109 8.31 5.28 -0.81
CA ILE A 109 7.47 4.45 -1.68
C ILE A 109 6.39 3.73 -0.86
N PHE A 110 6.80 3.07 0.21
CA PHE A 110 5.86 2.35 1.05
C PHE A 110 4.90 3.30 1.75
N ASP A 111 5.37 4.52 2.00
CA ASP A 111 4.55 5.53 2.68
C ASP A 111 3.17 5.62 2.04
N MET A 112 3.09 5.30 0.75
CA MET A 112 1.81 5.33 0.05
C MET A 112 0.94 4.17 0.50
N LEU A 113 1.51 2.96 0.45
CA LEU A 113 0.82 1.76 0.85
C LEU A 113 0.52 1.78 2.35
N LEU A 114 1.29 2.57 3.08
CA LEU A 114 1.15 2.69 4.53
C LEU A 114 -0.30 2.98 4.91
N THR A 115 -1.04 3.62 4.00
CA THR A 115 -2.44 3.96 4.25
C THR A 115 -3.30 2.70 4.43
N PHE A 116 -2.67 1.54 4.46
CA PHE A 116 -3.39 0.28 4.63
C PHE A 116 -4.07 0.23 6.00
N THR A 117 -3.43 0.81 7.00
CA THR A 117 -3.97 0.81 8.35
C THR A 117 -3.67 2.13 9.07
N ASP A 118 -2.62 2.81 8.65
CA ASP A 118 -2.23 4.08 9.26
C ASP A 118 -3.25 5.17 8.95
N PHE A 119 -4.27 5.27 9.79
CA PHE A 119 -5.33 6.27 9.61
C PHE A 119 -4.75 7.68 9.61
N LEU A 120 -3.69 7.88 10.39
CA LEU A 120 -3.05 9.19 10.48
C LEU A 120 -2.44 9.59 9.13
N ALA A 121 -1.88 8.61 8.43
CA ALA A 121 -1.27 8.86 7.13
C ALA A 121 -2.34 9.02 6.05
N PHE A 122 -3.47 8.35 6.24
CA PHE A 122 -4.57 8.41 5.28
C PHE A 122 -5.15 9.83 5.21
N LYS A 123 -5.52 10.36 6.36
CA LYS A 123 -6.08 11.71 6.43
C LYS A 123 -5.04 12.74 6.04
N GLU A 124 -3.84 12.63 6.62
CA GLU A 124 -2.75 13.55 6.33
C GLU A 124 -2.47 13.59 4.83
N MET A 125 -2.67 12.44 4.16
CA MET A 125 -2.44 12.35 2.73
C MET A 125 -3.43 13.21 1.96
N PHE A 126 -4.70 13.10 2.31
CA PHE A 126 -5.74 13.88 1.64
C PHE A 126 -5.56 15.38 1.87
N LEU A 127 -5.28 15.76 3.12
CA LEU A 127 -5.07 17.16 3.46
C LEU A 127 -3.88 17.74 2.70
N ASP A 128 -2.86 16.91 2.48
CA ASP A 128 -1.67 17.34 1.76
C ASP A 128 -1.99 17.56 0.28
N TYR A 129 -2.78 16.65 -0.29
CA TYR A 129 -3.15 16.74 -1.69
C TYR A 129 -4.07 17.94 -1.93
N ARG A 130 -4.93 18.21 -0.96
CA ARG A 130 -5.87 19.33 -1.05
C ARG A 130 -5.13 20.65 -0.96
N ALA A 131 -4.17 20.73 -0.05
CA ALA A 131 -3.38 21.94 0.15
C ALA A 131 -2.55 22.24 -1.09
N GLU A 132 -2.15 21.19 -1.80
CA GLU A 132 -1.34 21.33 -3.00
C GLU A 132 -2.15 22.00 -4.11
N LYS A 133 -3.47 21.90 -4.04
CA LYS A 133 -4.35 22.49 -5.04
C LYS A 133 -4.30 24.01 -4.97
N GLU A 134 -3.98 24.54 -3.78
CA GLU A 134 -3.88 25.98 -3.58
C GLU A 134 -2.50 26.49 -3.93
N GLY A 135 -1.57 25.57 -4.19
CA GLY A 135 -0.21 25.94 -4.53
C GLY A 135 0.62 26.28 -3.31
N ARG A 136 0.64 25.38 -2.33
CA ARG A 136 1.40 25.59 -1.10
C ARG A 136 2.29 24.39 -0.80
N GLY A 137 1.68 23.24 -0.56
CA GLY A 137 2.44 22.04 -0.26
C GLY A 137 2.31 21.62 1.20
N MET A 2 -12.08 -26.27 10.78
CA MET A 2 -11.89 -25.34 11.93
C MET A 2 -10.44 -25.32 12.37
N ASP A 3 -9.98 -26.44 12.93
CA ASP A 3 -8.62 -26.55 13.41
C ASP A 3 -7.66 -26.87 12.26
N ALA A 4 -7.90 -28.00 11.59
CA ALA A 4 -7.07 -28.42 10.47
C ALA A 4 -7.85 -28.37 9.17
N LEU A 5 -7.19 -27.92 8.10
CA LEU A 5 -7.82 -27.83 6.79
C LEU A 5 -7.39 -28.98 5.89
N GLU A 6 -6.09 -29.28 5.89
CA GLU A 6 -5.55 -30.36 5.09
C GLU A 6 -4.57 -31.20 5.88
N GLY A 7 -3.97 -30.60 6.91
CA GLY A 7 -3.01 -31.32 7.73
C GLY A 7 -1.96 -30.40 8.34
N GLU A 8 -1.14 -30.95 9.24
CA GLU A 8 -0.10 -30.19 9.89
C GLU A 8 1.28 -30.56 9.34
N SER A 9 1.39 -31.78 8.82
CA SER A 9 2.65 -32.27 8.27
C SER A 9 3.15 -31.34 7.16
N PHE A 10 2.23 -30.66 6.50
CA PHE A 10 2.57 -29.75 5.42
C PHE A 10 3.00 -28.39 5.99
N ALA A 11 4.25 -28.03 5.72
CA ALA A 11 4.79 -26.76 6.21
C ALA A 11 4.60 -25.64 5.18
N LEU A 12 4.05 -24.52 5.63
CA LEU A 12 3.82 -23.38 4.77
C LEU A 12 4.86 -22.28 5.01
N SER A 13 5.84 -22.59 5.83
CA SER A 13 6.90 -21.65 6.17
C SER A 13 8.03 -21.70 5.13
N PHE A 14 8.51 -20.52 4.73
CA PHE A 14 9.59 -20.44 3.75
C PHE A 14 10.20 -19.04 3.73
N SER A 15 11.51 -18.98 3.88
CA SER A 15 12.22 -17.70 3.88
C SER A 15 12.20 -17.06 2.49
N SER A 16 11.78 -15.80 2.43
CA SER A 16 11.71 -15.08 1.18
C SER A 16 11.97 -13.59 1.39
N ALA A 17 11.76 -13.13 2.62
CA ALA A 17 11.97 -11.73 2.95
C ALA A 17 13.46 -11.39 3.00
N SER A 18 14.27 -12.37 3.37
CA SER A 18 15.71 -12.19 3.48
C SER A 18 16.42 -12.75 2.24
N ASP A 19 15.63 -13.07 1.22
CA ASP A 19 16.18 -13.61 -0.02
C ASP A 19 15.91 -12.69 -1.21
N ALA A 20 16.29 -13.13 -2.40
CA ALA A 20 16.09 -12.35 -3.60
C ALA A 20 14.61 -12.13 -3.89
N GLU A 21 13.77 -13.02 -3.34
CA GLU A 21 12.33 -12.92 -3.53
C GLU A 21 11.78 -11.57 -3.08
N PHE A 22 12.24 -11.11 -1.92
CA PHE A 22 11.79 -9.83 -1.39
C PHE A 22 12.03 -8.71 -2.39
N ASP A 23 13.20 -8.71 -3.01
CA ASP A 23 13.55 -7.69 -4.00
C ASP A 23 12.66 -7.79 -5.23
N ALA A 24 12.32 -9.01 -5.62
CA ALA A 24 11.47 -9.25 -6.78
C ALA A 24 10.07 -8.69 -6.56
N VAL A 25 9.49 -8.99 -5.41
CA VAL A 25 8.15 -8.53 -5.07
C VAL A 25 8.07 -7.00 -5.13
N VAL A 26 9.07 -6.34 -4.55
CA VAL A 26 9.12 -4.88 -4.54
C VAL A 26 9.13 -4.35 -5.96
N GLY A 27 9.82 -5.05 -6.86
CA GLY A 27 9.89 -4.64 -8.24
C GLY A 27 8.52 -4.59 -8.89
N TYR A 28 7.75 -5.67 -8.73
CA TYR A 28 6.41 -5.74 -9.30
C TYR A 28 5.55 -4.57 -8.82
N LEU A 29 5.73 -4.21 -7.55
CA LEU A 29 4.98 -3.10 -6.97
C LEU A 29 5.24 -1.80 -7.75
N GLU A 30 6.51 -1.54 -8.04
CA GLU A 30 6.90 -0.34 -8.77
C GLU A 30 6.20 -0.29 -10.13
N ASP A 31 6.11 -1.43 -10.80
CA ASP A 31 5.46 -1.52 -12.09
C ASP A 31 3.98 -1.10 -11.99
N ILE A 32 3.37 -1.39 -10.86
CA ILE A 32 1.97 -1.05 -10.63
C ILE A 32 1.82 0.43 -10.29
N ILE A 33 2.79 0.95 -9.53
CA ILE A 33 2.77 2.36 -9.13
C ILE A 33 2.98 3.28 -10.34
N MET A 34 3.74 2.79 -11.32
CA MET A 34 4.02 3.56 -12.52
C MET A 34 3.03 3.25 -13.63
N ASP A 35 2.04 2.42 -13.31
CA ASP A 35 1.02 2.03 -14.28
C ASP A 35 0.07 3.19 -14.55
N ASP A 36 -0.19 3.45 -15.82
CA ASP A 36 -1.08 4.55 -16.22
C ASP A 36 -2.48 4.38 -15.62
N GLU A 37 -3.04 3.19 -15.75
CA GLU A 37 -4.37 2.91 -15.23
C GLU A 37 -4.41 3.10 -13.71
N PHE A 38 -3.26 2.94 -13.07
CA PHE A 38 -3.16 3.09 -11.62
C PHE A 38 -3.23 4.56 -11.23
N GLN A 39 -2.62 5.41 -12.05
CA GLN A 39 -2.62 6.86 -11.79
C GLN A 39 -4.02 7.44 -11.97
N LEU A 40 -4.70 6.99 -13.01
CA LEU A 40 -6.04 7.45 -13.32
C LEU A 40 -7.04 6.97 -12.26
N LEU A 41 -6.93 5.70 -11.88
CA LEU A 41 -7.82 5.11 -10.88
C LEU A 41 -7.62 5.78 -9.52
N GLN A 42 -6.37 5.98 -9.14
CA GLN A 42 -6.05 6.59 -7.86
C GLN A 42 -6.63 8.00 -7.76
N ARG A 43 -6.31 8.84 -8.74
CA ARG A 43 -6.80 10.22 -8.75
C ARG A 43 -8.32 10.28 -8.91
N ASN A 44 -8.88 9.32 -9.64
CA ASN A 44 -10.32 9.27 -9.87
C ASN A 44 -11.09 9.22 -8.56
N PHE A 45 -10.69 8.31 -7.67
CA PHE A 45 -11.35 8.16 -6.38
C PHE A 45 -10.92 9.24 -5.40
N MET A 46 -9.64 9.58 -5.41
CA MET A 46 -9.11 10.61 -4.50
C MET A 46 -9.85 11.93 -4.70
N ASP A 47 -10.39 12.14 -5.89
CA ASP A 47 -11.12 13.36 -6.21
C ASP A 47 -12.32 13.53 -5.29
N LYS A 48 -12.89 12.42 -4.87
CA LYS A 48 -14.06 12.44 -3.99
C LYS A 48 -13.64 12.27 -2.52
N TYR A 49 -12.64 11.45 -2.29
CA TYR A 49 -12.14 11.19 -0.95
C TYR A 49 -11.73 12.47 -0.23
N TYR A 50 -10.85 13.25 -0.87
CA TYR A 50 -10.38 14.50 -0.27
C TYR A 50 -11.53 15.47 -0.02
N LEU A 51 -12.67 15.24 -0.66
CA LEU A 51 -13.83 16.10 -0.49
C LEU A 51 -14.59 15.76 0.78
N GLU A 52 -14.70 14.46 1.06
CA GLU A 52 -15.39 13.99 2.26
C GLU A 52 -14.53 14.14 3.50
N PHE A 53 -13.21 14.00 3.32
CA PHE A 53 -12.28 14.12 4.43
C PHE A 53 -12.15 15.58 4.87
N GLU A 54 -13.01 15.98 5.81
CA GLU A 54 -13.01 17.34 6.32
C GLU A 54 -12.20 17.43 7.61
N ASP A 55 -11.42 18.50 7.75
CA ASP A 55 -10.62 18.71 8.93
C ASP A 55 -11.47 19.18 10.10
N THR A 56 -11.85 18.23 10.96
CA THR A 56 -12.68 18.55 12.12
C THR A 56 -12.04 18.02 13.41
N GLU A 57 -12.77 18.14 14.51
CA GLU A 57 -12.28 17.67 15.80
C GLU A 57 -13.09 16.49 16.30
N GLU A 58 -14.18 16.18 15.59
CA GLU A 58 -15.05 15.06 15.95
C GLU A 58 -15.03 13.98 14.87
N ASN A 59 -15.20 12.72 15.29
CA ASN A 59 -15.21 11.61 14.35
C ASN A 59 -16.58 11.42 13.72
N LYS A 60 -16.60 11.30 12.40
CA LYS A 60 -17.85 11.11 11.67
C LYS A 60 -18.05 9.64 11.30
N LEU A 61 -19.30 9.25 11.09
CA LEU A 61 -19.62 7.87 10.73
C LEU A 61 -19.35 7.63 9.24
N ILE A 62 -19.20 8.71 8.49
CA ILE A 62 -18.94 8.62 7.05
C ILE A 62 -17.57 8.02 6.78
N TYR A 63 -16.71 8.03 7.80
CA TYR A 63 -15.36 7.48 7.67
C TYR A 63 -15.40 5.96 7.59
N THR A 64 -16.49 5.35 8.05
CA THR A 64 -16.62 3.91 8.02
C THR A 64 -16.82 3.38 6.59
N PRO A 65 -17.80 3.90 5.83
CA PRO A 65 -18.04 3.46 4.45
C PRO A 65 -16.89 3.83 3.52
N ILE A 66 -16.39 5.05 3.66
CA ILE A 66 -15.29 5.52 2.83
C ILE A 66 -14.04 4.66 3.03
N PHE A 67 -13.74 4.33 4.28
CA PHE A 67 -12.57 3.51 4.60
C PHE A 67 -12.71 2.12 3.99
N ASN A 68 -13.87 1.51 4.18
CA ASN A 68 -14.13 0.17 3.64
C ASN A 68 -14.02 0.17 2.13
N GLU A 69 -14.23 1.32 1.51
CA GLU A 69 -14.15 1.44 0.06
C GLU A 69 -12.70 1.39 -0.41
N TYR A 70 -11.82 2.08 0.32
CA TYR A 70 -10.40 2.11 -0.02
C TYR A 70 -9.75 0.75 0.19
N ILE A 71 -10.11 0.10 1.29
CA ILE A 71 -9.57 -1.22 1.63
C ILE A 71 -10.10 -2.30 0.70
N SER A 72 -11.31 -2.09 0.17
CA SER A 72 -11.91 -3.07 -0.72
C SER A 72 -11.48 -2.89 -2.17
N LEU A 73 -11.33 -1.65 -2.60
CA LEU A 73 -10.93 -1.37 -3.98
C LEU A 73 -9.41 -1.31 -4.17
N VAL A 74 -8.77 -0.36 -3.49
CA VAL A 74 -7.33 -0.17 -3.60
C VAL A 74 -6.53 -1.37 -3.11
N GLU A 75 -6.72 -1.76 -1.86
CA GLU A 75 -5.98 -2.88 -1.29
C GLU A 75 -6.10 -4.13 -2.18
N LYS A 76 -7.29 -4.36 -2.72
CA LYS A 76 -7.51 -5.53 -3.57
C LYS A 76 -6.91 -5.30 -4.96
N TYR A 77 -6.81 -4.04 -5.36
CA TYR A 77 -6.25 -3.70 -6.67
C TYR A 77 -4.81 -4.18 -6.77
N ILE A 78 -4.01 -3.83 -5.76
CA ILE A 78 -2.59 -4.21 -5.72
C ILE A 78 -2.45 -5.72 -5.53
N GLU A 79 -3.24 -6.27 -4.61
CA GLU A 79 -3.19 -7.70 -4.32
C GLU A 79 -3.45 -8.54 -5.57
N GLU A 80 -4.52 -8.24 -6.27
CA GLU A 80 -4.88 -8.97 -7.47
C GLU A 80 -3.78 -8.92 -8.52
N GLN A 81 -3.25 -7.71 -8.75
CA GLN A 81 -2.19 -7.52 -9.75
C GLN A 81 -0.96 -8.39 -9.46
N LEU A 82 -0.66 -8.59 -8.19
CA LEU A 82 0.51 -9.39 -7.80
C LEU A 82 0.22 -10.87 -7.91
N LEU A 83 -1.00 -11.25 -7.55
CA LEU A 83 -1.41 -12.65 -7.57
C LEU A 83 -1.49 -13.20 -8.99
N GLN A 84 -1.67 -12.31 -9.96
CA GLN A 84 -1.77 -12.73 -11.36
C GLN A 84 -0.53 -13.53 -11.77
N ARG A 85 0.56 -13.38 -11.02
CA ARG A 85 1.80 -14.09 -11.33
C ARG A 85 2.27 -14.91 -10.13
N ILE A 86 1.65 -14.68 -8.97
CA ILE A 86 2.03 -15.39 -7.75
C ILE A 86 0.78 -15.95 -7.06
N PRO A 87 0.43 -17.23 -7.32
CA PRO A 87 -0.75 -17.86 -6.71
C PRO A 87 -0.50 -18.27 -5.26
N GLU A 88 0.75 -18.13 -4.83
CA GLU A 88 1.13 -18.48 -3.47
C GLU A 88 1.54 -17.23 -2.68
N PHE A 89 1.18 -16.08 -3.22
CA PHE A 89 1.51 -14.81 -2.59
C PHE A 89 0.86 -14.68 -1.22
N ASN A 90 1.53 -13.98 -0.31
CA ASN A 90 1.02 -13.76 1.04
C ASN A 90 1.09 -12.28 1.40
N MET A 91 0.05 -11.55 1.03
CA MET A 91 -0.02 -10.11 1.31
C MET A 91 -0.07 -9.84 2.81
N ALA A 92 -0.51 -10.84 3.57
CA ALA A 92 -0.61 -10.70 5.02
C ALA A 92 0.77 -10.73 5.67
N ALA A 93 1.53 -11.80 5.37
CA ALA A 93 2.86 -11.95 5.94
C ALA A 93 3.84 -10.95 5.32
N PHE A 94 3.55 -10.51 4.10
CA PHE A 94 4.39 -9.55 3.40
C PHE A 94 4.30 -8.17 4.03
N THR A 95 3.07 -7.73 4.32
CA THR A 95 2.85 -6.42 4.93
C THR A 95 3.45 -6.33 6.32
N THR A 96 3.15 -7.32 7.17
CA THR A 96 3.67 -7.33 8.53
C THR A 96 5.20 -7.32 8.54
N THR A 97 5.80 -8.02 7.57
CA THR A 97 7.25 -8.09 7.45
C THR A 97 7.80 -6.80 6.85
N LEU A 98 7.00 -6.17 6.00
CA LEU A 98 7.41 -4.93 5.35
C LEU A 98 7.64 -3.82 6.37
N GLN A 99 6.81 -3.80 7.42
CA GLN A 99 6.92 -2.79 8.46
C GLN A 99 8.35 -2.69 8.98
N HIS A 100 9.00 -3.82 9.15
CA HIS A 100 10.38 -3.86 9.63
C HIS A 100 11.34 -3.51 8.51
N HIS A 101 11.08 -4.05 7.32
CA HIS A 101 11.93 -3.81 6.16
C HIS A 101 11.77 -2.38 5.66
N LYS A 102 10.92 -1.62 6.33
CA LYS A 102 10.68 -0.23 5.97
C LYS A 102 11.94 0.60 6.21
N ASP A 103 12.81 0.10 7.10
CA ASP A 103 14.05 0.78 7.42
C ASP A 103 15.10 0.56 6.33
N GLU A 104 14.79 -0.33 5.39
CA GLU A 104 15.70 -0.64 4.30
C GLU A 104 15.14 -0.14 2.97
N VAL A 105 13.98 -0.68 2.58
CA VAL A 105 13.33 -0.29 1.34
C VAL A 105 13.00 1.20 1.33
N ALA A 106 12.81 1.76 0.14
CA ALA A 106 12.49 3.17 0.01
C ALA A 106 11.25 3.53 0.82
N GLY A 107 11.47 4.25 1.92
CA GLY A 107 10.36 4.66 2.78
C GLY A 107 9.40 5.59 2.08
N ASP A 108 9.92 6.39 1.16
CA ASP A 108 9.09 7.34 0.42
C ASP A 108 8.06 6.63 -0.44
N ILE A 109 8.45 5.50 -1.02
CA ILE A 109 7.56 4.73 -1.88
C ILE A 109 6.49 4.02 -1.05
N PHE A 110 6.92 3.30 -0.01
CA PHE A 110 6.00 2.58 0.84
C PHE A 110 5.07 3.53 1.58
N ASP A 111 5.54 4.75 1.83
CA ASP A 111 4.76 5.75 2.56
C ASP A 111 3.35 5.85 1.99
N MET A 112 3.20 5.55 0.70
CA MET A 112 1.89 5.58 0.05
C MET A 112 1.05 4.40 0.52
N LEU A 113 1.62 3.21 0.41
CA LEU A 113 0.94 1.98 0.81
C LEU A 113 0.72 1.96 2.32
N LEU A 114 1.54 2.73 3.03
CA LEU A 114 1.47 2.80 4.49
C LEU A 114 0.04 3.06 4.95
N THR A 115 -0.75 3.73 4.11
CA THR A 115 -2.13 4.04 4.43
C THR A 115 -2.96 2.79 4.69
N PHE A 116 -2.34 1.62 4.55
CA PHE A 116 -3.04 0.35 4.78
C PHE A 116 -3.48 0.22 6.24
N THR A 117 -2.80 0.92 7.13
CA THR A 117 -3.13 0.87 8.55
C THR A 117 -2.92 2.21 9.22
N ASP A 118 -2.04 3.04 8.65
CA ASP A 118 -1.75 4.36 9.21
C ASP A 118 -2.82 5.38 8.81
N PHE A 119 -3.91 5.40 9.55
CA PHE A 119 -5.02 6.33 9.28
C PHE A 119 -4.54 7.77 9.40
N LEU A 120 -3.52 7.98 10.21
CA LEU A 120 -2.96 9.31 10.42
C LEU A 120 -2.35 9.86 9.12
N ALA A 121 -1.70 9.00 8.37
CA ALA A 121 -1.08 9.39 7.11
C ALA A 121 -2.12 9.55 6.02
N PHE A 122 -3.18 8.75 6.09
CA PHE A 122 -4.26 8.80 5.12
C PHE A 122 -4.95 10.16 5.13
N LYS A 123 -5.40 10.57 6.32
CA LYS A 123 -6.07 11.86 6.49
C LYS A 123 -5.15 13.01 6.13
N GLU A 124 -3.94 13.00 6.70
CA GLU A 124 -2.96 14.05 6.45
C GLU A 124 -2.63 14.14 4.96
N MET A 125 -2.73 13.01 4.26
CA MET A 125 -2.44 12.97 2.84
C MET A 125 -3.45 13.80 2.05
N PHE A 126 -4.73 13.61 2.35
CA PHE A 126 -5.79 14.34 1.66
C PHE A 126 -5.72 15.83 1.96
N LEU A 127 -5.47 16.19 3.23
CA LEU A 127 -5.37 17.59 3.62
C LEU A 127 -4.32 18.32 2.80
N ASP A 128 -3.18 17.67 2.59
CA ASP A 128 -2.09 18.26 1.82
C ASP A 128 -2.47 18.38 0.36
N TYR A 129 -3.10 17.34 -0.17
CA TYR A 129 -3.52 17.32 -1.57
C TYR A 129 -4.52 18.44 -1.86
N ARG A 130 -5.36 18.74 -0.87
CA ARG A 130 -6.36 19.79 -1.02
C ARG A 130 -5.70 21.16 -1.09
N ALA A 131 -4.70 21.38 -0.23
CA ALA A 131 -3.98 22.63 -0.19
C ALA A 131 -3.22 22.87 -1.50
N GLU A 132 -2.86 21.77 -2.16
CA GLU A 132 -2.13 21.85 -3.42
C GLU A 132 -3.03 22.42 -4.53
N LYS A 133 -4.34 22.31 -4.33
CA LYS A 133 -5.30 22.81 -5.30
C LYS A 133 -5.39 24.33 -5.26
N GLU A 134 -4.70 24.93 -4.28
CA GLU A 134 -4.70 26.37 -4.12
C GLU A 134 -3.60 27.01 -4.96
N GLY A 135 -2.76 26.17 -5.56
CA GLY A 135 -1.68 26.68 -6.37
C GLY A 135 -1.93 26.51 -7.86
N ARG A 136 -3.08 25.93 -8.19
CA ARG A 136 -3.46 25.71 -9.59
C ARG A 136 -3.61 27.04 -10.32
N GLY A 137 -2.81 27.23 -11.37
CA GLY A 137 -2.86 28.46 -12.13
C GLY A 137 -1.51 29.14 -12.25
N MET A 2 33.50 -14.78 -22.64
CA MET A 2 32.17 -15.29 -22.19
C MET A 2 32.27 -15.88 -20.78
N ASP A 3 31.51 -15.30 -19.86
CA ASP A 3 31.51 -15.77 -18.47
C ASP A 3 30.19 -16.44 -18.13
N ALA A 4 30.20 -17.25 -17.07
CA ALA A 4 29.01 -17.96 -16.62
C ALA A 4 28.85 -17.86 -15.11
N LEU A 5 27.67 -17.43 -14.68
CA LEU A 5 27.38 -17.27 -13.26
C LEU A 5 27.09 -18.64 -12.62
N GLU A 6 27.19 -18.70 -11.29
CA GLU A 6 26.93 -19.93 -10.56
C GLU A 6 25.48 -19.98 -10.08
N GLY A 7 25.12 -21.09 -9.43
CA GLY A 7 23.77 -21.24 -8.93
C GLY A 7 23.68 -22.23 -7.79
N GLU A 8 22.91 -21.88 -6.76
CA GLU A 8 22.75 -22.74 -5.59
C GLU A 8 21.28 -22.92 -5.25
N SER A 9 20.41 -22.27 -6.03
CA SER A 9 18.97 -22.36 -5.81
C SER A 9 18.59 -21.94 -4.40
N PHE A 10 17.33 -22.16 -4.04
CA PHE A 10 16.85 -21.80 -2.71
C PHE A 10 17.52 -22.66 -1.63
N ALA A 11 17.53 -22.15 -0.41
CA ALA A 11 18.13 -22.86 0.71
C ALA A 11 17.13 -23.78 1.40
N LEU A 12 17.60 -24.50 2.42
CA LEU A 12 16.75 -25.42 3.15
C LEU A 12 15.67 -24.67 3.92
N SER A 13 15.98 -23.44 4.31
CA SER A 13 15.04 -22.62 5.05
C SER A 13 14.13 -21.84 4.10
N PHE A 14 12.99 -21.39 4.61
CA PHE A 14 12.04 -20.64 3.80
C PHE A 14 11.66 -19.33 4.48
N SER A 15 11.96 -18.22 3.82
CA SER A 15 11.67 -16.90 4.35
C SER A 15 11.02 -16.01 3.28
N SER A 16 11.70 -15.91 2.13
CA SER A 16 11.23 -15.11 1.01
C SER A 16 11.41 -13.61 1.26
N ALA A 17 11.16 -13.18 2.49
CA ALA A 17 11.29 -11.77 2.84
C ALA A 17 12.74 -11.41 3.17
N SER A 18 13.61 -12.41 3.18
CA SER A 18 15.03 -12.19 3.49
C SER A 18 15.92 -12.62 2.33
N ASP A 19 15.38 -12.67 1.12
CA ASP A 19 16.15 -13.06 -0.05
C ASP A 19 15.66 -12.35 -1.31
N ALA A 20 16.14 -12.80 -2.46
CA ALA A 20 15.76 -12.20 -3.74
C ALA A 20 14.26 -12.19 -3.96
N GLU A 21 13.55 -13.10 -3.29
CA GLU A 21 12.09 -13.19 -3.42
C GLU A 21 11.44 -11.86 -3.06
N PHE A 22 11.85 -11.29 -1.94
CA PHE A 22 11.30 -10.02 -1.48
C PHE A 22 11.55 -8.92 -2.51
N ASP A 23 12.78 -8.88 -3.02
CA ASP A 23 13.15 -7.88 -4.02
C ASP A 23 12.29 -7.99 -5.26
N ALA A 24 11.93 -9.22 -5.62
CA ALA A 24 11.09 -9.47 -6.78
C ALA A 24 9.72 -8.82 -6.61
N VAL A 25 9.13 -9.00 -5.44
CA VAL A 25 7.82 -8.43 -5.15
C VAL A 25 7.84 -6.91 -5.30
N VAL A 26 8.88 -6.29 -4.73
CA VAL A 26 9.03 -4.84 -4.79
C VAL A 26 9.05 -4.36 -6.24
N GLY A 27 9.66 -5.17 -7.11
CA GLY A 27 9.73 -4.82 -8.52
C GLY A 27 8.36 -4.72 -9.16
N TYR A 28 7.56 -5.77 -8.97
CA TYR A 28 6.21 -5.80 -9.53
C TYR A 28 5.39 -4.61 -9.04
N LEU A 29 5.67 -4.17 -7.82
CA LEU A 29 4.96 -3.03 -7.25
C LEU A 29 5.28 -1.75 -8.01
N GLU A 30 6.56 -1.51 -8.26
CA GLU A 30 7.00 -0.32 -8.99
C GLU A 30 6.29 -0.21 -10.34
N ASP A 31 6.18 -1.33 -11.04
CA ASP A 31 5.53 -1.35 -12.34
C ASP A 31 4.09 -0.85 -12.25
N ILE A 32 3.42 -1.18 -11.14
CA ILE A 32 2.05 -0.75 -10.92
C ILE A 32 1.98 0.73 -10.56
N ILE A 33 2.89 1.17 -9.70
CA ILE A 33 2.94 2.55 -9.27
C ILE A 33 3.11 3.50 -10.45
N MET A 34 3.75 3.00 -11.50
CA MET A 34 3.98 3.80 -12.70
C MET A 34 2.89 3.56 -13.73
N ASP A 35 2.20 2.44 -13.63
CA ASP A 35 1.13 2.09 -14.56
C ASP A 35 0.13 3.24 -14.70
N ASP A 36 -0.20 3.59 -15.93
CA ASP A 36 -1.13 4.68 -16.20
C ASP A 36 -2.50 4.41 -15.60
N GLU A 37 -3.01 3.19 -15.79
CA GLU A 37 -4.31 2.81 -15.26
C GLU A 37 -4.35 2.96 -13.74
N PHE A 38 -3.17 2.88 -13.12
CA PHE A 38 -3.07 3.00 -11.66
C PHE A 38 -3.21 4.46 -11.23
N GLN A 39 -2.46 5.34 -11.88
CA GLN A 39 -2.51 6.77 -11.56
C GLN A 39 -3.92 7.29 -11.73
N LEU A 40 -4.64 6.76 -12.71
CA LEU A 40 -6.01 7.17 -12.98
C LEU A 40 -6.94 6.70 -11.86
N LEU A 41 -6.74 5.46 -11.42
CA LEU A 41 -7.55 4.87 -10.35
C LEU A 41 -7.41 5.66 -9.05
N GLN A 42 -6.16 5.87 -8.63
CA GLN A 42 -5.87 6.58 -7.38
C GLN A 42 -6.43 8.01 -7.41
N ARG A 43 -6.10 8.76 -8.44
CA ARG A 43 -6.53 10.14 -8.56
C ARG A 43 -8.06 10.25 -8.70
N ASN A 44 -8.65 9.36 -9.47
CA ASN A 44 -10.09 9.36 -9.70
C ASN A 44 -10.86 9.22 -8.39
N PHE A 45 -10.47 8.25 -7.57
CA PHE A 45 -11.14 8.01 -6.30
C PHE A 45 -10.77 9.06 -5.26
N MET A 46 -9.50 9.44 -5.22
CA MET A 46 -9.04 10.43 -4.25
C MET A 46 -9.74 11.77 -4.48
N ASP A 47 -10.19 11.99 -5.71
CA ASP A 47 -10.88 13.22 -6.09
C ASP A 47 -12.13 13.41 -5.24
N LYS A 48 -12.75 12.30 -4.84
CA LYS A 48 -13.95 12.35 -4.03
C LYS A 48 -13.64 12.17 -2.55
N TYR A 49 -12.71 11.26 -2.26
CA TYR A 49 -12.30 10.97 -0.89
C TYR A 49 -11.81 12.23 -0.18
N TYR A 50 -10.89 12.96 -0.82
CA TYR A 50 -10.33 14.17 -0.23
C TYR A 50 -11.42 15.22 0.04
N LEU A 51 -12.57 15.04 -0.59
CA LEU A 51 -13.69 15.97 -0.41
C LEU A 51 -14.44 15.65 0.88
N GLU A 52 -14.66 14.36 1.13
CA GLU A 52 -15.37 13.93 2.33
C GLU A 52 -14.49 14.09 3.56
N PHE A 53 -13.19 13.85 3.39
CA PHE A 53 -12.24 13.97 4.49
C PHE A 53 -11.89 15.44 4.75
N GLU A 54 -12.70 16.09 5.58
CA GLU A 54 -12.49 17.49 5.92
C GLU A 54 -11.96 17.62 7.34
N ASP A 55 -11.26 18.73 7.61
CA ASP A 55 -10.70 18.99 8.92
C ASP A 55 -11.73 19.62 9.84
N THR A 56 -12.38 18.78 10.66
CA THR A 56 -13.40 19.25 11.58
C THR A 56 -13.17 18.69 12.98
N GLU A 57 -14.02 19.11 13.92
CA GLU A 57 -13.92 18.64 15.30
C GLU A 57 -15.04 17.66 15.64
N GLU A 58 -15.96 17.49 14.70
CA GLU A 58 -17.09 16.58 14.88
C GLU A 58 -16.72 15.16 14.46
N ASN A 59 -17.14 14.18 15.26
CA ASN A 59 -16.86 12.79 14.97
C ASN A 59 -17.93 12.18 14.05
N LYS A 60 -17.51 11.72 12.87
CA LYS A 60 -18.43 11.13 11.92
C LYS A 60 -18.09 9.65 11.70
N LEU A 61 -19.12 8.81 11.70
CA LEU A 61 -18.94 7.37 11.50
C LEU A 61 -18.77 7.04 10.02
N ILE A 62 -19.00 8.04 9.16
CA ILE A 62 -18.89 7.85 7.72
C ILE A 62 -17.47 7.44 7.32
N TYR A 63 -16.52 7.63 8.23
CA TYR A 63 -15.13 7.29 7.98
C TYR A 63 -14.93 5.78 7.90
N THR A 64 -15.83 5.01 8.53
CA THR A 64 -15.73 3.56 8.52
C THR A 64 -16.10 2.97 7.15
N PRO A 65 -17.28 3.31 6.60
CA PRO A 65 -17.72 2.79 5.30
C PRO A 65 -16.76 3.21 4.17
N ILE A 66 -16.41 4.48 4.15
CA ILE A 66 -15.51 5.00 3.12
C ILE A 66 -14.17 4.28 3.15
N PHE A 67 -13.61 4.12 4.35
CA PHE A 67 -12.33 3.45 4.52
C PHE A 67 -12.37 2.03 3.95
N ASN A 68 -13.46 1.33 4.21
CA ASN A 68 -13.62 -0.05 3.72
C ASN A 68 -13.58 -0.08 2.19
N GLU A 69 -14.15 0.95 1.57
CA GLU A 69 -14.18 1.05 0.11
C GLU A 69 -12.77 1.16 -0.45
N TYR A 70 -11.93 1.92 0.24
CA TYR A 70 -10.55 2.12 -0.19
C TYR A 70 -9.74 0.83 -0.08
N ILE A 71 -10.02 0.04 0.95
CA ILE A 71 -9.32 -1.22 1.17
C ILE A 71 -9.75 -2.28 0.17
N SER A 72 -11.00 -2.21 -0.26
CA SER A 72 -11.54 -3.19 -1.21
C SER A 72 -11.23 -2.77 -2.65
N LEU A 73 -11.07 -1.47 -2.87
CA LEU A 73 -10.79 -0.96 -4.21
C LEU A 73 -9.29 -0.87 -4.48
N VAL A 74 -8.59 -0.01 -3.73
CA VAL A 74 -7.16 0.21 -3.91
C VAL A 74 -6.32 -0.95 -3.39
N GLU A 75 -6.39 -1.20 -2.08
CA GLU A 75 -5.60 -2.26 -1.46
C GLU A 75 -5.82 -3.60 -2.16
N LYS A 76 -7.07 -3.89 -2.49
CA LYS A 76 -7.40 -5.14 -3.17
C LYS A 76 -6.80 -5.18 -4.57
N TYR A 77 -6.80 -4.02 -5.23
CA TYR A 77 -6.25 -3.91 -6.57
C TYR A 77 -4.79 -4.36 -6.61
N ILE A 78 -4.03 -3.94 -5.60
CA ILE A 78 -2.62 -4.31 -5.50
C ILE A 78 -2.44 -5.80 -5.29
N GLU A 79 -3.22 -6.35 -4.35
CA GLU A 79 -3.15 -7.77 -4.03
C GLU A 79 -3.48 -8.64 -5.25
N GLU A 80 -4.55 -8.29 -5.96
CA GLU A 80 -4.99 -9.04 -7.13
C GLU A 80 -3.91 -9.06 -8.21
N GLN A 81 -3.36 -7.90 -8.52
CA GLN A 81 -2.32 -7.79 -9.55
C GLN A 81 -1.11 -8.66 -9.22
N LEU A 82 -0.79 -8.76 -7.93
CA LEU A 82 0.34 -9.56 -7.49
C LEU A 82 0.04 -11.05 -7.62
N LEU A 83 -1.21 -11.43 -7.39
CA LEU A 83 -1.61 -12.82 -7.48
C LEU A 83 -1.60 -13.32 -8.92
N GLN A 84 -1.77 -12.39 -9.86
CA GLN A 84 -1.77 -12.74 -11.28
C GLN A 84 -0.45 -13.36 -11.69
N ARG A 85 0.59 -13.16 -10.89
CA ARG A 85 1.91 -13.71 -11.17
C ARG A 85 2.35 -14.65 -10.06
N ILE A 86 1.84 -14.43 -8.86
CA ILE A 86 2.18 -15.26 -7.71
C ILE A 86 0.93 -15.73 -6.97
N PRO A 87 0.38 -16.89 -7.35
CA PRO A 87 -0.82 -17.45 -6.71
C PRO A 87 -0.54 -17.97 -5.31
N GLU A 88 0.72 -17.87 -4.89
CA GLU A 88 1.13 -18.32 -3.57
C GLU A 88 1.58 -17.13 -2.71
N PHE A 89 1.21 -15.94 -3.15
CA PHE A 89 1.57 -14.72 -2.43
C PHE A 89 0.61 -14.46 -1.26
N ASN A 90 1.16 -13.92 -0.18
CA ASN A 90 0.37 -13.60 1.00
C ASN A 90 0.58 -12.14 1.41
N MET A 91 -0.35 -11.29 1.00
CA MET A 91 -0.27 -9.86 1.30
C MET A 91 -0.30 -9.62 2.81
N ALA A 92 -0.81 -10.59 3.56
CA ALA A 92 -0.90 -10.46 5.01
C ALA A 92 0.48 -10.55 5.67
N ALA A 93 1.18 -11.65 5.45
CA ALA A 93 2.50 -11.86 6.02
C ALA A 93 3.53 -10.93 5.38
N PHE A 94 3.26 -10.53 4.14
CA PHE A 94 4.18 -9.65 3.42
C PHE A 94 4.23 -8.27 4.08
N THR A 95 3.06 -7.69 4.32
CA THR A 95 2.97 -6.37 4.95
C THR A 95 3.51 -6.40 6.37
N THR A 96 3.25 -7.50 7.08
CA THR A 96 3.72 -7.65 8.46
C THR A 96 5.24 -7.52 8.53
N THR A 97 5.93 -8.21 7.63
CA THR A 97 7.39 -8.19 7.60
C THR A 97 7.90 -6.88 6.98
N LEU A 98 7.11 -6.31 6.08
CA LEU A 98 7.48 -5.07 5.41
C LEU A 98 7.72 -3.96 6.43
N GLN A 99 6.88 -3.92 7.45
CA GLN A 99 6.99 -2.90 8.50
C GLN A 99 8.41 -2.83 9.05
N HIS A 100 9.07 -3.98 9.10
CA HIS A 100 10.44 -4.05 9.61
C HIS A 100 11.45 -3.80 8.50
N HIS A 101 11.14 -4.31 7.31
CA HIS A 101 12.01 -4.17 6.16
C HIS A 101 12.03 -2.72 5.68
N LYS A 102 11.20 -1.89 6.30
CA LYS A 102 11.12 -0.48 5.94
C LYS A 102 12.45 0.23 6.21
N ASP A 103 13.24 -0.34 7.12
CA ASP A 103 14.54 0.23 7.46
C ASP A 103 15.55 0.00 6.35
N GLU A 104 15.13 -0.75 5.33
CA GLU A 104 16.00 -1.05 4.19
C GLU A 104 15.41 -0.49 2.90
N VAL A 105 14.24 -0.99 2.52
CA VAL A 105 13.57 -0.53 1.30
C VAL A 105 13.29 0.96 1.36
N ALA A 106 13.13 1.58 0.20
CA ALA A 106 12.85 3.00 0.11
C ALA A 106 11.61 3.37 0.92
N GLY A 107 11.83 4.02 2.06
CA GLY A 107 10.73 4.42 2.91
C GLY A 107 9.80 5.41 2.23
N ASP A 108 10.35 6.21 1.34
CA ASP A 108 9.56 7.21 0.62
C ASP A 108 8.53 6.54 -0.30
N ILE A 109 8.91 5.41 -0.89
CA ILE A 109 8.01 4.69 -1.78
C ILE A 109 6.91 3.98 -1.00
N PHE A 110 7.29 3.23 0.04
CA PHE A 110 6.34 2.51 0.86
C PHE A 110 5.41 3.48 1.59
N ASP A 111 5.91 4.67 1.89
CA ASP A 111 5.13 5.68 2.62
C ASP A 111 3.74 5.83 1.99
N MET A 112 3.66 5.60 0.68
CA MET A 112 2.38 5.68 -0.02
C MET A 112 1.49 4.51 0.36
N LEU A 113 2.05 3.31 0.25
CA LEU A 113 1.34 2.09 0.57
C LEU A 113 1.03 2.01 2.07
N LEU A 114 1.81 2.75 2.85
CA LEU A 114 1.65 2.78 4.30
C LEU A 114 0.21 3.07 4.69
N THR A 115 -0.51 3.76 3.80
CA THR A 115 -1.91 4.10 4.05
C THR A 115 -2.79 2.85 4.24
N PHE A 116 -2.18 1.67 4.25
CA PHE A 116 -2.92 0.42 4.44
C PHE A 116 -3.56 0.38 5.82
N THR A 117 -2.91 1.01 6.79
CA THR A 117 -3.42 1.03 8.16
C THR A 117 -3.10 2.35 8.85
N ASP A 118 -2.06 3.05 8.38
CA ASP A 118 -1.66 4.32 8.97
C ASP A 118 -2.68 5.41 8.65
N PHE A 119 -3.69 5.52 9.50
CA PHE A 119 -4.76 6.51 9.32
C PHE A 119 -4.18 7.92 9.27
N LEU A 120 -3.06 8.13 9.95
CA LEU A 120 -2.41 9.43 9.99
C LEU A 120 -1.98 9.86 8.59
N ALA A 121 -1.41 8.92 7.84
CA ALA A 121 -0.93 9.20 6.49
C ALA A 121 -2.10 9.32 5.50
N PHE A 122 -3.20 8.66 5.83
CA PHE A 122 -4.39 8.69 4.98
C PHE A 122 -5.03 10.07 4.98
N LYS A 123 -5.33 10.58 6.17
CA LYS A 123 -5.94 11.90 6.32
C LYS A 123 -5.00 13.00 5.83
N GLU A 124 -3.74 12.92 6.25
CA GLU A 124 -2.75 13.90 5.85
C GLU A 124 -2.58 13.93 4.33
N MET A 125 -2.80 12.79 3.69
CA MET A 125 -2.68 12.69 2.24
C MET A 125 -3.77 13.52 1.56
N PHE A 126 -5.00 13.39 2.03
CA PHE A 126 -6.12 14.12 1.45
C PHE A 126 -5.98 15.62 1.69
N LEU A 127 -5.74 16.00 2.94
CA LEU A 127 -5.58 17.40 3.30
C LEU A 127 -4.47 18.05 2.48
N ASP A 128 -3.45 17.27 2.15
CA ASP A 128 -2.34 17.77 1.35
C ASP A 128 -2.80 18.11 -0.05
N TYR A 129 -3.55 17.19 -0.66
CA TYR A 129 -4.07 17.39 -2.01
C TYR A 129 -4.93 18.66 -2.07
N ARG A 130 -5.73 18.88 -1.03
CA ARG A 130 -6.60 20.05 -0.97
C ARG A 130 -5.78 21.33 -0.82
N ALA A 131 -4.74 21.27 -0.01
CA ALA A 131 -3.88 22.43 0.22
C ALA A 131 -3.23 22.89 -1.07
N GLU A 132 -2.95 21.96 -1.98
CA GLU A 132 -2.33 22.28 -3.25
C GLU A 132 -3.25 23.16 -4.10
N LYS A 133 -4.56 22.98 -3.92
CA LYS A 133 -5.55 23.74 -4.66
C LYS A 133 -5.41 25.24 -4.39
N GLU A 134 -4.95 25.57 -3.19
CA GLU A 134 -4.77 26.97 -2.80
C GLU A 134 -3.30 27.27 -2.50
N GLY A 135 -2.43 26.35 -2.90
CA GLY A 135 -1.00 26.54 -2.66
C GLY A 135 -0.16 26.00 -3.80
N ARG A 136 -0.25 26.64 -4.96
CA ARG A 136 0.52 26.22 -6.13
C ARG A 136 0.95 27.43 -6.96
N GLY A 137 2.25 27.58 -7.13
CA GLY A 137 2.78 28.69 -7.89
C GLY A 137 3.42 28.25 -9.21
N MET A 2 -10.24 -10.59 12.86
CA MET A 2 -11.66 -10.50 12.44
C MET A 2 -11.87 -11.13 11.07
N ASP A 3 -10.79 -11.66 10.50
CA ASP A 3 -10.84 -12.29 9.19
C ASP A 3 -10.20 -13.67 9.22
N ALA A 4 -10.86 -14.64 8.60
CA ALA A 4 -10.36 -16.01 8.56
C ALA A 4 -10.13 -16.56 9.96
N LEU A 5 -9.46 -17.70 10.04
CA LEU A 5 -9.17 -18.32 11.33
C LEU A 5 -7.89 -17.75 11.94
N GLU A 6 -7.30 -16.78 11.24
CA GLU A 6 -6.07 -16.15 11.72
C GLU A 6 -6.38 -14.91 12.55
N GLY A 7 -5.34 -14.32 13.14
CA GLY A 7 -5.52 -13.14 13.95
C GLY A 7 -4.50 -12.06 13.62
N GLU A 8 -4.45 -11.66 12.35
CA GLU A 8 -3.52 -10.63 11.89
C GLU A 8 -2.07 -11.08 12.08
N SER A 9 -1.55 -10.91 13.30
CA SER A 9 -0.18 -11.30 13.60
C SER A 9 -0.15 -12.50 14.53
N PHE A 10 0.66 -13.50 14.18
CA PHE A 10 0.79 -14.70 14.99
C PHE A 10 2.15 -15.37 14.78
N ALA A 11 2.56 -15.49 13.53
CA ALA A 11 3.84 -16.09 13.20
C ALA A 11 4.71 -15.15 12.37
N LEU A 12 6.01 -15.44 12.34
CA LEU A 12 6.96 -14.62 11.59
C LEU A 12 7.25 -15.22 10.23
N SER A 13 7.40 -14.36 9.23
CA SER A 13 7.69 -14.81 7.86
C SER A 13 9.11 -14.46 7.47
N PHE A 14 9.85 -15.47 6.99
CA PHE A 14 11.24 -15.26 6.57
C PHE A 14 11.59 -16.19 5.42
N SER A 15 10.62 -16.96 4.94
CA SER A 15 10.83 -17.89 3.85
C SER A 15 10.76 -17.17 2.50
N SER A 16 10.66 -15.84 2.56
CA SER A 16 10.58 -15.03 1.35
C SER A 16 11.09 -13.61 1.61
N ALA A 17 10.89 -13.13 2.84
CA ALA A 17 11.33 -11.80 3.21
C ALA A 17 12.85 -11.67 3.15
N SER A 18 13.55 -12.56 3.84
CA SER A 18 15.00 -12.54 3.86
C SER A 18 15.56 -13.22 2.61
N ASP A 19 14.67 -13.58 1.69
CA ASP A 19 15.08 -14.24 0.44
C ASP A 19 15.04 -13.25 -0.72
N ALA A 20 15.46 -13.72 -1.90
CA ALA A 20 15.47 -12.90 -3.09
C ALA A 20 14.06 -12.56 -3.56
N GLU A 21 13.10 -13.39 -3.18
CA GLU A 21 11.71 -13.20 -3.57
C GLU A 21 11.20 -11.82 -3.14
N PHE A 22 11.53 -11.42 -1.91
CA PHE A 22 11.12 -10.13 -1.39
C PHE A 22 11.49 -9.00 -2.37
N ASP A 23 12.74 -9.02 -2.82
CA ASP A 23 13.22 -8.01 -3.76
C ASP A 23 12.39 -8.01 -5.04
N ALA A 24 12.07 -9.21 -5.52
CA ALA A 24 11.28 -9.35 -6.74
C ALA A 24 9.92 -8.66 -6.59
N VAL A 25 9.29 -8.86 -5.43
CA VAL A 25 7.99 -8.26 -5.17
C VAL A 25 8.07 -6.74 -5.21
N VAL A 26 9.13 -6.19 -4.62
CA VAL A 26 9.33 -4.74 -4.58
C VAL A 26 9.32 -4.17 -6.00
N GLY A 27 9.97 -4.87 -6.92
CA GLY A 27 10.01 -4.41 -8.30
C GLY A 27 8.64 -4.40 -8.95
N TYR A 28 7.87 -5.46 -8.71
CA TYR A 28 6.52 -5.56 -9.28
C TYR A 28 5.63 -4.44 -8.76
N LEU A 29 5.83 -4.06 -7.50
CA LEU A 29 5.04 -3.00 -6.88
C LEU A 29 5.30 -1.66 -7.58
N GLU A 30 6.57 -1.36 -7.82
CA GLU A 30 6.95 -0.11 -8.48
C GLU A 30 6.27 0.02 -9.84
N ASP A 31 6.25 -1.08 -10.59
CA ASP A 31 5.64 -1.09 -11.91
C ASP A 31 4.18 -0.66 -11.83
N ILE A 32 3.52 -1.00 -10.73
CA ILE A 32 2.13 -0.64 -10.52
C ILE A 32 1.97 0.82 -10.13
N ILE A 33 2.91 1.31 -9.32
CA ILE A 33 2.89 2.70 -8.87
C ILE A 33 3.04 3.67 -10.04
N MET A 34 3.84 3.27 -11.03
CA MET A 34 4.08 4.11 -12.21
C MET A 34 3.20 3.67 -13.37
N ASP A 35 2.13 2.94 -13.07
CA ASP A 35 1.21 2.45 -14.10
C ASP A 35 0.16 3.51 -14.44
N ASP A 36 -0.06 3.72 -15.74
CA ASP A 36 -1.03 4.71 -16.21
C ASP A 36 -2.42 4.44 -15.63
N GLU A 37 -2.84 3.19 -15.69
CA GLU A 37 -4.16 2.81 -15.18
C GLU A 37 -4.27 3.05 -13.68
N PHE A 38 -3.13 2.97 -12.99
CA PHE A 38 -3.09 3.18 -11.54
C PHE A 38 -3.22 4.66 -11.20
N GLN A 39 -2.62 5.51 -12.02
CA GLN A 39 -2.67 6.95 -11.80
C GLN A 39 -4.08 7.50 -12.04
N LEU A 40 -4.72 7.04 -13.10
CA LEU A 40 -6.06 7.48 -13.45
C LEU A 40 -7.08 6.98 -12.43
N LEU A 41 -6.92 5.74 -12.00
CA LEU A 41 -7.83 5.13 -11.02
C LEU A 41 -7.66 5.76 -9.65
N GLN A 42 -6.41 5.97 -9.24
CA GLN A 42 -6.12 6.55 -7.93
C GLN A 42 -6.69 7.96 -7.81
N ARG A 43 -6.41 8.79 -8.81
CA ARG A 43 -6.90 10.17 -8.81
C ARG A 43 -8.42 10.22 -8.94
N ASN A 44 -8.98 9.26 -9.66
CA ASN A 44 -10.43 9.20 -9.86
C ASN A 44 -11.17 9.04 -8.54
N PHE A 45 -10.74 8.08 -7.73
CA PHE A 45 -11.39 7.84 -6.43
C PHE A 45 -10.97 8.86 -5.39
N MET A 46 -9.67 9.15 -5.32
CA MET A 46 -9.14 10.11 -4.35
C MET A 46 -9.83 11.46 -4.49
N ASP A 47 -10.27 11.77 -5.70
CA ASP A 47 -10.95 13.03 -5.97
C ASP A 47 -12.20 13.17 -5.11
N LYS A 48 -12.83 12.05 -4.81
CA LYS A 48 -14.04 12.04 -3.99
C LYS A 48 -13.69 11.88 -2.51
N TYR A 49 -12.68 11.06 -2.24
CA TYR A 49 -12.25 10.79 -0.87
C TYR A 49 -11.82 12.07 -0.15
N TYR A 50 -10.87 12.79 -0.74
CA TYR A 50 -10.36 14.01 -0.12
C TYR A 50 -11.48 15.01 0.13
N LEU A 51 -12.62 14.81 -0.54
CA LEU A 51 -13.77 15.70 -0.37
C LEU A 51 -14.54 15.34 0.89
N GLU A 52 -14.74 14.05 1.12
CA GLU A 52 -15.46 13.57 2.29
C GLU A 52 -14.66 13.81 3.57
N PHE A 53 -13.33 13.70 3.46
CA PHE A 53 -12.46 13.90 4.60
C PHE A 53 -12.30 15.39 4.92
N GLU A 54 -13.21 15.90 5.74
CA GLU A 54 -13.18 17.31 6.13
C GLU A 54 -12.47 17.48 7.46
N ASP A 55 -11.74 18.59 7.60
CA ASP A 55 -11.00 18.87 8.82
C ASP A 55 -11.95 19.30 9.94
N THR A 56 -12.36 18.33 10.75
CA THR A 56 -13.27 18.59 11.86
C THR A 56 -12.90 17.75 13.08
N GLU A 57 -12.97 18.37 14.26
CA GLU A 57 -12.65 17.69 15.50
C GLU A 57 -13.60 16.53 15.76
N GLU A 58 -14.90 16.79 15.57
CA GLU A 58 -15.91 15.77 15.78
C GLU A 58 -15.75 14.61 14.80
N ASN A 59 -15.69 13.39 15.34
CA ASN A 59 -15.54 12.20 14.51
C ASN A 59 -16.88 11.76 13.95
N LYS A 60 -16.87 11.33 12.68
CA LYS A 60 -18.09 10.88 12.02
C LYS A 60 -18.04 9.38 11.74
N LEU A 61 -19.22 8.76 11.64
CA LEU A 61 -19.31 7.34 11.36
C LEU A 61 -19.11 7.06 9.87
N ILE A 62 -19.12 8.13 9.08
CA ILE A 62 -18.95 8.01 7.64
C ILE A 62 -17.53 7.57 7.27
N TYR A 63 -16.60 7.76 8.20
CA TYR A 63 -15.21 7.39 7.98
C TYR A 63 -15.03 5.87 7.94
N THR A 64 -16.00 5.14 8.51
CA THR A 64 -15.92 3.68 8.53
C THR A 64 -16.21 3.08 7.15
N PRO A 65 -17.34 3.44 6.50
CA PRO A 65 -17.68 2.92 5.17
C PRO A 65 -16.69 3.37 4.10
N ILE A 66 -16.24 4.63 4.19
CA ILE A 66 -15.30 5.17 3.24
C ILE A 66 -13.99 4.37 3.25
N PHE A 67 -13.46 4.15 4.44
CA PHE A 67 -12.21 3.39 4.59
C PHE A 67 -12.36 1.98 4.05
N ASN A 68 -13.53 1.38 4.28
CA ASN A 68 -13.81 0.04 3.80
C ASN A 68 -13.78 -0.03 2.27
N GLU A 69 -14.15 1.08 1.64
CA GLU A 69 -14.16 1.15 0.19
C GLU A 69 -12.73 1.26 -0.35
N TYR A 70 -11.86 1.91 0.42
CA TYR A 70 -10.47 2.07 0.02
C TYR A 70 -9.73 0.74 0.09
N ILE A 71 -10.07 -0.05 1.12
CA ILE A 71 -9.45 -1.35 1.32
C ILE A 71 -9.96 -2.36 0.30
N SER A 72 -11.20 -2.16 -0.16
CA SER A 72 -11.80 -3.06 -1.13
C SER A 72 -11.43 -2.66 -2.55
N LEU A 73 -11.19 -1.37 -2.77
CA LEU A 73 -10.83 -0.88 -4.10
C LEU A 73 -9.31 -0.87 -4.32
N VAL A 74 -8.61 -0.09 -3.51
CA VAL A 74 -7.16 0.05 -3.64
C VAL A 74 -6.38 -1.18 -3.16
N GLU A 75 -6.52 -1.51 -1.88
CA GLU A 75 -5.80 -2.65 -1.31
C GLU A 75 -6.02 -3.92 -2.13
N LYS A 76 -7.24 -4.10 -2.61
CA LYS A 76 -7.58 -5.27 -3.41
C LYS A 76 -6.97 -5.16 -4.80
N TYR A 77 -6.85 -3.94 -5.31
CA TYR A 77 -6.28 -3.70 -6.62
C TYR A 77 -4.86 -4.28 -6.70
N ILE A 78 -4.01 -3.90 -5.75
CA ILE A 78 -2.65 -4.38 -5.72
C ILE A 78 -2.59 -5.89 -5.51
N GLU A 79 -3.42 -6.39 -4.59
CA GLU A 79 -3.48 -7.82 -4.30
C GLU A 79 -3.72 -8.64 -5.56
N GLU A 80 -4.76 -8.26 -6.31
CA GLU A 80 -5.10 -8.98 -7.54
C GLU A 80 -3.98 -8.91 -8.57
N GLN A 81 -3.43 -7.72 -8.77
CA GLN A 81 -2.35 -7.52 -9.73
C GLN A 81 -1.16 -8.41 -9.42
N LEU A 82 -0.88 -8.59 -8.13
CA LEU A 82 0.24 -9.42 -7.70
C LEU A 82 -0.07 -10.91 -7.91
N LEU A 83 -1.33 -11.27 -7.68
CA LEU A 83 -1.76 -12.65 -7.84
C LEU A 83 -1.68 -13.08 -9.31
N GLN A 84 -1.72 -12.10 -10.21
CA GLN A 84 -1.66 -12.37 -11.64
C GLN A 84 -0.41 -13.18 -12.00
N ARG A 85 0.65 -12.99 -11.22
CA ARG A 85 1.90 -13.71 -11.46
C ARG A 85 2.31 -14.55 -10.26
N ILE A 86 1.68 -14.28 -9.12
CA ILE A 86 1.98 -15.03 -7.89
C ILE A 86 0.69 -15.41 -7.16
N PRO A 87 0.07 -16.54 -7.53
CA PRO A 87 -1.17 -17.02 -6.89
C PRO A 87 -0.94 -17.51 -5.47
N GLU A 88 0.31 -17.49 -5.04
CA GLU A 88 0.67 -17.94 -3.71
C GLU A 88 1.19 -16.78 -2.88
N PHE A 89 0.91 -15.56 -3.33
CA PHE A 89 1.36 -14.35 -2.64
C PHE A 89 0.62 -14.17 -1.32
N ASN A 90 1.31 -13.59 -0.34
CA ASN A 90 0.73 -13.34 0.97
C ASN A 90 0.85 -11.86 1.35
N MET A 91 -0.18 -11.09 1.05
CA MET A 91 -0.19 -9.66 1.35
C MET A 91 -0.20 -9.41 2.86
N ALA A 92 -0.75 -10.37 3.61
CA ALA A 92 -0.82 -10.25 5.06
C ALA A 92 0.56 -10.31 5.70
N ALA A 93 1.29 -11.39 5.46
CA ALA A 93 2.61 -11.57 6.02
C ALA A 93 3.62 -10.61 5.39
N PHE A 94 3.38 -10.25 4.14
CA PHE A 94 4.27 -9.33 3.43
C PHE A 94 4.26 -7.95 4.07
N THR A 95 3.07 -7.41 4.31
CA THR A 95 2.94 -6.09 4.91
C THR A 95 3.51 -6.05 6.32
N THR A 96 3.21 -7.08 7.11
CA THR A 96 3.70 -7.16 8.48
C THR A 96 5.23 -7.05 8.54
N THR A 97 5.91 -7.77 7.65
CA THR A 97 7.36 -7.76 7.61
C THR A 97 7.88 -6.46 6.99
N LEU A 98 7.11 -5.90 6.07
CA LEU A 98 7.49 -4.67 5.40
C LEU A 98 7.51 -3.49 6.37
N GLN A 99 6.58 -3.49 7.33
CA GLN A 99 6.47 -2.41 8.31
C GLN A 99 7.80 -2.13 8.99
N HIS A 100 8.61 -3.17 9.22
CA HIS A 100 9.90 -3.00 9.86
C HIS A 100 11.02 -3.04 8.83
N HIS A 101 10.77 -3.76 7.74
CA HIS A 101 11.77 -3.88 6.67
C HIS A 101 11.90 -2.56 5.91
N LYS A 102 11.02 -1.61 6.24
CA LYS A 102 11.04 -0.31 5.58
C LYS A 102 12.32 0.45 5.91
N ASP A 103 13.01 0.00 6.97
CA ASP A 103 14.25 0.63 7.39
C ASP A 103 15.39 0.29 6.44
N GLU A 104 15.10 -0.56 5.45
CA GLU A 104 16.10 -0.97 4.47
C GLU A 104 15.73 -0.48 3.07
N VAL A 105 14.51 -0.76 2.64
CA VAL A 105 14.04 -0.35 1.32
C VAL A 105 13.75 1.15 1.28
N ALA A 106 13.18 1.60 0.18
CA ALA A 106 12.85 3.02 0.01
C ALA A 106 11.65 3.39 0.86
N GLY A 107 11.89 4.14 1.93
CA GLY A 107 10.81 4.55 2.81
C GLY A 107 9.85 5.51 2.13
N ASP A 108 10.37 6.30 1.19
CA ASP A 108 9.57 7.27 0.47
C ASP A 108 8.50 6.59 -0.38
N ILE A 109 8.86 5.48 -1.01
CA ILE A 109 7.93 4.74 -1.85
C ILE A 109 6.85 4.04 -1.02
N PHE A 110 7.28 3.32 0.01
CA PHE A 110 6.36 2.62 0.89
C PHE A 110 5.46 3.60 1.63
N ASP A 111 5.96 4.81 1.86
CA ASP A 111 5.22 5.83 2.57
C ASP A 111 3.81 5.98 2.00
N MET A 112 3.67 5.74 0.70
CA MET A 112 2.38 5.83 0.04
C MET A 112 1.51 4.64 0.43
N LEU A 113 2.09 3.45 0.35
CA LEU A 113 1.40 2.22 0.68
C LEU A 113 1.00 2.18 2.16
N LEU A 114 1.68 2.97 2.98
CA LEU A 114 1.39 3.02 4.41
C LEU A 114 -0.10 3.21 4.67
N THR A 115 -0.79 3.82 3.71
CA THR A 115 -2.23 4.06 3.83
C THR A 115 -3.00 2.76 4.06
N PHE A 116 -2.31 1.62 4.06
CA PHE A 116 -2.96 0.33 4.27
C PHE A 116 -3.57 0.25 5.67
N THR A 117 -3.00 1.00 6.60
CA THR A 117 -3.48 1.00 7.99
C THR A 117 -3.15 2.31 8.70
N ASP A 118 -2.08 2.96 8.27
CA ASP A 118 -1.66 4.23 8.87
C ASP A 118 -2.68 5.33 8.59
N PHE A 119 -3.70 5.40 9.43
CA PHE A 119 -4.74 6.41 9.27
C PHE A 119 -4.16 7.82 9.30
N LEU A 120 -3.08 7.99 10.05
CA LEU A 120 -2.42 9.29 10.15
C LEU A 120 -1.96 9.77 8.78
N ALA A 121 -1.38 8.85 8.00
CA ALA A 121 -0.89 9.17 6.67
C ALA A 121 -2.04 9.32 5.69
N PHE A 122 -3.16 8.64 5.98
CA PHE A 122 -4.33 8.68 5.13
C PHE A 122 -4.96 10.07 5.13
N LYS A 123 -5.26 10.57 6.33
CA LYS A 123 -5.87 11.89 6.47
C LYS A 123 -4.94 12.98 5.98
N GLU A 124 -3.67 12.90 6.38
CA GLU A 124 -2.68 13.89 5.98
C GLU A 124 -2.50 13.89 4.46
N MET A 125 -2.74 12.74 3.83
CA MET A 125 -2.61 12.63 2.39
C MET A 125 -3.67 13.47 1.68
N PHE A 126 -4.92 13.36 2.13
CA PHE A 126 -6.01 14.11 1.53
C PHE A 126 -5.85 15.61 1.77
N LEU A 127 -5.51 15.98 3.00
CA LEU A 127 -5.33 17.39 3.35
C LEU A 127 -4.16 17.99 2.59
N ASP A 128 -3.14 17.19 2.32
CA ASP A 128 -1.97 17.65 1.58
C ASP A 128 -2.33 17.94 0.13
N TYR A 129 -3.09 17.03 -0.48
CA TYR A 129 -3.51 17.18 -1.86
C TYR A 129 -4.31 18.46 -2.05
N ARG A 130 -5.27 18.69 -1.14
CA ARG A 130 -6.10 19.88 -1.20
C ARG A 130 -5.27 21.15 -1.12
N ALA A 131 -4.32 21.18 -0.19
CA ALA A 131 -3.46 22.33 0.00
C ALA A 131 -2.80 22.76 -1.31
N GLU A 132 -2.22 21.79 -2.02
CA GLU A 132 -1.57 22.06 -3.29
C GLU A 132 -2.58 22.25 -4.42
N LYS A 133 -3.78 21.70 -4.24
CA LYS A 133 -4.82 21.83 -5.26
C LYS A 133 -5.31 23.27 -5.35
N GLU A 134 -5.05 24.04 -4.30
CA GLU A 134 -5.46 25.44 -4.26
C GLU A 134 -4.88 26.22 -5.44
N GLY A 135 -3.77 25.72 -5.97
CA GLY A 135 -3.13 26.38 -7.11
C GLY A 135 -2.69 27.79 -6.79
N ARG A 136 -1.47 27.93 -6.28
CA ARG A 136 -0.93 29.25 -5.93
C ARG A 136 -0.71 30.09 -7.18
N GLY A 137 -0.43 31.38 -6.97
CA GLY A 137 -0.20 32.26 -8.09
C GLY A 137 0.88 33.29 -7.81
N MET A 2 -7.73 -7.41 19.74
CA MET A 2 -7.66 -6.33 18.73
C MET A 2 -6.31 -6.32 18.03
N ASP A 3 -5.43 -7.22 18.44
CA ASP A 3 -4.10 -7.32 17.85
C ASP A 3 -3.87 -8.70 17.25
N ALA A 4 -2.72 -8.88 16.61
CA ALA A 4 -2.37 -10.15 15.98
C ALA A 4 -0.87 -10.39 16.02
N LEU A 5 -0.43 -11.22 16.96
CA LEU A 5 0.98 -11.54 17.11
C LEU A 5 1.26 -13.00 16.74
N GLU A 6 0.65 -13.91 17.50
CA GLU A 6 0.83 -15.33 17.25
C GLU A 6 -0.52 -16.02 17.04
N GLY A 7 -0.56 -16.95 16.10
CA GLY A 7 -1.79 -17.67 15.81
C GLY A 7 -1.58 -19.17 15.67
N GLU A 8 -1.34 -19.62 14.45
CA GLU A 8 -1.13 -21.04 14.17
C GLU A 8 0.30 -21.45 14.55
N SER A 9 0.55 -22.75 14.53
CA SER A 9 1.87 -23.28 14.86
C SER A 9 2.81 -23.22 13.66
N PHE A 10 2.24 -23.25 12.46
CA PHE A 10 3.02 -23.19 11.24
C PHE A 10 3.24 -21.75 10.80
N ALA A 11 4.49 -21.42 10.49
CA ALA A 11 4.84 -20.07 10.05
C ALA A 11 5.86 -20.10 8.92
N LEU A 12 6.21 -21.31 8.49
CA LEU A 12 7.18 -21.50 7.42
C LEU A 12 8.53 -20.91 7.78
N SER A 13 9.52 -21.12 6.92
CA SER A 13 10.86 -20.59 7.15
C SER A 13 11.08 -19.29 6.39
N PHE A 14 10.02 -18.82 5.74
CA PHE A 14 10.07 -17.57 4.97
C PHE A 14 11.04 -17.70 3.81
N SER A 15 12.32 -17.47 4.08
CA SER A 15 13.37 -17.55 3.06
C SER A 15 12.98 -16.76 1.81
N SER A 16 12.26 -15.67 2.00
CA SER A 16 11.84 -14.83 0.89
C SER A 16 11.82 -13.35 1.29
N ALA A 17 11.39 -13.08 2.51
CA ALA A 17 11.34 -11.71 3.02
C ALA A 17 12.73 -11.10 3.11
N SER A 18 13.68 -11.87 3.62
CA SER A 18 15.06 -11.40 3.74
C SER A 18 15.91 -11.89 2.58
N ASP A 19 15.26 -12.45 1.58
CA ASP A 19 15.95 -12.97 0.40
C ASP A 19 15.74 -12.07 -0.81
N ALA A 20 16.20 -12.53 -1.97
CA ALA A 20 16.07 -11.78 -3.20
C ALA A 20 14.62 -11.66 -3.64
N GLU A 21 13.78 -12.60 -3.20
CA GLU A 21 12.37 -12.61 -3.55
C GLU A 21 11.70 -11.30 -3.17
N PHE A 22 12.03 -10.79 -1.98
CA PHE A 22 11.46 -9.54 -1.50
C PHE A 22 11.76 -8.41 -2.49
N ASP A 23 13.00 -8.35 -2.94
CA ASP A 23 13.42 -7.33 -3.90
C ASP A 23 12.60 -7.42 -5.17
N ALA A 24 12.30 -8.65 -5.60
CA ALA A 24 11.50 -8.87 -6.80
C ALA A 24 10.12 -8.26 -6.65
N VAL A 25 9.48 -8.53 -5.52
CA VAL A 25 8.15 -8.00 -5.24
C VAL A 25 8.14 -6.48 -5.29
N VAL A 26 9.18 -5.87 -4.74
CA VAL A 26 9.30 -4.42 -4.72
C VAL A 26 9.32 -3.87 -6.14
N GLY A 27 9.99 -4.58 -7.04
CA GLY A 27 10.06 -4.15 -8.42
C GLY A 27 8.70 -4.12 -9.08
N TYR A 28 7.96 -5.21 -8.93
CA TYR A 28 6.62 -5.31 -9.52
C TYR A 28 5.73 -4.19 -8.99
N LEU A 29 5.88 -3.88 -7.71
CA LEU A 29 5.09 -2.83 -7.08
C LEU A 29 5.34 -1.49 -7.76
N GLU A 30 6.61 -1.24 -8.08
CA GLU A 30 6.99 0.01 -8.73
C GLU A 30 6.27 0.17 -10.07
N ASP A 31 6.23 -0.90 -10.84
CA ASP A 31 5.56 -0.89 -12.13
C ASP A 31 4.09 -0.51 -11.98
N ILE A 32 3.49 -0.97 -10.88
CA ILE A 32 2.09 -0.67 -10.60
C ILE A 32 1.90 0.81 -10.32
N ILE A 33 2.80 1.38 -9.54
CA ILE A 33 2.75 2.80 -9.20
C ILE A 33 2.85 3.66 -10.45
N MET A 34 3.55 3.15 -11.46
CA MET A 34 3.72 3.88 -12.72
C MET A 34 2.68 3.46 -13.75
N ASP A 35 1.92 2.41 -13.42
CA ASP A 35 0.89 1.90 -14.33
C ASP A 35 -0.19 2.96 -14.57
N ASP A 36 -0.50 3.20 -15.84
CA ASP A 36 -1.51 4.19 -16.21
C ASP A 36 -2.86 3.86 -15.59
N GLU A 37 -3.29 2.61 -15.75
CA GLU A 37 -4.58 2.17 -15.20
C GLU A 37 -4.62 2.39 -13.69
N PHE A 38 -3.45 2.36 -13.06
CA PHE A 38 -3.35 2.56 -11.61
C PHE A 38 -3.57 4.02 -11.26
N GLN A 39 -3.08 4.91 -12.10
CA GLN A 39 -3.22 6.35 -11.87
C GLN A 39 -4.68 6.75 -11.97
N LEU A 40 -5.41 6.12 -12.89
CA LEU A 40 -6.83 6.39 -13.08
C LEU A 40 -7.64 5.90 -11.89
N LEU A 41 -7.28 4.72 -11.39
CA LEU A 41 -7.96 4.11 -10.25
C LEU A 41 -7.83 4.97 -9.01
N GLN A 42 -6.59 5.32 -8.66
CA GLN A 42 -6.30 6.13 -7.48
C GLN A 42 -6.87 7.54 -7.59
N ARG A 43 -6.63 8.19 -8.73
CA ARG A 43 -7.11 9.55 -8.94
C ARG A 43 -8.63 9.63 -8.98
N ASN A 44 -9.27 8.65 -9.58
CA ASN A 44 -10.73 8.62 -9.68
C ASN A 44 -11.39 8.61 -8.31
N PHE A 45 -10.93 7.72 -7.43
CA PHE A 45 -11.50 7.62 -6.09
C PHE A 45 -11.05 8.76 -5.18
N MET A 46 -9.77 9.10 -5.24
CA MET A 46 -9.22 10.17 -4.41
C MET A 46 -9.94 11.50 -4.69
N ASP A 47 -10.51 11.61 -5.89
CA ASP A 47 -11.22 12.81 -6.28
C ASP A 47 -12.39 13.08 -5.34
N LYS A 48 -12.96 12.02 -4.79
CA LYS A 48 -14.07 12.13 -3.86
C LYS A 48 -13.60 12.04 -2.42
N TYR A 49 -12.67 11.12 -2.18
CA TYR A 49 -12.12 10.92 -0.85
C TYR A 49 -11.59 12.22 -0.26
N TYR A 50 -10.73 12.90 -1.00
CA TYR A 50 -10.13 14.15 -0.53
C TYR A 50 -11.20 15.19 -0.19
N LEU A 51 -12.42 14.98 -0.70
CA LEU A 51 -13.52 15.89 -0.43
C LEU A 51 -14.14 15.61 0.93
N GLU A 52 -14.34 14.33 1.23
CA GLU A 52 -14.93 13.91 2.50
C GLU A 52 -14.02 14.26 3.67
N PHE A 53 -12.73 14.04 3.49
CA PHE A 53 -11.76 14.33 4.55
C PHE A 53 -11.53 15.83 4.68
N GLU A 54 -12.34 16.46 5.52
CA GLU A 54 -12.22 17.89 5.76
C GLU A 54 -11.63 18.18 7.14
N ASP A 55 -10.89 19.27 7.25
CA ASP A 55 -10.27 19.65 8.51
C ASP A 55 -11.32 20.16 9.50
N THR A 56 -11.79 19.28 10.36
CA THR A 56 -12.81 19.64 11.35
C THR A 56 -12.52 18.97 12.69
N GLU A 57 -13.43 19.17 13.65
CA GLU A 57 -13.29 18.58 14.98
C GLU A 57 -14.31 17.48 15.20
N GLU A 58 -15.46 17.61 14.55
CA GLU A 58 -16.54 16.63 14.69
C GLU A 58 -16.29 15.43 13.77
N ASN A 59 -16.20 14.25 14.37
CA ASN A 59 -15.97 13.03 13.61
C ASN A 59 -17.30 12.36 13.24
N LYS A 60 -17.51 12.16 11.94
CA LYS A 60 -18.74 11.54 11.46
C LYS A 60 -18.57 10.04 11.30
N LEU A 61 -19.68 9.32 11.19
CA LEU A 61 -19.64 7.87 11.03
C LEU A 61 -19.35 7.49 9.57
N ILE A 62 -19.43 8.46 8.67
CA ILE A 62 -19.18 8.22 7.26
C ILE A 62 -17.72 7.85 7.02
N TYR A 63 -16.88 8.07 8.03
CA TYR A 63 -15.46 7.76 7.93
C TYR A 63 -15.21 6.25 7.90
N THR A 64 -16.13 5.48 8.48
CA THR A 64 -15.98 4.03 8.51
C THR A 64 -16.24 3.40 7.13
N PRO A 65 -17.39 3.70 6.49
CA PRO A 65 -17.70 3.15 5.17
C PRO A 65 -16.66 3.53 4.12
N ILE A 66 -16.28 4.81 4.12
CA ILE A 66 -15.29 5.30 3.17
C ILE A 66 -13.98 4.53 3.31
N PHE A 67 -13.53 4.34 4.54
CA PHE A 67 -12.28 3.62 4.80
C PHE A 67 -12.39 2.18 4.32
N ASN A 68 -13.54 1.54 4.59
CA ASN A 68 -13.76 0.16 4.19
C ASN A 68 -13.77 0.03 2.67
N GLU A 69 -14.09 1.14 2.00
CA GLU A 69 -14.14 1.16 0.54
C GLU A 69 -12.73 1.21 -0.04
N TYR A 70 -11.85 1.95 0.63
CA TYR A 70 -10.46 2.10 0.19
C TYR A 70 -9.72 0.77 0.27
N ILE A 71 -10.01 0.00 1.31
CA ILE A 71 -9.36 -1.30 1.52
C ILE A 71 -9.90 -2.34 0.54
N SER A 72 -11.22 -2.37 0.38
CA SER A 72 -11.84 -3.35 -0.51
C SER A 72 -11.54 -3.05 -1.98
N LEU A 73 -11.42 -1.77 -2.32
CA LEU A 73 -11.16 -1.37 -3.70
C LEU A 73 -9.67 -1.27 -4.01
N VAL A 74 -8.96 -0.39 -3.31
CA VAL A 74 -7.53 -0.16 -3.54
C VAL A 74 -6.66 -1.33 -3.07
N GLU A 75 -6.70 -1.63 -1.77
CA GLU A 75 -5.88 -2.70 -1.21
C GLU A 75 -6.06 -4.00 -2.01
N LYS A 76 -7.30 -4.32 -2.33
CA LYS A 76 -7.60 -5.53 -3.10
C LYS A 76 -6.99 -5.43 -4.49
N TYR A 77 -7.08 -4.26 -5.11
CA TYR A 77 -6.54 -4.04 -6.43
C TYR A 77 -5.06 -4.41 -6.49
N ILE A 78 -4.28 -3.91 -5.53
CA ILE A 78 -2.85 -4.20 -5.48
C ILE A 78 -2.60 -5.70 -5.40
N GLU A 79 -3.37 -6.38 -4.54
CA GLU A 79 -3.23 -7.81 -4.36
C GLU A 79 -3.45 -8.57 -5.66
N GLU A 80 -4.41 -8.11 -6.46
CA GLU A 80 -4.73 -8.75 -7.72
C GLU A 80 -3.58 -8.61 -8.72
N GLN A 81 -3.02 -7.40 -8.81
CA GLN A 81 -1.92 -7.13 -9.72
C GLN A 81 -0.72 -8.05 -9.46
N LEU A 82 -0.46 -8.32 -8.18
CA LEU A 82 0.66 -9.18 -7.81
C LEU A 82 0.32 -10.66 -8.03
N LEU A 83 -0.89 -11.06 -7.67
CA LEU A 83 -1.32 -12.45 -7.81
C LEU A 83 -1.35 -12.87 -9.28
N GLN A 84 -1.47 -11.90 -10.18
CA GLN A 84 -1.52 -12.18 -11.61
C GLN A 84 -0.23 -12.83 -12.09
N ARG A 85 0.83 -12.70 -11.29
CA ARG A 85 2.11 -13.28 -11.65
C ARG A 85 2.62 -14.23 -10.57
N ILE A 86 2.13 -14.03 -9.34
CA ILE A 86 2.54 -14.86 -8.21
C ILE A 86 1.31 -15.37 -7.45
N PRO A 87 0.80 -16.57 -7.82
CA PRO A 87 -0.36 -17.17 -7.16
C PRO A 87 -0.02 -17.69 -5.77
N GLU A 88 1.24 -17.57 -5.39
CA GLU A 88 1.71 -18.03 -4.09
C GLU A 88 2.12 -16.84 -3.22
N PHE A 89 1.71 -15.65 -3.63
CA PHE A 89 2.03 -14.43 -2.89
C PHE A 89 1.09 -14.24 -1.72
N ASN A 90 1.60 -13.65 -0.64
CA ASN A 90 0.80 -13.39 0.55
C ASN A 90 0.83 -11.91 0.91
N MET A 91 -0.24 -11.21 0.57
CA MET A 91 -0.34 -9.78 0.83
C MET A 91 -0.34 -9.50 2.34
N ALA A 92 -0.87 -10.44 3.11
CA ALA A 92 -0.94 -10.30 4.56
C ALA A 92 0.45 -10.41 5.19
N ALA A 93 1.11 -11.54 4.96
CA ALA A 93 2.44 -11.78 5.51
C ALA A 93 3.46 -10.80 4.96
N PHE A 94 3.22 -10.29 3.75
CA PHE A 94 4.12 -9.34 3.12
C PHE A 94 4.09 -7.99 3.82
N THR A 95 2.89 -7.45 3.99
CA THR A 95 2.73 -6.15 4.64
C THR A 95 3.26 -6.16 6.06
N THR A 96 2.92 -7.22 6.81
CA THR A 96 3.36 -7.35 8.20
C THR A 96 4.88 -7.29 8.31
N THR A 97 5.56 -8.08 7.48
CA THR A 97 7.02 -8.11 7.49
C THR A 97 7.60 -6.82 6.94
N LEU A 98 6.86 -6.18 6.03
CA LEU A 98 7.30 -4.94 5.41
C LEU A 98 7.44 -3.81 6.44
N GLN A 99 6.55 -3.79 7.43
CA GLN A 99 6.56 -2.76 8.46
C GLN A 99 7.94 -2.57 9.06
N HIS A 100 8.62 -3.67 9.36
CA HIS A 100 9.97 -3.59 9.93
C HIS A 100 11.02 -3.64 8.83
N HIS A 101 10.68 -4.32 7.73
CA HIS A 101 11.59 -4.44 6.61
C HIS A 101 11.85 -3.08 5.96
N LYS A 102 11.12 -2.07 6.42
CA LYS A 102 11.27 -0.71 5.90
C LYS A 102 12.73 -0.25 6.00
N ASP A 103 13.50 -0.92 6.86
CA ASP A 103 14.91 -0.60 7.04
C ASP A 103 15.71 -0.85 5.76
N GLU A 104 15.05 -1.40 4.75
CA GLU A 104 15.70 -1.70 3.47
C GLU A 104 15.00 -0.97 2.33
N VAL A 105 13.75 -1.35 2.06
CA VAL A 105 12.97 -0.74 0.99
C VAL A 105 12.84 0.76 1.20
N ALA A 106 12.65 1.49 0.10
CA ALA A 106 12.52 2.94 0.16
C ALA A 106 11.31 3.33 1.01
N GLY A 107 11.59 3.92 2.16
CA GLY A 107 10.51 4.32 3.05
C GLY A 107 9.58 5.33 2.42
N ASP A 108 10.12 6.14 1.50
CA ASP A 108 9.33 7.16 0.81
C ASP A 108 8.25 6.52 -0.06
N ILE A 109 8.61 5.43 -0.74
CA ILE A 109 7.68 4.73 -1.61
C ILE A 109 6.60 4.01 -0.81
N PHE A 110 7.02 3.24 0.19
CA PHE A 110 6.09 2.50 1.02
C PHE A 110 5.19 3.43 1.82
N ASP A 111 5.71 4.62 2.13
CA ASP A 111 4.96 5.60 2.91
C ASP A 111 3.55 5.79 2.34
N MET A 112 3.42 5.56 1.03
CA MET A 112 2.12 5.68 0.37
C MET A 112 1.23 4.51 0.77
N LEU A 113 1.76 3.31 0.61
CA LEU A 113 1.03 2.09 0.95
C LEU A 113 0.79 2.00 2.45
N LEU A 114 1.63 2.71 3.22
CA LEU A 114 1.53 2.72 4.67
C LEU A 114 0.10 3.04 5.11
N THR A 115 -0.62 3.76 4.27
CA THR A 115 -2.01 4.14 4.56
C THR A 115 -2.91 2.91 4.67
N PHE A 116 -2.33 1.71 4.64
CA PHE A 116 -3.10 0.48 4.75
C PHE A 116 -3.77 0.38 6.12
N THR A 117 -3.08 0.88 7.13
CA THR A 117 -3.61 0.85 8.50
C THR A 117 -3.32 2.16 9.23
N ASP A 118 -2.29 2.87 8.79
CA ASP A 118 -1.93 4.14 9.41
C ASP A 118 -2.92 5.24 9.04
N PHE A 119 -3.96 5.38 9.86
CA PHE A 119 -5.00 6.38 9.63
C PHE A 119 -4.40 7.78 9.60
N LEU A 120 -3.46 8.04 10.50
CA LEU A 120 -2.80 9.35 10.58
C LEU A 120 -2.22 9.72 9.22
N ALA A 121 -1.67 8.74 8.53
CA ALA A 121 -1.07 8.96 7.21
C ALA A 121 -2.14 9.12 6.13
N PHE A 122 -3.26 8.42 6.31
CA PHE A 122 -4.36 8.48 5.36
C PHE A 122 -4.96 9.88 5.30
N LYS A 123 -5.36 10.40 6.45
CA LYS A 123 -5.94 11.73 6.53
C LYS A 123 -4.94 12.79 6.09
N GLU A 124 -3.73 12.73 6.65
CA GLU A 124 -2.68 13.68 6.30
C GLU A 124 -2.38 13.64 4.80
N MET A 125 -2.61 12.49 4.19
CA MET A 125 -2.36 12.33 2.75
C MET A 125 -3.33 13.19 1.94
N PHE A 126 -4.61 13.13 2.28
CA PHE A 126 -5.63 13.90 1.58
C PHE A 126 -5.49 15.39 1.87
N LEU A 127 -5.23 15.73 3.12
CA LEU A 127 -5.07 17.13 3.51
C LEU A 127 -3.92 17.79 2.75
N ASP A 128 -2.89 17.01 2.44
CA ASP A 128 -1.74 17.52 1.70
C ASP A 128 -2.11 17.78 0.24
N TYR A 129 -2.65 16.76 -0.41
CA TYR A 129 -3.05 16.88 -1.81
C TYR A 129 -4.02 18.05 -1.99
N ARG A 130 -4.83 18.28 -0.97
CA ARG A 130 -5.81 19.37 -1.00
C ARG A 130 -5.09 20.72 -0.89
N ALA A 131 -4.00 20.74 -0.13
CA ALA A 131 -3.23 21.97 0.06
C ALA A 131 -2.69 22.48 -1.27
N GLU A 132 -2.20 21.56 -2.10
CA GLU A 132 -1.68 21.93 -3.41
C GLU A 132 -2.75 22.54 -4.29
N LYS A 133 -4.00 22.14 -4.06
CA LYS A 133 -5.12 22.66 -4.84
C LYS A 133 -5.36 24.13 -4.55
N GLU A 134 -4.93 24.58 -3.37
CA GLU A 134 -5.09 25.97 -2.97
C GLU A 134 -4.05 26.85 -3.64
N GLY A 135 -3.11 26.21 -4.36
CA GLY A 135 -2.07 26.95 -5.03
C GLY A 135 -2.57 27.71 -6.24
N ARG A 136 -3.60 27.16 -6.90
CA ARG A 136 -4.16 27.79 -8.08
C ARG A 136 -5.65 28.11 -7.87
N GLY A 137 -6.23 27.52 -6.85
CA GLY A 137 -7.64 27.76 -6.56
C GLY A 137 -8.26 26.62 -5.77
N MET A 2 14.30 -35.27 18.88
CA MET A 2 13.07 -34.96 19.67
C MET A 2 12.86 -35.99 20.77
N ASP A 3 13.48 -37.15 20.62
CA ASP A 3 13.36 -38.22 21.61
C ASP A 3 14.69 -38.45 22.34
N ALA A 4 15.66 -39.01 21.62
CA ALA A 4 16.97 -39.27 22.20
C ALA A 4 18.00 -38.24 21.76
N LEU A 5 17.57 -37.34 20.89
CA LEU A 5 18.46 -36.29 20.37
C LEU A 5 18.29 -35.00 21.17
N GLU A 6 17.08 -34.47 21.20
CA GLU A 6 16.78 -33.25 21.93
C GLU A 6 17.61 -32.08 21.38
N GLY A 7 17.00 -31.27 20.53
CA GLY A 7 17.70 -30.14 19.95
C GLY A 7 17.10 -29.70 18.62
N GLU A 8 17.36 -30.50 17.59
CA GLU A 8 16.84 -30.20 16.26
C GLU A 8 15.33 -30.35 16.20
N SER A 9 14.63 -29.24 16.02
CA SER A 9 13.17 -29.26 15.95
C SER A 9 12.64 -27.98 15.31
N PHE A 10 13.40 -26.89 15.48
CA PHE A 10 13.00 -25.60 14.92
C PHE A 10 13.78 -25.30 13.65
N ALA A 11 13.08 -24.80 12.64
CA ALA A 11 13.70 -24.48 11.36
C ALA A 11 14.20 -23.02 11.35
N LEU A 12 15.51 -22.87 11.24
CA LEU A 12 16.12 -21.53 11.22
C LEU A 12 16.54 -21.15 9.80
N SER A 13 16.01 -21.87 8.81
CA SER A 13 16.33 -21.60 7.42
C SER A 13 16.00 -20.16 7.06
N PHE A 14 16.69 -19.63 6.04
CA PHE A 14 16.46 -18.26 5.60
C PHE A 14 15.03 -18.08 5.12
N SER A 15 14.50 -16.87 5.28
CA SER A 15 13.14 -16.57 4.86
C SER A 15 13.14 -15.86 3.50
N SER A 16 11.94 -15.67 2.94
CA SER A 16 11.81 -15.01 1.65
C SER A 16 12.14 -13.52 1.76
N ALA A 17 12.12 -13.02 2.99
CA ALA A 17 12.42 -11.61 3.24
C ALA A 17 13.83 -11.27 2.78
N SER A 18 14.82 -11.96 3.35
CA SER A 18 16.21 -11.71 2.99
C SER A 18 16.58 -12.45 1.71
N ASP A 19 15.58 -13.05 1.08
CA ASP A 19 15.79 -13.79 -0.17
C ASP A 19 15.42 -12.93 -1.37
N ALA A 20 15.80 -13.39 -2.56
CA ALA A 20 15.52 -12.66 -3.80
C ALA A 20 14.01 -12.52 -4.03
N GLU A 21 13.24 -13.40 -3.42
CA GLU A 21 11.79 -13.38 -3.56
C GLU A 21 11.20 -12.03 -3.14
N PHE A 22 11.61 -11.55 -1.96
CA PHE A 22 11.14 -10.27 -1.46
C PHE A 22 11.49 -9.13 -2.42
N ASP A 23 12.74 -9.10 -2.86
CA ASP A 23 13.21 -8.07 -3.78
C ASP A 23 12.37 -8.05 -5.05
N ALA A 24 11.91 -9.23 -5.48
CA ALA A 24 11.09 -9.34 -6.67
C ALA A 24 9.75 -8.66 -6.47
N VAL A 25 9.13 -8.89 -5.32
CA VAL A 25 7.83 -8.30 -5.00
C VAL A 25 7.91 -6.77 -5.04
N VAL A 26 8.94 -6.22 -4.41
CA VAL A 26 9.13 -4.78 -4.37
C VAL A 26 9.17 -4.20 -5.77
N GLY A 27 9.90 -4.88 -6.66
CA GLY A 27 10.00 -4.43 -8.04
C GLY A 27 8.65 -4.35 -8.71
N TYR A 28 7.86 -5.41 -8.55
CA TYR A 28 6.53 -5.46 -9.15
C TYR A 28 5.67 -4.31 -8.66
N LEU A 29 5.86 -3.92 -7.40
CA LEU A 29 5.12 -2.81 -6.82
C LEU A 29 5.39 -1.52 -7.57
N GLU A 30 6.67 -1.24 -7.80
CA GLU A 30 7.07 -0.03 -8.52
C GLU A 30 6.38 0.04 -9.88
N ASP A 31 6.31 -1.08 -10.58
CA ASP A 31 5.66 -1.13 -11.88
C ASP A 31 4.19 -0.76 -11.79
N ILE A 32 3.56 -1.15 -10.67
CA ILE A 32 2.15 -0.86 -10.46
C ILE A 32 1.93 0.62 -10.17
N ILE A 33 2.83 1.21 -9.39
CA ILE A 33 2.75 2.62 -9.04
C ILE A 33 2.89 3.49 -10.28
N MET A 34 3.64 2.99 -11.25
CA MET A 34 3.88 3.72 -12.50
C MET A 34 2.88 3.29 -13.57
N ASP A 35 2.00 2.35 -13.22
CA ASP A 35 1.01 1.86 -14.16
C ASP A 35 0.00 2.96 -14.51
N ASP A 36 -0.26 3.13 -15.80
CA ASP A 36 -1.19 4.14 -16.28
C ASP A 36 -2.57 3.96 -15.66
N GLU A 37 -3.11 2.74 -15.74
CA GLU A 37 -4.42 2.45 -15.18
C GLU A 37 -4.47 2.73 -13.69
N PHE A 38 -3.30 2.64 -13.04
CA PHE A 38 -3.21 2.88 -11.61
C PHE A 38 -3.25 4.37 -11.29
N GLN A 39 -2.63 5.17 -12.14
CA GLN A 39 -2.60 6.62 -11.95
C GLN A 39 -3.97 7.24 -12.16
N LEU A 40 -4.61 6.86 -13.27
CA LEU A 40 -5.94 7.37 -13.59
C LEU A 40 -6.96 6.96 -12.54
N LEU A 41 -6.87 5.70 -12.10
CA LEU A 41 -7.78 5.17 -11.11
C LEU A 41 -7.58 5.83 -9.74
N GLN A 42 -6.32 5.96 -9.33
CA GLN A 42 -5.99 6.56 -8.05
C GLN A 42 -6.52 7.99 -7.95
N ARG A 43 -6.24 8.80 -8.97
CA ARG A 43 -6.68 10.19 -9.00
C ARG A 43 -8.19 10.28 -9.10
N ASN A 44 -8.81 9.32 -9.79
CA ASN A 44 -10.25 9.31 -9.99
C ASN A 44 -10.99 9.19 -8.66
N PHE A 45 -10.56 8.27 -7.82
CA PHE A 45 -11.20 8.06 -6.51
C PHE A 45 -10.76 9.12 -5.50
N MET A 46 -9.48 9.46 -5.51
CA MET A 46 -8.97 10.46 -4.57
C MET A 46 -9.67 11.80 -4.75
N ASP A 47 -10.19 12.04 -5.94
CA ASP A 47 -10.90 13.27 -6.24
C ASP A 47 -12.15 13.41 -5.37
N LYS A 48 -12.74 12.27 -5.03
CA LYS A 48 -13.94 12.25 -4.20
C LYS A 48 -13.60 12.11 -2.72
N TYR A 49 -12.67 11.20 -2.43
CA TYR A 49 -12.24 10.95 -1.06
C TYR A 49 -11.75 12.22 -0.38
N TYR A 50 -10.85 12.95 -1.03
CA TYR A 50 -10.30 14.17 -0.45
C TYR A 50 -11.38 15.20 -0.16
N LEU A 51 -12.56 15.02 -0.78
CA LEU A 51 -13.68 15.93 -0.57
C LEU A 51 -14.43 15.57 0.71
N GLU A 52 -14.67 14.29 0.91
CA GLU A 52 -15.38 13.82 2.09
C GLU A 52 -14.55 14.04 3.36
N PHE A 53 -13.25 13.88 3.24
CA PHE A 53 -12.36 14.07 4.38
C PHE A 53 -12.28 15.53 4.79
N GLU A 54 -13.15 15.92 5.72
CA GLU A 54 -13.18 17.30 6.21
C GLU A 54 -12.31 17.45 7.46
N ASP A 55 -11.60 18.57 7.54
CA ASP A 55 -10.74 18.83 8.69
C ASP A 55 -11.54 19.34 9.87
N THR A 56 -11.89 18.43 10.78
CA THR A 56 -12.66 18.78 11.97
C THR A 56 -12.20 17.99 13.19
N GLU A 57 -12.98 18.06 14.26
CA GLU A 57 -12.64 17.35 15.49
C GLU A 57 -13.65 16.25 15.79
N GLU A 58 -14.85 16.39 15.22
CA GLU A 58 -15.91 15.40 15.42
C GLU A 58 -15.75 14.22 14.47
N ASN A 59 -15.78 13.02 15.02
CA ASN A 59 -15.63 11.81 14.22
C ASN A 59 -16.98 11.35 13.66
N LYS A 60 -17.09 11.30 12.34
CA LYS A 60 -18.32 10.89 11.68
C LYS A 60 -18.30 9.39 11.38
N LEU A 61 -19.49 8.80 11.26
CA LEU A 61 -19.61 7.38 10.97
C LEU A 61 -19.41 7.09 9.48
N ILE A 62 -19.37 8.15 8.68
CA ILE A 62 -19.19 8.02 7.23
C ILE A 62 -17.78 7.55 6.89
N TYR A 63 -16.87 7.69 7.85
CA TYR A 63 -15.47 7.28 7.64
C TYR A 63 -15.35 5.77 7.59
N THR A 64 -16.34 5.06 8.12
CA THR A 64 -16.32 3.60 8.11
C THR A 64 -16.60 3.03 6.72
N PRO A 65 -17.70 3.44 6.06
CA PRO A 65 -18.04 2.95 4.71
C PRO A 65 -17.00 3.38 3.68
N ILE A 66 -16.55 4.63 3.80
CA ILE A 66 -15.54 5.17 2.87
C ILE A 66 -14.27 4.35 2.92
N PHE A 67 -13.80 4.05 4.14
CA PHE A 67 -12.59 3.27 4.32
C PHE A 67 -12.74 1.87 3.74
N ASN A 68 -13.93 1.31 3.88
CA ASN A 68 -14.22 -0.02 3.37
C ASN A 68 -14.09 -0.05 1.85
N GLU A 69 -14.48 1.04 1.20
CA GLU A 69 -14.41 1.15 -0.25
C GLU A 69 -12.96 1.25 -0.71
N TYR A 70 -12.14 1.91 0.09
CA TYR A 70 -10.73 2.08 -0.24
C TYR A 70 -9.98 0.76 -0.18
N ILE A 71 -10.30 -0.05 0.83
CA ILE A 71 -9.66 -1.35 1.01
C ILE A 71 -10.16 -2.36 -0.02
N SER A 72 -11.40 -2.18 -0.47
CA SER A 72 -11.98 -3.09 -1.46
C SER A 72 -11.55 -2.70 -2.87
N LEU A 73 -11.35 -1.41 -3.11
CA LEU A 73 -10.96 -0.91 -4.43
C LEU A 73 -9.44 -0.86 -4.60
N VAL A 74 -8.78 -0.05 -3.77
CA VAL A 74 -7.33 0.13 -3.86
C VAL A 74 -6.55 -1.09 -3.35
N GLU A 75 -6.73 -1.43 -2.07
CA GLU A 75 -6.01 -2.54 -1.47
C GLU A 75 -6.16 -3.81 -2.31
N LYS A 76 -7.39 -4.11 -2.74
CA LYS A 76 -7.65 -5.30 -3.55
C LYS A 76 -7.00 -5.17 -4.92
N TYR A 77 -6.92 -3.95 -5.43
CA TYR A 77 -6.31 -3.70 -6.75
C TYR A 77 -4.87 -4.22 -6.77
N ILE A 78 -4.05 -3.74 -5.85
CA ILE A 78 -2.66 -4.17 -5.77
C ILE A 78 -2.54 -5.67 -5.57
N GLU A 79 -3.35 -6.20 -4.66
CA GLU A 79 -3.33 -7.63 -4.36
C GLU A 79 -3.58 -8.47 -5.61
N GLU A 80 -4.65 -8.14 -6.34
CA GLU A 80 -4.98 -8.88 -7.56
C GLU A 80 -3.84 -8.86 -8.57
N GLN A 81 -3.24 -7.68 -8.76
CA GLN A 81 -2.15 -7.52 -9.72
C GLN A 81 -0.97 -8.44 -9.40
N LEU A 82 -0.63 -8.58 -8.12
CA LEU A 82 0.49 -9.41 -7.72
C LEU A 82 0.13 -10.89 -7.74
N LEU A 83 -1.11 -11.19 -7.35
CA LEU A 83 -1.60 -12.56 -7.29
C LEU A 83 -1.74 -13.16 -8.69
N GLN A 84 -1.88 -12.30 -9.70
CA GLN A 84 -2.02 -12.76 -11.07
C GLN A 84 -0.86 -13.67 -11.46
N ARG A 85 0.24 -13.57 -10.72
CA ARG A 85 1.42 -14.40 -10.98
C ARG A 85 1.79 -15.22 -9.76
N ILE A 86 1.53 -14.68 -8.58
CA ILE A 86 1.84 -15.36 -7.32
C ILE A 86 0.57 -15.80 -6.60
N PRO A 87 0.11 -17.05 -6.83
CA PRO A 87 -1.11 -17.57 -6.19
C PRO A 87 -0.89 -17.94 -4.73
N GLU A 88 0.35 -17.87 -4.29
CA GLU A 88 0.70 -18.20 -2.91
C GLU A 88 1.14 -16.95 -2.16
N PHE A 89 0.86 -15.79 -2.73
CA PHE A 89 1.23 -14.52 -2.14
C PHE A 89 0.53 -14.29 -0.81
N ASN A 90 1.20 -13.58 0.08
CA ASN A 90 0.65 -13.26 1.40
C ASN A 90 0.75 -11.77 1.67
N MET A 91 -0.32 -11.05 1.35
CA MET A 91 -0.36 -9.60 1.56
C MET A 91 -0.19 -9.24 3.03
N ALA A 92 -0.70 -10.10 3.90
CA ALA A 92 -0.62 -9.87 5.34
C ALA A 92 0.81 -10.06 5.85
N ALA A 93 1.40 -11.21 5.50
CA ALA A 93 2.76 -11.51 5.94
C ALA A 93 3.78 -10.60 5.26
N PHE A 94 3.43 -10.10 4.08
CA PHE A 94 4.33 -9.22 3.34
C PHE A 94 4.45 -7.85 4.01
N THR A 95 3.30 -7.23 4.26
CA THR A 95 3.28 -5.91 4.90
C THR A 95 3.93 -5.96 6.27
N THR A 96 3.64 -7.02 7.03
CA THR A 96 4.21 -7.18 8.36
C THR A 96 5.74 -7.19 8.33
N THR A 97 6.30 -7.93 7.38
CA THR A 97 7.75 -8.02 7.24
C THR A 97 8.34 -6.74 6.67
N LEU A 98 7.54 -6.06 5.85
CA LEU A 98 7.96 -4.81 5.22
C LEU A 98 8.16 -3.70 6.25
N GLN A 99 7.32 -3.69 7.28
CA GLN A 99 7.39 -2.67 8.33
C GLN A 99 8.80 -2.53 8.89
N HIS A 100 9.50 -3.64 9.03
CA HIS A 100 10.86 -3.60 9.57
C HIS A 100 11.89 -3.68 8.44
N HIS A 101 11.51 -4.33 7.35
CA HIS A 101 12.41 -4.48 6.21
C HIS A 101 12.60 -3.14 5.49
N LYS A 102 11.80 -2.15 5.87
CA LYS A 102 11.88 -0.83 5.26
C LYS A 102 13.22 -0.18 5.54
N ASP A 103 13.97 -0.78 6.48
CA ASP A 103 15.29 -0.26 6.84
C ASP A 103 16.18 -0.15 5.62
N GLU A 104 15.89 -0.95 4.60
CA GLU A 104 16.66 -0.94 3.36
C GLU A 104 15.79 -0.49 2.19
N VAL A 105 14.50 -0.81 2.26
CA VAL A 105 13.57 -0.43 1.20
C VAL A 105 13.26 1.07 1.26
N ALA A 106 13.03 1.67 0.11
CA ALA A 106 12.71 3.09 0.03
C ALA A 106 11.47 3.43 0.86
N GLY A 107 11.70 4.09 1.99
CA GLY A 107 10.59 4.46 2.85
C GLY A 107 9.65 5.45 2.20
N ASP A 108 10.18 6.28 1.31
CA ASP A 108 9.38 7.28 0.61
C ASP A 108 8.32 6.63 -0.25
N ILE A 109 8.68 5.55 -0.94
CA ILE A 109 7.75 4.85 -1.81
C ILE A 109 6.68 4.11 -1.01
N PHE A 110 7.11 3.34 -0.02
CA PHE A 110 6.18 2.59 0.82
C PHE A 110 5.29 3.53 1.62
N ASP A 111 5.81 4.71 1.94
CA ASP A 111 5.07 5.69 2.74
C ASP A 111 3.66 5.88 2.18
N MET A 112 3.50 5.67 0.88
CA MET A 112 2.20 5.79 0.24
C MET A 112 1.31 4.64 0.67
N LEU A 113 1.82 3.43 0.49
CA LEU A 113 1.09 2.22 0.85
C LEU A 113 0.87 2.14 2.35
N LEU A 114 1.73 2.84 3.10
CA LEU A 114 1.66 2.85 4.56
C LEU A 114 0.23 3.16 5.04
N THR A 115 -0.51 3.89 4.22
CA THR A 115 -1.89 4.26 4.56
C THR A 115 -2.77 3.02 4.78
N PHE A 116 -2.19 1.83 4.63
CA PHE A 116 -2.92 0.59 4.83
C PHE A 116 -3.37 0.44 6.27
N THR A 117 -2.69 1.14 7.18
CA THR A 117 -3.03 1.09 8.59
C THR A 117 -2.82 2.43 9.28
N ASP A 118 -1.89 3.22 8.75
CA ASP A 118 -1.60 4.54 9.32
C ASP A 118 -2.69 5.54 8.95
N PHE A 119 -3.77 5.53 9.71
CA PHE A 119 -4.90 6.43 9.47
C PHE A 119 -4.45 7.89 9.54
N LEU A 120 -3.40 8.15 10.30
CA LEU A 120 -2.88 9.51 10.45
C LEU A 120 -2.32 10.03 9.13
N ALA A 121 -1.63 9.16 8.39
CA ALA A 121 -1.04 9.55 7.12
C ALA A 121 -2.11 9.64 6.03
N PHE A 122 -3.13 8.80 6.15
CA PHE A 122 -4.22 8.77 5.19
C PHE A 122 -4.99 10.09 5.19
N LYS A 123 -5.44 10.49 6.37
CA LYS A 123 -6.19 11.73 6.52
C LYS A 123 -5.33 12.93 6.11
N GLU A 124 -4.12 12.99 6.62
CA GLU A 124 -3.21 14.09 6.31
C GLU A 124 -2.89 14.11 4.81
N MET A 125 -2.92 12.94 4.18
CA MET A 125 -2.64 12.84 2.75
C MET A 125 -3.66 13.63 1.95
N PHE A 126 -4.94 13.46 2.28
CA PHE A 126 -6.02 14.16 1.59
C PHE A 126 -5.97 15.65 1.90
N LEU A 127 -5.82 15.99 3.18
CA LEU A 127 -5.77 17.38 3.61
C LEU A 127 -4.65 18.14 2.88
N ASP A 128 -3.54 17.45 2.64
CA ASP A 128 -2.40 18.05 1.97
C ASP A 128 -2.71 18.29 0.49
N TYR A 129 -3.39 17.32 -0.13
CA TYR A 129 -3.75 17.40 -1.53
C TYR A 129 -4.62 18.64 -1.80
N ARG A 130 -5.62 18.84 -0.95
CA ARG A 130 -6.53 19.98 -1.09
C ARG A 130 -5.77 21.31 -0.99
N ALA A 131 -5.00 21.46 0.09
CA ALA A 131 -4.23 22.68 0.30
C ALA A 131 -3.30 22.98 -0.87
N GLU A 132 -2.91 21.93 -1.59
CA GLU A 132 -2.02 22.09 -2.73
C GLU A 132 -2.67 22.92 -3.83
N LYS A 133 -3.98 22.77 -4.01
CA LYS A 133 -4.70 23.52 -5.03
C LYS A 133 -4.80 24.99 -4.66
N GLU A 134 -4.91 25.27 -3.37
CA GLU A 134 -5.00 26.65 -2.89
C GLU A 134 -3.66 27.36 -2.99
N GLY A 135 -2.64 26.62 -3.39
CA GLY A 135 -1.30 27.20 -3.52
C GLY A 135 -0.75 27.68 -2.19
N ARG A 136 -0.63 26.77 -1.24
CA ARG A 136 -0.10 27.10 0.09
C ARG A 136 -0.98 28.14 0.78
N GLY A 137 -1.80 27.69 1.73
CA GLY A 137 -2.66 28.59 2.44
C GLY A 137 -3.35 27.94 3.64
N MET A 2 18.57 -35.06 -17.93
CA MET A 2 19.63 -35.53 -18.86
C MET A 2 20.81 -36.12 -18.09
N ASP A 3 20.82 -35.89 -16.79
CA ASP A 3 21.90 -36.40 -15.93
C ASP A 3 21.44 -37.63 -15.16
N ALA A 4 20.14 -37.70 -14.89
CA ALA A 4 19.58 -38.83 -14.16
C ALA A 4 18.14 -39.10 -14.60
N LEU A 5 17.81 -40.38 -14.79
CA LEU A 5 16.48 -40.78 -15.21
C LEU A 5 15.43 -40.32 -14.20
N GLU A 6 14.31 -39.81 -14.71
CA GLU A 6 13.22 -39.33 -13.87
C GLU A 6 13.69 -38.22 -12.93
N GLY A 7 12.80 -37.78 -12.06
CA GLY A 7 13.13 -36.72 -11.12
C GLY A 7 12.11 -36.58 -10.01
N GLU A 8 12.06 -35.41 -9.39
CA GLU A 8 11.11 -35.15 -8.31
C GLU A 8 10.51 -33.75 -8.45
N SER A 9 9.62 -33.41 -7.53
CA SER A 9 8.97 -32.10 -7.53
C SER A 9 9.92 -31.02 -7.05
N PHE A 10 10.10 -29.99 -7.86
CA PHE A 10 10.98 -28.87 -7.52
C PHE A 10 10.34 -27.97 -6.47
N ALA A 11 11.13 -27.07 -5.91
CA ALA A 11 10.63 -26.14 -4.89
C ALA A 11 11.29 -24.77 -5.04
N LEU A 12 10.91 -23.85 -4.15
CA LEU A 12 11.46 -22.50 -4.18
C LEU A 12 12.98 -22.52 -4.01
N SER A 13 13.66 -21.61 -4.70
CA SER A 13 15.11 -21.52 -4.64
C SER A 13 15.56 -20.86 -3.34
N PHE A 14 16.27 -21.61 -2.51
CA PHE A 14 16.77 -21.11 -1.24
C PHE A 14 15.61 -20.70 -0.32
N SER A 15 15.12 -19.47 -0.50
CA SER A 15 14.02 -18.96 0.31
C SER A 15 13.25 -17.88 -0.45
N SER A 16 12.30 -17.27 0.24
CA SER A 16 11.48 -16.21 -0.36
C SER A 16 11.60 -14.91 0.43
N ALA A 17 11.35 -15.00 1.74
CA ALA A 17 11.43 -13.84 2.61
C ALA A 17 12.87 -13.39 2.80
N SER A 18 13.80 -14.16 2.25
CA SER A 18 15.22 -13.84 2.35
C SER A 18 15.51 -12.46 1.78
N ASP A 19 15.51 -12.35 0.46
CA ASP A 19 15.77 -11.08 -0.21
C ASP A 19 15.53 -11.17 -1.71
N ALA A 20 15.64 -12.38 -2.24
CA ALA A 20 15.44 -12.60 -3.68
C ALA A 20 13.98 -12.38 -4.07
N GLU A 21 13.08 -13.13 -3.43
CA GLU A 21 11.66 -13.02 -3.72
C GLU A 21 11.08 -11.75 -3.14
N PHE A 22 11.52 -11.40 -1.93
CA PHE A 22 11.04 -10.18 -1.27
C PHE A 22 11.25 -8.96 -2.16
N ASP A 23 12.49 -8.75 -2.59
CA ASP A 23 12.82 -7.63 -3.45
C ASP A 23 12.04 -7.71 -4.75
N ALA A 24 11.88 -8.94 -5.26
CA ALA A 24 11.15 -9.15 -6.50
C ALA A 24 9.75 -8.52 -6.42
N VAL A 25 9.08 -8.74 -5.28
CA VAL A 25 7.76 -8.19 -5.08
C VAL A 25 7.80 -6.67 -5.09
N VAL A 26 8.82 -6.11 -4.44
CA VAL A 26 8.99 -4.66 -4.39
C VAL A 26 9.01 -4.07 -5.80
N GLY A 27 9.67 -4.78 -6.72
CA GLY A 27 9.75 -4.32 -8.09
C GLY A 27 8.38 -4.26 -8.74
N TYR A 28 7.62 -5.34 -8.60
CA TYR A 28 6.27 -5.40 -9.17
C TYR A 28 5.41 -4.26 -8.65
N LEU A 29 5.65 -3.87 -7.40
CA LEU A 29 4.90 -2.78 -6.77
C LEU A 29 5.14 -1.47 -7.50
N GLU A 30 6.40 -1.18 -7.79
CA GLU A 30 6.76 0.05 -8.49
C GLU A 30 6.08 0.12 -9.85
N ASP A 31 5.98 -1.02 -10.52
CA ASP A 31 5.34 -1.08 -11.82
C ASP A 31 3.85 -0.72 -11.73
N ILE A 32 3.23 -1.11 -10.61
CA ILE A 32 1.82 -0.82 -10.39
C ILE A 32 1.59 0.66 -10.14
N ILE A 33 2.49 1.28 -9.38
CA ILE A 33 2.38 2.70 -9.06
C ILE A 33 2.54 3.56 -10.32
N MET A 34 3.39 3.11 -11.24
CA MET A 34 3.63 3.84 -12.47
C MET A 34 2.72 3.35 -13.59
N ASP A 35 1.71 2.56 -13.23
CA ASP A 35 0.77 2.03 -14.21
C ASP A 35 -0.24 3.11 -14.62
N ASP A 36 -0.48 3.21 -15.93
CA ASP A 36 -1.41 4.19 -16.47
C ASP A 36 -2.80 4.06 -15.82
N GLU A 37 -3.34 2.84 -15.88
CA GLU A 37 -4.66 2.57 -15.31
C GLU A 37 -4.70 2.90 -13.83
N PHE A 38 -3.54 2.86 -13.18
CA PHE A 38 -3.44 3.16 -11.75
C PHE A 38 -3.55 4.66 -11.50
N GLN A 39 -3.03 5.46 -12.43
CA GLN A 39 -3.06 6.90 -12.30
C GLN A 39 -4.48 7.44 -12.43
N LEU A 40 -5.17 7.06 -13.50
CA LEU A 40 -6.54 7.51 -13.74
C LEU A 40 -7.47 7.01 -12.63
N LEU A 41 -7.30 5.76 -12.23
CA LEU A 41 -8.12 5.16 -11.18
C LEU A 41 -7.89 5.84 -9.84
N GLN A 42 -6.63 6.11 -9.52
CA GLN A 42 -6.27 6.75 -8.26
C GLN A 42 -6.91 8.13 -8.14
N ARG A 43 -6.69 8.97 -9.14
CA ARG A 43 -7.24 10.32 -9.14
C ARG A 43 -8.76 10.31 -9.14
N ASN A 44 -9.34 9.31 -9.80
CA ASN A 44 -10.79 9.20 -9.90
C ASN A 44 -11.45 9.05 -8.52
N PHE A 45 -10.91 8.16 -7.70
CA PHE A 45 -11.46 7.94 -6.36
C PHE A 45 -11.01 9.02 -5.39
N MET A 46 -9.74 9.41 -5.45
CA MET A 46 -9.21 10.44 -4.57
C MET A 46 -10.00 11.74 -4.71
N ASP A 47 -10.63 11.93 -5.86
CA ASP A 47 -11.41 13.12 -6.13
C ASP A 47 -12.62 13.21 -5.20
N LYS A 48 -13.14 12.05 -4.80
CA LYS A 48 -14.30 11.99 -3.91
C LYS A 48 -13.87 11.90 -2.44
N TYR A 49 -12.81 11.15 -2.20
CA TYR A 49 -12.30 10.96 -0.83
C TYR A 49 -11.88 12.28 -0.20
N TYR A 50 -11.11 13.09 -0.93
CA TYR A 50 -10.63 14.36 -0.40
C TYR A 50 -11.78 15.32 -0.14
N LEU A 51 -12.95 15.03 -0.71
CA LEU A 51 -14.12 15.87 -0.52
C LEU A 51 -14.80 15.57 0.81
N GLU A 52 -14.97 14.29 1.09
CA GLU A 52 -15.61 13.86 2.34
C GLU A 52 -14.73 14.19 3.54
N PHE A 53 -13.41 14.07 3.35
CA PHE A 53 -12.47 14.34 4.43
C PHE A 53 -12.25 15.84 4.62
N GLU A 54 -13.10 16.45 5.44
CA GLU A 54 -12.99 17.88 5.72
C GLU A 54 -12.22 18.12 7.01
N ASP A 55 -11.36 19.13 7.01
CA ASP A 55 -10.56 19.46 8.18
C ASP A 55 -11.43 19.99 9.31
N THR A 56 -11.82 19.08 10.22
CA THR A 56 -12.66 19.45 11.35
C THR A 56 -12.29 18.64 12.59
N GLU A 57 -12.53 19.21 13.76
CA GLU A 57 -12.23 18.55 15.02
C GLU A 57 -13.24 17.45 15.32
N GLU A 58 -14.46 17.62 14.81
CA GLU A 58 -15.53 16.65 15.02
C GLU A 58 -15.26 15.38 14.22
N ASN A 59 -15.45 14.24 14.87
CA ASN A 59 -15.22 12.95 14.23
C ASN A 59 -16.53 12.41 13.65
N LYS A 60 -16.43 11.80 12.48
CA LYS A 60 -17.61 11.23 11.81
C LYS A 60 -17.44 9.73 11.59
N LEU A 61 -18.55 9.00 11.60
CA LEU A 61 -18.52 7.56 11.41
C LEU A 61 -18.40 7.20 9.92
N ILE A 62 -18.52 8.22 9.07
CA ILE A 62 -18.43 8.02 7.63
C ILE A 62 -17.03 7.58 7.22
N TYR A 63 -16.08 7.70 8.14
CA TYR A 63 -14.70 7.32 7.87
C TYR A 63 -14.54 5.81 7.77
N THR A 64 -15.46 5.07 8.40
CA THR A 64 -15.41 3.61 8.38
C THR A 64 -15.81 3.06 7.00
N PRO A 65 -16.99 3.46 6.46
CA PRO A 65 -17.43 2.98 5.14
C PRO A 65 -16.47 3.38 4.03
N ILE A 66 -16.06 4.65 4.03
CA ILE A 66 -15.13 5.16 3.02
C ILE A 66 -13.82 4.37 3.05
N PHE A 67 -13.36 4.05 4.26
CA PHE A 67 -12.12 3.29 4.42
C PHE A 67 -12.25 1.91 3.80
N ASN A 68 -13.37 1.26 4.05
CA ASN A 68 -13.62 -0.08 3.51
C ASN A 68 -13.51 -0.08 1.99
N GLU A 69 -14.00 0.98 1.37
CA GLU A 69 -13.96 1.10 -0.09
C GLU A 69 -12.52 1.18 -0.59
N TYR A 70 -11.70 1.98 0.10
CA TYR A 70 -10.30 2.14 -0.27
C TYR A 70 -9.55 0.81 -0.24
N ILE A 71 -9.94 -0.06 0.69
CA ILE A 71 -9.30 -1.36 0.84
C ILE A 71 -9.71 -2.30 -0.29
N SER A 72 -11.02 -2.56 -0.40
CA SER A 72 -11.52 -3.46 -1.43
C SER A 72 -11.20 -2.96 -2.84
N LEU A 73 -11.03 -1.65 -2.99
CA LEU A 73 -10.72 -1.07 -4.30
C LEU A 73 -9.22 -0.98 -4.53
N VAL A 74 -8.52 -0.18 -3.73
CA VAL A 74 -7.08 0.02 -3.88
C VAL A 74 -6.27 -1.18 -3.40
N GLU A 75 -6.37 -1.50 -2.11
CA GLU A 75 -5.61 -2.60 -1.53
C GLU A 75 -5.82 -3.89 -2.32
N LYS A 76 -7.04 -4.13 -2.76
CA LYS A 76 -7.36 -5.33 -3.53
C LYS A 76 -6.78 -5.25 -4.94
N TYR A 77 -6.75 -4.04 -5.49
CA TYR A 77 -6.21 -3.83 -6.83
C TYR A 77 -4.74 -4.24 -6.90
N ILE A 78 -3.97 -3.80 -5.91
CA ILE A 78 -2.55 -4.13 -5.85
C ILE A 78 -2.35 -5.63 -5.67
N GLU A 79 -3.16 -6.24 -4.79
CA GLU A 79 -3.07 -7.66 -4.52
C GLU A 79 -3.26 -8.50 -5.78
N GLU A 80 -4.34 -8.22 -6.51
CA GLU A 80 -4.64 -8.96 -7.74
C GLU A 80 -3.46 -8.91 -8.72
N GLN A 81 -2.99 -7.70 -9.01
CA GLN A 81 -1.90 -7.50 -9.94
C GLN A 81 -0.63 -8.24 -9.49
N LEU A 82 -0.48 -8.39 -8.18
CA LEU A 82 0.69 -9.08 -7.63
C LEU A 82 0.55 -10.59 -7.73
N LEU A 83 -0.67 -11.07 -7.54
CA LEU A 83 -0.97 -12.49 -7.58
C LEU A 83 -0.85 -13.04 -9.00
N GLN A 84 -1.00 -12.16 -9.99
CA GLN A 84 -0.90 -12.56 -11.38
C GLN A 84 0.43 -13.24 -11.66
N ARG A 85 1.40 -13.02 -10.77
CA ARG A 85 2.72 -13.61 -10.92
C ARG A 85 3.06 -14.49 -9.71
N ILE A 86 2.36 -14.26 -8.61
CA ILE A 86 2.60 -15.03 -7.39
C ILE A 86 1.29 -15.57 -6.80
N PRO A 87 0.93 -16.84 -7.10
CA PRO A 87 -0.31 -17.44 -6.60
C PRO A 87 -0.22 -17.83 -5.13
N GLU A 88 1.01 -17.84 -4.61
CA GLU A 88 1.26 -18.19 -3.21
C GLU A 88 1.56 -16.94 -2.40
N PHE A 89 1.20 -15.78 -2.96
CA PHE A 89 1.43 -14.50 -2.30
C PHE A 89 0.58 -14.35 -1.04
N ASN A 90 1.13 -13.63 -0.06
CA ASN A 90 0.44 -13.39 1.19
C ASN A 90 0.54 -11.92 1.58
N MET A 91 -0.46 -11.13 1.20
CA MET A 91 -0.49 -9.70 1.50
C MET A 91 -0.40 -9.46 3.01
N ALA A 92 -0.88 -10.41 3.79
CA ALA A 92 -0.86 -10.29 5.25
C ALA A 92 0.56 -10.45 5.81
N ALA A 93 1.18 -11.58 5.51
CA ALA A 93 2.54 -11.86 5.99
C ALA A 93 3.55 -10.93 5.33
N PHE A 94 3.22 -10.43 4.14
CA PHE A 94 4.11 -9.52 3.41
C PHE A 94 4.22 -8.17 4.11
N THR A 95 3.08 -7.56 4.39
CA THR A 95 3.05 -6.25 5.05
C THR A 95 3.68 -6.33 6.43
N THR A 96 3.33 -7.36 7.19
CA THR A 96 3.86 -7.54 8.54
C THR A 96 5.39 -7.59 8.52
N THR A 97 5.93 -8.34 7.58
CA THR A 97 7.38 -8.48 7.45
C THR A 97 8.00 -7.22 6.85
N LEU A 98 7.23 -6.53 6.02
CA LEU A 98 7.69 -5.31 5.37
C LEU A 98 8.00 -4.22 6.39
N GLN A 99 7.21 -4.16 7.46
CA GLN A 99 7.38 -3.16 8.50
C GLN A 99 8.82 -3.12 9.00
N HIS A 100 9.44 -4.29 9.11
CA HIS A 100 10.82 -4.39 9.58
C HIS A 100 11.79 -4.25 8.41
N HIS A 101 11.42 -4.81 7.26
CA HIS A 101 12.26 -4.77 6.08
C HIS A 101 12.29 -3.35 5.50
N LYS A 102 11.53 -2.45 6.10
CA LYS A 102 11.47 -1.07 5.66
C LYS A 102 12.82 -0.39 5.86
N ASP A 103 13.67 -1.01 6.69
CA ASP A 103 14.99 -0.46 6.97
C ASP A 103 15.79 -0.30 5.68
N GLU A 104 15.52 -1.16 4.71
CA GLU A 104 16.22 -1.10 3.42
C GLU A 104 15.31 -0.54 2.34
N VAL A 105 14.05 -0.97 2.36
CA VAL A 105 13.07 -0.51 1.38
C VAL A 105 12.83 0.99 1.50
N ALA A 106 12.64 1.66 0.37
CA ALA A 106 12.40 3.09 0.36
C ALA A 106 11.17 3.45 1.20
N GLY A 107 11.41 4.09 2.34
CA GLY A 107 10.33 4.48 3.21
C GLY A 107 9.40 5.50 2.59
N ASP A 108 9.94 6.34 1.72
CA ASP A 108 9.15 7.37 1.05
C ASP A 108 8.07 6.77 0.17
N ILE A 109 8.40 5.67 -0.51
CA ILE A 109 7.45 5.01 -1.40
C ILE A 109 6.38 4.25 -0.60
N PHE A 110 6.83 3.44 0.36
CA PHE A 110 5.92 2.66 1.19
C PHE A 110 5.03 3.58 2.02
N ASP A 111 5.55 4.76 2.36
CA ASP A 111 4.81 5.73 3.17
C ASP A 111 3.41 5.93 2.62
N MET A 112 3.26 5.81 1.30
CA MET A 112 1.97 5.96 0.66
C MET A 112 1.09 4.75 0.95
N LEU A 113 1.68 3.57 0.81
CA LEU A 113 0.98 2.32 1.06
C LEU A 113 0.59 2.19 2.53
N LEU A 114 1.30 2.91 3.39
CA LEU A 114 1.02 2.87 4.83
C LEU A 114 -0.46 3.07 5.11
N THR A 115 -1.13 3.77 4.20
CA THR A 115 -2.57 4.04 4.33
C THR A 115 -3.37 2.76 4.51
N PHE A 116 -2.72 1.61 4.40
CA PHE A 116 -3.39 0.32 4.57
C PHE A 116 -3.93 0.18 5.98
N THR A 117 -3.26 0.79 6.95
CA THR A 117 -3.67 0.73 8.34
C THR A 117 -3.48 2.06 9.06
N ASP A 118 -2.43 2.78 8.68
CA ASP A 118 -2.13 4.08 9.29
C ASP A 118 -3.18 5.12 8.92
N PHE A 119 -4.24 5.17 9.72
CA PHE A 119 -5.34 6.12 9.49
C PHE A 119 -4.83 7.55 9.53
N LEU A 120 -3.76 7.78 10.28
CA LEU A 120 -3.18 9.11 10.42
C LEU A 120 -2.61 9.59 9.07
N ALA A 121 -2.00 8.68 8.35
CA ALA A 121 -1.41 9.00 7.05
C ALA A 121 -2.49 9.12 5.98
N PHE A 122 -3.60 8.42 6.19
CA PHE A 122 -4.70 8.44 5.24
C PHE A 122 -5.31 9.84 5.14
N LYS A 123 -5.70 10.38 6.29
CA LYS A 123 -6.31 11.71 6.33
C LYS A 123 -5.27 12.79 6.01
N GLU A 124 -4.04 12.57 6.45
CA GLU A 124 -2.97 13.53 6.21
C GLU A 124 -2.60 13.58 4.74
N MET A 125 -2.76 12.46 4.05
CA MET A 125 -2.44 12.38 2.62
C MET A 125 -3.43 13.19 1.80
N PHE A 126 -4.72 12.99 2.08
CA PHE A 126 -5.76 13.69 1.35
C PHE A 126 -5.79 15.17 1.71
N LEU A 127 -5.53 15.47 2.98
CA LEU A 127 -5.52 16.85 3.46
C LEU A 127 -4.47 17.66 2.71
N ASP A 128 -3.28 17.09 2.58
CA ASP A 128 -2.19 17.76 1.89
C ASP A 128 -2.50 17.92 0.41
N TYR A 129 -3.23 16.94 -0.14
CA TYR A 129 -3.61 16.97 -1.55
C TYR A 129 -4.48 18.18 -1.85
N ARG A 130 -5.40 18.48 -0.95
CA ARG A 130 -6.30 19.62 -1.12
C ARG A 130 -5.55 20.93 -0.95
N ALA A 131 -4.55 20.93 -0.07
CA ALA A 131 -3.76 22.12 0.19
C ALA A 131 -2.98 22.55 -1.04
N GLU A 132 -2.53 21.57 -1.83
CA GLU A 132 -1.77 21.85 -3.04
C GLU A 132 -2.64 22.54 -4.09
N LYS A 133 -3.95 22.42 -3.94
CA LYS A 133 -4.88 23.04 -4.87
C LYS A 133 -4.92 24.55 -4.67
N GLU A 134 -4.33 25.01 -3.57
CA GLU A 134 -4.30 26.43 -3.26
C GLU A 134 -2.99 27.06 -3.72
N GLY A 135 -2.14 26.25 -4.33
CA GLY A 135 -0.86 26.75 -4.81
C GLY A 135 -1.00 27.66 -6.02
N ARG A 136 -1.28 27.06 -7.18
CA ARG A 136 -1.45 27.83 -8.40
C ARG A 136 -2.91 28.18 -8.64
N GLY A 137 -3.76 27.78 -7.71
CA GLY A 137 -5.18 28.06 -7.82
C GLY A 137 -5.97 26.89 -8.37
N MET A 2 20.22 -28.67 -1.75
CA MET A 2 21.02 -27.43 -1.54
C MET A 2 20.75 -26.84 -0.16
N ASP A 3 21.79 -26.35 0.48
CA ASP A 3 21.67 -25.76 1.82
C ASP A 3 21.10 -26.77 2.81
N ALA A 4 21.23 -28.05 2.49
CA ALA A 4 20.72 -29.12 3.35
C ALA A 4 21.69 -29.46 4.46
N LEU A 5 22.65 -28.57 4.70
CA LEU A 5 23.65 -28.79 5.74
C LEU A 5 23.04 -28.58 7.12
N GLU A 6 21.77 -28.19 7.16
CA GLU A 6 21.06 -27.97 8.41
C GLU A 6 21.74 -26.87 9.23
N GLY A 7 21.30 -26.70 10.47
CA GLY A 7 21.87 -25.69 11.33
C GLY A 7 21.08 -25.50 12.61
N GLU A 8 21.20 -24.32 13.22
CA GLU A 8 20.48 -24.01 14.45
C GLU A 8 19.86 -22.62 14.38
N SER A 9 18.54 -22.56 14.44
CA SER A 9 17.83 -21.29 14.38
C SER A 9 16.40 -21.45 14.90
N PHE A 10 15.90 -22.69 14.86
CA PHE A 10 14.55 -22.98 15.32
C PHE A 10 13.51 -22.17 14.55
N ALA A 11 13.91 -21.67 13.38
CA ALA A 11 13.01 -20.87 12.56
C ALA A 11 12.37 -21.72 11.47
N LEU A 12 11.53 -21.11 10.64
CA LEU A 12 10.85 -21.83 9.57
C LEU A 12 10.31 -20.85 8.52
N SER A 13 9.65 -21.41 7.50
CA SER A 13 9.07 -20.62 6.42
C SER A 13 10.13 -19.79 5.71
N PHE A 14 10.52 -20.24 4.52
CA PHE A 14 11.53 -19.54 3.72
C PHE A 14 11.13 -19.53 2.25
N SER A 15 10.65 -18.39 1.78
CA SER A 15 10.24 -18.25 0.39
C SER A 15 10.34 -16.80 -0.07
N SER A 16 9.53 -15.94 0.55
CA SER A 16 9.50 -14.52 0.20
C SER A 16 10.48 -13.73 1.07
N ALA A 17 10.56 -14.12 2.35
CA ALA A 17 11.45 -13.46 3.29
C ALA A 17 12.84 -13.26 2.72
N SER A 18 13.27 -14.21 1.88
CA SER A 18 14.59 -14.12 1.25
C SER A 18 14.73 -12.81 0.50
N ASP A 19 15.90 -12.19 0.62
CA ASP A 19 16.17 -10.92 -0.05
C ASP A 19 15.93 -11.03 -1.55
N ALA A 20 16.03 -12.25 -2.07
CA ALA A 20 15.83 -12.50 -3.49
C ALA A 20 14.38 -12.28 -3.91
N GLU A 21 13.46 -13.01 -3.27
CA GLU A 21 12.04 -12.90 -3.59
C GLU A 21 11.47 -11.57 -3.12
N PHE A 22 11.71 -11.23 -1.86
CA PHE A 22 11.21 -9.97 -1.30
C PHE A 22 11.51 -8.81 -2.24
N ASP A 23 12.76 -8.69 -2.65
CA ASP A 23 13.18 -7.62 -3.55
C ASP A 23 12.40 -7.69 -4.87
N ALA A 24 12.23 -8.89 -5.38
CA ALA A 24 11.49 -9.09 -6.63
C ALA A 24 10.10 -8.49 -6.55
N VAL A 25 9.43 -8.70 -5.42
CA VAL A 25 8.08 -8.19 -5.21
C VAL A 25 8.08 -6.66 -5.26
N VAL A 26 9.10 -6.06 -4.65
CA VAL A 26 9.23 -4.61 -4.63
C VAL A 26 9.21 -4.04 -6.04
N GLY A 27 9.92 -4.73 -6.94
CA GLY A 27 9.97 -4.29 -8.33
C GLY A 27 8.61 -4.31 -8.98
N TYR A 28 7.89 -5.43 -8.84
CA TYR A 28 6.56 -5.55 -9.42
C TYR A 28 5.65 -4.44 -8.92
N LEU A 29 5.83 -4.06 -7.65
CA LEU A 29 5.02 -3.00 -7.05
C LEU A 29 5.25 -1.68 -7.78
N GLU A 30 6.51 -1.36 -8.03
CA GLU A 30 6.85 -0.12 -8.73
C GLU A 30 6.14 -0.05 -10.07
N ASP A 31 6.05 -1.20 -10.74
CA ASP A 31 5.40 -1.26 -12.05
C ASP A 31 3.90 -0.96 -11.92
N ILE A 32 3.33 -1.34 -10.78
CA ILE A 32 1.91 -1.11 -10.54
C ILE A 32 1.64 0.34 -10.19
N ILE A 33 2.54 0.94 -9.43
CA ILE A 33 2.40 2.34 -9.02
C ILE A 33 2.42 3.27 -10.24
N MET A 34 3.32 2.99 -11.17
CA MET A 34 3.45 3.80 -12.38
C MET A 34 2.50 3.33 -13.47
N ASP A 35 1.69 2.32 -13.16
CA ASP A 35 0.74 1.77 -14.11
C ASP A 35 -0.31 2.81 -14.48
N ASP A 36 -0.51 3.01 -15.78
CA ASP A 36 -1.47 4.00 -16.28
C ASP A 36 -2.86 3.77 -15.69
N GLU A 37 -3.27 2.51 -15.59
CA GLU A 37 -4.59 2.18 -15.06
C GLU A 37 -4.66 2.41 -13.55
N PHE A 38 -3.52 2.29 -12.88
CA PHE A 38 -3.47 2.48 -11.43
C PHE A 38 -3.53 3.97 -11.07
N GLN A 39 -2.79 4.78 -11.80
CA GLN A 39 -2.75 6.22 -11.55
C GLN A 39 -4.11 6.86 -11.85
N LEU A 40 -4.78 6.35 -12.87
CA LEU A 40 -6.09 6.87 -13.26
C LEU A 40 -7.14 6.53 -12.22
N LEU A 41 -7.14 5.28 -11.75
CA LEU A 41 -8.10 4.82 -10.76
C LEU A 41 -7.91 5.55 -9.43
N GLN A 42 -6.66 5.60 -8.96
CA GLN A 42 -6.35 6.25 -7.69
C GLN A 42 -6.84 7.69 -7.67
N ARG A 43 -6.46 8.46 -8.70
CA ARG A 43 -6.85 9.87 -8.78
C ARG A 43 -8.35 10.01 -8.96
N ASN A 44 -8.97 9.05 -9.65
CA ASN A 44 -10.41 9.09 -9.89
C ASN A 44 -11.20 9.07 -8.58
N PHE A 45 -10.85 8.16 -7.69
CA PHE A 45 -11.52 8.04 -6.40
C PHE A 45 -11.06 9.10 -5.43
N MET A 46 -9.75 9.37 -5.41
CA MET A 46 -9.18 10.37 -4.51
C MET A 46 -9.85 11.73 -4.71
N ASP A 47 -10.33 11.97 -5.92
CA ASP A 47 -10.99 13.23 -6.24
C ASP A 47 -12.23 13.43 -5.36
N LYS A 48 -12.86 12.33 -4.97
CA LYS A 48 -14.04 12.38 -4.12
C LYS A 48 -13.66 12.21 -2.65
N TYR A 49 -12.69 11.33 -2.39
CA TYR A 49 -12.24 11.06 -1.04
C TYR A 49 -11.76 12.33 -0.33
N TYR A 50 -10.82 13.05 -0.95
CA TYR A 50 -10.28 14.26 -0.37
C TYR A 50 -11.37 15.31 -0.11
N LEU A 51 -12.52 15.14 -0.76
CA LEU A 51 -13.63 16.06 -0.58
C LEU A 51 -14.40 15.76 0.70
N GLU A 52 -14.69 14.48 0.93
CA GLU A 52 -15.42 14.07 2.11
C GLU A 52 -14.56 14.20 3.36
N PHE A 53 -13.25 14.08 3.19
CA PHE A 53 -12.32 14.19 4.31
C PHE A 53 -12.03 15.65 4.64
N GLU A 54 -12.90 16.24 5.46
CA GLU A 54 -12.75 17.63 5.86
C GLU A 54 -11.96 17.71 7.17
N ASP A 55 -11.06 18.69 7.24
CA ASP A 55 -10.23 18.87 8.43
C ASP A 55 -11.08 19.34 9.61
N THR A 56 -11.45 18.38 10.48
CA THR A 56 -12.25 18.69 11.65
C THR A 56 -11.75 17.92 12.87
N GLU A 57 -12.39 18.14 14.01
CA GLU A 57 -12.01 17.47 15.25
C GLU A 57 -13.00 16.35 15.58
N GLU A 58 -14.27 16.56 15.26
CA GLU A 58 -15.31 15.57 15.54
C GLU A 58 -15.29 14.47 14.47
N ASN A 59 -15.23 13.22 14.94
CA ASN A 59 -15.20 12.07 14.03
C ASN A 59 -16.59 11.78 13.48
N LYS A 60 -16.66 11.43 12.20
CA LYS A 60 -17.93 11.12 11.56
C LYS A 60 -18.06 9.63 11.29
N LEU A 61 -19.29 9.15 11.20
CA LEU A 61 -19.55 7.74 10.96
C LEU A 61 -19.36 7.39 9.49
N ILE A 62 -19.28 8.43 8.65
CA ILE A 62 -19.10 8.24 7.21
C ILE A 62 -17.69 7.76 6.90
N TYR A 63 -16.77 7.95 7.83
CA TYR A 63 -15.39 7.54 7.64
C TYR A 63 -15.26 6.01 7.69
N THR A 64 -16.29 5.34 8.19
CA THR A 64 -16.26 3.88 8.29
C THR A 64 -16.54 3.23 6.93
N PRO A 65 -17.64 3.60 6.24
CA PRO A 65 -17.97 3.04 4.93
C PRO A 65 -16.96 3.43 3.87
N ILE A 66 -16.49 4.67 3.95
CA ILE A 66 -15.50 5.17 2.99
C ILE A 66 -14.18 4.42 3.12
N PHE A 67 -13.72 4.25 4.36
CA PHE A 67 -12.48 3.54 4.62
C PHE A 67 -12.54 2.11 4.08
N ASN A 68 -13.72 1.50 4.20
CA ASN A 68 -13.92 0.13 3.73
C ASN A 68 -13.81 0.06 2.21
N GLU A 69 -14.29 1.10 1.53
CA GLU A 69 -14.25 1.16 0.08
C GLU A 69 -12.81 1.22 -0.42
N TYR A 70 -11.96 1.93 0.32
CA TYR A 70 -10.55 2.08 -0.05
C TYR A 70 -9.81 0.76 0.15
N ILE A 71 -10.05 0.11 1.29
CA ILE A 71 -9.39 -1.16 1.59
C ILE A 71 -9.92 -2.28 0.72
N SER A 72 -11.16 -2.17 0.29
CA SER A 72 -11.78 -3.19 -0.54
C SER A 72 -11.39 -3.04 -2.01
N LEU A 73 -11.31 -1.79 -2.48
CA LEU A 73 -10.97 -1.52 -3.87
C LEU A 73 -9.46 -1.38 -4.09
N VAL A 74 -8.85 -0.39 -3.44
CA VAL A 74 -7.42 -0.12 -3.60
C VAL A 74 -6.54 -1.27 -3.12
N GLU A 75 -6.68 -1.63 -1.84
CA GLU A 75 -5.86 -2.71 -1.28
C GLU A 75 -5.94 -3.97 -2.13
N LYS A 76 -7.17 -4.37 -2.49
CA LYS A 76 -7.36 -5.56 -3.30
C LYS A 76 -6.85 -5.35 -4.73
N TYR A 77 -6.81 -4.10 -5.17
CA TYR A 77 -6.34 -3.79 -6.51
C TYR A 77 -4.89 -4.24 -6.68
N ILE A 78 -4.03 -3.82 -5.76
CA ILE A 78 -2.62 -4.19 -5.81
C ILE A 78 -2.45 -5.69 -5.62
N GLU A 79 -3.20 -6.25 -4.68
CA GLU A 79 -3.12 -7.69 -4.39
C GLU A 79 -3.42 -8.52 -5.64
N GLU A 80 -4.53 -8.22 -6.30
CA GLU A 80 -4.92 -8.95 -7.50
C GLU A 80 -3.83 -8.89 -8.57
N GLN A 81 -3.35 -7.69 -8.85
CA GLN A 81 -2.31 -7.48 -9.86
C GLN A 81 -1.05 -8.27 -9.54
N LEU A 82 -0.77 -8.47 -8.25
CA LEU A 82 0.42 -9.20 -7.83
C LEU A 82 0.22 -10.71 -7.96
N LEU A 83 -0.99 -11.15 -7.61
CA LEU A 83 -1.33 -12.57 -7.65
C LEU A 83 -1.38 -13.10 -9.08
N GLN A 84 -1.60 -12.21 -10.04
CA GLN A 84 -1.67 -12.60 -11.44
C GLN A 84 -0.39 -13.30 -11.87
N ARG A 85 0.68 -13.11 -11.11
CA ARG A 85 1.97 -13.73 -11.42
C ARG A 85 2.43 -14.62 -10.27
N ILE A 86 1.84 -14.44 -9.10
CA ILE A 86 2.19 -15.22 -7.92
C ILE A 86 0.95 -15.77 -7.22
N PRO A 87 0.59 -17.04 -7.49
CA PRO A 87 -0.59 -17.67 -6.89
C PRO A 87 -0.35 -18.10 -5.44
N GLU A 88 0.90 -18.01 -5.01
CA GLU A 88 1.27 -18.39 -3.64
C GLU A 88 1.67 -17.15 -2.84
N PHE A 89 1.29 -15.99 -3.36
CA PHE A 89 1.60 -14.72 -2.71
C PHE A 89 0.88 -14.58 -1.38
N ASN A 90 1.51 -13.88 -0.45
CA ASN A 90 0.93 -13.65 0.87
C ASN A 90 1.01 -12.16 1.23
N MET A 91 -0.01 -11.42 0.85
CA MET A 91 -0.06 -9.98 1.11
C MET A 91 -0.14 -9.70 2.60
N ALA A 92 -0.60 -10.69 3.37
CA ALA A 92 -0.72 -10.54 4.81
C ALA A 92 0.65 -10.46 5.48
N ALA A 93 1.46 -11.48 5.29
CA ALA A 93 2.80 -11.54 5.87
C ALA A 93 3.73 -10.53 5.20
N PHE A 94 3.41 -10.20 3.96
CA PHE A 94 4.22 -9.24 3.19
C PHE A 94 4.10 -7.84 3.77
N THR A 95 2.86 -7.38 3.95
CA THR A 95 2.60 -6.06 4.50
C THR A 95 3.19 -5.90 5.89
N THR A 96 2.94 -6.89 6.75
CA THR A 96 3.44 -6.87 8.11
C THR A 96 4.97 -6.75 8.13
N THR A 97 5.63 -7.60 7.36
CA THR A 97 7.09 -7.61 7.28
C THR A 97 7.61 -6.34 6.61
N LEU A 98 6.81 -5.78 5.70
CA LEU A 98 7.19 -4.57 4.97
C LEU A 98 7.37 -3.39 5.93
N GLN A 99 6.42 -3.22 6.84
CA GLN A 99 6.47 -2.14 7.81
C GLN A 99 7.81 -2.13 8.53
N HIS A 100 8.35 -3.31 8.75
CA HIS A 100 9.64 -3.45 9.41
C HIS A 100 10.78 -3.16 8.42
N HIS A 101 10.65 -3.71 7.22
CA HIS A 101 11.67 -3.52 6.19
C HIS A 101 11.68 -2.08 5.70
N LYS A 102 10.77 -1.26 6.25
CA LYS A 102 10.69 0.14 5.87
C LYS A 102 11.99 0.86 6.22
N ASP A 103 12.77 0.27 7.12
CA ASP A 103 14.04 0.85 7.53
C ASP A 103 15.10 0.73 6.43
N GLU A 104 14.81 -0.15 5.47
CA GLU A 104 15.74 -0.37 4.35
C GLU A 104 15.15 0.14 3.04
N VAL A 105 14.01 -0.43 2.64
CA VAL A 105 13.35 -0.04 1.41
C VAL A 105 13.02 1.46 1.41
N ALA A 106 12.67 1.98 0.24
CA ALA A 106 12.33 3.40 0.10
C ALA A 106 11.14 3.75 0.98
N GLY A 107 11.41 4.48 2.07
CA GLY A 107 10.34 4.87 2.98
C GLY A 107 9.35 5.82 2.33
N ASP A 108 9.84 6.62 1.39
CA ASP A 108 8.99 7.58 0.69
C ASP A 108 7.94 6.89 -0.15
N ILE A 109 8.32 5.78 -0.80
CA ILE A 109 7.40 5.04 -1.65
C ILE A 109 6.37 4.29 -0.82
N PHE A 110 6.83 3.55 0.19
CA PHE A 110 5.92 2.79 1.04
C PHE A 110 5.02 3.71 1.84
N ASP A 111 5.51 4.92 2.13
CA ASP A 111 4.74 5.89 2.90
C ASP A 111 3.32 6.02 2.35
N MET A 112 3.19 5.82 1.04
CA MET A 112 1.88 5.90 0.39
C MET A 112 1.04 4.67 0.77
N LEU A 113 1.65 3.50 0.62
CA LEU A 113 0.97 2.24 0.94
C LEU A 113 0.71 2.14 2.43
N LEU A 114 1.49 2.88 3.21
CA LEU A 114 1.36 2.88 4.67
C LEU A 114 -0.08 3.11 5.10
N THR A 115 -0.84 3.81 4.25
CA THR A 115 -2.24 4.10 4.54
C THR A 115 -3.07 2.82 4.72
N PHE A 116 -2.41 1.66 4.59
CA PHE A 116 -3.10 0.38 4.75
C PHE A 116 -3.62 0.20 6.17
N THR A 117 -2.94 0.82 7.14
CA THR A 117 -3.35 0.71 8.54
C THR A 117 -3.17 2.04 9.27
N ASP A 118 -2.19 2.82 8.85
CA ASP A 118 -1.92 4.11 9.49
C ASP A 118 -2.98 5.14 9.08
N PHE A 119 -4.03 5.25 9.89
CA PHE A 119 -5.11 6.18 9.62
C PHE A 119 -4.59 7.61 9.59
N LEU A 120 -3.51 7.86 10.32
CA LEU A 120 -2.92 9.19 10.37
C LEU A 120 -2.35 9.58 9.02
N ALA A 121 -1.75 8.61 8.32
CA ALA A 121 -1.17 8.86 7.01
C ALA A 121 -2.26 8.98 5.95
N PHE A 122 -3.38 8.31 6.19
CA PHE A 122 -4.51 8.34 5.26
C PHE A 122 -5.12 9.74 5.18
N LYS A 123 -5.50 10.27 6.34
CA LYS A 123 -6.10 11.60 6.41
C LYS A 123 -5.09 12.67 6.03
N GLU A 124 -3.87 12.53 6.55
CA GLU A 124 -2.80 13.49 6.25
C GLU A 124 -2.52 13.53 4.76
N MET A 125 -2.73 12.39 4.10
CA MET A 125 -2.49 12.30 2.66
C MET A 125 -3.50 13.16 1.90
N PHE A 126 -4.78 13.04 2.26
CA PHE A 126 -5.82 13.81 1.60
C PHE A 126 -5.63 15.31 1.85
N LEU A 127 -5.32 15.67 3.09
CA LEU A 127 -5.11 17.06 3.45
C LEU A 127 -3.94 17.65 2.68
N ASP A 128 -2.95 16.80 2.38
CA ASP A 128 -1.78 17.25 1.64
C ASP A 128 -2.13 17.51 0.17
N TYR A 129 -2.98 16.65 -0.39
CA TYR A 129 -3.40 16.79 -1.77
C TYR A 129 -4.11 18.13 -1.98
N ARG A 130 -4.91 18.52 -1.00
CA ARG A 130 -5.65 19.78 -1.06
C ARG A 130 -4.70 20.96 -0.89
N ALA A 131 -3.65 20.77 -0.08
CA ALA A 131 -2.67 21.81 0.16
C ALA A 131 -1.96 22.22 -1.13
N GLU A 132 -1.72 21.24 -1.99
CA GLU A 132 -1.05 21.51 -3.27
C GLU A 132 -1.91 22.40 -4.16
N LYS A 133 -3.23 22.31 -3.99
CA LYS A 133 -4.14 23.11 -4.78
C LYS A 133 -4.03 24.59 -4.41
N GLU A 134 -3.72 24.85 -3.15
CA GLU A 134 -3.58 26.22 -2.66
C GLU A 134 -2.13 26.68 -2.76
N GLY A 135 -1.26 25.79 -3.25
CA GLY A 135 0.14 26.12 -3.38
C GLY A 135 0.39 27.23 -4.39
N ARG A 136 0.37 26.87 -5.67
CA ARG A 136 0.61 27.84 -6.74
C ARG A 136 -0.71 28.33 -7.33
N GLY A 137 -0.68 29.51 -7.93
CA GLY A 137 -1.88 30.07 -8.54
C GLY A 137 -2.25 29.39 -9.83
N MET A 2 -14.89 -16.68 2.66
CA MET A 2 -14.87 -15.46 3.52
C MET A 2 -15.27 -15.79 4.95
N ASP A 3 -16.07 -16.85 5.11
CA ASP A 3 -16.53 -17.28 6.41
C ASP A 3 -16.57 -18.80 6.51
N ALA A 4 -16.06 -19.45 5.47
CA ALA A 4 -16.05 -20.91 5.42
C ALA A 4 -14.79 -21.43 4.72
N LEU A 5 -14.04 -20.52 4.09
CA LEU A 5 -12.82 -20.89 3.40
C LEU A 5 -11.60 -20.28 4.09
N GLU A 6 -10.74 -21.15 4.61
CA GLU A 6 -9.53 -20.70 5.29
C GLU A 6 -8.46 -21.79 5.27
N GLY A 7 -8.87 -23.02 4.98
CA GLY A 7 -7.94 -24.13 4.93
C GLY A 7 -6.84 -23.92 3.90
N GLU A 8 -5.58 -23.94 4.36
CA GLU A 8 -4.45 -23.74 3.48
C GLU A 8 -4.08 -25.05 2.78
N SER A 9 -3.74 -24.95 1.49
CA SER A 9 -3.36 -26.12 0.70
C SER A 9 -1.85 -26.15 0.49
N PHE A 10 -1.28 -24.99 0.24
CA PHE A 10 0.16 -24.86 0.01
C PHE A 10 0.93 -24.89 1.32
N ALA A 11 2.24 -24.82 1.24
CA ALA A 11 3.10 -24.83 2.42
C ALA A 11 4.37 -24.02 2.19
N LEU A 12 4.95 -23.53 3.27
CA LEU A 12 6.18 -22.74 3.18
C LEU A 12 7.40 -23.61 3.45
N SER A 13 8.19 -23.84 2.40
CA SER A 13 9.39 -24.65 2.51
C SER A 13 10.57 -23.97 1.83
N PHE A 14 10.26 -23.09 0.88
CA PHE A 14 11.29 -22.36 0.14
C PHE A 14 11.51 -20.97 0.74
N SER A 15 12.68 -20.40 0.48
CA SER A 15 13.02 -19.09 1.00
C SER A 15 12.49 -17.98 0.09
N SER A 16 11.66 -17.12 0.64
CA SER A 16 11.08 -16.01 -0.13
C SER A 16 11.32 -14.68 0.56
N ALA A 17 11.13 -14.64 1.88
CA ALA A 17 11.32 -13.44 2.66
C ALA A 17 12.81 -13.14 2.85
N SER A 18 13.65 -14.05 2.39
CA SER A 18 15.10 -13.89 2.52
C SER A 18 15.55 -12.57 1.93
N ASP A 19 15.66 -12.51 0.61
CA ASP A 19 16.08 -11.28 -0.06
C ASP A 19 15.91 -11.40 -1.58
N ALA A 20 16.00 -12.62 -2.08
CA ALA A 20 15.87 -12.87 -3.51
C ALA A 20 14.45 -12.60 -3.99
N GLU A 21 13.48 -13.29 -3.40
CA GLU A 21 12.09 -13.12 -3.78
C GLU A 21 11.56 -11.77 -3.32
N PHE A 22 11.85 -11.40 -2.08
CA PHE A 22 11.40 -10.13 -1.54
C PHE A 22 11.76 -8.99 -2.48
N ASP A 23 12.98 -9.02 -3.01
CA ASP A 23 13.44 -7.98 -3.93
C ASP A 23 12.61 -8.01 -5.22
N ALA A 24 12.40 -9.21 -5.75
CA ALA A 24 11.62 -9.37 -6.97
C ALA A 24 10.23 -8.77 -6.81
N VAL A 25 9.61 -9.00 -5.66
CA VAL A 25 8.28 -8.47 -5.39
C VAL A 25 8.30 -6.94 -5.46
N VAL A 26 9.34 -6.33 -4.91
CA VAL A 26 9.47 -4.88 -4.91
C VAL A 26 9.42 -4.36 -6.34
N GLY A 27 10.10 -5.05 -7.25
CA GLY A 27 10.10 -4.65 -8.64
C GLY A 27 8.71 -4.60 -9.23
N TYR A 28 7.96 -5.68 -9.07
CA TYR A 28 6.59 -5.75 -9.59
C TYR A 28 5.74 -4.61 -9.01
N LEU A 29 5.96 -4.32 -7.73
CA LEU A 29 5.22 -3.27 -7.05
C LEU A 29 5.45 -1.92 -7.72
N GLU A 30 6.69 -1.66 -8.12
CA GLU A 30 7.04 -0.40 -8.77
C GLU A 30 6.29 -0.24 -10.09
N ASP A 31 6.24 -1.31 -10.86
CA ASP A 31 5.57 -1.29 -12.16
C ASP A 31 4.07 -1.02 -11.99
N ILE A 32 3.50 -1.49 -10.89
CA ILE A 32 2.08 -1.29 -10.61
C ILE A 32 1.80 0.13 -10.16
N ILE A 33 2.65 0.66 -9.27
CA ILE A 33 2.48 2.01 -8.77
C ILE A 33 2.66 3.05 -9.88
N MET A 34 3.53 2.73 -10.83
CA MET A 34 3.81 3.63 -11.95
C MET A 34 2.96 3.26 -13.17
N ASP A 35 1.91 2.47 -12.94
CA ASP A 35 1.02 2.03 -14.00
C ASP A 35 -0.04 3.09 -14.28
N ASP A 36 -0.38 3.27 -15.56
CA ASP A 36 -1.37 4.26 -15.96
C ASP A 36 -2.71 4.01 -15.28
N GLU A 37 -3.16 2.75 -15.29
CA GLU A 37 -4.44 2.39 -14.68
C GLU A 37 -4.45 2.69 -13.19
N PHE A 38 -3.27 2.66 -12.57
CA PHE A 38 -3.15 2.93 -11.14
C PHE A 38 -3.29 4.42 -10.85
N GLN A 39 -2.66 5.25 -11.68
CA GLN A 39 -2.71 6.70 -11.51
C GLN A 39 -4.14 7.23 -11.69
N LEU A 40 -4.75 6.88 -12.81
CA LEU A 40 -6.10 7.32 -13.12
C LEU A 40 -7.08 6.87 -12.03
N LEU A 41 -6.99 5.60 -11.65
CA LEU A 41 -7.88 5.05 -10.63
C LEU A 41 -7.68 5.76 -9.29
N GLN A 42 -6.43 6.04 -8.94
CA GLN A 42 -6.12 6.71 -7.68
C GLN A 42 -6.79 8.08 -7.59
N ARG A 43 -6.56 8.91 -8.61
CA ARG A 43 -7.13 10.26 -8.63
C ARG A 43 -8.65 10.23 -8.75
N ASN A 44 -9.17 9.23 -9.46
CA ASN A 44 -10.61 9.10 -9.65
C ASN A 44 -11.36 8.99 -8.31
N PHE A 45 -10.88 8.10 -7.44
CA PHE A 45 -11.51 7.91 -6.14
C PHE A 45 -11.12 9.00 -5.15
N MET A 46 -9.83 9.34 -5.12
CA MET A 46 -9.34 10.38 -4.21
C MET A 46 -10.06 11.70 -4.44
N ASP A 47 -10.59 11.88 -5.65
CA ASP A 47 -11.31 13.10 -5.99
C ASP A 47 -12.52 13.30 -5.08
N LYS A 48 -13.11 12.19 -4.64
CA LYS A 48 -14.27 12.23 -3.77
C LYS A 48 -13.85 12.13 -2.30
N TYR A 49 -12.97 11.18 -2.01
CA TYR A 49 -12.48 10.95 -0.66
C TYR A 49 -11.92 12.23 -0.04
N TYR A 50 -11.10 12.95 -0.81
CA TYR A 50 -10.49 14.19 -0.31
C TYR A 50 -11.55 15.26 -0.05
N LEU A 51 -12.73 15.08 -0.64
CA LEU A 51 -13.83 16.03 -0.46
C LEU A 51 -14.55 15.77 0.85
N GLU A 52 -14.81 14.49 1.14
CA GLU A 52 -15.49 14.10 2.36
C GLU A 52 -14.62 14.36 3.59
N PHE A 53 -13.32 14.12 3.45
CA PHE A 53 -12.39 14.33 4.55
C PHE A 53 -12.05 15.81 4.69
N GLU A 54 -12.88 16.53 5.44
CA GLU A 54 -12.68 17.96 5.66
C GLU A 54 -12.06 18.21 7.03
N ASP A 55 -11.25 19.26 7.13
CA ASP A 55 -10.60 19.61 8.38
C ASP A 55 -11.56 20.35 9.31
N THR A 56 -12.18 19.61 10.22
CA THR A 56 -13.11 20.19 11.18
C THR A 56 -12.95 19.57 12.55
N GLU A 57 -13.80 19.99 13.49
CA GLU A 57 -13.74 19.47 14.85
C GLU A 57 -14.78 18.35 15.05
N GLU A 58 -15.49 18.03 13.98
CA GLU A 58 -16.50 16.98 14.03
C GLU A 58 -15.94 15.64 13.58
N ASN A 59 -16.56 14.55 14.05
CA ASN A 59 -16.12 13.21 13.70
C ASN A 59 -17.32 12.28 13.57
N LYS A 60 -17.61 11.86 12.34
CA LYS A 60 -18.72 10.97 12.07
C LYS A 60 -18.26 9.53 11.89
N LEU A 61 -19.20 8.60 11.95
CA LEU A 61 -18.89 7.18 11.80
C LEU A 61 -18.72 6.81 10.34
N ILE A 62 -19.05 7.75 9.45
CA ILE A 62 -18.94 7.53 8.01
C ILE A 62 -17.50 7.23 7.59
N TYR A 63 -16.55 7.53 8.46
CA TYR A 63 -15.15 7.29 8.16
C TYR A 63 -14.82 5.80 8.13
N THR A 64 -15.62 5.01 8.83
CA THR A 64 -15.39 3.56 8.88
C THR A 64 -15.76 2.87 7.56
N PRO A 65 -16.98 3.10 7.02
CA PRO A 65 -17.40 2.50 5.76
C PRO A 65 -16.57 2.97 4.58
N ILE A 66 -16.32 4.27 4.52
CA ILE A 66 -15.53 4.85 3.44
C ILE A 66 -14.13 4.24 3.39
N PHE A 67 -13.50 4.11 4.57
CA PHE A 67 -12.17 3.55 4.66
C PHE A 67 -12.15 2.12 4.12
N ASN A 68 -13.13 1.33 4.53
CA ASN A 68 -13.23 -0.06 4.07
C ASN A 68 -13.26 -0.13 2.55
N GLU A 69 -13.94 0.83 1.93
CA GLU A 69 -14.03 0.87 0.48
C GLU A 69 -12.65 1.05 -0.15
N TYR A 70 -11.86 1.95 0.43
CA TYR A 70 -10.51 2.21 -0.07
C TYR A 70 -9.67 0.95 -0.01
N ILE A 71 -9.95 0.10 0.97
CA ILE A 71 -9.22 -1.15 1.13
C ILE A 71 -9.61 -2.16 0.06
N SER A 72 -10.89 -2.48 0.00
CA SER A 72 -11.40 -3.45 -0.98
C SER A 72 -11.16 -2.98 -2.41
N LEU A 73 -11.06 -1.66 -2.60
CA LEU A 73 -10.83 -1.11 -3.93
C LEU A 73 -9.34 -0.98 -4.25
N VAL A 74 -8.66 -0.11 -3.49
CA VAL A 74 -7.23 0.14 -3.70
C VAL A 74 -6.35 -1.00 -3.21
N GLU A 75 -6.41 -1.28 -1.91
CA GLU A 75 -5.59 -2.35 -1.33
C GLU A 75 -5.77 -3.67 -2.08
N LYS A 76 -7.00 -3.96 -2.46
CA LYS A 76 -7.30 -5.20 -3.18
C LYS A 76 -6.73 -5.14 -4.59
N TYR A 77 -6.74 -3.94 -5.18
CA TYR A 77 -6.22 -3.75 -6.53
C TYR A 77 -4.76 -4.20 -6.62
N ILE A 78 -3.95 -3.79 -5.65
CA ILE A 78 -2.54 -4.15 -5.62
C ILE A 78 -2.35 -5.65 -5.43
N GLU A 79 -3.07 -6.22 -4.46
CA GLU A 79 -2.98 -7.64 -4.18
C GLU A 79 -3.28 -8.48 -5.41
N GLU A 80 -4.32 -8.11 -6.15
CA GLU A 80 -4.72 -8.84 -7.35
C GLU A 80 -3.62 -8.82 -8.40
N GLN A 81 -3.08 -7.62 -8.67
CA GLN A 81 -2.02 -7.48 -9.67
C GLN A 81 -0.81 -8.33 -9.32
N LEU A 82 -0.59 -8.55 -8.03
CA LEU A 82 0.55 -9.36 -7.58
C LEU A 82 0.27 -10.84 -7.78
N LEU A 83 -1.00 -11.25 -7.61
CA LEU A 83 -1.39 -12.63 -7.78
C LEU A 83 -1.30 -13.07 -9.23
N GLN A 84 -1.47 -12.12 -10.15
CA GLN A 84 -1.41 -12.41 -11.58
C GLN A 84 -0.04 -12.96 -11.97
N ARG A 85 0.95 -12.74 -11.11
CA ARG A 85 2.29 -13.21 -11.36
C ARG A 85 2.72 -14.22 -10.30
N ILE A 86 2.13 -14.12 -9.11
CA ILE A 86 2.45 -15.02 -8.01
C ILE A 86 1.17 -15.55 -7.35
N PRO A 87 0.64 -16.69 -7.83
CA PRO A 87 -0.59 -17.29 -7.28
C PRO A 87 -0.40 -17.78 -5.85
N GLU A 88 0.83 -17.71 -5.36
CA GLU A 88 1.14 -18.15 -4.01
C GLU A 88 1.56 -16.98 -3.13
N PHE A 89 1.25 -15.76 -3.59
CA PHE A 89 1.60 -14.56 -2.85
C PHE A 89 0.62 -14.31 -1.71
N ASN A 90 1.12 -13.72 -0.63
CA ASN A 90 0.30 -13.43 0.53
C ASN A 90 0.55 -11.98 0.99
N MET A 91 -0.35 -11.09 0.60
CA MET A 91 -0.24 -9.67 0.94
C MET A 91 -0.22 -9.46 2.46
N ALA A 92 -0.95 -10.30 3.18
CA ALA A 92 -1.02 -10.19 4.64
C ALA A 92 0.35 -10.37 5.28
N ALA A 93 0.98 -11.51 5.02
CA ALA A 93 2.29 -11.81 5.58
C ALA A 93 3.37 -10.90 4.99
N PHE A 94 3.13 -10.40 3.78
CA PHE A 94 4.09 -9.54 3.11
C PHE A 94 4.18 -8.18 3.80
N THR A 95 3.03 -7.57 4.08
CA THR A 95 2.99 -6.27 4.73
C THR A 95 3.57 -6.34 6.14
N THR A 96 3.17 -7.36 6.89
CA THR A 96 3.65 -7.53 8.26
C THR A 96 5.18 -7.63 8.29
N THR A 97 5.74 -8.36 7.34
CA THR A 97 7.18 -8.54 7.25
C THR A 97 7.86 -7.31 6.68
N LEU A 98 7.13 -6.57 5.84
CA LEU A 98 7.66 -5.37 5.21
C LEU A 98 8.01 -4.32 6.27
N GLN A 99 7.16 -4.20 7.29
CA GLN A 99 7.38 -3.23 8.36
C GLN A 99 8.80 -3.34 8.93
N HIS A 100 9.33 -4.55 8.94
CA HIS A 100 10.68 -4.79 9.44
C HIS A 100 11.71 -4.44 8.37
N HIS A 101 11.43 -4.85 7.14
CA HIS A 101 12.33 -4.59 6.04
C HIS A 101 12.41 -3.11 5.71
N LYS A 102 11.58 -2.31 6.39
CA LYS A 102 11.58 -0.86 6.17
C LYS A 102 12.95 -0.27 6.44
N ASP A 103 13.79 -1.01 7.18
CA ASP A 103 15.13 -0.55 7.50
C ASP A 103 15.98 -0.37 6.25
N GLU A 104 15.51 -0.95 5.14
CA GLU A 104 16.24 -0.86 3.87
C GLU A 104 15.32 -0.41 2.75
N VAL A 105 14.10 -0.93 2.72
CA VAL A 105 13.12 -0.58 1.71
C VAL A 105 12.86 0.92 1.68
N ALA A 106 12.60 1.46 0.49
CA ALA A 106 12.33 2.87 0.32
C ALA A 106 11.15 3.30 1.18
N GLY A 107 11.43 4.05 2.25
CA GLY A 107 10.39 4.52 3.13
C GLY A 107 9.45 5.50 2.45
N ASP A 108 9.99 6.26 1.49
CA ASP A 108 9.19 7.25 0.77
C ASP A 108 8.07 6.59 -0.03
N ILE A 109 8.41 5.53 -0.76
CA ILE A 109 7.41 4.83 -1.58
C ILE A 109 6.37 4.14 -0.70
N PHE A 110 6.83 3.38 0.29
CA PHE A 110 5.93 2.67 1.18
C PHE A 110 5.06 3.65 1.99
N ASP A 111 5.61 4.83 2.23
CA ASP A 111 4.89 5.86 2.99
C ASP A 111 3.48 6.05 2.45
N MET A 112 3.34 5.95 1.12
CA MET A 112 2.05 6.11 0.48
C MET A 112 1.18 4.89 0.75
N LEU A 113 1.80 3.71 0.66
CA LEU A 113 1.09 2.45 0.90
C LEU A 113 0.65 2.35 2.36
N LEU A 114 1.32 3.08 3.24
CA LEU A 114 1.00 3.06 4.66
C LEU A 114 -0.49 3.28 4.90
N THR A 115 -1.13 3.98 3.96
CA THR A 115 -2.56 4.25 4.05
C THR A 115 -3.40 2.97 4.20
N PHE A 116 -2.73 1.82 4.17
CA PHE A 116 -3.42 0.53 4.30
C PHE A 116 -4.07 0.41 5.68
N THR A 117 -3.50 1.09 6.68
CA THR A 117 -4.03 1.03 8.03
C THR A 117 -3.76 2.33 8.79
N ASP A 118 -2.62 2.96 8.52
CA ASP A 118 -2.26 4.20 9.19
C ASP A 118 -3.23 5.32 8.83
N PHE A 119 -4.30 5.43 9.63
CA PHE A 119 -5.32 6.45 9.41
C PHE A 119 -4.72 7.85 9.42
N LEU A 120 -3.67 8.03 10.21
CA LEU A 120 -3.01 9.33 10.33
C LEU A 120 -2.45 9.77 8.98
N ALA A 121 -1.86 8.83 8.24
CA ALA A 121 -1.28 9.13 6.94
C ALA A 121 -2.37 9.28 5.88
N PHE A 122 -3.49 8.60 6.09
CA PHE A 122 -4.61 8.64 5.16
C PHE A 122 -5.20 10.05 5.10
N LYS A 123 -5.56 10.58 6.26
CA LYS A 123 -6.13 11.93 6.34
C LYS A 123 -5.10 12.98 5.97
N GLU A 124 -3.88 12.83 6.47
CA GLU A 124 -2.81 13.77 6.17
C GLU A 124 -2.53 13.82 4.67
N MET A 125 -2.79 12.72 3.98
CA MET A 125 -2.57 12.64 2.54
C MET A 125 -3.58 13.49 1.78
N PHE A 126 -4.86 13.34 2.14
CA PHE A 126 -5.92 14.10 1.48
C PHE A 126 -5.80 15.60 1.77
N LEU A 127 -5.62 15.94 3.04
CA LEU A 127 -5.50 17.34 3.43
C LEU A 127 -4.35 18.03 2.70
N ASP A 128 -3.25 17.30 2.53
CA ASP A 128 -2.09 17.84 1.83
C ASP A 128 -2.41 18.04 0.35
N TYR A 129 -3.16 17.09 -0.22
CA TYR A 129 -3.54 17.17 -1.62
C TYR A 129 -4.47 18.35 -1.87
N ARG A 130 -5.29 18.66 -0.86
CA ARG A 130 -6.23 19.77 -0.96
C ARG A 130 -5.49 21.11 -1.02
N ALA A 131 -4.48 21.24 -0.17
CA ALA A 131 -3.68 22.47 -0.12
C ALA A 131 -2.90 22.68 -1.41
N GLU A 132 -2.52 21.58 -2.05
CA GLU A 132 -1.77 21.65 -3.30
C GLU A 132 -2.60 22.28 -4.41
N LYS A 133 -3.93 22.20 -4.27
CA LYS A 133 -4.83 22.76 -5.27
C LYS A 133 -4.66 24.28 -5.36
N GLU A 134 -4.66 24.95 -4.21
CA GLU A 134 -4.52 26.39 -4.15
C GLU A 134 -3.05 26.79 -4.29
N GLY A 135 -2.18 25.79 -4.47
CA GLY A 135 -0.77 26.06 -4.62
C GLY A 135 0.03 25.60 -3.41
N ARG A 136 -0.36 26.09 -2.24
CA ARG A 136 0.32 25.73 -0.99
C ARG A 136 -0.50 26.15 0.22
N GLY A 137 -0.69 27.46 0.37
CA GLY A 137 -1.46 27.97 1.49
C GLY A 137 -0.78 29.15 2.16
N MET A 2 28.73 -39.76 8.03
CA MET A 2 28.76 -39.55 6.56
C MET A 2 28.84 -38.06 6.24
N ASP A 3 29.76 -37.70 5.35
CA ASP A 3 29.93 -36.30 4.95
C ASP A 3 28.81 -35.87 4.02
N ALA A 4 28.30 -36.81 3.23
CA ALA A 4 27.23 -36.53 2.29
C ALA A 4 25.89 -37.02 2.83
N LEU A 5 24.85 -36.22 2.65
CA LEU A 5 23.50 -36.57 3.11
C LEU A 5 23.49 -36.81 4.62
N GLU A 6 23.09 -35.79 5.37
CA GLU A 6 23.03 -35.90 6.82
C GLU A 6 21.66 -35.48 7.34
N GLY A 7 21.15 -36.22 8.33
CA GLY A 7 19.85 -35.90 8.89
C GLY A 7 18.72 -36.11 7.89
N GLU A 8 17.53 -35.66 8.26
CA GLU A 8 16.37 -35.80 7.39
C GLU A 8 16.42 -34.77 6.26
N SER A 9 15.56 -34.95 5.26
CA SER A 9 15.50 -34.03 4.13
C SER A 9 14.62 -32.84 4.44
N PHE A 10 15.10 -31.64 4.14
CA PHE A 10 14.34 -30.42 4.38
C PHE A 10 13.31 -30.19 3.29
N ALA A 11 12.27 -29.45 3.61
CA ALA A 11 11.20 -29.15 2.66
C ALA A 11 10.84 -27.66 2.70
N LEU A 12 10.57 -27.09 1.53
CA LEU A 12 10.21 -25.68 1.42
C LEU A 12 11.32 -24.79 1.95
N SER A 13 11.09 -23.48 1.91
CA SER A 13 12.08 -22.51 2.39
C SER A 13 11.43 -21.47 3.29
N PHE A 14 12.22 -20.89 4.18
CA PHE A 14 11.72 -19.87 5.09
C PHE A 14 12.36 -18.51 4.79
N SER A 15 13.22 -18.49 3.78
CA SER A 15 13.90 -17.26 3.39
C SER A 15 13.15 -16.56 2.26
N SER A 16 12.57 -15.41 2.57
CA SER A 16 11.81 -14.63 1.59
C SER A 16 12.08 -13.13 1.76
N ALA A 17 12.13 -12.69 3.01
CA ALA A 17 12.38 -11.29 3.31
C ALA A 17 13.81 -10.91 2.93
N SER A 18 14.76 -11.76 3.30
CA SER A 18 16.17 -11.52 2.99
C SER A 18 16.58 -12.26 1.73
N ASP A 19 15.59 -12.73 0.97
CA ASP A 19 15.83 -13.45 -0.26
C ASP A 19 15.43 -12.61 -1.47
N ALA A 20 15.77 -13.10 -2.66
CA ALA A 20 15.45 -12.40 -3.90
C ALA A 20 13.95 -12.16 -4.03
N GLU A 21 13.16 -13.00 -3.36
CA GLU A 21 11.70 -12.89 -3.40
C GLU A 21 11.22 -11.52 -2.95
N PHE A 22 11.78 -11.03 -1.85
CA PHE A 22 11.38 -9.73 -1.31
C PHE A 22 11.56 -8.62 -2.34
N ASP A 23 12.77 -8.48 -2.87
CA ASP A 23 13.07 -7.45 -3.85
C ASP A 23 12.31 -7.68 -5.15
N ALA A 24 12.02 -8.95 -5.45
CA ALA A 24 11.29 -9.30 -6.66
C ALA A 24 9.86 -8.76 -6.59
N VAL A 25 9.19 -9.03 -5.48
CA VAL A 25 7.82 -8.58 -5.28
C VAL A 25 7.75 -7.06 -5.18
N VAL A 26 8.55 -6.50 -4.27
CA VAL A 26 8.57 -5.05 -4.07
C VAL A 26 8.76 -4.33 -5.41
N GLY A 27 9.51 -4.96 -6.31
CA GLY A 27 9.73 -4.37 -7.62
C GLY A 27 8.46 -4.35 -8.45
N TYR A 28 7.71 -5.45 -8.39
CA TYR A 28 6.45 -5.55 -9.13
C TYR A 28 5.48 -4.45 -8.70
N LEU A 29 5.37 -4.24 -7.39
CA LEU A 29 4.48 -3.21 -6.85
C LEU A 29 4.84 -1.84 -7.43
N GLU A 30 6.13 -1.53 -7.43
CA GLU A 30 6.61 -0.25 -7.95
C GLU A 30 6.10 -0.02 -9.38
N ASP A 31 6.14 -1.07 -10.18
CA ASP A 31 5.68 -0.99 -11.57
C ASP A 31 4.22 -0.61 -11.64
N ILE A 32 3.44 -1.05 -10.65
CA ILE A 32 2.01 -0.75 -10.60
C ILE A 32 1.77 0.68 -10.13
N ILE A 33 2.57 1.12 -9.16
CA ILE A 33 2.42 2.47 -8.62
C ILE A 33 2.69 3.52 -9.69
N MET A 34 3.55 3.19 -10.65
CA MET A 34 3.88 4.10 -11.73
C MET A 34 3.09 3.78 -13.00
N ASP A 35 2.07 2.93 -12.85
CA ASP A 35 1.24 2.53 -13.99
C ASP A 35 0.18 3.59 -14.28
N ASP A 36 -0.04 3.86 -15.57
CA ASP A 36 -1.03 4.85 -15.99
C ASP A 36 -2.41 4.55 -15.42
N GLU A 37 -2.84 3.30 -15.54
CA GLU A 37 -4.14 2.88 -15.03
C GLU A 37 -4.25 3.11 -13.52
N PHE A 38 -3.11 3.08 -12.84
CA PHE A 38 -3.07 3.28 -11.40
C PHE A 38 -3.20 4.77 -11.05
N GLN A 39 -2.58 5.61 -11.86
CA GLN A 39 -2.64 7.06 -11.64
C GLN A 39 -4.06 7.58 -11.77
N LEU A 40 -4.77 7.10 -12.78
CA LEU A 40 -6.15 7.52 -13.02
C LEU A 40 -7.08 6.98 -11.93
N LEU A 41 -6.94 5.70 -11.60
CA LEU A 41 -7.78 5.06 -10.59
C LEU A 41 -7.59 5.72 -9.22
N GLN A 42 -6.33 5.87 -8.82
CA GLN A 42 -6.01 6.48 -7.53
C GLN A 42 -6.55 7.90 -7.41
N ARG A 43 -6.31 8.71 -8.44
CA ARG A 43 -6.77 10.10 -8.44
C ARG A 43 -8.29 10.19 -8.55
N ASN A 44 -8.89 9.24 -9.25
CA ASN A 44 -10.34 9.22 -9.44
C ASN A 44 -11.08 9.10 -8.11
N PHE A 45 -10.66 8.16 -7.29
CA PHE A 45 -11.30 7.93 -5.99
C PHE A 45 -10.85 8.97 -4.95
N MET A 46 -9.56 9.27 -4.94
CA MET A 46 -9.02 10.24 -3.99
C MET A 46 -9.68 11.60 -4.17
N ASP A 47 -10.16 11.87 -5.38
CA ASP A 47 -10.81 13.13 -5.69
C ASP A 47 -12.07 13.33 -4.84
N LYS A 48 -12.72 12.21 -4.49
CA LYS A 48 -13.92 12.26 -3.68
C LYS A 48 -13.59 12.14 -2.19
N TYR A 49 -12.62 11.29 -1.88
CA TYR A 49 -12.20 11.07 -0.50
C TYR A 49 -11.73 12.36 0.15
N TYR A 50 -10.75 13.03 -0.47
CA TYR A 50 -10.21 14.27 0.09
C TYR A 50 -11.31 15.33 0.29
N LEU A 51 -12.43 15.15 -0.38
CA LEU A 51 -13.54 16.09 -0.27
C LEU A 51 -14.31 15.88 1.04
N GLU A 52 -14.67 14.63 1.31
CA GLU A 52 -15.41 14.30 2.53
C GLU A 52 -14.53 14.45 3.76
N PHE A 53 -13.25 14.14 3.61
CA PHE A 53 -12.31 14.24 4.73
C PHE A 53 -11.91 15.69 4.98
N GLU A 54 -12.70 16.37 5.79
CA GLU A 54 -12.42 17.77 6.14
C GLU A 54 -11.84 17.89 7.54
N ASP A 55 -11.08 18.95 7.77
CA ASP A 55 -10.46 19.19 9.07
C ASP A 55 -11.49 19.67 10.09
N THR A 56 -11.97 18.75 10.91
CA THR A 56 -12.96 19.08 11.93
C THR A 56 -12.69 18.31 13.22
N GLU A 57 -13.32 18.76 14.31
CA GLU A 57 -13.14 18.12 15.61
C GLU A 57 -14.22 17.07 15.86
N GLU A 58 -15.11 16.90 14.88
CA GLU A 58 -16.19 15.93 15.00
C GLU A 58 -16.09 14.86 13.91
N ASN A 59 -16.25 13.60 14.30
CA ASN A 59 -16.18 12.49 13.37
C ASN A 59 -17.57 11.95 13.06
N LYS A 60 -17.73 11.38 11.86
CA LYS A 60 -19.01 10.81 11.45
C LYS A 60 -18.90 9.32 11.18
N LEU A 61 -20.04 8.67 11.00
CA LEU A 61 -20.08 7.24 10.74
C LEU A 61 -19.77 6.93 9.28
N ILE A 62 -19.76 7.96 8.45
CA ILE A 62 -19.49 7.80 7.02
C ILE A 62 -18.02 7.42 6.77
N TYR A 63 -17.18 7.63 7.77
CA TYR A 63 -15.76 7.31 7.66
C TYR A 63 -15.53 5.81 7.65
N THR A 64 -16.49 5.05 8.18
CA THR A 64 -16.36 3.59 8.22
C THR A 64 -16.58 2.97 6.84
N PRO A 65 -17.70 3.28 6.15
CA PRO A 65 -17.98 2.73 4.81
C PRO A 65 -16.91 3.15 3.80
N ILE A 66 -16.54 4.43 3.84
CA ILE A 66 -15.53 4.95 2.92
C ILE A 66 -14.21 4.22 3.10
N PHE A 67 -13.81 4.01 4.35
CA PHE A 67 -12.57 3.31 4.65
C PHE A 67 -12.60 1.89 4.10
N ASN A 68 -13.75 1.23 4.24
CA ASN A 68 -13.92 -0.13 3.76
C ASN A 68 -13.80 -0.19 2.23
N GLU A 69 -14.14 0.92 1.59
CA GLU A 69 -14.09 1.01 0.13
C GLU A 69 -12.64 1.08 -0.34
N TYR A 70 -11.81 1.78 0.42
CA TYR A 70 -10.39 1.91 0.08
C TYR A 70 -9.66 0.58 0.29
N ILE A 71 -10.02 -0.12 1.34
CA ILE A 71 -9.42 -1.40 1.67
C ILE A 71 -9.90 -2.50 0.72
N SER A 72 -11.12 -2.34 0.22
CA SER A 72 -11.69 -3.34 -0.70
C SER A 72 -11.26 -3.10 -2.14
N LEU A 73 -11.11 -1.84 -2.53
CA LEU A 73 -10.71 -1.51 -3.89
C LEU A 73 -9.20 -1.43 -4.07
N VAL A 74 -8.58 -0.50 -3.35
CA VAL A 74 -7.13 -0.28 -3.44
C VAL A 74 -6.31 -1.47 -2.94
N GLU A 75 -6.50 -1.84 -1.68
CA GLU A 75 -5.74 -2.95 -1.09
C GLU A 75 -5.85 -4.20 -1.96
N LYS A 76 -7.06 -4.52 -2.40
CA LYS A 76 -7.27 -5.70 -3.24
C LYS A 76 -6.72 -5.47 -4.65
N TYR A 77 -6.63 -4.21 -5.06
CA TYR A 77 -6.12 -3.88 -6.39
C TYR A 77 -4.68 -4.39 -6.54
N ILE A 78 -3.86 -4.12 -5.53
CA ILE A 78 -2.47 -4.55 -5.54
C ILE A 78 -2.35 -6.07 -5.38
N GLU A 79 -3.09 -6.61 -4.42
CA GLU A 79 -3.06 -8.05 -4.15
C GLU A 79 -3.41 -8.86 -5.40
N GLU A 80 -4.53 -8.52 -6.03
CA GLU A 80 -4.99 -9.21 -7.22
C GLU A 80 -3.96 -9.16 -8.35
N GLN A 81 -3.47 -7.96 -8.64
CA GLN A 81 -2.48 -7.77 -9.69
C GLN A 81 -1.23 -8.62 -9.44
N LEU A 82 -0.89 -8.81 -8.17
CA LEU A 82 0.27 -9.61 -7.79
C LEU A 82 -0.02 -11.09 -7.91
N LEU A 83 -1.26 -11.48 -7.62
CA LEU A 83 -1.67 -12.88 -7.69
C LEU A 83 -1.65 -13.37 -9.13
N GLN A 84 -1.81 -12.44 -10.07
CA GLN A 84 -1.81 -12.77 -11.49
C GLN A 84 -0.55 -13.53 -11.89
N ARG A 85 0.51 -13.35 -11.10
CA ARG A 85 1.77 -14.02 -11.37
C ARG A 85 2.17 -14.93 -10.23
N ILE A 86 1.71 -14.60 -9.02
CA ILE A 86 2.01 -15.40 -7.84
C ILE A 86 0.74 -15.76 -7.09
N PRO A 87 0.10 -16.90 -7.46
CA PRO A 87 -1.14 -17.35 -6.81
C PRO A 87 -0.92 -17.82 -5.38
N GLU A 88 0.34 -17.89 -4.98
CA GLU A 88 0.69 -18.33 -3.63
C GLU A 88 1.30 -17.18 -2.83
N PHE A 89 1.08 -15.96 -3.31
CA PHE A 89 1.61 -14.77 -2.65
C PHE A 89 0.85 -14.45 -1.37
N ASN A 90 1.57 -13.88 -0.40
CA ASN A 90 0.98 -13.50 0.87
C ASN A 90 1.07 -11.99 1.06
N MET A 91 0.01 -11.29 0.67
CA MET A 91 -0.03 -9.83 0.77
C MET A 91 0.00 -9.37 2.24
N ALA A 92 -0.58 -10.19 3.12
CA ALA A 92 -0.62 -9.86 4.54
C ALA A 92 0.75 -10.00 5.19
N ALA A 93 1.44 -11.09 4.88
CA ALA A 93 2.76 -11.34 5.45
C ALA A 93 3.82 -10.42 4.87
N PHE A 94 3.67 -10.07 3.60
CA PHE A 94 4.63 -9.18 2.94
C PHE A 94 4.56 -7.76 3.51
N THR A 95 3.34 -7.28 3.72
CA THR A 95 3.13 -5.94 4.27
C THR A 95 3.69 -5.83 5.68
N THR A 96 3.37 -6.80 6.52
CA THR A 96 3.83 -6.80 7.91
C THR A 96 5.35 -6.76 7.98
N THR A 97 5.99 -7.49 7.08
CA THR A 97 7.46 -7.55 7.02
C THR A 97 8.02 -6.28 6.38
N LEU A 98 7.23 -5.68 5.48
CA LEU A 98 7.66 -4.48 4.78
C LEU A 98 7.82 -3.32 5.76
N GLN A 99 6.95 -3.24 6.75
CA GLN A 99 7.01 -2.18 7.76
C GLN A 99 8.40 -2.15 8.41
N HIS A 100 8.94 -3.32 8.65
CA HIS A 100 10.27 -3.45 9.27
C HIS A 100 11.36 -3.17 8.23
N HIS A 101 11.17 -3.71 7.04
CA HIS A 101 12.13 -3.53 5.96
C HIS A 101 12.11 -2.10 5.45
N LYS A 102 11.22 -1.29 6.00
CA LYS A 102 11.12 0.11 5.61
C LYS A 102 12.41 0.84 5.93
N ASP A 103 13.19 0.28 6.84
CA ASP A 103 14.48 0.87 7.22
C ASP A 103 15.48 0.74 6.09
N GLU A 104 15.26 -0.24 5.22
CA GLU A 104 16.16 -0.47 4.08
C GLU A 104 15.52 0.00 2.78
N VAL A 105 14.40 -0.63 2.41
CA VAL A 105 13.69 -0.27 1.19
C VAL A 105 13.30 1.21 1.18
N ALA A 106 12.98 1.74 0.01
CA ALA A 106 12.60 3.13 -0.11
C ALA A 106 11.38 3.44 0.74
N GLY A 107 11.60 4.16 1.84
CA GLY A 107 10.51 4.52 2.73
C GLY A 107 9.51 5.44 2.08
N ASP A 108 10.00 6.26 1.15
CA ASP A 108 9.15 7.20 0.44
C ASP A 108 8.08 6.48 -0.37
N ILE A 109 8.44 5.35 -0.97
CA ILE A 109 7.50 4.57 -1.77
C ILE A 109 6.47 3.88 -0.88
N PHE A 110 6.96 3.19 0.15
CA PHE A 110 6.06 2.49 1.08
C PHE A 110 5.17 3.47 1.81
N ASP A 111 5.66 4.69 2.01
CA ASP A 111 4.92 5.72 2.71
C ASP A 111 3.50 5.85 2.15
N MET A 112 3.37 5.61 0.84
CA MET A 112 2.06 5.68 0.19
C MET A 112 1.21 4.47 0.59
N LEU A 113 1.83 3.30 0.56
CA LEU A 113 1.16 2.06 0.92
C LEU A 113 0.76 2.06 2.39
N LEU A 114 1.46 2.86 3.20
CA LEU A 114 1.18 2.95 4.62
C LEU A 114 -0.31 3.17 4.89
N THR A 115 -0.99 3.80 3.93
CA THR A 115 -2.42 4.07 4.08
C THR A 115 -3.23 2.80 4.28
N PHE A 116 -2.56 1.64 4.31
CA PHE A 116 -3.23 0.36 4.51
C PHE A 116 -3.87 0.31 5.89
N THR A 117 -3.22 0.92 6.87
CA THR A 117 -3.74 0.93 8.24
C THR A 117 -3.44 2.25 8.95
N ASP A 118 -2.30 2.85 8.61
CA ASP A 118 -1.89 4.11 9.23
C ASP A 118 -2.88 5.23 8.89
N PHE A 119 -3.90 5.36 9.73
CA PHE A 119 -4.93 6.38 9.53
C PHE A 119 -4.32 7.78 9.53
N LEU A 120 -3.23 7.95 10.26
CA LEU A 120 -2.55 9.25 10.33
C LEU A 120 -2.07 9.68 8.95
N ALA A 121 -1.55 8.74 8.19
CA ALA A 121 -1.05 9.03 6.86
C ALA A 121 -2.21 9.19 5.87
N PHE A 122 -3.31 8.51 6.14
CA PHE A 122 -4.49 8.56 5.29
C PHE A 122 -5.08 9.97 5.29
N LYS A 123 -5.38 10.49 6.48
CA LYS A 123 -5.95 11.82 6.62
C LYS A 123 -4.99 12.90 6.13
N GLU A 124 -3.73 12.80 6.53
CA GLU A 124 -2.72 13.76 6.14
C GLU A 124 -2.49 13.75 4.63
N MET A 125 -2.67 12.60 4.01
CA MET A 125 -2.48 12.46 2.57
C MET A 125 -3.51 13.28 1.81
N PHE A 126 -4.77 13.15 2.21
CA PHE A 126 -5.85 13.89 1.56
C PHE A 126 -5.65 15.40 1.67
N LEU A 127 -5.37 15.86 2.88
CA LEU A 127 -5.16 17.28 3.13
C LEU A 127 -3.96 17.79 2.34
N ASP A 128 -2.98 16.93 2.12
CA ASP A 128 -1.79 17.31 1.36
C ASP A 128 -2.14 17.62 -0.08
N TYR A 129 -2.93 16.74 -0.70
CA TYR A 129 -3.36 16.91 -2.08
C TYR A 129 -4.17 18.20 -2.23
N ARG A 130 -4.92 18.54 -1.20
CA ARG A 130 -5.74 19.74 -1.21
C ARG A 130 -4.87 20.99 -1.24
N ALA A 131 -3.82 21.00 -0.43
CA ALA A 131 -2.90 22.14 -0.35
C ALA A 131 -2.25 22.40 -1.71
N GLU A 132 -1.93 21.32 -2.42
CA GLU A 132 -1.31 21.43 -3.74
C GLU A 132 -2.21 22.18 -4.71
N LYS A 133 -3.52 22.00 -4.56
CA LYS A 133 -4.49 22.66 -5.42
C LYS A 133 -4.40 24.18 -5.31
N GLU A 134 -3.92 24.66 -4.16
CA GLU A 134 -3.79 26.09 -3.93
C GLU A 134 -2.51 26.63 -4.58
N GLY A 135 -1.49 25.77 -4.67
CA GLY A 135 -0.23 26.18 -5.26
C GLY A 135 0.79 26.61 -4.23
N ARG A 136 0.31 27.16 -3.12
CA ARG A 136 1.18 27.62 -2.05
C ARG A 136 1.27 26.58 -0.93
N GLY A 137 2.46 26.01 -0.75
CA GLY A 137 2.65 25.00 0.28
C GLY A 137 4.11 24.61 0.42
N MET A 2 32.18 -36.81 -3.71
CA MET A 2 31.78 -35.70 -2.81
C MET A 2 32.23 -34.35 -3.38
N ASP A 3 33.12 -34.39 -4.36
CA ASP A 3 33.65 -33.19 -4.98
C ASP A 3 34.30 -33.50 -6.31
N ALA A 4 34.05 -34.70 -6.82
CA ALA A 4 34.61 -35.12 -8.11
C ALA A 4 34.08 -34.27 -9.26
N LEU A 5 34.89 -34.11 -10.29
CA LEU A 5 34.49 -33.32 -11.46
C LEU A 5 33.28 -33.94 -12.15
N GLU A 6 32.56 -33.13 -12.92
CA GLU A 6 31.37 -33.58 -13.64
C GLU A 6 30.29 -34.06 -12.67
N GLY A 7 30.42 -35.30 -12.20
CA GLY A 7 29.45 -35.85 -11.28
C GLY A 7 29.71 -35.42 -9.85
N GLU A 8 29.01 -34.38 -9.40
CA GLU A 8 29.17 -33.87 -8.04
C GLU A 8 27.82 -33.79 -7.34
N SER A 9 27.81 -33.19 -6.15
CA SER A 9 26.58 -33.03 -5.38
C SER A 9 25.72 -31.90 -5.93
N PHE A 10 24.49 -32.23 -6.31
CA PHE A 10 23.56 -31.24 -6.85
C PHE A 10 23.25 -30.17 -5.82
N ALA A 11 23.49 -28.91 -6.19
CA ALA A 11 23.23 -27.78 -5.31
C ALA A 11 21.75 -27.40 -5.32
N LEU A 12 21.29 -26.78 -4.23
CA LEU A 12 19.90 -26.37 -4.12
C LEU A 12 19.76 -25.20 -3.14
N SER A 13 19.20 -24.10 -3.62
CA SER A 13 19.01 -22.92 -2.78
C SER A 13 17.63 -22.31 -3.02
N PHE A 14 17.05 -21.75 -1.96
CA PHE A 14 15.74 -21.12 -2.04
C PHE A 14 15.80 -19.67 -1.60
N SER A 15 14.79 -18.90 -1.97
CA SER A 15 14.73 -17.49 -1.61
C SER A 15 13.52 -17.20 -0.73
N SER A 16 13.44 -15.98 -0.21
CA SER A 16 12.34 -15.58 0.66
C SER A 16 12.36 -14.07 0.89
N ALA A 17 11.65 -13.63 1.93
CA ALA A 17 11.60 -12.21 2.26
C ALA A 17 12.97 -11.66 2.61
N SER A 18 13.90 -12.55 2.97
CA SER A 18 15.25 -12.14 3.34
C SER A 18 16.23 -12.48 2.22
N ASP A 19 15.70 -12.65 1.00
CA ASP A 19 16.52 -12.97 -0.15
C ASP A 19 16.10 -12.16 -1.37
N ALA A 20 16.55 -12.58 -2.54
CA ALA A 20 16.23 -11.90 -3.79
C ALA A 20 14.73 -11.91 -4.06
N GLU A 21 14.03 -12.88 -3.48
CA GLU A 21 12.59 -13.01 -3.67
C GLU A 21 11.87 -11.71 -3.27
N PHE A 22 12.17 -11.21 -2.08
CA PHE A 22 11.56 -9.98 -1.60
C PHE A 22 11.81 -8.85 -2.57
N ASP A 23 13.02 -8.82 -3.15
CA ASP A 23 13.39 -7.78 -4.11
C ASP A 23 12.52 -7.87 -5.36
N ALA A 24 12.20 -9.09 -5.78
CA ALA A 24 11.39 -9.32 -6.96
C ALA A 24 10.01 -8.68 -6.78
N VAL A 25 9.39 -8.91 -5.62
CA VAL A 25 8.08 -8.36 -5.34
C VAL A 25 8.10 -6.84 -5.39
N VAL A 26 9.16 -6.25 -4.85
CA VAL A 26 9.32 -4.80 -4.84
C VAL A 26 9.29 -4.24 -6.26
N GLY A 27 9.99 -4.91 -7.17
CA GLY A 27 10.03 -4.47 -8.55
C GLY A 27 8.65 -4.46 -9.18
N TYR A 28 7.85 -5.48 -8.88
CA TYR A 28 6.51 -5.58 -9.42
C TYR A 28 5.64 -4.43 -8.91
N LEU A 29 5.88 -4.02 -7.68
CA LEU A 29 5.12 -2.93 -7.07
C LEU A 29 5.40 -1.62 -7.78
N GLU A 30 6.67 -1.34 -8.04
CA GLU A 30 7.07 -0.12 -8.72
C GLU A 30 6.36 0.01 -10.06
N ASP A 31 6.31 -1.10 -10.81
CA ASP A 31 5.65 -1.11 -12.11
C ASP A 31 4.18 -0.72 -11.97
N ILE A 32 3.57 -1.10 -10.86
CA ILE A 32 2.17 -0.79 -10.60
C ILE A 32 2.00 0.70 -10.26
N ILE A 33 2.99 1.26 -9.59
CA ILE A 33 2.95 2.66 -9.21
C ILE A 33 2.89 3.57 -10.43
N MET A 34 3.66 3.22 -11.46
CA MET A 34 3.68 4.00 -12.69
C MET A 34 2.72 3.42 -13.72
N ASP A 35 1.85 2.52 -13.28
CA ASP A 35 0.88 1.89 -14.17
C ASP A 35 -0.23 2.87 -14.52
N ASP A 36 -0.60 2.90 -15.80
CA ASP A 36 -1.65 3.80 -16.29
C ASP A 36 -2.97 3.57 -15.55
N GLU A 37 -3.36 2.31 -15.41
CA GLU A 37 -4.60 1.96 -14.72
C GLU A 37 -4.56 2.39 -13.25
N PHE A 38 -3.36 2.45 -12.69
CA PHE A 38 -3.18 2.84 -11.30
C PHE A 38 -3.32 4.35 -11.11
N GLN A 39 -2.75 5.10 -12.03
CA GLN A 39 -2.81 6.56 -11.97
C GLN A 39 -4.24 7.06 -12.12
N LEU A 40 -4.96 6.51 -13.08
CA LEU A 40 -6.35 6.91 -13.34
C LEU A 40 -7.25 6.51 -12.18
N LEU A 41 -7.07 5.30 -11.68
CA LEU A 41 -7.87 4.77 -10.57
C LEU A 41 -7.61 5.54 -9.29
N GLN A 42 -6.34 5.88 -9.05
CA GLN A 42 -5.96 6.61 -7.84
C GLN A 42 -6.64 7.98 -7.78
N ARG A 43 -6.52 8.75 -8.85
CA ARG A 43 -7.11 10.08 -8.91
C ARG A 43 -8.63 10.02 -8.94
N ASN A 44 -9.17 8.98 -9.55
CA ASN A 44 -10.62 8.81 -9.65
C ASN A 44 -11.27 8.71 -8.27
N PHE A 45 -10.72 7.86 -7.42
CA PHE A 45 -11.26 7.67 -6.08
C PHE A 45 -10.86 8.81 -5.14
N MET A 46 -9.57 9.16 -5.16
CA MET A 46 -9.08 10.23 -4.29
C MET A 46 -9.82 11.54 -4.56
N ASP A 47 -10.36 11.68 -5.77
CA ASP A 47 -11.10 12.88 -6.14
C ASP A 47 -12.33 13.07 -5.26
N LYS A 48 -12.90 11.97 -4.79
CA LYS A 48 -14.09 12.02 -3.94
C LYS A 48 -13.70 11.97 -2.46
N TYR A 49 -12.69 11.19 -2.14
CA TYR A 49 -12.22 11.04 -0.77
C TYR A 49 -11.83 12.38 -0.16
N TYR A 50 -10.97 13.12 -0.85
CA TYR A 50 -10.50 14.41 -0.35
C TYR A 50 -11.65 15.42 -0.22
N LEU A 51 -12.78 15.10 -0.85
CA LEU A 51 -13.94 15.98 -0.80
C LEU A 51 -14.72 15.79 0.49
N GLU A 52 -14.90 14.53 0.89
CA GLU A 52 -15.64 14.21 2.10
C GLU A 52 -14.77 14.45 3.35
N PHE A 53 -13.47 14.19 3.22
CA PHE A 53 -12.55 14.37 4.33
C PHE A 53 -12.26 15.86 4.56
N GLU A 54 -13.09 16.50 5.37
CA GLU A 54 -12.91 17.92 5.67
C GLU A 54 -12.27 18.09 7.04
N ASP A 55 -11.51 19.17 7.22
CA ASP A 55 -10.84 19.44 8.48
C ASP A 55 -11.84 19.89 9.53
N THR A 56 -12.30 18.96 10.35
CA THR A 56 -13.27 19.26 11.40
C THR A 56 -12.94 18.51 12.68
N GLU A 57 -13.51 18.96 13.80
CA GLU A 57 -13.27 18.33 15.08
C GLU A 57 -14.39 17.33 15.42
N GLU A 58 -15.33 17.20 14.49
CA GLU A 58 -16.45 16.29 14.69
C GLU A 58 -16.13 14.90 14.13
N ASN A 59 -16.77 13.88 14.69
CA ASN A 59 -16.56 12.51 14.26
C ASN A 59 -17.68 12.04 13.36
N LYS A 60 -17.39 11.90 12.07
CA LYS A 60 -18.38 11.46 11.10
C LYS A 60 -18.34 9.94 10.92
N LEU A 61 -19.51 9.31 10.94
CA LEU A 61 -19.60 7.86 10.79
C LEU A 61 -19.38 7.46 9.33
N ILE A 62 -19.34 8.45 8.45
CA ILE A 62 -19.13 8.21 7.02
C ILE A 62 -17.71 7.76 6.73
N TYR A 63 -16.80 8.03 7.68
CA TYR A 63 -15.40 7.67 7.53
C TYR A 63 -15.22 6.15 7.68
N THR A 64 -16.21 5.49 8.27
CA THR A 64 -16.15 4.05 8.46
C THR A 64 -16.32 3.30 7.13
N PRO A 65 -17.39 3.58 6.36
CA PRO A 65 -17.62 2.92 5.07
C PRO A 65 -16.55 3.30 4.05
N ILE A 66 -16.18 4.58 4.02
CA ILE A 66 -15.17 5.06 3.08
C ILE A 66 -13.84 4.33 3.31
N PHE A 67 -13.51 4.11 4.59
CA PHE A 67 -12.27 3.43 4.95
C PHE A 67 -12.27 2.00 4.40
N ASN A 68 -13.38 1.30 4.61
CA ASN A 68 -13.51 -0.08 4.15
C ASN A 68 -13.46 -0.15 2.62
N GLU A 69 -13.82 0.95 1.98
CA GLU A 69 -13.80 1.02 0.52
C GLU A 69 -12.38 1.09 -0.02
N TYR A 70 -11.53 1.84 0.69
CA TYR A 70 -10.13 2.00 0.29
C TYR A 70 -9.36 0.70 0.50
N ILE A 71 -9.70 -0.01 1.57
CA ILE A 71 -9.06 -1.26 1.89
C ILE A 71 -9.51 -2.39 0.98
N SER A 72 -10.73 -2.28 0.47
CA SER A 72 -11.28 -3.31 -0.42
C SER A 72 -10.98 -3.00 -1.88
N LEU A 73 -10.86 -1.72 -2.20
CA LEU A 73 -10.59 -1.30 -3.58
C LEU A 73 -9.09 -1.20 -3.88
N VAL A 74 -8.40 -0.32 -3.16
CA VAL A 74 -6.97 -0.10 -3.37
C VAL A 74 -6.11 -1.26 -2.89
N GLU A 75 -6.20 -1.61 -1.61
CA GLU A 75 -5.40 -2.70 -1.05
C GLU A 75 -5.54 -3.96 -1.88
N LYS A 76 -6.78 -4.31 -2.25
CA LYS A 76 -7.04 -5.50 -3.05
C LYS A 76 -6.48 -5.33 -4.46
N TYR A 77 -6.47 -4.10 -4.95
CA TYR A 77 -5.95 -3.81 -6.28
C TYR A 77 -4.52 -4.29 -6.43
N ILE A 78 -3.69 -3.96 -5.44
CA ILE A 78 -2.28 -4.36 -5.46
C ILE A 78 -2.15 -5.87 -5.33
N GLU A 79 -2.87 -6.45 -4.38
CA GLU A 79 -2.84 -7.89 -4.14
C GLU A 79 -3.17 -8.68 -5.40
N GLU A 80 -4.29 -8.32 -6.04
CA GLU A 80 -4.74 -9.00 -7.25
C GLU A 80 -3.70 -8.91 -8.36
N GLN A 81 -3.09 -7.73 -8.52
CA GLN A 81 -2.09 -7.52 -9.55
C GLN A 81 -0.92 -8.48 -9.40
N LEU A 82 -0.54 -8.74 -8.16
CA LEU A 82 0.56 -9.65 -7.88
C LEU A 82 0.14 -11.11 -8.03
N LEU A 83 -1.11 -11.39 -7.67
CA LEU A 83 -1.64 -12.75 -7.77
C LEU A 83 -1.74 -13.21 -9.23
N GLN A 84 -1.82 -12.25 -10.14
CA GLN A 84 -1.91 -12.55 -11.57
C GLN A 84 -0.77 -13.44 -12.03
N ARG A 85 0.36 -13.36 -11.33
CA ARG A 85 1.54 -14.17 -11.67
C ARG A 85 2.01 -15.00 -10.50
N ILE A 86 1.47 -14.73 -9.31
CA ILE A 86 1.85 -15.46 -8.10
C ILE A 86 0.61 -15.85 -7.30
N PRO A 87 0.01 -17.01 -7.60
CA PRO A 87 -1.19 -17.49 -6.89
C PRO A 87 -0.89 -17.97 -5.48
N GLU A 88 0.39 -17.93 -5.11
CA GLU A 88 0.81 -18.37 -3.79
C GLU A 88 1.30 -17.18 -2.95
N PHE A 89 0.97 -15.98 -3.42
CA PHE A 89 1.37 -14.75 -2.72
C PHE A 89 0.36 -14.37 -1.66
N ASN A 90 0.84 -13.78 -0.57
CA ASN A 90 -0.02 -13.35 0.52
C ASN A 90 0.27 -11.91 0.90
N MET A 91 -0.62 -11.01 0.50
CA MET A 91 -0.46 -9.58 0.79
C MET A 91 -0.46 -9.33 2.30
N ALA A 92 -1.15 -10.17 3.04
CA ALA A 92 -1.24 -10.02 4.49
C ALA A 92 0.12 -10.24 5.15
N ALA A 93 0.69 -11.43 4.94
CA ALA A 93 1.99 -11.76 5.52
C ALA A 93 3.10 -10.90 4.93
N PHE A 94 2.89 -10.40 3.73
CA PHE A 94 3.89 -9.56 3.07
C PHE A 94 3.98 -8.19 3.72
N THR A 95 2.83 -7.56 3.96
CA THR A 95 2.80 -6.24 4.58
C THR A 95 3.35 -6.28 6.01
N THR A 96 3.02 -7.35 6.74
CA THR A 96 3.48 -7.51 8.11
C THR A 96 5.01 -7.62 8.17
N THR A 97 5.59 -8.35 7.23
CA THR A 97 7.03 -8.53 7.17
C THR A 97 7.73 -7.29 6.60
N LEU A 98 7.01 -6.56 5.75
CA LEU A 98 7.55 -5.36 5.10
C LEU A 98 7.84 -4.26 6.10
N GLN A 99 6.91 -4.04 7.04
CA GLN A 99 7.07 -2.99 8.05
C GLN A 99 8.42 -3.09 8.74
N HIS A 100 8.91 -4.32 8.90
CA HIS A 100 10.19 -4.56 9.53
C HIS A 100 11.32 -4.46 8.50
N HIS A 101 11.07 -4.98 7.31
CA HIS A 101 12.05 -4.96 6.24
C HIS A 101 12.28 -3.53 5.76
N LYS A 102 11.49 -2.61 6.29
CA LYS A 102 11.59 -1.20 5.93
C LYS A 102 12.98 -0.66 6.24
N ASP A 103 13.73 -1.39 7.06
CA ASP A 103 15.08 -1.00 7.42
C ASP A 103 15.94 -0.76 6.19
N GLU A 104 15.60 -1.44 5.10
CA GLU A 104 16.35 -1.30 3.85
C GLU A 104 15.47 -0.74 2.73
N VAL A 105 14.18 -1.04 2.80
CA VAL A 105 13.23 -0.56 1.79
C VAL A 105 13.13 0.96 1.82
N ALA A 106 12.92 1.55 0.66
CA ALA A 106 12.80 3.01 0.55
C ALA A 106 11.56 3.50 1.29
N GLY A 107 11.77 4.15 2.43
CA GLY A 107 10.67 4.66 3.21
C GLY A 107 9.82 5.68 2.45
N ASP A 108 10.46 6.41 1.54
CA ASP A 108 9.77 7.42 0.75
C ASP A 108 8.61 6.82 -0.04
N ILE A 109 8.88 5.72 -0.75
CA ILE A 109 7.84 5.07 -1.55
C ILE A 109 6.80 4.39 -0.67
N PHE A 110 7.26 3.61 0.30
CA PHE A 110 6.35 2.90 1.21
C PHE A 110 5.49 3.88 1.99
N ASP A 111 6.00 5.10 2.18
CA ASP A 111 5.28 6.14 2.92
C ASP A 111 3.84 6.26 2.46
N MET A 112 3.61 6.15 1.15
CA MET A 112 2.26 6.24 0.62
C MET A 112 1.47 4.98 0.95
N LEU A 113 2.16 3.84 0.89
CA LEU A 113 1.55 2.55 1.19
C LEU A 113 1.14 2.47 2.65
N LEU A 114 1.78 3.27 3.50
CA LEU A 114 1.49 3.29 4.93
C LEU A 114 -0.01 3.42 5.17
N THR A 115 -0.72 4.03 4.23
CA THR A 115 -2.16 4.22 4.35
C THR A 115 -2.89 2.89 4.59
N PHE A 116 -2.16 1.78 4.56
CA PHE A 116 -2.76 0.47 4.79
C PHE A 116 -3.30 0.35 6.21
N THR A 117 -2.62 0.97 7.16
CA THR A 117 -3.04 0.92 8.56
C THR A 117 -2.73 2.23 9.28
N ASP A 118 -2.02 3.13 8.60
CA ASP A 118 -1.66 4.41 9.18
C ASP A 118 -2.71 5.48 8.86
N PHE A 119 -3.76 5.54 9.67
CA PHE A 119 -4.84 6.50 9.45
C PHE A 119 -4.30 7.93 9.49
N LEU A 120 -3.28 8.16 10.31
CA LEU A 120 -2.69 9.48 10.43
C LEU A 120 -2.17 9.97 9.08
N ALA A 121 -1.56 9.06 8.32
CA ALA A 121 -1.02 9.38 7.01
C ALA A 121 -2.14 9.50 5.98
N PHE A 122 -3.24 8.80 6.23
CA PHE A 122 -4.39 8.82 5.33
C PHE A 122 -5.02 10.22 5.28
N LYS A 123 -5.37 10.74 6.46
CA LYS A 123 -5.99 12.06 6.57
C LYS A 123 -5.02 13.16 6.13
N GLU A 124 -3.76 13.04 6.56
CA GLU A 124 -2.75 14.03 6.22
C GLU A 124 -2.48 14.06 4.72
N MET A 125 -2.65 12.91 4.07
CA MET A 125 -2.41 12.81 2.63
C MET A 125 -3.46 13.58 1.84
N PHE A 126 -4.73 13.38 2.18
CA PHE A 126 -5.82 14.06 1.47
C PHE A 126 -5.84 15.55 1.79
N LEU A 127 -5.61 15.90 3.05
CA LEU A 127 -5.60 17.29 3.46
C LEU A 127 -4.56 18.09 2.70
N ASP A 128 -3.39 17.48 2.50
CA ASP A 128 -2.30 18.13 1.77
C ASP A 128 -2.68 18.34 0.31
N TYR A 129 -3.31 17.33 -0.28
CA TYR A 129 -3.74 17.40 -1.68
C TYR A 129 -4.68 18.57 -1.89
N ARG A 130 -5.51 18.84 -0.88
CA ARG A 130 -6.47 19.94 -0.95
C ARG A 130 -5.75 21.29 -0.86
N ALA A 131 -4.70 21.33 -0.05
CA ALA A 131 -3.93 22.57 0.14
C ALA A 131 -3.29 23.03 -1.17
N GLU A 132 -2.83 22.08 -1.96
CA GLU A 132 -2.19 22.39 -3.24
C GLU A 132 -3.18 23.05 -4.20
N LYS A 133 -4.47 22.78 -4.00
CA LYS A 133 -5.52 23.33 -4.85
C LYS A 133 -5.70 24.83 -4.60
N GLU A 134 -5.12 25.31 -3.50
CA GLU A 134 -5.22 26.72 -3.15
C GLU A 134 -3.89 27.43 -3.37
N GLY A 135 -2.87 26.66 -3.71
CA GLY A 135 -1.55 27.23 -3.95
C GLY A 135 -1.28 27.45 -5.43
N ARG A 136 -1.70 26.50 -6.25
CA ARG A 136 -1.50 26.59 -7.69
C ARG A 136 -2.53 25.75 -8.44
N GLY A 137 -3.35 26.41 -9.25
CA GLY A 137 -4.37 25.70 -10.01
C GLY A 137 -5.62 25.43 -9.19
N MET A 2 31.26 5.01 -9.90
CA MET A 2 29.82 4.62 -9.98
C MET A 2 29.66 3.12 -10.14
N ASP A 3 28.66 2.56 -9.45
CA ASP A 3 28.41 1.12 -9.51
C ASP A 3 26.93 0.84 -9.77
N ALA A 4 26.09 1.24 -8.81
CA ALA A 4 24.64 1.05 -8.92
C ALA A 4 24.25 -0.42 -8.86
N LEU A 5 25.25 -1.31 -8.81
CA LEU A 5 25.00 -2.74 -8.76
C LEU A 5 25.50 -3.32 -7.43
N GLU A 6 24.70 -4.18 -6.83
CA GLU A 6 25.06 -4.81 -5.56
C GLU A 6 24.22 -6.05 -5.31
N GLY A 7 24.88 -7.15 -4.94
CA GLY A 7 24.18 -8.39 -4.68
C GLY A 7 24.16 -9.32 -5.88
N GLU A 8 25.28 -10.01 -6.10
CA GLU A 8 25.40 -10.92 -7.23
C GLU A 8 25.33 -12.38 -6.75
N SER A 9 25.45 -12.57 -5.45
CA SER A 9 25.40 -13.91 -4.86
C SER A 9 23.97 -14.42 -4.80
N PHE A 10 23.81 -15.73 -4.65
CA PHE A 10 22.48 -16.34 -4.57
C PHE A 10 22.56 -17.73 -3.95
N ALA A 11 21.54 -18.07 -3.17
CA ALA A 11 21.48 -19.36 -2.50
C ALA A 11 20.04 -19.89 -2.48
N LEU A 12 19.08 -18.98 -2.32
CA LEU A 12 17.67 -19.34 -2.30
C LEU A 12 17.37 -20.29 -1.14
N SER A 13 16.89 -19.72 -0.03
CA SER A 13 16.57 -20.52 1.15
C SER A 13 15.05 -20.66 1.30
N PHE A 14 14.33 -20.53 0.18
CA PHE A 14 12.88 -20.63 0.17
C PHE A 14 12.25 -19.52 1.02
N SER A 15 13.06 -18.55 1.41
CA SER A 15 12.59 -17.44 2.22
C SER A 15 12.33 -16.21 1.34
N SER A 16 11.33 -15.42 1.70
CA SER A 16 10.99 -14.22 0.96
C SER A 16 11.72 -13.01 1.51
N ALA A 17 11.82 -12.94 2.83
CA ALA A 17 12.49 -11.83 3.50
C ALA A 17 14.00 -11.87 3.29
N SER A 18 14.47 -12.93 2.64
CA SER A 18 15.90 -13.11 2.37
C SER A 18 16.49 -11.85 1.74
N ASP A 19 16.32 -11.72 0.42
CA ASP A 19 16.84 -10.56 -0.30
C ASP A 19 16.41 -10.58 -1.76
N ALA A 20 16.62 -11.73 -2.40
CA ALA A 20 16.26 -11.89 -3.81
C ALA A 20 14.75 -11.86 -4.02
N GLU A 21 14.04 -12.68 -3.26
CA GLU A 21 12.58 -12.75 -3.37
C GLU A 21 11.94 -11.41 -2.99
N PHE A 22 12.34 -10.87 -1.84
CA PHE A 22 11.79 -9.59 -1.38
C PHE A 22 11.99 -8.50 -2.43
N ASP A 23 13.22 -8.35 -2.91
CA ASP A 23 13.54 -7.35 -3.91
C ASP A 23 12.69 -7.51 -5.16
N ALA A 24 12.37 -8.76 -5.49
CA ALA A 24 11.54 -9.05 -6.66
C ALA A 24 10.16 -8.44 -6.52
N VAL A 25 9.54 -8.65 -5.37
CA VAL A 25 8.21 -8.12 -5.11
C VAL A 25 8.19 -6.60 -5.18
N VAL A 26 9.19 -5.97 -4.57
CA VAL A 26 9.29 -4.51 -4.57
C VAL A 26 9.31 -3.96 -6.01
N GLY A 27 10.00 -4.68 -6.89
CA GLY A 27 10.07 -4.25 -8.27
C GLY A 27 8.72 -4.25 -8.96
N TYR A 28 7.98 -5.34 -8.78
CA TYR A 28 6.65 -5.47 -9.37
C TYR A 28 5.73 -4.38 -8.85
N LEU A 29 5.90 -4.03 -7.57
CA LEU A 29 5.08 -2.99 -6.95
C LEU A 29 5.25 -1.67 -7.68
N GLU A 30 6.50 -1.28 -7.93
CA GLU A 30 6.79 -0.03 -8.62
C GLU A 30 6.16 0.00 -10.01
N ASP A 31 6.15 -1.16 -10.67
CA ASP A 31 5.59 -1.27 -12.00
C ASP A 31 4.08 -1.01 -11.99
N ILE A 32 3.41 -1.48 -10.93
CA ILE A 32 1.98 -1.30 -10.79
C ILE A 32 1.63 0.15 -10.44
N ILE A 33 2.46 0.77 -9.61
CA ILE A 33 2.25 2.15 -9.20
C ILE A 33 2.39 3.10 -10.38
N MET A 34 3.29 2.76 -11.30
CA MET A 34 3.53 3.57 -12.48
C MET A 34 2.63 3.16 -13.65
N ASP A 35 1.78 2.17 -13.41
CA ASP A 35 0.87 1.69 -14.44
C ASP A 35 -0.17 2.74 -14.78
N ASP A 36 -0.51 2.84 -16.05
CA ASP A 36 -1.50 3.83 -16.51
C ASP A 36 -2.83 3.64 -15.80
N GLU A 37 -3.21 2.38 -15.56
CA GLU A 37 -4.46 2.08 -14.89
C GLU A 37 -4.46 2.59 -13.44
N PHE A 38 -3.29 2.58 -12.82
CA PHE A 38 -3.16 3.04 -11.45
C PHE A 38 -3.23 4.56 -11.37
N GLN A 39 -2.59 5.22 -12.32
CA GLN A 39 -2.58 6.69 -12.36
C GLN A 39 -3.99 7.24 -12.50
N LEU A 40 -4.77 6.65 -13.40
CA LEU A 40 -6.15 7.08 -13.62
C LEU A 40 -7.03 6.75 -12.42
N LEU A 41 -6.95 5.51 -11.95
CA LEU A 41 -7.75 5.08 -10.81
C LEU A 41 -7.38 5.84 -9.55
N GLN A 42 -6.15 6.36 -9.51
CA GLN A 42 -5.67 7.13 -8.37
C GLN A 42 -6.35 8.49 -8.30
N ARG A 43 -6.35 9.21 -9.42
CA ARG A 43 -6.96 10.53 -9.48
C ARG A 43 -8.47 10.45 -9.30
N ASN A 44 -9.07 9.37 -9.80
CA ASN A 44 -10.51 9.17 -9.71
C ASN A 44 -10.93 8.85 -8.27
N PHE A 45 -10.12 8.05 -7.59
CA PHE A 45 -10.41 7.65 -6.21
C PHE A 45 -10.20 8.82 -5.25
N MET A 46 -9.06 9.50 -5.37
CA MET A 46 -8.75 10.63 -4.51
C MET A 46 -9.73 11.78 -4.75
N ASP A 47 -10.29 11.82 -5.96
CA ASP A 47 -11.24 12.88 -6.32
C ASP A 47 -12.46 12.89 -5.38
N LYS A 48 -12.82 11.71 -4.87
CA LYS A 48 -13.98 11.59 -3.99
C LYS A 48 -13.57 11.65 -2.52
N TYR A 49 -12.55 10.88 -2.16
CA TYR A 49 -12.08 10.82 -0.78
C TYR A 49 -11.62 12.20 -0.28
N TYR A 50 -10.84 12.91 -1.10
CA TYR A 50 -10.34 14.23 -0.71
C TYR A 50 -11.49 15.19 -0.43
N LEU A 51 -12.68 14.87 -0.94
CA LEU A 51 -13.85 15.70 -0.72
C LEU A 51 -14.46 15.46 0.64
N GLU A 52 -14.71 14.18 0.95
CA GLU A 52 -15.30 13.81 2.23
C GLU A 52 -14.34 14.10 3.39
N PHE A 53 -13.05 13.94 3.13
CA PHE A 53 -12.04 14.20 4.16
C PHE A 53 -11.78 15.68 4.32
N GLU A 54 -12.59 16.33 5.16
CA GLU A 54 -12.45 17.75 5.42
C GLU A 54 -11.75 18.01 6.74
N ASP A 55 -11.15 19.18 6.87
CA ASP A 55 -10.43 19.55 8.10
C ASP A 55 -11.40 19.74 9.26
N THR A 56 -11.50 18.73 10.12
CA THR A 56 -12.39 18.79 11.28
C THR A 56 -11.73 18.17 12.51
N GLU A 57 -12.37 18.32 13.66
CA GLU A 57 -11.85 17.78 14.90
C GLU A 57 -12.75 16.68 15.44
N GLU A 58 -13.95 16.58 14.88
CA GLU A 58 -14.92 15.56 15.30
C GLU A 58 -14.99 14.42 14.29
N ASN A 59 -15.19 13.21 14.80
CA ASN A 59 -15.29 12.03 13.94
C ASN A 59 -16.71 11.82 13.47
N LYS A 60 -16.86 11.22 12.29
CA LYS A 60 -18.18 10.96 11.73
C LYS A 60 -18.35 9.48 11.38
N LEU A 61 -19.60 9.07 11.18
CA LEU A 61 -19.90 7.69 10.85
C LEU A 61 -19.65 7.40 9.36
N ILE A 62 -19.57 8.46 8.58
CA ILE A 62 -19.34 8.33 7.14
C ILE A 62 -17.96 7.74 6.85
N TYR A 63 -17.09 7.76 7.86
CA TYR A 63 -15.74 7.23 7.71
C TYR A 63 -15.74 5.71 7.70
N THR A 64 -16.82 5.11 8.21
CA THR A 64 -16.93 3.66 8.24
C THR A 64 -17.12 3.07 6.83
N PRO A 65 -18.11 3.57 6.05
CA PRO A 65 -18.34 3.09 4.69
C PRO A 65 -17.22 3.49 3.75
N ILE A 66 -16.69 4.70 3.93
CA ILE A 66 -15.60 5.19 3.09
C ILE A 66 -14.34 4.35 3.28
N PHE A 67 -14.08 3.95 4.52
CA PHE A 67 -12.91 3.14 4.83
C PHE A 67 -13.00 1.77 4.17
N ASN A 68 -14.16 1.12 4.30
CA ASN A 68 -14.38 -0.19 3.71
C ASN A 68 -14.21 -0.14 2.20
N GLU A 69 -14.56 1.01 1.61
CA GLU A 69 -14.44 1.19 0.17
C GLU A 69 -12.98 1.24 -0.25
N TYR A 70 -12.16 1.86 0.59
CA TYR A 70 -10.73 1.98 0.32
C TYR A 70 -10.05 0.62 0.33
N ILE A 71 -10.43 -0.21 1.30
CA ILE A 71 -9.87 -1.54 1.44
C ILE A 71 -10.37 -2.49 0.35
N SER A 72 -11.58 -2.24 -0.14
CA SER A 72 -12.16 -3.09 -1.18
C SER A 72 -11.68 -2.68 -2.57
N LEU A 73 -11.45 -1.38 -2.76
CA LEU A 73 -11.00 -0.87 -4.06
C LEU A 73 -9.47 -0.87 -4.19
N VAL A 74 -8.80 -0.09 -3.33
CA VAL A 74 -7.35 0.04 -3.39
C VAL A 74 -6.61 -1.19 -2.88
N GLU A 75 -6.85 -1.56 -1.62
CA GLU A 75 -6.17 -2.72 -1.03
C GLU A 75 -6.32 -3.96 -1.91
N LYS A 76 -7.53 -4.20 -2.41
CA LYS A 76 -7.79 -5.35 -3.26
C LYS A 76 -7.10 -5.20 -4.61
N TYR A 77 -6.98 -3.96 -5.08
CA TYR A 77 -6.34 -3.69 -6.36
C TYR A 77 -4.91 -4.21 -6.37
N ILE A 78 -4.14 -3.85 -5.34
CA ILE A 78 -2.75 -4.27 -5.25
C ILE A 78 -2.63 -5.79 -5.11
N GLU A 79 -3.40 -6.36 -4.18
CA GLU A 79 -3.36 -7.80 -3.94
C GLU A 79 -3.70 -8.60 -5.19
N GLU A 80 -4.81 -8.26 -5.85
CA GLU A 80 -5.24 -8.97 -7.05
C GLU A 80 -4.18 -8.91 -8.15
N GLN A 81 -3.69 -7.71 -8.44
CA GLN A 81 -2.69 -7.53 -9.49
C GLN A 81 -1.44 -8.38 -9.23
N LEU A 82 -1.06 -8.51 -7.97
CA LEU A 82 0.12 -9.29 -7.61
C LEU A 82 -0.14 -10.79 -7.77
N LEU A 83 -1.36 -11.21 -7.41
CA LEU A 83 -1.73 -12.62 -7.51
C LEU A 83 -1.82 -13.07 -8.97
N GLN A 84 -2.05 -12.12 -9.86
CA GLN A 84 -2.17 -12.42 -11.29
C GLN A 84 -0.89 -13.03 -11.84
N ARG A 85 0.22 -12.81 -11.13
CA ARG A 85 1.51 -13.34 -11.55
C ARG A 85 2.08 -14.29 -10.49
N ILE A 86 1.63 -14.12 -9.26
CA ILE A 86 2.09 -14.96 -8.16
C ILE A 86 0.91 -15.49 -7.35
N PRO A 87 0.36 -16.66 -7.74
CA PRO A 87 -0.78 -17.28 -7.03
C PRO A 87 -0.40 -17.81 -5.66
N GLU A 88 0.88 -17.68 -5.32
CA GLU A 88 1.39 -18.15 -4.03
C GLU A 88 1.83 -16.97 -3.16
N PHE A 89 1.43 -15.77 -3.56
CA PHE A 89 1.79 -14.55 -2.83
C PHE A 89 0.88 -14.35 -1.63
N ASN A 90 1.44 -13.78 -0.57
CA ASN A 90 0.67 -13.51 0.65
C ASN A 90 0.79 -12.03 1.04
N MET A 91 -0.24 -11.26 0.70
CA MET A 91 -0.27 -9.83 1.00
C MET A 91 -0.26 -9.59 2.51
N ALA A 92 -0.78 -10.55 3.27
CA ALA A 92 -0.83 -10.43 4.72
C ALA A 92 0.55 -10.55 5.34
N ALA A 93 1.23 -11.67 5.09
CA ALA A 93 2.56 -11.90 5.63
C ALA A 93 3.59 -10.94 5.03
N PHE A 94 3.32 -10.47 3.83
CA PHE A 94 4.22 -9.54 3.15
C PHE A 94 4.27 -8.19 3.86
N THR A 95 3.09 -7.63 4.11
CA THR A 95 2.98 -6.34 4.78
C THR A 95 3.57 -6.39 6.19
N THR A 96 3.23 -7.44 6.93
CA THR A 96 3.71 -7.62 8.30
C THR A 96 5.24 -7.60 8.34
N THR A 97 5.86 -8.25 7.36
CA THR A 97 7.32 -8.30 7.28
C THR A 97 7.89 -7.01 6.72
N LEU A 98 7.10 -6.33 5.89
CA LEU A 98 7.52 -5.07 5.27
C LEU A 98 7.80 -3.98 6.30
N GLN A 99 6.97 -3.92 7.35
CA GLN A 99 7.14 -2.90 8.39
C GLN A 99 8.56 -2.87 8.93
N HIS A 100 9.19 -4.03 9.01
CA HIS A 100 10.56 -4.10 9.51
C HIS A 100 11.55 -3.82 8.39
N HIS A 101 11.27 -4.38 7.22
CA HIS A 101 12.13 -4.19 6.06
C HIS A 101 12.03 -2.77 5.53
N LYS A 102 11.21 -1.96 6.19
CA LYS A 102 11.03 -0.57 5.82
C LYS A 102 12.36 0.18 5.96
N ASP A 103 13.23 -0.34 6.81
CA ASP A 103 14.54 0.28 7.04
C ASP A 103 15.42 0.14 5.81
N GLU A 104 15.09 -0.82 4.95
CA GLU A 104 15.86 -1.05 3.74
C GLU A 104 15.16 -0.46 2.52
N VAL A 105 13.96 -0.95 2.23
CA VAL A 105 13.18 -0.48 1.09
C VAL A 105 12.90 1.03 1.22
N ALA A 106 12.61 1.67 0.09
CA ALA A 106 12.33 3.10 0.07
C ALA A 106 11.19 3.45 1.02
N GLY A 107 11.53 4.10 2.12
CA GLY A 107 10.53 4.48 3.10
C GLY A 107 9.53 5.48 2.53
N ASP A 108 9.98 6.31 1.61
CA ASP A 108 9.11 7.30 0.98
C ASP A 108 8.00 6.64 0.17
N ILE A 109 8.35 5.57 -0.55
CA ILE A 109 7.38 4.86 -1.37
C ILE A 109 6.37 4.11 -0.51
N PHE A 110 6.86 3.36 0.46
CA PHE A 110 5.98 2.59 1.34
C PHE A 110 5.11 3.52 2.18
N ASP A 111 5.64 4.71 2.49
CA ASP A 111 4.91 5.68 3.30
C ASP A 111 3.48 5.85 2.80
N MET A 112 3.29 5.65 1.49
CA MET A 112 1.97 5.78 0.89
C MET A 112 1.11 4.57 1.31
N LEU A 113 1.66 3.38 1.12
CA LEU A 113 0.98 2.15 1.46
C LEU A 113 0.78 2.04 2.97
N LEU A 114 1.62 2.76 3.71
CA LEU A 114 1.57 2.76 5.17
C LEU A 114 0.16 3.04 5.67
N THR A 115 -0.61 3.76 4.85
CA THR A 115 -1.98 4.10 5.20
C THR A 115 -2.85 2.86 5.42
N PHE A 116 -2.25 1.67 5.30
CA PHE A 116 -2.96 0.42 5.50
C PHE A 116 -3.45 0.30 6.94
N THR A 117 -2.82 1.06 7.84
CA THR A 117 -3.19 1.03 9.25
C THR A 117 -3.06 2.42 9.88
N ASP A 118 -2.16 3.23 9.33
CA ASP A 118 -1.93 4.58 9.84
C ASP A 118 -2.99 5.55 9.35
N PHE A 119 -4.10 5.64 10.09
CA PHE A 119 -5.19 6.52 9.72
C PHE A 119 -4.73 7.98 9.68
N LEU A 120 -3.73 8.30 10.49
CA LEU A 120 -3.20 9.65 10.55
C LEU A 120 -2.51 10.02 9.23
N ALA A 121 -1.83 9.04 8.63
CA ALA A 121 -1.15 9.26 7.37
C ALA A 121 -2.13 9.30 6.21
N PHE A 122 -3.26 8.64 6.39
CA PHE A 122 -4.31 8.59 5.37
C PHE A 122 -4.97 9.96 5.24
N LYS A 123 -5.47 10.48 6.36
CA LYS A 123 -6.12 11.78 6.39
C LYS A 123 -5.15 12.88 5.98
N GLU A 124 -3.96 12.85 6.58
CA GLU A 124 -2.93 13.85 6.29
C GLU A 124 -2.61 13.85 4.80
N MET A 125 -2.67 12.68 4.17
CA MET A 125 -2.39 12.54 2.76
C MET A 125 -3.37 13.36 1.93
N PHE A 126 -4.66 13.22 2.23
CA PHE A 126 -5.69 13.95 1.52
C PHE A 126 -5.63 15.45 1.80
N LEU A 127 -5.33 15.80 3.05
CA LEU A 127 -5.23 17.20 3.46
C LEU A 127 -4.12 17.91 2.69
N ASP A 128 -3.03 17.17 2.44
CA ASP A 128 -1.90 17.74 1.71
C ASP A 128 -2.25 17.96 0.24
N TYR A 129 -2.99 17.01 -0.32
CA TYR A 129 -3.40 17.10 -1.72
C TYR A 129 -4.29 18.31 -1.95
N ARG A 130 -5.23 18.53 -1.03
CA ARG A 130 -6.14 19.67 -1.14
C ARG A 130 -5.39 20.99 -0.99
N ALA A 131 -4.45 21.02 -0.05
CA ALA A 131 -3.65 22.23 0.18
C ALA A 131 -2.82 22.58 -1.04
N GLU A 132 -2.50 21.57 -1.85
CA GLU A 132 -1.71 21.76 -3.06
C GLU A 132 -2.52 22.47 -4.13
N LYS A 133 -3.84 22.38 -4.02
CA LYS A 133 -4.74 23.01 -4.98
C LYS A 133 -4.59 24.53 -4.97
N GLU A 134 -4.02 25.06 -3.88
CA GLU A 134 -3.82 26.50 -3.75
C GLU A 134 -2.92 27.03 -4.86
N GLY A 135 -2.05 26.17 -5.39
CA GLY A 135 -1.15 26.57 -6.45
C GLY A 135 0.23 26.91 -5.94
N ARG A 136 0.55 26.48 -4.73
CA ARG A 136 1.85 26.74 -4.14
C ARG A 136 2.83 25.63 -4.47
N GLY A 137 2.33 24.55 -5.04
CA GLY A 137 3.17 23.43 -5.40
C GLY A 137 2.62 22.61 -6.54
N MET A 2 11.11 -43.00 23.14
CA MET A 2 10.45 -42.47 21.93
C MET A 2 10.46 -40.94 21.93
N ASP A 3 10.43 -40.36 20.74
CA ASP A 3 10.43 -38.91 20.59
C ASP A 3 9.09 -38.40 20.11
N ALA A 4 8.54 -39.05 19.08
CA ALA A 4 7.25 -38.66 18.52
C ALA A 4 7.27 -37.23 18.01
N LEU A 5 7.47 -37.08 16.70
CA LEU A 5 7.51 -35.75 16.09
C LEU A 5 6.11 -35.32 15.65
N GLU A 6 5.80 -34.04 15.88
CA GLU A 6 4.50 -33.49 15.52
C GLU A 6 4.61 -32.57 14.31
N GLY A 7 5.82 -32.07 14.08
CA GLY A 7 6.05 -31.17 12.94
C GLY A 7 6.65 -29.85 13.37
N GLU A 8 7.90 -29.89 13.83
CA GLU A 8 8.59 -28.67 14.25
C GLU A 8 9.65 -28.26 13.24
N SER A 9 10.28 -29.26 12.62
CA SER A 9 11.33 -29.01 11.63
C SER A 9 10.81 -29.25 10.22
N PHE A 10 9.50 -29.46 10.10
CA PHE A 10 8.88 -29.72 8.80
C PHE A 10 8.11 -28.49 8.32
N ALA A 11 8.24 -28.19 7.03
CA ALA A 11 7.56 -27.04 6.43
C ALA A 11 7.91 -25.75 7.15
N LEU A 12 8.97 -25.09 6.69
CA LEU A 12 9.41 -23.84 7.28
C LEU A 12 9.76 -22.81 6.22
N SER A 13 10.29 -21.67 6.65
CA SER A 13 10.67 -20.60 5.72
C SER A 13 12.19 -20.52 5.60
N PHE A 14 12.69 -20.58 4.37
CA PHE A 14 14.12 -20.51 4.12
C PHE A 14 14.46 -19.43 3.09
N SER A 15 13.41 -18.84 2.50
CA SER A 15 13.59 -17.79 1.50
C SER A 15 12.32 -16.97 1.32
N SER A 16 12.38 -15.70 1.67
CA SER A 16 11.24 -14.80 1.55
C SER A 16 11.66 -13.34 1.69
N ALA A 17 11.81 -12.88 2.92
CA ALA A 17 12.20 -11.51 3.19
C ALA A 17 13.71 -11.32 3.06
N SER A 18 14.47 -12.28 3.58
CA SER A 18 15.92 -12.22 3.52
C SER A 18 16.45 -12.79 2.21
N ASP A 19 15.64 -12.70 1.16
CA ASP A 19 16.02 -13.21 -0.15
C ASP A 19 15.58 -12.27 -1.27
N ALA A 20 16.06 -12.53 -2.47
CA ALA A 20 15.73 -11.73 -3.64
C ALA A 20 14.22 -11.67 -3.88
N GLU A 21 13.51 -12.66 -3.35
CA GLU A 21 12.05 -12.74 -3.51
C GLU A 21 11.38 -11.47 -3.03
N PHE A 22 11.71 -11.02 -1.82
CA PHE A 22 11.13 -9.80 -1.26
C PHE A 22 11.43 -8.61 -2.16
N ASP A 23 12.68 -8.54 -2.63
CA ASP A 23 13.10 -7.45 -3.50
C ASP A 23 12.29 -7.45 -4.80
N ALA A 24 11.96 -8.64 -5.27
CA ALA A 24 11.18 -8.79 -6.50
C ALA A 24 9.81 -8.17 -6.33
N VAL A 25 9.18 -8.43 -5.18
CA VAL A 25 7.86 -7.90 -4.90
C VAL A 25 7.87 -6.38 -4.94
N VAL A 26 8.91 -5.78 -4.37
CA VAL A 26 9.04 -4.33 -4.36
C VAL A 26 9.10 -3.79 -5.78
N GLY A 27 9.76 -4.52 -6.67
CA GLY A 27 9.86 -4.12 -8.05
C GLY A 27 8.52 -4.07 -8.74
N TYR A 28 7.68 -5.08 -8.48
CA TYR A 28 6.35 -5.15 -9.07
C TYR A 28 5.49 -3.98 -8.59
N LEU A 29 5.68 -3.60 -7.33
CA LEU A 29 4.92 -2.50 -6.74
C LEU A 29 5.20 -1.19 -7.47
N GLU A 30 6.48 -0.90 -7.68
CA GLU A 30 6.88 0.32 -8.38
C GLU A 30 6.31 0.34 -9.79
N ASP A 31 6.22 -0.84 -10.41
CA ASP A 31 5.70 -0.96 -11.76
C ASP A 31 4.23 -0.58 -11.81
N ILE A 32 3.51 -0.87 -10.73
CA ILE A 32 2.09 -0.55 -10.65
C ILE A 32 1.86 0.92 -10.35
N ILE A 33 2.69 1.48 -9.47
CA ILE A 33 2.58 2.89 -9.10
C ILE A 33 2.76 3.79 -10.31
N MET A 34 3.65 3.39 -11.22
CA MET A 34 3.92 4.16 -12.42
C MET A 34 3.06 3.70 -13.59
N ASP A 35 2.19 2.73 -13.33
CA ASP A 35 1.30 2.20 -14.36
C ASP A 35 0.24 3.23 -14.74
N ASP A 36 0.06 3.45 -16.04
CA ASP A 36 -0.90 4.42 -16.54
C ASP A 36 -2.30 4.17 -15.96
N GLU A 37 -2.79 2.94 -16.11
CA GLU A 37 -4.10 2.58 -15.60
C GLU A 37 -4.22 2.87 -14.11
N PHE A 38 -3.11 2.74 -13.39
CA PHE A 38 -3.09 3.00 -11.96
C PHE A 38 -3.19 4.49 -11.66
N GLN A 39 -2.59 5.30 -12.53
CA GLN A 39 -2.61 6.75 -12.36
C GLN A 39 -4.05 7.27 -12.40
N LEU A 40 -4.80 6.85 -13.41
CA LEU A 40 -6.18 7.26 -13.55
C LEU A 40 -7.03 6.72 -12.40
N LEU A 41 -6.73 5.51 -11.97
CA LEU A 41 -7.44 4.86 -10.89
C LEU A 41 -7.33 5.66 -9.59
N GLN A 42 -6.10 5.98 -9.21
CA GLN A 42 -5.84 6.71 -7.98
C GLN A 42 -6.46 8.10 -7.99
N ARG A 43 -6.14 8.89 -9.02
CA ARG A 43 -6.66 10.25 -9.13
C ARG A 43 -8.18 10.30 -9.20
N ASN A 44 -8.77 9.40 -9.99
CA ASN A 44 -10.22 9.37 -10.16
C ASN A 44 -10.96 9.20 -8.82
N PHE A 45 -10.52 8.23 -8.02
CA PHE A 45 -11.15 7.97 -6.73
C PHE A 45 -10.80 9.03 -5.70
N MET A 46 -9.58 9.55 -5.76
CA MET A 46 -9.15 10.59 -4.82
C MET A 46 -10.00 11.84 -4.99
N ASP A 47 -10.57 12.00 -6.18
CA ASP A 47 -11.41 13.15 -6.48
C ASP A 47 -12.60 13.22 -5.53
N LYS A 48 -13.04 12.05 -5.07
CA LYS A 48 -14.18 11.96 -4.15
C LYS A 48 -13.71 11.95 -2.69
N TYR A 49 -12.77 11.06 -2.40
CA TYR A 49 -12.24 10.91 -1.05
C TYR A 49 -11.72 12.23 -0.47
N TYR A 50 -10.89 12.93 -1.23
CA TYR A 50 -10.32 14.20 -0.77
C TYR A 50 -11.41 15.16 -0.30
N LEU A 51 -12.58 15.09 -0.93
CA LEU A 51 -13.69 15.96 -0.59
C LEU A 51 -14.44 15.42 0.63
N GLU A 52 -14.46 14.11 0.78
CA GLU A 52 -15.14 13.48 1.91
C GLU A 52 -14.40 13.75 3.22
N PHE A 53 -13.07 13.63 3.18
CA PHE A 53 -12.26 13.86 4.37
C PHE A 53 -12.11 15.35 4.65
N GLU A 54 -13.05 15.89 5.41
CA GLU A 54 -13.03 17.30 5.76
C GLU A 54 -12.25 17.53 7.05
N ASP A 55 -11.50 18.62 7.10
CA ASP A 55 -10.71 18.96 8.28
C ASP A 55 -11.61 19.38 9.43
N THR A 56 -11.92 18.43 10.32
CA THR A 56 -12.77 18.71 11.47
C THR A 56 -12.17 18.14 12.75
N GLU A 57 -12.79 18.45 13.88
CA GLU A 57 -12.32 17.96 15.17
C GLU A 57 -13.12 16.74 15.62
N GLU A 58 -14.34 16.63 15.13
CA GLU A 58 -15.21 15.50 15.48
C GLU A 58 -15.15 14.41 14.42
N ASN A 59 -15.24 13.16 14.85
CA ASN A 59 -15.20 12.03 13.95
C ASN A 59 -16.61 11.53 13.63
N LYS A 60 -16.77 10.87 12.49
CA LYS A 60 -18.07 10.36 12.07
C LYS A 60 -18.00 8.86 11.81
N LEU A 61 -19.16 8.21 11.78
CA LEU A 61 -19.23 6.77 11.53
C LEU A 61 -19.13 6.48 10.04
N ILE A 62 -19.36 7.50 9.22
CA ILE A 62 -19.30 7.36 7.77
C ILE A 62 -17.88 7.04 7.31
N TYR A 63 -16.92 7.28 8.19
CA TYR A 63 -15.52 7.02 7.86
C TYR A 63 -15.22 5.52 7.82
N THR A 64 -16.09 4.72 8.43
CA THR A 64 -15.90 3.28 8.44
C THR A 64 -16.26 2.67 7.08
N PRO A 65 -17.47 2.93 6.54
CA PRO A 65 -17.87 2.40 5.23
C PRO A 65 -16.94 2.88 4.12
N ILE A 66 -16.57 4.16 4.18
CA ILE A 66 -15.67 4.75 3.19
C ILE A 66 -14.32 4.05 3.20
N PHE A 67 -13.82 3.77 4.40
CA PHE A 67 -12.54 3.09 4.56
C PHE A 67 -12.58 1.71 3.92
N ASN A 68 -13.71 1.03 4.04
CA ASN A 68 -13.88 -0.30 3.47
C ASN A 68 -13.84 -0.23 1.95
N GLU A 69 -14.33 0.87 1.40
CA GLU A 69 -14.35 1.06 -0.04
C GLU A 69 -12.93 1.22 -0.58
N TYR A 70 -12.08 1.89 0.19
CA TYR A 70 -10.70 2.11 -0.19
C TYR A 70 -9.91 0.81 -0.18
N ILE A 71 -10.16 -0.02 0.83
CA ILE A 71 -9.48 -1.30 0.96
C ILE A 71 -9.99 -2.32 -0.04
N SER A 72 -11.26 -2.21 -0.40
CA SER A 72 -11.87 -3.13 -1.37
C SER A 72 -11.56 -2.72 -2.80
N LEU A 73 -11.37 -1.42 -3.02
CA LEU A 73 -11.08 -0.93 -4.35
C LEU A 73 -9.57 -0.85 -4.62
N VAL A 74 -8.88 -0.01 -3.86
CA VAL A 74 -7.44 0.19 -4.04
C VAL A 74 -6.61 -0.99 -3.53
N GLU A 75 -6.69 -1.25 -2.23
CA GLU A 75 -5.93 -2.33 -1.62
C GLU A 75 -6.16 -3.66 -2.34
N LYS A 76 -7.42 -3.96 -2.64
CA LYS A 76 -7.76 -5.19 -3.32
C LYS A 76 -7.17 -5.23 -4.73
N TYR A 77 -7.18 -4.09 -5.40
CA TYR A 77 -6.64 -3.99 -6.76
C TYR A 77 -5.19 -4.43 -6.79
N ILE A 78 -4.41 -3.98 -5.80
CA ILE A 78 -3.00 -4.34 -5.72
C ILE A 78 -2.80 -5.83 -5.49
N GLU A 79 -3.55 -6.38 -4.53
CA GLU A 79 -3.45 -7.79 -4.19
C GLU A 79 -3.74 -8.67 -5.41
N GLU A 80 -4.78 -8.33 -6.16
CA GLU A 80 -5.16 -9.10 -7.34
C GLU A 80 -4.06 -9.09 -8.40
N GLN A 81 -3.51 -7.90 -8.66
CA GLN A 81 -2.45 -7.76 -9.64
C GLN A 81 -1.24 -8.61 -9.27
N LEU A 82 -1.02 -8.78 -7.97
CA LEU A 82 0.10 -9.57 -7.48
C LEU A 82 -0.17 -11.06 -7.58
N LEU A 83 -1.43 -11.45 -7.35
CA LEU A 83 -1.82 -12.85 -7.42
C LEU A 83 -1.71 -13.40 -8.83
N GLN A 84 -1.86 -12.52 -9.83
CA GLN A 84 -1.78 -12.93 -11.22
C GLN A 84 -0.44 -13.58 -11.54
N ARG A 85 0.59 -13.21 -10.78
CA ARG A 85 1.93 -13.78 -11.00
C ARG A 85 2.40 -14.56 -9.78
N ILE A 86 1.76 -14.33 -8.65
CA ILE A 86 2.11 -15.02 -7.41
C ILE A 86 0.88 -15.54 -6.69
N PRO A 87 0.44 -16.78 -7.01
CA PRO A 87 -0.74 -17.39 -6.38
C PRO A 87 -0.48 -17.81 -4.95
N GLU A 88 0.76 -17.65 -4.52
CA GLU A 88 1.16 -18.02 -3.16
C GLU A 88 1.50 -16.78 -2.35
N PHE A 89 1.08 -15.62 -2.84
CA PHE A 89 1.35 -14.35 -2.18
C PHE A 89 0.43 -14.16 -0.98
N ASN A 90 0.93 -13.48 0.04
CA ASN A 90 0.15 -13.21 1.25
C ASN A 90 0.34 -11.75 1.69
N MET A 91 -0.66 -10.93 1.41
CA MET A 91 -0.61 -9.51 1.77
C MET A 91 -0.51 -9.34 3.28
N ALA A 92 -0.93 -10.35 4.02
CA ALA A 92 -0.91 -10.30 5.48
C ALA A 92 0.53 -10.41 6.01
N ALA A 93 1.20 -11.51 5.66
CA ALA A 93 2.57 -11.74 6.11
C ALA A 93 3.54 -10.77 5.46
N PHE A 94 3.21 -10.29 4.26
CA PHE A 94 4.07 -9.36 3.55
C PHE A 94 4.11 -8.00 4.24
N THR A 95 2.94 -7.43 4.53
CA THR A 95 2.86 -6.13 5.18
C THR A 95 3.49 -6.14 6.57
N THR A 96 3.12 -7.12 7.40
CA THR A 96 3.67 -7.21 8.75
C THR A 96 5.19 -7.27 8.73
N THR A 97 5.75 -8.01 7.78
CA THR A 97 7.19 -8.14 7.67
C THR A 97 7.80 -6.89 7.04
N LEU A 98 7.01 -6.22 6.20
CA LEU A 98 7.46 -5.01 5.51
C LEU A 98 7.74 -3.90 6.52
N GLN A 99 6.92 -3.83 7.57
CA GLN A 99 7.07 -2.81 8.60
C GLN A 99 8.50 -2.73 9.12
N HIS A 100 9.13 -3.88 9.27
CA HIS A 100 10.51 -3.94 9.74
C HIS A 100 11.48 -3.91 8.57
N HIS A 101 11.07 -4.51 7.46
CA HIS A 101 11.91 -4.57 6.27
C HIS A 101 12.11 -3.17 5.66
N LYS A 102 11.40 -2.19 6.21
CA LYS A 102 11.52 -0.81 5.72
C LYS A 102 12.96 -0.33 5.83
N ASP A 103 13.76 -1.03 6.63
CA ASP A 103 15.16 -0.66 6.83
C ASP A 103 15.99 -0.95 5.57
N GLU A 104 15.35 -1.51 4.55
CA GLU A 104 16.04 -1.83 3.31
C GLU A 104 15.36 -1.18 2.10
N VAL A 105 14.10 -1.55 1.87
CA VAL A 105 13.35 -1.01 0.73
C VAL A 105 13.21 0.51 0.84
N ALA A 106 12.69 1.11 -0.23
CA ALA A 106 12.50 2.56 -0.26
C ALA A 106 11.34 2.97 0.65
N GLY A 107 11.66 3.59 1.77
CA GLY A 107 10.64 4.02 2.70
C GLY A 107 9.72 5.06 2.09
N ASP A 108 10.27 5.87 1.18
CA ASP A 108 9.51 6.91 0.52
C ASP A 108 8.40 6.33 -0.35
N ILE A 109 8.67 5.18 -0.96
CA ILE A 109 7.68 4.53 -1.82
C ILE A 109 6.57 3.89 -1.01
N PHE A 110 6.95 3.09 -0.01
CA PHE A 110 5.96 2.42 0.83
C PHE A 110 5.17 3.43 1.64
N ASP A 111 5.79 4.57 1.93
CA ASP A 111 5.13 5.62 2.72
C ASP A 111 3.74 5.91 2.18
N MET A 112 3.56 5.72 0.89
CA MET A 112 2.25 5.94 0.26
C MET A 112 1.30 4.83 0.67
N LEU A 113 1.74 3.59 0.48
CA LEU A 113 0.95 2.41 0.82
C LEU A 113 0.74 2.33 2.33
N LEU A 114 1.64 2.97 3.08
CA LEU A 114 1.59 2.95 4.53
C LEU A 114 0.19 3.34 5.03
N THR A 115 -0.52 4.13 4.24
CA THR A 115 -1.86 4.57 4.59
C THR A 115 -2.81 3.39 4.81
N PHE A 116 -2.32 2.18 4.60
CA PHE A 116 -3.13 0.98 4.78
C PHE A 116 -3.52 0.81 6.24
N THR A 117 -2.67 1.31 7.14
CA THR A 117 -2.92 1.21 8.56
C THR A 117 -2.82 2.58 9.25
N ASP A 118 -1.79 3.33 8.89
CA ASP A 118 -1.58 4.66 9.46
C ASP A 118 -2.65 5.64 9.01
N PHE A 119 -3.74 5.72 9.78
CA PHE A 119 -4.84 6.62 9.46
C PHE A 119 -4.36 8.07 9.42
N LEU A 120 -3.31 8.36 10.18
CA LEU A 120 -2.76 9.71 10.24
C LEU A 120 -2.16 10.10 8.88
N ALA A 121 -1.50 9.16 8.23
CA ALA A 121 -0.88 9.42 6.93
C ALA A 121 -1.94 9.51 5.84
N PHE A 122 -3.03 8.77 6.02
CA PHE A 122 -4.12 8.75 5.06
C PHE A 122 -4.83 10.11 5.04
N LYS A 123 -5.26 10.55 6.21
CA LYS A 123 -5.94 11.83 6.34
C LYS A 123 -5.02 12.97 5.92
N GLU A 124 -3.78 12.93 6.42
CA GLU A 124 -2.79 13.95 6.11
C GLU A 124 -2.53 14.00 4.60
N MET A 125 -2.64 12.85 3.95
CA MET A 125 -2.41 12.76 2.52
C MET A 125 -3.44 13.60 1.76
N PHE A 126 -4.72 13.45 2.12
CA PHE A 126 -5.78 14.21 1.48
C PHE A 126 -5.64 15.70 1.75
N LEU A 127 -5.29 16.05 2.99
CA LEU A 127 -5.12 17.44 3.37
C LEU A 127 -3.99 18.10 2.59
N ASP A 128 -2.98 17.30 2.24
CA ASP A 128 -1.85 17.82 1.48
C ASP A 128 -2.25 18.13 0.04
N TYR A 129 -2.93 17.19 -0.59
CA TYR A 129 -3.39 17.36 -1.97
C TYR A 129 -4.39 18.51 -2.07
N ARG A 130 -5.24 18.64 -1.05
CA ARG A 130 -6.24 19.70 -1.03
C ARG A 130 -5.59 21.06 -0.83
N ALA A 131 -4.63 21.13 0.09
CA ALA A 131 -3.94 22.38 0.37
C ALA A 131 -3.23 22.91 -0.87
N GLU A 132 -2.74 22.00 -1.71
CA GLU A 132 -2.05 22.39 -2.93
C GLU A 132 -2.98 23.14 -3.89
N LYS A 133 -4.28 22.87 -3.77
CA LYS A 133 -5.27 23.53 -4.62
C LYS A 133 -5.36 25.01 -4.30
N GLU A 134 -5.05 25.36 -3.05
CA GLU A 134 -5.10 26.75 -2.62
C GLU A 134 -3.77 27.45 -2.90
N GLY A 135 -2.82 26.70 -3.46
CA GLY A 135 -1.52 27.26 -3.77
C GLY A 135 -1.54 28.12 -5.02
N ARG A 136 -2.06 27.55 -6.11
CA ARG A 136 -2.13 28.28 -7.38
C ARG A 136 -3.46 29.01 -7.51
N GLY A 137 -3.42 30.22 -8.07
CA GLY A 137 -4.63 30.99 -8.25
C GLY A 137 -4.37 32.49 -8.25
N MET A 2 34.50 -25.50 -24.13
CA MET A 2 33.80 -25.10 -25.37
C MET A 2 32.89 -23.90 -25.10
N ASP A 3 32.08 -24.00 -24.06
CA ASP A 3 31.16 -22.93 -23.69
C ASP A 3 31.90 -21.81 -22.94
N ALA A 4 31.14 -20.85 -22.42
CA ALA A 4 31.71 -19.74 -21.68
C ALA A 4 30.90 -19.42 -20.43
N LEU A 5 29.60 -19.74 -20.49
CA LEU A 5 28.71 -19.50 -19.35
C LEU A 5 28.57 -20.74 -18.50
N GLU A 6 28.87 -20.61 -17.20
CA GLU A 6 28.79 -21.73 -16.28
C GLU A 6 27.95 -21.36 -15.05
N GLY A 7 27.55 -20.10 -14.98
CA GLY A 7 26.75 -19.65 -13.84
C GLY A 7 25.59 -18.77 -14.25
N GLU A 8 24.60 -18.65 -13.38
CA GLU A 8 23.42 -17.83 -13.66
C GLU A 8 23.03 -17.03 -12.42
N SER A 9 22.63 -17.73 -11.37
CA SER A 9 22.23 -17.07 -10.13
C SER A 9 22.36 -18.03 -8.94
N PHE A 10 22.37 -17.48 -7.74
CA PHE A 10 22.49 -18.28 -6.52
C PHE A 10 21.52 -17.79 -5.46
N ALA A 11 20.48 -18.59 -5.20
CA ALA A 11 19.48 -18.24 -4.19
C ALA A 11 18.88 -19.49 -3.56
N LEU A 12 19.29 -19.77 -2.32
CA LEU A 12 18.80 -20.94 -1.61
C LEU A 12 17.85 -20.53 -0.48
N SER A 13 17.47 -21.49 0.35
CA SER A 13 16.56 -21.24 1.47
C SER A 13 15.21 -20.74 0.97
N PHE A 14 14.22 -21.63 0.95
CA PHE A 14 12.88 -21.27 0.49
C PHE A 14 12.31 -20.14 1.34
N SER A 15 12.32 -18.93 0.79
CA SER A 15 11.79 -17.76 1.48
C SER A 15 11.38 -16.68 0.49
N SER A 16 10.44 -15.84 0.91
CA SER A 16 9.95 -14.76 0.06
C SER A 16 10.24 -13.39 0.67
N ALA A 17 9.76 -13.20 1.90
CA ALA A 17 9.97 -11.93 2.61
C ALA A 17 11.44 -11.58 2.69
N SER A 18 12.30 -12.59 2.51
CA SER A 18 13.74 -12.39 2.55
C SER A 18 14.36 -12.77 1.21
N ASP A 19 15.69 -12.78 1.16
CA ASP A 19 16.41 -13.12 -0.06
C ASP A 19 16.02 -12.19 -1.21
N ALA A 20 16.38 -12.59 -2.42
CA ALA A 20 16.09 -11.80 -3.61
C ALA A 20 14.60 -11.76 -3.93
N GLU A 21 13.84 -12.74 -3.44
CA GLU A 21 12.40 -12.79 -3.69
C GLU A 21 11.71 -11.52 -3.25
N PHE A 22 11.97 -11.10 -2.01
CA PHE A 22 11.38 -9.86 -1.48
C PHE A 22 11.64 -8.70 -2.42
N ASP A 23 12.87 -8.61 -2.93
CA ASP A 23 13.24 -7.54 -3.85
C ASP A 23 12.41 -7.60 -5.13
N ALA A 24 12.13 -8.81 -5.58
CA ALA A 24 11.33 -9.01 -6.79
C ALA A 24 9.94 -8.41 -6.62
N VAL A 25 9.33 -8.66 -5.47
CA VAL A 25 8.01 -8.13 -5.18
C VAL A 25 7.99 -6.61 -5.24
N VAL A 26 9.02 -6.00 -4.67
CA VAL A 26 9.13 -4.54 -4.66
C VAL A 26 9.15 -4.00 -6.09
N GLY A 27 9.77 -4.75 -6.99
CA GLY A 27 9.85 -4.34 -8.38
C GLY A 27 8.48 -4.29 -9.03
N TYR A 28 7.67 -5.33 -8.80
CA TYR A 28 6.33 -5.39 -9.37
C TYR A 28 5.49 -4.22 -8.88
N LEU A 29 5.70 -3.84 -7.61
CA LEU A 29 4.96 -2.73 -7.01
C LEU A 29 5.25 -1.44 -7.77
N GLU A 30 6.52 -1.20 -8.08
CA GLU A 30 6.92 0.00 -8.80
C GLU A 30 6.24 0.07 -10.16
N ASP A 31 6.11 -1.08 -10.82
CA ASP A 31 5.49 -1.15 -12.13
C ASP A 31 4.02 -0.76 -12.05
N ILE A 32 3.38 -1.08 -10.93
CA ILE A 32 1.97 -0.77 -10.72
C ILE A 32 1.78 0.71 -10.40
N ILE A 33 2.64 1.25 -9.54
CA ILE A 33 2.55 2.65 -9.15
C ILE A 33 2.71 3.57 -10.35
N MET A 34 3.49 3.12 -11.33
CA MET A 34 3.72 3.91 -12.54
C MET A 34 2.76 3.49 -13.65
N ASP A 35 1.92 2.50 -13.36
CA ASP A 35 0.96 2.00 -14.33
C ASP A 35 -0.10 3.06 -14.61
N ASP A 36 -0.42 3.26 -15.88
CA ASP A 36 -1.42 4.26 -16.28
C ASP A 36 -2.78 3.95 -15.69
N GLU A 37 -3.14 2.67 -15.64
CA GLU A 37 -4.42 2.25 -15.10
C GLU A 37 -4.50 2.55 -13.60
N PHE A 38 -3.35 2.56 -12.94
CA PHE A 38 -3.29 2.83 -11.50
C PHE A 38 -3.46 4.30 -11.23
N GLN A 39 -2.86 5.14 -12.06
CA GLN A 39 -2.93 6.59 -11.90
C GLN A 39 -4.37 7.07 -12.07
N LEU A 40 -5.07 6.52 -13.07
CA LEU A 40 -6.45 6.90 -13.33
C LEU A 40 -7.37 6.44 -12.19
N LEU A 41 -7.23 5.17 -11.81
CA LEU A 41 -8.04 4.61 -10.73
C LEU A 41 -7.89 5.41 -9.44
N GLN A 42 -6.64 5.70 -9.07
CA GLN A 42 -6.35 6.44 -7.85
C GLN A 42 -6.95 7.84 -7.89
N ARG A 43 -6.64 8.60 -8.94
CA ARG A 43 -7.15 9.96 -9.07
C ARG A 43 -8.67 10.00 -9.15
N ASN A 44 -9.26 8.95 -9.73
CA ASN A 44 -10.71 8.87 -9.87
C ASN A 44 -11.42 8.84 -8.51
N PHE A 45 -10.95 7.98 -7.62
CA PHE A 45 -11.54 7.84 -6.29
C PHE A 45 -11.07 8.96 -5.36
N MET A 46 -9.76 9.20 -5.35
CA MET A 46 -9.17 10.24 -4.51
C MET A 46 -9.87 11.57 -4.69
N ASP A 47 -10.37 11.81 -5.90
CA ASP A 47 -11.05 13.07 -6.22
C ASP A 47 -12.25 13.29 -5.30
N LYS A 48 -12.88 12.20 -4.88
CA LYS A 48 -14.03 12.27 -3.99
C LYS A 48 -13.64 12.07 -2.53
N TYR A 49 -12.70 11.16 -2.30
CA TYR A 49 -12.22 10.86 -0.96
C TYR A 49 -11.73 12.11 -0.24
N TYR A 50 -10.81 12.83 -0.87
CA TYR A 50 -10.26 14.05 -0.29
C TYR A 50 -11.34 15.09 -0.02
N LEU A 51 -12.46 14.97 -0.72
CA LEU A 51 -13.57 15.91 -0.56
C LEU A 51 -14.35 15.60 0.71
N GLU A 52 -14.59 14.31 0.96
CA GLU A 52 -15.34 13.88 2.14
C GLU A 52 -14.49 14.07 3.40
N PHE A 53 -13.17 13.99 3.24
CA PHE A 53 -12.27 14.15 4.37
C PHE A 53 -12.00 15.62 4.65
N GLU A 54 -12.91 16.26 5.37
CA GLU A 54 -12.78 17.67 5.71
C GLU A 54 -12.16 17.82 7.09
N ASP A 55 -11.26 18.79 7.23
CA ASP A 55 -10.58 19.04 8.49
C ASP A 55 -11.54 19.65 9.50
N THR A 56 -11.92 18.85 10.50
CA THR A 56 -12.84 19.30 11.54
C THR A 56 -12.38 18.83 12.92
N GLU A 57 -13.11 19.26 13.95
CA GLU A 57 -12.79 18.89 15.32
C GLU A 57 -13.21 17.45 15.62
N GLU A 58 -14.51 17.20 15.55
CA GLU A 58 -15.05 15.86 15.80
C GLU A 58 -15.18 15.07 14.50
N ASN A 59 -14.79 13.80 14.56
CA ASN A 59 -14.86 12.94 13.38
C ASN A 59 -16.30 12.47 13.14
N LYS A 60 -16.59 12.10 11.89
CA LYS A 60 -17.92 11.64 11.53
C LYS A 60 -17.93 10.12 11.32
N LEU A 61 -19.13 9.56 11.26
CA LEU A 61 -19.28 8.12 11.07
C LEU A 61 -19.09 7.75 9.60
N ILE A 62 -19.01 8.76 8.74
CA ILE A 62 -18.84 8.55 7.31
C ILE A 62 -17.44 8.02 6.99
N TYR A 63 -16.53 8.14 7.95
CA TYR A 63 -15.17 7.67 7.76
C TYR A 63 -15.10 6.15 7.78
N THR A 64 -16.13 5.51 8.34
CA THR A 64 -16.17 4.05 8.42
C THR A 64 -16.48 3.43 7.04
N PRO A 65 -17.57 3.86 6.37
CA PRO A 65 -17.92 3.32 5.05
C PRO A 65 -16.88 3.66 3.99
N ILE A 66 -16.41 4.90 4.00
CA ILE A 66 -15.40 5.35 3.04
C ILE A 66 -14.14 4.51 3.17
N PHE A 67 -13.70 4.28 4.41
CA PHE A 67 -12.51 3.50 4.68
C PHE A 67 -12.64 2.09 4.12
N ASN A 68 -13.82 1.50 4.29
CA ASN A 68 -14.07 0.15 3.81
C ASN A 68 -13.94 0.07 2.28
N GLU A 69 -14.46 1.09 1.61
CA GLU A 69 -14.41 1.15 0.16
C GLU A 69 -12.96 1.21 -0.34
N TYR A 70 -12.11 1.86 0.45
CA TYR A 70 -10.69 1.99 0.10
C TYR A 70 -9.97 0.64 0.20
N ILE A 71 -10.30 -0.12 1.24
CA ILE A 71 -9.67 -1.42 1.46
C ILE A 71 -10.19 -2.46 0.47
N SER A 72 -11.43 -2.28 0.02
CA SER A 72 -12.03 -3.21 -0.94
C SER A 72 -11.66 -2.87 -2.37
N LEU A 73 -11.50 -1.57 -2.66
CA LEU A 73 -11.18 -1.13 -4.01
C LEU A 73 -9.67 -1.07 -4.25
N VAL A 74 -8.99 -0.23 -3.48
CA VAL A 74 -7.53 -0.05 -3.63
C VAL A 74 -6.73 -1.27 -3.20
N GLU A 75 -6.88 -1.66 -1.93
CA GLU A 75 -6.13 -2.80 -1.40
C GLU A 75 -6.27 -4.04 -2.28
N LYS A 76 -7.49 -4.28 -2.78
CA LYS A 76 -7.72 -5.44 -3.64
C LYS A 76 -7.02 -5.28 -4.98
N TYR A 77 -6.99 -4.06 -5.49
CA TYR A 77 -6.33 -3.78 -6.77
C TYR A 77 -4.88 -4.27 -6.75
N ILE A 78 -4.14 -3.84 -5.73
CA ILE A 78 -2.74 -4.23 -5.59
C ILE A 78 -2.59 -5.73 -5.41
N GLU A 79 -3.47 -6.32 -4.62
CA GLU A 79 -3.43 -7.75 -4.35
C GLU A 79 -3.59 -8.57 -5.63
N GLU A 80 -4.62 -8.27 -6.41
CA GLU A 80 -4.89 -8.97 -7.65
C GLU A 80 -3.72 -8.85 -8.64
N GLN A 81 -3.26 -7.62 -8.82
CA GLN A 81 -2.16 -7.35 -9.75
C GLN A 81 -0.88 -8.11 -9.36
N LEU A 82 -0.67 -8.31 -8.07
CA LEU A 82 0.53 -8.99 -7.59
C LEU A 82 0.40 -10.51 -7.76
N LEU A 83 -0.80 -11.01 -7.55
CA LEU A 83 -1.06 -12.44 -7.64
C LEU A 83 -0.99 -12.93 -9.08
N GLN A 84 -1.21 -12.02 -10.02
CA GLN A 84 -1.16 -12.37 -11.44
C GLN A 84 0.20 -12.93 -11.81
N ARG A 85 1.20 -12.66 -10.97
CA ARG A 85 2.55 -13.14 -11.22
C ARG A 85 3.00 -14.10 -10.12
N ILE A 86 2.29 -14.10 -9.00
CA ILE A 86 2.62 -14.97 -7.87
C ILE A 86 1.36 -15.61 -7.29
N PRO A 87 1.09 -16.89 -7.66
CA PRO A 87 -0.09 -17.61 -7.16
C PRO A 87 0.08 -18.06 -5.71
N GLU A 88 1.29 -17.91 -5.20
CA GLU A 88 1.61 -18.30 -3.84
C GLU A 88 1.93 -17.07 -2.99
N PHE A 89 1.55 -15.90 -3.49
CA PHE A 89 1.79 -14.64 -2.80
C PHE A 89 1.08 -14.59 -1.46
N ASN A 90 1.68 -13.89 -0.50
CA ASN A 90 1.12 -13.73 0.82
C ASN A 90 1.12 -12.26 1.22
N MET A 91 0.11 -11.53 0.77
CA MET A 91 -0.01 -10.10 1.06
C MET A 91 -0.01 -9.82 2.57
N ALA A 92 -0.59 -10.75 3.33
CA ALA A 92 -0.67 -10.60 4.78
C ALA A 92 0.72 -10.62 5.41
N ALA A 93 1.48 -11.66 5.15
CA ALA A 93 2.83 -11.80 5.69
C ALA A 93 3.79 -10.79 5.07
N PHE A 94 3.47 -10.36 3.85
CA PHE A 94 4.31 -9.40 3.14
C PHE A 94 4.23 -8.02 3.78
N THR A 95 3.01 -7.55 4.01
CA THR A 95 2.80 -6.23 4.61
C THR A 95 3.39 -6.17 6.03
N THR A 96 3.11 -7.19 6.83
CA THR A 96 3.60 -7.26 8.20
C THR A 96 5.13 -7.15 8.24
N THR A 97 5.79 -7.95 7.41
CA THR A 97 7.24 -7.95 7.33
C THR A 97 7.75 -6.65 6.73
N LEU A 98 6.94 -6.05 5.85
CA LEU A 98 7.31 -4.79 5.21
C LEU A 98 7.53 -3.70 6.23
N GLN A 99 6.71 -3.71 7.29
CA GLN A 99 6.80 -2.71 8.35
C GLN A 99 8.23 -2.60 8.87
N HIS A 100 8.89 -3.74 9.05
CA HIS A 100 10.26 -3.76 9.52
C HIS A 100 11.22 -3.40 8.39
N HIS A 101 10.94 -3.95 7.21
CA HIS A 101 11.77 -3.70 6.04
C HIS A 101 11.62 -2.25 5.58
N LYS A 102 10.77 -1.51 6.26
CA LYS A 102 10.55 -0.10 5.93
C LYS A 102 11.83 0.70 6.10
N ASP A 103 12.73 0.18 6.94
CA ASP A 103 14.01 0.84 7.19
C ASP A 103 14.97 0.61 6.04
N GLU A 104 14.66 -0.36 5.19
CA GLU A 104 15.50 -0.68 4.04
C GLU A 104 14.89 -0.14 2.75
N VAL A 105 13.70 -0.64 2.42
CA VAL A 105 13.01 -0.21 1.21
C VAL A 105 12.68 1.28 1.27
N ALA A 106 12.46 1.88 0.11
CA ALA A 106 12.14 3.31 0.03
C ALA A 106 10.94 3.65 0.91
N GLY A 107 11.19 4.32 2.02
CA GLY A 107 10.12 4.70 2.93
C GLY A 107 9.16 5.68 2.30
N ASP A 108 9.67 6.51 1.40
CA ASP A 108 8.85 7.51 0.71
C ASP A 108 7.75 6.85 -0.12
N ILE A 109 8.11 5.78 -0.83
CA ILE A 109 7.15 5.07 -1.67
C ILE A 109 6.13 4.31 -0.83
N PHE A 110 6.62 3.54 0.14
CA PHE A 110 5.73 2.76 1.00
C PHE A 110 4.84 3.66 1.83
N ASP A 111 5.32 4.87 2.14
CA ASP A 111 4.56 5.82 2.94
C ASP A 111 3.13 5.95 2.42
N MET A 112 2.96 5.76 1.11
CA MET A 112 1.64 5.84 0.50
C MET A 112 0.82 4.61 0.88
N LEU A 113 1.42 3.44 0.73
CA LEU A 113 0.77 2.18 1.07
C LEU A 113 0.53 2.09 2.57
N LEU A 114 1.33 2.83 3.33
CA LEU A 114 1.25 2.84 4.78
C LEU A 114 -0.18 3.08 5.23
N THR A 115 -0.96 3.77 4.41
CA THR A 115 -2.35 4.08 4.71
C THR A 115 -3.20 2.80 4.85
N PHE A 116 -2.55 1.63 4.76
CA PHE A 116 -3.25 0.37 4.88
C PHE A 116 -3.85 0.19 6.28
N THR A 117 -3.16 0.73 7.28
CA THR A 117 -3.62 0.62 8.66
C THR A 117 -3.41 1.94 9.41
N ASP A 118 -2.41 2.70 8.98
CA ASP A 118 -2.11 3.99 9.62
C ASP A 118 -3.14 5.04 9.24
N PHE A 119 -4.23 5.09 10.01
CA PHE A 119 -5.30 6.06 9.76
C PHE A 119 -4.77 7.48 9.83
N LEU A 120 -3.79 7.70 10.71
CA LEU A 120 -3.21 9.03 10.87
C LEU A 120 -2.54 9.48 9.58
N ALA A 121 -1.91 8.54 8.89
CA ALA A 121 -1.23 8.84 7.63
C ALA A 121 -2.24 8.99 6.50
N PHE A 122 -3.38 8.33 6.63
CA PHE A 122 -4.43 8.39 5.63
C PHE A 122 -5.02 9.80 5.56
N LYS A 123 -5.47 10.30 6.70
CA LYS A 123 -6.04 11.64 6.77
C LYS A 123 -4.98 12.69 6.44
N GLU A 124 -3.79 12.50 6.98
CA GLU A 124 -2.68 13.42 6.74
C GLU A 124 -2.39 13.53 5.25
N MET A 125 -2.56 12.41 4.55
CA MET A 125 -2.32 12.38 3.11
C MET A 125 -3.33 13.23 2.36
N PHE A 126 -4.59 13.17 2.79
CA PHE A 126 -5.66 13.94 2.16
C PHE A 126 -5.42 15.44 2.31
N LEU A 127 -5.17 15.88 3.54
CA LEU A 127 -4.94 17.29 3.83
C LEU A 127 -3.77 17.82 3.00
N ASP A 128 -2.73 17.01 2.84
CA ASP A 128 -1.55 17.40 2.08
C ASP A 128 -1.89 17.54 0.60
N TYR A 129 -2.53 16.52 0.05
CA TYR A 129 -2.92 16.52 -1.36
C TYR A 129 -3.84 17.69 -1.68
N ARG A 130 -4.70 18.04 -0.71
CA ARG A 130 -5.64 19.13 -0.88
C ARG A 130 -4.90 20.47 -0.95
N ALA A 131 -3.86 20.61 -0.13
CA ALA A 131 -3.07 21.84 -0.09
C ALA A 131 -2.30 22.03 -1.39
N GLU A 132 -1.92 20.92 -2.03
CA GLU A 132 -1.17 20.97 -3.28
C GLU A 132 -2.07 21.42 -4.42
N LYS A 133 -3.38 21.35 -4.22
CA LYS A 133 -4.35 21.74 -5.24
C LYS A 133 -4.22 23.23 -5.55
N GLU A 134 -3.89 24.02 -4.53
CA GLU A 134 -3.74 25.46 -4.69
C GLU A 134 -2.30 25.82 -5.02
N GLY A 135 -1.42 24.83 -4.92
CA GLY A 135 -0.02 25.06 -5.22
C GLY A 135 0.25 25.20 -6.71
N ARG A 136 -0.03 24.13 -7.46
CA ARG A 136 0.18 24.13 -8.90
C ARG A 136 1.64 24.39 -9.25
N GLY A 137 1.94 24.37 -10.55
CA GLY A 137 3.29 24.61 -11.00
C GLY A 137 4.11 23.32 -11.11
N MET A 2 1.95 -35.27 -29.90
CA MET A 2 1.04 -35.25 -31.08
C MET A 2 -0.42 -35.35 -30.64
N ASP A 3 -0.68 -36.22 -29.68
CA ASP A 3 -2.04 -36.41 -29.17
C ASP A 3 -2.03 -36.56 -27.66
N ALA A 4 -0.93 -37.07 -27.12
CA ALA A 4 -0.79 -37.26 -25.69
C ALA A 4 -0.09 -36.07 -25.04
N LEU A 5 -0.84 -35.33 -24.22
CA LEU A 5 -0.30 -34.16 -23.54
C LEU A 5 0.12 -34.51 -22.12
N GLU A 6 0.98 -33.68 -21.54
CA GLU A 6 1.47 -33.88 -20.19
C GLU A 6 2.02 -32.59 -19.60
N GLY A 7 1.53 -32.22 -18.43
CA GLY A 7 1.98 -31.00 -17.78
C GLY A 7 3.42 -31.10 -17.30
N GLU A 8 4.36 -30.72 -18.17
CA GLU A 8 5.77 -30.77 -17.83
C GLU A 8 6.14 -29.67 -16.83
N SER A 9 5.38 -28.58 -16.88
CA SER A 9 5.62 -27.45 -15.98
C SER A 9 4.70 -27.51 -14.76
N PHE A 10 5.29 -27.43 -13.58
CA PHE A 10 4.53 -27.46 -12.33
C PHE A 10 5.11 -26.49 -11.30
N ALA A 11 4.27 -25.57 -10.83
CA ALA A 11 4.70 -24.59 -9.84
C ALA A 11 4.78 -25.19 -8.45
N LEU A 12 6.00 -25.33 -7.94
CA LEU A 12 6.21 -25.88 -6.61
C LEU A 12 5.76 -24.91 -5.53
N SER A 13 6.49 -23.81 -5.39
CA SER A 13 6.16 -22.79 -4.39
C SER A 13 6.89 -21.49 -4.70
N PHE A 14 8.21 -21.56 -4.77
CA PHE A 14 9.04 -20.39 -5.07
C PHE A 14 8.78 -19.28 -4.05
N SER A 15 9.56 -19.27 -2.99
CA SER A 15 9.43 -18.25 -1.94
C SER A 15 10.78 -17.94 -1.32
N SER A 16 11.19 -16.68 -1.43
CA SER A 16 12.47 -16.24 -0.89
C SER A 16 12.30 -14.95 -0.08
N ALA A 17 11.99 -15.10 1.20
CA ALA A 17 11.81 -13.95 2.08
C ALA A 17 13.15 -13.29 2.40
N SER A 18 14.23 -13.94 1.99
CA SER A 18 15.57 -13.42 2.24
C SER A 18 15.75 -12.05 1.58
N ASP A 19 15.66 -12.03 0.25
CA ASP A 19 15.81 -10.78 -0.50
C ASP A 19 15.55 -10.99 -1.99
N ALA A 20 15.62 -12.24 -2.44
CA ALA A 20 15.39 -12.55 -3.85
C ALA A 20 13.93 -12.33 -4.24
N GLU A 21 13.02 -13.01 -3.56
CA GLU A 21 11.60 -12.88 -3.85
C GLU A 21 11.05 -11.57 -3.31
N PHE A 22 11.49 -11.20 -2.12
CA PHE A 22 11.04 -9.95 -1.50
C PHE A 22 11.31 -8.76 -2.41
N ASP A 23 12.53 -8.70 -2.96
CA ASP A 23 12.89 -7.61 -3.86
C ASP A 23 12.07 -7.67 -5.14
N ALA A 24 11.83 -8.88 -5.63
CA ALA A 24 11.05 -9.06 -6.85
C ALA A 24 9.70 -8.36 -6.74
N VAL A 25 8.98 -8.63 -5.65
CA VAL A 25 7.68 -8.03 -5.43
C VAL A 25 7.80 -6.50 -5.38
N VAL A 26 8.81 -6.01 -4.68
CA VAL A 26 9.04 -4.57 -4.57
C VAL A 26 9.13 -3.93 -5.95
N GLY A 27 9.81 -4.60 -6.87
CA GLY A 27 9.95 -4.10 -8.22
C GLY A 27 8.59 -3.94 -8.89
N TYR A 28 7.74 -4.95 -8.73
CA TYR A 28 6.40 -4.92 -9.31
C TYR A 28 5.59 -3.79 -8.72
N LEU A 29 5.86 -3.45 -7.46
CA LEU A 29 5.16 -2.37 -6.79
C LEU A 29 5.41 -1.03 -7.49
N GLU A 30 6.69 -0.75 -7.75
CA GLU A 30 7.06 0.49 -8.42
C GLU A 30 6.37 0.60 -9.78
N ASP A 31 6.32 -0.51 -10.50
CA ASP A 31 5.68 -0.55 -11.82
C ASP A 31 4.22 -0.13 -11.71
N ILE A 32 3.60 -0.46 -10.58
CA ILE A 32 2.20 -0.12 -10.34
C ILE A 32 2.03 1.38 -10.07
N ILE A 33 2.95 1.93 -9.29
CA ILE A 33 2.90 3.34 -8.94
C ILE A 33 2.94 4.22 -10.19
N MET A 34 3.70 3.78 -11.20
CA MET A 34 3.81 4.53 -12.44
C MET A 34 2.87 3.98 -13.50
N ASP A 35 2.03 3.04 -13.11
CA ASP A 35 1.06 2.45 -14.03
C ASP A 35 -0.04 3.44 -14.38
N ASP A 36 -0.29 3.60 -15.68
CA ASP A 36 -1.32 4.53 -16.15
C ASP A 36 -2.68 4.21 -15.55
N GLU A 37 -3.08 2.95 -15.59
CA GLU A 37 -4.36 2.51 -15.04
C GLU A 37 -4.44 2.80 -13.54
N PHE A 38 -3.29 2.80 -12.89
CA PHE A 38 -3.22 3.05 -11.45
C PHE A 38 -3.39 4.53 -11.15
N GLN A 39 -2.79 5.38 -11.98
CA GLN A 39 -2.87 6.83 -11.79
C GLN A 39 -4.31 7.32 -11.91
N LEU A 40 -5.01 6.84 -12.94
CA LEU A 40 -6.39 7.23 -13.17
C LEU A 40 -7.31 6.67 -12.09
N LEU A 41 -7.11 5.40 -11.75
CA LEU A 41 -7.93 4.74 -10.73
C LEU A 41 -7.86 5.46 -9.39
N GLN A 42 -6.64 5.70 -8.90
CA GLN A 42 -6.44 6.37 -7.62
C GLN A 42 -7.01 7.78 -7.63
N ARG A 43 -6.65 8.56 -8.65
CA ARG A 43 -7.12 9.93 -8.76
C ARG A 43 -8.64 10.00 -8.91
N ASN A 44 -9.21 9.00 -9.58
CA ASN A 44 -10.65 8.97 -9.81
C ASN A 44 -11.43 8.91 -8.49
N PHE A 45 -11.04 8.00 -7.61
CA PHE A 45 -11.71 7.84 -6.33
C PHE A 45 -11.30 8.93 -5.35
N MET A 46 -10.02 9.30 -5.36
CA MET A 46 -9.53 10.34 -4.46
C MET A 46 -10.25 11.66 -4.69
N ASP A 47 -10.78 11.83 -5.90
CA ASP A 47 -11.49 13.05 -6.25
C ASP A 47 -12.64 13.30 -5.30
N LYS A 48 -13.22 12.23 -4.76
CA LYS A 48 -14.34 12.34 -3.83
C LYS A 48 -13.87 12.23 -2.38
N TYR A 49 -12.87 11.39 -2.16
CA TYR A 49 -12.34 11.19 -0.81
C TYR A 49 -11.85 12.51 -0.19
N TYR A 50 -11.06 13.26 -0.95
CA TYR A 50 -10.52 14.53 -0.45
C TYR A 50 -11.63 15.55 -0.22
N LEU A 51 -12.82 15.28 -0.74
CA LEU A 51 -13.96 16.17 -0.59
C LEU A 51 -14.62 16.01 0.77
N GLU A 52 -14.90 14.75 1.13
CA GLU A 52 -15.54 14.44 2.41
C GLU A 52 -14.57 14.67 3.57
N PHE A 53 -13.30 14.36 3.34
CA PHE A 53 -12.28 14.53 4.36
C PHE A 53 -11.92 16.00 4.54
N GLU A 54 -12.65 16.67 5.43
CA GLU A 54 -12.40 18.09 5.71
C GLU A 54 -11.89 18.27 7.13
N ASP A 55 -10.96 19.21 7.31
CA ASP A 55 -10.39 19.49 8.61
C ASP A 55 -11.45 20.00 9.58
N THR A 56 -11.90 19.12 10.47
CA THR A 56 -12.92 19.48 11.45
C THR A 56 -12.61 18.87 12.82
N GLU A 57 -13.53 19.05 13.76
CA GLU A 57 -13.35 18.51 15.11
C GLU A 57 -14.52 17.62 15.50
N GLU A 58 -15.36 17.29 14.52
CA GLU A 58 -16.52 16.44 14.76
C GLU A 58 -16.29 15.05 14.18
N ASN A 59 -16.39 14.03 15.03
CA ASN A 59 -16.20 12.65 14.59
C ASN A 59 -17.45 12.11 13.91
N LYS A 60 -17.27 11.56 12.72
CA LYS A 60 -18.38 11.01 11.95
C LYS A 60 -18.16 9.52 11.68
N LEU A 61 -19.25 8.78 11.60
CA LEU A 61 -19.18 7.34 11.34
C LEU A 61 -18.99 7.06 9.85
N ILE A 62 -19.09 8.11 9.03
CA ILE A 62 -18.94 7.99 7.58
C ILE A 62 -17.51 7.58 7.20
N TYR A 63 -16.58 7.74 8.14
CA TYR A 63 -15.20 7.40 7.89
C TYR A 63 -15.01 5.88 7.79
N THR A 64 -15.95 5.12 8.32
CA THR A 64 -15.86 3.66 8.29
C THR A 64 -16.22 3.12 6.90
N PRO A 65 -17.40 3.49 6.32
CA PRO A 65 -17.80 3.02 5.00
C PRO A 65 -16.81 3.46 3.91
N ILE A 66 -16.33 4.70 4.01
CA ILE A 66 -15.38 5.23 3.04
C ILE A 66 -14.09 4.43 3.07
N PHE A 67 -13.53 4.22 4.26
CA PHE A 67 -12.29 3.48 4.42
C PHE A 67 -12.41 2.09 3.80
N ASN A 68 -13.55 1.45 3.99
CA ASN A 68 -13.80 0.12 3.46
C ASN A 68 -13.74 0.12 1.93
N GLU A 69 -14.24 1.21 1.34
CA GLU A 69 -14.24 1.35 -0.11
C GLU A 69 -12.81 1.40 -0.65
N TYR A 70 -11.92 2.04 0.11
CA TYR A 70 -10.53 2.17 -0.27
C TYR A 70 -9.81 0.82 -0.21
N ILE A 71 -10.14 0.04 0.81
CA ILE A 71 -9.53 -1.28 1.00
C ILE A 71 -10.06 -2.29 -0.01
N SER A 72 -11.30 -2.10 -0.45
CA SER A 72 -11.92 -3.00 -1.41
C SER A 72 -11.53 -2.64 -2.84
N LEU A 73 -11.31 -1.35 -3.08
CA LEU A 73 -10.95 -0.89 -4.43
C LEU A 73 -9.43 -0.87 -4.65
N VAL A 74 -8.73 -0.06 -3.86
CA VAL A 74 -7.29 0.10 -4.00
C VAL A 74 -6.49 -1.11 -3.51
N GLU A 75 -6.62 -1.43 -2.22
CA GLU A 75 -5.88 -2.55 -1.65
C GLU A 75 -6.08 -3.83 -2.46
N LYS A 76 -7.30 -4.05 -2.94
CA LYS A 76 -7.61 -5.24 -3.72
C LYS A 76 -6.88 -5.19 -5.07
N TYR A 77 -6.84 -4.02 -5.69
CA TYR A 77 -6.17 -3.87 -6.98
C TYR A 77 -4.72 -4.36 -6.89
N ILE A 78 -4.03 -3.96 -5.83
CA ILE A 78 -2.64 -4.35 -5.63
C ILE A 78 -2.49 -5.87 -5.53
N GLU A 79 -3.22 -6.48 -4.61
CA GLU A 79 -3.15 -7.92 -4.40
C GLU A 79 -3.53 -8.71 -5.65
N GLU A 80 -4.67 -8.38 -6.24
CA GLU A 80 -5.16 -9.07 -7.42
C GLU A 80 -4.13 -9.11 -8.55
N GLN A 81 -3.69 -7.93 -8.99
CA GLN A 81 -2.72 -7.85 -10.08
C GLN A 81 -1.39 -8.52 -9.74
N LEU A 82 -1.06 -8.58 -8.45
CA LEU A 82 0.20 -9.20 -8.02
C LEU A 82 0.08 -10.72 -8.03
N LEU A 83 -1.07 -11.20 -7.61
CA LEU A 83 -1.33 -12.65 -7.54
C LEU A 83 -1.42 -13.25 -8.94
N GLN A 84 -1.75 -12.42 -9.93
CA GLN A 84 -1.87 -12.89 -11.30
C GLN A 84 -0.59 -13.62 -11.73
N ARG A 85 0.50 -13.33 -11.04
CA ARG A 85 1.78 -13.97 -11.33
C ARG A 85 2.28 -14.77 -10.14
N ILE A 86 1.83 -14.39 -8.95
CA ILE A 86 2.22 -15.07 -7.72
C ILE A 86 0.99 -15.52 -6.92
N PRO A 87 0.38 -16.66 -7.30
CA PRO A 87 -0.81 -17.18 -6.62
C PRO A 87 -0.49 -17.68 -5.21
N GLU A 88 0.80 -17.74 -4.88
CA GLU A 88 1.23 -18.18 -3.56
C GLU A 88 1.59 -17.00 -2.68
N PHE A 89 1.26 -15.80 -3.16
CA PHE A 89 1.55 -14.58 -2.41
C PHE A 89 0.72 -14.50 -1.14
N ASN A 90 1.28 -13.87 -0.11
CA ASN A 90 0.60 -13.71 1.16
C ASN A 90 0.76 -12.29 1.67
N MET A 91 -0.24 -11.44 1.41
CA MET A 91 -0.20 -10.05 1.83
C MET A 91 -0.04 -9.92 3.35
N ALA A 92 -0.54 -10.91 4.07
CA ALA A 92 -0.45 -10.89 5.53
C ALA A 92 0.99 -10.98 6.01
N ALA A 93 1.69 -12.03 5.60
CA ALA A 93 3.08 -12.23 6.00
C ALA A 93 4.00 -11.23 5.32
N PHE A 94 3.63 -10.79 4.12
CA PHE A 94 4.44 -9.84 3.37
C PHE A 94 4.48 -8.49 4.07
N THR A 95 3.34 -8.01 4.53
CA THR A 95 3.26 -6.73 5.22
C THR A 95 4.00 -6.75 6.54
N THR A 96 3.72 -7.77 7.37
CA THR A 96 4.37 -7.90 8.66
C THR A 96 5.88 -7.91 8.53
N THR A 97 6.37 -8.62 7.50
CA THR A 97 7.80 -8.72 7.25
C THR A 97 8.34 -7.44 6.62
N LEU A 98 7.49 -6.75 5.87
CA LEU A 98 7.87 -5.52 5.20
C LEU A 98 8.20 -4.42 6.22
N GLN A 99 7.33 -4.29 7.22
CA GLN A 99 7.52 -3.29 8.27
C GLN A 99 8.90 -3.41 8.90
N HIS A 100 9.37 -4.65 9.04
CA HIS A 100 10.69 -4.89 9.60
C HIS A 100 11.78 -4.61 8.58
N HIS A 101 11.55 -5.09 7.34
CA HIS A 101 12.51 -4.90 6.27
C HIS A 101 12.54 -3.45 5.82
N LYS A 102 11.63 -2.64 6.38
CA LYS A 102 11.56 -1.23 6.04
C LYS A 102 12.83 -0.50 6.47
N ASP A 103 13.63 -1.18 7.31
CA ASP A 103 14.88 -0.60 7.79
C ASP A 103 15.86 -0.41 6.64
N GLU A 104 15.59 -1.06 5.52
CA GLU A 104 16.45 -0.96 4.34
C GLU A 104 15.65 -0.51 3.12
N VAL A 105 14.42 -0.99 3.01
CA VAL A 105 13.55 -0.65 1.89
C VAL A 105 13.26 0.85 1.86
N ALA A 106 13.09 1.39 0.66
CA ALA A 106 12.81 2.81 0.50
C ALA A 106 11.54 3.21 1.26
N GLY A 107 11.72 3.92 2.37
CA GLY A 107 10.59 4.35 3.17
C GLY A 107 9.69 5.30 2.42
N ASP A 108 10.27 6.06 1.51
CA ASP A 108 9.51 7.02 0.70
C ASP A 108 8.45 6.33 -0.15
N ILE A 109 8.80 5.17 -0.71
CA ILE A 109 7.88 4.43 -1.57
C ILE A 109 6.78 3.75 -0.75
N PHE A 110 7.19 3.03 0.28
CA PHE A 110 6.23 2.32 1.13
C PHE A 110 5.33 3.30 1.88
N ASP A 111 5.83 4.50 2.14
CA ASP A 111 5.07 5.51 2.87
C ASP A 111 3.68 5.66 2.28
N MET A 112 3.54 5.37 1.00
CA MET A 112 2.25 5.45 0.33
C MET A 112 1.37 4.29 0.79
N LEU A 113 1.90 3.08 0.69
CA LEU A 113 1.19 1.88 1.09
C LEU A 113 0.94 1.87 2.61
N LEU A 114 1.77 2.62 3.33
CA LEU A 114 1.67 2.70 4.78
C LEU A 114 0.24 3.01 5.21
N THR A 115 -0.50 3.70 4.34
CA THR A 115 -1.88 4.06 4.63
C THR A 115 -2.76 2.83 4.91
N PHE A 116 -2.16 1.64 4.79
CA PHE A 116 -2.89 0.39 5.04
C PHE A 116 -3.31 0.29 6.50
N THR A 117 -2.59 0.99 7.37
CA THR A 117 -2.89 0.96 8.80
C THR A 117 -2.72 2.34 9.43
N ASP A 118 -1.85 3.16 8.84
CA ASP A 118 -1.59 4.49 9.35
C ASP A 118 -2.68 5.46 8.90
N PHE A 119 -3.84 5.40 9.54
CA PHE A 119 -4.96 6.27 9.20
C PHE A 119 -4.58 7.73 9.34
N LEU A 120 -3.62 8.01 10.23
CA LEU A 120 -3.16 9.38 10.46
C LEU A 120 -2.54 9.96 9.19
N ALA A 121 -1.74 9.15 8.51
CA ALA A 121 -1.10 9.58 7.28
C ALA A 121 -2.09 9.63 6.12
N PHE A 122 -3.13 8.81 6.22
CA PHE A 122 -4.17 8.77 5.20
C PHE A 122 -4.91 10.09 5.12
N LYS A 123 -5.42 10.54 6.27
CA LYS A 123 -6.15 11.79 6.35
C LYS A 123 -5.25 12.97 5.94
N GLU A 124 -4.08 13.04 6.56
CA GLU A 124 -3.12 14.10 6.27
C GLU A 124 -2.76 14.11 4.79
N MET A 125 -2.81 12.95 4.16
CA MET A 125 -2.48 12.82 2.75
C MET A 125 -3.47 13.61 1.91
N PHE A 126 -4.76 13.43 2.19
CA PHE A 126 -5.81 14.13 1.45
C PHE A 126 -5.72 15.63 1.66
N LEU A 127 -5.49 16.04 2.90
CA LEU A 127 -5.37 17.46 3.22
C LEU A 127 -4.21 18.11 2.47
N ASP A 128 -3.17 17.31 2.20
CA ASP A 128 -2.01 17.81 1.49
C ASP A 128 -2.31 17.96 0.00
N TYR A 129 -2.91 16.92 -0.59
CA TYR A 129 -3.27 16.94 -2.00
C TYR A 129 -4.25 18.06 -2.29
N ARG A 130 -5.11 18.35 -1.32
CA ARG A 130 -6.10 19.41 -1.45
C ARG A 130 -5.44 20.78 -1.44
N ALA A 131 -4.48 20.97 -0.54
CA ALA A 131 -3.76 22.23 -0.42
C ALA A 131 -3.05 22.57 -1.74
N GLU A 132 -2.61 21.53 -2.44
CA GLU A 132 -1.91 21.71 -3.71
C GLU A 132 -2.88 22.22 -4.78
N LYS A 133 -4.13 21.77 -4.69
CA LYS A 133 -5.15 22.18 -5.64
C LYS A 133 -5.50 23.66 -5.48
N GLU A 134 -5.28 24.18 -4.28
CA GLU A 134 -5.58 25.58 -3.98
C GLU A 134 -4.36 26.46 -4.27
N GLY A 135 -3.24 25.81 -4.58
CA GLY A 135 -2.02 26.55 -4.86
C GLY A 135 -1.03 26.50 -3.71
N ARG A 136 0.02 25.71 -3.86
CA ARG A 136 1.04 25.58 -2.83
C ARG A 136 1.72 26.92 -2.57
N GLY A 137 1.89 27.25 -1.29
CA GLY A 137 2.54 28.50 -0.93
C GLY A 137 2.06 29.03 0.40
N MET A 2 18.89 -30.61 21.39
CA MET A 2 19.18 -31.71 20.43
C MET A 2 20.50 -32.39 20.78
N ASP A 3 20.69 -33.61 20.27
CA ASP A 3 21.91 -34.37 20.53
C ASP A 3 22.47 -34.97 19.24
N ALA A 4 21.73 -34.79 18.15
CA ALA A 4 22.14 -35.32 16.85
C ALA A 4 23.26 -34.47 16.25
N LEU A 5 22.93 -33.22 15.91
CA LEU A 5 23.91 -32.31 15.33
C LEU A 5 24.35 -31.27 16.34
N GLU A 6 25.66 -31.09 16.47
CA GLU A 6 26.22 -30.13 17.41
C GLU A 6 26.76 -28.91 16.68
N GLY A 7 26.73 -27.76 17.36
CA GLY A 7 27.22 -26.53 16.75
C GLY A 7 26.15 -25.45 16.67
N GLU A 8 25.39 -25.46 15.58
CA GLU A 8 24.34 -24.47 15.38
C GLU A 8 22.98 -25.02 15.81
N SER A 9 22.12 -24.14 16.31
CA SER A 9 20.79 -24.54 16.75
C SER A 9 19.76 -23.47 16.40
N PHE A 10 20.23 -22.35 15.84
CA PHE A 10 19.35 -21.25 15.46
C PHE A 10 18.46 -21.65 14.29
N ALA A 11 18.97 -22.52 13.43
CA ALA A 11 18.23 -22.99 12.26
C ALA A 11 17.87 -21.83 11.33
N LEU A 12 17.13 -22.13 10.26
CA LEU A 12 16.73 -21.11 9.30
C LEU A 12 15.43 -20.45 9.71
N SER A 13 15.34 -19.14 9.51
CA SER A 13 14.15 -18.39 9.86
C SER A 13 13.55 -17.71 8.63
N PHE A 14 14.41 -17.40 7.66
CA PHE A 14 13.97 -16.75 6.44
C PHE A 14 13.47 -17.77 5.42
N SER A 15 12.74 -17.30 4.43
CA SER A 15 12.19 -18.17 3.39
C SER A 15 12.03 -17.42 2.07
N SER A 16 11.64 -16.15 2.17
CA SER A 16 11.45 -15.32 0.98
C SER A 16 11.82 -13.87 1.26
N ALA A 17 11.66 -13.45 2.51
CA ALA A 17 11.97 -12.08 2.92
C ALA A 17 13.43 -11.73 2.61
N SER A 18 14.34 -12.51 3.18
CA SER A 18 15.78 -12.28 2.97
C SER A 18 16.24 -12.90 1.66
N ASP A 19 15.29 -13.45 0.90
CA ASP A 19 15.60 -14.08 -0.38
C ASP A 19 15.27 -13.14 -1.54
N ALA A 20 15.73 -13.52 -2.73
CA ALA A 20 15.50 -12.72 -3.93
C ALA A 20 14.00 -12.55 -4.21
N GLU A 21 13.19 -13.46 -3.69
CA GLU A 21 11.75 -13.42 -3.88
C GLU A 21 11.17 -12.09 -3.42
N PHE A 22 11.57 -11.66 -2.22
CA PHE A 22 11.09 -10.40 -1.67
C PHE A 22 11.44 -9.23 -2.59
N ASP A 23 12.70 -9.14 -2.98
CA ASP A 23 13.17 -8.08 -3.86
C ASP A 23 12.34 -8.03 -5.14
N ALA A 24 11.98 -9.21 -5.64
CA ALA A 24 11.18 -9.30 -6.86
C ALA A 24 9.85 -8.58 -6.69
N VAL A 25 9.19 -8.82 -5.56
CA VAL A 25 7.91 -8.19 -5.28
C VAL A 25 8.05 -6.67 -5.23
N VAL A 26 9.17 -6.20 -4.70
CA VAL A 26 9.42 -4.76 -4.59
C VAL A 26 9.41 -4.11 -5.97
N GLY A 27 10.03 -4.79 -6.94
CA GLY A 27 10.07 -4.27 -8.29
C GLY A 27 8.70 -4.15 -8.91
N TYR A 28 7.87 -5.19 -8.71
CA TYR A 28 6.52 -5.20 -9.25
C TYR A 28 5.69 -4.09 -8.62
N LEU A 29 5.93 -3.81 -7.34
CA LEU A 29 5.20 -2.78 -6.62
C LEU A 29 5.43 -1.41 -7.26
N GLU A 30 6.70 -1.09 -7.52
CA GLU A 30 7.06 0.18 -8.13
C GLU A 30 6.39 0.33 -9.50
N ASP A 31 6.29 -0.78 -10.22
CA ASP A 31 5.68 -0.76 -11.55
C ASP A 31 4.19 -0.45 -11.46
N ILE A 32 3.54 -0.96 -10.41
CA ILE A 32 2.11 -0.73 -10.20
C ILE A 32 1.84 0.73 -9.85
N ILE A 33 2.68 1.30 -8.99
CA ILE A 33 2.51 2.69 -8.58
C ILE A 33 2.70 3.64 -9.75
N MET A 34 3.56 3.24 -10.69
CA MET A 34 3.83 4.05 -11.87
C MET A 34 2.98 3.60 -13.06
N ASP A 35 2.06 2.68 -12.81
CA ASP A 35 1.18 2.17 -13.86
C ASP A 35 0.10 3.19 -14.20
N ASP A 36 -0.12 3.39 -15.49
CA ASP A 36 -1.12 4.34 -15.97
C ASP A 36 -2.49 4.07 -15.36
N GLU A 37 -2.90 2.81 -15.37
CA GLU A 37 -4.20 2.43 -14.81
C GLU A 37 -4.32 2.80 -13.33
N PHE A 38 -3.20 2.72 -12.62
CA PHE A 38 -3.18 3.05 -11.19
C PHE A 38 -3.22 4.55 -10.96
N GLN A 39 -2.61 5.31 -11.86
CA GLN A 39 -2.58 6.77 -11.75
C GLN A 39 -3.98 7.37 -11.92
N LEU A 40 -4.68 6.93 -12.97
CA LEU A 40 -6.01 7.44 -13.25
C LEU A 40 -7.02 6.96 -12.20
N LEU A 41 -6.96 5.67 -11.88
CA LEU A 41 -7.87 5.09 -10.89
C LEU A 41 -7.71 5.76 -9.52
N GLN A 42 -6.46 5.93 -9.09
CA GLN A 42 -6.17 6.54 -7.80
C GLN A 42 -6.75 7.95 -7.71
N ARG A 43 -6.43 8.79 -8.69
CA ARG A 43 -6.91 10.16 -8.70
C ARG A 43 -8.44 10.21 -8.85
N ASN A 44 -9.00 9.24 -9.56
CA ASN A 44 -10.45 9.18 -9.78
C ASN A 44 -11.20 9.10 -8.46
N PHE A 45 -10.78 8.22 -7.57
CA PHE A 45 -11.43 8.04 -6.27
C PHE A 45 -11.02 9.15 -5.30
N MET A 46 -9.75 9.51 -5.31
CA MET A 46 -9.23 10.56 -4.43
C MET A 46 -9.99 11.87 -4.65
N ASP A 47 -10.54 12.03 -5.84
CA ASP A 47 -11.29 13.25 -6.17
C ASP A 47 -12.51 13.41 -5.28
N LYS A 48 -13.08 12.29 -4.85
CA LYS A 48 -14.27 12.30 -3.99
C LYS A 48 -13.87 12.16 -2.53
N TYR A 49 -12.95 11.25 -2.26
CA TYR A 49 -12.48 10.99 -0.90
C TYR A 49 -11.96 12.26 -0.24
N TYR A 50 -11.07 12.97 -0.92
CA TYR A 50 -10.48 14.20 -0.39
C TYR A 50 -11.56 15.22 -0.04
N LEU A 51 -12.75 15.04 -0.60
CA LEU A 51 -13.86 15.95 -0.34
C LEU A 51 -14.54 15.61 0.98
N GLU A 52 -14.80 14.31 1.18
CA GLU A 52 -15.44 13.85 2.40
C GLU A 52 -14.55 14.07 3.62
N PHE A 53 -13.24 13.96 3.42
CA PHE A 53 -12.28 14.14 4.50
C PHE A 53 -11.94 15.61 4.69
N GLU A 54 -12.82 16.32 5.38
CA GLU A 54 -12.62 17.74 5.65
C GLU A 54 -11.73 17.93 6.88
N ASP A 55 -11.28 19.16 7.09
CA ASP A 55 -10.41 19.48 8.22
C ASP A 55 -11.20 19.54 9.53
N THR A 56 -12.31 18.82 9.58
CA THR A 56 -13.15 18.79 10.77
C THR A 56 -12.47 18.02 11.89
N GLU A 57 -12.95 18.21 13.12
CA GLU A 57 -12.39 17.54 14.29
C GLU A 57 -13.32 16.44 14.77
N GLU A 58 -14.62 16.70 14.70
CA GLU A 58 -15.63 15.73 15.13
C GLU A 58 -15.63 14.51 14.22
N ASN A 59 -15.54 13.33 14.82
CA ASN A 59 -15.53 12.08 14.06
C ASN A 59 -16.95 11.67 13.66
N LYS A 60 -17.06 10.98 12.53
CA LYS A 60 -18.36 10.52 12.04
C LYS A 60 -18.33 9.04 11.72
N LEU A 61 -19.51 8.43 11.63
CA LEU A 61 -19.61 7.00 11.32
C LEU A 61 -19.44 6.76 9.82
N ILE A 62 -19.49 7.82 9.04
CA ILE A 62 -19.35 7.71 7.58
C ILE A 62 -17.92 7.35 7.19
N TYR A 63 -16.99 7.51 8.13
CA TYR A 63 -15.59 7.21 7.88
C TYR A 63 -15.36 5.69 7.80
N THR A 64 -16.30 4.92 8.35
CA THR A 64 -16.18 3.46 8.34
C THR A 64 -16.50 2.90 6.95
N PRO A 65 -17.66 3.23 6.36
CA PRO A 65 -18.03 2.73 5.02
C PRO A 65 -17.07 3.21 3.95
N ILE A 66 -16.67 4.49 4.03
CA ILE A 66 -15.74 5.06 3.06
C ILE A 66 -14.40 4.34 3.12
N PHE A 67 -13.91 4.10 4.33
CA PHE A 67 -12.63 3.43 4.52
C PHE A 67 -12.68 2.02 3.94
N ASN A 68 -13.76 1.31 4.24
CA ASN A 68 -13.93 -0.06 3.75
C ASN A 68 -13.89 -0.10 2.23
N GLU A 69 -14.39 0.96 1.59
CA GLU A 69 -14.41 1.03 0.13
C GLU A 69 -12.99 1.18 -0.41
N TYR A 70 -12.17 1.95 0.29
CA TYR A 70 -10.79 2.17 -0.10
C TYR A 70 -10.00 0.86 -0.04
N ILE A 71 -10.34 0.03 0.92
CA ILE A 71 -9.67 -1.25 1.10
C ILE A 71 -10.09 -2.26 0.03
N SER A 72 -11.39 -2.40 -0.18
CA SER A 72 -11.90 -3.34 -1.17
C SER A 72 -11.52 -2.94 -2.58
N LEU A 73 -11.39 -1.63 -2.82
CA LEU A 73 -11.04 -1.13 -4.14
C LEU A 73 -9.53 -1.01 -4.35
N VAL A 74 -8.89 -0.15 -3.56
CA VAL A 74 -7.45 0.08 -3.67
C VAL A 74 -6.60 -1.07 -3.16
N GLU A 75 -6.74 -1.39 -1.87
CA GLU A 75 -5.95 -2.47 -1.28
C GLU A 75 -6.05 -3.76 -2.08
N LYS A 76 -7.25 -4.06 -2.58
CA LYS A 76 -7.45 -5.27 -3.36
C LYS A 76 -6.84 -5.14 -4.75
N TYR A 77 -6.82 -3.91 -5.28
CA TYR A 77 -6.25 -3.66 -6.59
C TYR A 77 -4.78 -4.08 -6.62
N ILE A 78 -4.07 -3.80 -5.53
CA ILE A 78 -2.67 -4.15 -5.42
C ILE A 78 -2.48 -5.66 -5.27
N GLU A 79 -3.19 -6.24 -4.31
CA GLU A 79 -3.09 -7.68 -4.05
C GLU A 79 -3.37 -8.49 -5.31
N GLU A 80 -4.45 -8.13 -6.02
CA GLU A 80 -4.83 -8.83 -7.24
C GLU A 80 -3.72 -8.77 -8.29
N GLN A 81 -3.20 -7.58 -8.53
CA GLN A 81 -2.13 -7.40 -9.52
C GLN A 81 -0.92 -8.24 -9.16
N LEU A 82 -0.72 -8.47 -7.86
CA LEU A 82 0.41 -9.26 -7.38
C LEU A 82 0.16 -10.75 -7.56
N LEU A 83 -1.09 -11.18 -7.38
CA LEU A 83 -1.44 -12.59 -7.52
C LEU A 83 -1.36 -13.05 -8.96
N GLN A 84 -1.54 -12.11 -9.90
CA GLN A 84 -1.48 -12.43 -11.32
C GLN A 84 -0.10 -12.95 -11.71
N ARG A 85 0.88 -12.68 -10.86
CA ARG A 85 2.25 -13.13 -11.11
C ARG A 85 2.70 -14.14 -10.07
N ILE A 86 2.21 -13.99 -8.85
CA ILE A 86 2.57 -14.89 -7.75
C ILE A 86 1.31 -15.48 -7.11
N PRO A 87 0.92 -16.70 -7.50
CA PRO A 87 -0.27 -17.37 -6.94
C PRO A 87 -0.07 -17.84 -5.51
N GLU A 88 1.16 -17.70 -5.02
CA GLU A 88 1.50 -18.10 -3.66
C GLU A 88 1.84 -16.89 -2.80
N PHE A 89 1.47 -15.71 -3.27
CA PHE A 89 1.75 -14.47 -2.56
C PHE A 89 0.77 -14.28 -1.40
N ASN A 90 1.28 -13.72 -0.30
CA ASN A 90 0.46 -13.46 0.88
C ASN A 90 0.61 -12.02 1.33
N MET A 91 -0.37 -11.19 1.00
CA MET A 91 -0.34 -9.78 1.36
C MET A 91 -0.24 -9.57 2.87
N ALA A 92 -0.64 -10.60 3.62
CA ALA A 92 -0.60 -10.53 5.08
C ALA A 92 0.83 -10.65 5.61
N ALA A 93 1.49 -11.75 5.26
CA ALA A 93 2.86 -11.99 5.70
C ALA A 93 3.83 -11.01 5.06
N PHE A 94 3.46 -10.48 3.90
CA PHE A 94 4.32 -9.53 3.19
C PHE A 94 4.36 -8.19 3.92
N THR A 95 3.19 -7.60 4.15
CA THR A 95 3.10 -6.32 4.83
C THR A 95 3.73 -6.37 6.22
N THR A 96 3.40 -7.41 6.98
CA THR A 96 3.93 -7.57 8.33
C THR A 96 5.46 -7.58 8.33
N THR A 97 6.04 -8.41 7.46
CA THR A 97 7.49 -8.52 7.36
C THR A 97 8.11 -7.24 6.80
N LEU A 98 7.35 -6.55 5.96
CA LEU A 98 7.81 -5.31 5.34
C LEU A 98 8.07 -4.23 6.40
N GLN A 99 7.23 -4.21 7.42
CA GLN A 99 7.34 -3.22 8.49
C GLN A 99 8.76 -3.17 9.06
N HIS A 100 9.36 -4.34 9.24
CA HIS A 100 10.72 -4.41 9.77
C HIS A 100 11.75 -4.40 8.65
N HIS A 101 11.38 -5.00 7.51
CA HIS A 101 12.27 -5.07 6.37
C HIS A 101 12.44 -3.69 5.74
N LYS A 102 11.69 -2.72 6.26
CA LYS A 102 11.75 -1.36 5.76
C LYS A 102 13.15 -0.79 5.94
N ASP A 103 13.96 -1.44 6.78
CA ASP A 103 15.32 -1.01 7.02
C ASP A 103 16.11 -0.93 5.72
N GLU A 104 15.63 -1.62 4.70
CA GLU A 104 16.28 -1.63 3.39
C GLU A 104 15.34 -1.08 2.31
N VAL A 105 14.10 -1.55 2.32
CA VAL A 105 13.10 -1.12 1.34
C VAL A 105 12.96 0.40 1.34
N ALA A 106 12.73 0.97 0.16
CA ALA A 106 12.57 2.41 0.02
C ALA A 106 11.39 2.91 0.86
N GLY A 107 11.69 3.59 1.95
CA GLY A 107 10.66 4.11 2.82
C GLY A 107 9.76 5.12 2.12
N ASP A 108 10.33 5.84 1.17
CA ASP A 108 9.57 6.85 0.42
C ASP A 108 8.44 6.22 -0.38
N ILE A 109 8.69 5.04 -0.93
CA ILE A 109 7.68 4.34 -1.72
C ILE A 109 6.60 3.74 -0.84
N PHE A 110 7.00 3.00 0.19
CA PHE A 110 6.05 2.37 1.09
C PHE A 110 5.26 3.40 1.87
N ASP A 111 5.87 4.56 2.11
CA ASP A 111 5.21 5.64 2.85
C ASP A 111 3.81 5.90 2.30
N MET A 112 3.64 5.67 1.00
CA MET A 112 2.35 5.86 0.36
C MET A 112 1.39 4.76 0.79
N LEU A 113 1.87 3.52 0.70
CA LEU A 113 1.09 2.36 1.08
C LEU A 113 0.84 2.35 2.58
N LEU A 114 1.70 3.05 3.32
CA LEU A 114 1.61 3.14 4.76
C LEU A 114 0.19 3.53 5.20
N THR A 115 -0.50 4.25 4.31
CA THR A 115 -1.86 4.70 4.59
C THR A 115 -2.83 3.52 4.80
N PHE A 116 -2.30 2.30 4.75
CA PHE A 116 -3.12 1.11 4.95
C PHE A 116 -3.70 1.07 6.36
N THR A 117 -2.94 1.60 7.32
CA THR A 117 -3.39 1.62 8.71
C THR A 117 -3.16 2.97 9.36
N ASP A 118 -2.12 3.67 8.91
CA ASP A 118 -1.79 4.99 9.45
C ASP A 118 -2.82 6.02 9.02
N PHE A 119 -3.91 6.13 9.79
CA PHE A 119 -4.97 7.08 9.50
C PHE A 119 -4.44 8.51 9.51
N LEU A 120 -3.34 8.73 10.25
CA LEU A 120 -2.75 10.05 10.34
C LEU A 120 -2.20 10.49 8.98
N ALA A 121 -1.56 9.55 8.28
CA ALA A 121 -0.99 9.83 6.97
C ALA A 121 -2.08 9.91 5.91
N PHE A 122 -3.12 9.10 6.09
CA PHE A 122 -4.24 9.06 5.14
C PHE A 122 -4.99 10.39 5.13
N LYS A 123 -5.42 10.83 6.31
CA LYS A 123 -6.15 12.09 6.46
C LYS A 123 -5.30 13.26 5.99
N GLU A 124 -4.08 13.36 6.51
CA GLU A 124 -3.17 14.44 6.14
C GLU A 124 -2.90 14.44 4.64
N MET A 125 -2.88 13.25 4.04
CA MET A 125 -2.63 13.11 2.61
C MET A 125 -3.67 13.88 1.80
N PHE A 126 -4.94 13.68 2.15
CA PHE A 126 -6.03 14.36 1.43
C PHE A 126 -5.96 15.87 1.63
N LEU A 127 -5.75 16.29 2.88
CA LEU A 127 -5.66 17.72 3.20
C LEU A 127 -4.52 18.38 2.42
N ASP A 128 -3.48 17.61 2.11
CA ASP A 128 -2.34 18.13 1.37
C ASP A 128 -2.71 18.35 -0.10
N TYR A 129 -3.31 17.32 -0.70
CA TYR A 129 -3.72 17.38 -2.10
C TYR A 129 -4.66 18.56 -2.33
N ARG A 130 -5.52 18.83 -1.34
CA ARG A 130 -6.48 19.93 -1.43
C ARG A 130 -5.76 21.27 -1.32
N ALA A 131 -4.73 21.32 -0.48
CA ALA A 131 -3.97 22.55 -0.28
C ALA A 131 -3.32 23.00 -1.58
N GLU A 132 -2.91 22.03 -2.40
CA GLU A 132 -2.28 22.33 -3.68
C GLU A 132 -3.28 22.95 -4.66
N LYS A 133 -4.56 22.67 -4.43
CA LYS A 133 -5.62 23.21 -5.29
C LYS A 133 -5.79 24.71 -5.08
N GLU A 134 -5.28 25.20 -3.96
CA GLU A 134 -5.37 26.62 -3.63
C GLU A 134 -4.01 27.30 -3.73
N GLY A 135 -3.04 26.57 -4.26
CA GLY A 135 -1.70 27.12 -4.41
C GLY A 135 -1.63 28.24 -5.42
N ARG A 136 -2.11 27.98 -6.63
CA ARG A 136 -2.11 28.99 -7.69
C ARG A 136 -3.45 29.70 -7.77
N GLY A 137 -3.49 30.80 -8.51
CA GLY A 137 -4.71 31.56 -8.67
C GLY A 137 -4.72 32.40 -9.93
N MET A 2 16.14 -35.44 23.86
CA MET A 2 17.16 -34.99 22.89
C MET A 2 17.25 -35.95 21.70
N ASP A 3 17.46 -35.40 20.51
CA ASP A 3 17.56 -36.20 19.31
C ASP A 3 18.40 -35.50 18.24
N ALA A 4 18.00 -34.28 17.90
CA ALA A 4 18.71 -33.49 16.89
C ALA A 4 19.46 -32.33 17.55
N LEU A 5 20.63 -32.02 17.02
CA LEU A 5 21.45 -30.93 17.55
C LEU A 5 21.62 -29.82 16.51
N GLU A 6 22.32 -28.76 16.90
CA GLU A 6 22.56 -27.63 16.01
C GLU A 6 23.25 -28.08 14.73
N GLY A 7 22.64 -27.78 13.58
CA GLY A 7 23.20 -28.17 12.30
C GLY A 7 23.52 -26.97 11.43
N GLU A 8 22.59 -26.02 11.38
CA GLU A 8 22.78 -24.81 10.57
C GLU A 8 22.40 -23.57 11.37
N SER A 9 22.40 -23.69 12.69
CA SER A 9 22.05 -22.57 13.56
C SER A 9 23.00 -21.40 13.34
N PHE A 10 24.28 -21.71 13.10
CA PHE A 10 25.28 -20.69 12.86
C PHE A 10 25.66 -20.60 11.39
N ALA A 11 25.47 -21.72 10.68
CA ALA A 11 25.78 -21.77 9.25
C ALA A 11 24.81 -20.92 8.45
N LEU A 12 25.31 -20.31 7.37
CA LEU A 12 24.49 -19.46 6.52
C LEU A 12 23.70 -20.30 5.52
N SER A 13 22.38 -20.31 5.67
CA SER A 13 21.51 -21.06 4.77
C SER A 13 20.96 -20.18 3.67
N PHE A 14 20.46 -20.80 2.61
CA PHE A 14 19.91 -20.07 1.47
C PHE A 14 18.57 -19.43 1.83
N SER A 15 18.56 -18.10 1.91
CA SER A 15 17.35 -17.35 2.24
C SER A 15 16.92 -16.47 1.08
N SER A 16 15.61 -16.27 0.93
CA SER A 16 15.08 -15.44 -0.15
C SER A 16 13.76 -14.80 0.26
N ALA A 17 13.08 -15.41 1.23
CA ALA A 17 11.80 -14.90 1.70
C ALA A 17 11.89 -13.45 2.15
N SER A 18 13.12 -13.00 2.41
CA SER A 18 13.34 -11.63 2.85
C SER A 18 14.56 -11.03 2.17
N ASP A 19 15.00 -11.66 1.08
CA ASP A 19 16.17 -11.19 0.34
C ASP A 19 15.90 -11.20 -1.16
N ALA A 20 16.12 -12.35 -1.78
CA ALA A 20 15.92 -12.51 -3.22
C ALA A 20 14.45 -12.41 -3.61
N GLU A 21 13.62 -13.27 -3.01
CA GLU A 21 12.19 -13.29 -3.31
C GLU A 21 11.56 -11.95 -2.96
N PHE A 22 11.85 -11.44 -1.77
CA PHE A 22 11.31 -10.18 -1.31
C PHE A 22 11.63 -9.07 -2.30
N ASP A 23 12.88 -9.05 -2.77
CA ASP A 23 13.32 -8.04 -3.72
C ASP A 23 12.48 -8.08 -5.00
N ALA A 24 12.18 -9.30 -5.45
CA ALA A 24 11.37 -9.49 -6.65
C ALA A 24 10.03 -8.79 -6.52
N VAL A 25 9.39 -8.97 -5.36
CA VAL A 25 8.09 -8.36 -5.10
C VAL A 25 8.17 -6.84 -5.22
N VAL A 26 9.20 -6.26 -4.61
CA VAL A 26 9.38 -4.80 -4.65
C VAL A 26 9.36 -4.28 -6.07
N GLY A 27 10.06 -4.98 -6.97
CA GLY A 27 10.09 -4.56 -8.36
C GLY A 27 8.72 -4.54 -8.98
N TYR A 28 7.96 -5.61 -8.80
CA TYR A 28 6.61 -5.72 -9.34
C TYR A 28 5.72 -4.60 -8.80
N LEU A 29 5.99 -4.17 -7.57
CA LEU A 29 5.20 -3.11 -6.94
C LEU A 29 5.43 -1.78 -7.65
N GLU A 30 6.69 -1.49 -7.96
CA GLU A 30 7.04 -0.25 -8.63
C GLU A 30 6.33 -0.12 -9.97
N ASP A 31 6.31 -1.21 -10.72
CA ASP A 31 5.65 -1.22 -12.03
C ASP A 31 4.17 -0.87 -11.91
N ILE A 32 3.56 -1.25 -10.79
CA ILE A 32 2.15 -0.98 -10.56
C ILE A 32 1.93 0.49 -10.15
N ILE A 33 2.88 1.03 -9.39
CA ILE A 33 2.79 2.41 -8.93
C ILE A 33 2.85 3.39 -10.10
N MET A 34 3.77 3.14 -11.03
CA MET A 34 3.94 4.00 -12.20
C MET A 34 2.97 3.62 -13.30
N ASP A 35 2.10 2.65 -13.04
CA ASP A 35 1.12 2.21 -14.03
C ASP A 35 0.12 3.32 -14.33
N ASP A 36 -0.11 3.56 -15.62
CA ASP A 36 -1.04 4.60 -16.05
C ASP A 36 -2.44 4.38 -15.48
N GLU A 37 -2.94 3.16 -15.63
CA GLU A 37 -4.28 2.82 -15.13
C GLU A 37 -4.35 2.99 -13.62
N PHE A 38 -3.21 2.90 -12.95
CA PHE A 38 -3.14 3.03 -11.50
C PHE A 38 -3.30 4.50 -11.09
N GLN A 39 -2.67 5.39 -11.85
CA GLN A 39 -2.73 6.82 -11.56
C GLN A 39 -4.15 7.36 -11.79
N LEU A 40 -4.81 6.82 -12.82
CA LEU A 40 -6.16 7.25 -13.15
C LEU A 40 -7.15 6.82 -12.08
N LEU A 41 -7.11 5.54 -11.72
CA LEU A 41 -8.01 4.99 -10.72
C LEU A 41 -7.76 5.62 -9.35
N GLN A 42 -6.49 5.82 -9.01
CA GLN A 42 -6.12 6.40 -7.73
C GLN A 42 -6.63 7.84 -7.60
N ARG A 43 -6.36 8.64 -8.62
CA ARG A 43 -6.77 10.05 -8.62
C ARG A 43 -8.29 10.18 -8.73
N ASN A 44 -8.91 9.25 -9.44
CA ASN A 44 -10.35 9.28 -9.65
C ASN A 44 -11.11 9.16 -8.33
N PHE A 45 -10.72 8.20 -7.50
CA PHE A 45 -11.38 8.00 -6.20
C PHE A 45 -10.95 9.03 -5.17
N MET A 46 -9.66 9.36 -5.16
CA MET A 46 -9.13 10.33 -4.20
C MET A 46 -9.79 11.69 -4.38
N ASP A 47 -10.26 11.95 -5.60
CA ASP A 47 -10.92 13.22 -5.91
C ASP A 47 -12.14 13.44 -5.02
N LYS A 48 -12.80 12.35 -4.65
CA LYS A 48 -13.99 12.42 -3.80
C LYS A 48 -13.62 12.23 -2.33
N TYR A 49 -12.68 11.34 -2.08
CA TYR A 49 -12.23 11.05 -0.71
C TYR A 49 -11.72 12.31 -0.02
N TYR A 50 -10.80 13.01 -0.66
CA TYR A 50 -10.22 14.22 -0.07
C TYR A 50 -11.28 15.27 0.21
N LEU A 51 -12.45 15.12 -0.41
CA LEU A 51 -13.55 16.06 -0.21
C LEU A 51 -14.29 15.76 1.09
N GLU A 52 -14.56 14.48 1.32
CA GLU A 52 -15.26 14.06 2.54
C GLU A 52 -14.36 14.21 3.76
N PHE A 53 -13.06 14.00 3.57
CA PHE A 53 -12.09 14.12 4.66
C PHE A 53 -11.71 15.58 4.87
N GLU A 54 -12.53 16.29 5.64
CA GLU A 54 -12.29 17.71 5.92
C GLU A 54 -11.76 17.89 7.34
N ASP A 55 -10.85 18.83 7.51
CA ASP A 55 -10.27 19.11 8.82
C ASP A 55 -11.27 19.82 9.72
N THR A 56 -11.93 19.07 10.59
CA THR A 56 -12.91 19.63 11.51
C THR A 56 -12.79 18.99 12.89
N GLU A 57 -13.54 19.53 13.85
CA GLU A 57 -13.51 19.01 15.21
C GLU A 57 -14.60 17.95 15.40
N GLU A 58 -15.54 17.88 14.47
CA GLU A 58 -16.63 16.92 14.54
C GLU A 58 -16.31 15.68 13.72
N ASN A 59 -16.34 14.52 14.37
CA ASN A 59 -16.05 13.25 13.70
C ASN A 59 -17.34 12.66 13.14
N LYS A 60 -17.22 12.02 11.97
CA LYS A 60 -18.38 11.41 11.32
C LYS A 60 -18.19 9.90 11.20
N LEU A 61 -19.30 9.17 11.24
CA LEU A 61 -19.26 7.72 11.11
C LEU A 61 -19.10 7.31 9.65
N ILE A 62 -19.22 8.27 8.76
CA ILE A 62 -19.09 8.02 7.33
C ILE A 62 -17.67 7.63 6.96
N TYR A 63 -16.73 7.89 7.86
CA TYR A 63 -15.33 7.55 7.62
C TYR A 63 -15.10 6.05 7.67
N THR A 64 -15.99 5.33 8.35
CA THR A 64 -15.86 3.88 8.46
C THR A 64 -16.15 3.18 7.12
N PRO A 65 -17.31 3.46 6.49
CA PRO A 65 -17.66 2.84 5.19
C PRO A 65 -16.70 3.27 4.09
N ILE A 66 -16.37 4.55 4.07
CA ILE A 66 -15.46 5.09 3.06
C ILE A 66 -14.11 4.36 3.09
N PHE A 67 -13.59 4.12 4.29
CA PHE A 67 -12.32 3.43 4.44
C PHE A 67 -12.45 1.99 3.94
N ASN A 68 -13.55 1.33 4.30
CA ASN A 68 -13.79 -0.04 3.88
C ASN A 68 -13.85 -0.14 2.36
N GLU A 69 -14.27 0.96 1.72
CA GLU A 69 -14.36 1.00 0.27
C GLU A 69 -12.97 1.07 -0.35
N TYR A 70 -12.09 1.81 0.30
CA TYR A 70 -10.71 1.96 -0.17
C TYR A 70 -9.97 0.63 -0.11
N ILE A 71 -10.21 -0.13 0.95
CA ILE A 71 -9.56 -1.43 1.13
C ILE A 71 -10.16 -2.47 0.20
N SER A 72 -11.44 -2.29 -0.14
CA SER A 72 -12.12 -3.23 -1.02
C SER A 72 -11.67 -3.05 -2.47
N LEU A 73 -11.50 -1.80 -2.89
CA LEU A 73 -11.09 -1.51 -4.26
C LEU A 73 -9.57 -1.44 -4.42
N VAL A 74 -8.94 -0.49 -3.71
CA VAL A 74 -7.50 -0.27 -3.81
C VAL A 74 -6.68 -1.44 -3.25
N GLU A 75 -6.85 -1.75 -1.98
CA GLU A 75 -6.09 -2.83 -1.35
C GLU A 75 -6.19 -4.12 -2.17
N LYS A 76 -7.37 -4.38 -2.72
CA LYS A 76 -7.59 -5.57 -3.52
C LYS A 76 -7.00 -5.41 -4.92
N TYR A 77 -6.86 -4.16 -5.35
CA TYR A 77 -6.29 -3.87 -6.66
C TYR A 77 -4.85 -4.36 -6.76
N ILE A 78 -4.04 -3.94 -5.79
CA ILE A 78 -2.63 -4.33 -5.76
C ILE A 78 -2.47 -5.81 -5.37
N GLU A 79 -3.30 -6.27 -4.44
CA GLU A 79 -3.24 -7.66 -3.99
C GLU A 79 -3.51 -8.63 -5.13
N GLU A 80 -4.58 -8.38 -5.88
CA GLU A 80 -4.95 -9.25 -7.00
C GLU A 80 -3.90 -9.19 -8.10
N GLN A 81 -3.38 -8.00 -8.38
CA GLN A 81 -2.38 -7.82 -9.43
C GLN A 81 -1.14 -8.67 -9.16
N LEU A 82 -0.80 -8.84 -7.90
CA LEU A 82 0.35 -9.64 -7.51
C LEU A 82 0.05 -11.13 -7.64
N LEU A 83 -1.18 -11.52 -7.31
CA LEU A 83 -1.59 -12.91 -7.39
C LEU A 83 -1.62 -13.40 -8.83
N GLN A 84 -1.77 -12.46 -9.77
CA GLN A 84 -1.82 -12.80 -11.19
C GLN A 84 -0.56 -13.53 -11.64
N ARG A 85 0.53 -13.35 -10.90
CA ARG A 85 1.79 -14.00 -11.23
C ARG A 85 2.28 -14.88 -10.09
N ILE A 86 1.80 -14.60 -8.88
CA ILE A 86 2.18 -15.38 -7.70
C ILE A 86 0.96 -15.83 -6.92
N PRO A 87 0.45 -17.04 -7.20
CA PRO A 87 -0.74 -17.59 -6.52
C PRO A 87 -0.41 -18.05 -5.09
N GLU A 88 0.85 -17.97 -4.73
CA GLU A 88 1.30 -18.37 -3.40
C GLU A 88 1.74 -17.16 -2.59
N PHE A 89 1.35 -15.97 -3.05
CA PHE A 89 1.71 -14.73 -2.38
C PHE A 89 0.78 -14.46 -1.20
N ASN A 90 1.33 -13.83 -0.16
CA ASN A 90 0.57 -13.50 1.02
C ASN A 90 0.78 -12.04 1.41
N MET A 91 -0.19 -11.19 1.05
CA MET A 91 -0.10 -9.77 1.35
C MET A 91 -0.09 -9.50 2.85
N ALA A 92 -0.51 -10.51 3.61
CA ALA A 92 -0.56 -10.39 5.07
C ALA A 92 0.84 -10.43 5.67
N ALA A 93 1.56 -11.52 5.42
CA ALA A 93 2.91 -11.68 5.94
C ALA A 93 3.89 -10.72 5.27
N PHE A 94 3.57 -10.33 4.03
CA PHE A 94 4.43 -9.42 3.28
C PHE A 94 4.44 -8.03 3.92
N THR A 95 3.26 -7.48 4.18
CA THR A 95 3.14 -6.16 4.78
C THR A 95 3.74 -6.13 6.19
N THR A 96 3.49 -7.19 6.96
CA THR A 96 4.00 -7.29 8.33
C THR A 96 5.52 -7.13 8.35
N THR A 97 6.20 -7.85 7.46
CA THR A 97 7.65 -7.79 7.39
C THR A 97 8.12 -6.49 6.74
N LEU A 98 7.30 -5.94 5.85
CA LEU A 98 7.62 -4.70 5.16
C LEU A 98 7.73 -3.54 6.13
N GLN A 99 6.88 -3.54 7.16
CA GLN A 99 6.87 -2.47 8.15
C GLN A 99 8.27 -2.19 8.70
N HIS A 100 9.01 -3.24 9.00
CA HIS A 100 10.37 -3.08 9.52
C HIS A 100 11.39 -3.12 8.40
N HIS A 101 11.08 -3.84 7.33
CA HIS A 101 11.97 -3.97 6.19
C HIS A 101 12.06 -2.65 5.44
N LYS A 102 11.25 -1.68 5.85
CA LYS A 102 11.24 -0.37 5.21
C LYS A 102 12.61 0.30 5.35
N ASP A 103 13.37 -0.12 6.36
CA ASP A 103 14.70 0.42 6.60
C ASP A 103 15.64 0.07 5.43
N GLU A 104 15.21 -0.88 4.61
CA GLU A 104 16.02 -1.31 3.48
C GLU A 104 15.53 -0.67 2.18
N VAL A 105 14.26 -0.92 1.84
CA VAL A 105 13.68 -0.36 0.63
C VAL A 105 13.47 1.14 0.77
N ALA A 106 12.85 1.74 -0.25
CA ALA A 106 12.58 3.17 -0.25
C ALA A 106 11.36 3.49 0.61
N GLY A 107 11.60 4.11 1.76
CA GLY A 107 10.51 4.46 2.65
C GLY A 107 9.55 5.46 2.04
N ASP A 108 10.09 6.42 1.29
CA ASP A 108 9.28 7.45 0.65
C ASP A 108 8.22 6.83 -0.26
N ILE A 109 8.57 5.72 -0.90
CA ILE A 109 7.63 5.04 -1.80
C ILE A 109 6.56 4.29 -1.02
N PHE A 110 6.98 3.50 -0.03
CA PHE A 110 6.04 2.72 0.78
C PHE A 110 5.08 3.63 1.56
N ASP A 111 5.55 4.83 1.89
CA ASP A 111 4.74 5.79 2.65
C ASP A 111 3.35 5.94 2.02
N MET A 112 3.28 5.76 0.71
CA MET A 112 2.01 5.86 -0.01
C MET A 112 1.13 4.65 0.31
N LEU A 113 1.73 3.47 0.19
CA LEU A 113 1.03 2.22 0.46
C LEU A 113 0.61 2.11 1.92
N LEU A 114 1.31 2.85 2.79
CA LEU A 114 1.01 2.84 4.22
C LEU A 114 -0.48 3.04 4.48
N THR A 115 -1.15 3.73 3.56
CA THR A 115 -2.58 3.99 3.69
C THR A 115 -3.39 2.70 3.79
N PHE A 116 -2.70 1.55 3.75
CA PHE A 116 -3.38 0.25 3.85
C PHE A 116 -4.04 0.07 5.21
N THR A 117 -3.43 0.62 6.25
CA THR A 117 -3.96 0.51 7.60
C THR A 117 -3.55 1.69 8.47
N ASP A 118 -2.78 2.61 7.91
CA ASP A 118 -2.34 3.79 8.65
C ASP A 118 -3.30 4.95 8.43
N PHE A 119 -4.27 5.08 9.33
CA PHE A 119 -5.26 6.15 9.24
C PHE A 119 -4.58 7.51 9.21
N LEU A 120 -3.42 7.61 9.85
CA LEU A 120 -2.68 8.87 9.89
C LEU A 120 -2.20 9.26 8.49
N ALA A 121 -1.71 8.29 7.74
CA ALA A 121 -1.21 8.54 6.39
C ALA A 121 -2.36 8.78 5.43
N PHE A 122 -3.52 8.21 5.75
CA PHE A 122 -4.71 8.35 4.92
C PHE A 122 -5.21 9.79 4.96
N LYS A 123 -5.44 10.29 6.17
CA LYS A 123 -5.92 11.65 6.36
C LYS A 123 -4.86 12.68 5.96
N GLU A 124 -3.61 12.35 6.23
CA GLU A 124 -2.50 13.25 5.90
C GLU A 124 -2.31 13.35 4.39
N MET A 125 -2.61 12.27 3.68
CA MET A 125 -2.47 12.24 2.23
C MET A 125 -3.49 13.15 1.57
N PHE A 126 -4.74 13.06 2.00
CA PHE A 126 -5.82 13.88 1.43
C PHE A 126 -5.67 15.33 1.85
N LEU A 127 -5.39 15.56 3.14
CA LEU A 127 -5.23 16.91 3.66
C LEU A 127 -4.08 17.63 2.95
N ASP A 128 -3.07 16.87 2.54
CA ASP A 128 -1.93 17.43 1.84
C ASP A 128 -2.30 17.86 0.43
N TYR A 129 -3.05 17.00 -0.26
CA TYR A 129 -3.49 17.28 -1.62
C TYR A 129 -4.45 18.46 -1.65
N ARG A 130 -5.25 18.59 -0.61
CA ARG A 130 -6.22 19.68 -0.52
C ARG A 130 -5.52 21.01 -0.32
N ALA A 131 -4.55 21.04 0.60
CA ALA A 131 -3.80 22.25 0.88
C ALA A 131 -3.01 22.71 -0.35
N GLU A 132 -2.63 21.75 -1.19
CA GLU A 132 -1.87 22.05 -2.40
C GLU A 132 -2.67 22.96 -3.32
N LYS A 133 -3.99 22.80 -3.30
CA LYS A 133 -4.88 23.61 -4.12
C LYS A 133 -4.86 25.06 -3.69
N GLU A 134 -4.59 25.29 -2.40
CA GLU A 134 -4.54 26.64 -1.86
C GLU A 134 -3.19 27.29 -2.11
N GLY A 135 -2.30 26.55 -2.77
CA GLY A 135 -0.97 27.07 -3.07
C GLY A 135 -0.92 27.79 -4.40
N ARG A 136 -1.74 27.35 -5.35
CA ARG A 136 -1.80 27.97 -6.67
C ARG A 136 -3.18 28.54 -6.95
N GLY A 137 -3.25 29.87 -7.09
CA GLY A 137 -4.52 30.52 -7.36
C GLY A 137 -5.04 31.27 -6.15
N MET A 2 31.07 -16.20 -8.34
CA MET A 2 31.78 -14.91 -8.58
C MET A 2 31.56 -13.94 -7.42
N ASP A 3 32.43 -12.95 -7.29
CA ASP A 3 32.34 -11.96 -6.23
C ASP A 3 32.47 -12.61 -4.85
N ALA A 4 31.36 -13.09 -4.32
CA ALA A 4 31.34 -13.73 -3.01
C ALA A 4 31.10 -15.23 -3.13
N LEU A 5 31.72 -16.00 -2.25
CA LEU A 5 31.58 -17.45 -2.26
C LEU A 5 30.48 -17.90 -1.31
N GLU A 6 29.69 -18.88 -1.75
CA GLU A 6 28.59 -19.41 -0.94
C GLU A 6 28.22 -20.82 -1.37
N GLY A 7 27.38 -21.48 -0.59
CA GLY A 7 26.96 -22.83 -0.92
C GLY A 7 27.22 -23.81 0.22
N GLU A 8 26.81 -23.42 1.43
CA GLU A 8 26.98 -24.26 2.60
C GLU A 8 26.06 -25.47 2.55
N SER A 9 24.76 -25.22 2.56
CA SER A 9 23.78 -26.29 2.50
C SER A 9 23.18 -26.43 1.10
N PHE A 10 22.43 -25.42 0.69
CA PHE A 10 21.81 -25.42 -0.63
C PHE A 10 21.98 -24.07 -1.32
N ALA A 11 21.27 -23.87 -2.43
CA ALA A 11 21.35 -22.63 -3.18
C ALA A 11 20.98 -21.42 -2.32
N LEU A 12 21.13 -20.22 -2.89
CA LEU A 12 20.81 -18.98 -2.18
C LEU A 12 21.63 -18.86 -0.90
N SER A 13 21.30 -17.86 -0.09
CA SER A 13 22.01 -17.62 1.17
C SER A 13 21.03 -17.45 2.33
N PHE A 14 21.07 -18.39 3.27
CA PHE A 14 20.20 -18.36 4.45
C PHE A 14 18.72 -18.38 4.04
N SER A 15 18.17 -17.19 3.76
CA SER A 15 16.77 -17.08 3.38
C SER A 15 16.59 -16.07 2.24
N SER A 16 15.38 -16.00 1.70
CA SER A 16 15.07 -15.08 0.62
C SER A 16 13.64 -14.56 0.72
N ALA A 17 12.83 -15.23 1.53
CA ALA A 17 11.43 -14.84 1.73
C ALA A 17 11.34 -13.40 2.22
N SER A 18 12.42 -12.90 2.81
CA SER A 18 12.45 -11.55 3.33
C SER A 18 13.70 -10.80 2.83
N ASP A 19 14.31 -11.33 1.78
CA ASP A 19 15.51 -10.72 1.21
C ASP A 19 15.43 -10.67 -0.31
N ALA A 20 15.86 -11.76 -0.94
CA ALA A 20 15.84 -11.85 -2.40
C ALA A 20 14.43 -11.86 -2.96
N GLU A 21 13.63 -12.83 -2.51
CA GLU A 21 12.24 -12.95 -2.96
C GLU A 21 11.45 -11.69 -2.59
N PHE A 22 11.66 -11.21 -1.37
CA PHE A 22 10.97 -10.02 -0.90
C PHE A 22 11.26 -8.83 -1.81
N ASP A 23 12.50 -8.75 -2.29
CA ASP A 23 12.92 -7.66 -3.17
C ASP A 23 12.17 -7.73 -4.50
N ALA A 24 12.01 -8.95 -5.02
CA ALA A 24 11.31 -9.15 -6.28
C ALA A 24 9.91 -8.55 -6.23
N VAL A 25 9.20 -8.82 -5.14
CA VAL A 25 7.85 -8.30 -4.97
C VAL A 25 7.85 -6.78 -5.03
N VAL A 26 8.73 -6.16 -4.24
CA VAL A 26 8.84 -4.71 -4.19
C VAL A 26 8.96 -4.14 -5.60
N GLY A 27 9.66 -4.87 -6.47
CA GLY A 27 9.82 -4.42 -7.84
C GLY A 27 8.50 -4.38 -8.59
N TYR A 28 7.71 -5.43 -8.44
CA TYR A 28 6.41 -5.53 -9.11
C TYR A 28 5.51 -4.35 -8.71
N LEU A 29 5.42 -4.08 -7.42
CA LEU A 29 4.59 -2.98 -6.92
C LEU A 29 4.98 -1.67 -7.60
N GLU A 30 6.28 -1.40 -7.67
CA GLU A 30 6.76 -0.17 -8.29
C GLU A 30 6.25 -0.04 -9.72
N ASP A 31 6.22 -1.16 -10.44
CA ASP A 31 5.73 -1.17 -11.82
C ASP A 31 4.27 -0.74 -11.88
N ILE A 32 3.52 -1.09 -10.83
CA ILE A 32 2.11 -0.74 -10.76
C ILE A 32 1.91 0.73 -10.39
N ILE A 33 2.83 1.25 -9.58
CA ILE A 33 2.74 2.64 -9.14
C ILE A 33 2.92 3.60 -10.32
N MET A 34 3.79 3.25 -11.25
CA MET A 34 4.04 4.08 -12.42
C MET A 34 3.08 3.73 -13.55
N ASP A 35 2.18 2.80 -13.29
CA ASP A 35 1.20 2.37 -14.29
C ASP A 35 0.19 3.49 -14.56
N ASP A 36 -0.06 3.76 -15.84
CA ASP A 36 -0.99 4.80 -16.24
C ASP A 36 -2.39 4.53 -15.69
N GLU A 37 -2.88 3.30 -15.87
CA GLU A 37 -4.20 2.92 -15.40
C GLU A 37 -4.30 3.03 -13.87
N PHE A 38 -3.15 2.98 -13.20
CA PHE A 38 -3.12 3.07 -11.74
C PHE A 38 -3.28 4.51 -11.29
N GLN A 39 -2.64 5.44 -12.00
CA GLN A 39 -2.72 6.85 -11.65
C GLN A 39 -4.14 7.37 -11.81
N LEU A 40 -4.81 6.94 -12.88
CA LEU A 40 -6.18 7.35 -13.15
C LEU A 40 -7.15 6.77 -12.11
N LEU A 41 -7.01 5.48 -11.85
CA LEU A 41 -7.85 4.78 -10.88
C LEU A 41 -7.75 5.42 -9.49
N GLN A 42 -6.52 5.56 -9.01
CA GLN A 42 -6.27 6.14 -7.70
C GLN A 42 -6.76 7.59 -7.60
N ARG A 43 -6.39 8.40 -8.58
CA ARG A 43 -6.78 9.81 -8.58
C ARG A 43 -8.29 9.97 -8.70
N ASN A 44 -8.93 9.05 -9.42
CA ASN A 44 -10.37 9.11 -9.62
C ASN A 44 -11.12 8.98 -8.29
N PHE A 45 -10.75 7.99 -7.50
CA PHE A 45 -11.40 7.77 -6.21
C PHE A 45 -10.94 8.79 -5.17
N MET A 46 -9.64 9.05 -5.12
CA MET A 46 -9.09 10.01 -4.16
C MET A 46 -9.74 11.37 -4.31
N ASP A 47 -10.23 11.68 -5.50
CA ASP A 47 -10.88 12.96 -5.76
C ASP A 47 -12.12 13.13 -4.88
N LYS A 48 -12.80 12.01 -4.62
CA LYS A 48 -14.00 12.03 -3.79
C LYS A 48 -13.64 11.83 -2.32
N TYR A 49 -12.63 11.00 -2.09
CA TYR A 49 -12.17 10.70 -0.73
C TYR A 49 -11.77 11.98 0.01
N TYR A 50 -10.93 12.80 -0.61
CA TYR A 50 -10.47 14.03 0.02
C TYR A 50 -11.60 15.05 0.15
N LEU A 51 -12.71 14.83 -0.57
CA LEU A 51 -13.85 15.72 -0.50
C LEU A 51 -14.57 15.55 0.83
N GLU A 52 -14.86 14.30 1.18
CA GLU A 52 -15.55 14.00 2.43
C GLU A 52 -14.64 14.29 3.62
N PHE A 53 -13.35 13.99 3.47
CA PHE A 53 -12.38 14.22 4.53
C PHE A 53 -12.06 15.70 4.66
N GLU A 54 -12.87 16.42 5.44
CA GLU A 54 -12.68 17.84 5.64
C GLU A 54 -12.04 18.11 6.99
N ASP A 55 -11.11 19.06 7.03
CA ASP A 55 -10.42 19.42 8.26
C ASP A 55 -11.40 19.96 9.29
N THR A 56 -11.86 19.08 10.19
CA THR A 56 -12.81 19.46 11.23
C THR A 56 -12.38 18.92 12.59
N GLU A 57 -13.22 19.12 13.60
CA GLU A 57 -12.93 18.65 14.95
C GLU A 57 -13.97 17.62 15.39
N GLU A 58 -14.99 17.43 14.56
CA GLU A 58 -16.05 16.48 14.88
C GLU A 58 -15.71 15.10 14.32
N ASN A 59 -16.03 14.06 15.09
CA ASN A 59 -15.74 12.69 14.68
C ASN A 59 -16.93 12.08 13.94
N LYS A 60 -16.73 11.74 12.68
CA LYS A 60 -17.78 11.14 11.87
C LYS A 60 -17.53 9.66 11.66
N LEU A 61 -18.59 8.86 11.80
CA LEU A 61 -18.48 7.41 11.64
C LEU A 61 -18.28 7.04 10.18
N ILE A 62 -18.39 8.03 9.29
CA ILE A 62 -18.22 7.80 7.86
C ILE A 62 -16.79 7.37 7.52
N TYR A 63 -15.89 7.48 8.49
CA TYR A 63 -14.49 7.10 8.27
C TYR A 63 -14.34 5.60 8.05
N THR A 64 -15.21 4.81 8.67
CA THR A 64 -15.14 3.36 8.54
C THR A 64 -15.62 2.89 7.16
N PRO A 65 -16.82 3.30 6.71
CA PRO A 65 -17.35 2.90 5.40
C PRO A 65 -16.40 3.27 4.26
N ILE A 66 -15.93 4.52 4.27
CA ILE A 66 -15.01 4.99 3.25
C ILE A 66 -13.73 4.17 3.25
N PHE A 67 -13.22 3.87 4.45
CA PHE A 67 -12.00 3.09 4.59
C PHE A 67 -12.17 1.72 3.94
N ASN A 68 -13.33 1.10 4.15
CA ASN A 68 -13.61 -0.22 3.60
C ASN A 68 -13.54 -0.19 2.08
N GLU A 69 -14.05 0.90 1.48
CA GLU A 69 -14.03 1.05 0.03
C GLU A 69 -12.59 1.16 -0.48
N TYR A 70 -11.74 1.76 0.33
CA TYR A 70 -10.33 1.93 -0.04
C TYR A 70 -9.63 0.57 -0.10
N ILE A 71 -10.01 -0.32 0.81
CA ILE A 71 -9.43 -1.64 0.87
C ILE A 71 -9.93 -2.53 -0.26
N SER A 72 -11.16 -2.27 -0.71
CA SER A 72 -11.76 -3.05 -1.79
C SER A 72 -11.34 -2.51 -3.15
N LEU A 73 -11.06 -1.22 -3.23
CA LEU A 73 -10.66 -0.60 -4.49
C LEU A 73 -9.15 -0.62 -4.68
N VAL A 74 -8.43 0.07 -3.80
CA VAL A 74 -6.98 0.17 -3.88
C VAL A 74 -6.26 -1.11 -3.46
N GLU A 75 -6.44 -1.50 -2.19
CA GLU A 75 -5.79 -2.70 -1.66
C GLU A 75 -6.08 -3.92 -2.51
N LYS A 76 -7.27 -3.97 -3.11
CA LYS A 76 -7.65 -5.10 -3.95
C LYS A 76 -6.93 -5.05 -5.30
N TYR A 77 -6.82 -3.85 -5.86
CA TYR A 77 -6.16 -3.67 -7.15
C TYR A 77 -4.73 -4.20 -7.10
N ILE A 78 -4.02 -3.87 -6.03
CA ILE A 78 -2.64 -4.31 -5.87
C ILE A 78 -2.55 -5.82 -5.66
N GLU A 79 -3.39 -6.33 -4.77
CA GLU A 79 -3.41 -7.75 -4.45
C GLU A 79 -3.67 -8.60 -5.69
N GLU A 80 -4.67 -8.23 -6.48
CA GLU A 80 -5.02 -8.96 -7.69
C GLU A 80 -3.89 -8.96 -8.71
N GLN A 81 -3.40 -7.78 -9.05
CA GLN A 81 -2.33 -7.64 -10.04
C GLN A 81 -1.08 -8.41 -9.65
N LEU A 82 -0.85 -8.57 -8.35
CA LEU A 82 0.32 -9.29 -7.86
C LEU A 82 0.14 -10.79 -7.97
N LEU A 83 -1.07 -11.25 -7.68
CA LEU A 83 -1.38 -12.67 -7.72
C LEU A 83 -1.39 -13.21 -9.14
N GLN A 84 -1.59 -12.32 -10.11
CA GLN A 84 -1.60 -12.71 -11.51
C GLN A 84 -0.29 -13.39 -11.90
N ARG A 85 0.74 -13.20 -11.08
CA ARG A 85 2.05 -13.79 -11.34
C ARG A 85 2.51 -14.63 -10.15
N ILE A 86 1.80 -14.53 -9.04
CA ILE A 86 2.15 -15.29 -7.83
C ILE A 86 0.90 -15.88 -7.18
N PRO A 87 0.50 -17.11 -7.59
CA PRO A 87 -0.69 -17.77 -7.03
C PRO A 87 -0.50 -18.20 -5.58
N GLU A 88 0.74 -18.09 -5.10
CA GLU A 88 1.05 -18.47 -3.73
C GLU A 88 1.42 -17.24 -2.90
N PHE A 89 1.05 -16.07 -3.41
CA PHE A 89 1.33 -14.81 -2.74
C PHE A 89 0.57 -14.69 -1.42
N ASN A 90 1.18 -14.00 -0.46
CA ASN A 90 0.56 -13.78 0.85
C ASN A 90 0.74 -12.33 1.28
N MET A 91 -0.20 -11.49 0.85
CA MET A 91 -0.14 -10.06 1.18
C MET A 91 -0.19 -9.82 2.68
N ALA A 92 -0.78 -10.75 3.42
CA ALA A 92 -0.89 -10.62 4.87
C ALA A 92 0.50 -10.59 5.52
N ALA A 93 1.30 -11.61 5.24
CA ALA A 93 2.63 -11.71 5.81
C ALA A 93 3.58 -10.72 5.16
N PHE A 94 3.31 -10.37 3.90
CA PHE A 94 4.14 -9.44 3.16
C PHE A 94 4.01 -8.02 3.71
N THR A 95 2.79 -7.61 4.03
CA THR A 95 2.55 -6.28 4.56
C THR A 95 3.10 -6.12 5.97
N THR A 96 2.76 -7.06 6.86
CA THR A 96 3.24 -7.00 8.24
C THR A 96 4.76 -6.93 8.29
N THR A 97 5.41 -7.66 7.38
CA THR A 97 6.87 -7.67 7.32
C THR A 97 7.42 -6.41 6.69
N LEU A 98 6.66 -5.85 5.74
CA LEU A 98 7.07 -4.64 5.05
C LEU A 98 7.13 -3.45 6.00
N GLN A 99 6.21 -3.42 6.96
CA GLN A 99 6.14 -2.33 7.93
C GLN A 99 7.50 -2.06 8.58
N HIS A 100 8.25 -3.12 8.84
CA HIS A 100 9.57 -2.98 9.46
C HIS A 100 10.68 -3.13 8.41
N HIS A 101 10.39 -3.88 7.36
CA HIS A 101 11.35 -4.10 6.29
C HIS A 101 11.55 -2.82 5.49
N LYS A 102 10.74 -1.81 5.77
CA LYS A 102 10.83 -0.53 5.08
C LYS A 102 12.18 0.11 5.31
N ASP A 103 12.88 -0.33 6.36
CA ASP A 103 14.19 0.20 6.69
C ASP A 103 15.20 -0.10 5.58
N GLU A 104 14.81 -0.99 4.67
CA GLU A 104 15.67 -1.37 3.55
C GLU A 104 15.23 -0.67 2.27
N VAL A 105 14.01 -1.00 1.81
CA VAL A 105 13.47 -0.41 0.60
C VAL A 105 13.24 1.09 0.77
N ALA A 106 12.81 1.75 -0.31
CA ALA A 106 12.55 3.18 -0.27
C ALA A 106 11.33 3.50 0.58
N GLY A 107 11.57 4.08 1.75
CA GLY A 107 10.48 4.42 2.65
C GLY A 107 9.53 5.43 2.05
N ASP A 108 10.05 6.30 1.19
CA ASP A 108 9.24 7.32 0.54
C ASP A 108 8.15 6.71 -0.33
N ILE A 109 8.49 5.62 -1.01
CA ILE A 109 7.54 4.95 -1.89
C ILE A 109 6.49 4.18 -1.07
N PHE A 110 6.95 3.39 -0.12
CA PHE A 110 6.04 2.60 0.71
C PHE A 110 5.16 3.51 1.55
N ASP A 111 5.67 4.70 1.89
CA ASP A 111 4.93 5.65 2.70
C ASP A 111 3.51 5.82 2.17
N MET A 112 3.32 5.64 0.87
CA MET A 112 2.01 5.74 0.27
C MET A 112 1.15 4.55 0.67
N LEU A 113 1.69 3.36 0.47
CA LEU A 113 1.00 2.13 0.81
C LEU A 113 0.82 2.01 2.32
N LEU A 114 1.67 2.70 3.07
CA LEU A 114 1.63 2.67 4.53
C LEU A 114 0.22 2.97 5.03
N THR A 115 -0.55 3.72 4.24
CA THR A 115 -1.92 4.07 4.60
C THR A 115 -2.80 2.83 4.73
N PHE A 116 -2.22 1.64 4.58
CA PHE A 116 -2.97 0.39 4.69
C PHE A 116 -3.49 0.21 6.12
N THR A 117 -2.93 0.97 7.05
CA THR A 117 -3.33 0.89 8.45
C THR A 117 -3.02 2.19 9.19
N ASP A 118 -2.03 2.93 8.69
CA ASP A 118 -1.65 4.20 9.31
C ASP A 118 -2.67 5.28 8.99
N PHE A 119 -3.74 5.33 9.77
CA PHE A 119 -4.79 6.32 9.57
C PHE A 119 -4.24 7.74 9.61
N LEU A 120 -3.20 7.95 10.40
CA LEU A 120 -2.58 9.26 10.52
C LEU A 120 -2.08 9.74 9.17
N ALA A 121 -1.45 8.85 8.42
CA ALA A 121 -0.92 9.18 7.10
C ALA A 121 -2.05 9.25 6.06
N PHE A 122 -3.12 8.51 6.33
CA PHE A 122 -4.27 8.48 5.43
C PHE A 122 -4.95 9.84 5.35
N LYS A 123 -5.33 10.38 6.50
CA LYS A 123 -5.99 11.67 6.58
C LYS A 123 -5.03 12.80 6.21
N GLU A 124 -3.79 12.69 6.68
CA GLU A 124 -2.78 13.70 6.40
C GLU A 124 -2.48 13.78 4.91
N MET A 125 -2.65 12.65 4.20
CA MET A 125 -2.40 12.61 2.77
C MET A 125 -3.48 13.36 2.00
N PHE A 126 -4.74 13.10 2.33
CA PHE A 126 -5.85 13.76 1.67
C PHE A 126 -5.83 15.27 1.92
N LEU A 127 -5.64 15.66 3.17
CA LEU A 127 -5.60 17.07 3.54
C LEU A 127 -4.47 17.79 2.81
N ASP A 128 -3.34 17.11 2.65
CA ASP A 128 -2.19 17.69 1.98
C ASP A 128 -2.48 17.84 0.48
N TYR A 129 -3.25 16.89 -0.05
CA TYR A 129 -3.61 16.90 -1.46
C TYR A 129 -4.57 18.05 -1.76
N ARG A 130 -5.41 18.37 -0.79
CA ARG A 130 -6.39 19.45 -0.93
C ARG A 130 -5.70 20.80 -0.95
N ALA A 131 -4.72 20.98 -0.06
CA ALA A 131 -3.98 22.23 0.03
C ALA A 131 -3.14 22.46 -1.21
N GLU A 132 -2.69 21.38 -1.83
CA GLU A 132 -1.87 21.46 -3.03
C GLU A 132 -2.64 22.12 -4.17
N LYS A 133 -3.97 22.03 -4.11
CA LYS A 133 -4.81 22.61 -5.15
C LYS A 133 -4.66 24.13 -5.19
N GLU A 134 -4.55 24.74 -4.02
CA GLU A 134 -4.40 26.18 -3.92
C GLU A 134 -2.95 26.59 -4.14
N GLY A 135 -2.07 25.60 -4.24
CA GLY A 135 -0.66 25.87 -4.45
C GLY A 135 -0.33 26.06 -5.92
N ARG A 136 -0.92 25.24 -6.77
CA ARG A 136 -0.69 25.33 -8.21
C ARG A 136 -2.00 25.44 -8.97
N GLY A 137 -2.87 24.44 -8.80
CA GLY A 137 -4.16 24.45 -9.48
C GLY A 137 -4.85 23.11 -9.39
N MET A 2 4.17 -33.91 14.17
CA MET A 2 4.92 -32.63 14.21
C MET A 2 4.07 -31.49 13.64
N ASP A 3 3.66 -31.64 12.39
CA ASP A 3 2.85 -30.63 11.72
C ASP A 3 1.72 -31.27 10.93
N ALA A 4 0.67 -30.48 10.67
CA ALA A 4 -0.47 -30.98 9.92
C ALA A 4 -0.47 -30.44 8.49
N LEU A 5 -0.41 -31.36 7.52
CA LEU A 5 -0.39 -30.98 6.11
C LEU A 5 0.82 -30.13 5.77
N GLU A 6 1.81 -30.73 5.11
CA GLU A 6 3.02 -30.02 4.72
C GLU A 6 3.66 -30.68 3.51
N GLY A 7 4.37 -29.88 2.72
CA GLY A 7 5.02 -30.40 1.53
C GLY A 7 4.08 -30.51 0.35
N GLU A 8 4.07 -29.50 -0.50
CA GLU A 8 3.20 -29.50 -1.69
C GLU A 8 4.02 -29.41 -2.97
N SER A 9 3.86 -30.42 -3.82
CA SER A 9 4.59 -30.48 -5.10
C SER A 9 6.10 -30.48 -4.87
N PHE A 10 6.85 -30.53 -5.97
CA PHE A 10 8.30 -30.53 -5.91
C PHE A 10 8.85 -29.11 -5.76
N ALA A 11 10.06 -29.01 -5.22
CA ALA A 11 10.71 -27.72 -5.03
C ALA A 11 9.88 -26.81 -4.13
N LEU A 12 10.22 -26.77 -2.85
CA LEU A 12 9.50 -25.95 -1.88
C LEU A 12 10.32 -24.73 -1.50
N SER A 13 9.67 -23.75 -0.89
CA SER A 13 10.34 -22.53 -0.47
C SER A 13 9.58 -21.84 0.67
N PHE A 14 10.08 -22.01 1.88
CA PHE A 14 9.44 -21.40 3.05
C PHE A 14 10.01 -20.02 3.33
N SER A 15 10.97 -19.61 2.50
CA SER A 15 11.59 -18.30 2.65
C SER A 15 11.04 -17.32 1.63
N SER A 16 11.03 -16.04 2.00
CA SER A 16 10.52 -14.99 1.11
C SER A 16 11.21 -13.66 1.41
N ALA A 17 11.10 -13.20 2.65
CA ALA A 17 11.70 -11.95 3.07
C ALA A 17 13.22 -12.01 2.98
N SER A 18 13.82 -12.99 3.65
CA SER A 18 15.26 -13.16 3.63
C SER A 18 15.72 -13.78 2.31
N ASP A 19 14.77 -13.99 1.42
CA ASP A 19 15.07 -14.59 0.11
C ASP A 19 14.98 -13.54 -0.99
N ALA A 20 15.60 -13.84 -2.13
CA ALA A 20 15.60 -12.93 -3.27
C ALA A 20 14.17 -12.62 -3.73
N GLU A 21 13.24 -13.51 -3.40
CA GLU A 21 11.85 -13.33 -3.78
C GLU A 21 11.29 -12.00 -3.29
N PHE A 22 11.71 -11.60 -2.08
CA PHE A 22 11.26 -10.33 -1.51
C PHE A 22 11.57 -9.17 -2.45
N ASP A 23 12.83 -9.05 -2.86
CA ASP A 23 13.25 -8.00 -3.76
C ASP A 23 12.46 -8.03 -5.05
N ALA A 24 12.16 -9.25 -5.53
CA ALA A 24 11.40 -9.43 -6.75
C ALA A 24 10.04 -8.76 -6.66
N VAL A 25 9.37 -8.95 -5.52
CA VAL A 25 8.06 -8.37 -5.30
C VAL A 25 8.12 -6.85 -5.33
N VAL A 26 9.16 -6.29 -4.70
CA VAL A 26 9.34 -4.85 -4.66
C VAL A 26 9.37 -4.26 -6.07
N GLY A 27 10.01 -4.97 -6.98
CA GLY A 27 10.11 -4.52 -8.36
C GLY A 27 8.76 -4.52 -9.05
N TYR A 28 8.02 -5.62 -8.90
CA TYR A 28 6.70 -5.74 -9.52
C TYR A 28 5.78 -4.61 -9.06
N LEU A 29 5.96 -4.19 -7.80
CA LEU A 29 5.15 -3.12 -7.24
C LEU A 29 5.43 -1.79 -7.94
N GLU A 30 6.70 -1.47 -8.09
CA GLU A 30 7.09 -0.22 -8.74
C GLU A 30 6.47 -0.09 -10.12
N ASP A 31 6.46 -1.19 -10.87
CA ASP A 31 5.89 -1.20 -12.22
C ASP A 31 4.40 -0.87 -12.18
N ILE A 32 3.73 -1.29 -11.11
CA ILE A 32 2.31 -1.04 -10.96
C ILE A 32 2.05 0.42 -10.57
N ILE A 33 2.92 0.96 -9.72
CA ILE A 33 2.78 2.35 -9.28
C ILE A 33 2.97 3.32 -10.42
N MET A 34 3.84 2.95 -11.37
CA MET A 34 4.13 3.80 -12.52
C MET A 34 3.24 3.44 -13.70
N ASP A 35 2.24 2.59 -13.47
CA ASP A 35 1.32 2.17 -14.51
C ASP A 35 0.27 3.25 -14.77
N ASP A 36 -0.02 3.50 -16.04
CA ASP A 36 -1.00 4.50 -16.43
C ASP A 36 -2.37 4.23 -15.80
N GLU A 37 -2.83 2.98 -15.92
CA GLU A 37 -4.12 2.59 -15.37
C GLU A 37 -4.17 2.81 -13.86
N PHE A 38 -3.01 2.76 -13.22
CA PHE A 38 -2.94 2.95 -11.77
C PHE A 38 -3.04 4.43 -11.41
N GLN A 39 -2.45 5.28 -12.24
CA GLN A 39 -2.50 6.73 -12.00
C GLN A 39 -3.91 7.26 -12.15
N LEU A 40 -4.57 6.88 -13.24
CA LEU A 40 -5.93 7.32 -13.51
C LEU A 40 -6.89 6.83 -12.44
N LEU A 41 -6.71 5.58 -12.02
CA LEU A 41 -7.56 4.98 -11.00
C LEU A 41 -7.42 5.69 -9.66
N GLN A 42 -6.17 5.84 -9.20
CA GLN A 42 -5.90 6.48 -7.92
C GLN A 42 -6.52 7.88 -7.86
N ARG A 43 -6.22 8.71 -8.86
CA ARG A 43 -6.75 10.07 -8.91
C ARG A 43 -8.27 10.08 -9.03
N ASN A 44 -8.82 9.07 -9.70
CA ASN A 44 -10.26 8.98 -9.89
C ASN A 44 -11.00 8.91 -8.55
N PHE A 45 -10.54 8.02 -7.67
CA PHE A 45 -11.17 7.85 -6.36
C PHE A 45 -10.75 8.95 -5.39
N MET A 46 -9.49 9.35 -5.44
CA MET A 46 -8.99 10.39 -4.55
C MET A 46 -9.76 11.69 -4.76
N ASP A 47 -10.32 11.85 -5.96
CA ASP A 47 -11.10 13.05 -6.29
C ASP A 47 -12.28 13.21 -5.34
N LYS A 48 -12.79 12.08 -4.85
CA LYS A 48 -13.92 12.08 -3.94
C LYS A 48 -13.46 12.17 -2.49
N TYR A 49 -12.56 11.28 -2.11
CA TYR A 49 -12.03 11.21 -0.75
C TYR A 49 -11.43 12.55 -0.30
N TYR A 50 -10.52 13.09 -1.09
CA TYR A 50 -9.86 14.34 -0.75
C TYR A 50 -10.88 15.48 -0.56
N LEU A 51 -12.00 15.39 -1.26
CA LEU A 51 -13.04 16.42 -1.19
C LEU A 51 -13.94 16.23 0.03
N GLU A 52 -14.29 14.98 0.34
CA GLU A 52 -15.16 14.70 1.47
C GLU A 52 -14.43 14.86 2.79
N PHE A 53 -13.17 14.45 2.81
CA PHE A 53 -12.34 14.55 4.01
C PHE A 53 -12.08 16.01 4.37
N GLU A 54 -12.93 16.55 5.24
CA GLU A 54 -12.80 17.94 5.68
C GLU A 54 -12.37 18.01 7.13
N ASP A 55 -11.54 19.00 7.46
CA ASP A 55 -11.06 19.18 8.82
C ASP A 55 -12.18 19.68 9.73
N THR A 56 -12.66 18.79 10.61
CA THR A 56 -13.73 19.14 11.53
C THR A 56 -13.34 18.79 12.97
N GLU A 57 -14.27 19.02 13.91
CA GLU A 57 -14.01 18.74 15.31
C GLU A 57 -14.81 17.53 15.78
N GLU A 58 -15.86 17.19 15.04
CA GLU A 58 -16.71 16.05 15.39
C GLU A 58 -16.50 14.89 14.42
N ASN A 59 -16.34 13.70 14.96
CA ASN A 59 -16.13 12.50 14.14
C ASN A 59 -17.46 11.99 13.60
N LYS A 60 -17.39 11.20 12.53
CA LYS A 60 -18.59 10.64 11.92
C LYS A 60 -18.44 9.14 11.69
N LEU A 61 -19.57 8.44 11.62
CA LEU A 61 -19.58 7.00 11.41
C LEU A 61 -19.38 6.67 9.94
N ILE A 62 -19.51 7.69 9.09
CA ILE A 62 -19.36 7.52 7.65
C ILE A 62 -17.93 7.18 7.27
N TYR A 63 -17.00 7.42 8.19
CA TYR A 63 -15.59 7.15 7.95
C TYR A 63 -15.32 5.64 7.89
N THR A 64 -16.24 4.85 8.46
CA THR A 64 -16.07 3.40 8.46
C THR A 64 -16.32 2.80 7.09
N PRO A 65 -17.49 3.09 6.45
CA PRO A 65 -17.79 2.57 5.11
C PRO A 65 -16.82 3.09 4.06
N ILE A 66 -16.48 4.37 4.15
CA ILE A 66 -15.56 4.99 3.20
C ILE A 66 -14.21 4.29 3.24
N PHE A 67 -13.74 3.99 4.45
CA PHE A 67 -12.46 3.30 4.63
C PHE A 67 -12.51 1.91 4.01
N ASN A 68 -13.64 1.23 4.19
CA ASN A 68 -13.81 -0.11 3.64
C ASN A 68 -13.76 -0.08 2.12
N GLU A 69 -14.13 1.06 1.54
CA GLU A 69 -14.11 1.21 0.08
C GLU A 69 -12.68 1.32 -0.43
N TYR A 70 -11.86 2.10 0.28
CA TYR A 70 -10.47 2.30 -0.11
C TYR A 70 -9.72 0.96 -0.08
N ILE A 71 -10.07 0.13 0.88
CA ILE A 71 -9.43 -1.17 1.03
C ILE A 71 -9.91 -2.14 -0.05
N SER A 72 -11.22 -2.27 -0.19
CA SER A 72 -11.80 -3.17 -1.18
C SER A 72 -11.37 -2.78 -2.60
N LEU A 73 -11.16 -1.49 -2.82
CA LEU A 73 -10.77 -1.01 -4.15
C LEU A 73 -9.25 -0.98 -4.33
N VAL A 74 -8.57 -0.15 -3.54
CA VAL A 74 -7.12 0.00 -3.63
C VAL A 74 -6.35 -1.19 -3.07
N GLU A 75 -6.56 -1.48 -1.79
CA GLU A 75 -5.85 -2.59 -1.14
C GLU A 75 -6.00 -3.88 -1.93
N LYS A 76 -7.21 -4.14 -2.44
CA LYS A 76 -7.45 -5.34 -3.22
C LYS A 76 -6.84 -5.22 -4.61
N TYR A 77 -6.72 -4.00 -5.12
CA TYR A 77 -6.14 -3.78 -6.44
C TYR A 77 -4.71 -4.29 -6.49
N ILE A 78 -3.96 -4.03 -5.42
CA ILE A 78 -2.57 -4.46 -5.33
C ILE A 78 -2.49 -5.97 -5.13
N GLU A 79 -3.30 -6.49 -4.21
CA GLU A 79 -3.31 -7.92 -3.90
C GLU A 79 -3.64 -8.76 -5.14
N GLU A 80 -4.71 -8.40 -5.84
CA GLU A 80 -5.14 -9.14 -7.03
C GLU A 80 -4.09 -9.10 -8.13
N GLN A 81 -3.58 -7.91 -8.44
CA GLN A 81 -2.58 -7.76 -9.49
C GLN A 81 -1.33 -8.59 -9.20
N LEU A 82 -1.02 -8.76 -7.92
CA LEU A 82 0.15 -9.55 -7.52
C LEU A 82 -0.14 -11.05 -7.65
N LEU A 83 -1.38 -11.44 -7.37
CA LEU A 83 -1.78 -12.84 -7.46
C LEU A 83 -1.78 -13.33 -8.90
N GLN A 84 -1.94 -12.41 -9.84
CA GLN A 84 -1.95 -12.76 -11.26
C GLN A 84 -0.65 -13.43 -11.67
N ARG A 85 0.40 -13.20 -10.90
CA ARG A 85 1.71 -13.79 -11.18
C ARG A 85 2.13 -14.74 -10.08
N ILE A 86 1.68 -14.45 -8.86
CA ILE A 86 2.02 -15.28 -7.71
C ILE A 86 0.75 -15.71 -6.95
N PRO A 87 0.17 -16.86 -7.35
CA PRO A 87 -1.06 -17.37 -6.71
C PRO A 87 -0.83 -17.82 -5.27
N GLU A 88 0.43 -17.78 -4.84
CA GLU A 88 0.80 -18.16 -3.49
C GLU A 88 1.26 -16.97 -2.68
N PHE A 89 1.06 -15.77 -3.25
CA PHE A 89 1.44 -14.54 -2.58
C PHE A 89 0.52 -14.24 -1.41
N ASN A 90 1.11 -13.77 -0.31
CA ASN A 90 0.34 -13.42 0.89
C ASN A 90 0.62 -11.99 1.30
N MET A 91 -0.23 -11.07 0.85
CA MET A 91 -0.06 -9.65 1.15
C MET A 91 -0.08 -9.39 2.65
N ALA A 92 -0.74 -10.27 3.41
CA ALA A 92 -0.81 -10.11 4.85
C ALA A 92 0.56 -10.21 5.50
N ALA A 93 1.25 -11.33 5.26
CA ALA A 93 2.58 -11.55 5.81
C ALA A 93 3.62 -10.65 5.14
N PHE A 94 3.38 -10.31 3.89
CA PHE A 94 4.29 -9.46 3.13
C PHE A 94 4.33 -8.04 3.72
N THR A 95 3.16 -7.46 3.94
CA THR A 95 3.06 -6.11 4.48
C THR A 95 3.66 -6.03 5.89
N THR A 96 3.27 -6.96 6.75
CA THR A 96 3.78 -6.98 8.12
C THR A 96 5.30 -7.02 8.15
N THR A 97 5.89 -7.78 7.23
CA THR A 97 7.34 -7.90 7.14
C THR A 97 7.95 -6.66 6.49
N LEU A 98 7.20 -6.03 5.59
CA LEU A 98 7.65 -4.83 4.90
C LEU A 98 7.96 -3.72 5.89
N GLN A 99 7.16 -3.62 6.94
CA GLN A 99 7.32 -2.59 7.96
C GLN A 99 8.76 -2.55 8.48
N HIS A 100 9.33 -3.73 8.72
CA HIS A 100 10.70 -3.81 9.20
C HIS A 100 11.69 -3.55 8.07
N HIS A 101 11.39 -4.11 6.90
CA HIS A 101 12.23 -3.95 5.73
C HIS A 101 12.16 -2.53 5.19
N LYS A 102 11.34 -1.71 5.84
CA LYS A 102 11.19 -0.31 5.45
C LYS A 102 12.49 0.44 5.64
N ASP A 103 13.37 -0.12 6.47
CA ASP A 103 14.67 0.49 6.73
C ASP A 103 15.65 0.23 5.58
N GLU A 104 15.31 -0.73 4.73
CA GLU A 104 16.15 -1.08 3.60
C GLU A 104 15.59 -0.51 2.30
N VAL A 105 14.37 -0.91 1.96
CA VAL A 105 13.72 -0.44 0.74
C VAL A 105 13.47 1.07 0.79
N ALA A 106 12.89 1.61 -0.27
CA ALA A 106 12.59 3.03 -0.35
C ALA A 106 11.44 3.41 0.57
N GLY A 107 11.76 4.10 1.65
CA GLY A 107 10.73 4.52 2.59
C GLY A 107 9.75 5.49 1.98
N ASP A 108 10.23 6.28 1.03
CA ASP A 108 9.38 7.27 0.34
C ASP A 108 8.27 6.59 -0.45
N ILE A 109 8.58 5.44 -1.05
CA ILE A 109 7.60 4.71 -1.84
C ILE A 109 6.56 4.03 -0.96
N PHE A 110 7.03 3.30 0.05
CA PHE A 110 6.12 2.62 0.97
C PHE A 110 5.29 3.61 1.76
N ASP A 111 5.84 4.81 1.98
CA ASP A 111 5.16 5.84 2.75
C ASP A 111 3.72 6.00 2.26
N MET A 112 3.48 5.72 0.98
CA MET A 112 2.15 5.83 0.42
C MET A 112 1.28 4.68 0.94
N LEU A 113 1.80 3.47 0.80
CA LEU A 113 1.09 2.27 1.25
C LEU A 113 0.97 2.27 2.77
N LEU A 114 1.84 3.02 3.43
CA LEU A 114 1.85 3.11 4.89
C LEU A 114 0.47 3.45 5.43
N THR A 115 -0.33 4.14 4.62
CA THR A 115 -1.68 4.53 5.03
C THR A 115 -2.56 3.29 5.28
N PHE A 116 -2.00 2.11 5.04
CA PHE A 116 -2.72 0.86 5.23
C PHE A 116 -3.02 0.63 6.71
N THR A 117 -2.17 1.19 7.57
CA THR A 117 -2.33 1.02 9.01
C THR A 117 -2.49 2.36 9.73
N ASP A 118 -1.65 3.33 9.39
CA ASP A 118 -1.70 4.63 10.04
C ASP A 118 -2.75 5.53 9.39
N PHE A 119 -3.96 5.50 9.95
CA PHE A 119 -5.06 6.32 9.43
C PHE A 119 -4.73 7.80 9.55
N LEU A 120 -3.93 8.15 10.56
CA LEU A 120 -3.53 9.52 10.77
C LEU A 120 -2.78 10.06 9.56
N ALA A 121 -1.97 9.19 8.95
CA ALA A 121 -1.20 9.57 7.77
C ALA A 121 -2.11 9.63 6.55
N PHE A 122 -3.12 8.77 6.54
CA PHE A 122 -4.09 8.72 5.44
C PHE A 122 -4.85 10.03 5.34
N LYS A 123 -5.46 10.44 6.45
CA LYS A 123 -6.23 11.68 6.50
C LYS A 123 -5.32 12.87 6.23
N GLU A 124 -4.15 12.87 6.88
CA GLU A 124 -3.19 13.95 6.71
C GLU A 124 -2.75 14.07 5.25
N MET A 125 -2.76 12.94 4.55
CA MET A 125 -2.39 12.91 3.14
C MET A 125 -3.39 13.70 2.31
N PHE A 126 -4.67 13.49 2.57
CA PHE A 126 -5.72 14.18 1.84
C PHE A 126 -5.66 15.69 2.08
N LEU A 127 -5.44 16.08 3.33
CA LEU A 127 -5.36 17.50 3.69
C LEU A 127 -4.26 18.20 2.90
N ASP A 128 -3.12 17.52 2.75
CA ASP A 128 -1.99 18.08 2.02
C ASP A 128 -2.31 18.17 0.52
N TYR A 129 -2.81 17.08 -0.03
CA TYR A 129 -3.16 17.02 -1.45
C TYR A 129 -4.12 18.16 -1.81
N ARG A 130 -5.13 18.34 -0.98
CA ARG A 130 -6.13 19.39 -1.19
C ARG A 130 -5.51 20.77 -1.05
N ALA A 131 -4.68 20.93 -0.02
CA ALA A 131 -4.01 22.20 0.25
C ALA A 131 -3.30 22.71 -1.01
N GLU A 132 -2.80 21.80 -1.82
CA GLU A 132 -2.10 22.16 -3.05
C GLU A 132 -3.01 22.97 -3.98
N LYS A 133 -4.23 22.47 -4.18
CA LYS A 133 -5.19 23.14 -5.05
C LYS A 133 -5.65 24.46 -4.43
N GLU A 134 -5.55 24.56 -3.11
CA GLU A 134 -5.95 25.77 -2.40
C GLU A 134 -4.75 26.64 -2.09
N GLY A 135 -3.59 26.26 -2.62
CA GLY A 135 -2.37 27.02 -2.40
C GLY A 135 -2.00 27.89 -3.58
N ARG A 136 -2.91 27.97 -4.56
CA ARG A 136 -2.67 28.77 -5.75
C ARG A 136 -3.79 29.80 -5.94
N GLY A 137 -4.76 29.78 -5.03
CA GLY A 137 -5.87 30.73 -5.11
C GLY A 137 -7.11 30.10 -5.70
N MET A 2 33.84 -28.95 1.21
CA MET A 2 34.51 -29.00 2.54
C MET A 2 34.23 -27.73 3.34
N ASP A 3 33.45 -27.86 4.40
CA ASP A 3 33.10 -26.71 5.24
C ASP A 3 32.49 -27.17 6.56
N ALA A 4 32.57 -26.30 7.56
CA ALA A 4 32.03 -26.62 8.89
C ALA A 4 31.33 -25.40 9.50
N LEU A 5 30.02 -25.49 9.64
CA LEU A 5 29.24 -24.39 10.21
C LEU A 5 27.82 -24.85 10.52
N GLU A 6 27.31 -25.79 9.73
CA GLU A 6 25.96 -26.31 9.90
C GLU A 6 24.92 -25.21 9.80
N GLY A 7 23.66 -25.56 10.02
CA GLY A 7 22.58 -24.60 9.94
C GLY A 7 22.06 -24.41 8.54
N GLU A 8 22.64 -25.14 7.60
CA GLU A 8 22.22 -25.07 6.20
C GLU A 8 21.51 -26.34 5.76
N SER A 9 20.19 -26.26 5.65
CA SER A 9 19.40 -27.41 5.23
C SER A 9 18.39 -27.01 4.16
N PHE A 10 17.99 -27.98 3.33
CA PHE A 10 17.04 -27.71 2.26
C PHE A 10 15.69 -27.26 2.83
N ALA A 11 15.36 -26.00 2.58
CA ALA A 11 14.10 -25.44 3.06
C ALA A 11 13.28 -24.85 1.92
N LEU A 12 13.89 -23.91 1.19
CA LEU A 12 13.23 -23.26 0.07
C LEU A 12 11.94 -22.58 0.51
N SER A 13 11.83 -22.32 1.81
CA SER A 13 10.66 -21.66 2.37
C SER A 13 11.06 -20.53 3.31
N PHE A 14 12.19 -20.70 3.99
CA PHE A 14 12.68 -19.68 4.91
C PHE A 14 13.32 -18.53 4.15
N SER A 15 13.91 -18.84 3.00
CA SER A 15 14.54 -17.84 2.16
C SER A 15 13.52 -17.09 1.32
N SER A 16 13.27 -15.83 1.66
CA SER A 16 12.31 -15.01 0.94
C SER A 16 12.51 -13.53 1.24
N ALA A 17 12.39 -13.19 2.52
CA ALA A 17 12.56 -11.80 2.96
C ALA A 17 13.97 -11.30 2.66
N SER A 18 14.96 -12.04 3.15
CA SER A 18 16.36 -11.68 2.93
C SER A 18 16.87 -12.30 1.64
N ASP A 19 15.96 -12.85 0.85
CA ASP A 19 16.30 -13.49 -0.41
C ASP A 19 15.91 -12.60 -1.59
N ALA A 20 16.41 -12.96 -2.77
CA ALA A 20 16.12 -12.21 -4.00
C ALA A 20 14.61 -12.09 -4.23
N GLU A 21 13.84 -13.00 -3.64
CA GLU A 21 12.40 -13.00 -3.81
C GLU A 21 11.80 -11.65 -3.38
N PHE A 22 12.23 -11.14 -2.24
CA PHE A 22 11.74 -9.86 -1.75
C PHE A 22 12.00 -8.74 -2.76
N ASP A 23 13.18 -8.76 -3.37
CA ASP A 23 13.55 -7.75 -4.36
C ASP A 23 12.61 -7.77 -5.55
N ALA A 24 12.23 -8.97 -5.98
CA ALA A 24 11.33 -9.13 -7.12
C ALA A 24 9.97 -8.50 -6.86
N VAL A 25 9.46 -8.71 -5.65
CA VAL A 25 8.15 -8.16 -5.26
C VAL A 25 8.17 -6.64 -5.33
N VAL A 26 9.24 -6.03 -4.83
CA VAL A 26 9.38 -4.58 -4.82
C VAL A 26 9.36 -4.03 -6.25
N GLY A 27 9.98 -4.76 -7.17
CA GLY A 27 10.02 -4.33 -8.55
C GLY A 27 8.65 -4.23 -9.18
N TYR A 28 7.89 -5.31 -9.10
CA TYR A 28 6.54 -5.36 -9.67
C TYR A 28 5.68 -4.24 -9.08
N LEU A 29 5.83 -3.98 -7.78
CA LEU A 29 5.07 -2.95 -7.11
C LEU A 29 5.27 -1.60 -7.78
N GLU A 30 6.54 -1.25 -8.04
CA GLU A 30 6.88 0.01 -8.67
C GLU A 30 6.16 0.15 -10.02
N ASP A 31 6.16 -0.92 -10.80
CA ASP A 31 5.51 -0.91 -12.11
C ASP A 31 4.01 -0.66 -11.97
N ILE A 32 3.43 -1.13 -10.87
CA ILE A 32 2.01 -0.95 -10.62
C ILE A 32 1.69 0.49 -10.23
N ILE A 33 2.60 1.11 -9.48
CA ILE A 33 2.41 2.50 -9.04
C ILE A 33 2.39 3.44 -10.23
N MET A 34 3.26 3.18 -11.21
CA MET A 34 3.35 4.02 -12.40
C MET A 34 2.45 3.48 -13.52
N ASP A 35 1.62 2.50 -13.19
CA ASP A 35 0.72 1.91 -14.16
C ASP A 35 -0.37 2.92 -14.56
N ASP A 36 -0.65 3.00 -15.85
CA ASP A 36 -1.67 3.92 -16.35
C ASP A 36 -3.03 3.66 -15.72
N GLU A 37 -3.44 2.40 -15.70
CA GLU A 37 -4.73 2.03 -15.11
C GLU A 37 -4.78 2.38 -13.63
N PHE A 38 -3.61 2.40 -12.99
CA PHE A 38 -3.54 2.72 -11.56
C PHE A 38 -3.66 4.22 -11.32
N GLN A 39 -3.05 5.02 -12.19
CA GLN A 39 -3.09 6.47 -12.07
C GLN A 39 -4.53 6.99 -12.18
N LEU A 40 -5.27 6.45 -13.16
CA LEU A 40 -6.65 6.87 -13.38
C LEU A 40 -7.56 6.42 -12.24
N LEU A 41 -7.42 5.15 -11.84
CA LEU A 41 -8.25 4.60 -10.77
C LEU A 41 -7.99 5.30 -9.44
N GLN A 42 -6.72 5.37 -9.04
CA GLN A 42 -6.34 6.01 -7.78
C GLN A 42 -6.79 7.47 -7.73
N ARG A 43 -6.54 8.20 -8.80
CA ARG A 43 -6.90 9.62 -8.87
C ARG A 43 -8.42 9.80 -8.92
N ASN A 44 -9.11 8.85 -9.55
CA ASN A 44 -10.56 8.91 -9.68
C ASN A 44 -11.24 8.90 -8.30
N PHE A 45 -10.83 7.96 -7.46
CA PHE A 45 -11.41 7.83 -6.13
C PHE A 45 -10.90 8.93 -5.19
N MET A 46 -9.59 9.15 -5.19
CA MET A 46 -8.98 10.17 -4.34
C MET A 46 -9.59 11.54 -4.60
N ASP A 47 -10.09 11.74 -5.81
CA ASP A 47 -10.71 13.01 -6.20
C ASP A 47 -11.94 13.30 -5.34
N LYS A 48 -12.61 12.24 -4.91
CA LYS A 48 -13.81 12.37 -4.07
C LYS A 48 -13.45 12.22 -2.59
N TYR A 49 -12.52 11.32 -2.30
CA TYR A 49 -12.09 11.08 -0.93
C TYR A 49 -11.61 12.36 -0.25
N TYR A 50 -10.74 13.10 -0.92
CA TYR A 50 -10.20 14.34 -0.37
C TYR A 50 -11.30 15.38 -0.17
N LEU A 51 -12.45 15.16 -0.80
CA LEU A 51 -13.58 16.07 -0.68
C LEU A 51 -14.36 15.82 0.61
N GLU A 52 -14.61 14.55 0.90
CA GLU A 52 -15.33 14.17 2.10
C GLU A 52 -14.48 14.37 3.34
N PHE A 53 -13.20 14.08 3.23
CA PHE A 53 -12.28 14.23 4.36
C PHE A 53 -11.99 15.70 4.62
N GLU A 54 -12.81 16.31 5.46
CA GLU A 54 -12.65 17.71 5.81
C GLU A 54 -11.96 17.86 7.16
N ASP A 55 -11.13 18.88 7.30
CA ASP A 55 -10.41 19.13 8.54
C ASP A 55 -11.26 19.96 9.51
N THR A 56 -11.94 19.26 10.42
CA THR A 56 -12.78 19.93 11.41
C THR A 56 -12.61 19.30 12.78
N GLU A 57 -13.32 19.84 13.77
CA GLU A 57 -13.26 19.34 15.13
C GLU A 57 -14.18 18.13 15.31
N GLU A 58 -15.38 18.22 14.74
CA GLU A 58 -16.35 17.14 14.85
C GLU A 58 -16.15 16.11 13.74
N ASN A 59 -15.93 14.86 14.13
CA ASN A 59 -15.73 13.78 13.17
C ASN A 59 -17.05 13.15 12.76
N LYS A 60 -17.11 12.64 11.53
CA LYS A 60 -18.31 12.01 11.01
C LYS A 60 -18.14 10.49 10.92
N LEU A 61 -19.26 9.78 10.93
CA LEU A 61 -19.25 8.32 10.86
C LEU A 61 -19.05 7.86 9.42
N ILE A 62 -19.13 8.80 8.48
CA ILE A 62 -18.98 8.49 7.07
C ILE A 62 -17.56 8.00 6.75
N TYR A 63 -16.65 8.23 7.68
CA TYR A 63 -15.25 7.82 7.50
C TYR A 63 -15.11 6.29 7.59
N THR A 64 -16.07 5.64 8.21
CA THR A 64 -16.03 4.19 8.36
C THR A 64 -16.35 3.48 7.03
N PRO A 65 -17.48 3.81 6.37
CA PRO A 65 -17.84 3.18 5.09
C PRO A 65 -16.85 3.51 3.99
N ILE A 66 -16.41 4.76 3.93
CA ILE A 66 -15.45 5.20 2.93
C ILE A 66 -14.14 4.43 3.07
N PHE A 67 -13.68 4.28 4.31
CA PHE A 67 -12.44 3.55 4.58
C PHE A 67 -12.53 2.12 4.10
N ASN A 68 -13.71 1.52 4.25
CA ASN A 68 -13.93 0.14 3.82
C ASN A 68 -13.80 0.02 2.31
N GLU A 69 -14.23 1.06 1.59
CA GLU A 69 -14.16 1.06 0.13
C GLU A 69 -12.71 1.09 -0.34
N TYR A 70 -11.87 1.82 0.40
CA TYR A 70 -10.45 1.94 0.06
C TYR A 70 -9.73 0.60 0.29
N ILE A 71 -10.02 -0.02 1.41
CA ILE A 71 -9.41 -1.30 1.77
C ILE A 71 -9.94 -2.42 0.87
N SER A 72 -11.17 -2.26 0.40
CA SER A 72 -11.79 -3.26 -0.46
C SER A 72 -11.32 -3.15 -1.90
N LEU A 73 -11.19 -1.92 -2.41
CA LEU A 73 -10.76 -1.71 -3.78
C LEU A 73 -9.24 -1.60 -3.92
N VAL A 74 -8.67 -0.59 -3.27
CA VAL A 74 -7.22 -0.34 -3.36
C VAL A 74 -6.39 -1.51 -2.85
N GLU A 75 -6.56 -1.86 -1.59
CA GLU A 75 -5.79 -2.96 -1.00
C GLU A 75 -5.90 -4.23 -1.84
N LYS A 76 -7.10 -4.54 -2.32
CA LYS A 76 -7.31 -5.73 -3.14
C LYS A 76 -6.81 -5.51 -4.56
N TYR A 77 -6.69 -4.26 -4.97
CA TYR A 77 -6.22 -3.93 -6.31
C TYR A 77 -4.78 -4.40 -6.48
N ILE A 78 -3.95 -4.12 -5.46
CA ILE A 78 -2.55 -4.51 -5.50
C ILE A 78 -2.39 -6.01 -5.28
N GLU A 79 -3.12 -6.55 -4.30
CA GLU A 79 -3.06 -7.97 -3.99
C GLU A 79 -3.40 -8.83 -5.20
N GLU A 80 -4.48 -8.48 -5.89
CA GLU A 80 -4.91 -9.22 -7.07
C GLU A 80 -3.89 -9.13 -8.19
N GLN A 81 -3.43 -7.92 -8.49
CA GLN A 81 -2.46 -7.71 -9.56
C GLN A 81 -1.18 -8.51 -9.29
N LEU A 82 -0.85 -8.71 -8.01
CA LEU A 82 0.34 -9.46 -7.63
C LEU A 82 0.11 -10.97 -7.79
N LEU A 83 -1.08 -11.42 -7.41
CA LEU A 83 -1.41 -12.85 -7.50
C LEU A 83 -1.48 -13.31 -8.95
N GLN A 84 -1.75 -12.38 -9.86
CA GLN A 84 -1.83 -12.70 -11.28
C GLN A 84 -0.50 -13.22 -11.81
N ARG A 85 0.57 -12.95 -11.07
CA ARG A 85 1.91 -13.40 -11.45
C ARG A 85 2.46 -14.40 -10.44
N ILE A 86 2.00 -14.29 -9.20
CA ILE A 86 2.46 -15.19 -8.14
C ILE A 86 1.27 -15.73 -7.34
N PRO A 87 0.76 -16.93 -7.70
CA PRO A 87 -0.38 -17.53 -7.00
C PRO A 87 -0.04 -18.00 -5.59
N GLU A 88 1.23 -17.84 -5.22
CA GLU A 88 1.69 -18.24 -3.89
C GLU A 88 2.11 -17.03 -3.07
N PHE A 89 1.71 -15.85 -3.52
CA PHE A 89 2.04 -14.60 -2.83
C PHE A 89 1.07 -14.35 -1.69
N ASN A 90 1.59 -13.76 -0.60
CA ASN A 90 0.78 -13.46 0.56
C ASN A 90 0.86 -11.98 0.90
N MET A 91 -0.19 -11.23 0.55
CA MET A 91 -0.23 -9.79 0.81
C MET A 91 -0.18 -9.50 2.30
N ALA A 92 -0.69 -10.44 3.10
CA ALA A 92 -0.72 -10.28 4.55
C ALA A 92 0.68 -10.45 5.14
N ALA A 93 1.34 -11.54 4.78
CA ALA A 93 2.68 -11.84 5.27
C ALA A 93 3.70 -10.85 4.71
N PHE A 94 3.39 -10.29 3.55
CA PHE A 94 4.28 -9.33 2.90
C PHE A 94 4.27 -7.99 3.64
N THR A 95 3.09 -7.48 3.92
CA THR A 95 2.95 -6.21 4.62
C THR A 95 3.60 -6.25 5.99
N THR A 96 3.33 -7.31 6.74
CA THR A 96 3.91 -7.47 8.07
C THR A 96 5.42 -7.43 8.03
N THR A 97 6.00 -8.22 7.13
CA THR A 97 7.45 -8.28 6.97
C THR A 97 7.99 -6.96 6.42
N LEU A 98 7.16 -6.28 5.64
CA LEU A 98 7.55 -5.00 5.04
C LEU A 98 7.82 -3.96 6.12
N GLN A 99 7.02 -4.00 7.19
CA GLN A 99 7.17 -3.06 8.29
C GLN A 99 8.61 -3.05 8.79
N HIS A 100 9.24 -4.22 8.79
CA HIS A 100 10.63 -4.33 9.24
C HIS A 100 11.57 -3.78 8.18
N HIS A 101 11.32 -4.14 6.93
CA HIS A 101 12.15 -3.68 5.82
C HIS A 101 11.96 -2.19 5.57
N LYS A 102 11.05 -1.57 6.32
CA LYS A 102 10.78 -0.15 6.18
C LYS A 102 12.00 0.67 6.61
N ASP A 103 12.94 0.00 7.29
CA ASP A 103 14.14 0.67 7.77
C ASP A 103 15.18 0.78 6.66
N GLU A 104 15.03 -0.04 5.61
CA GLU A 104 15.96 -0.02 4.49
C GLU A 104 15.29 0.44 3.20
N VAL A 105 14.17 -0.19 2.86
CA VAL A 105 13.43 0.17 1.64
C VAL A 105 13.02 1.64 1.68
N ALA A 106 12.71 2.19 0.50
CA ALA A 106 12.30 3.58 0.41
C ALA A 106 11.06 3.85 1.26
N GLY A 107 11.25 4.54 2.38
CA GLY A 107 10.14 4.85 3.26
C GLY A 107 9.13 5.79 2.61
N ASP A 108 9.62 6.64 1.72
CA ASP A 108 8.76 7.60 1.04
C ASP A 108 7.76 6.89 0.14
N ILE A 109 8.20 5.82 -0.52
CA ILE A 109 7.33 5.06 -1.41
C ILE A 109 6.30 4.25 -0.63
N PHE A 110 6.76 3.51 0.36
CA PHE A 110 5.86 2.70 1.18
C PHE A 110 4.92 3.58 1.98
N ASP A 111 5.37 4.79 2.32
CA ASP A 111 4.56 5.72 3.09
C ASP A 111 3.16 5.85 2.51
N MET A 112 3.04 5.65 1.20
CA MET A 112 1.75 5.71 0.54
C MET A 112 0.91 4.49 0.89
N LEU A 113 1.52 3.32 0.72
CA LEU A 113 0.86 2.05 1.02
C LEU A 113 0.60 1.93 2.52
N LEU A 114 1.38 2.66 3.30
CA LEU A 114 1.27 2.64 4.75
C LEU A 114 -0.17 2.87 5.19
N THR A 115 -0.93 3.58 4.36
CA THR A 115 -2.34 3.87 4.65
C THR A 115 -3.17 2.59 4.76
N PHE A 116 -2.53 1.43 4.66
CA PHE A 116 -3.24 0.16 4.76
C PHE A 116 -3.85 -0.02 6.15
N THR A 117 -3.15 0.49 7.16
CA THR A 117 -3.62 0.38 8.54
C THR A 117 -3.35 1.66 9.32
N ASP A 118 -2.59 2.58 8.72
CA ASP A 118 -2.25 3.84 9.37
C ASP A 118 -3.21 4.95 8.95
N PHE A 119 -4.32 5.07 9.68
CA PHE A 119 -5.32 6.08 9.41
C PHE A 119 -4.72 7.48 9.52
N LEU A 120 -3.65 7.59 10.30
CA LEU A 120 -2.98 8.87 10.49
C LEU A 120 -2.40 9.36 9.17
N ALA A 121 -1.79 8.45 8.43
CA ALA A 121 -1.20 8.79 7.13
C ALA A 121 -2.28 8.97 6.08
N PHE A 122 -3.41 8.31 6.29
CA PHE A 122 -4.54 8.39 5.37
C PHE A 122 -5.12 9.80 5.35
N LYS A 123 -5.47 10.30 6.53
CA LYS A 123 -6.03 11.64 6.67
C LYS A 123 -5.01 12.70 6.26
N GLU A 124 -3.74 12.46 6.60
CA GLU A 124 -2.68 13.39 6.27
C GLU A 124 -2.40 13.40 4.77
N MET A 125 -2.67 12.26 4.12
CA MET A 125 -2.44 12.14 2.69
C MET A 125 -3.40 13.03 1.91
N PHE A 126 -4.67 12.98 2.26
CA PHE A 126 -5.69 13.78 1.59
C PHE A 126 -5.53 15.27 1.93
N LEU A 127 -5.35 15.56 3.22
CA LEU A 127 -5.19 16.94 3.66
C LEU A 127 -4.03 17.61 2.93
N ASP A 128 -2.98 16.84 2.65
CA ASP A 128 -1.82 17.36 1.95
C ASP A 128 -2.16 17.65 0.50
N TYR A 129 -2.91 16.74 -0.12
CA TYR A 129 -3.31 16.89 -1.51
C TYR A 129 -4.15 18.15 -1.70
N ARG A 130 -4.99 18.43 -0.70
CA ARG A 130 -5.85 19.61 -0.75
C ARG A 130 -5.02 20.89 -0.58
N ALA A 131 -4.00 20.82 0.27
CA ALA A 131 -3.13 21.96 0.51
C ALA A 131 -2.44 22.42 -0.76
N GLU A 132 -2.07 21.45 -1.60
CA GLU A 132 -1.41 21.75 -2.86
C GLU A 132 -2.30 22.57 -3.78
N LYS A 133 -3.61 22.39 -3.63
CA LYS A 133 -4.58 23.12 -4.44
C LYS A 133 -4.60 24.60 -4.08
N GLU A 134 -4.42 24.89 -2.79
CA GLU A 134 -4.41 26.26 -2.30
C GLU A 134 -3.05 26.92 -2.55
N GLY A 135 -2.15 26.18 -3.16
CA GLY A 135 -0.82 26.70 -3.46
C GLY A 135 0.25 26.14 -2.55
N ARG A 136 -0.03 26.15 -1.25
CA ARG A 136 0.90 25.63 -0.24
C ARG A 136 2.17 26.49 -0.19
N GLY A 137 2.55 26.89 1.03
CA GLY A 137 3.74 27.70 1.20
C GLY A 137 4.16 27.80 2.65
N MET A 2 31.37 -24.39 -9.97
CA MET A 2 31.57 -24.81 -8.56
C MET A 2 31.52 -26.33 -8.45
N ASP A 3 30.78 -26.96 -9.35
CA ASP A 3 30.64 -28.42 -9.36
C ASP A 3 30.06 -28.91 -8.04
N ALA A 4 28.73 -28.91 -7.93
CA ALA A 4 28.04 -29.35 -6.73
C ALA A 4 28.46 -28.53 -5.51
N LEU A 5 27.64 -27.54 -5.15
CA LEU A 5 27.93 -26.70 -4.00
C LEU A 5 26.75 -26.66 -3.04
N GLU A 6 27.00 -27.07 -1.79
CA GLU A 6 25.97 -27.08 -0.78
C GLU A 6 26.47 -26.45 0.52
N GLY A 7 25.74 -25.44 0.99
CA GLY A 7 26.14 -24.75 2.21
C GLY A 7 25.68 -25.49 3.46
N GLU A 8 26.00 -24.91 4.62
CA GLU A 8 25.62 -25.52 5.90
C GLU A 8 24.31 -24.94 6.41
N SER A 9 24.23 -23.61 6.47
CA SER A 9 23.03 -22.93 6.94
C SER A 9 22.05 -22.71 5.80
N PHE A 10 20.93 -22.05 6.11
CA PHE A 10 19.90 -21.77 5.11
C PHE A 10 19.34 -23.06 4.53
N ALA A 11 18.18 -23.47 5.04
CA ALA A 11 17.53 -24.69 4.57
C ALA A 11 16.49 -24.39 3.50
N LEU A 12 15.95 -25.44 2.89
CA LEU A 12 14.94 -25.29 1.84
C LEU A 12 13.54 -25.32 2.42
N SER A 13 12.80 -24.24 2.22
CA SER A 13 11.43 -24.13 2.72
C SER A 13 10.68 -23.02 2.00
N PHE A 14 11.35 -22.38 1.05
CA PHE A 14 10.76 -21.30 0.27
C PHE A 14 10.29 -20.16 1.18
N SER A 15 11.12 -19.12 1.29
CA SER A 15 10.80 -17.98 2.13
C SER A 15 10.76 -16.70 1.30
N SER A 16 9.65 -15.97 1.41
CA SER A 16 9.48 -14.72 0.67
C SER A 16 10.05 -13.55 1.44
N ALA A 17 9.80 -13.54 2.76
CA ALA A 17 10.27 -12.47 3.62
C ALA A 17 11.77 -12.52 3.81
N SER A 18 12.42 -13.56 3.26
CA SER A 18 13.86 -13.72 3.37
C SER A 18 14.60 -12.47 2.93
N ASP A 19 14.75 -12.29 1.62
CA ASP A 19 15.44 -11.13 1.08
C ASP A 19 15.34 -11.09 -0.45
N ALA A 20 15.68 -12.20 -1.07
CA ALA A 20 15.66 -12.32 -2.52
C ALA A 20 14.23 -12.15 -3.05
N GLU A 21 13.32 -12.97 -2.57
CA GLU A 21 11.93 -12.92 -3.00
C GLU A 21 11.29 -11.57 -2.63
N PHE A 22 11.51 -11.15 -1.38
CA PHE A 22 10.96 -9.88 -0.91
C PHE A 22 11.31 -8.75 -1.88
N ASP A 23 12.56 -8.72 -2.33
CA ASP A 23 13.02 -7.69 -3.26
C ASP A 23 12.23 -7.77 -4.57
N ALA A 24 12.01 -8.99 -5.05
CA ALA A 24 11.27 -9.20 -6.29
C ALA A 24 9.88 -8.57 -6.20
N VAL A 25 9.24 -8.72 -5.05
CA VAL A 25 7.92 -8.17 -4.83
C VAL A 25 7.93 -6.65 -4.98
N VAL A 26 8.83 -6.00 -4.24
CA VAL A 26 8.94 -4.55 -4.29
C VAL A 26 9.04 -4.08 -5.73
N GLY A 27 9.69 -4.88 -6.57
CA GLY A 27 9.82 -4.53 -7.97
C GLY A 27 8.49 -4.51 -8.68
N TYR A 28 7.68 -5.54 -8.45
CA TYR A 28 6.36 -5.64 -9.08
C TYR A 28 5.49 -4.44 -8.72
N LEU A 29 5.42 -4.12 -7.43
CA LEU A 29 4.62 -2.99 -6.97
C LEU A 29 5.01 -1.70 -7.68
N GLU A 30 6.32 -1.45 -7.76
CA GLU A 30 6.83 -0.24 -8.41
C GLU A 30 6.26 -0.10 -9.82
N ASP A 31 6.30 -1.20 -10.58
CA ASP A 31 5.78 -1.19 -11.95
C ASP A 31 4.31 -0.77 -11.98
N ILE A 32 3.58 -1.13 -10.93
CA ILE A 32 2.17 -0.79 -10.82
C ILE A 32 1.98 0.69 -10.46
N ILE A 33 2.89 1.21 -9.66
CA ILE A 33 2.84 2.61 -9.23
C ILE A 33 2.97 3.55 -10.42
N MET A 34 3.79 3.16 -11.39
CA MET A 34 4.01 3.99 -12.58
C MET A 34 3.02 3.63 -13.68
N ASP A 35 2.07 2.76 -13.36
CA ASP A 35 1.06 2.36 -14.33
C ASP A 35 0.02 3.45 -14.53
N ASP A 36 -0.24 3.80 -15.78
CA ASP A 36 -1.20 4.84 -16.11
C ASP A 36 -2.59 4.50 -15.55
N GLU A 37 -3.04 3.27 -15.80
CA GLU A 37 -4.34 2.83 -15.32
C GLU A 37 -4.42 2.90 -13.79
N PHE A 38 -3.27 2.79 -13.15
CA PHE A 38 -3.21 2.85 -11.69
C PHE A 38 -3.39 4.28 -11.19
N GLN A 39 -2.65 5.22 -11.80
CA GLN A 39 -2.74 6.61 -11.41
C GLN A 39 -4.10 7.19 -11.76
N LEU A 40 -4.74 6.63 -12.77
CA LEU A 40 -6.06 7.08 -13.21
C LEU A 40 -7.12 6.72 -12.17
N LEU A 41 -7.13 5.46 -11.75
CA LEU A 41 -8.09 4.98 -10.77
C LEU A 41 -7.88 5.63 -9.41
N GLN A 42 -6.62 5.65 -8.96
CA GLN A 42 -6.28 6.25 -7.67
C GLN A 42 -6.71 7.70 -7.60
N ARG A 43 -6.47 8.46 -8.68
CA ARG A 43 -6.83 9.87 -8.72
C ARG A 43 -8.34 10.04 -8.85
N ASN A 44 -8.99 9.10 -9.52
CA ASN A 44 -10.43 9.15 -9.73
C ASN A 44 -11.19 9.12 -8.40
N PHE A 45 -10.84 8.17 -7.53
CA PHE A 45 -11.49 8.02 -6.24
C PHE A 45 -11.00 9.08 -5.24
N MET A 46 -9.70 9.33 -5.23
CA MET A 46 -9.12 10.32 -4.32
C MET A 46 -9.73 11.69 -4.55
N ASP A 47 -10.20 11.93 -5.77
CA ASP A 47 -10.82 13.21 -6.12
C ASP A 47 -12.04 13.48 -5.26
N LYS A 48 -12.72 12.42 -4.85
CA LYS A 48 -13.91 12.53 -4.02
C LYS A 48 -13.55 12.38 -2.54
N TYR A 49 -12.67 11.44 -2.26
CA TYR A 49 -12.23 11.17 -0.89
C TYR A 49 -11.65 12.42 -0.22
N TYR A 50 -10.71 13.07 -0.90
CA TYR A 50 -10.07 14.27 -0.34
C TYR A 50 -11.08 15.37 -0.06
N LEU A 51 -12.25 15.27 -0.70
CA LEU A 51 -13.31 16.26 -0.49
C LEU A 51 -14.06 15.98 0.81
N GLU A 52 -14.31 14.70 1.06
CA GLU A 52 -15.02 14.29 2.26
C GLU A 52 -14.15 14.48 3.51
N PHE A 53 -12.87 14.13 3.38
CA PHE A 53 -11.93 14.25 4.49
C PHE A 53 -11.61 15.72 4.76
N GLU A 54 -12.38 16.33 5.65
CA GLU A 54 -12.17 17.73 6.01
C GLU A 54 -11.43 17.85 7.34
N ASP A 55 -10.66 18.93 7.48
CA ASP A 55 -9.91 19.16 8.71
C ASP A 55 -10.84 19.33 9.90
N THR A 56 -11.10 18.23 10.61
CA THR A 56 -11.97 18.26 11.78
C THR A 56 -11.44 17.37 12.88
N GLU A 57 -11.81 17.69 14.12
CA GLU A 57 -11.36 16.92 15.28
C GLU A 57 -12.36 15.82 15.62
N GLU A 58 -13.57 15.94 15.08
CA GLU A 58 -14.61 14.95 15.33
C GLU A 58 -14.60 13.85 14.27
N ASN A 59 -14.78 12.61 14.71
CA ASN A 59 -14.78 11.47 13.79
C ASN A 59 -16.18 10.85 13.72
N LYS A 60 -16.77 10.87 12.53
CA LYS A 60 -18.09 10.31 12.31
C LYS A 60 -18.01 8.82 11.97
N LEU A 61 -19.17 8.17 11.93
CA LEU A 61 -19.23 6.74 11.61
C LEU A 61 -19.12 6.51 10.11
N ILE A 62 -19.24 7.59 9.34
CA ILE A 62 -19.16 7.52 7.89
C ILE A 62 -17.75 7.14 7.43
N TYR A 63 -16.77 7.34 8.31
CA TYR A 63 -15.38 7.03 8.00
C TYR A 63 -15.15 5.53 7.93
N THR A 64 -16.06 4.75 8.51
CA THR A 64 -15.93 3.29 8.50
C THR A 64 -16.24 2.71 7.12
N PRO A 65 -17.41 3.04 6.52
CA PRO A 65 -17.77 2.53 5.19
C PRO A 65 -16.84 3.07 4.11
N ILE A 66 -16.51 4.35 4.21
CA ILE A 66 -15.63 4.98 3.23
C ILE A 66 -14.26 4.29 3.19
N PHE A 67 -13.69 4.04 4.38
CA PHE A 67 -12.40 3.39 4.48
C PHE A 67 -12.44 1.99 3.87
N ASN A 68 -13.50 1.25 4.18
CA ASN A 68 -13.67 -0.12 3.68
C ASN A 68 -13.71 -0.12 2.15
N GLU A 69 -14.21 0.96 1.57
CA GLU A 69 -14.30 1.07 0.12
C GLU A 69 -12.90 1.22 -0.49
N TYR A 70 -12.08 2.06 0.11
CA TYR A 70 -10.72 2.28 -0.37
C TYR A 70 -9.91 0.98 -0.30
N ILE A 71 -10.23 0.15 0.68
CA ILE A 71 -9.54 -1.13 0.86
C ILE A 71 -9.95 -2.13 -0.22
N SER A 72 -11.24 -2.45 -0.26
CA SER A 72 -11.75 -3.41 -1.24
C SER A 72 -11.50 -2.96 -2.66
N LEU A 73 -11.37 -1.65 -2.86
CA LEU A 73 -11.13 -1.11 -4.20
C LEU A 73 -9.64 -0.99 -4.50
N VAL A 74 -8.94 -0.14 -3.74
CA VAL A 74 -7.51 0.08 -3.95
C VAL A 74 -6.64 -1.08 -3.44
N GLU A 75 -6.71 -1.34 -2.14
CA GLU A 75 -5.92 -2.41 -1.53
C GLU A 75 -6.09 -3.73 -2.28
N LYS A 76 -7.33 -4.05 -2.61
CA LYS A 76 -7.63 -5.30 -3.32
C LYS A 76 -7.07 -5.27 -4.73
N TYR A 77 -7.13 -4.09 -5.37
CA TYR A 77 -6.63 -3.93 -6.73
C TYR A 77 -5.17 -4.37 -6.83
N ILE A 78 -4.34 -3.88 -5.90
CA ILE A 78 -2.92 -4.23 -5.89
C ILE A 78 -2.73 -5.73 -5.64
N GLU A 79 -3.53 -6.26 -4.72
CA GLU A 79 -3.44 -7.68 -4.38
C GLU A 79 -3.72 -8.58 -5.58
N GLU A 80 -4.80 -8.29 -6.30
CA GLU A 80 -5.18 -9.08 -7.46
C GLU A 80 -4.09 -9.06 -8.54
N GLN A 81 -3.66 -7.87 -8.93
CA GLN A 81 -2.64 -7.71 -9.96
C GLN A 81 -1.34 -8.41 -9.59
N LEU A 82 -1.06 -8.51 -8.30
CA LEU A 82 0.16 -9.15 -7.83
C LEU A 82 0.04 -10.67 -7.87
N LEU A 83 -1.15 -11.16 -7.55
CA LEU A 83 -1.42 -12.59 -7.53
C LEU A 83 -1.44 -13.17 -8.93
N GLN A 84 -1.70 -12.32 -9.93
CA GLN A 84 -1.74 -12.76 -11.31
C GLN A 84 -0.40 -13.36 -11.71
N ARG A 85 0.63 -13.06 -10.94
CA ARG A 85 1.98 -13.57 -11.19
C ARG A 85 2.41 -14.53 -10.08
N ILE A 86 1.91 -14.29 -8.88
CA ILE A 86 2.24 -15.13 -7.73
C ILE A 86 0.98 -15.69 -7.07
N PRO A 87 0.59 -16.93 -7.40
CA PRO A 87 -0.61 -17.56 -6.84
C PRO A 87 -0.41 -18.00 -5.39
N GLU A 88 0.83 -17.92 -4.92
CA GLU A 88 1.16 -18.30 -3.55
C GLU A 88 1.56 -17.06 -2.75
N PHE A 89 1.23 -15.89 -3.28
CA PHE A 89 1.56 -14.63 -2.63
C PHE A 89 0.87 -14.50 -1.28
N ASN A 90 1.53 -13.81 -0.36
CA ASN A 90 0.99 -13.59 0.98
C ASN A 90 1.08 -12.10 1.35
N MET A 91 0.07 -11.35 0.93
CA MET A 91 0.02 -9.91 1.20
C MET A 91 -0.04 -9.63 2.70
N ALA A 92 -0.59 -10.58 3.45
CA ALA A 92 -0.70 -10.43 4.90
C ALA A 92 0.67 -10.51 5.57
N ALA A 93 1.39 -11.58 5.29
CA ALA A 93 2.73 -11.78 5.85
C ALA A 93 3.73 -10.79 5.28
N PHE A 94 3.49 -10.37 4.04
CA PHE A 94 4.38 -9.42 3.36
C PHE A 94 4.33 -8.06 4.05
N THR A 95 3.12 -7.56 4.29
CA THR A 95 2.96 -6.26 4.94
C THR A 95 3.51 -6.28 6.36
N THR A 96 3.26 -7.37 7.08
CA THR A 96 3.74 -7.51 8.44
C THR A 96 5.26 -7.35 8.52
N THR A 97 5.97 -8.01 7.62
CA THR A 97 7.42 -7.94 7.58
C THR A 97 7.90 -6.61 7.03
N LEU A 98 7.09 -6.02 6.15
CA LEU A 98 7.43 -4.74 5.54
C LEU A 98 7.59 -3.65 6.60
N GLN A 99 6.73 -3.72 7.63
CA GLN A 99 6.76 -2.73 8.71
C GLN A 99 8.17 -2.59 9.28
N HIS A 100 8.93 -3.67 9.25
CA HIS A 100 10.30 -3.66 9.77
C HIS A 100 11.29 -3.45 8.63
N HIS A 101 10.93 -3.95 7.45
CA HIS A 101 11.79 -3.83 6.27
C HIS A 101 11.90 -2.37 5.82
N LYS A 102 11.09 -1.50 6.44
CA LYS A 102 11.11 -0.08 6.10
C LYS A 102 12.50 0.51 6.31
N ASP A 103 13.28 -0.12 7.19
CA ASP A 103 14.62 0.34 7.51
C ASP A 103 15.59 0.07 6.35
N GLU A 104 15.08 -0.57 5.30
CA GLU A 104 15.90 -0.89 4.14
C GLU A 104 15.26 -0.38 2.86
N VAL A 105 14.01 -0.80 2.62
CA VAL A 105 13.29 -0.39 1.42
C VAL A 105 13.00 1.12 1.44
N ALA A 106 12.69 1.67 0.26
CA ALA A 106 12.39 3.09 0.15
C ALA A 106 11.17 3.46 0.98
N GLY A 107 11.41 4.16 2.09
CA GLY A 107 10.32 4.56 2.96
C GLY A 107 9.35 5.51 2.28
N ASP A 108 9.88 6.31 1.34
CA ASP A 108 9.06 7.28 0.62
C ASP A 108 8.03 6.57 -0.27
N ILE A 109 8.43 5.49 -0.92
CA ILE A 109 7.54 4.75 -1.80
C ILE A 109 6.44 4.05 -1.00
N PHE A 110 6.82 3.33 0.04
CA PHE A 110 5.86 2.63 0.87
C PHE A 110 4.96 3.62 1.60
N ASP A 111 5.49 4.82 1.87
CA ASP A 111 4.73 5.84 2.57
C ASP A 111 3.35 6.04 1.94
N MET A 112 3.27 5.80 0.64
CA MET A 112 1.99 5.93 -0.07
C MET A 112 1.08 4.77 0.29
N LEU A 113 1.64 3.56 0.22
CA LEU A 113 0.89 2.35 0.52
C LEU A 113 0.47 2.30 1.99
N LEU A 114 1.18 3.05 2.84
CA LEU A 114 0.87 3.09 4.26
C LEU A 114 -0.61 3.35 4.50
N THR A 115 -1.25 4.02 3.55
CA THR A 115 -2.67 4.33 3.65
C THR A 115 -3.52 3.08 3.83
N PHE A 116 -2.89 1.90 3.81
CA PHE A 116 -3.62 0.65 3.98
C PHE A 116 -4.24 0.56 5.37
N THR A 117 -3.55 1.11 6.35
CA THR A 117 -4.03 1.09 7.74
C THR A 117 -3.69 2.39 8.47
N ASP A 118 -2.51 2.94 8.17
CA ASP A 118 -2.07 4.18 8.81
C ASP A 118 -3.03 5.32 8.50
N PHE A 119 -4.01 5.52 9.39
CA PHE A 119 -5.00 6.59 9.22
C PHE A 119 -4.33 7.95 9.18
N LEU A 120 -3.17 8.06 9.83
CA LEU A 120 -2.44 9.32 9.86
C LEU A 120 -1.98 9.71 8.46
N ALA A 121 -1.53 8.73 7.69
CA ALA A 121 -1.05 8.97 6.33
C ALA A 121 -2.22 9.19 5.37
N PHE A 122 -3.34 8.54 5.66
CA PHE A 122 -4.54 8.65 4.83
C PHE A 122 -5.09 10.07 4.87
N LYS A 123 -5.34 10.57 6.08
CA LYS A 123 -5.87 11.92 6.25
C LYS A 123 -4.87 12.97 5.79
N GLU A 124 -3.61 12.79 6.16
CA GLU A 124 -2.57 13.74 5.77
C GLU A 124 -2.40 13.79 4.26
N MET A 125 -2.64 12.66 3.59
CA MET A 125 -2.53 12.58 2.14
C MET A 125 -3.57 13.47 1.46
N PHE A 126 -4.81 13.35 1.90
CA PHE A 126 -5.90 14.15 1.33
C PHE A 126 -5.75 15.62 1.66
N LEU A 127 -5.51 15.92 2.94
CA LEU A 127 -5.35 17.31 3.38
C LEU A 127 -4.21 17.99 2.63
N ASP A 128 -3.18 17.24 2.31
CA ASP A 128 -2.03 17.77 1.59
C ASP A 128 -2.41 18.14 0.15
N TYR A 129 -3.11 17.22 -0.52
CA TYR A 129 -3.54 17.43 -1.89
C TYR A 129 -4.48 18.63 -1.98
N ARG A 130 -5.27 18.83 -0.93
CA ARG A 130 -6.23 19.94 -0.89
C ARG A 130 -5.49 21.28 -0.87
N ALA A 131 -4.47 21.39 -0.02
CA ALA A 131 -3.69 22.62 0.09
C ALA A 131 -2.97 22.93 -1.22
N GLU A 132 -2.59 21.89 -1.95
CA GLU A 132 -1.90 22.07 -3.22
C GLU A 132 -2.82 22.68 -4.27
N LYS A 133 -4.12 22.56 -4.05
CA LYS A 133 -5.11 23.10 -4.98
C LYS A 133 -5.08 24.64 -4.98
N GLU A 134 -4.56 25.20 -3.89
CA GLU A 134 -4.47 26.66 -3.77
C GLU A 134 -3.44 27.23 -4.75
N GLY A 135 -2.48 26.38 -5.13
CA GLY A 135 -1.45 26.82 -6.05
C GLY A 135 -0.07 26.78 -5.43
N ARG A 136 0.02 27.18 -4.17
CA ARG A 136 1.29 27.20 -3.45
C ARG A 136 1.10 26.71 -2.02
N GLY A 137 -0.09 26.91 -1.48
CA GLY A 137 -0.38 26.50 -0.12
C GLY A 137 -0.83 27.64 0.76
N MET A 2 30.92 -40.15 -2.78
CA MET A 2 30.96 -38.92 -1.95
C MET A 2 30.17 -37.79 -2.61
N ASP A 3 29.17 -37.29 -1.90
CA ASP A 3 28.33 -36.22 -2.41
C ASP A 3 27.78 -35.36 -1.28
N ALA A 4 27.91 -35.86 -0.05
CA ALA A 4 27.43 -35.12 1.12
C ALA A 4 28.17 -33.80 1.28
N LEU A 5 27.43 -32.75 1.61
CA LEU A 5 28.01 -31.43 1.80
C LEU A 5 27.78 -30.93 3.22
N GLU A 6 26.69 -31.39 3.82
CA GLU A 6 26.35 -30.99 5.19
C GLU A 6 27.26 -31.68 6.20
N GLY A 7 27.37 -31.09 7.39
CA GLY A 7 28.20 -31.67 8.43
C GLY A 7 27.39 -32.16 9.62
N GLU A 8 26.31 -31.46 9.92
CA GLU A 8 25.45 -31.84 11.03
C GLU A 8 24.02 -32.10 10.56
N SER A 9 23.38 -33.12 11.15
CA SER A 9 22.02 -33.48 10.79
C SER A 9 21.05 -32.32 11.05
N PHE A 10 21.41 -31.47 12.01
CA PHE A 10 20.59 -30.32 12.36
C PHE A 10 20.96 -29.11 11.52
N ALA A 11 19.99 -28.57 10.78
CA ALA A 11 20.22 -27.41 9.94
C ALA A 11 18.96 -26.54 9.85
N LEU A 12 19.12 -25.34 9.31
CA LEU A 12 17.99 -24.42 9.16
C LEU A 12 17.66 -24.20 7.69
N SER A 13 16.52 -23.55 7.44
CA SER A 13 16.08 -23.29 6.07
C SER A 13 16.41 -21.85 5.66
N PHE A 14 16.11 -21.51 4.42
CA PHE A 14 16.37 -20.16 3.91
C PHE A 14 15.14 -19.28 4.06
N SER A 15 15.34 -17.97 3.95
CA SER A 15 14.24 -17.01 4.08
C SER A 15 13.88 -16.41 2.72
N SER A 16 13.01 -15.41 2.73
CA SER A 16 12.59 -14.74 1.51
C SER A 16 12.75 -13.23 1.61
N ALA A 17 12.56 -12.70 2.83
CA ALA A 17 12.70 -11.27 3.06
C ALA A 17 14.09 -10.78 2.70
N SER A 18 15.10 -11.47 3.23
CA SER A 18 16.49 -11.11 2.96
C SER A 18 16.97 -11.71 1.65
N ASP A 19 16.12 -12.53 1.03
CA ASP A 19 16.46 -13.17 -0.24
C ASP A 19 15.95 -12.34 -1.41
N ALA A 20 16.41 -12.69 -2.61
CA ALA A 20 16.02 -11.98 -3.83
C ALA A 20 14.51 -12.04 -4.03
N GLU A 21 13.87 -13.03 -3.42
CA GLU A 21 12.42 -13.20 -3.55
C GLU A 21 11.68 -11.94 -3.13
N PHE A 22 12.11 -11.33 -2.02
CA PHE A 22 11.46 -10.11 -1.53
C PHE A 22 11.59 -8.99 -2.56
N ASP A 23 12.79 -8.80 -3.08
CA ASP A 23 13.04 -7.76 -4.07
C ASP A 23 12.23 -7.99 -5.33
N ALA A 24 11.93 -9.26 -5.63
CA ALA A 24 11.14 -9.60 -6.81
C ALA A 24 9.72 -9.08 -6.68
N VAL A 25 9.12 -9.33 -5.52
CA VAL A 25 7.76 -8.87 -5.26
C VAL A 25 7.69 -7.35 -5.20
N VAL A 26 8.56 -6.75 -4.38
CA VAL A 26 8.60 -5.31 -4.24
C VAL A 26 8.79 -4.63 -5.60
N GLY A 27 9.54 -5.30 -6.47
CA GLY A 27 9.78 -4.77 -7.80
C GLY A 27 8.51 -4.67 -8.61
N TYR A 28 7.70 -5.73 -8.57
CA TYR A 28 6.44 -5.76 -9.30
C TYR A 28 5.55 -4.60 -8.85
N LEU A 29 5.59 -4.31 -7.55
CA LEU A 29 4.79 -3.22 -7.00
C LEU A 29 5.14 -1.89 -7.66
N GLU A 30 6.43 -1.61 -7.74
CA GLU A 30 6.91 -0.37 -8.35
C GLU A 30 6.37 -0.23 -9.77
N ASP A 31 6.38 -1.32 -10.53
CA ASP A 31 5.89 -1.32 -11.90
C ASP A 31 4.42 -0.93 -11.95
N ILE A 32 3.65 -1.40 -10.96
CA ILE A 32 2.24 -1.10 -10.88
C ILE A 32 2.00 0.36 -10.50
N ILE A 33 2.89 0.89 -9.67
CA ILE A 33 2.78 2.29 -9.24
C ILE A 33 2.92 3.24 -10.41
N MET A 34 3.77 2.88 -11.37
CA MET A 34 3.98 3.71 -12.54
C MET A 34 2.99 3.38 -13.65
N ASP A 35 2.08 2.45 -13.36
CA ASP A 35 1.06 2.05 -14.34
C ASP A 35 0.04 3.16 -14.54
N ASP A 36 -0.33 3.38 -15.80
CA ASP A 36 -1.30 4.42 -16.14
C ASP A 36 -2.64 4.17 -15.46
N GLU A 37 -3.10 2.92 -15.52
CA GLU A 37 -4.38 2.56 -14.91
C GLU A 37 -4.35 2.76 -13.40
N PHE A 38 -3.15 2.74 -12.83
CA PHE A 38 -3.00 2.92 -11.38
C PHE A 38 -3.17 4.39 -11.00
N GLN A 39 -2.47 5.27 -11.72
CA GLN A 39 -2.55 6.70 -11.46
C GLN A 39 -3.98 7.21 -11.60
N LEU A 40 -4.68 6.75 -12.63
CA LEU A 40 -6.05 7.15 -12.87
C LEU A 40 -6.96 6.63 -11.76
N LEU A 41 -6.71 5.39 -11.33
CA LEU A 41 -7.51 4.76 -10.28
C LEU A 41 -7.42 5.55 -8.96
N GLN A 42 -6.19 5.82 -8.53
CA GLN A 42 -5.95 6.54 -7.29
C GLN A 42 -6.55 7.95 -7.34
N ARG A 43 -6.25 8.69 -8.40
CA ARG A 43 -6.75 10.04 -8.56
C ARG A 43 -8.26 10.08 -8.70
N ASN A 44 -8.82 9.04 -9.32
CA ASN A 44 -10.26 8.96 -9.53
C ASN A 44 -11.02 8.97 -8.20
N PHE A 45 -10.60 8.12 -7.27
CA PHE A 45 -11.25 8.03 -5.97
C PHE A 45 -10.82 9.16 -5.04
N MET A 46 -9.54 9.49 -5.03
CA MET A 46 -9.03 10.56 -4.19
C MET A 46 -9.72 11.88 -4.50
N ASP A 47 -10.24 12.00 -5.72
CA ASP A 47 -10.93 13.21 -6.14
C ASP A 47 -12.16 13.47 -5.27
N LYS A 48 -12.77 12.39 -4.77
CA LYS A 48 -13.96 12.50 -3.94
C LYS A 48 -13.59 12.36 -2.46
N TYR A 49 -12.71 11.42 -2.17
CA TYR A 49 -12.27 11.16 -0.80
C TYR A 49 -11.73 12.43 -0.14
N TYR A 50 -10.85 13.14 -0.85
CA TYR A 50 -10.25 14.36 -0.32
C TYR A 50 -11.31 15.43 -0.05
N LEU A 51 -12.47 15.28 -0.67
CA LEU A 51 -13.56 16.23 -0.49
C LEU A 51 -14.29 16.01 0.83
N GLU A 52 -14.68 14.77 1.08
CA GLU A 52 -15.38 14.42 2.31
C GLU A 52 -14.48 14.60 3.53
N PHE A 53 -13.17 14.48 3.31
CA PHE A 53 -12.21 14.64 4.39
C PHE A 53 -11.95 16.12 4.70
N GLU A 54 -12.80 16.68 5.55
CA GLU A 54 -12.67 18.09 5.93
C GLU A 54 -11.99 18.22 7.28
N ASP A 55 -11.12 19.21 7.42
CA ASP A 55 -10.41 19.45 8.68
C ASP A 55 -11.37 19.81 9.80
N THR A 56 -11.81 18.79 10.54
CA THR A 56 -12.75 19.00 11.65
C THR A 56 -12.46 18.03 12.80
N GLU A 57 -13.21 18.18 13.88
CA GLU A 57 -13.05 17.32 15.05
C GLU A 57 -14.31 16.53 15.33
N GLU A 58 -15.27 16.61 14.42
CA GLU A 58 -16.54 15.91 14.56
C GLU A 58 -16.50 14.55 13.85
N ASN A 59 -16.70 13.49 14.62
CA ASN A 59 -16.68 12.14 14.06
C ASN A 59 -17.99 11.84 13.34
N LYS A 60 -17.89 11.29 12.13
CA LYS A 60 -19.08 10.95 11.34
C LYS A 60 -19.08 9.48 10.96
N LEU A 61 -20.27 8.95 10.69
CA LEU A 61 -20.43 7.55 10.32
C LEU A 61 -20.05 7.32 8.86
N ILE A 62 -19.97 8.40 8.09
CA ILE A 62 -19.63 8.31 6.68
C ILE A 62 -18.20 7.80 6.48
N TYR A 63 -17.38 7.92 7.53
CA TYR A 63 -16.00 7.48 7.48
C TYR A 63 -15.90 5.96 7.49
N THR A 64 -16.95 5.29 7.98
CA THR A 64 -16.95 3.83 8.05
C THR A 64 -16.99 3.21 6.65
N PRO A 65 -17.95 3.60 5.79
CA PRO A 65 -18.05 3.05 4.43
C PRO A 65 -16.91 3.53 3.52
N ILE A 66 -16.59 4.82 3.62
CA ILE A 66 -15.51 5.37 2.79
C ILE A 66 -14.20 4.64 3.04
N PHE A 67 -13.98 4.25 4.29
CA PHE A 67 -12.77 3.54 4.66
C PHE A 67 -12.76 2.12 4.12
N ASN A 68 -13.84 1.37 4.38
CA ASN A 68 -13.95 0.00 3.91
C ASN A 68 -13.89 -0.04 2.39
N GLU A 69 -14.24 1.07 1.76
CA GLU A 69 -14.22 1.17 0.30
C GLU A 69 -12.79 1.26 -0.21
N TYR A 70 -11.98 2.07 0.46
CA TYR A 70 -10.58 2.26 0.07
C TYR A 70 -9.83 0.94 0.16
N ILE A 71 -10.20 0.12 1.14
CA ILE A 71 -9.56 -1.18 1.33
C ILE A 71 -9.98 -2.18 0.27
N SER A 72 -11.29 -2.33 0.09
CA SER A 72 -11.82 -3.27 -0.89
C SER A 72 -11.49 -2.86 -2.33
N LEU A 73 -11.32 -1.56 -2.55
CA LEU A 73 -11.01 -1.05 -3.88
C LEU A 73 -9.50 -0.97 -4.14
N VAL A 74 -8.82 -0.14 -3.36
CA VAL A 74 -7.37 0.06 -3.52
C VAL A 74 -6.55 -1.11 -3.00
N GLU A 75 -6.64 -1.39 -1.71
CA GLU A 75 -5.87 -2.48 -1.10
C GLU A 75 -6.06 -3.78 -1.87
N LYS A 76 -7.29 -4.04 -2.31
CA LYS A 76 -7.59 -5.25 -3.05
C LYS A 76 -6.94 -5.20 -4.43
N TYR A 77 -6.93 -4.00 -5.04
CA TYR A 77 -6.34 -3.82 -6.35
C TYR A 77 -4.87 -4.26 -6.35
N ILE A 78 -4.18 -3.97 -5.26
CA ILE A 78 -2.76 -4.32 -5.13
C ILE A 78 -2.59 -5.83 -4.98
N GLU A 79 -3.40 -6.43 -4.11
CA GLU A 79 -3.33 -7.86 -3.86
C GLU A 79 -3.60 -8.66 -5.14
N GLU A 80 -4.59 -8.25 -5.92
CA GLU A 80 -4.94 -8.93 -7.15
C GLU A 80 -3.80 -8.89 -8.16
N GLN A 81 -3.26 -7.70 -8.39
CA GLN A 81 -2.17 -7.52 -9.36
C GLN A 81 -0.96 -8.37 -9.00
N LEU A 82 -0.69 -8.52 -7.70
CA LEU A 82 0.44 -9.31 -7.25
C LEU A 82 0.18 -10.80 -7.44
N LEU A 83 -1.06 -11.22 -7.22
CA LEU A 83 -1.44 -12.62 -7.38
C LEU A 83 -1.37 -13.04 -8.84
N GLN A 84 -1.48 -12.07 -9.74
CA GLN A 84 -1.43 -12.36 -11.18
C GLN A 84 -0.12 -13.06 -11.55
N ARG A 85 0.89 -12.90 -10.72
CA ARG A 85 2.19 -13.52 -10.96
C ARG A 85 2.45 -14.64 -9.97
N ILE A 86 1.94 -14.49 -8.75
CA ILE A 86 2.13 -15.51 -7.71
C ILE A 86 0.80 -15.86 -7.04
N PRO A 87 0.18 -16.98 -7.41
CA PRO A 87 -1.11 -17.40 -6.83
C PRO A 87 -0.97 -17.92 -5.40
N GLU A 88 0.27 -18.04 -4.94
CA GLU A 88 0.55 -18.51 -3.58
C GLU A 88 1.17 -17.41 -2.74
N PHE A 89 1.04 -16.17 -3.22
CA PHE A 89 1.59 -15.01 -2.52
C PHE A 89 0.77 -14.66 -1.29
N ASN A 90 1.44 -14.17 -0.25
CA ASN A 90 0.77 -13.78 0.99
C ASN A 90 0.95 -12.28 1.22
N MET A 91 -0.09 -11.51 0.88
CA MET A 91 -0.07 -10.07 1.03
C MET A 91 0.12 -9.67 2.49
N ALA A 92 -0.44 -10.46 3.40
CA ALA A 92 -0.35 -10.18 4.83
C ALA A 92 1.08 -10.34 5.35
N ALA A 93 1.75 -11.42 4.93
CA ALA A 93 3.11 -11.68 5.37
C ALA A 93 4.11 -10.67 4.78
N PHE A 94 3.87 -10.28 3.54
CA PHE A 94 4.75 -9.33 2.86
C PHE A 94 4.63 -7.93 3.48
N THR A 95 3.39 -7.49 3.71
CA THR A 95 3.14 -6.17 4.28
C THR A 95 3.84 -6.01 5.64
N THR A 96 3.61 -6.98 6.52
CA THR A 96 4.20 -6.94 7.86
C THR A 96 5.73 -6.85 7.79
N THR A 97 6.33 -7.74 7.02
CA THR A 97 7.78 -7.77 6.87
C THR A 97 8.30 -6.48 6.24
N LEU A 98 7.48 -5.87 5.40
CA LEU A 98 7.86 -4.64 4.71
C LEU A 98 7.98 -3.48 5.70
N GLN A 99 7.10 -3.47 6.71
CA GLN A 99 7.10 -2.41 7.71
C GLN A 99 8.49 -2.17 8.30
N HIS A 100 9.18 -3.24 8.65
CA HIS A 100 10.53 -3.12 9.22
C HIS A 100 11.58 -3.12 8.11
N HIS A 101 11.30 -3.83 7.02
CA HIS A 101 12.22 -3.91 5.90
C HIS A 101 12.34 -2.56 5.21
N LYS A 102 11.50 -1.61 5.63
CA LYS A 102 11.50 -0.27 5.04
C LYS A 102 12.88 0.38 5.20
N ASP A 103 13.68 -0.15 6.12
CA ASP A 103 15.02 0.38 6.37
C ASP A 103 15.92 0.20 5.15
N GLU A 104 15.42 -0.49 4.13
CA GLU A 104 16.19 -0.72 2.92
C GLU A 104 15.55 -0.05 1.71
N VAL A 105 14.31 -0.45 1.41
CA VAL A 105 13.58 0.12 0.28
C VAL A 105 13.31 1.61 0.48
N ALA A 106 12.70 2.23 -0.53
CA ALA A 106 12.39 3.66 -0.46
C ALA A 106 11.23 3.93 0.49
N GLY A 107 11.53 4.50 1.64
CA GLY A 107 10.49 4.81 2.61
C GLY A 107 9.44 5.75 2.05
N ASP A 108 9.85 6.61 1.14
CA ASP A 108 8.93 7.57 0.52
C ASP A 108 7.84 6.85 -0.26
N ILE A 109 8.20 5.72 -0.88
CA ILE A 109 7.26 4.94 -1.66
C ILE A 109 6.26 4.20 -0.75
N PHE A 110 6.78 3.52 0.25
CA PHE A 110 5.93 2.78 1.19
C PHE A 110 5.03 3.73 1.96
N ASP A 111 5.49 4.97 2.15
CA ASP A 111 4.73 5.98 2.88
C ASP A 111 3.30 6.05 2.37
N MET A 112 3.12 5.81 1.07
CA MET A 112 1.80 5.83 0.46
C MET A 112 1.00 4.60 0.90
N LEU A 113 1.66 3.45 0.83
CA LEU A 113 1.05 2.18 1.22
C LEU A 113 0.71 2.15 2.70
N LEU A 114 1.39 2.98 3.48
CA LEU A 114 1.16 3.04 4.93
C LEU A 114 -0.32 3.19 5.24
N THR A 115 -1.07 3.79 4.31
CA THR A 115 -2.51 3.98 4.50
C THR A 115 -3.25 2.66 4.73
N PHE A 116 -2.52 1.55 4.74
CA PHE A 116 -3.12 0.24 4.96
C PHE A 116 -3.71 0.14 6.36
N THR A 117 -3.05 0.79 7.32
CA THR A 117 -3.51 0.76 8.71
C THR A 117 -3.33 2.12 9.39
N ASP A 118 -2.30 2.84 8.99
CA ASP A 118 -2.00 4.15 9.56
C ASP A 118 -3.09 5.16 9.19
N PHE A 119 -4.13 5.23 10.01
CA PHE A 119 -5.23 6.16 9.78
C PHE A 119 -4.73 7.61 9.80
N LEU A 120 -3.61 7.82 10.50
CA LEU A 120 -3.02 9.16 10.61
C LEU A 120 -2.43 9.59 9.26
N ALA A 121 -1.84 8.64 8.55
CA ALA A 121 -1.24 8.92 7.25
C ALA A 121 -2.31 9.07 6.18
N PHE A 122 -3.44 8.42 6.38
CA PHE A 122 -4.55 8.47 5.44
C PHE A 122 -5.19 9.85 5.42
N LYS A 123 -5.60 10.33 6.59
CA LYS A 123 -6.22 11.64 6.71
C LYS A 123 -5.24 12.75 6.34
N GLU A 124 -4.04 12.69 6.91
CA GLU A 124 -3.02 13.70 6.65
C GLU A 124 -2.68 13.75 5.17
N MET A 125 -2.81 12.62 4.49
CA MET A 125 -2.53 12.55 3.06
C MET A 125 -3.52 13.39 2.27
N PHE A 126 -4.80 13.25 2.60
CA PHE A 126 -5.85 14.01 1.91
C PHE A 126 -5.70 15.50 2.18
N LEU A 127 -5.35 15.86 3.40
CA LEU A 127 -5.19 17.26 3.78
C LEU A 127 -4.05 17.91 3.00
N ASP A 128 -2.91 17.24 2.96
CA ASP A 128 -1.74 17.75 2.26
C ASP A 128 -2.03 17.87 0.76
N TYR A 129 -2.69 16.87 0.20
CA TYR A 129 -3.04 16.87 -1.22
C TYR A 129 -3.92 18.07 -1.55
N ARG A 130 -4.85 18.39 -0.65
CA ARG A 130 -5.75 19.50 -0.86
C ARG A 130 -4.98 20.82 -0.83
N ALA A 131 -3.95 20.88 0.01
CA ALA A 131 -3.12 22.08 0.13
C ALA A 131 -2.36 22.35 -1.17
N GLU A 132 -1.99 21.29 -1.86
CA GLU A 132 -1.26 21.41 -3.12
C GLU A 132 -2.15 22.00 -4.22
N LYS A 133 -3.46 21.94 -4.02
CA LYS A 133 -4.41 22.47 -4.99
C LYS A 133 -4.33 23.99 -5.06
N GLU A 134 -3.74 24.60 -4.04
CA GLU A 134 -3.61 26.05 -3.99
C GLU A 134 -2.72 26.56 -5.12
N GLY A 135 -1.95 25.65 -5.71
CA GLY A 135 -1.07 26.03 -6.80
C GLY A 135 0.32 26.40 -6.34
N ARG A 136 1.09 25.39 -5.90
CA ARG A 136 2.44 25.62 -5.44
C ARG A 136 3.26 24.33 -5.50
N GLY A 137 4.55 24.47 -5.80
CA GLY A 137 5.40 23.29 -5.89
C GLY A 137 5.16 22.48 -7.15
N MET A 2 24.36 -22.56 -13.02
CA MET A 2 23.91 -23.28 -11.81
C MET A 2 23.22 -24.59 -12.18
N ASP A 3 22.47 -24.57 -13.26
CA ASP A 3 21.76 -25.76 -13.72
C ASP A 3 22.00 -26.01 -15.20
N ALA A 4 21.88 -27.27 -15.61
CA ALA A 4 22.09 -27.65 -17.00
C ALA A 4 20.76 -27.76 -17.74
N LEU A 5 19.71 -28.12 -17.00
CA LEU A 5 18.38 -28.27 -17.59
C LEU A 5 17.37 -27.41 -16.85
N GLU A 6 16.73 -26.49 -17.56
CA GLU A 6 15.73 -25.61 -16.97
C GLU A 6 14.51 -26.40 -16.53
N GLY A 7 14.09 -26.20 -15.28
CA GLY A 7 12.94 -26.90 -14.76
C GLY A 7 13.08 -27.26 -13.29
N GLU A 8 11.95 -27.29 -12.58
CA GLU A 8 11.96 -27.61 -11.15
C GLU A 8 12.02 -29.11 -10.94
N SER A 9 12.91 -29.55 -10.05
CA SER A 9 13.08 -30.96 -9.74
C SER A 9 13.97 -31.17 -8.53
N PHE A 10 14.27 -30.08 -7.82
CA PHE A 10 15.12 -30.15 -6.64
C PHE A 10 14.81 -28.99 -5.68
N ALA A 11 15.62 -28.88 -4.63
CA ALA A 11 15.44 -27.83 -3.63
C ALA A 11 16.78 -27.34 -3.10
N LEU A 12 17.04 -26.04 -3.25
CA LEU A 12 18.30 -25.46 -2.79
C LEU A 12 18.03 -24.24 -1.91
N SER A 13 17.46 -23.20 -2.50
CA SER A 13 17.16 -21.97 -1.77
C SER A 13 15.89 -22.13 -0.93
N PHE A 14 15.99 -21.85 0.36
CA PHE A 14 14.86 -21.95 1.27
C PHE A 14 14.20 -20.59 1.45
N SER A 15 14.98 -19.60 1.88
CA SER A 15 14.47 -18.26 2.09
C SER A 15 14.42 -17.49 0.77
N SER A 16 13.31 -16.79 0.54
CA SER A 16 13.14 -16.01 -0.69
C SER A 16 12.32 -14.76 -0.43
N ALA A 17 11.21 -14.91 0.29
CA ALA A 17 10.34 -13.79 0.60
C ALA A 17 11.06 -12.74 1.45
N SER A 18 12.26 -13.07 1.91
CA SER A 18 13.04 -12.15 2.73
C SER A 18 14.39 -11.86 2.08
N ASP A 19 14.50 -12.12 0.78
CA ASP A 19 15.74 -11.87 0.05
C ASP A 19 15.49 -11.70 -1.45
N ALA A 20 15.58 -12.80 -2.19
CA ALA A 20 15.38 -12.78 -3.63
C ALA A 20 13.95 -12.38 -4.00
N GLU A 21 12.97 -13.11 -3.50
CA GLU A 21 11.57 -12.82 -3.78
C GLU A 21 11.19 -11.43 -3.28
N PHE A 22 11.79 -11.02 -2.18
CA PHE A 22 11.51 -9.71 -1.58
C PHE A 22 11.82 -8.60 -2.58
N ASP A 23 13.05 -8.57 -3.07
CA ASP A 23 13.46 -7.55 -4.03
C ASP A 23 12.61 -7.60 -5.29
N ALA A 24 12.16 -8.80 -5.64
CA ALA A 24 11.34 -8.98 -6.83
C ALA A 24 10.03 -8.21 -6.71
N VAL A 25 9.38 -8.36 -5.55
CA VAL A 25 8.11 -7.68 -5.30
C VAL A 25 8.28 -6.16 -5.33
N VAL A 26 9.39 -5.67 -4.76
CA VAL A 26 9.67 -4.24 -4.73
C VAL A 26 9.67 -3.66 -6.14
N GLY A 27 10.27 -4.38 -7.08
CA GLY A 27 10.32 -3.92 -8.45
C GLY A 27 8.94 -3.84 -9.08
N TYR A 28 8.14 -4.88 -8.89
CA TYR A 28 6.79 -4.92 -9.44
C TYR A 28 5.93 -3.79 -8.86
N LEU A 29 6.15 -3.47 -7.59
CA LEU A 29 5.39 -2.42 -6.91
C LEU A 29 5.61 -1.07 -7.59
N GLU A 30 6.87 -0.73 -7.82
CA GLU A 30 7.22 0.53 -8.46
C GLU A 30 6.56 0.65 -9.82
N ASP A 31 6.55 -0.47 -10.56
CA ASP A 31 5.95 -0.50 -11.89
C ASP A 31 4.46 -0.17 -11.82
N ILE A 32 3.83 -0.58 -10.73
CA ILE A 32 2.41 -0.34 -10.53
C ILE A 32 2.15 1.12 -10.17
N ILE A 33 3.02 1.68 -9.34
CA ILE A 33 2.88 3.07 -8.92
C ILE A 33 2.93 4.02 -10.12
N MET A 34 3.73 3.66 -11.10
CA MET A 34 3.88 4.47 -12.30
C MET A 34 3.03 3.92 -13.45
N ASP A 35 2.07 3.06 -13.10
CA ASP A 35 1.19 2.46 -14.09
C ASP A 35 0.00 3.38 -14.37
N ASP A 36 -0.29 3.59 -15.66
CA ASP A 36 -1.39 4.45 -16.07
C ASP A 36 -2.71 4.02 -15.44
N GLU A 37 -3.03 2.73 -15.57
CA GLU A 37 -4.27 2.19 -15.02
C GLU A 37 -4.36 2.44 -13.52
N PHE A 38 -3.20 2.50 -12.86
CA PHE A 38 -3.15 2.73 -11.42
C PHE A 38 -3.48 4.18 -11.08
N GLN A 39 -2.96 5.09 -11.90
CA GLN A 39 -3.20 6.52 -11.69
C GLN A 39 -4.66 6.87 -11.92
N LEU A 40 -5.29 6.19 -12.86
CA LEU A 40 -6.70 6.41 -13.17
C LEU A 40 -7.58 5.98 -12.01
N LEU A 41 -7.30 4.81 -11.48
CA LEU A 41 -8.08 4.26 -10.36
C LEU A 41 -7.94 5.13 -9.11
N GLN A 42 -6.69 5.42 -8.74
CA GLN A 42 -6.42 6.22 -7.55
C GLN A 42 -7.04 7.62 -7.65
N ARG A 43 -6.78 8.31 -8.75
CA ARG A 43 -7.29 9.67 -8.96
C ARG A 43 -8.81 9.69 -9.03
N ASN A 44 -9.40 8.68 -9.67
CA ASN A 44 -10.85 8.60 -9.83
C ASN A 44 -11.56 8.58 -8.48
N PHE A 45 -11.10 7.72 -7.57
CA PHE A 45 -11.71 7.60 -6.25
C PHE A 45 -11.30 8.74 -5.34
N MET A 46 -10.02 9.13 -5.39
CA MET A 46 -9.53 10.22 -4.55
C MET A 46 -10.28 11.51 -4.84
N ASP A 47 -10.84 11.61 -6.05
CA ASP A 47 -11.60 12.79 -6.44
C ASP A 47 -12.78 13.01 -5.50
N LYS A 48 -13.30 11.91 -4.96
CA LYS A 48 -14.43 11.96 -4.05
C LYS A 48 -13.97 12.02 -2.60
N TYR A 49 -13.07 11.10 -2.25
CA TYR A 49 -12.53 11.01 -0.89
C TYR A 49 -11.95 12.34 -0.41
N TYR A 50 -11.06 12.92 -1.20
CA TYR A 50 -10.42 14.19 -0.84
C TYR A 50 -11.47 15.27 -0.52
N LEU A 51 -12.60 15.21 -1.21
CA LEU A 51 -13.67 16.19 -1.02
C LEU A 51 -14.51 15.85 0.21
N GLU A 52 -14.54 14.57 0.57
CA GLU A 52 -15.32 14.12 1.71
C GLU A 52 -14.56 14.36 3.01
N PHE A 53 -13.26 14.10 2.98
CA PHE A 53 -12.41 14.29 4.16
C PHE A 53 -12.07 15.76 4.36
N GLU A 54 -12.95 16.47 5.07
CA GLU A 54 -12.73 17.89 5.34
C GLU A 54 -12.06 18.08 6.69
N ASP A 55 -11.12 19.01 6.76
CA ASP A 55 -10.41 19.28 7.99
C ASP A 55 -11.32 19.93 9.03
N THR A 56 -11.78 19.13 9.98
CA THR A 56 -12.66 19.62 11.03
C THR A 56 -12.27 19.04 12.39
N GLU A 57 -12.95 19.49 13.44
CA GLU A 57 -12.66 19.00 14.79
C GLU A 57 -13.56 17.83 15.15
N GLU A 58 -14.77 17.83 14.61
CA GLU A 58 -15.73 16.75 14.88
C GLU A 58 -15.46 15.55 13.99
N ASN A 59 -15.37 14.37 14.60
CA ASN A 59 -15.13 13.14 13.87
C ASN A 59 -16.43 12.41 13.58
N LYS A 60 -16.68 12.11 12.32
CA LYS A 60 -17.89 11.42 11.92
C LYS A 60 -17.65 9.91 11.78
N LEU A 61 -18.70 9.12 11.97
CA LEU A 61 -18.60 7.68 11.86
C LEU A 61 -18.62 7.24 10.41
N ILE A 62 -18.98 8.16 9.52
CA ILE A 62 -19.04 7.86 8.09
C ILE A 62 -17.67 7.51 7.53
N TYR A 63 -16.63 7.87 8.28
CA TYR A 63 -15.26 7.59 7.86
C TYR A 63 -14.94 6.10 7.95
N THR A 64 -15.71 5.37 8.75
CA THR A 64 -15.49 3.94 8.91
C THR A 64 -15.90 3.16 7.66
N PRO A 65 -17.14 3.35 7.15
CA PRO A 65 -17.61 2.66 5.95
C PRO A 65 -16.81 3.07 4.71
N ILE A 66 -16.58 4.37 4.58
CA ILE A 66 -15.82 4.90 3.45
C ILE A 66 -14.42 4.30 3.40
N PHE A 67 -13.80 4.17 4.57
CA PHE A 67 -12.46 3.60 4.67
C PHE A 67 -12.45 2.16 4.14
N ASN A 68 -13.47 1.40 4.53
CA ASN A 68 -13.59 0.02 4.10
C ASN A 68 -13.61 -0.07 2.58
N GLU A 69 -14.28 0.89 1.94
CA GLU A 69 -14.38 0.93 0.49
C GLU A 69 -13.00 1.06 -0.12
N TYR A 70 -12.19 1.95 0.43
CA TYR A 70 -10.83 2.19 -0.05
C TYR A 70 -10.00 0.91 0.03
N ILE A 71 -10.29 0.09 1.03
CA ILE A 71 -9.56 -1.16 1.23
C ILE A 71 -9.96 -2.20 0.19
N SER A 72 -11.23 -2.57 0.17
CA SER A 72 -11.72 -3.56 -0.77
C SER A 72 -11.48 -3.15 -2.22
N LEU A 73 -11.39 -1.84 -2.46
CA LEU A 73 -11.14 -1.34 -3.81
C LEU A 73 -9.66 -1.19 -4.11
N VAL A 74 -8.99 -0.30 -3.39
CA VAL A 74 -7.57 -0.04 -3.61
C VAL A 74 -6.68 -1.15 -3.06
N GLU A 75 -6.76 -1.40 -1.75
CA GLU A 75 -5.93 -2.43 -1.13
C GLU A 75 -6.07 -3.76 -1.88
N LYS A 76 -7.29 -4.10 -2.25
CA LYS A 76 -7.55 -5.34 -2.96
C LYS A 76 -6.94 -5.28 -4.37
N TYR A 77 -6.97 -4.09 -4.97
CA TYR A 77 -6.41 -3.90 -6.30
C TYR A 77 -4.93 -4.28 -6.34
N ILE A 78 -4.18 -3.81 -5.33
CA ILE A 78 -2.76 -4.10 -5.27
C ILE A 78 -2.51 -5.60 -5.10
N GLU A 79 -3.28 -6.23 -4.20
CA GLU A 79 -3.14 -7.65 -3.94
C GLU A 79 -3.44 -8.48 -5.20
N GLU A 80 -4.53 -8.14 -5.89
CA GLU A 80 -4.93 -8.85 -7.09
C GLU A 80 -3.89 -8.71 -8.20
N GLN A 81 -3.35 -7.50 -8.35
CA GLN A 81 -2.35 -7.24 -9.39
C GLN A 81 -1.13 -8.13 -9.21
N LEU A 82 -0.67 -8.29 -7.98
CA LEU A 82 0.48 -9.12 -7.68
C LEU A 82 0.17 -10.60 -7.87
N LEU A 83 -1.07 -10.98 -7.55
CA LEU A 83 -1.51 -12.36 -7.67
C LEU A 83 -1.61 -12.79 -9.13
N GLN A 84 -1.82 -11.81 -10.02
CA GLN A 84 -1.93 -12.09 -11.44
C GLN A 84 -0.64 -12.67 -12.01
N ARG A 85 0.47 -12.45 -11.29
CA ARG A 85 1.76 -12.96 -11.74
C ARG A 85 2.36 -13.89 -10.69
N ILE A 86 1.86 -13.80 -9.46
CA ILE A 86 2.34 -14.64 -8.37
C ILE A 86 1.17 -15.21 -7.57
N PRO A 87 0.57 -16.31 -8.04
CA PRO A 87 -0.56 -16.95 -7.36
C PRO A 87 -0.17 -17.52 -6.01
N GLU A 88 1.12 -17.45 -5.68
CA GLU A 88 1.62 -17.97 -4.42
C GLU A 88 2.07 -16.82 -3.51
N PHE A 89 1.63 -15.61 -3.84
CA PHE A 89 1.99 -14.44 -3.06
C PHE A 89 1.08 -14.28 -1.85
N ASN A 90 1.63 -13.75 -0.76
CA ASN A 90 0.87 -13.54 0.47
C ASN A 90 1.01 -12.09 0.93
N MET A 91 0.01 -11.28 0.62
CA MET A 91 0.02 -9.87 1.00
C MET A 91 0.02 -9.69 2.51
N ALA A 92 -0.67 -10.59 3.21
CA ALA A 92 -0.75 -10.52 4.66
C ALA A 92 0.62 -10.71 5.32
N ALA A 93 1.30 -11.79 4.96
CA ALA A 93 2.61 -12.09 5.52
C ALA A 93 3.67 -11.12 5.00
N PHE A 94 3.48 -10.63 3.77
CA PHE A 94 4.43 -9.71 3.16
C PHE A 94 4.43 -8.37 3.89
N THR A 95 3.23 -7.86 4.18
CA THR A 95 3.09 -6.58 4.87
C THR A 95 3.67 -6.65 6.28
N THR A 96 3.35 -7.73 6.99
CA THR A 96 3.83 -7.92 8.35
C THR A 96 5.35 -7.88 8.40
N THR A 97 5.99 -8.60 7.48
CA THR A 97 7.44 -8.63 7.40
C THR A 97 7.99 -7.29 6.90
N LEU A 98 7.19 -6.61 6.09
CA LEU A 98 7.58 -5.31 5.54
C LEU A 98 7.80 -4.28 6.64
N GLN A 99 6.99 -4.37 7.69
CA GLN A 99 7.10 -3.43 8.82
C GLN A 99 8.52 -3.33 9.34
N HIS A 100 9.23 -4.45 9.32
CA HIS A 100 10.62 -4.46 9.79
C HIS A 100 11.57 -4.11 8.65
N HIS A 101 11.25 -4.57 7.45
CA HIS A 101 12.06 -4.30 6.27
C HIS A 101 11.93 -2.85 5.85
N LYS A 102 11.07 -2.10 6.54
CA LYS A 102 10.87 -0.70 6.24
C LYS A 102 12.13 0.11 6.53
N ASP A 103 13.01 -0.48 7.34
CA ASP A 103 14.26 0.19 7.71
C ASP A 103 15.27 0.11 6.56
N GLU A 104 14.94 -0.68 5.54
CA GLU A 104 15.83 -0.84 4.39
C GLU A 104 15.18 -0.32 3.12
N VAL A 105 14.03 -0.89 2.76
CA VAL A 105 13.30 -0.48 1.56
C VAL A 105 12.99 1.01 1.59
N ALA A 106 12.75 1.59 0.42
CA ALA A 106 12.43 3.01 0.31
C ALA A 106 11.25 3.38 1.19
N GLY A 107 11.53 4.09 2.26
CA GLY A 107 10.48 4.52 3.18
C GLY A 107 9.50 5.47 2.53
N ASP A 108 9.98 6.27 1.59
CA ASP A 108 9.14 7.24 0.89
C ASP A 108 8.07 6.55 0.06
N ILE A 109 8.43 5.41 -0.53
CA ILE A 109 7.49 4.66 -1.35
C ILE A 109 6.43 3.97 -0.50
N PHE A 110 6.86 3.26 0.53
CA PHE A 110 5.94 2.56 1.42
C PHE A 110 5.05 3.56 2.16
N ASP A 111 5.58 4.75 2.39
CA ASP A 111 4.84 5.81 3.09
C ASP A 111 3.44 5.96 2.50
N MET A 112 3.34 5.82 1.17
CA MET A 112 2.05 5.93 0.49
C MET A 112 1.20 4.71 0.79
N LEU A 113 1.83 3.54 0.75
CA LEU A 113 1.14 2.27 1.00
C LEU A 113 0.65 2.20 2.45
N LEU A 114 1.29 2.97 3.34
CA LEU A 114 0.92 2.98 4.74
C LEU A 114 -0.58 3.18 4.92
N THR A 115 -1.20 3.84 3.95
CA THR A 115 -2.64 4.10 3.99
C THR A 115 -3.46 2.81 4.11
N PHE A 116 -2.78 1.66 4.16
CA PHE A 116 -3.46 0.37 4.29
C PHE A 116 -4.21 0.28 5.62
N THR A 117 -3.63 0.87 6.66
CA THR A 117 -4.24 0.85 7.98
C THR A 117 -3.96 2.13 8.75
N ASP A 118 -2.80 2.72 8.49
CA ASP A 118 -2.40 3.95 9.17
C ASP A 118 -3.33 5.10 8.81
N PHE A 119 -4.40 5.27 9.59
CA PHE A 119 -5.37 6.33 9.36
C PHE A 119 -4.70 7.71 9.43
N LEU A 120 -3.59 7.78 10.13
CA LEU A 120 -2.85 9.04 10.28
C LEU A 120 -2.29 9.48 8.92
N ALA A 121 -1.75 8.52 8.17
CA ALA A 121 -1.17 8.82 6.87
C ALA A 121 -2.26 9.03 5.82
N PHE A 122 -3.38 8.33 6.00
CA PHE A 122 -4.51 8.43 5.08
C PHE A 122 -5.12 9.82 5.14
N LYS A 123 -5.47 10.25 6.34
CA LYS A 123 -6.07 11.57 6.54
C LYS A 123 -5.09 12.68 6.14
N GLU A 124 -3.84 12.55 6.59
CA GLU A 124 -2.82 13.53 6.28
C GLU A 124 -2.56 13.60 4.78
N MET A 125 -2.76 12.48 4.10
CA MET A 125 -2.55 12.41 2.66
C MET A 125 -3.54 13.30 1.92
N PHE A 126 -4.81 13.20 2.28
CA PHE A 126 -5.85 14.00 1.64
C PHE A 126 -5.65 15.48 1.93
N LEU A 127 -5.30 15.82 3.16
CA LEU A 127 -5.08 17.21 3.54
C LEU A 127 -3.94 17.82 2.75
N ASP A 128 -2.87 17.05 2.55
CA ASP A 128 -1.71 17.53 1.81
C ASP A 128 -2.01 17.57 0.31
N TYR A 129 -2.87 16.67 -0.14
CA TYR A 129 -3.25 16.60 -1.55
C TYR A 129 -4.09 17.81 -1.95
N ARG A 130 -5.06 18.16 -1.11
CA ARG A 130 -5.93 19.30 -1.38
C ARG A 130 -5.15 20.60 -1.34
N ALA A 131 -4.24 20.71 -0.37
CA ALA A 131 -3.43 21.91 -0.22
C ALA A 131 -2.55 22.13 -1.44
N GLU A 132 -2.08 21.03 -2.03
CA GLU A 132 -1.23 21.10 -3.20
C GLU A 132 -1.99 21.66 -4.40
N LYS A 133 -3.30 21.47 -4.41
CA LYS A 133 -4.15 21.95 -5.49
C LYS A 133 -4.07 23.47 -5.60
N GLU A 134 -4.23 24.16 -4.47
CA GLU A 134 -4.18 25.61 -4.44
C GLU A 134 -2.75 26.10 -4.28
N GLY A 135 -1.80 25.17 -4.30
CA GLY A 135 -0.39 25.53 -4.16
C GLY A 135 0.19 26.09 -5.43
N ARG A 136 -0.26 25.56 -6.56
CA ARG A 136 0.22 26.02 -7.86
C ARG A 136 -0.51 27.29 -8.30
N GLY A 137 0.25 28.29 -8.73
CA GLY A 137 -0.35 29.54 -9.17
C GLY A 137 0.60 30.72 -9.00
N MET A 2 13.70 -40.79 20.04
CA MET A 2 13.08 -39.59 19.43
C MET A 2 13.33 -38.35 20.29
N ASP A 3 13.44 -37.20 19.64
CA ASP A 3 13.68 -35.94 20.34
C ASP A 3 14.97 -36.00 21.16
N ALA A 4 16.03 -35.43 20.61
CA ALA A 4 17.33 -35.41 21.29
C ALA A 4 18.14 -34.19 20.87
N LEU A 5 18.01 -33.79 19.61
CA LEU A 5 18.73 -32.63 19.09
C LEU A 5 17.86 -31.87 18.09
N GLU A 6 18.12 -30.56 17.98
CA GLU A 6 17.37 -29.71 17.06
C GLU A 6 15.87 -29.71 17.42
N GLY A 7 15.43 -28.62 18.02
CA GLY A 7 14.03 -28.50 18.39
C GLY A 7 13.39 -27.22 17.90
N GLU A 8 12.10 -27.28 17.58
CA GLU A 8 11.37 -26.12 17.09
C GLU A 8 12.00 -25.59 15.80
N SER A 9 11.45 -25.99 14.66
CA SER A 9 11.95 -25.55 13.37
C SER A 9 11.35 -24.22 12.95
N PHE A 10 12.17 -23.39 12.31
CA PHE A 10 11.73 -22.07 11.86
C PHE A 10 11.64 -22.02 10.34
N ALA A 11 12.55 -22.75 9.67
CA ALA A 11 12.58 -22.78 8.22
C ALA A 11 11.56 -23.76 7.67
N LEU A 12 10.62 -23.26 6.86
CA LEU A 12 9.59 -24.09 6.27
C LEU A 12 9.77 -24.19 4.75
N SER A 13 10.15 -23.06 4.14
CA SER A 13 10.36 -23.01 2.70
C SER A 13 11.71 -22.39 2.38
N PHE A 14 12.00 -22.26 1.08
CA PHE A 14 13.26 -21.69 0.63
C PHE A 14 13.34 -20.19 0.94
N SER A 15 14.40 -19.55 0.46
CA SER A 15 14.59 -18.12 0.68
C SER A 15 13.44 -17.31 0.09
N SER A 16 12.60 -16.76 0.95
CA SER A 16 11.47 -15.96 0.53
C SER A 16 11.55 -14.55 1.09
N ALA A 17 11.32 -14.42 2.39
CA ALA A 17 11.37 -13.13 3.07
C ALA A 17 12.81 -12.69 3.27
N SER A 18 13.75 -13.55 2.89
CA SER A 18 15.17 -13.25 3.02
C SER A 18 15.52 -11.97 2.30
N ASP A 19 15.59 -12.04 0.96
CA ASP A 19 15.91 -10.86 0.16
C ASP A 19 15.75 -11.14 -1.33
N ALA A 20 15.86 -12.41 -1.71
CA ALA A 20 15.73 -12.80 -3.10
C ALA A 20 14.29 -12.62 -3.62
N GLU A 21 13.35 -13.27 -2.96
CA GLU A 21 11.94 -13.17 -3.34
C GLU A 21 11.38 -11.79 -2.99
N PHE A 22 11.68 -11.33 -1.78
CA PHE A 22 11.21 -10.04 -1.32
C PHE A 22 11.56 -8.95 -2.34
N ASP A 23 12.81 -8.97 -2.83
CA ASP A 23 13.26 -7.99 -3.80
C ASP A 23 12.45 -8.10 -5.09
N ALA A 24 12.25 -9.33 -5.56
CA ALA A 24 11.47 -9.57 -6.77
C ALA A 24 10.10 -8.91 -6.67
N VAL A 25 9.49 -9.02 -5.50
CA VAL A 25 8.17 -8.43 -5.27
C VAL A 25 8.23 -6.91 -5.39
N VAL A 26 9.29 -6.33 -4.85
CA VAL A 26 9.48 -4.88 -4.90
C VAL A 26 9.43 -4.39 -6.34
N GLY A 27 10.02 -5.16 -7.24
CA GLY A 27 10.03 -4.79 -8.65
C GLY A 27 8.63 -4.81 -9.24
N TYR A 28 7.89 -5.87 -8.95
CA TYR A 28 6.53 -6.01 -9.45
C TYR A 28 5.62 -4.94 -8.87
N LEU A 29 5.98 -4.46 -7.68
CA LEU A 29 5.19 -3.42 -7.01
C LEU A 29 5.37 -2.07 -7.70
N GLU A 30 6.61 -1.70 -7.96
CA GLU A 30 6.92 -0.44 -8.63
C GLU A 30 6.24 -0.36 -9.99
N ASP A 31 6.16 -1.50 -10.68
CA ASP A 31 5.53 -1.57 -11.98
C ASP A 31 4.04 -1.20 -11.89
N ILE A 32 3.43 -1.55 -10.76
CA ILE A 32 2.02 -1.25 -10.54
C ILE A 32 1.82 0.21 -10.18
N ILE A 33 2.74 0.77 -9.42
CA ILE A 33 2.66 2.17 -9.00
C ILE A 33 2.81 3.10 -10.20
N MET A 34 3.63 2.70 -11.16
CA MET A 34 3.86 3.51 -12.36
C MET A 34 2.94 3.08 -13.50
N ASP A 35 1.91 2.31 -13.16
CA ASP A 35 0.95 1.83 -14.15
C ASP A 35 -0.04 2.94 -14.53
N ASP A 36 -0.34 3.03 -15.82
CA ASP A 36 -1.26 4.05 -16.33
C ASP A 36 -2.63 3.91 -15.67
N GLU A 37 -3.19 2.70 -15.72
CA GLU A 37 -4.49 2.43 -15.14
C GLU A 37 -4.50 2.71 -13.64
N PHE A 38 -3.32 2.70 -13.03
CA PHE A 38 -3.19 2.95 -11.60
C PHE A 38 -3.30 4.44 -11.29
N GLN A 39 -2.74 5.26 -12.17
CA GLN A 39 -2.78 6.71 -12.00
C GLN A 39 -4.21 7.24 -12.10
N LEU A 40 -4.93 6.77 -13.13
CA LEU A 40 -6.30 7.20 -13.34
C LEU A 40 -7.22 6.73 -12.22
N LEU A 41 -7.05 5.47 -11.81
CA LEU A 41 -7.88 4.89 -10.75
C LEU A 41 -7.64 5.59 -9.41
N GLN A 42 -6.37 5.69 -9.02
CA GLN A 42 -6.01 6.33 -7.75
C GLN A 42 -6.57 7.75 -7.66
N ARG A 43 -6.28 8.57 -8.66
CA ARG A 43 -6.74 9.96 -8.68
C ARG A 43 -8.26 10.03 -8.75
N ASN A 44 -8.87 9.08 -9.45
CA ASN A 44 -10.33 9.06 -9.60
C ASN A 44 -11.03 9.05 -8.23
N PHE A 45 -10.60 8.14 -7.35
CA PHE A 45 -11.19 8.04 -6.02
C PHE A 45 -10.70 9.16 -5.12
N MET A 46 -9.44 9.55 -5.27
CA MET A 46 -8.87 10.62 -4.45
C MET A 46 -9.68 11.90 -4.60
N ASP A 47 -10.34 12.04 -5.76
CA ASP A 47 -11.16 13.20 -6.04
C ASP A 47 -12.38 13.24 -5.13
N LYS A 48 -12.87 12.06 -4.75
CA LYS A 48 -14.03 11.95 -3.88
C LYS A 48 -13.62 11.88 -2.41
N TYR A 49 -12.59 11.11 -2.12
CA TYR A 49 -12.09 10.95 -0.76
C TYR A 49 -11.62 12.28 -0.17
N TYR A 50 -10.76 12.99 -0.90
CA TYR A 50 -10.24 14.26 -0.42
C TYR A 50 -11.36 15.24 -0.09
N LEU A 51 -12.56 14.98 -0.62
CA LEU A 51 -13.71 15.83 -0.34
C LEU A 51 -14.34 15.48 1.00
N GLU A 52 -14.52 14.18 1.23
CA GLU A 52 -15.10 13.70 2.48
C GLU A 52 -14.24 14.10 3.67
N PHE A 53 -12.93 13.93 3.54
CA PHE A 53 -12.01 14.27 4.60
C PHE A 53 -11.87 15.78 4.73
N GLU A 54 -12.73 16.38 5.54
CA GLU A 54 -12.72 17.83 5.76
C GLU A 54 -12.09 18.16 7.11
N ASP A 55 -11.36 19.26 7.16
CA ASP A 55 -10.71 19.70 8.40
C ASP A 55 -11.73 20.25 9.38
N THR A 56 -12.22 19.39 10.27
CA THR A 56 -13.20 19.78 11.26
C THR A 56 -13.01 19.01 12.57
N GLU A 57 -13.80 19.37 13.58
CA GLU A 57 -13.71 18.72 14.88
C GLU A 57 -14.86 17.73 15.07
N GLU A 58 -15.81 17.76 14.14
CA GLU A 58 -16.97 16.87 14.20
C GLU A 58 -16.57 15.43 13.87
N ASN A 59 -17.11 14.48 14.63
CA ASN A 59 -16.82 13.07 14.43
C ASN A 59 -17.91 12.41 13.59
N LYS A 60 -17.54 11.93 12.40
CA LYS A 60 -18.48 11.28 11.50
C LYS A 60 -18.17 9.79 11.37
N LEU A 61 -19.24 8.98 11.38
CA LEU A 61 -19.08 7.54 11.24
C LEU A 61 -18.88 7.14 9.78
N ILE A 62 -19.05 8.11 8.88
CA ILE A 62 -18.90 7.87 7.45
C ILE A 62 -17.46 7.50 7.09
N TYR A 63 -16.55 7.70 8.04
CA TYR A 63 -15.14 7.38 7.82
C TYR A 63 -14.91 5.88 7.82
N THR A 64 -15.83 5.13 8.42
CA THR A 64 -15.70 3.67 8.49
C THR A 64 -16.02 3.03 7.13
N PRO A 65 -17.19 3.35 6.52
CA PRO A 65 -17.56 2.79 5.21
C PRO A 65 -16.58 3.19 4.12
N ILE A 66 -16.18 4.47 4.13
CA ILE A 66 -15.22 4.97 3.15
C ILE A 66 -13.89 4.23 3.24
N PHE A 67 -13.40 4.09 4.47
CA PHE A 67 -12.14 3.39 4.71
C PHE A 67 -12.20 1.97 4.17
N ASN A 68 -13.33 1.31 4.38
CA ASN A 68 -13.51 -0.06 3.92
C ASN A 68 -13.44 -0.13 2.39
N GLU A 69 -13.87 0.94 1.73
CA GLU A 69 -13.84 1.00 0.28
C GLU A 69 -12.41 1.04 -0.23
N TYR A 70 -11.55 1.76 0.50
CA TYR A 70 -10.15 1.88 0.14
C TYR A 70 -9.43 0.55 0.35
N ILE A 71 -9.79 -0.15 1.41
CA ILE A 71 -9.18 -1.43 1.75
C ILE A 71 -9.69 -2.54 0.81
N SER A 72 -10.91 -2.39 0.32
CA SER A 72 -11.50 -3.39 -0.57
C SER A 72 -11.10 -3.14 -2.02
N LEU A 73 -10.95 -1.87 -2.40
CA LEU A 73 -10.59 -1.52 -3.76
C LEU A 73 -9.08 -1.45 -3.98
N VAL A 74 -8.43 -0.54 -3.27
CA VAL A 74 -6.98 -0.34 -3.42
C VAL A 74 -6.16 -1.53 -2.94
N GLU A 75 -6.31 -1.89 -1.67
CA GLU A 75 -5.55 -3.01 -1.11
C GLU A 75 -5.69 -4.26 -1.96
N LYS A 76 -6.90 -4.51 -2.46
CA LYS A 76 -7.15 -5.67 -3.29
C LYS A 76 -6.62 -5.47 -4.70
N TYR A 77 -6.49 -4.21 -5.11
CA TYR A 77 -5.99 -3.88 -6.44
C TYR A 77 -4.55 -4.36 -6.59
N ILE A 78 -3.73 -4.06 -5.59
CA ILE A 78 -2.32 -4.46 -5.61
C ILE A 78 -2.19 -5.96 -5.40
N GLU A 79 -2.97 -6.50 -4.46
CA GLU A 79 -2.93 -7.93 -4.16
C GLU A 79 -3.23 -8.77 -5.40
N GLU A 80 -4.33 -8.43 -6.08
CA GLU A 80 -4.73 -9.16 -7.29
C GLU A 80 -3.66 -9.08 -8.37
N GLN A 81 -3.11 -7.88 -8.58
CA GLN A 81 -2.08 -7.67 -9.59
C GLN A 81 -0.87 -8.58 -9.33
N LEU A 82 -0.57 -8.80 -8.05
CA LEU A 82 0.56 -9.65 -7.68
C LEU A 82 0.21 -11.12 -7.82
N LEU A 83 -1.04 -11.47 -7.54
CA LEU A 83 -1.50 -12.85 -7.64
C LEU A 83 -1.50 -13.34 -9.09
N GLN A 84 -1.67 -12.42 -10.02
CA GLN A 84 -1.68 -12.76 -11.44
C GLN A 84 -0.34 -13.33 -11.87
N ARG A 85 0.72 -12.95 -11.16
CA ARG A 85 2.06 -13.41 -11.48
C ARG A 85 2.55 -14.43 -10.44
N ILE A 86 1.98 -14.34 -9.24
CA ILE A 86 2.34 -15.25 -8.15
C ILE A 86 1.09 -15.71 -7.39
N PRO A 87 0.47 -16.83 -7.83
CA PRO A 87 -0.73 -17.36 -7.19
C PRO A 87 -0.46 -17.88 -5.78
N GLU A 88 0.81 -17.86 -5.39
CA GLU A 88 1.20 -18.33 -4.07
C GLU A 88 1.64 -17.16 -3.19
N PHE A 89 1.32 -15.95 -3.62
CA PHE A 89 1.68 -14.75 -2.90
C PHE A 89 0.70 -14.47 -1.76
N ASN A 90 1.22 -13.91 -0.67
CA ASN A 90 0.40 -13.59 0.50
C ASN A 90 0.57 -12.12 0.87
N MET A 91 -0.38 -11.30 0.44
CA MET A 91 -0.33 -9.87 0.73
C MET A 91 -0.44 -9.60 2.22
N ALA A 92 -1.05 -10.54 2.94
CA ALA A 92 -1.22 -10.40 4.39
C ALA A 92 0.13 -10.50 5.10
N ALA A 93 0.86 -11.58 4.84
CA ALA A 93 2.15 -11.80 5.45
C ALA A 93 3.19 -10.83 4.91
N PHE A 94 3.00 -10.39 3.68
CA PHE A 94 3.93 -9.47 3.03
C PHE A 94 3.85 -8.08 3.67
N THR A 95 2.64 -7.59 3.89
CA THR A 95 2.45 -6.28 4.50
C THR A 95 2.97 -6.26 5.92
N THR A 96 2.70 -7.32 6.66
CA THR A 96 3.13 -7.43 8.05
C THR A 96 4.66 -7.35 8.15
N THR A 97 5.34 -8.00 7.22
CA THR A 97 6.80 -8.00 7.21
C THR A 97 7.35 -6.68 6.68
N LEU A 98 6.64 -6.08 5.74
CA LEU A 98 7.06 -4.82 5.13
C LEU A 98 7.15 -3.72 6.17
N GLN A 99 6.25 -3.73 7.15
CA GLN A 99 6.22 -2.72 8.21
C GLN A 99 7.60 -2.56 8.85
N HIS A 100 8.37 -3.63 8.86
CA HIS A 100 9.71 -3.60 9.43
C HIS A 100 10.76 -3.45 8.35
N HIS A 101 10.49 -4.04 7.19
CA HIS A 101 11.42 -3.99 6.06
C HIS A 101 11.47 -2.58 5.47
N LYS A 102 10.65 -1.68 6.01
CA LYS A 102 10.61 -0.31 5.52
C LYS A 102 11.92 0.40 5.83
N ASP A 103 12.68 -0.15 6.77
CA ASP A 103 13.96 0.43 7.16
C ASP A 103 15.03 0.16 6.10
N GLU A 104 14.74 -0.79 5.21
CA GLU A 104 15.67 -1.15 4.14
C GLU A 104 15.19 -0.61 2.80
N VAL A 105 13.98 -1.01 2.41
CA VAL A 105 13.39 -0.57 1.15
C VAL A 105 13.11 0.93 1.17
N ALA A 106 12.98 1.53 0.00
CA ALA A 106 12.70 2.95 -0.12
C ALA A 106 11.49 3.35 0.72
N GLY A 107 11.75 4.08 1.81
CA GLY A 107 10.69 4.51 2.69
C GLY A 107 9.72 5.47 2.01
N ASP A 108 10.24 6.25 1.08
CA ASP A 108 9.44 7.22 0.35
C ASP A 108 8.35 6.55 -0.49
N ILE A 109 8.69 5.41 -1.08
CA ILE A 109 7.74 4.68 -1.91
C ILE A 109 6.68 3.98 -1.06
N PHE A 110 7.13 3.25 -0.05
CA PHE A 110 6.22 2.53 0.83
C PHE A 110 5.35 3.50 1.62
N ASP A 111 5.86 4.70 1.87
CA ASP A 111 5.12 5.71 2.63
C ASP A 111 3.70 5.87 2.10
N MET A 112 3.54 5.61 0.80
CA MET A 112 2.23 5.71 0.18
C MET A 112 1.35 4.54 0.62
N LEU A 113 1.89 3.33 0.49
CA LEU A 113 1.19 2.12 0.87
C LEU A 113 0.99 2.06 2.38
N LEU A 114 1.84 2.78 3.11
CA LEU A 114 1.78 2.82 4.56
C LEU A 114 0.36 3.14 5.04
N THR A 115 -0.38 3.86 4.21
CA THR A 115 -1.76 4.24 4.53
C THR A 115 -2.65 3.02 4.73
N PHE A 116 -2.08 1.82 4.64
CA PHE A 116 -2.85 0.60 4.83
C PHE A 116 -3.37 0.51 6.26
N THR A 117 -2.63 1.10 7.19
CA THR A 117 -3.02 1.09 8.59
C THR A 117 -2.75 2.43 9.26
N ASP A 118 -1.74 3.15 8.77
CA ASP A 118 -1.37 4.44 9.32
C ASP A 118 -2.41 5.50 8.96
N PHE A 119 -3.45 5.59 9.79
CA PHE A 119 -4.53 6.55 9.57
C PHE A 119 -4.00 7.99 9.57
N LEU A 120 -2.92 8.22 10.32
CA LEU A 120 -2.32 9.54 10.40
C LEU A 120 -1.82 10.00 9.03
N ALA A 121 -1.25 9.07 8.27
CA ALA A 121 -0.73 9.37 6.95
C ALA A 121 -1.85 9.50 5.93
N PHE A 122 -2.92 8.74 6.16
CA PHE A 122 -4.07 8.76 5.26
C PHE A 122 -4.74 10.14 5.25
N LYS A 123 -5.08 10.63 6.44
CA LYS A 123 -5.72 11.94 6.57
C LYS A 123 -4.77 13.04 6.12
N GLU A 124 -3.52 12.96 6.54
CA GLU A 124 -2.52 13.95 6.18
C GLU A 124 -2.32 14.00 4.67
N MET A 125 -2.48 12.86 4.01
CA MET A 125 -2.31 12.79 2.56
C MET A 125 -3.39 13.59 1.84
N PHE A 126 -4.64 13.40 2.24
CA PHE A 126 -5.75 14.12 1.63
C PHE A 126 -5.68 15.62 1.92
N LEU A 127 -5.46 15.96 3.18
CA LEU A 127 -5.37 17.36 3.59
C LEU A 127 -4.27 18.08 2.80
N ASP A 128 -3.24 17.33 2.43
CA ASP A 128 -2.14 17.90 1.66
C ASP A 128 -2.60 18.25 0.24
N TYR A 129 -3.28 17.32 -0.40
CA TYR A 129 -3.78 17.52 -1.75
C TYR A 129 -4.74 18.71 -1.80
N ARG A 130 -5.58 18.83 -0.78
CA ARG A 130 -6.54 19.92 -0.70
C ARG A 130 -5.83 21.24 -0.41
N ALA A 131 -4.73 21.16 0.33
CA ALA A 131 -3.96 22.34 0.69
C ALA A 131 -3.31 22.95 -0.55
N GLU A 132 -2.99 22.11 -1.53
CA GLU A 132 -2.38 22.57 -2.77
C GLU A 132 -3.37 23.36 -3.61
N LYS A 133 -4.66 23.15 -3.35
CA LYS A 133 -5.72 23.84 -4.09
C LYS A 133 -5.74 25.33 -3.74
N GLU A 134 -5.03 25.70 -2.69
CA GLU A 134 -4.97 27.09 -2.26
C GLU A 134 -3.86 27.85 -2.99
N GLY A 135 -2.89 27.11 -3.51
CA GLY A 135 -1.79 27.72 -4.22
C GLY A 135 -2.24 28.39 -5.51
N ARG A 136 -2.66 27.58 -6.48
CA ARG A 136 -3.12 28.08 -7.76
C ARG A 136 -2.02 28.88 -8.46
N GLY A 137 -1.29 28.22 -9.37
CA GLY A 137 -0.23 28.88 -10.08
C GLY A 137 0.26 28.08 -11.27
N MET A 2 18.64 -3.82 -8.32
CA MET A 2 19.15 -4.18 -9.67
C MET A 2 20.15 -5.32 -9.60
N ASP A 3 19.94 -6.34 -10.43
CA ASP A 3 20.83 -7.49 -10.46
C ASP A 3 21.32 -7.77 -11.88
N ALA A 4 21.95 -8.92 -12.06
CA ALA A 4 22.46 -9.31 -13.37
C ALA A 4 21.33 -9.51 -14.37
N LEU A 5 20.49 -10.51 -14.11
CA LEU A 5 19.35 -10.81 -14.99
C LEU A 5 18.04 -10.44 -14.31
N GLU A 6 17.63 -11.25 -13.34
CA GLU A 6 16.39 -11.01 -12.61
C GLU A 6 16.40 -11.73 -11.27
N GLY A 7 17.18 -12.81 -11.19
CA GLY A 7 17.27 -13.57 -9.97
C GLY A 7 17.84 -14.97 -10.19
N GLU A 8 17.28 -15.95 -9.49
CA GLU A 8 17.73 -17.33 -9.62
C GLU A 8 16.54 -18.27 -9.75
N SER A 9 16.81 -19.51 -10.19
CA SER A 9 15.76 -20.50 -10.35
C SER A 9 16.20 -21.86 -9.82
N PHE A 10 15.26 -22.79 -9.73
CA PHE A 10 15.54 -24.14 -9.23
C PHE A 10 16.11 -24.09 -7.82
N ALA A 11 16.66 -25.21 -7.37
CA ALA A 11 17.25 -25.30 -6.03
C ALA A 11 16.21 -24.98 -4.96
N LEU A 12 16.68 -24.83 -3.72
CA LEU A 12 15.80 -24.53 -2.60
C LEU A 12 15.68 -23.01 -2.41
N SER A 13 14.72 -22.61 -1.57
CA SER A 13 14.50 -21.19 -1.30
C SER A 13 13.99 -20.97 0.12
N PHE A 14 14.87 -20.48 0.99
CA PHE A 14 14.50 -20.23 2.37
C PHE A 14 15.18 -18.95 2.88
N SER A 15 16.03 -18.37 2.05
CA SER A 15 16.74 -17.15 2.41
C SER A 15 16.49 -16.06 1.37
N SER A 16 15.70 -16.40 0.35
CA SER A 16 15.37 -15.46 -0.71
C SER A 16 14.10 -14.68 -0.38
N ALA A 17 13.29 -15.24 0.52
CA ALA A 17 12.04 -14.61 0.92
C ALA A 17 12.27 -13.21 1.49
N SER A 18 13.51 -12.95 1.91
CA SER A 18 13.87 -11.66 2.48
C SER A 18 15.04 -11.04 1.72
N ASP A 19 15.32 -11.57 0.54
CA ASP A 19 16.42 -11.08 -0.29
C ASP A 19 16.02 -11.01 -1.76
N ALA A 20 16.18 -12.12 -2.46
CA ALA A 20 15.85 -12.20 -3.88
C ALA A 20 14.33 -12.11 -4.10
N GLU A 21 13.58 -13.02 -3.48
CA GLU A 21 12.13 -13.05 -3.62
C GLU A 21 11.52 -11.73 -3.14
N PHE A 22 12.04 -11.21 -2.03
CA PHE A 22 11.53 -9.95 -1.48
C PHE A 22 11.63 -8.83 -2.50
N ASP A 23 12.83 -8.60 -3.02
CA ASP A 23 13.06 -7.57 -4.02
C ASP A 23 12.22 -7.81 -5.26
N ALA A 24 11.93 -9.07 -5.54
CA ALA A 24 11.13 -9.43 -6.71
C ALA A 24 9.71 -8.89 -6.56
N VAL A 25 9.10 -9.17 -5.41
CA VAL A 25 7.74 -8.71 -5.13
C VAL A 25 7.69 -7.19 -5.07
N VAL A 26 8.54 -6.61 -4.23
CA VAL A 26 8.59 -5.16 -4.08
C VAL A 26 8.78 -4.48 -5.43
N GLY A 27 9.50 -5.14 -6.32
CA GLY A 27 9.74 -4.60 -7.65
C GLY A 27 8.45 -4.49 -8.45
N TYR A 28 7.65 -5.55 -8.42
CA TYR A 28 6.38 -5.57 -9.13
C TYR A 28 5.47 -4.46 -8.63
N LEU A 29 5.52 -4.19 -7.33
CA LEU A 29 4.72 -3.14 -6.72
C LEU A 29 5.04 -1.79 -7.34
N GLU A 30 6.33 -1.49 -7.46
CA GLU A 30 6.77 -0.23 -8.04
C GLU A 30 6.24 -0.05 -9.46
N ASP A 31 6.26 -1.15 -10.21
CA ASP A 31 5.76 -1.12 -11.59
C ASP A 31 4.29 -0.73 -11.63
N ILE A 32 3.55 -1.13 -10.59
CA ILE A 32 2.14 -0.81 -10.51
C ILE A 32 1.92 0.65 -10.14
N ILE A 33 2.75 1.15 -9.23
CA ILE A 33 2.66 2.54 -8.80
C ILE A 33 2.86 3.51 -9.97
N MET A 34 3.73 3.13 -10.90
CA MET A 34 4.01 3.97 -12.07
C MET A 34 3.16 3.54 -13.26
N ASP A 35 2.28 2.57 -13.04
CA ASP A 35 1.40 2.08 -14.10
C ASP A 35 0.36 3.13 -14.45
N ASP A 36 0.15 3.35 -15.75
CA ASP A 36 -0.81 4.35 -16.22
C ASP A 36 -2.20 4.10 -15.64
N GLU A 37 -2.67 2.86 -15.74
CA GLU A 37 -3.99 2.50 -15.23
C GLU A 37 -4.11 2.80 -13.74
N PHE A 38 -2.99 2.69 -13.03
CA PHE A 38 -2.96 2.94 -11.59
C PHE A 38 -3.01 4.44 -11.30
N GLN A 39 -2.37 5.22 -12.16
CA GLN A 39 -2.32 6.67 -11.98
C GLN A 39 -3.71 7.28 -12.17
N LEU A 40 -4.42 6.85 -13.21
CA LEU A 40 -5.75 7.37 -13.49
C LEU A 40 -6.76 6.90 -12.44
N LEU A 41 -6.73 5.62 -12.12
CA LEU A 41 -7.65 5.04 -11.13
C LEU A 41 -7.46 5.69 -9.76
N GLN A 42 -6.21 5.78 -9.31
CA GLN A 42 -5.91 6.36 -8.01
C GLN A 42 -6.45 7.78 -7.87
N ARG A 43 -6.10 8.63 -8.82
CA ARG A 43 -6.55 10.03 -8.80
C ARG A 43 -8.06 10.12 -8.98
N ASN A 44 -8.62 9.19 -9.75
CA ASN A 44 -10.06 9.18 -10.01
C ASN A 44 -10.85 9.05 -8.71
N PHE A 45 -10.45 8.10 -7.86
CA PHE A 45 -11.12 7.87 -6.59
C PHE A 45 -10.72 8.93 -5.56
N MET A 46 -9.43 9.28 -5.55
CA MET A 46 -8.93 10.29 -4.61
C MET A 46 -9.69 11.59 -4.76
N ASP A 47 -10.25 11.82 -5.95
CA ASP A 47 -11.01 13.04 -6.22
C ASP A 47 -12.29 13.07 -5.38
N LYS A 48 -12.83 11.88 -5.11
CA LYS A 48 -14.04 11.78 -4.31
C LYS A 48 -13.75 11.73 -2.82
N TYR A 49 -12.71 10.98 -2.45
CA TYR A 49 -12.31 10.84 -1.05
C TYR A 49 -11.97 12.19 -0.43
N TYR A 50 -11.12 12.96 -1.11
CA TYR A 50 -10.70 14.26 -0.58
C TYR A 50 -11.87 15.25 -0.53
N LEU A 51 -12.94 14.95 -1.26
CA LEU A 51 -14.12 15.82 -1.27
C LEU A 51 -14.95 15.65 -0.01
N GLU A 52 -15.30 14.40 0.30
CA GLU A 52 -16.09 14.10 1.48
C GLU A 52 -15.29 14.36 2.75
N PHE A 53 -14.01 14.04 2.69
CA PHE A 53 -13.12 14.24 3.84
C PHE A 53 -12.89 15.73 4.09
N GLU A 54 -13.73 16.32 4.95
CA GLU A 54 -13.62 17.72 5.28
C GLU A 54 -13.01 17.90 6.67
N ASP A 55 -12.12 18.87 6.80
CA ASP A 55 -11.46 19.15 8.07
C ASP A 55 -12.45 19.77 9.06
N THR A 56 -12.89 18.97 10.03
CA THR A 56 -13.82 19.44 11.04
C THR A 56 -13.32 19.13 12.45
N GLU A 57 -14.02 19.64 13.45
CA GLU A 57 -13.66 19.42 14.84
C GLU A 57 -14.47 18.28 15.45
N GLU A 58 -15.30 17.64 14.62
CA GLU A 58 -16.14 16.54 15.07
C GLU A 58 -15.75 15.24 14.39
N ASN A 59 -16.07 14.13 15.04
CA ASN A 59 -15.77 12.80 14.50
C ASN A 59 -17.00 12.17 13.88
N LYS A 60 -17.04 12.13 12.55
CA LYS A 60 -18.17 11.55 11.83
C LYS A 60 -18.01 10.04 11.67
N LEU A 61 -19.13 9.33 11.68
CA LEU A 61 -19.11 7.87 11.54
C LEU A 61 -18.96 7.48 10.07
N ILE A 62 -19.05 8.47 9.19
CA ILE A 62 -18.93 8.23 7.75
C ILE A 62 -17.52 7.77 7.37
N TYR A 63 -16.57 7.96 8.28
CA TYR A 63 -15.19 7.57 8.04
C TYR A 63 -15.04 6.05 8.03
N THR A 64 -16.01 5.35 8.61
CA THR A 64 -15.97 3.89 8.67
C THR A 64 -16.29 3.27 7.29
N PRO A 65 -17.42 3.63 6.66
CA PRO A 65 -17.78 3.10 5.35
C PRO A 65 -16.78 3.50 4.27
N ILE A 66 -16.37 4.76 4.30
CA ILE A 66 -15.40 5.28 3.33
C ILE A 66 -14.12 4.47 3.37
N PHE A 67 -13.60 4.25 4.58
CA PHE A 67 -12.37 3.50 4.76
C PHE A 67 -12.50 2.11 4.14
N ASN A 68 -13.64 1.47 4.37
CA ASN A 68 -13.90 0.13 3.83
C ASN A 68 -13.81 0.14 2.31
N GLU A 69 -14.22 1.25 1.70
CA GLU A 69 -14.19 1.37 0.25
C GLU A 69 -12.75 1.40 -0.27
N TYR A 70 -11.89 2.08 0.48
CA TYR A 70 -10.48 2.19 0.12
C TYR A 70 -9.78 0.83 0.21
N ILE A 71 -10.18 0.05 1.21
CA ILE A 71 -9.60 -1.28 1.42
C ILE A 71 -10.11 -2.27 0.38
N SER A 72 -11.32 -2.05 -0.11
CA SER A 72 -11.92 -2.93 -1.10
C SER A 72 -11.50 -2.54 -2.52
N LEU A 73 -11.22 -1.25 -2.71
CA LEU A 73 -10.82 -0.75 -4.02
C LEU A 73 -9.30 -0.80 -4.22
N VAL A 74 -8.58 -0.06 -3.39
CA VAL A 74 -7.12 0.03 -3.49
C VAL A 74 -6.40 -1.23 -3.00
N GLU A 75 -6.59 -1.56 -1.72
CA GLU A 75 -5.92 -2.72 -1.14
C GLU A 75 -6.17 -3.97 -1.97
N LYS A 76 -7.39 -4.14 -2.45
CA LYS A 76 -7.73 -5.30 -3.26
C LYS A 76 -7.11 -5.20 -4.64
N TYR A 77 -6.95 -3.96 -5.12
CA TYR A 77 -6.34 -3.74 -6.44
C TYR A 77 -4.92 -4.26 -6.48
N ILE A 78 -4.16 -4.00 -5.41
CA ILE A 78 -2.77 -4.46 -5.33
C ILE A 78 -2.71 -5.98 -5.24
N GLU A 79 -3.50 -6.55 -4.35
CA GLU A 79 -3.54 -8.00 -4.16
C GLU A 79 -3.85 -8.73 -5.46
N GLU A 80 -4.91 -8.29 -6.14
CA GLU A 80 -5.33 -8.91 -7.40
C GLU A 80 -4.22 -8.88 -8.44
N GLN A 81 -3.66 -7.69 -8.67
CA GLN A 81 -2.59 -7.52 -9.67
C GLN A 81 -1.40 -8.42 -9.36
N LEU A 82 -1.17 -8.70 -8.08
CA LEU A 82 -0.05 -9.55 -7.68
C LEU A 82 -0.37 -11.02 -7.91
N LEU A 83 -1.64 -11.39 -7.70
CA LEU A 83 -2.07 -12.77 -7.90
C LEU A 83 -2.04 -13.15 -9.37
N GLN A 84 -2.11 -12.15 -10.24
CA GLN A 84 -2.10 -12.37 -11.67
C GLN A 84 -0.85 -13.15 -12.10
N ARG A 85 0.19 -13.07 -11.27
CA ARG A 85 1.45 -13.76 -11.56
C ARG A 85 1.84 -14.70 -10.42
N ILE A 86 1.35 -14.39 -9.22
CA ILE A 86 1.65 -15.21 -8.05
C ILE A 86 0.38 -15.53 -7.26
N PRO A 87 -0.35 -16.58 -7.67
CA PRO A 87 -1.60 -16.98 -6.99
C PRO A 87 -1.35 -17.54 -5.60
N GLU A 88 -0.08 -17.73 -5.27
CA GLU A 88 0.31 -18.26 -3.97
C GLU A 88 1.03 -17.20 -3.15
N PHE A 89 0.88 -15.95 -3.56
CA PHE A 89 1.52 -14.83 -2.88
C PHE A 89 0.96 -14.65 -1.47
N ASN A 90 1.81 -14.19 -0.56
CA ASN A 90 1.43 -13.95 0.82
C ASN A 90 1.50 -12.47 1.14
N MET A 91 0.39 -11.76 0.93
CA MET A 91 0.33 -10.33 1.19
C MET A 91 0.46 -10.03 2.68
N ALA A 92 0.02 -10.96 3.51
CA ALA A 92 0.09 -10.79 4.96
C ALA A 92 1.52 -10.93 5.46
N ALA A 93 2.23 -11.94 4.97
CA ALA A 93 3.60 -12.18 5.37
C ALA A 93 4.56 -11.14 4.80
N PHE A 94 4.25 -10.64 3.62
CA PHE A 94 5.09 -9.62 2.97
C PHE A 94 5.00 -8.30 3.71
N THR A 95 3.79 -7.90 4.07
CA THR A 95 3.57 -6.65 4.79
C THR A 95 4.26 -6.64 6.14
N THR A 96 4.09 -7.71 6.90
CA THR A 96 4.70 -7.83 8.22
C THR A 96 6.22 -7.65 8.14
N THR A 97 6.84 -8.39 7.23
CA THR A 97 8.29 -8.32 7.05
C THR A 97 8.69 -6.96 6.48
N LEU A 98 7.80 -6.34 5.71
CA LEU A 98 8.05 -5.05 5.11
C LEU A 98 8.27 -3.98 6.18
N GLN A 99 7.52 -4.09 7.27
CA GLN A 99 7.62 -3.13 8.36
C GLN A 99 9.06 -2.94 8.81
N HIS A 100 9.76 -4.05 8.99
CA HIS A 100 11.16 -4.02 9.41
C HIS A 100 12.05 -3.65 8.24
N HIS A 101 11.73 -4.19 7.07
CA HIS A 101 12.51 -3.93 5.86
C HIS A 101 12.36 -2.48 5.42
N LYS A 102 11.52 -1.74 6.13
CA LYS A 102 11.30 -0.33 5.81
C LYS A 102 12.59 0.46 5.93
N ASP A 103 13.55 -0.09 6.69
CA ASP A 103 14.84 0.57 6.88
C ASP A 103 15.71 0.44 5.64
N GLU A 104 15.45 -0.58 4.84
CA GLU A 104 16.22 -0.81 3.62
C GLU A 104 15.48 -0.27 2.39
N VAL A 105 14.28 -0.78 2.15
CA VAL A 105 13.48 -0.35 1.01
C VAL A 105 13.14 1.13 1.12
N ALA A 106 12.87 1.77 -0.02
CA ALA A 106 12.53 3.18 -0.04
C ALA A 106 11.31 3.47 0.84
N GLY A 107 11.56 4.10 1.98
CA GLY A 107 10.48 4.42 2.91
C GLY A 107 9.48 5.38 2.29
N ASP A 108 9.97 6.26 1.42
CA ASP A 108 9.11 7.24 0.76
C ASP A 108 8.02 6.55 -0.05
N ILE A 109 8.36 5.43 -0.67
CA ILE A 109 7.41 4.68 -1.48
C ILE A 109 6.40 3.94 -0.59
N PHE A 110 6.89 3.24 0.42
CA PHE A 110 6.01 2.50 1.32
C PHE A 110 5.09 3.45 2.08
N ASP A 111 5.55 4.69 2.30
CA ASP A 111 4.76 5.69 3.01
C ASP A 111 3.35 5.79 2.45
N MET A 112 3.23 5.57 1.14
CA MET A 112 1.94 5.63 0.47
C MET A 112 1.10 4.40 0.86
N LEU A 113 1.74 3.24 0.86
CA LEU A 113 1.09 1.99 1.22
C LEU A 113 0.67 1.99 2.68
N LEU A 114 1.34 2.80 3.49
CA LEU A 114 1.04 2.88 4.92
C LEU A 114 -0.45 3.08 5.14
N THR A 115 -1.12 3.67 4.16
CA THR A 115 -2.56 3.92 4.24
C THR A 115 -3.34 2.64 4.49
N PHE A 116 -2.65 1.50 4.56
CA PHE A 116 -3.30 0.21 4.79
C PHE A 116 -3.96 0.17 6.17
N THR A 117 -3.45 1.00 7.09
CA THR A 117 -4.01 1.05 8.45
C THR A 117 -3.61 2.34 9.16
N ASP A 118 -2.58 3.01 8.64
CA ASP A 118 -2.10 4.25 9.22
C ASP A 118 -3.07 5.39 8.97
N PHE A 119 -4.12 5.47 9.79
CA PHE A 119 -5.14 6.50 9.65
C PHE A 119 -4.51 7.90 9.68
N LEU A 120 -3.45 8.05 10.45
CA LEU A 120 -2.77 9.33 10.56
C LEU A 120 -2.21 9.77 9.20
N ALA A 121 -1.61 8.83 8.48
CA ALA A 121 -1.04 9.12 7.17
C ALA A 121 -2.13 9.24 6.11
N PHE A 122 -3.25 8.57 6.35
CA PHE A 122 -4.37 8.59 5.41
C PHE A 122 -5.01 9.98 5.35
N LYS A 123 -5.41 10.49 6.52
CA LYS A 123 -6.04 11.79 6.60
C LYS A 123 -5.07 12.90 6.24
N GLU A 124 -3.81 12.74 6.64
CA GLU A 124 -2.78 13.73 6.37
C GLU A 124 -2.44 13.76 4.88
N MET A 125 -2.61 12.63 4.20
CA MET A 125 -2.32 12.53 2.78
C MET A 125 -3.33 13.30 1.95
N PHE A 126 -4.62 13.10 2.24
CA PHE A 126 -5.69 13.77 1.51
C PHE A 126 -5.75 15.26 1.85
N LEU A 127 -5.55 15.58 3.13
CA LEU A 127 -5.59 16.97 3.58
C LEU A 127 -4.46 17.77 2.93
N ASP A 128 -3.27 17.17 2.88
CA ASP A 128 -2.12 17.82 2.29
C ASP A 128 -2.31 18.01 0.79
N TYR A 129 -2.85 16.98 0.14
CA TYR A 129 -3.08 17.03 -1.30
C TYR A 129 -4.00 18.20 -1.66
N ARG A 130 -5.05 18.38 -0.86
CA ARG A 130 -5.99 19.47 -1.09
C ARG A 130 -5.31 20.82 -0.88
N ALA A 131 -4.37 20.87 0.05
CA ALA A 131 -3.65 22.09 0.36
C ALA A 131 -2.85 22.56 -0.85
N GLU A 132 -2.30 21.62 -1.61
CA GLU A 132 -1.51 21.94 -2.79
C GLU A 132 -2.37 22.65 -3.84
N LYS A 133 -3.66 22.34 -3.84
CA LYS A 133 -4.59 22.96 -4.79
C LYS A 133 -4.65 24.46 -4.59
N GLU A 134 -4.61 24.89 -3.33
CA GLU A 134 -4.66 26.30 -2.99
C GLU A 134 -3.26 26.85 -2.76
N GLY A 135 -2.25 26.01 -2.97
CA GLY A 135 -0.87 26.43 -2.78
C GLY A 135 -0.38 27.34 -3.89
N ARG A 136 -0.96 27.20 -5.08
CA ARG A 136 -0.58 28.01 -6.22
C ARG A 136 -1.37 29.31 -6.25
N GLY A 137 -0.73 30.39 -5.83
CA GLY A 137 -1.38 31.69 -5.81
C GLY A 137 -0.42 32.83 -5.58
N MET A 2 9.14 -35.10 9.87
CA MET A 2 8.74 -36.51 10.12
C MET A 2 8.49 -36.73 11.61
N ASP A 3 9.36 -36.19 12.44
CA ASP A 3 9.23 -36.32 13.90
C ASP A 3 8.59 -35.08 14.49
N ALA A 4 9.28 -33.94 14.36
CA ALA A 4 8.79 -32.68 14.89
C ALA A 4 9.00 -31.56 13.89
N LEU A 5 8.02 -30.67 13.78
CA LEU A 5 8.09 -29.55 12.85
C LEU A 5 9.05 -28.48 13.35
N GLU A 6 9.47 -28.61 14.60
CA GLU A 6 10.39 -27.64 15.19
C GLU A 6 11.38 -28.33 16.13
N GLY A 7 11.44 -29.65 16.04
CA GLY A 7 12.35 -30.42 16.88
C GLY A 7 13.80 -29.99 16.71
N GLU A 8 14.28 -29.16 17.64
CA GLU A 8 15.64 -28.66 17.59
C GLU A 8 15.93 -27.94 16.28
N SER A 9 15.22 -26.83 16.06
CA SER A 9 15.39 -26.04 14.85
C SER A 9 15.03 -24.58 15.09
N PHE A 10 16.01 -23.70 14.90
CA PHE A 10 15.80 -22.27 15.10
C PHE A 10 15.05 -21.66 13.92
N ALA A 11 15.56 -21.89 12.71
CA ALA A 11 14.95 -21.36 11.50
C ALA A 11 15.26 -22.25 10.30
N LEU A 12 14.22 -22.63 9.56
CA LEU A 12 14.39 -23.47 8.39
C LEU A 12 13.62 -22.91 7.20
N SER A 13 14.12 -23.16 5.99
CA SER A 13 13.47 -22.69 4.77
C SER A 13 13.30 -21.16 4.80
N PHE A 14 12.57 -20.64 3.83
CA PHE A 14 12.32 -19.20 3.74
C PHE A 14 13.63 -18.43 3.63
N SER A 15 14.02 -18.10 2.41
CA SER A 15 15.27 -17.36 2.17
C SER A 15 15.04 -16.23 1.18
N SER A 16 14.26 -16.51 0.14
CA SER A 16 13.97 -15.52 -0.89
C SER A 16 12.94 -14.51 -0.40
N ALA A 17 12.04 -14.96 0.48
CA ALA A 17 11.00 -14.10 1.02
C ALA A 17 11.59 -12.90 1.75
N SER A 18 12.89 -12.94 2.01
CA SER A 18 13.57 -11.86 2.70
C SER A 18 14.82 -11.42 1.94
N ASP A 19 14.85 -11.69 0.63
CA ASP A 19 15.99 -11.32 -0.20
C ASP A 19 15.61 -11.22 -1.67
N ALA A 20 15.67 -12.35 -2.37
CA ALA A 20 15.34 -12.40 -3.79
C ALA A 20 13.86 -12.12 -4.05
N GLU A 21 12.99 -12.91 -3.44
CA GLU A 21 11.55 -12.75 -3.63
C GLU A 21 11.10 -11.37 -3.17
N PHE A 22 11.64 -10.91 -2.05
CA PHE A 22 11.28 -9.61 -1.51
C PHE A 22 11.58 -8.49 -2.50
N ASP A 23 12.82 -8.45 -2.98
CA ASP A 23 13.23 -7.44 -3.94
C ASP A 23 12.38 -7.50 -5.20
N ALA A 24 12.00 -8.71 -5.59
CA ALA A 24 11.17 -8.91 -6.78
C ALA A 24 9.83 -8.21 -6.61
N VAL A 25 9.20 -8.41 -5.46
CA VAL A 25 7.91 -7.80 -5.16
C VAL A 25 8.00 -6.27 -5.27
N VAL A 26 9.09 -5.70 -4.77
CA VAL A 26 9.30 -4.26 -4.81
C VAL A 26 9.23 -3.75 -6.25
N GLY A 27 9.90 -4.45 -7.15
CA GLY A 27 9.90 -4.04 -8.55
C GLY A 27 8.50 -4.02 -9.13
N TYR A 28 7.74 -5.07 -8.88
CA TYR A 28 6.36 -5.17 -9.38
C TYR A 28 5.52 -4.02 -8.84
N LEU A 29 5.71 -3.69 -7.57
CA LEU A 29 4.97 -2.61 -6.94
C LEU A 29 5.20 -1.29 -7.68
N GLU A 30 6.45 -1.04 -8.05
CA GLU A 30 6.80 0.18 -8.77
C GLU A 30 6.02 0.30 -10.07
N ASP A 31 6.00 -0.79 -10.83
CA ASP A 31 5.29 -0.82 -12.11
C ASP A 31 3.81 -0.47 -11.92
N ILE A 32 3.26 -0.85 -10.77
CA ILE A 32 1.86 -0.58 -10.47
C ILE A 32 1.66 0.88 -10.06
N ILE A 33 2.60 1.41 -9.31
CA ILE A 33 2.53 2.80 -8.86
C ILE A 33 2.53 3.77 -10.04
N MET A 34 3.18 3.37 -11.12
CA MET A 34 3.27 4.20 -12.32
C MET A 34 2.40 3.65 -13.44
N ASP A 35 1.53 2.69 -13.10
CA ASP A 35 0.65 2.08 -14.09
C ASP A 35 -0.48 3.05 -14.47
N ASP A 36 -0.81 3.05 -15.76
CA ASP A 36 -1.86 3.93 -16.27
C ASP A 36 -3.19 3.68 -15.56
N GLU A 37 -3.58 2.41 -15.48
CA GLU A 37 -4.83 2.03 -14.83
C GLU A 37 -4.84 2.47 -13.37
N PHE A 38 -3.65 2.60 -12.78
CA PHE A 38 -3.53 3.01 -11.39
C PHE A 38 -3.82 4.50 -11.23
N GLN A 39 -3.20 5.31 -12.08
CA GLN A 39 -3.39 6.76 -12.04
C GLN A 39 -4.83 7.14 -12.32
N LEU A 40 -5.47 6.38 -13.21
CA LEU A 40 -6.86 6.64 -13.58
C LEU A 40 -7.79 6.34 -12.41
N LEU A 41 -7.62 5.17 -11.81
CA LEU A 41 -8.43 4.75 -10.68
C LEU A 41 -8.11 5.57 -9.44
N GLN A 42 -6.88 6.08 -9.36
CA GLN A 42 -6.44 6.87 -8.22
C GLN A 42 -7.10 8.26 -8.23
N ARG A 43 -6.97 8.96 -9.34
CA ARG A 43 -7.55 10.30 -9.47
C ARG A 43 -9.07 10.26 -9.43
N ASN A 44 -9.65 9.20 -9.99
CA ASN A 44 -11.10 9.06 -10.03
C ASN A 44 -11.70 8.92 -8.63
N PHE A 45 -11.11 8.05 -7.82
CA PHE A 45 -11.60 7.82 -6.47
C PHE A 45 -11.17 8.93 -5.50
N MET A 46 -9.89 9.28 -5.51
CA MET A 46 -9.38 10.32 -4.64
C MET A 46 -10.11 11.64 -4.85
N ASP A 47 -10.65 11.83 -6.05
CA ASP A 47 -11.38 13.05 -6.37
C ASP A 47 -12.54 13.27 -5.40
N LYS A 48 -13.12 12.17 -4.92
CA LYS A 48 -14.23 12.23 -3.99
C LYS A 48 -13.76 12.10 -2.55
N TYR A 49 -12.77 11.23 -2.34
CA TYR A 49 -12.21 10.99 -1.02
C TYR A 49 -11.77 12.29 -0.34
N TYR A 50 -10.95 13.06 -1.04
CA TYR A 50 -10.44 14.32 -0.50
C TYR A 50 -11.58 15.29 -0.19
N LEU A 51 -12.74 15.06 -0.80
CA LEU A 51 -13.90 15.92 -0.59
C LEU A 51 -14.62 15.55 0.71
N GLU A 52 -14.76 14.26 0.95
CA GLU A 52 -15.44 13.77 2.14
C GLU A 52 -14.57 13.97 3.38
N PHE A 53 -13.25 13.88 3.19
CA PHE A 53 -12.31 14.05 4.29
C PHE A 53 -12.04 15.52 4.56
N GLU A 54 -12.93 16.16 5.32
CA GLU A 54 -12.78 17.57 5.66
C GLU A 54 -11.98 17.74 6.95
N ASP A 55 -11.10 18.73 6.97
CA ASP A 55 -10.28 18.99 8.14
C ASP A 55 -11.12 19.56 9.27
N THR A 56 -11.60 18.68 10.13
CA THR A 56 -12.42 19.08 11.27
C THR A 56 -11.97 18.39 12.56
N GLU A 57 -12.49 18.85 13.68
CA GLU A 57 -12.14 18.28 14.98
C GLU A 57 -13.12 17.18 15.37
N GLU A 58 -14.26 17.15 14.68
CA GLU A 58 -15.29 16.15 14.95
C GLU A 58 -15.20 15.00 13.95
N ASN A 59 -15.20 13.78 14.45
CA ASN A 59 -15.12 12.59 13.60
C ASN A 59 -16.51 12.08 13.24
N LYS A 60 -16.73 11.81 11.96
CA LYS A 60 -18.02 11.31 11.49
C LYS A 60 -17.99 9.80 11.32
N LEU A 61 -19.16 9.19 11.23
CA LEU A 61 -19.27 7.75 11.06
C LEU A 61 -19.05 7.36 9.60
N ILE A 62 -19.13 8.34 8.71
CA ILE A 62 -18.94 8.11 7.28
C ILE A 62 -17.50 7.68 6.98
N TYR A 63 -16.62 7.86 7.96
CA TYR A 63 -15.22 7.49 7.80
C TYR A 63 -15.02 5.98 7.77
N THR A 64 -15.98 5.25 8.34
CA THR A 64 -15.89 3.79 8.36
C THR A 64 -16.20 3.19 6.98
N PRO A 65 -17.35 3.53 6.37
CA PRO A 65 -17.71 3.02 5.05
C PRO A 65 -16.67 3.38 3.99
N ILE A 66 -16.24 4.63 3.98
CA ILE A 66 -15.25 5.10 3.02
C ILE A 66 -13.94 4.33 3.17
N PHE A 67 -13.52 4.12 4.41
CA PHE A 67 -12.27 3.40 4.68
C PHE A 67 -12.35 1.98 4.14
N ASN A 68 -13.48 1.31 4.37
CA ASN A 68 -13.67 -0.05 3.90
C ASN A 68 -13.56 -0.12 2.38
N GLU A 69 -13.99 0.94 1.71
CA GLU A 69 -13.94 0.99 0.25
C GLU A 69 -12.50 1.07 -0.24
N TYR A 70 -11.66 1.79 0.50
CA TYR A 70 -10.25 1.94 0.14
C TYR A 70 -9.49 0.64 0.36
N ILE A 71 -9.81 -0.03 1.46
CA ILE A 71 -9.16 -1.30 1.81
C ILE A 71 -9.65 -2.44 0.92
N SER A 72 -10.88 -2.34 0.45
CA SER A 72 -11.45 -3.38 -0.41
C SER A 72 -11.09 -3.16 -1.87
N LEU A 73 -10.99 -1.90 -2.29
CA LEU A 73 -10.66 -1.58 -3.68
C LEU A 73 -9.14 -1.47 -3.92
N VAL A 74 -8.51 -0.52 -3.23
CA VAL A 74 -7.08 -0.26 -3.40
C VAL A 74 -6.22 -1.43 -2.91
N GLU A 75 -6.36 -1.79 -1.64
CA GLU A 75 -5.55 -2.88 -1.07
C GLU A 75 -5.65 -4.14 -1.94
N LYS A 76 -6.86 -4.45 -2.38
CA LYS A 76 -7.08 -5.63 -3.21
C LYS A 76 -6.57 -5.40 -4.63
N TYR A 77 -6.50 -4.13 -5.04
CA TYR A 77 -6.02 -3.79 -6.38
C TYR A 77 -4.57 -4.22 -6.53
N ILE A 78 -3.75 -3.89 -5.53
CA ILE A 78 -2.33 -4.24 -5.54
C ILE A 78 -2.14 -5.75 -5.36
N GLU A 79 -2.95 -6.34 -4.49
CA GLU A 79 -2.86 -7.78 -4.22
C GLU A 79 -3.15 -8.60 -5.48
N GLU A 80 -4.26 -8.29 -6.14
CA GLU A 80 -4.65 -9.00 -7.35
C GLU A 80 -3.60 -8.91 -8.45
N GLN A 81 -3.11 -7.69 -8.70
CA GLN A 81 -2.10 -7.47 -9.72
C GLN A 81 -0.85 -8.29 -9.46
N LEU A 82 -0.46 -8.40 -8.19
CA LEU A 82 0.72 -9.16 -7.81
C LEU A 82 0.46 -10.66 -7.98
N LEU A 83 -0.77 -11.07 -7.75
CA LEU A 83 -1.15 -12.47 -7.89
C LEU A 83 -1.09 -12.92 -9.34
N GLN A 84 -1.28 -11.97 -10.25
CA GLN A 84 -1.26 -12.26 -11.68
C GLN A 84 0.08 -12.85 -12.10
N ARG A 85 1.12 -12.57 -11.31
CA ARG A 85 2.46 -13.07 -11.60
C ARG A 85 2.94 -14.03 -10.51
N ILE A 86 2.32 -13.93 -9.34
CA ILE A 86 2.69 -14.79 -8.21
C ILE A 86 1.45 -15.37 -7.54
N PRO A 87 1.03 -16.58 -7.93
CA PRO A 87 -0.15 -17.24 -7.35
C PRO A 87 0.09 -17.71 -5.92
N GLU A 88 1.31 -17.49 -5.44
CA GLU A 88 1.67 -17.89 -4.08
C GLU A 88 1.96 -16.67 -3.22
N PHE A 89 1.55 -15.49 -3.70
CA PHE A 89 1.76 -14.26 -2.96
C PHE A 89 0.65 -14.03 -1.93
N ASN A 90 1.05 -13.60 -0.74
CA ASN A 90 0.11 -13.34 0.34
C ASN A 90 0.30 -11.92 0.87
N MET A 91 -0.60 -11.02 0.46
CA MET A 91 -0.52 -9.63 0.87
C MET A 91 -0.43 -9.47 2.39
N ALA A 92 -1.29 -10.18 3.11
CA ALA A 92 -1.31 -10.12 4.57
C ALA A 92 0.08 -10.37 5.16
N ALA A 93 0.65 -11.53 4.85
CA ALA A 93 1.97 -11.91 5.35
C ALA A 93 3.05 -10.97 4.84
N PHE A 94 2.82 -10.40 3.66
CA PHE A 94 3.79 -9.48 3.06
C PHE A 94 3.94 -8.21 3.90
N THR A 95 2.80 -7.62 4.28
CA THR A 95 2.81 -6.40 5.07
C THR A 95 3.42 -6.63 6.44
N THR A 96 3.12 -7.78 7.05
CA THR A 96 3.65 -8.12 8.36
C THR A 96 5.18 -8.07 8.36
N THR A 97 5.79 -8.73 7.37
CA THR A 97 7.23 -8.78 7.24
C THR A 97 7.78 -7.42 6.78
N LEU A 98 6.97 -6.70 6.02
CA LEU A 98 7.36 -5.40 5.50
C LEU A 98 7.65 -4.43 6.64
N GLN A 99 6.87 -4.53 7.71
CA GLN A 99 7.04 -3.65 8.86
C GLN A 99 8.50 -3.66 9.35
N HIS A 100 9.12 -4.82 9.32
CA HIS A 100 10.51 -4.95 9.73
C HIS A 100 11.44 -4.51 8.62
N HIS A 101 11.09 -4.90 7.40
CA HIS A 101 11.89 -4.56 6.23
C HIS A 101 11.77 -3.07 5.90
N LYS A 102 10.97 -2.37 6.68
CA LYS A 102 10.77 -0.94 6.48
C LYS A 102 12.07 -0.19 6.76
N ASP A 103 12.96 -0.83 7.51
CA ASP A 103 14.25 -0.23 7.84
C ASP A 103 15.23 -0.36 6.69
N GLU A 104 14.82 -1.10 5.65
CA GLU A 104 15.68 -1.31 4.49
C GLU A 104 15.07 -0.67 3.24
N VAL A 105 13.88 -1.11 2.86
CA VAL A 105 13.20 -0.57 1.69
C VAL A 105 12.99 0.93 1.82
N ALA A 106 12.86 1.61 0.68
CA ALA A 106 12.66 3.04 0.66
C ALA A 106 11.41 3.43 1.46
N GLY A 107 11.62 4.02 2.62
CA GLY A 107 10.50 4.43 3.47
C GLY A 107 9.58 5.41 2.77
N ASP A 108 10.14 6.21 1.88
CA ASP A 108 9.36 7.21 1.15
C ASP A 108 8.29 6.55 0.28
N ILE A 109 8.67 5.49 -0.42
CA ILE A 109 7.74 4.78 -1.30
C ILE A 109 6.64 4.09 -0.49
N PHE A 110 7.05 3.32 0.52
CA PHE A 110 6.10 2.60 1.35
C PHE A 110 5.23 3.56 2.15
N ASP A 111 5.78 4.74 2.46
CA ASP A 111 5.04 5.74 3.24
C ASP A 111 3.64 5.95 2.67
N MET A 112 3.50 5.74 1.37
CA MET A 112 2.20 5.89 0.72
C MET A 112 1.28 4.74 1.11
N LEU A 113 1.78 3.52 0.94
CA LEU A 113 1.04 2.32 1.27
C LEU A 113 0.82 2.22 2.78
N LEU A 114 1.67 2.89 3.54
CA LEU A 114 1.59 2.88 5.00
C LEU A 114 0.18 3.24 5.46
N THR A 115 -0.54 4.00 4.64
CA THR A 115 -1.90 4.40 4.97
C THR A 115 -2.82 3.20 5.18
N PHE A 116 -2.28 1.99 5.00
CA PHE A 116 -3.06 0.77 5.17
C PHE A 116 -3.49 0.62 6.63
N THR A 117 -2.72 1.20 7.54
CA THR A 117 -3.03 1.13 8.97
C THR A 117 -2.92 2.49 9.64
N ASP A 118 -1.90 3.25 9.24
CA ASP A 118 -1.68 4.58 9.81
C ASP A 118 -2.78 5.55 9.39
N PHE A 119 -3.81 5.65 10.21
CA PHE A 119 -4.94 6.54 9.93
C PHE A 119 -4.47 7.99 9.86
N LEU A 120 -3.46 8.32 10.65
CA LEU A 120 -2.92 9.67 10.68
C LEU A 120 -2.33 10.05 9.32
N ALA A 121 -1.74 9.08 8.64
CA ALA A 121 -1.14 9.32 7.34
C ALA A 121 -2.20 9.42 6.25
N PHE A 122 -3.28 8.65 6.42
CA PHE A 122 -4.37 8.65 5.44
C PHE A 122 -5.03 10.03 5.35
N LYS A 123 -5.46 10.54 6.50
CA LYS A 123 -6.13 11.84 6.56
C LYS A 123 -5.18 12.95 6.11
N GLU A 124 -3.97 12.96 6.69
CA GLU A 124 -2.97 13.96 6.36
C GLU A 124 -2.62 13.93 4.88
N MET A 125 -2.75 12.75 4.28
CA MET A 125 -2.44 12.59 2.86
C MET A 125 -3.43 13.37 1.99
N PHE A 126 -4.73 13.22 2.30
CA PHE A 126 -5.76 13.92 1.54
C PHE A 126 -5.67 15.43 1.74
N LEU A 127 -5.46 15.86 2.98
CA LEU A 127 -5.35 17.28 3.29
C LEU A 127 -4.24 17.93 2.47
N ASP A 128 -3.08 17.28 2.42
CA ASP A 128 -1.94 17.79 1.67
C ASP A 128 -2.29 17.85 0.19
N TYR A 129 -3.02 16.85 -0.29
CA TYR A 129 -3.43 16.78 -1.68
C TYR A 129 -4.27 18.00 -2.05
N ARG A 130 -5.12 18.41 -1.11
CA ARG A 130 -5.99 19.57 -1.34
C ARG A 130 -5.15 20.84 -1.36
N ALA A 131 -4.05 20.84 -0.61
CA ALA A 131 -3.17 22.00 -0.55
C ALA A 131 -2.52 22.26 -1.90
N GLU A 132 -2.22 21.18 -2.62
CA GLU A 132 -1.61 21.29 -3.94
C GLU A 132 -2.60 21.83 -4.97
N LYS A 133 -3.89 21.73 -4.64
CA LYS A 133 -4.94 22.21 -5.52
C LYS A 133 -4.92 23.74 -5.62
N GLU A 134 -4.39 24.38 -4.58
CA GLU A 134 -4.30 25.83 -4.54
C GLU A 134 -3.11 26.33 -5.35
N GLY A 135 -2.36 25.39 -5.94
CA GLY A 135 -1.20 25.75 -6.73
C GLY A 135 -1.58 26.38 -8.05
N ARG A 136 -2.09 25.57 -8.98
CA ARG A 136 -2.50 26.07 -10.28
C ARG A 136 -3.80 26.86 -10.20
N GLY A 137 -3.76 28.10 -10.67
CA GLY A 137 -4.93 28.95 -10.62
C GLY A 137 -4.97 29.95 -11.76
N MET A 2 24.52 -1.44 -2.80
CA MET A 2 25.00 -2.81 -2.50
C MET A 2 26.50 -2.83 -2.27
N ASP A 3 27.22 -1.92 -2.92
CA ASP A 3 28.67 -1.84 -2.78
C ASP A 3 29.06 -0.78 -1.75
N ALA A 4 30.31 -0.84 -1.30
CA ALA A 4 30.83 0.12 -0.31
C ALA A 4 30.06 0.02 1.00
N LEU A 5 30.61 0.66 2.03
CA LEU A 5 29.98 0.65 3.36
C LEU A 5 29.79 -0.78 3.85
N GLU A 6 29.03 -0.93 4.93
CA GLU A 6 28.77 -2.25 5.51
C GLU A 6 27.85 -3.07 4.60
N GLY A 7 26.79 -2.43 4.11
CA GLY A 7 25.85 -3.11 3.24
C GLY A 7 24.51 -3.36 3.91
N GLU A 8 23.50 -3.65 3.11
CA GLU A 8 22.16 -3.92 3.62
C GLU A 8 21.80 -5.39 3.47
N SER A 9 22.74 -6.18 2.97
CA SER A 9 22.51 -7.61 2.77
C SER A 9 22.58 -8.36 4.10
N PHE A 10 23.22 -7.75 5.09
CA PHE A 10 23.35 -8.36 6.40
C PHE A 10 22.19 -7.98 7.30
N ALA A 11 21.61 -8.97 7.95
CA ALA A 11 20.48 -8.75 8.86
C ALA A 11 20.37 -9.85 9.89
N LEU A 12 21.45 -10.63 10.03
CA LEU A 12 21.49 -11.72 10.99
C LEU A 12 20.37 -12.74 10.71
N SER A 13 19.81 -12.67 9.51
CA SER A 13 18.74 -13.57 9.11
C SER A 13 18.64 -13.67 7.59
N PHE A 14 18.21 -14.83 7.10
CA PHE A 14 18.08 -15.04 5.67
C PHE A 14 17.07 -16.15 5.37
N SER A 15 16.23 -15.92 4.36
CA SER A 15 15.21 -16.90 3.97
C SER A 15 14.53 -16.47 2.67
N SER A 16 14.14 -15.21 2.59
CA SER A 16 13.48 -14.68 1.40
C SER A 16 13.64 -13.17 1.32
N ALA A 17 13.92 -12.54 2.46
CA ALA A 17 14.10 -11.10 2.53
C ALA A 17 15.34 -10.66 1.77
N SER A 18 16.50 -11.16 2.19
CA SER A 18 17.76 -10.82 1.54
C SER A 18 17.90 -11.54 0.21
N ASP A 19 16.88 -12.35 -0.12
CA ASP A 19 16.88 -13.10 -1.37
C ASP A 19 16.16 -12.33 -2.47
N ALA A 20 16.32 -12.80 -3.70
CA ALA A 20 15.71 -12.16 -4.86
C ALA A 20 14.19 -12.12 -4.74
N GLU A 21 13.64 -13.02 -3.92
CA GLU A 21 12.19 -13.10 -3.73
C GLU A 21 11.62 -11.77 -3.25
N PHE A 22 12.23 -11.19 -2.22
CA PHE A 22 11.77 -9.92 -1.67
C PHE A 22 11.95 -8.80 -2.70
N ASP A 23 13.15 -8.71 -3.26
CA ASP A 23 13.45 -7.68 -4.26
C ASP A 23 12.52 -7.80 -5.46
N ALA A 24 12.05 -9.01 -5.72
CA ALA A 24 11.15 -9.27 -6.84
C ALA A 24 9.81 -8.58 -6.63
N VAL A 25 9.19 -8.86 -5.49
CA VAL A 25 7.90 -8.26 -5.15
C VAL A 25 7.98 -6.73 -5.21
N VAL A 26 9.07 -6.19 -4.70
CA VAL A 26 9.28 -4.74 -4.70
C VAL A 26 9.28 -4.20 -6.13
N GLY A 27 9.86 -4.98 -7.04
CA GLY A 27 9.91 -4.57 -8.43
C GLY A 27 8.54 -4.43 -9.04
N TYR A 28 7.69 -5.43 -8.81
CA TYR A 28 6.33 -5.40 -9.33
C TYR A 28 5.56 -4.20 -8.79
N LEU A 29 5.78 -3.90 -7.51
CA LEU A 29 5.11 -2.76 -6.88
C LEU A 29 5.42 -1.46 -7.62
N GLU A 30 6.69 -1.27 -7.95
CA GLU A 30 7.12 -0.08 -8.67
C GLU A 30 6.42 0.05 -10.02
N ASP A 31 6.27 -1.08 -10.71
CA ASP A 31 5.61 -1.10 -12.00
C ASP A 31 4.15 -0.69 -11.88
N ILE A 32 3.53 -1.04 -10.76
CA ILE A 32 2.13 -0.71 -10.52
C ILE A 32 1.94 0.77 -10.21
N ILE A 33 2.87 1.34 -9.46
CA ILE A 33 2.81 2.75 -9.09
C ILE A 33 2.90 3.65 -10.32
N MET A 34 3.76 3.26 -11.26
CA MET A 34 3.95 4.03 -12.49
C MET A 34 2.97 3.60 -13.58
N ASP A 35 2.02 2.75 -13.22
CA ASP A 35 1.02 2.26 -14.16
C ASP A 35 -0.02 3.34 -14.46
N ASP A 36 -0.32 3.52 -15.74
CA ASP A 36 -1.29 4.52 -16.16
C ASP A 36 -2.66 4.25 -15.55
N GLU A 37 -3.14 3.01 -15.69
CA GLU A 37 -4.44 2.64 -15.16
C GLU A 37 -4.48 2.80 -13.64
N PHE A 38 -3.31 2.79 -13.02
CA PHE A 38 -3.21 2.95 -11.57
C PHE A 38 -3.38 4.40 -11.16
N GLN A 39 -2.71 5.30 -11.87
CA GLN A 39 -2.78 6.73 -11.57
C GLN A 39 -4.16 7.29 -11.90
N LEU A 40 -4.78 6.76 -12.95
CA LEU A 40 -6.10 7.21 -13.36
C LEU A 40 -7.15 6.80 -12.33
N LEU A 41 -7.19 5.52 -12.00
CA LEU A 41 -8.15 5.01 -11.02
C LEU A 41 -7.93 5.66 -9.66
N GLN A 42 -6.68 5.89 -9.30
CA GLN A 42 -6.36 6.50 -8.01
C GLN A 42 -6.97 7.89 -7.89
N ARG A 43 -6.68 8.74 -8.88
CA ARG A 43 -7.20 10.11 -8.89
C ARG A 43 -8.73 10.12 -8.97
N ASN A 44 -9.28 9.13 -9.68
CA ASN A 44 -10.73 9.04 -9.85
C ASN A 44 -11.45 8.93 -8.51
N PHE A 45 -10.99 8.02 -7.66
CA PHE A 45 -11.60 7.81 -6.36
C PHE A 45 -11.18 8.89 -5.36
N MET A 46 -9.90 9.28 -5.42
CA MET A 46 -9.38 10.31 -4.53
C MET A 46 -10.15 11.62 -4.69
N ASP A 47 -10.76 11.80 -5.86
CA ASP A 47 -11.52 13.01 -6.14
C ASP A 47 -12.74 13.11 -5.22
N LYS A 48 -13.28 11.97 -4.83
CA LYS A 48 -14.43 11.92 -3.95
C LYS A 48 -14.02 11.79 -2.50
N TYR A 49 -13.06 10.90 -2.24
CA TYR A 49 -12.56 10.65 -0.90
C TYR A 49 -12.09 11.94 -0.23
N TYR A 50 -11.29 12.72 -0.94
CA TYR A 50 -10.76 13.98 -0.39
C TYR A 50 -11.88 14.99 -0.12
N LEU A 51 -13.03 14.79 -0.77
CA LEU A 51 -14.17 15.69 -0.59
C LEU A 51 -14.86 15.43 0.74
N GLU A 52 -15.15 14.17 1.03
CA GLU A 52 -15.82 13.79 2.27
C GLU A 52 -14.97 14.16 3.48
N PHE A 53 -13.66 13.98 3.35
CA PHE A 53 -12.73 14.29 4.43
C PHE A 53 -12.47 15.80 4.50
N GLU A 54 -13.35 16.51 5.20
CA GLU A 54 -13.21 17.95 5.35
C GLU A 54 -12.42 18.30 6.61
N ASP A 55 -11.54 19.30 6.50
CA ASP A 55 -10.73 19.71 7.63
C ASP A 55 -11.58 20.35 8.72
N THR A 56 -12.01 19.53 9.67
CA THR A 56 -12.83 20.00 10.79
C THR A 56 -12.45 19.29 12.07
N GLU A 57 -12.96 19.78 13.19
CA GLU A 57 -12.67 19.18 14.49
C GLU A 57 -13.75 18.17 14.86
N GLU A 58 -14.89 18.25 14.17
CA GLU A 58 -16.01 17.34 14.43
C GLU A 58 -15.74 15.96 13.86
N ASN A 59 -15.79 14.94 14.72
CA ASN A 59 -15.55 13.57 14.30
C ASN A 59 -16.80 12.98 13.64
N LYS A 60 -16.59 12.20 12.58
CA LYS A 60 -17.69 11.57 11.86
C LYS A 60 -17.49 10.06 11.77
N LEU A 61 -18.60 9.32 11.84
CA LEU A 61 -18.55 7.86 11.76
C LEU A 61 -18.40 7.40 10.30
N ILE A 62 -18.54 8.35 9.38
CA ILE A 62 -18.44 8.05 7.96
C ILE A 62 -17.04 7.60 7.57
N TYR A 63 -16.08 7.79 8.47
CA TYR A 63 -14.70 7.40 8.21
C TYR A 63 -14.54 5.89 8.16
N THR A 64 -15.46 5.17 8.79
CA THR A 64 -15.40 3.71 8.82
C THR A 64 -15.83 3.11 7.48
N PRO A 65 -17.01 3.47 6.94
CA PRO A 65 -17.50 2.94 5.66
C PRO A 65 -16.57 3.31 4.51
N ILE A 66 -16.10 4.55 4.51
CA ILE A 66 -15.19 5.02 3.45
C ILE A 66 -13.89 4.24 3.47
N PHE A 67 -13.32 4.06 4.65
CA PHE A 67 -12.07 3.32 4.80
C PHE A 67 -12.20 1.91 4.23
N ASN A 68 -13.29 1.23 4.55
CA ASN A 68 -13.53 -0.13 4.07
C ASN A 68 -13.51 -0.18 2.55
N GLU A 69 -14.16 0.80 1.92
CA GLU A 69 -14.22 0.86 0.46
C GLU A 69 -12.81 1.01 -0.13
N TYR A 70 -11.95 1.71 0.59
CA TYR A 70 -10.58 1.93 0.14
C TYR A 70 -9.77 0.62 0.19
N ILE A 71 -10.08 -0.19 1.19
CA ILE A 71 -9.39 -1.47 1.38
C ILE A 71 -9.85 -2.50 0.34
N SER A 72 -11.09 -2.38 -0.12
CA SER A 72 -11.63 -3.31 -1.09
C SER A 72 -11.36 -2.84 -2.52
N LEU A 73 -11.20 -1.53 -2.70
CA LEU A 73 -10.94 -0.97 -4.02
C LEU A 73 -9.44 -0.88 -4.31
N VAL A 74 -8.75 -0.06 -3.52
CA VAL A 74 -7.32 0.16 -3.71
C VAL A 74 -6.45 -1.04 -3.26
N GLU A 75 -6.52 -1.37 -1.98
CA GLU A 75 -5.74 -2.47 -1.44
C GLU A 75 -5.95 -3.76 -2.23
N LYS A 76 -7.20 -3.99 -2.64
CA LYS A 76 -7.54 -5.18 -3.41
C LYS A 76 -6.93 -5.10 -4.80
N TYR A 77 -6.90 -3.89 -5.36
CA TYR A 77 -6.35 -3.67 -6.70
C TYR A 77 -4.89 -4.12 -6.75
N ILE A 78 -4.11 -3.71 -5.75
CA ILE A 78 -2.70 -4.08 -5.67
C ILE A 78 -2.55 -5.59 -5.51
N GLU A 79 -3.41 -6.17 -4.69
CA GLU A 79 -3.38 -7.61 -4.43
C GLU A 79 -3.53 -8.41 -5.74
N GLU A 80 -4.54 -8.07 -6.51
CA GLU A 80 -4.80 -8.76 -7.78
C GLU A 80 -3.63 -8.60 -8.75
N GLN A 81 -3.16 -7.36 -8.91
CA GLN A 81 -2.06 -7.06 -9.82
C GLN A 81 -0.80 -7.85 -9.46
N LEU A 82 -0.58 -8.08 -8.17
CA LEU A 82 0.61 -8.80 -7.72
C LEU A 82 0.45 -10.30 -7.92
N LEU A 83 -0.76 -10.79 -7.67
CA LEU A 83 -1.07 -12.20 -7.80
C LEU A 83 -1.02 -12.65 -9.26
N GLN A 84 -1.20 -11.71 -10.18
CA GLN A 84 -1.17 -12.03 -11.60
C GLN A 84 0.11 -12.75 -11.97
N ARG A 85 1.13 -12.62 -11.11
CA ARG A 85 2.41 -13.27 -11.33
C ARG A 85 2.72 -14.25 -10.20
N ILE A 86 2.18 -13.99 -9.02
CA ILE A 86 2.41 -14.85 -7.86
C ILE A 86 1.09 -15.40 -7.31
N PRO A 87 0.72 -16.63 -7.71
CA PRO A 87 -0.52 -17.26 -7.25
C PRO A 87 -0.43 -17.77 -5.82
N GLU A 88 0.77 -17.74 -5.27
CA GLU A 88 1.01 -18.20 -3.91
C GLU A 88 1.41 -17.04 -3.01
N PHE A 89 1.14 -15.82 -3.48
CA PHE A 89 1.46 -14.61 -2.75
C PHE A 89 0.67 -14.52 -1.45
N ASN A 90 1.29 -13.92 -0.43
CA ASN A 90 0.65 -13.75 0.87
C ASN A 90 0.75 -12.30 1.31
N MET A 91 -0.28 -11.51 1.00
CA MET A 91 -0.29 -10.10 1.36
C MET A 91 -0.31 -9.91 2.87
N ALA A 92 -0.67 -10.95 3.60
CA ALA A 92 -0.72 -10.88 5.07
C ALA A 92 0.68 -10.94 5.66
N ALA A 93 1.40 -12.02 5.35
CA ALA A 93 2.75 -12.20 5.86
C ALA A 93 3.72 -11.22 5.21
N PHE A 94 3.40 -10.76 4.01
CA PHE A 94 4.25 -9.82 3.30
C PHE A 94 4.22 -8.44 3.95
N THR A 95 3.02 -7.90 4.13
CA THR A 95 2.87 -6.59 4.74
C THR A 95 3.48 -6.54 6.13
N THR A 96 3.16 -7.55 6.95
CA THR A 96 3.69 -7.62 8.31
C THR A 96 5.21 -7.56 8.32
N THR A 97 5.83 -8.40 7.49
CA THR A 97 7.29 -8.44 7.40
C THR A 97 7.83 -7.13 6.83
N LEU A 98 7.04 -6.50 5.96
CA LEU A 98 7.44 -5.25 5.34
C LEU A 98 7.52 -4.12 6.37
N GLN A 99 6.58 -4.15 7.33
CA GLN A 99 6.54 -3.13 8.37
C GLN A 99 7.90 -2.95 9.05
N HIS A 100 8.53 -4.05 9.41
CA HIS A 100 9.84 -4.00 10.05
C HIS A 100 10.93 -3.71 9.02
N HIS A 101 10.81 -4.34 7.86
CA HIS A 101 11.79 -4.15 6.80
C HIS A 101 11.66 -2.76 6.18
N LYS A 102 10.72 -1.97 6.70
CA LYS A 102 10.51 -0.63 6.21
C LYS A 102 11.77 0.21 6.46
N ASP A 103 12.58 -0.24 7.42
CA ASP A 103 13.81 0.46 7.75
C ASP A 103 14.87 0.23 6.67
N GLU A 104 14.74 -0.88 5.95
CA GLU A 104 15.68 -1.22 4.89
C GLU A 104 15.16 -0.77 3.53
N VAL A 105 14.02 -1.32 3.13
CA VAL A 105 13.41 -0.97 1.85
C VAL A 105 13.15 0.54 1.77
N ALA A 106 12.96 1.04 0.56
CA ALA A 106 12.69 2.47 0.36
C ALA A 106 11.52 2.92 1.22
N GLY A 107 11.83 3.67 2.27
CA GLY A 107 10.79 4.15 3.18
C GLY A 107 9.88 5.17 2.51
N ASP A 108 10.43 5.93 1.58
CA ASP A 108 9.66 6.96 0.88
C ASP A 108 8.59 6.33 -0.02
N ILE A 109 8.92 5.20 -0.63
CA ILE A 109 7.99 4.51 -1.51
C ILE A 109 6.89 3.81 -0.72
N PHE A 110 7.28 3.05 0.29
CA PHE A 110 6.31 2.33 1.11
C PHE A 110 5.45 3.30 1.91
N ASP A 111 6.00 4.47 2.22
CA ASP A 111 5.27 5.49 2.99
C ASP A 111 3.88 5.71 2.39
N MET A 112 3.76 5.51 1.09
CA MET A 112 2.48 5.67 0.42
C MET A 112 1.55 4.51 0.77
N LEU A 113 2.07 3.29 0.63
CA LEU A 113 1.31 2.09 0.95
C LEU A 113 1.01 2.01 2.45
N LEU A 114 1.83 2.71 3.24
CA LEU A 114 1.69 2.72 4.68
C LEU A 114 0.24 3.04 5.08
N THR A 115 -0.46 3.77 4.22
CA THR A 115 -1.84 4.15 4.47
C THR A 115 -2.75 2.92 4.60
N PHE A 116 -2.15 1.72 4.52
CA PHE A 116 -2.92 0.48 4.63
C PHE A 116 -3.53 0.35 6.03
N THR A 117 -2.84 0.90 7.03
CA THR A 117 -3.32 0.83 8.40
C THR A 117 -3.14 2.16 9.13
N ASP A 118 -2.15 2.94 8.70
CA ASP A 118 -1.89 4.24 9.31
C ASP A 118 -3.01 5.23 9.01
N PHE A 119 -4.02 5.22 9.88
CA PHE A 119 -5.18 6.12 9.71
C PHE A 119 -4.75 7.58 9.73
N LEU A 120 -3.73 7.88 10.54
CA LEU A 120 -3.23 9.25 10.66
C LEU A 120 -2.68 9.74 9.32
N ALA A 121 -2.11 8.82 8.55
CA ALA A 121 -1.54 9.17 7.25
C ALA A 121 -2.64 9.34 6.21
N PHE A 122 -3.71 8.56 6.35
CA PHE A 122 -4.83 8.62 5.42
C PHE A 122 -5.46 10.02 5.41
N LYS A 123 -5.85 10.49 6.59
CA LYS A 123 -6.47 11.80 6.71
C LYS A 123 -5.49 12.91 6.35
N GLU A 124 -4.25 12.79 6.84
CA GLU A 124 -3.22 13.77 6.55
C GLU A 124 -2.96 13.87 5.05
N MET A 125 -3.09 12.73 4.37
CA MET A 125 -2.88 12.67 2.93
C MET A 125 -3.90 13.54 2.19
N PHE A 126 -5.16 13.39 2.57
CA PHE A 126 -6.24 14.17 1.94
C PHE A 126 -6.01 15.67 2.08
N LEU A 127 -5.75 16.12 3.31
CA LEU A 127 -5.53 17.54 3.56
C LEU A 127 -4.36 18.08 2.72
N ASP A 128 -3.35 17.24 2.52
CA ASP A 128 -2.19 17.63 1.73
C ASP A 128 -2.56 17.77 0.26
N TYR A 129 -3.31 16.79 -0.26
CA TYR A 129 -3.73 16.80 -1.65
C TYR A 129 -4.53 18.07 -1.98
N ARG A 130 -5.36 18.48 -1.03
CA ARG A 130 -6.19 19.67 -1.21
C ARG A 130 -5.33 20.93 -1.18
N ALA A 131 -4.31 20.93 -0.32
CA ALA A 131 -3.42 22.07 -0.20
C ALA A 131 -2.69 22.35 -1.51
N GLU A 132 -2.42 21.28 -2.26
CA GLU A 132 -1.73 21.41 -3.54
C GLU A 132 -2.65 21.99 -4.59
N LYS A 133 -3.95 21.75 -4.43
CA LYS A 133 -4.95 22.26 -5.37
C LYS A 133 -5.08 23.77 -5.26
N GLU A 134 -4.73 24.32 -4.10
CA GLU A 134 -4.80 25.75 -3.87
C GLU A 134 -3.51 26.44 -4.28
N GLY A 135 -2.55 25.64 -4.74
CA GLY A 135 -1.26 26.19 -5.16
C GLY A 135 -1.39 27.14 -6.33
N ARG A 136 -1.99 26.66 -7.42
CA ARG A 136 -2.16 27.48 -8.62
C ARG A 136 -3.30 28.47 -8.44
N GLY A 137 -3.30 29.52 -9.26
CA GLY A 137 -4.34 30.53 -9.19
C GLY A 137 -4.28 31.33 -7.90
N MET A 2 -9.12 -25.54 -11.56
CA MET A 2 -10.27 -26.19 -10.88
C MET A 2 -9.79 -27.20 -9.84
N ASP A 3 -10.30 -27.07 -8.62
CA ASP A 3 -9.92 -27.97 -7.53
C ASP A 3 -8.42 -27.89 -7.25
N ALA A 4 -8.04 -27.02 -6.31
CA ALA A 4 -6.64 -26.85 -5.94
C ALA A 4 -5.80 -26.44 -7.15
N LEU A 5 -4.49 -26.37 -6.94
CA LEU A 5 -3.57 -25.98 -8.01
C LEU A 5 -2.18 -26.55 -7.75
N GLU A 6 -1.46 -25.94 -6.80
CA GLU A 6 -0.12 -26.39 -6.45
C GLU A 6 -0.04 -26.75 -4.97
N GLY A 7 0.94 -27.56 -4.62
CA GLY A 7 1.11 -27.97 -3.24
C GLY A 7 0.11 -29.02 -2.82
N GLU A 8 0.59 -30.06 -2.14
CA GLU A 8 -0.29 -31.14 -1.68
C GLU A 8 -0.60 -30.98 -0.19
N SER A 9 0.02 -29.97 0.42
CA SER A 9 -0.18 -29.71 1.85
C SER A 9 0.28 -30.89 2.70
N PHE A 10 1.50 -30.80 3.21
CA PHE A 10 2.07 -31.86 4.03
C PHE A 10 3.11 -31.30 5.01
N ALA A 11 4.26 -30.91 4.48
CA ALA A 11 5.33 -30.37 5.30
C ALA A 11 6.09 -29.26 4.56
N LEU A 12 5.52 -28.79 3.45
CA LEU A 12 6.14 -27.73 2.67
C LEU A 12 6.29 -26.46 3.49
N SER A 13 7.55 -26.06 3.72
CA SER A 13 7.84 -24.86 4.49
C SER A 13 9.17 -24.25 4.07
N PHE A 14 9.11 -23.09 3.41
CA PHE A 14 10.31 -22.40 2.97
C PHE A 14 10.24 -20.91 3.28
N SER A 15 11.27 -20.18 2.86
CA SER A 15 11.32 -18.73 3.11
C SER A 15 11.34 -17.97 1.79
N SER A 16 10.86 -16.72 1.83
CA SER A 16 10.82 -15.88 0.63
C SER A 16 10.90 -14.40 1.01
N ALA A 17 10.44 -14.08 2.21
CA ALA A 17 10.45 -12.71 2.70
C ALA A 17 11.88 -12.22 2.90
N SER A 18 12.78 -13.15 3.19
CA SER A 18 14.19 -12.82 3.41
C SER A 18 15.06 -13.35 2.28
N ASP A 19 14.40 -13.77 1.19
CA ASP A 19 15.11 -14.30 0.03
C ASP A 19 15.01 -13.34 -1.15
N ALA A 20 15.44 -13.81 -2.32
CA ALA A 20 15.40 -13.00 -3.53
C ALA A 20 13.98 -12.73 -3.98
N GLU A 21 13.06 -13.62 -3.61
CA GLU A 21 11.65 -13.46 -4.00
C GLU A 21 11.08 -12.16 -3.48
N PHE A 22 11.41 -11.82 -2.22
CA PHE A 22 10.92 -10.59 -1.61
C PHE A 22 11.29 -9.37 -2.48
N ASP A 23 12.56 -9.31 -2.89
CA ASP A 23 13.03 -8.21 -3.71
C ASP A 23 12.23 -8.12 -5.01
N ALA A 24 11.90 -9.29 -5.57
CA ALA A 24 11.13 -9.34 -6.81
C ALA A 24 9.79 -8.64 -6.64
N VAL A 25 9.14 -8.88 -5.51
CA VAL A 25 7.84 -8.26 -5.23
C VAL A 25 7.96 -6.74 -5.21
N VAL A 26 9.04 -6.26 -4.59
CA VAL A 26 9.28 -4.82 -4.52
C VAL A 26 9.29 -4.21 -5.92
N GLY A 27 9.89 -4.93 -6.87
CA GLY A 27 9.95 -4.46 -8.23
C GLY A 27 8.58 -4.38 -8.87
N TYR A 28 7.76 -5.40 -8.64
CA TYR A 28 6.42 -5.44 -9.20
C TYR A 28 5.58 -4.30 -8.64
N LEU A 29 5.89 -3.89 -7.41
CA LEU A 29 5.16 -2.80 -6.76
C LEU A 29 5.42 -1.48 -7.48
N GLU A 30 6.69 -1.19 -7.75
CA GLU A 30 7.05 0.05 -8.43
C GLU A 30 6.43 0.11 -9.82
N ASP A 31 6.28 -1.05 -10.46
CA ASP A 31 5.69 -1.13 -11.79
C ASP A 31 4.22 -0.72 -11.75
N ILE A 32 3.50 -1.23 -10.76
CA ILE A 32 2.08 -0.93 -10.61
C ILE A 32 1.86 0.55 -10.27
N ILE A 33 2.68 1.07 -9.36
CA ILE A 33 2.57 2.46 -8.95
C ILE A 33 2.82 3.41 -10.12
N MET A 34 3.65 2.97 -11.07
CA MET A 34 3.97 3.79 -12.23
C MET A 34 3.16 3.35 -13.44
N ASP A 35 2.10 2.57 -13.19
CA ASP A 35 1.25 2.09 -14.27
C ASP A 35 0.21 3.14 -14.65
N ASP A 36 -0.04 3.30 -15.94
CA ASP A 36 -1.00 4.27 -16.44
C ASP A 36 -2.37 4.06 -15.82
N GLU A 37 -2.87 2.83 -15.90
CA GLU A 37 -4.18 2.49 -15.35
C GLU A 37 -4.25 2.82 -13.86
N PHE A 38 -3.10 2.77 -13.20
CA PHE A 38 -3.02 3.07 -11.77
C PHE A 38 -3.08 4.57 -11.51
N GLN A 39 -2.56 5.34 -12.46
CA GLN A 39 -2.56 6.80 -12.34
C GLN A 39 -3.97 7.36 -12.40
N LEU A 40 -4.74 6.91 -13.38
CA LEU A 40 -6.12 7.36 -13.57
C LEU A 40 -7.02 6.87 -12.43
N LEU A 41 -6.86 5.60 -12.07
CA LEU A 41 -7.66 4.99 -11.00
C LEU A 41 -7.42 5.68 -9.66
N GLN A 42 -6.15 5.94 -9.36
CA GLN A 42 -5.79 6.58 -8.10
C GLN A 42 -6.40 7.97 -7.98
N ARG A 43 -6.19 8.80 -9.01
CA ARG A 43 -6.71 10.15 -9.02
C ARG A 43 -8.24 10.16 -9.08
N ASN A 44 -8.81 9.17 -9.74
CA ASN A 44 -10.27 9.08 -9.89
C ASN A 44 -10.96 8.99 -8.54
N PHE A 45 -10.49 8.09 -7.67
CA PHE A 45 -11.08 7.92 -6.35
C PHE A 45 -10.61 9.00 -5.39
N MET A 46 -9.33 9.38 -5.48
CA MET A 46 -8.77 10.41 -4.62
C MET A 46 -9.53 11.72 -4.77
N ASP A 47 -10.18 11.90 -5.92
CA ASP A 47 -10.96 13.11 -6.19
C ASP A 47 -12.23 13.14 -5.35
N LYS A 48 -12.78 11.97 -5.05
CA LYS A 48 -14.00 11.87 -4.26
C LYS A 48 -13.69 11.83 -2.76
N TYR A 49 -12.66 11.08 -2.40
CA TYR A 49 -12.25 10.93 -1.00
C TYR A 49 -11.86 12.27 -0.39
N TYR A 50 -10.93 12.98 -1.03
CA TYR A 50 -10.46 14.27 -0.52
C TYR A 50 -11.62 15.26 -0.34
N LEU A 51 -12.75 14.98 -0.98
CA LEU A 51 -13.92 15.84 -0.86
C LEU A 51 -14.69 15.56 0.43
N GLU A 52 -14.94 14.28 0.68
CA GLU A 52 -15.66 13.87 1.89
C GLU A 52 -14.81 14.08 3.13
N PHE A 53 -13.49 14.15 2.94
CA PHE A 53 -12.57 14.34 4.06
C PHE A 53 -12.44 15.82 4.38
N GLU A 54 -13.40 16.35 5.13
CA GLU A 54 -13.39 17.76 5.51
C GLU A 54 -12.76 17.94 6.88
N ASP A 55 -11.95 18.99 7.01
CA ASP A 55 -11.26 19.28 8.26
C ASP A 55 -12.20 19.96 9.25
N THR A 56 -12.76 19.16 10.16
CA THR A 56 -13.69 19.68 11.16
C THR A 56 -13.49 18.97 12.49
N GLU A 57 -13.89 19.64 13.58
CA GLU A 57 -13.76 19.06 14.91
C GLU A 57 -14.83 18.00 15.17
N GLU A 58 -15.76 17.89 14.22
CA GLU A 58 -16.84 16.92 14.32
C GLU A 58 -16.49 15.64 13.57
N ASN A 59 -16.64 14.50 14.24
CA ASN A 59 -16.35 13.21 13.63
C ASN A 59 -17.62 12.44 13.30
N LYS A 60 -17.75 12.05 12.04
CA LYS A 60 -18.92 11.31 11.59
C LYS A 60 -18.58 9.84 11.38
N LEU A 61 -19.60 8.99 11.31
CA LEU A 61 -19.40 7.56 11.13
C LEU A 61 -19.14 7.22 9.66
N ILE A 62 -19.32 8.20 8.78
CA ILE A 62 -19.11 8.01 7.35
C ILE A 62 -17.66 7.61 7.04
N TYR A 63 -16.78 7.76 8.02
CA TYR A 63 -15.37 7.41 7.85
C TYR A 63 -15.17 5.90 7.75
N THR A 64 -16.10 5.14 8.33
CA THR A 64 -16.00 3.69 8.30
C THR A 64 -16.34 3.12 6.92
N PRO A 65 -17.50 3.49 6.33
CA PRO A 65 -17.89 3.00 5.00
C PRO A 65 -16.87 3.38 3.94
N ILE A 66 -16.45 4.65 3.96
CA ILE A 66 -15.48 5.15 2.99
C ILE A 66 -14.17 4.37 3.08
N PHE A 67 -13.68 4.18 4.30
CA PHE A 67 -12.44 3.44 4.53
C PHE A 67 -12.53 2.04 3.95
N ASN A 68 -13.68 1.40 4.15
CA ASN A 68 -13.90 0.04 3.65
C ASN A 68 -13.76 0.00 2.14
N GLU A 69 -14.23 1.05 1.47
CA GLU A 69 -14.15 1.14 0.02
C GLU A 69 -12.70 1.21 -0.44
N TYR A 70 -11.87 1.90 0.34
CA TYR A 70 -10.45 2.05 0.01
C TYR A 70 -9.73 0.71 0.13
N ILE A 71 -10.09 -0.06 1.15
CA ILE A 71 -9.47 -1.36 1.40
C ILE A 71 -9.91 -2.40 0.37
N SER A 72 -11.12 -2.24 -0.15
CA SER A 72 -11.65 -3.17 -1.14
C SER A 72 -11.27 -2.77 -2.56
N LEU A 73 -11.07 -1.48 -2.78
CA LEU A 73 -10.72 -0.97 -4.11
C LEU A 73 -9.20 -0.92 -4.31
N VAL A 74 -8.52 -0.10 -3.51
CA VAL A 74 -7.08 0.08 -3.64
C VAL A 74 -6.28 -1.11 -3.13
N GLU A 75 -6.41 -1.42 -1.84
CA GLU A 75 -5.67 -2.53 -1.24
C GLU A 75 -5.87 -3.83 -2.03
N LYS A 76 -7.10 -4.09 -2.44
CA LYS A 76 -7.40 -5.29 -3.21
C LYS A 76 -6.79 -5.23 -4.60
N TYR A 77 -6.72 -4.02 -5.16
CA TYR A 77 -6.16 -3.83 -6.49
C TYR A 77 -4.72 -4.33 -6.54
N ILE A 78 -3.91 -3.91 -5.57
CA ILE A 78 -2.51 -4.33 -5.51
C ILE A 78 -2.39 -5.83 -5.30
N GLU A 79 -3.22 -6.36 -4.41
CA GLU A 79 -3.21 -7.79 -4.11
C GLU A 79 -3.49 -8.63 -5.36
N GLU A 80 -4.49 -8.21 -6.13
CA GLU A 80 -4.88 -8.95 -7.34
C GLU A 80 -3.76 -8.93 -8.38
N GLN A 81 -3.19 -7.75 -8.62
CA GLN A 81 -2.11 -7.60 -9.60
C GLN A 81 -0.93 -8.50 -9.27
N LEU A 82 -0.70 -8.71 -7.97
CA LEU A 82 0.40 -9.55 -7.52
C LEU A 82 0.07 -11.05 -7.67
N LEU A 83 -1.19 -11.39 -7.45
CA LEU A 83 -1.64 -12.78 -7.55
C LEU A 83 -1.58 -13.28 -8.99
N GLN A 84 -1.69 -12.36 -9.94
CA GLN A 84 -1.66 -12.72 -11.35
C GLN A 84 -0.36 -13.43 -11.72
N ARG A 85 0.66 -13.29 -10.88
CA ARG A 85 1.94 -13.92 -11.12
C ARG A 85 2.35 -14.81 -9.95
N ILE A 86 1.91 -14.44 -8.76
CA ILE A 86 2.24 -15.21 -7.55
C ILE A 86 0.97 -15.68 -6.84
N PRO A 87 0.47 -16.89 -7.19
CA PRO A 87 -0.74 -17.45 -6.58
C PRO A 87 -0.52 -17.90 -5.15
N GLU A 88 0.74 -17.88 -4.72
CA GLU A 88 1.09 -18.29 -3.37
C GLU A 88 1.52 -17.08 -2.55
N PHE A 89 1.23 -15.89 -3.05
CA PHE A 89 1.58 -14.64 -2.39
C PHE A 89 0.71 -14.40 -1.15
N ASN A 90 1.31 -13.83 -0.12
CA ASN A 90 0.59 -13.53 1.12
C ASN A 90 0.73 -12.05 1.48
N MET A 91 -0.30 -11.27 1.15
CA MET A 91 -0.29 -9.84 1.42
C MET A 91 -0.20 -9.57 2.93
N ALA A 92 -0.58 -10.55 3.74
CA ALA A 92 -0.54 -10.40 5.18
C ALA A 92 0.89 -10.48 5.70
N ALA A 93 1.56 -11.57 5.41
CA ALA A 93 2.94 -11.78 5.84
C ALA A 93 3.89 -10.81 5.14
N PHE A 94 3.50 -10.36 3.96
CA PHE A 94 4.31 -9.43 3.19
C PHE A 94 4.38 -8.06 3.85
N THR A 95 3.21 -7.47 4.12
CA THR A 95 3.13 -6.16 4.75
C THR A 95 3.81 -6.15 6.12
N THR A 96 3.51 -7.17 6.92
CA THR A 96 4.08 -7.30 8.26
C THR A 96 5.60 -7.28 8.23
N THR A 97 6.17 -8.06 7.32
CA THR A 97 7.63 -8.14 7.19
C THR A 97 8.20 -6.89 6.52
N LEU A 98 7.40 -6.27 5.67
CA LEU A 98 7.82 -5.06 4.95
C LEU A 98 8.13 -3.93 5.94
N GLN A 99 7.34 -3.85 7.00
CA GLN A 99 7.53 -2.80 8.00
C GLN A 99 8.98 -2.73 8.48
N HIS A 100 9.63 -3.89 8.55
CA HIS A 100 11.02 -3.95 8.97
C HIS A 100 11.95 -3.68 7.79
N HIS A 101 11.60 -4.24 6.64
CA HIS A 101 12.39 -4.07 5.44
C HIS A 101 12.25 -2.66 4.89
N LYS A 102 11.43 -1.85 5.55
CA LYS A 102 11.23 -0.46 5.15
C LYS A 102 12.52 0.32 5.30
N ASP A 103 13.40 -0.17 6.16
CA ASP A 103 14.68 0.50 6.40
C ASP A 103 15.65 0.23 5.24
N GLU A 104 15.28 -0.72 4.38
CA GLU A 104 16.11 -1.07 3.24
C GLU A 104 15.52 -0.52 1.95
N VAL A 105 14.29 -0.93 1.64
CA VAL A 105 13.61 -0.48 0.43
C VAL A 105 13.37 1.02 0.45
N ALA A 106 12.79 1.54 -0.62
CA ALA A 106 12.51 2.97 -0.74
C ALA A 106 11.41 3.37 0.23
N GLY A 107 11.79 4.08 1.29
CA GLY A 107 10.82 4.52 2.28
C GLY A 107 9.79 5.46 1.70
N ASP A 108 10.20 6.24 0.69
CA ASP A 108 9.30 7.19 0.05
C ASP A 108 8.20 6.49 -0.73
N ILE A 109 8.52 5.33 -1.30
CA ILE A 109 7.55 4.57 -2.08
C ILE A 109 6.52 3.89 -1.17
N PHE A 110 7.01 3.19 -0.16
CA PHE A 110 6.14 2.49 0.78
C PHE A 110 5.31 3.47 1.58
N ASP A 111 5.85 4.67 1.81
CA ASP A 111 5.15 5.70 2.58
C ASP A 111 3.71 5.86 2.11
N MET A 112 3.49 5.60 0.83
CA MET A 112 2.15 5.69 0.25
C MET A 112 1.29 4.53 0.75
N LEU A 113 1.81 3.32 0.59
CA LEU A 113 1.12 2.11 1.02
C LEU A 113 0.99 2.08 2.54
N LEU A 114 1.86 2.81 3.22
CA LEU A 114 1.87 2.87 4.68
C LEU A 114 0.48 3.17 5.23
N THR A 115 -0.32 3.87 4.42
CA THR A 115 -1.68 4.23 4.83
C THR A 115 -2.57 3.00 5.03
N PHE A 116 -1.98 1.81 4.92
CA PHE A 116 -2.73 0.57 5.10
C PHE A 116 -3.24 0.45 6.53
N THR A 117 -2.46 0.94 7.48
CA THR A 117 -2.83 0.89 8.89
C THR A 117 -2.59 2.23 9.58
N ASP A 118 -1.74 3.05 8.99
CA ASP A 118 -1.43 4.37 9.55
C ASP A 118 -2.53 5.38 9.22
N PHE A 119 -3.62 5.32 9.97
CA PHE A 119 -4.74 6.23 9.76
C PHE A 119 -4.31 7.68 9.90
N LEU A 120 -3.27 7.90 10.70
CA LEU A 120 -2.75 9.25 10.92
C LEU A 120 -2.24 9.85 9.62
N ALA A 121 -1.55 9.04 8.83
CA ALA A 121 -1.01 9.48 7.56
C ALA A 121 -2.12 9.58 6.50
N PHE A 122 -3.16 8.77 6.67
CA PHE A 122 -4.28 8.76 5.74
C PHE A 122 -5.02 10.10 5.77
N LYS A 123 -5.44 10.50 6.97
CA LYS A 123 -6.15 11.76 7.14
C LYS A 123 -5.25 12.93 6.77
N GLU A 124 -4.00 12.86 7.20
CA GLU A 124 -3.01 13.90 6.93
C GLU A 124 -2.73 14.00 5.43
N MET A 125 -2.87 12.88 4.74
CA MET A 125 -2.61 12.84 3.29
C MET A 125 -3.64 13.67 2.54
N PHE A 126 -4.92 13.47 2.88
CA PHE A 126 -5.99 14.21 2.23
C PHE A 126 -5.92 15.70 2.54
N LEU A 127 -5.62 16.02 3.79
CA LEU A 127 -5.52 17.42 4.22
C LEU A 127 -4.37 18.14 3.51
N ASP A 128 -3.27 17.41 3.28
CA ASP A 128 -2.12 17.98 2.61
C ASP A 128 -2.40 18.17 1.12
N TYR A 129 -3.08 17.20 0.52
CA TYR A 129 -3.42 17.26 -0.89
C TYR A 129 -4.31 18.46 -1.19
N ARG A 130 -5.43 18.56 -0.47
CA ARG A 130 -6.36 19.65 -0.66
C ARG A 130 -5.70 21.01 -0.38
N ALA A 131 -4.80 21.03 0.60
CA ALA A 131 -4.10 22.25 0.97
C ALA A 131 -3.28 22.80 -0.21
N GLU A 132 -2.64 21.89 -0.94
CA GLU A 132 -1.83 22.29 -2.09
C GLU A 132 -2.71 22.71 -3.27
N LYS A 133 -3.95 22.25 -3.28
CA LYS A 133 -4.88 22.59 -4.34
C LYS A 133 -5.21 24.09 -4.34
N GLU A 134 -5.33 24.66 -3.14
CA GLU A 134 -5.64 26.07 -3.00
C GLU A 134 -4.36 26.92 -3.00
N GLY A 135 -3.22 26.24 -3.05
CA GLY A 135 -1.94 26.93 -3.04
C GLY A 135 -1.68 27.68 -4.34
N ARG A 136 -2.22 27.14 -5.44
CA ARG A 136 -2.05 27.75 -6.76
C ARG A 136 -0.59 27.73 -7.21
N GLY A 137 0.19 28.68 -6.70
CA GLY A 137 1.59 28.75 -7.05
C GLY A 137 2.03 30.17 -7.37
N MET A 2 21.09 -34.51 21.86
CA MET A 2 22.33 -34.13 22.58
C MET A 2 22.88 -32.81 22.08
N ASP A 3 22.82 -32.61 20.77
CA ASP A 3 23.31 -31.39 20.16
C ASP A 3 22.32 -30.85 19.14
N ALA A 4 21.15 -31.49 19.06
CA ALA A 4 20.12 -31.08 18.12
C ALA A 4 19.49 -29.76 18.54
N LEU A 5 19.73 -28.71 17.74
CA LEU A 5 19.20 -27.39 18.03
C LEU A 5 18.41 -26.85 16.83
N GLU A 6 18.81 -27.27 15.64
CA GLU A 6 18.15 -26.84 14.41
C GLU A 6 16.92 -27.70 14.12
N GLY A 7 15.76 -27.06 14.09
CA GLY A 7 14.53 -27.78 13.82
C GLY A 7 13.47 -26.89 13.21
N GLU A 8 13.31 -25.69 13.75
CA GLU A 8 12.33 -24.73 13.25
C GLU A 8 12.88 -23.32 13.28
N SER A 9 12.61 -22.56 12.22
CA SER A 9 13.09 -21.18 12.13
C SER A 9 12.14 -20.35 11.27
N PHE A 10 11.23 -19.63 11.91
CA PHE A 10 10.27 -18.79 11.20
C PHE A 10 10.19 -17.41 11.84
N ALA A 11 10.75 -17.29 13.03
CA ALA A 11 10.75 -16.01 13.76
C ALA A 11 12.01 -15.21 13.45
N LEU A 12 13.03 -15.88 12.94
CA LEU A 12 14.29 -15.24 12.60
C LEU A 12 14.47 -15.14 11.09
N SER A 13 14.43 -16.30 10.42
CA SER A 13 14.59 -16.35 8.97
C SER A 13 13.24 -16.48 8.30
N PHE A 14 12.95 -15.55 7.37
CA PHE A 14 11.70 -15.56 6.65
C PHE A 14 11.84 -16.27 5.31
N SER A 15 13.09 -16.42 4.85
CA SER A 15 13.38 -17.08 3.59
C SER A 15 12.69 -16.36 2.42
N SER A 16 12.24 -15.14 2.67
CA SER A 16 11.56 -14.35 1.66
C SER A 16 11.78 -12.85 1.89
N ALA A 17 11.84 -12.46 3.16
CA ALA A 17 12.04 -11.06 3.53
C ALA A 17 13.49 -10.63 3.30
N SER A 18 14.43 -11.40 3.84
CA SER A 18 15.84 -11.10 3.69
C SER A 18 16.44 -11.82 2.49
N ASP A 19 15.58 -12.16 1.53
CA ASP A 19 16.03 -12.86 0.33
C ASP A 19 15.64 -12.09 -0.93
N ALA A 20 15.96 -12.66 -2.08
CA ALA A 20 15.65 -12.05 -3.37
C ALA A 20 14.15 -11.91 -3.57
N GLU A 21 13.39 -12.74 -2.86
CA GLU A 21 11.93 -12.73 -2.97
C GLU A 21 11.37 -11.35 -2.65
N PHE A 22 11.88 -10.73 -1.58
CA PHE A 22 11.43 -9.41 -1.18
C PHE A 22 11.69 -8.38 -2.28
N ASP A 23 12.93 -8.35 -2.76
CA ASP A 23 13.32 -7.41 -3.81
C ASP A 23 12.42 -7.57 -5.04
N ALA A 24 12.02 -8.80 -5.31
CA ALA A 24 11.16 -9.10 -6.46
C ALA A 24 9.83 -8.35 -6.34
N VAL A 25 9.18 -8.48 -5.19
CA VAL A 25 7.90 -7.82 -4.95
C VAL A 25 8.03 -6.31 -5.09
N VAL A 26 9.10 -5.76 -4.51
CA VAL A 26 9.32 -4.31 -4.58
C VAL A 26 9.31 -3.83 -6.03
N GLY A 27 9.93 -4.60 -6.91
CA GLY A 27 9.97 -4.23 -8.31
C GLY A 27 8.60 -4.18 -8.94
N TYR A 28 7.78 -5.20 -8.66
CA TYR A 28 6.43 -5.25 -9.19
C TYR A 28 5.57 -4.12 -8.65
N LEU A 29 5.93 -3.64 -7.46
CA LEU A 29 5.20 -2.55 -6.83
C LEU A 29 5.42 -1.25 -7.58
N GLU A 30 6.67 -0.94 -7.89
CA GLU A 30 7.02 0.28 -8.60
C GLU A 30 6.35 0.31 -9.98
N ASP A 31 6.30 -0.85 -10.62
CA ASP A 31 5.69 -0.97 -11.95
C ASP A 31 4.22 -0.57 -11.90
N ILE A 32 3.57 -0.84 -10.77
CA ILE A 32 2.16 -0.51 -10.60
C ILE A 32 1.99 0.96 -10.24
N ILE A 33 2.83 1.46 -9.35
CA ILE A 33 2.75 2.85 -8.92
C ILE A 33 2.92 3.80 -10.10
N MET A 34 3.69 3.38 -11.10
CA MET A 34 3.94 4.19 -12.28
C MET A 34 3.03 3.78 -13.43
N ASP A 35 2.14 2.83 -13.18
CA ASP A 35 1.22 2.34 -14.20
C ASP A 35 0.14 3.38 -14.48
N ASP A 36 -0.12 3.64 -15.76
CA ASP A 36 -1.13 4.62 -16.17
C ASP A 36 -2.50 4.26 -15.61
N GLU A 37 -2.89 3.00 -15.75
CA GLU A 37 -4.18 2.53 -15.26
C GLU A 37 -4.28 2.70 -13.75
N PHE A 38 -3.14 2.68 -13.07
CA PHE A 38 -3.11 2.82 -11.63
C PHE A 38 -3.28 4.28 -11.21
N GLN A 39 -2.63 5.19 -11.94
CA GLN A 39 -2.73 6.61 -11.64
C GLN A 39 -4.12 7.13 -11.96
N LEU A 40 -4.71 6.62 -13.02
CA LEU A 40 -6.06 7.03 -13.43
C LEU A 40 -7.10 6.58 -12.42
N LEU A 41 -7.02 5.32 -12.02
CA LEU A 41 -7.95 4.74 -11.06
C LEU A 41 -7.80 5.38 -9.68
N GLN A 42 -6.55 5.43 -9.20
CA GLN A 42 -6.27 6.01 -7.90
C GLN A 42 -6.78 7.44 -7.78
N ARG A 43 -6.39 8.29 -8.72
CA ARG A 43 -6.80 9.69 -8.72
C ARG A 43 -8.32 9.81 -8.89
N ASN A 44 -8.88 8.96 -9.74
CA ASN A 44 -10.32 8.98 -10.00
C ASN A 44 -11.13 8.88 -8.71
N PHE A 45 -10.78 7.92 -7.87
CA PHE A 45 -11.48 7.71 -6.61
C PHE A 45 -11.10 8.76 -5.57
N MET A 46 -9.81 9.10 -5.52
CA MET A 46 -9.33 10.10 -4.56
C MET A 46 -10.07 11.43 -4.72
N ASP A 47 -10.59 11.68 -5.92
CA ASP A 47 -11.33 12.91 -6.18
C ASP A 47 -12.52 13.06 -5.26
N LYS A 48 -13.10 11.93 -4.85
CA LYS A 48 -14.27 11.93 -3.96
C LYS A 48 -13.83 11.80 -2.50
N TYR A 49 -12.83 10.97 -2.26
CA TYR A 49 -12.33 10.74 -0.91
C TYR A 49 -11.81 12.01 -0.26
N TYR A 50 -10.92 12.72 -0.96
CA TYR A 50 -10.34 13.95 -0.44
C TYR A 50 -11.41 14.99 -0.13
N LEU A 51 -12.61 14.79 -0.68
CA LEU A 51 -13.71 15.71 -0.46
C LEU A 51 -14.41 15.42 0.87
N GLU A 52 -14.72 14.14 1.10
CA GLU A 52 -15.38 13.73 2.34
C GLU A 52 -14.52 14.05 3.56
N PHE A 53 -13.20 13.91 3.41
CA PHE A 53 -12.27 14.20 4.50
C PHE A 53 -12.12 15.70 4.70
N GLU A 54 -13.00 16.26 5.52
CA GLU A 54 -12.98 17.69 5.82
C GLU A 54 -12.06 17.98 7.01
N ASP A 55 -11.30 19.06 6.90
CA ASP A 55 -10.38 19.45 7.96
C ASP A 55 -11.13 19.88 9.20
N THR A 56 -11.30 18.96 10.14
CA THR A 56 -12.00 19.25 11.39
C THR A 56 -11.30 18.59 12.58
N GLU A 57 -11.88 18.75 13.77
CA GLU A 57 -11.32 18.16 14.98
C GLU A 57 -12.17 17.00 15.48
N GLU A 58 -13.47 17.04 15.15
CA GLU A 58 -14.39 15.99 15.57
C GLU A 58 -14.42 14.85 14.55
N ASN A 59 -14.37 13.62 15.06
CA ASN A 59 -14.39 12.44 14.21
C ASN A 59 -15.83 12.04 13.88
N LYS A 60 -16.00 11.28 12.81
CA LYS A 60 -17.32 10.83 12.39
C LYS A 60 -17.32 9.34 12.07
N LEU A 61 -18.51 8.75 12.01
CA LEU A 61 -18.66 7.33 11.71
C LEU A 61 -18.56 7.08 10.21
N ILE A 62 -18.70 8.15 9.43
CA ILE A 62 -18.63 8.04 7.97
C ILE A 62 -17.26 7.57 7.51
N TYR A 63 -16.26 7.72 8.37
CA TYR A 63 -14.90 7.30 8.04
C TYR A 63 -14.77 5.79 8.02
N THR A 64 -15.74 5.09 8.60
CA THR A 64 -15.72 3.63 8.63
C THR A 64 -16.08 3.03 7.27
N PRO A 65 -17.23 3.44 6.67
CA PRO A 65 -17.64 2.93 5.36
C PRO A 65 -16.69 3.38 4.25
N ILE A 66 -16.22 4.63 4.36
CA ILE A 66 -15.29 5.17 3.37
C ILE A 66 -14.00 4.36 3.35
N PHE A 67 -13.49 4.04 4.54
CA PHE A 67 -12.26 3.27 4.66
C PHE A 67 -12.43 1.88 4.05
N ASN A 68 -13.55 1.24 4.37
CA ASN A 68 -13.85 -0.10 3.86
C ASN A 68 -13.86 -0.11 2.34
N GLU A 69 -14.33 0.98 1.75
CA GLU A 69 -14.39 1.09 0.30
C GLU A 69 -12.99 1.22 -0.31
N TYR A 70 -12.12 1.91 0.41
CA TYR A 70 -10.75 2.12 -0.03
C TYR A 70 -9.98 0.80 -0.05
N ILE A 71 -10.31 -0.06 0.90
CA ILE A 71 -9.66 -1.36 1.01
C ILE A 71 -10.14 -2.31 -0.08
N SER A 72 -11.45 -2.34 -0.28
CA SER A 72 -12.03 -3.22 -1.29
C SER A 72 -11.64 -2.78 -2.70
N LEU A 73 -11.43 -1.48 -2.89
CA LEU A 73 -11.06 -0.95 -4.19
C LEU A 73 -9.54 -0.92 -4.39
N VAL A 74 -8.86 -0.12 -3.58
CA VAL A 74 -7.42 0.04 -3.68
C VAL A 74 -6.64 -1.18 -3.18
N GLU A 75 -6.81 -1.50 -1.90
CA GLU A 75 -6.10 -2.63 -1.29
C GLU A 75 -6.28 -3.90 -2.11
N LYS A 76 -7.49 -4.14 -2.57
CA LYS A 76 -7.79 -5.34 -3.37
C LYS A 76 -7.14 -5.25 -4.75
N TYR A 77 -7.06 -4.04 -5.29
CA TYR A 77 -6.47 -3.84 -6.61
C TYR A 77 -4.98 -4.21 -6.61
N ILE A 78 -4.29 -3.91 -5.50
CA ILE A 78 -2.88 -4.21 -5.39
C ILE A 78 -2.64 -5.71 -5.25
N GLU A 79 -3.41 -6.35 -4.37
CA GLU A 79 -3.28 -7.78 -4.14
C GLU A 79 -3.70 -8.60 -5.35
N GLU A 80 -4.69 -8.11 -6.08
CA GLU A 80 -5.18 -8.82 -7.27
C GLU A 80 -4.16 -8.76 -8.40
N GLN A 81 -3.65 -7.56 -8.67
CA GLN A 81 -2.68 -7.35 -9.74
C GLN A 81 -1.38 -8.10 -9.48
N LEU A 82 -1.05 -8.31 -8.22
CA LEU A 82 0.19 -9.01 -7.86
C LEU A 82 0.03 -10.51 -8.03
N LEU A 83 -1.13 -11.02 -7.64
CA LEU A 83 -1.42 -12.45 -7.72
C LEU A 83 -1.57 -12.89 -9.16
N GLN A 84 -1.89 -11.96 -10.05
CA GLN A 84 -2.06 -12.29 -11.47
C GLN A 84 -0.79 -12.94 -12.03
N ARG A 85 0.32 -12.77 -11.32
CA ARG A 85 1.59 -13.34 -11.76
C ARG A 85 2.14 -14.32 -10.70
N ILE A 86 1.65 -14.18 -9.46
CA ILE A 86 2.09 -15.05 -8.38
C ILE A 86 0.90 -15.65 -7.64
N PRO A 87 0.52 -16.90 -7.96
CA PRO A 87 -0.63 -17.56 -7.31
C PRO A 87 -0.29 -18.04 -5.90
N GLU A 88 0.99 -17.99 -5.56
CA GLU A 88 1.46 -18.40 -4.24
C GLU A 88 1.91 -17.20 -3.43
N PHE A 89 1.53 -16.01 -3.89
CA PHE A 89 1.91 -14.77 -3.21
C PHE A 89 1.31 -14.71 -1.80
N ASN A 90 2.04 -14.06 -0.90
CA ASN A 90 1.60 -13.92 0.48
C ASN A 90 1.71 -12.46 0.93
N MET A 91 0.71 -11.66 0.56
CA MET A 91 0.70 -10.24 0.91
C MET A 91 0.50 -10.07 2.42
N ALA A 92 -0.05 -11.09 3.07
CA ALA A 92 -0.30 -11.04 4.50
C ALA A 92 1.01 -10.98 5.28
N ALA A 93 1.88 -11.96 5.04
CA ALA A 93 3.16 -12.02 5.72
C ALA A 93 4.12 -10.94 5.20
N PHE A 94 3.89 -10.53 3.96
CA PHE A 94 4.73 -9.51 3.33
C PHE A 94 4.50 -8.15 3.97
N THR A 95 3.23 -7.78 4.14
CA THR A 95 2.88 -6.51 4.74
C THR A 95 3.32 -6.44 6.21
N THR A 96 3.07 -7.52 6.95
CA THR A 96 3.43 -7.59 8.36
C THR A 96 4.93 -7.34 8.55
N THR A 97 5.74 -7.94 7.69
CA THR A 97 7.18 -7.79 7.76
C THR A 97 7.63 -6.43 7.22
N LEU A 98 6.87 -5.90 6.28
CA LEU A 98 7.17 -4.61 5.67
C LEU A 98 7.11 -3.48 6.71
N GLN A 99 6.18 -3.59 7.65
CA GLN A 99 6.00 -2.57 8.69
C GLN A 99 7.32 -2.21 9.37
N HIS A 100 8.16 -3.21 9.63
CA HIS A 100 9.45 -2.96 10.26
C HIS A 100 10.56 -2.94 9.23
N HIS A 101 10.37 -3.67 8.14
CA HIS A 101 11.36 -3.73 7.07
C HIS A 101 11.44 -2.41 6.31
N LYS A 102 10.56 -1.47 6.66
CA LYS A 102 10.53 -0.17 6.03
C LYS A 102 11.82 0.59 6.33
N ASP A 103 12.56 0.13 7.33
CA ASP A 103 13.81 0.76 7.72
C ASP A 103 14.90 0.49 6.68
N GLU A 104 14.60 -0.42 5.75
CA GLU A 104 15.54 -0.78 4.70
C GLU A 104 15.03 -0.36 3.34
N VAL A 105 13.89 -0.93 2.93
CA VAL A 105 13.28 -0.60 1.64
C VAL A 105 12.90 0.87 1.58
N ALA A 106 12.71 1.38 0.37
CA ALA A 106 12.35 2.78 0.17
C ALA A 106 11.13 3.15 1.01
N GLY A 107 11.38 3.93 2.07
CA GLY A 107 10.30 4.35 2.93
C GLY A 107 9.33 5.29 2.24
N ASP A 108 9.85 6.08 1.31
CA ASP A 108 9.02 7.02 0.56
C ASP A 108 7.99 6.30 -0.28
N ILE A 109 8.35 5.14 -0.81
CA ILE A 109 7.45 4.35 -1.63
C ILE A 109 6.36 3.70 -0.79
N PHE A 110 6.77 3.03 0.29
CA PHE A 110 5.82 2.37 1.18
C PHE A 110 4.94 3.39 1.87
N ASP A 111 5.47 4.60 2.07
CA ASP A 111 4.72 5.66 2.72
C ASP A 111 3.34 5.81 2.12
N MET A 112 3.23 5.55 0.81
CA MET A 112 1.95 5.64 0.12
C MET A 112 1.06 4.47 0.52
N LEU A 113 1.65 3.28 0.53
CA LEU A 113 0.93 2.06 0.89
C LEU A 113 0.47 2.10 2.35
N LEU A 114 1.13 2.93 3.16
CA LEU A 114 0.80 3.04 4.57
C LEU A 114 -0.70 3.27 4.77
N THR A 115 -1.35 3.86 3.77
CA THR A 115 -2.78 4.14 3.82
C THR A 115 -3.60 2.87 4.12
N PHE A 116 -2.92 1.73 4.17
CA PHE A 116 -3.60 0.46 4.44
C PHE A 116 -4.21 0.45 5.84
N THR A 117 -3.54 1.08 6.79
CA THR A 117 -4.02 1.13 8.17
C THR A 117 -3.66 2.45 8.84
N ASP A 118 -2.55 3.06 8.41
CA ASP A 118 -2.10 4.32 8.99
C ASP A 118 -3.13 5.41 8.77
N PHE A 119 -4.10 5.51 9.68
CA PHE A 119 -5.16 6.50 9.59
C PHE A 119 -4.58 7.91 9.55
N LEU A 120 -3.44 8.10 10.22
CA LEU A 120 -2.78 9.40 10.26
C LEU A 120 -2.25 9.77 8.88
N ALA A 121 -1.69 8.78 8.18
CA ALA A 121 -1.15 9.02 6.84
C ALA A 121 -2.27 9.12 5.81
N PHE A 122 -3.40 8.49 6.10
CA PHE A 122 -4.54 8.51 5.20
C PHE A 122 -5.14 9.92 5.12
N LYS A 123 -5.47 10.47 6.28
CA LYS A 123 -6.04 11.81 6.35
C LYS A 123 -5.04 12.85 5.87
N GLU A 124 -3.79 12.73 6.33
CA GLU A 124 -2.74 13.66 5.94
C GLU A 124 -2.54 13.65 4.44
N MET A 125 -2.80 12.51 3.81
CA MET A 125 -2.65 12.37 2.37
C MET A 125 -3.68 13.20 1.63
N PHE A 126 -4.93 13.12 2.05
CA PHE A 126 -6.01 13.88 1.43
C PHE A 126 -5.84 15.37 1.66
N LEU A 127 -5.64 15.77 2.92
CA LEU A 127 -5.47 17.18 3.26
C LEU A 127 -4.32 17.80 2.48
N ASP A 128 -3.26 17.02 2.27
CA ASP A 128 -2.10 17.49 1.52
C ASP A 128 -2.45 17.67 0.05
N TYR A 129 -3.28 16.77 -0.46
CA TYR A 129 -3.72 16.82 -1.85
C TYR A 129 -4.46 18.11 -2.15
N ARG A 130 -5.37 18.49 -1.26
CA ARG A 130 -6.14 19.71 -1.42
C ARG A 130 -5.24 20.94 -1.29
N ALA A 131 -4.21 20.82 -0.46
CA ALA A 131 -3.27 21.92 -0.25
C ALA A 131 -2.56 22.28 -1.55
N GLU A 132 -2.24 21.26 -2.35
CA GLU A 132 -1.56 21.46 -3.62
C GLU A 132 -2.42 22.30 -4.56
N LYS A 133 -3.74 22.18 -4.42
CA LYS A 133 -4.67 22.94 -5.26
C LYS A 133 -4.63 24.41 -4.92
N GLU A 134 -4.13 24.73 -3.73
CA GLU A 134 -4.04 26.12 -3.27
C GLU A 134 -2.64 26.67 -3.52
N GLY A 135 -1.78 25.86 -4.11
CA GLY A 135 -0.43 26.28 -4.39
C GLY A 135 0.02 25.91 -5.79
N ARG A 136 -0.93 25.71 -6.69
CA ARG A 136 -0.62 25.35 -8.07
C ARG A 136 -1.67 25.88 -9.02
N GLY A 137 -1.28 26.81 -9.88
CA GLY A 137 -2.19 27.39 -10.84
C GLY A 137 -2.87 28.65 -10.31
N MET A 2 22.14 4.26 29.27
CA MET A 2 22.56 5.68 29.47
C MET A 2 22.08 6.55 28.32
N ASP A 3 22.58 6.26 27.12
CA ASP A 3 22.20 7.02 25.92
C ASP A 3 21.13 6.28 25.13
N ALA A 4 21.33 4.96 24.96
CA ALA A 4 20.39 4.15 24.22
C ALA A 4 19.45 3.40 25.15
N LEU A 5 18.20 3.24 24.72
CA LEU A 5 17.20 2.55 25.52
C LEU A 5 16.64 1.34 24.78
N GLU A 6 17.27 1.00 23.66
CA GLU A 6 16.85 -0.14 22.85
C GLU A 6 17.96 -1.17 22.74
N GLY A 7 17.63 -2.36 22.25
CA GLY A 7 18.61 -3.41 22.09
C GLY A 7 18.02 -4.67 21.50
N GLU A 8 18.88 -5.54 20.97
CA GLU A 8 18.44 -6.79 20.37
C GLU A 8 19.39 -7.93 20.74
N SER A 9 18.86 -9.14 20.82
CA SER A 9 19.67 -10.31 21.18
C SER A 9 20.49 -10.78 19.98
N PHE A 10 20.46 -9.99 18.89
CA PHE A 10 21.21 -10.33 17.68
C PHE A 10 20.74 -11.65 17.09
N ALA A 11 19.87 -11.56 16.09
CA ALA A 11 19.34 -12.75 15.43
C ALA A 11 19.48 -12.64 13.92
N LEU A 12 20.08 -13.65 13.30
CA LEU A 12 20.28 -13.66 11.86
C LEU A 12 19.75 -14.96 11.26
N SER A 13 18.60 -14.88 10.60
CA SER A 13 17.99 -16.05 9.98
C SER A 13 17.26 -15.66 8.69
N PHE A 14 17.19 -16.60 7.76
CA PHE A 14 16.53 -16.36 6.47
C PHE A 14 15.02 -16.22 6.66
N SER A 15 14.41 -15.34 5.87
CA SER A 15 12.98 -15.11 5.94
C SER A 15 12.45 -14.59 4.61
N SER A 16 13.21 -14.83 3.54
CA SER A 16 12.84 -14.41 2.19
C SER A 16 12.76 -12.89 2.09
N ALA A 17 13.04 -12.21 3.20
CA ALA A 17 13.00 -10.74 3.24
C ALA A 17 14.29 -10.16 2.68
N SER A 18 15.39 -10.87 2.89
CA SER A 18 16.69 -10.43 2.39
C SER A 18 17.04 -11.20 1.13
N ASP A 19 16.18 -12.15 0.77
CA ASP A 19 16.39 -12.97 -0.43
C ASP A 19 15.78 -12.29 -1.65
N ALA A 20 16.06 -12.85 -2.82
CA ALA A 20 15.54 -12.30 -4.07
C ALA A 20 14.02 -12.24 -4.07
N GLU A 21 13.38 -13.07 -3.25
CA GLU A 21 11.93 -13.10 -3.18
C GLU A 21 11.35 -11.74 -2.80
N PHE A 22 11.87 -11.15 -1.73
CA PHE A 22 11.40 -9.84 -1.27
C PHE A 22 11.65 -8.77 -2.35
N ASP A 23 12.90 -8.65 -2.76
CA ASP A 23 13.28 -7.67 -3.78
C ASP A 23 12.46 -7.85 -5.05
N ALA A 24 12.05 -9.08 -5.32
CA ALA A 24 11.27 -9.38 -6.52
C ALA A 24 9.90 -8.71 -6.46
N VAL A 25 9.23 -8.86 -5.33
CA VAL A 25 7.91 -8.26 -5.14
C VAL A 25 7.98 -6.75 -5.23
N VAL A 26 9.05 -6.18 -4.67
CA VAL A 26 9.24 -4.73 -4.70
C VAL A 26 9.27 -4.22 -6.13
N GLY A 27 9.95 -4.95 -7.01
CA GLY A 27 10.03 -4.57 -8.40
C GLY A 27 8.68 -4.55 -9.07
N TYR A 28 7.91 -5.61 -8.88
CA TYR A 28 6.58 -5.71 -9.46
C TYR A 28 5.69 -4.58 -8.98
N LEU A 29 5.83 -4.23 -7.71
CA LEU A 29 5.04 -3.15 -7.11
C LEU A 29 5.29 -1.83 -7.85
N GLU A 30 6.56 -1.53 -8.08
CA GLU A 30 6.94 -0.30 -8.77
C GLU A 30 6.27 -0.22 -10.15
N ASP A 31 6.23 -1.36 -10.84
CA ASP A 31 5.63 -1.42 -12.16
C ASP A 31 4.14 -1.09 -12.11
N ILE A 32 3.48 -1.53 -11.04
CA ILE A 32 2.05 -1.28 -10.87
C ILE A 32 1.78 0.18 -10.50
N ILE A 33 2.65 0.75 -9.66
CA ILE A 33 2.50 2.12 -9.23
C ILE A 33 2.69 3.10 -10.40
N MET A 34 3.55 2.73 -11.33
CA MET A 34 3.82 3.57 -12.50
C MET A 34 2.86 3.26 -13.64
N ASP A 35 1.92 2.35 -13.40
CA ASP A 35 0.95 1.97 -14.41
C ASP A 35 -0.05 3.10 -14.65
N ASP A 36 -0.46 3.26 -15.91
CA ASP A 36 -1.41 4.31 -16.28
C ASP A 36 -2.73 4.14 -15.51
N GLU A 37 -3.26 2.91 -15.52
CA GLU A 37 -4.51 2.64 -14.84
C GLU A 37 -4.42 2.92 -13.34
N PHE A 38 -3.20 2.90 -12.81
CA PHE A 38 -2.98 3.16 -11.39
C PHE A 38 -3.14 4.65 -11.08
N GLN A 39 -2.40 5.48 -11.81
CA GLN A 39 -2.45 6.92 -11.61
C GLN A 39 -3.86 7.46 -11.83
N LEU A 40 -4.50 7.02 -12.90
CA LEU A 40 -5.85 7.45 -13.22
C LEU A 40 -6.83 7.08 -12.10
N LEU A 41 -6.79 5.81 -11.71
CA LEU A 41 -7.67 5.31 -10.64
C LEU A 41 -7.33 5.96 -9.31
N GLN A 42 -6.08 6.36 -9.15
CA GLN A 42 -5.63 6.98 -7.91
C GLN A 42 -6.24 8.37 -7.73
N ARG A 43 -6.08 9.22 -8.74
CA ARG A 43 -6.61 10.58 -8.68
C ARG A 43 -8.14 10.59 -8.81
N ASN A 44 -8.66 9.63 -9.56
CA ASN A 44 -10.11 9.54 -9.76
C ASN A 44 -10.85 9.35 -8.44
N PHE A 45 -10.39 8.41 -7.63
CA PHE A 45 -11.01 8.14 -6.34
C PHE A 45 -10.63 9.19 -5.30
N MET A 46 -9.33 9.53 -5.25
CA MET A 46 -8.85 10.52 -4.30
C MET A 46 -9.56 11.86 -4.50
N ASP A 47 -10.06 12.09 -5.70
CA ASP A 47 -10.75 13.33 -6.01
C ASP A 47 -12.01 13.49 -5.15
N LYS A 48 -12.61 12.36 -4.80
CA LYS A 48 -13.81 12.36 -3.97
C LYS A 48 -13.46 12.21 -2.50
N TYR A 49 -12.57 11.26 -2.21
CA TYR A 49 -12.14 10.99 -0.84
C TYR A 49 -11.64 12.25 -0.15
N TYR A 50 -10.74 12.98 -0.80
CA TYR A 50 -10.17 14.19 -0.21
C TYR A 50 -11.25 15.24 0.06
N LEU A 51 -12.37 15.16 -0.66
CA LEU A 51 -13.46 16.11 -0.47
C LEU A 51 -14.22 15.82 0.81
N GLU A 52 -14.51 14.54 1.05
CA GLU A 52 -15.24 14.13 2.24
C GLU A 52 -14.41 14.35 3.51
N PHE A 53 -13.11 14.09 3.41
CA PHE A 53 -12.20 14.26 4.54
C PHE A 53 -11.93 15.74 4.80
N GLU A 54 -12.77 16.35 5.63
CA GLU A 54 -12.61 17.76 5.97
C GLU A 54 -11.90 17.91 7.30
N ASP A 55 -11.02 18.92 7.39
CA ASP A 55 -10.28 19.18 8.61
C ASP A 55 -11.22 19.59 9.73
N THR A 56 -11.64 18.61 10.53
CA THR A 56 -12.54 18.88 11.65
C THR A 56 -12.06 18.17 12.91
N GLU A 57 -12.89 18.21 13.95
CA GLU A 57 -12.56 17.57 15.21
C GLU A 57 -13.65 16.59 15.64
N GLU A 58 -14.77 16.62 14.92
CA GLU A 58 -15.89 15.73 15.22
C GLU A 58 -15.72 14.40 14.50
N ASN A 59 -16.20 13.33 15.12
CA ASN A 59 -16.12 11.99 14.55
C ASN A 59 -17.39 11.65 13.78
N LYS A 60 -17.23 11.08 12.59
CA LYS A 60 -18.37 10.72 11.76
C LYS A 60 -18.35 9.22 11.42
N LEU A 61 -19.53 8.64 11.26
CA LEU A 61 -19.64 7.22 10.93
C LEU A 61 -19.35 6.97 9.45
N ILE A 62 -19.24 8.05 8.68
CA ILE A 62 -18.96 7.95 7.25
C ILE A 62 -17.53 7.49 6.99
N TYR A 63 -16.70 7.55 8.02
CA TYR A 63 -15.31 7.14 7.89
C TYR A 63 -15.18 5.61 7.77
N THR A 64 -16.21 4.89 8.20
CA THR A 64 -16.19 3.43 8.12
C THR A 64 -16.43 2.94 6.70
N PRO A 65 -17.51 3.39 6.02
CA PRO A 65 -17.81 2.97 4.64
C PRO A 65 -16.71 3.40 3.67
N ILE A 66 -16.24 4.63 3.83
CA ILE A 66 -15.18 5.16 2.97
C ILE A 66 -13.91 4.33 3.09
N PHE A 67 -13.50 4.06 4.32
CA PHE A 67 -12.30 3.27 4.58
C PHE A 67 -12.40 1.88 3.97
N ASN A 68 -13.51 1.19 4.24
CA ASN A 68 -13.72 -0.15 3.71
C ASN A 68 -13.70 -0.15 2.19
N GLU A 69 -14.07 0.99 1.61
CA GLU A 69 -14.10 1.12 0.15
C GLU A 69 -12.69 1.22 -0.41
N TYR A 70 -11.85 2.01 0.25
CA TYR A 70 -10.46 2.19 -0.18
C TYR A 70 -9.71 0.86 -0.16
N ILE A 71 -10.09 -0.01 0.78
CA ILE A 71 -9.47 -1.31 0.91
C ILE A 71 -9.91 -2.25 -0.21
N SER A 72 -11.22 -2.47 -0.30
CA SER A 72 -11.77 -3.36 -1.31
C SER A 72 -11.45 -2.89 -2.73
N LEU A 73 -11.25 -1.58 -2.89
CA LEU A 73 -10.94 -1.03 -4.20
C LEU A 73 -9.44 -0.98 -4.47
N VAL A 74 -8.72 -0.19 -3.67
CA VAL A 74 -7.28 -0.03 -3.85
C VAL A 74 -6.48 -1.25 -3.35
N GLU A 75 -6.59 -1.54 -2.06
CA GLU A 75 -5.87 -2.66 -1.46
C GLU A 75 -6.10 -3.96 -2.23
N LYS A 76 -7.33 -4.16 -2.70
CA LYS A 76 -7.67 -5.37 -3.44
C LYS A 76 -7.07 -5.32 -4.84
N TYR A 77 -7.04 -4.14 -5.44
CA TYR A 77 -6.50 -3.96 -6.78
C TYR A 77 -5.03 -4.38 -6.82
N ILE A 78 -4.29 -4.03 -5.77
CA ILE A 78 -2.88 -4.37 -5.69
C ILE A 78 -2.68 -5.88 -5.53
N GLU A 79 -3.40 -6.46 -4.58
CA GLU A 79 -3.30 -7.89 -4.31
C GLU A 79 -3.61 -8.71 -5.56
N GLU A 80 -4.74 -8.41 -6.20
CA GLU A 80 -5.16 -9.12 -7.40
C GLU A 80 -4.05 -9.15 -8.47
N GLN A 81 -3.56 -7.97 -8.83
CA GLN A 81 -2.52 -7.85 -9.85
C GLN A 81 -1.26 -8.63 -9.50
N LEU A 82 -0.98 -8.75 -8.20
CA LEU A 82 0.20 -9.47 -7.75
C LEU A 82 -0.01 -10.97 -7.78
N LEU A 83 -1.21 -11.39 -7.43
CA LEU A 83 -1.56 -12.80 -7.39
C LEU A 83 -1.63 -13.41 -8.78
N GLN A 84 -1.85 -12.56 -9.79
CA GLN A 84 -1.92 -13.03 -11.17
C GLN A 84 -0.63 -13.75 -11.56
N ARG A 85 0.43 -13.52 -10.78
CA ARG A 85 1.71 -14.15 -11.04
C ARG A 85 2.19 -14.95 -9.84
N ILE A 86 1.54 -14.73 -8.69
CA ILE A 86 1.90 -15.44 -7.46
C ILE A 86 0.66 -15.95 -6.74
N PRO A 87 0.26 -17.22 -7.00
CA PRO A 87 -0.92 -17.83 -6.38
C PRO A 87 -0.68 -18.18 -4.91
N GLU A 88 0.57 -18.07 -4.47
CA GLU A 88 0.93 -18.39 -3.10
C GLU A 88 1.38 -17.13 -2.37
N PHE A 89 1.06 -15.97 -2.93
CA PHE A 89 1.43 -14.69 -2.34
C PHE A 89 0.84 -14.52 -0.95
N ASN A 90 1.57 -13.80 -0.10
CA ASN A 90 1.12 -13.54 1.27
C ASN A 90 1.13 -12.05 1.55
N MET A 91 0.05 -11.37 1.19
CA MET A 91 -0.05 -9.92 1.40
C MET A 91 -0.11 -9.59 2.88
N ALA A 92 -0.46 -10.57 3.70
CA ALA A 92 -0.54 -10.37 5.14
C ALA A 92 0.85 -10.30 5.77
N ALA A 93 1.63 -11.36 5.57
CA ALA A 93 2.97 -11.43 6.12
C ALA A 93 3.92 -10.45 5.43
N PHE A 94 3.60 -10.10 4.19
CA PHE A 94 4.42 -9.18 3.43
C PHE A 94 4.29 -7.75 3.95
N THR A 95 3.05 -7.27 4.06
CA THR A 95 2.80 -5.92 4.55
C THR A 95 3.39 -5.73 5.94
N THR A 96 3.11 -6.67 6.84
CA THR A 96 3.60 -6.59 8.21
C THR A 96 5.12 -6.47 8.23
N THR A 97 5.79 -7.38 7.54
CA THR A 97 7.25 -7.39 7.47
C THR A 97 7.77 -6.13 6.78
N LEU A 98 6.98 -5.60 5.85
CA LEU A 98 7.38 -4.41 5.10
C LEU A 98 7.46 -3.20 6.03
N GLN A 99 6.54 -3.12 6.99
CA GLN A 99 6.52 -2.02 7.94
C GLN A 99 7.88 -1.80 8.58
N HIS A 100 8.61 -2.89 8.80
CA HIS A 100 9.93 -2.81 9.41
C HIS A 100 10.98 -2.51 8.35
N HIS A 101 10.85 -3.16 7.19
CA HIS A 101 11.79 -2.95 6.09
C HIS A 101 11.63 -1.57 5.48
N LYS A 102 10.66 -0.82 5.99
CA LYS A 102 10.41 0.53 5.51
C LYS A 102 11.64 1.40 5.72
N ASP A 103 12.48 1.00 6.67
CA ASP A 103 13.70 1.72 6.98
C ASP A 103 14.73 1.54 5.87
N GLU A 104 14.64 0.41 5.18
CA GLU A 104 15.55 0.10 4.08
C GLU A 104 14.96 0.53 2.74
N VAL A 105 13.85 -0.10 2.36
CA VAL A 105 13.18 0.22 1.10
C VAL A 105 12.76 1.69 1.07
N ALA A 106 12.48 2.20 -0.13
CA ALA A 106 12.06 3.58 -0.29
C ALA A 106 10.86 3.90 0.60
N GLY A 107 11.10 4.67 1.65
CA GLY A 107 10.03 5.03 2.57
C GLY A 107 9.02 5.96 1.95
N ASP A 108 9.48 6.78 1.01
CA ASP A 108 8.60 7.72 0.32
C ASP A 108 7.54 6.99 -0.50
N ILE A 109 7.95 5.92 -1.16
CA ILE A 109 7.04 5.14 -2.00
C ILE A 109 6.06 4.34 -1.15
N PHE A 110 6.58 3.62 -0.16
CA PHE A 110 5.72 2.81 0.71
C PHE A 110 4.79 3.69 1.53
N ASP A 111 5.23 4.92 1.82
CA ASP A 111 4.43 5.85 2.60
C ASP A 111 3.00 5.92 2.08
N MET A 112 2.84 5.73 0.78
CA MET A 112 1.52 5.75 0.16
C MET A 112 0.75 4.48 0.54
N LEU A 113 1.41 3.35 0.38
CA LEU A 113 0.80 2.06 0.72
C LEU A 113 0.57 1.95 2.21
N LEU A 114 1.34 2.72 2.97
CA LEU A 114 1.25 2.73 4.42
C LEU A 114 -0.18 2.92 4.89
N THR A 115 -0.99 3.59 4.06
CA THR A 115 -2.39 3.84 4.39
C THR A 115 -3.18 2.54 4.56
N PHE A 116 -2.50 1.40 4.47
CA PHE A 116 -3.15 0.10 4.63
C PHE A 116 -3.71 -0.06 6.05
N THR A 117 -3.05 0.55 7.02
CA THR A 117 -3.49 0.47 8.41
C THR A 117 -3.22 1.77 9.16
N ASP A 118 -2.24 2.53 8.70
CA ASP A 118 -1.90 3.80 9.35
C ASP A 118 -2.93 4.88 9.02
N PHE A 119 -3.93 5.01 9.89
CA PHE A 119 -4.99 5.99 9.70
C PHE A 119 -4.42 7.40 9.62
N LEU A 120 -3.44 7.68 10.48
CA LEU A 120 -2.80 9.00 10.53
C LEU A 120 -2.26 9.39 9.15
N ALA A 121 -1.75 8.41 8.41
CA ALA A 121 -1.20 8.66 7.09
C ALA A 121 -2.29 8.85 6.05
N PHE A 122 -3.41 8.16 6.24
CA PHE A 122 -4.54 8.25 5.32
C PHE A 122 -5.12 9.67 5.32
N LYS A 123 -5.48 10.16 6.50
CA LYS A 123 -6.06 11.49 6.63
C LYS A 123 -5.05 12.56 6.23
N GLU A 124 -3.85 12.50 6.80
CA GLU A 124 -2.80 13.46 6.50
C GLU A 124 -2.51 13.51 5.01
N MET A 125 -2.66 12.36 4.35
CA MET A 125 -2.40 12.27 2.91
C MET A 125 -3.38 13.16 2.14
N PHE A 126 -4.66 13.04 2.45
CA PHE A 126 -5.69 13.83 1.78
C PHE A 126 -5.48 15.32 2.01
N LEU A 127 -5.24 15.70 3.27
CA LEU A 127 -5.02 17.09 3.63
C LEU A 127 -3.79 17.66 2.92
N ASP A 128 -2.83 16.79 2.65
CA ASP A 128 -1.60 17.21 1.98
C ASP A 128 -1.87 17.55 0.52
N TYR A 129 -2.50 16.61 -0.20
CA TYR A 129 -2.83 16.82 -1.60
C TYR A 129 -3.74 18.03 -1.78
N ARG A 130 -4.67 18.21 -0.84
CA ARG A 130 -5.61 19.32 -0.90
C ARG A 130 -4.88 20.65 -0.72
N ALA A 131 -3.89 20.67 0.14
CA ALA A 131 -3.11 21.89 0.40
C ALA A 131 -2.27 22.26 -0.81
N GLU A 132 -1.88 21.26 -1.60
CA GLU A 132 -1.08 21.47 -2.78
C GLU A 132 -1.92 22.10 -3.91
N LYS A 133 -3.23 21.99 -3.79
CA LYS A 133 -4.14 22.53 -4.79
C LYS A 133 -4.06 24.06 -4.82
N GLU A 134 -3.79 24.65 -3.67
CA GLU A 134 -3.69 26.10 -3.56
C GLU A 134 -2.24 26.56 -3.75
N GLY A 135 -1.36 25.59 -3.99
CA GLY A 135 0.05 25.90 -4.19
C GLY A 135 0.56 25.43 -5.53
N ARG A 136 -0.35 24.96 -6.38
CA ARG A 136 0.03 24.48 -7.71
C ARG A 136 -1.10 24.72 -8.71
N GLY A 137 -0.74 25.27 -9.87
CA GLY A 137 -1.72 25.55 -10.90
C GLY A 137 -1.35 26.76 -11.74
N MET A 2 21.80 -3.18 30.18
CA MET A 2 21.38 -4.60 30.07
C MET A 2 21.04 -4.96 28.63
N ASP A 3 20.38 -4.04 27.94
CA ASP A 3 19.98 -4.27 26.55
C ASP A 3 21.04 -3.73 25.59
N ALA A 4 21.13 -4.35 24.42
CA ALA A 4 22.11 -3.93 23.41
C ALA A 4 21.55 -4.11 22.00
N LEU A 5 20.24 -4.31 21.91
CA LEU A 5 19.57 -4.50 20.63
C LEU A 5 20.15 -5.70 19.89
N GLU A 6 19.74 -5.87 18.62
CA GLU A 6 20.22 -6.98 17.81
C GLU A 6 21.06 -6.47 16.64
N GLY A 7 22.38 -6.63 16.75
CA GLY A 7 23.27 -6.18 15.71
C GLY A 7 23.41 -7.21 14.59
N GLU A 8 23.82 -6.74 13.41
CA GLU A 8 23.98 -7.62 12.26
C GLU A 8 25.39 -8.24 12.24
N SER A 9 25.45 -9.54 12.46
CA SER A 9 26.72 -10.25 12.48
C SER A 9 26.69 -11.45 11.54
N PHE A 10 25.49 -11.82 11.09
CA PHE A 10 25.33 -12.95 10.19
C PHE A 10 25.98 -12.67 8.84
N ALA A 11 26.56 -13.71 8.24
CA ALA A 11 27.22 -13.59 6.96
C ALA A 11 26.32 -14.07 5.83
N LEU A 12 25.39 -14.96 6.17
CA LEU A 12 24.46 -15.51 5.18
C LEU A 12 23.09 -14.84 5.31
N SER A 13 22.36 -14.80 4.20
CA SER A 13 21.04 -14.19 4.17
C SER A 13 19.96 -15.21 4.53
N PHE A 14 18.71 -14.76 4.56
CA PHE A 14 17.59 -15.63 4.89
C PHE A 14 17.48 -16.78 3.89
N SER A 15 16.96 -16.48 2.70
CA SER A 15 16.81 -17.49 1.65
C SER A 15 16.39 -16.84 0.33
N SER A 16 15.20 -16.25 0.32
CA SER A 16 14.68 -15.59 -0.87
C SER A 16 13.42 -14.80 -0.56
N ALA A 17 12.61 -15.32 0.35
CA ALA A 17 11.37 -14.67 0.76
C ALA A 17 11.63 -13.26 1.28
N SER A 18 12.85 -13.01 1.71
CA SER A 18 13.23 -11.70 2.24
C SER A 18 14.49 -11.17 1.57
N ASP A 19 14.82 -11.74 0.40
CA ASP A 19 16.01 -11.32 -0.34
C ASP A 19 15.72 -11.22 -1.83
N ALA A 20 15.89 -12.31 -2.54
CA ALA A 20 15.66 -12.35 -3.98
C ALA A 20 14.18 -12.18 -4.32
N GLU A 21 13.35 -13.05 -3.77
CA GLU A 21 11.91 -12.99 -4.02
C GLU A 21 11.30 -11.69 -3.51
N PHE A 22 11.80 -11.21 -2.37
CA PHE A 22 11.30 -9.97 -1.78
C PHE A 22 11.54 -8.79 -2.71
N ASP A 23 12.80 -8.59 -3.11
CA ASP A 23 13.15 -7.50 -4.00
C ASP A 23 12.35 -7.58 -5.30
N ALA A 24 12.02 -8.80 -5.71
CA ALA A 24 11.25 -9.01 -6.93
C ALA A 24 9.88 -8.36 -6.81
N VAL A 25 9.21 -8.60 -5.69
CA VAL A 25 7.89 -8.04 -5.45
C VAL A 25 7.94 -6.51 -5.47
N VAL A 26 9.01 -5.95 -4.91
CA VAL A 26 9.18 -4.51 -4.87
C VAL A 26 9.17 -3.93 -6.28
N GLY A 27 9.84 -4.62 -7.20
CA GLY A 27 9.89 -4.17 -8.58
C GLY A 27 8.52 -4.14 -9.22
N TYR A 28 7.77 -5.22 -9.03
CA TYR A 28 6.42 -5.31 -9.59
C TYR A 28 5.52 -4.23 -9.00
N LEU A 29 5.83 -3.82 -7.78
CA LEU A 29 5.06 -2.80 -7.09
C LEU A 29 5.27 -1.44 -7.75
N GLU A 30 6.53 -1.10 -7.99
CA GLU A 30 6.88 0.18 -8.61
C GLU A 30 6.16 0.33 -9.95
N ASP A 31 6.09 -0.77 -10.71
CA ASP A 31 5.42 -0.75 -12.00
C ASP A 31 3.96 -0.37 -11.85
N ILE A 32 3.36 -0.75 -10.72
CA ILE A 32 1.96 -0.44 -10.44
C ILE A 32 1.80 1.00 -9.96
N ILE A 33 2.78 1.46 -9.18
CA ILE A 33 2.75 2.82 -8.65
C ILE A 33 2.72 3.85 -9.77
N MET A 34 3.38 3.51 -10.89
CA MET A 34 3.44 4.40 -12.04
C MET A 34 2.56 3.89 -13.17
N ASP A 35 1.68 2.94 -12.85
CA ASP A 35 0.78 2.37 -13.84
C ASP A 35 -0.32 3.35 -14.23
N ASP A 36 -0.56 3.48 -15.52
CA ASP A 36 -1.58 4.40 -16.03
C ASP A 36 -2.93 4.13 -15.38
N GLU A 37 -3.39 2.88 -15.46
CA GLU A 37 -4.67 2.50 -14.89
C GLU A 37 -4.72 2.79 -13.39
N PHE A 38 -3.56 2.79 -12.75
CA PHE A 38 -3.48 3.06 -11.32
C PHE A 38 -3.59 4.55 -11.04
N GLN A 39 -3.02 5.37 -11.91
CA GLN A 39 -3.06 6.81 -11.75
C GLN A 39 -4.49 7.34 -11.88
N LEU A 40 -5.20 6.85 -12.89
CA LEU A 40 -6.57 7.26 -13.14
C LEU A 40 -7.51 6.74 -12.05
N LEU A 41 -7.31 5.49 -11.65
CA LEU A 41 -8.14 4.87 -10.62
C LEU A 41 -7.97 5.56 -9.27
N GLN A 42 -6.72 5.80 -8.88
CA GLN A 42 -6.43 6.43 -7.60
C GLN A 42 -6.91 7.89 -7.60
N ARG A 43 -6.63 8.61 -8.68
CA ARG A 43 -7.02 10.01 -8.78
C ARG A 43 -8.55 10.16 -8.82
N ASN A 44 -9.21 9.22 -9.47
CA ASN A 44 -10.67 9.25 -9.59
C ASN A 44 -11.35 9.16 -8.23
N PHE A 45 -10.94 8.20 -7.42
CA PHE A 45 -11.52 8.01 -6.09
C PHE A 45 -11.07 9.11 -5.13
N MET A 46 -9.78 9.41 -5.13
CA MET A 46 -9.24 10.45 -4.25
C MET A 46 -9.90 11.79 -4.54
N ASP A 47 -10.42 11.95 -5.76
CA ASP A 47 -11.09 13.18 -6.15
C ASP A 47 -12.31 13.44 -5.27
N LYS A 48 -12.94 12.36 -4.81
CA LYS A 48 -14.12 12.47 -3.97
C LYS A 48 -13.75 12.33 -2.48
N TYR A 49 -12.80 11.45 -2.20
CA TYR A 49 -12.36 11.21 -0.83
C TYR A 49 -11.82 12.49 -0.19
N TYR A 50 -10.94 13.18 -0.90
CA TYR A 50 -10.34 14.41 -0.39
C TYR A 50 -11.40 15.50 -0.17
N LEU A 51 -12.54 15.34 -0.82
CA LEU A 51 -13.63 16.32 -0.69
C LEU A 51 -14.35 16.16 0.63
N GLU A 52 -14.71 14.92 0.96
CA GLU A 52 -15.41 14.63 2.20
C GLU A 52 -14.50 14.82 3.41
N PHE A 53 -13.20 14.55 3.21
CA PHE A 53 -12.22 14.70 4.28
C PHE A 53 -11.85 16.17 4.48
N GLU A 54 -12.63 16.86 5.30
CA GLU A 54 -12.39 18.27 5.58
C GLU A 54 -11.84 18.45 6.99
N ASP A 55 -10.94 19.42 7.16
CA ASP A 55 -10.34 19.70 8.45
C ASP A 55 -11.37 20.27 9.42
N THR A 56 -11.96 19.39 10.23
CA THR A 56 -12.97 19.80 11.21
C THR A 56 -12.69 19.17 12.57
N GLU A 57 -13.59 19.41 13.52
CA GLU A 57 -13.44 18.87 14.87
C GLU A 57 -14.41 17.73 15.12
N GLU A 58 -15.57 17.79 14.48
CA GLU A 58 -16.59 16.76 14.64
C GLU A 58 -16.32 15.60 13.68
N ASN A 59 -16.42 14.38 14.21
CA ASN A 59 -16.19 13.19 13.40
C ASN A 59 -17.51 12.62 12.88
N LYS A 60 -17.50 12.19 11.62
CA LYS A 60 -18.72 11.63 11.00
C LYS A 60 -18.60 10.11 10.86
N LEU A 61 -19.75 9.45 10.83
CA LEU A 61 -19.79 8.00 10.70
C LEU A 61 -19.59 7.58 9.24
N ILE A 62 -19.66 8.56 8.34
CA ILE A 62 -19.48 8.31 6.91
C ILE A 62 -18.05 7.88 6.61
N TYR A 63 -17.16 8.07 7.58
CA TYR A 63 -15.76 7.70 7.42
C TYR A 63 -15.57 6.19 7.45
N THR A 64 -16.56 5.48 8.00
CA THR A 64 -16.48 4.03 8.08
C THR A 64 -16.77 3.37 6.73
N PRO A 65 -17.90 3.72 6.06
CA PRO A 65 -18.22 3.16 4.74
C PRO A 65 -17.17 3.53 3.70
N ILE A 66 -16.74 4.79 3.74
CA ILE A 66 -15.73 5.27 2.80
C ILE A 66 -14.44 4.46 2.95
N PHE A 67 -14.04 4.22 4.20
CA PHE A 67 -12.84 3.46 4.49
C PHE A 67 -12.96 2.02 3.97
N ASN A 68 -14.17 1.46 4.10
CA ASN A 68 -14.43 0.11 3.64
C ASN A 68 -14.26 -0.01 2.12
N GLU A 69 -14.60 1.07 1.42
CA GLU A 69 -14.49 1.10 -0.04
C GLU A 69 -13.02 1.14 -0.46
N TYR A 70 -12.21 1.87 0.30
CA TYR A 70 -10.79 1.98 0.00
C TYR A 70 -10.06 0.65 0.20
N ILE A 71 -10.36 0.00 1.32
CA ILE A 71 -9.75 -1.28 1.65
C ILE A 71 -10.24 -2.39 0.72
N SER A 72 -11.46 -2.25 0.24
CA SER A 72 -12.03 -3.26 -0.65
C SER A 72 -11.56 -3.10 -2.09
N LEU A 73 -11.45 -1.84 -2.54
CA LEU A 73 -11.01 -1.56 -3.91
C LEU A 73 -9.50 -1.44 -4.04
N VAL A 74 -8.94 -0.43 -3.36
CA VAL A 74 -7.50 -0.16 -3.43
C VAL A 74 -6.63 -1.31 -2.91
N GLU A 75 -6.80 -1.66 -1.64
CA GLU A 75 -6.01 -2.74 -1.04
C GLU A 75 -6.08 -4.01 -1.88
N LYS A 76 -7.28 -4.37 -2.32
CA LYS A 76 -7.47 -5.57 -3.12
C LYS A 76 -6.91 -5.38 -4.53
N TYR A 77 -6.82 -4.13 -4.98
CA TYR A 77 -6.30 -3.83 -6.31
C TYR A 77 -4.85 -4.25 -6.42
N ILE A 78 -4.03 -3.84 -5.45
CA ILE A 78 -2.61 -4.17 -5.44
C ILE A 78 -2.40 -5.66 -5.25
N GLU A 79 -3.14 -6.24 -4.30
CA GLU A 79 -3.02 -7.66 -4.01
C GLU A 79 -3.36 -8.54 -5.22
N GLU A 80 -4.50 -8.28 -5.83
CA GLU A 80 -4.94 -9.06 -7.00
C GLU A 80 -3.94 -8.94 -8.15
N GLN A 81 -3.52 -7.72 -8.44
CA GLN A 81 -2.59 -7.46 -9.53
C GLN A 81 -1.27 -8.23 -9.35
N LEU A 82 -0.87 -8.42 -8.10
CA LEU A 82 0.37 -9.13 -7.80
C LEU A 82 0.20 -10.63 -7.93
N LEU A 83 -0.97 -11.11 -7.51
CA LEU A 83 -1.28 -12.53 -7.54
C LEU A 83 -1.41 -13.04 -8.97
N GLN A 84 -1.71 -12.14 -9.90
CA GLN A 84 -1.85 -12.50 -11.31
C GLN A 84 -0.63 -13.27 -11.80
N ARG A 85 0.50 -13.08 -11.12
CA ARG A 85 1.74 -13.75 -11.49
C ARG A 85 2.24 -14.65 -10.36
N ILE A 86 1.86 -14.31 -9.12
CA ILE A 86 2.26 -15.09 -7.95
C ILE A 86 1.04 -15.70 -7.26
N PRO A 87 0.70 -16.96 -7.59
CA PRO A 87 -0.44 -17.65 -7.00
C PRO A 87 -0.19 -18.11 -5.57
N GLU A 88 1.05 -17.98 -5.13
CA GLU A 88 1.43 -18.39 -3.77
C GLU A 88 1.83 -17.17 -2.94
N PHE A 89 1.48 -15.99 -3.43
CA PHE A 89 1.81 -14.74 -2.73
C PHE A 89 1.11 -14.66 -1.38
N ASN A 90 1.76 -14.01 -0.44
CA ASN A 90 1.20 -13.83 0.90
C ASN A 90 1.32 -12.38 1.34
N MET A 91 0.25 -11.62 1.13
CA MET A 91 0.24 -10.21 1.50
C MET A 91 0.41 -10.03 3.00
N ALA A 92 0.05 -11.05 3.76
CA ALA A 92 0.15 -11.00 5.22
C ALA A 92 1.61 -11.04 5.67
N ALA A 93 2.32 -12.08 5.28
CA ALA A 93 3.72 -12.24 5.67
C ALA A 93 4.59 -11.19 4.97
N PHE A 94 4.15 -10.74 3.81
CA PHE A 94 4.90 -9.74 3.04
C PHE A 94 4.89 -8.39 3.75
N THR A 95 3.69 -7.90 4.07
CA THR A 95 3.55 -6.62 4.75
C THR A 95 4.26 -6.61 6.09
N THR A 96 4.18 -7.72 6.82
CA THR A 96 4.81 -7.84 8.12
C THR A 96 6.32 -7.67 8.00
N THR A 97 6.93 -8.46 7.12
CA THR A 97 8.37 -8.40 6.89
C THR A 97 8.79 -7.07 6.30
N LEU A 98 7.88 -6.45 5.54
CA LEU A 98 8.15 -5.17 4.89
C LEU A 98 8.38 -4.08 5.94
N GLN A 99 7.48 -3.99 6.92
CA GLN A 99 7.59 -2.99 7.97
C GLN A 99 8.96 -3.03 8.62
N HIS A 100 9.56 -4.21 8.65
CA HIS A 100 10.88 -4.39 9.23
C HIS A 100 11.95 -4.11 8.18
N HIS A 101 11.68 -4.53 6.95
CA HIS A 101 12.61 -4.34 5.85
C HIS A 101 12.73 -2.85 5.51
N LYS A 102 11.91 -2.04 6.16
CA LYS A 102 11.94 -0.60 5.94
C LYS A 102 13.33 -0.03 6.21
N ASP A 103 14.12 -0.77 6.97
CA ASP A 103 15.48 -0.34 7.31
C ASP A 103 16.38 -0.38 6.08
N GLU A 104 15.83 -0.84 4.96
CA GLU A 104 16.58 -0.92 3.72
C GLU A 104 15.80 -0.32 2.55
N VAL A 105 14.61 -0.86 2.29
CA VAL A 105 13.77 -0.37 1.20
C VAL A 105 13.41 1.10 1.41
N ALA A 106 13.00 1.77 0.34
CA ALA A 106 12.62 3.17 0.41
C ALA A 106 11.40 3.37 1.30
N GLY A 107 11.63 3.93 2.50
CA GLY A 107 10.55 4.17 3.43
C GLY A 107 9.53 5.15 2.88
N ASP A 108 10.00 6.07 2.04
CA ASP A 108 9.12 7.06 1.42
C ASP A 108 8.11 6.41 0.48
N ILE A 109 8.54 5.32 -0.17
CA ILE A 109 7.66 4.61 -1.10
C ILE A 109 6.59 3.84 -0.36
N PHE A 110 6.99 3.05 0.64
CA PHE A 110 6.04 2.27 1.41
C PHE A 110 5.13 3.18 2.23
N ASP A 111 5.64 4.36 2.59
CA ASP A 111 4.87 5.32 3.37
C ASP A 111 3.49 5.53 2.77
N MET A 112 3.38 5.34 1.46
CA MET A 112 2.12 5.48 0.76
C MET A 112 1.20 4.31 1.10
N LEU A 113 1.73 3.10 0.93
CA LEU A 113 0.98 1.88 1.22
C LEU A 113 0.69 1.76 2.70
N LEU A 114 1.51 2.42 3.51
CA LEU A 114 1.36 2.40 4.96
C LEU A 114 -0.08 2.71 5.37
N THR A 115 -0.78 3.46 4.53
CA THR A 115 -2.17 3.82 4.80
C THR A 115 -3.06 2.60 4.94
N PHE A 116 -2.48 1.40 4.82
CA PHE A 116 -3.24 0.16 4.96
C PHE A 116 -3.81 0.02 6.36
N THR A 117 -3.26 0.79 7.30
CA THR A 117 -3.71 0.74 8.68
C THR A 117 -3.48 2.07 9.40
N ASP A 118 -2.49 2.82 8.95
CA ASP A 118 -2.16 4.11 9.54
C ASP A 118 -3.20 5.15 9.17
N PHE A 119 -4.26 5.22 9.97
CA PHE A 119 -5.35 6.18 9.72
C PHE A 119 -4.84 7.62 9.76
N LEU A 120 -3.77 7.84 10.52
CA LEU A 120 -3.19 9.18 10.63
C LEU A 120 -2.63 9.64 9.30
N ALA A 121 -2.02 8.72 8.56
CA ALA A 121 -1.44 9.04 7.26
C ALA A 121 -2.52 9.18 6.20
N PHE A 122 -3.60 8.43 6.38
CA PHE A 122 -4.72 8.46 5.44
C PHE A 122 -5.34 9.85 5.37
N LYS A 123 -5.72 10.36 6.53
CA LYS A 123 -6.33 11.69 6.62
C LYS A 123 -5.33 12.77 6.22
N GLU A 124 -4.13 12.70 6.81
CA GLU A 124 -3.08 13.67 6.51
C GLU A 124 -2.76 13.68 5.02
N MET A 125 -2.95 12.53 4.36
CA MET A 125 -2.68 12.42 2.94
C MET A 125 -3.64 13.27 2.12
N PHE A 126 -4.93 13.15 2.44
CA PHE A 126 -5.96 13.89 1.72
C PHE A 126 -5.80 15.40 1.94
N LEU A 127 -5.56 15.79 3.19
CA LEU A 127 -5.37 17.20 3.52
C LEU A 127 -4.19 17.78 2.76
N ASP A 128 -3.13 16.99 2.63
CA ASP A 128 -1.94 17.43 1.90
C ASP A 128 -2.26 17.66 0.43
N TYR A 129 -3.07 16.77 -0.14
CA TYR A 129 -3.47 16.87 -1.54
C TYR A 129 -4.21 18.18 -1.78
N ARG A 130 -5.07 18.55 -0.83
CA ARG A 130 -5.86 19.77 -0.94
C ARG A 130 -4.93 20.99 -1.00
N ALA A 131 -3.90 21.00 -0.16
CA ALA A 131 -2.96 22.10 -0.12
C ALA A 131 -2.23 22.23 -1.46
N GLU A 132 -2.01 21.10 -2.12
CA GLU A 132 -1.32 21.09 -3.41
C GLU A 132 -2.24 21.58 -4.52
N LYS A 133 -3.55 21.47 -4.30
CA LYS A 133 -4.54 21.90 -5.28
C LYS A 133 -4.66 23.42 -5.31
N GLU A 134 -3.85 24.09 -4.48
CA GLU A 134 -3.87 25.55 -4.42
C GLU A 134 -2.90 26.13 -5.44
N GLY A 135 -2.07 25.28 -6.02
CA GLY A 135 -1.10 25.73 -7.00
C GLY A 135 0.32 25.40 -6.62
N ARG A 136 0.80 26.02 -5.54
CA ARG A 136 2.15 25.78 -5.06
C ARG A 136 2.32 26.31 -3.64
N GLY A 137 3.15 25.62 -2.85
CA GLY A 137 3.38 26.03 -1.48
C GLY A 137 4.79 26.56 -1.26
N MET A 2 15.08 -28.73 -19.87
CA MET A 2 15.58 -28.45 -18.50
C MET A 2 14.61 -28.97 -17.45
N ASP A 3 14.99 -28.86 -16.18
CA ASP A 3 14.16 -29.32 -15.08
C ASP A 3 13.26 -28.20 -14.57
N ALA A 4 13.54 -26.98 -15.01
CA ALA A 4 12.75 -25.82 -14.60
C ALA A 4 12.77 -25.63 -13.08
N LEU A 5 11.93 -24.73 -12.59
CA LEU A 5 11.85 -24.47 -11.16
C LEU A 5 11.39 -25.71 -10.39
N GLU A 6 11.54 -25.65 -9.07
CA GLU A 6 11.13 -26.76 -8.20
C GLU A 6 10.69 -26.24 -6.83
N GLY A 7 11.61 -25.62 -6.11
CA GLY A 7 11.30 -25.09 -4.80
C GLY A 7 12.10 -25.76 -3.69
N GLU A 8 11.53 -25.80 -2.50
CA GLU A 8 12.19 -26.41 -1.35
C GLU A 8 12.19 -27.93 -1.47
N SER A 9 12.98 -28.58 -0.63
CA SER A 9 13.06 -30.04 -0.63
C SER A 9 12.28 -30.63 0.54
N PHE A 10 12.69 -30.28 1.75
CA PHE A 10 12.03 -30.78 2.96
C PHE A 10 11.99 -29.70 4.04
N ALA A 11 13.17 -29.27 4.48
CA ALA A 11 13.27 -28.24 5.50
C ALA A 11 14.66 -27.61 5.52
N LEU A 12 14.77 -26.43 4.93
CA LEU A 12 16.05 -25.71 4.89
C LEU A 12 15.96 -24.39 5.63
N SER A 13 17.11 -23.90 6.08
CA SER A 13 17.17 -22.64 6.81
C SER A 13 17.23 -21.44 5.85
N PHE A 14 17.26 -21.75 4.56
CA PHE A 14 17.32 -20.70 3.54
C PHE A 14 15.93 -20.19 3.19
N SER A 15 15.74 -18.88 3.28
CA SER A 15 14.45 -18.27 2.96
C SER A 15 14.58 -17.26 1.83
N SER A 16 13.60 -17.26 0.93
CA SER A 16 13.62 -16.34 -0.21
C SER A 16 12.51 -15.30 -0.08
N ALA A 17 11.42 -15.68 0.59
CA ALA A 17 10.29 -14.78 0.78
C ALA A 17 10.69 -13.55 1.59
N SER A 18 11.89 -13.57 2.16
CA SER A 18 12.39 -12.46 2.96
C SER A 18 13.75 -11.99 2.46
N ASP A 19 14.08 -12.35 1.22
CA ASP A 19 15.35 -11.95 0.63
C ASP A 19 15.23 -11.78 -0.88
N ALA A 20 15.44 -12.86 -1.62
CA ALA A 20 15.36 -12.83 -3.07
C ALA A 20 13.92 -12.61 -3.57
N GLU A 21 13.02 -13.49 -3.14
CA GLU A 21 11.62 -13.39 -3.54
C GLU A 21 11.02 -12.05 -3.11
N PHE A 22 11.41 -11.58 -1.93
CA PHE A 22 10.92 -10.31 -1.41
C PHE A 22 11.30 -9.17 -2.35
N ASP A 23 12.58 -9.09 -2.69
CA ASP A 23 13.07 -8.04 -3.57
C ASP A 23 12.31 -8.03 -4.90
N ALA A 24 11.92 -9.22 -5.36
CA ALA A 24 11.17 -9.35 -6.60
C ALA A 24 9.82 -8.66 -6.49
N VAL A 25 9.14 -8.87 -5.37
CA VAL A 25 7.84 -8.27 -5.13
C VAL A 25 7.95 -6.76 -5.11
N VAL A 26 9.02 -6.25 -4.50
CA VAL A 26 9.26 -4.82 -4.41
C VAL A 26 9.31 -4.20 -5.81
N GLY A 27 9.99 -4.88 -6.73
CA GLY A 27 10.10 -4.40 -8.09
C GLY A 27 8.74 -4.29 -8.76
N TYR A 28 7.91 -5.31 -8.54
CA TYR A 28 6.58 -5.33 -9.11
C TYR A 28 5.77 -4.13 -8.64
N LEU A 29 5.96 -3.76 -7.38
CA LEU A 29 5.25 -2.62 -6.80
C LEU A 29 5.59 -1.33 -7.54
N GLU A 30 6.88 -1.14 -7.81
CA GLU A 30 7.35 0.05 -8.52
C GLU A 30 6.66 0.19 -9.88
N ASP A 31 6.56 -0.93 -10.60
CA ASP A 31 5.92 -0.93 -11.92
C ASP A 31 4.45 -0.56 -11.81
N ILE A 32 3.82 -0.93 -10.71
CA ILE A 32 2.40 -0.64 -10.48
C ILE A 32 2.20 0.84 -10.18
N ILE A 33 3.05 1.39 -9.32
CA ILE A 33 2.95 2.79 -8.93
C ILE A 33 3.15 3.71 -10.13
N MET A 34 4.03 3.31 -11.05
CA MET A 34 4.31 4.10 -12.25
C MET A 34 3.41 3.68 -13.40
N ASP A 35 2.47 2.77 -13.13
CA ASP A 35 1.55 2.29 -14.16
C ASP A 35 0.49 3.34 -14.46
N ASP A 36 0.25 3.57 -15.75
CA ASP A 36 -0.74 4.55 -16.19
C ASP A 36 -2.11 4.26 -15.60
N GLU A 37 -2.56 3.01 -15.74
CA GLU A 37 -3.86 2.60 -15.22
C GLU A 37 -3.97 2.88 -13.73
N PHE A 38 -2.82 2.85 -13.04
CA PHE A 38 -2.79 3.09 -11.61
C PHE A 38 -2.96 4.58 -11.30
N GLN A 39 -2.38 5.43 -12.14
CA GLN A 39 -2.47 6.87 -11.96
C GLN A 39 -3.90 7.35 -12.13
N LEU A 40 -4.59 6.82 -13.15
CA LEU A 40 -5.96 7.19 -13.42
C LEU A 40 -6.90 6.68 -12.32
N LEU A 41 -6.60 5.48 -11.82
CA LEU A 41 -7.41 4.87 -10.77
C LEU A 41 -7.26 5.63 -9.45
N GLN A 42 -6.04 6.08 -9.17
CA GLN A 42 -5.75 6.81 -7.95
C GLN A 42 -6.46 8.17 -7.94
N ARG A 43 -6.25 8.95 -8.99
CA ARG A 43 -6.86 10.27 -9.09
C ARG A 43 -8.39 10.16 -9.13
N ASN A 44 -8.89 9.08 -9.70
CA ASN A 44 -10.33 8.86 -9.80
C ASN A 44 -10.98 8.72 -8.42
N PHE A 45 -10.36 7.92 -7.56
CA PHE A 45 -10.89 7.70 -6.22
C PHE A 45 -10.59 8.88 -5.29
N MET A 46 -9.41 9.46 -5.43
CA MET A 46 -9.01 10.59 -4.61
C MET A 46 -9.94 11.78 -4.82
N ASP A 47 -10.50 11.87 -6.02
CA ASP A 47 -11.40 12.97 -6.35
C ASP A 47 -12.60 13.02 -5.42
N LYS A 48 -13.02 11.86 -4.93
CA LYS A 48 -14.17 11.76 -4.03
C LYS A 48 -13.74 11.83 -2.56
N TYR A 49 -12.80 10.96 -2.19
CA TYR A 49 -12.32 10.90 -0.82
C TYR A 49 -11.83 12.27 -0.32
N TYR A 50 -11.06 12.98 -1.14
CA TYR A 50 -10.55 14.29 -0.75
C TYR A 50 -11.67 15.30 -0.52
N LEU A 51 -12.85 15.02 -1.08
CA LEU A 51 -13.99 15.91 -0.93
C LEU A 51 -14.70 15.68 0.41
N GLU A 52 -15.03 14.42 0.69
CA GLU A 52 -15.72 14.06 1.92
C GLU A 52 -14.86 14.36 3.14
N PHE A 53 -13.56 14.10 3.00
CA PHE A 53 -12.62 14.33 4.09
C PHE A 53 -12.47 15.82 4.37
N GLU A 54 -13.29 16.32 5.30
CA GLU A 54 -13.25 17.72 5.68
C GLU A 54 -12.47 17.92 6.97
N ASP A 55 -11.82 19.07 7.11
CA ASP A 55 -11.04 19.38 8.28
C ASP A 55 -11.96 19.61 9.49
N THR A 56 -12.34 18.52 10.14
CA THR A 56 -13.22 18.59 11.31
C THR A 56 -12.58 17.91 12.51
N GLU A 57 -12.97 18.35 13.70
CA GLU A 57 -12.44 17.79 14.94
C GLU A 57 -13.33 16.68 15.48
N GLU A 58 -14.59 16.67 15.04
CA GLU A 58 -15.54 15.66 15.48
C GLU A 58 -15.29 14.34 14.77
N ASN A 59 -15.56 13.24 15.46
CA ASN A 59 -15.37 11.91 14.90
C ASN A 59 -16.66 11.36 14.33
N LYS A 60 -16.66 11.04 13.03
CA LYS A 60 -17.85 10.51 12.37
C LYS A 60 -17.70 9.01 12.11
N LEU A 61 -18.83 8.30 12.11
CA LEU A 61 -18.84 6.87 11.87
C LEU A 61 -18.72 6.57 10.37
N ILE A 62 -18.83 7.62 9.56
CA ILE A 62 -18.74 7.49 8.11
C ILE A 62 -17.35 7.04 7.68
N TYR A 63 -16.38 7.20 8.58
CA TYR A 63 -15.01 6.80 8.28
C TYR A 63 -14.86 5.28 8.22
N THR A 64 -15.86 4.57 8.75
CA THR A 64 -15.83 3.11 8.76
C THR A 64 -16.16 2.54 7.38
N PRO A 65 -17.30 2.94 6.76
CA PRO A 65 -17.67 2.46 5.42
C PRO A 65 -16.69 2.94 4.36
N ILE A 66 -16.21 4.16 4.51
CA ILE A 66 -15.26 4.73 3.56
C ILE A 66 -13.96 3.95 3.56
N PHE A 67 -13.45 3.67 4.75
CA PHE A 67 -12.21 2.91 4.89
C PHE A 67 -12.31 1.56 4.22
N ASN A 68 -13.41 0.86 4.47
CA ASN A 68 -13.65 -0.45 3.89
C ASN A 68 -13.62 -0.38 2.36
N GLU A 69 -14.11 0.74 1.81
CA GLU A 69 -14.12 0.93 0.37
C GLU A 69 -12.71 1.10 -0.17
N TYR A 70 -11.88 1.82 0.57
CA TYR A 70 -10.50 2.06 0.17
C TYR A 70 -9.71 0.75 0.11
N ILE A 71 -9.97 -0.13 1.08
CA ILE A 71 -9.30 -1.41 1.15
C ILE A 71 -9.79 -2.37 0.07
N SER A 72 -11.04 -2.20 -0.32
CA SER A 72 -11.64 -3.06 -1.34
C SER A 72 -11.33 -2.55 -2.75
N LEU A 73 -11.13 -1.24 -2.89
CA LEU A 73 -10.83 -0.66 -4.19
C LEU A 73 -9.33 -0.58 -4.47
N VAL A 74 -8.62 0.21 -3.66
CA VAL A 74 -7.18 0.40 -3.84
C VAL A 74 -6.35 -0.80 -3.38
N GLU A 75 -6.44 -1.13 -2.10
CA GLU A 75 -5.67 -2.25 -1.55
C GLU A 75 -5.90 -3.52 -2.36
N LYS A 76 -7.16 -3.78 -2.71
CA LYS A 76 -7.50 -4.96 -3.48
C LYS A 76 -6.82 -4.92 -4.84
N TYR A 77 -6.82 -3.75 -5.47
CA TYR A 77 -6.21 -3.57 -6.78
C TYR A 77 -4.77 -4.07 -6.79
N ILE A 78 -4.01 -3.69 -5.76
CA ILE A 78 -2.61 -4.10 -5.65
C ILE A 78 -2.49 -5.62 -5.53
N GLU A 79 -3.36 -6.21 -4.71
CA GLU A 79 -3.36 -7.65 -4.49
C GLU A 79 -3.54 -8.41 -5.80
N GLU A 80 -4.56 -8.04 -6.56
CA GLU A 80 -4.87 -8.71 -7.83
C GLU A 80 -3.67 -8.64 -8.79
N GLN A 81 -3.06 -7.46 -8.88
CA GLN A 81 -1.92 -7.27 -9.77
C GLN A 81 -0.78 -8.25 -9.46
N LEU A 82 -0.54 -8.46 -8.17
CA LEU A 82 0.52 -9.38 -7.75
C LEU A 82 0.10 -10.84 -7.88
N LEU A 83 -1.19 -11.10 -7.72
CA LEU A 83 -1.72 -12.46 -7.81
C LEU A 83 -1.63 -12.99 -9.24
N GLN A 84 -1.61 -12.09 -10.22
CA GLN A 84 -1.53 -12.48 -11.62
C GLN A 84 -0.25 -13.28 -11.91
N ARG A 85 0.75 -13.12 -11.05
CA ARG A 85 2.02 -13.83 -11.22
C ARG A 85 2.33 -14.69 -10.00
N ILE A 86 1.68 -14.38 -8.89
CA ILE A 86 1.89 -15.12 -7.65
C ILE A 86 0.56 -15.46 -6.98
N PRO A 87 -0.04 -16.62 -7.33
CA PRO A 87 -1.32 -17.05 -6.75
C PRO A 87 -1.17 -17.48 -5.31
N GLU A 88 0.06 -17.44 -4.79
CA GLU A 88 0.33 -17.84 -3.42
C GLU A 88 0.78 -16.63 -2.59
N PHE A 89 0.54 -15.44 -3.12
CA PHE A 89 0.93 -14.21 -2.45
C PHE A 89 -0.04 -13.88 -1.31
N ASN A 90 0.51 -13.39 -0.21
CA ASN A 90 -0.29 -13.02 0.95
C ASN A 90 -0.06 -11.56 1.32
N MET A 91 -1.01 -10.70 0.94
CA MET A 91 -0.92 -9.28 1.21
C MET A 91 -0.76 -8.98 2.70
N ALA A 92 -1.33 -9.85 3.53
CA ALA A 92 -1.26 -9.67 4.98
C ALA A 92 0.15 -9.92 5.50
N ALA A 93 0.71 -11.07 5.15
CA ALA A 93 2.06 -11.44 5.60
C ALA A 93 3.12 -10.55 4.95
N PHE A 94 2.81 -10.00 3.79
CA PHE A 94 3.76 -9.15 3.08
C PHE A 94 3.90 -7.80 3.78
N THR A 95 2.79 -7.15 4.07
CA THR A 95 2.80 -5.86 4.75
C THR A 95 3.46 -5.95 6.11
N THR A 96 3.09 -6.97 6.88
CA THR A 96 3.65 -7.16 8.22
C THR A 96 5.17 -7.28 8.17
N THR A 97 5.67 -8.10 7.25
CA THR A 97 7.11 -8.30 7.11
C THR A 97 7.77 -7.07 6.50
N LEU A 98 7.02 -6.33 5.68
CA LEU A 98 7.53 -5.13 5.04
C LEU A 98 7.93 -4.07 6.08
N GLN A 99 7.14 -3.99 7.15
CA GLN A 99 7.40 -3.03 8.21
C GLN A 99 8.85 -3.11 8.68
N HIS A 100 9.39 -4.32 8.70
CA HIS A 100 10.78 -4.53 9.11
C HIS A 100 11.73 -4.23 7.95
N HIS A 101 11.34 -4.67 6.76
CA HIS A 101 12.14 -4.45 5.56
C HIS A 101 12.14 -2.99 5.17
N LYS A 102 11.39 -2.18 5.91
CA LYS A 102 11.30 -0.75 5.64
C LYS A 102 12.65 -0.08 5.87
N ASP A 103 13.51 -0.75 6.63
CA ASP A 103 14.83 -0.23 6.94
C ASP A 103 15.76 -0.38 5.74
N GLU A 104 15.32 -1.18 4.76
CA GLU A 104 16.11 -1.41 3.56
C GLU A 104 15.45 -0.78 2.34
N VAL A 105 14.24 -1.24 2.03
CA VAL A 105 13.49 -0.72 0.88
C VAL A 105 13.22 0.78 1.05
N ALA A 106 12.97 1.45 -0.07
CA ALA A 106 12.70 2.89 -0.05
C ALA A 106 11.52 3.21 0.87
N GLY A 107 11.82 3.81 2.02
CA GLY A 107 10.78 4.16 2.96
C GLY A 107 9.79 5.15 2.38
N ASP A 108 10.28 6.00 1.46
CA ASP A 108 9.44 7.01 0.82
C ASP A 108 8.36 6.35 -0.04
N ILE A 109 8.73 5.30 -0.76
CA ILE A 109 7.79 4.60 -1.62
C ILE A 109 6.69 3.92 -0.81
N PHE A 110 7.10 3.16 0.21
CA PHE A 110 6.15 2.46 1.06
C PHE A 110 5.33 3.46 1.87
N ASP A 111 5.93 4.61 2.16
CA ASP A 111 5.25 5.65 2.93
C ASP A 111 3.85 5.91 2.39
N MET A 112 3.66 5.68 1.10
CA MET A 112 2.36 5.86 0.47
C MET A 112 1.42 4.76 0.92
N LEU A 113 1.87 3.51 0.77
CA LEU A 113 1.08 2.35 1.15
C LEU A 113 0.87 2.31 2.65
N LEU A 114 1.76 2.98 3.38
CA LEU A 114 1.70 3.02 4.84
C LEU A 114 0.31 3.42 5.31
N THR A 115 -0.40 4.17 4.49
CA THR A 115 -1.76 4.61 4.83
C THR A 115 -2.69 3.43 5.09
N PHE A 116 -2.19 2.21 4.91
CA PHE A 116 -2.98 1.01 5.15
C PHE A 116 -3.36 0.89 6.62
N THR A 117 -2.55 1.47 7.49
CA THR A 117 -2.81 1.42 8.93
C THR A 117 -2.75 2.80 9.56
N ASP A 118 -1.77 3.60 9.15
CA ASP A 118 -1.62 4.96 9.70
C ASP A 118 -2.77 5.85 9.27
N PHE A 119 -3.85 5.82 10.03
CA PHE A 119 -5.03 6.62 9.72
C PHE A 119 -4.69 8.11 9.71
N LEU A 120 -3.72 8.50 10.53
CA LEU A 120 -3.30 9.90 10.61
C LEU A 120 -2.71 10.36 9.28
N ALA A 121 -1.96 9.48 8.63
CA ALA A 121 -1.33 9.80 7.36
C ALA A 121 -2.34 9.79 6.22
N PHE A 122 -3.38 8.96 6.37
CA PHE A 122 -4.43 8.85 5.35
C PHE A 122 -5.20 10.16 5.21
N LYS A 123 -5.73 10.64 6.33
CA LYS A 123 -6.49 11.88 6.34
C LYS A 123 -5.60 13.05 5.92
N GLU A 124 -4.43 13.12 6.54
CA GLU A 124 -3.47 14.18 6.24
C GLU A 124 -3.08 14.15 4.76
N MET A 125 -3.07 12.96 4.18
CA MET A 125 -2.71 12.79 2.78
C MET A 125 -3.69 13.56 1.88
N PHE A 126 -4.98 13.37 2.14
CA PHE A 126 -6.01 14.06 1.36
C PHE A 126 -5.96 15.56 1.58
N LEU A 127 -5.81 15.98 2.83
CA LEU A 127 -5.76 17.40 3.16
C LEU A 127 -4.57 18.07 2.48
N ASP A 128 -3.47 17.33 2.36
CA ASP A 128 -2.27 17.87 1.72
C ASP A 128 -2.50 18.05 0.23
N TYR A 129 -3.13 17.06 -0.39
CA TYR A 129 -3.42 17.11 -1.82
C TYR A 129 -4.27 18.33 -2.15
N ARG A 130 -5.34 18.52 -1.39
CA ARG A 130 -6.24 19.64 -1.60
C ARG A 130 -5.51 20.98 -1.47
N ALA A 131 -4.69 21.10 -0.44
CA ALA A 131 -3.93 22.33 -0.20
C ALA A 131 -3.18 22.77 -1.46
N GLU A 132 -2.44 21.83 -2.05
CA GLU A 132 -1.66 22.13 -3.25
C GLU A 132 -2.57 22.22 -4.48
N LYS A 133 -3.72 21.56 -4.41
CA LYS A 133 -4.68 21.57 -5.52
C LYS A 133 -5.31 22.95 -5.68
N GLU A 134 -5.42 23.68 -4.58
CA GLU A 134 -6.00 25.02 -4.61
C GLU A 134 -5.06 26.01 -5.27
N GLY A 135 -3.81 25.60 -5.48
CA GLY A 135 -2.83 26.47 -6.12
C GLY A 135 -1.41 26.08 -5.77
N ARG A 136 -1.02 26.31 -4.52
CA ARG A 136 0.32 25.98 -4.07
C ARG A 136 0.34 25.79 -2.55
N GLY A 137 -0.84 25.70 -1.95
CA GLY A 137 -0.92 25.51 -0.51
C GLY A 137 -1.31 26.78 0.21
N MET A 2 23.73 -7.32 18.83
CA MET A 2 23.95 -8.64 18.16
C MET A 2 24.89 -8.50 16.97
N ASP A 3 25.46 -9.62 16.53
CA ASP A 3 26.37 -9.62 15.40
C ASP A 3 26.03 -10.74 14.43
N ALA A 4 25.87 -10.38 13.16
CA ALA A 4 25.54 -11.36 12.11
C ALA A 4 26.80 -11.94 11.49
N LEU A 5 27.96 -11.45 11.93
CA LEU A 5 29.23 -11.92 11.42
C LEU A 5 29.79 -13.04 12.30
N GLU A 6 28.99 -13.48 13.27
CA GLU A 6 29.39 -14.54 14.18
C GLU A 6 29.24 -15.91 13.50
N GLY A 7 28.31 -16.00 12.56
CA GLY A 7 28.07 -17.25 11.86
C GLY A 7 26.61 -17.63 11.84
N GLU A 8 25.80 -16.93 12.63
CA GLU A 8 24.37 -17.21 12.70
C GLU A 8 23.58 -16.07 12.08
N SER A 9 22.68 -16.42 11.17
CA SER A 9 21.84 -15.43 10.48
C SER A 9 20.71 -16.10 9.72
N PHE A 10 20.82 -17.40 9.52
CA PHE A 10 19.81 -18.18 8.81
C PHE A 10 18.96 -18.99 9.78
N ALA A 11 17.65 -18.79 9.72
CA ALA A 11 16.73 -19.51 10.60
C ALA A 11 16.25 -20.80 9.96
N LEU A 12 16.56 -20.96 8.68
CA LEU A 12 16.15 -22.16 7.93
C LEU A 12 14.64 -22.32 7.94
N SER A 13 13.93 -21.25 8.26
CA SER A 13 12.47 -21.28 8.30
C SER A 13 11.87 -20.24 7.35
N PHE A 14 11.28 -20.72 6.26
CA PHE A 14 10.66 -19.85 5.26
C PHE A 14 11.68 -18.86 4.68
N SER A 15 11.79 -17.69 5.30
CA SER A 15 12.74 -16.67 4.85
C SER A 15 12.46 -16.26 3.40
N SER A 16 11.91 -15.07 3.22
CA SER A 16 11.60 -14.56 1.90
C SER A 16 11.99 -13.09 1.77
N ALA A 17 12.12 -12.42 2.90
CA ALA A 17 12.48 -11.00 2.93
C ALA A 17 13.98 -10.81 2.65
N SER A 18 14.79 -11.69 3.20
CA SER A 18 16.24 -11.62 3.01
C SER A 18 16.67 -12.43 1.80
N ASP A 19 15.70 -12.77 0.95
CA ASP A 19 15.98 -13.54 -0.26
C ASP A 19 15.57 -12.78 -1.52
N ALA A 20 15.82 -13.40 -2.66
CA ALA A 20 15.48 -12.81 -3.95
C ALA A 20 13.97 -12.62 -4.09
N GLU A 21 13.20 -13.42 -3.34
CA GLU A 21 11.74 -13.34 -3.40
C GLU A 21 11.25 -11.94 -3.10
N PHE A 22 11.76 -11.33 -2.03
CA PHE A 22 11.36 -9.98 -1.65
C PHE A 22 11.75 -8.97 -2.73
N ASP A 23 12.91 -9.18 -3.34
CA ASP A 23 13.39 -8.29 -4.40
C ASP A 23 12.48 -8.37 -5.62
N ALA A 24 11.97 -9.56 -5.90
CA ALA A 24 11.10 -9.79 -7.05
C ALA A 24 9.78 -9.02 -6.90
N VAL A 25 9.10 -9.25 -5.79
CA VAL A 25 7.82 -8.59 -5.54
C VAL A 25 7.96 -7.08 -5.62
N VAL A 26 8.99 -6.56 -4.97
CA VAL A 26 9.25 -5.11 -4.98
C VAL A 26 9.29 -4.58 -6.41
N GLY A 27 9.96 -5.32 -7.30
CA GLY A 27 10.05 -4.92 -8.68
C GLY A 27 8.68 -4.83 -9.34
N TYR A 28 7.80 -5.75 -8.96
CA TYR A 28 6.45 -5.77 -9.51
C TYR A 28 5.66 -4.55 -9.07
N LEU A 29 5.60 -4.32 -7.75
CA LEU A 29 4.89 -3.17 -7.20
C LEU A 29 5.32 -1.88 -7.88
N GLU A 30 6.63 -1.68 -7.98
CA GLU A 30 7.18 -0.48 -8.60
C GLU A 30 6.65 -0.32 -10.02
N ASP A 31 6.59 -1.42 -10.76
CA ASP A 31 6.10 -1.41 -12.13
C ASP A 31 4.65 -0.96 -12.17
N ILE A 32 3.90 -1.30 -11.12
CA ILE A 32 2.50 -0.94 -11.01
C ILE A 32 2.33 0.52 -10.61
N ILE A 33 3.21 1.00 -9.73
CA ILE A 33 3.16 2.38 -9.28
C ILE A 33 3.36 3.36 -10.42
N MET A 34 4.23 2.99 -11.36
CA MET A 34 4.52 3.84 -12.51
C MET A 34 3.62 3.49 -13.69
N ASP A 35 2.55 2.75 -13.42
CA ASP A 35 1.62 2.35 -14.47
C ASP A 35 0.56 3.43 -14.69
N ASP A 36 0.27 3.73 -15.94
CA ASP A 36 -0.72 4.76 -16.28
C ASP A 36 -2.07 4.45 -15.66
N GLU A 37 -2.48 3.18 -15.75
CA GLU A 37 -3.76 2.76 -15.20
C GLU A 37 -3.82 2.95 -13.69
N PHE A 38 -2.65 2.87 -13.05
CA PHE A 38 -2.57 3.04 -11.60
C PHE A 38 -2.67 4.51 -11.21
N GLN A 39 -1.91 5.36 -11.90
CA GLN A 39 -1.92 6.79 -11.63
C GLN A 39 -3.33 7.36 -11.77
N LEU A 40 -4.06 6.87 -12.75
CA LEU A 40 -5.43 7.32 -12.99
C LEU A 40 -6.35 6.87 -11.87
N LEU A 41 -6.25 5.59 -11.50
CA LEU A 41 -7.08 5.02 -10.43
C LEU A 41 -6.82 5.70 -9.09
N GLN A 42 -5.58 6.11 -8.87
CA GLN A 42 -5.20 6.75 -7.61
C GLN A 42 -5.78 8.17 -7.50
N ARG A 43 -5.73 8.90 -8.61
CA ARG A 43 -6.25 10.26 -8.62
C ARG A 43 -7.77 10.28 -8.74
N ASN A 44 -8.33 9.29 -9.42
CA ASN A 44 -9.77 9.20 -9.61
C ASN A 44 -10.48 8.88 -8.31
N PHE A 45 -9.88 8.03 -7.50
CA PHE A 45 -10.46 7.64 -6.21
C PHE A 45 -10.24 8.73 -5.16
N MET A 46 -9.06 9.34 -5.19
CA MET A 46 -8.72 10.39 -4.24
C MET A 46 -9.59 11.63 -4.45
N ASP A 47 -10.06 11.80 -5.69
CA ASP A 47 -10.91 12.93 -6.03
C ASP A 47 -12.19 12.95 -5.20
N LYS A 48 -12.66 11.76 -4.81
CA LYS A 48 -13.88 11.65 -4.02
C LYS A 48 -13.57 11.60 -2.53
N TYR A 49 -12.55 10.84 -2.16
CA TYR A 49 -12.16 10.69 -0.77
C TYR A 49 -11.75 12.03 -0.15
N TYR A 50 -10.88 12.77 -0.83
CA TYR A 50 -10.41 14.05 -0.32
C TYR A 50 -11.59 15.00 -0.06
N LEU A 51 -12.73 14.70 -0.66
CA LEU A 51 -13.92 15.52 -0.49
C LEU A 51 -14.63 15.16 0.82
N GLU A 52 -14.84 13.87 1.04
CA GLU A 52 -15.51 13.40 2.25
C GLU A 52 -14.67 13.70 3.49
N PHE A 53 -13.36 13.54 3.36
CA PHE A 53 -12.45 13.78 4.46
C PHE A 53 -12.23 15.28 4.67
N GLU A 54 -13.10 15.89 5.48
CA GLU A 54 -12.99 17.31 5.76
C GLU A 54 -12.30 17.54 7.10
N ASP A 55 -11.47 18.57 7.17
CA ASP A 55 -10.75 18.90 8.38
C ASP A 55 -11.71 19.29 9.50
N THR A 56 -12.03 18.33 10.36
CA THR A 56 -12.94 18.56 11.47
C THR A 56 -12.45 17.85 12.74
N GLU A 57 -13.07 18.17 13.87
CA GLU A 57 -12.70 17.56 15.14
C GLU A 57 -13.70 16.48 15.53
N GLU A 58 -14.95 16.67 15.14
CA GLU A 58 -16.00 15.71 15.44
C GLU A 58 -15.89 14.47 14.57
N ASN A 59 -15.94 13.30 15.19
CA ASN A 59 -15.84 12.04 14.47
C ASN A 59 -17.19 11.66 13.86
N LYS A 60 -17.15 11.04 12.68
CA LYS A 60 -18.37 10.64 12.00
C LYS A 60 -18.37 9.14 11.73
N LEU A 61 -19.58 8.56 11.61
CA LEU A 61 -19.72 7.14 11.35
C LEU A 61 -19.52 6.82 9.87
N ILE A 62 -19.46 7.88 9.05
CA ILE A 62 -19.28 7.72 7.61
C ILE A 62 -17.87 7.26 7.28
N TYR A 63 -16.96 7.37 8.24
CA TYR A 63 -15.58 6.97 8.04
C TYR A 63 -15.46 5.44 7.97
N THR A 64 -16.47 4.74 8.47
CA THR A 64 -16.46 3.29 8.46
C THR A 64 -16.73 2.73 7.05
N PRO A 65 -17.83 3.15 6.40
CA PRO A 65 -18.16 2.69 5.04
C PRO A 65 -17.11 3.12 4.02
N ILE A 66 -16.66 4.37 4.12
CA ILE A 66 -15.65 4.90 3.20
C ILE A 66 -14.36 4.08 3.29
N PHE A 67 -13.94 3.78 4.52
CA PHE A 67 -12.73 3.00 4.73
C PHE A 67 -12.83 1.64 4.05
N ASN A 68 -14.02 1.03 4.14
CA ASN A 68 -14.26 -0.27 3.52
C ASN A 68 -14.07 -0.20 2.01
N GLU A 69 -14.46 0.92 1.44
CA GLU A 69 -14.34 1.13 -0.01
C GLU A 69 -12.87 1.22 -0.41
N TYR A 70 -12.06 1.79 0.46
CA TYR A 70 -10.63 1.94 0.20
C TYR A 70 -9.93 0.59 0.13
N ILE A 71 -10.24 -0.27 1.10
CA ILE A 71 -9.65 -1.60 1.16
C ILE A 71 -10.17 -2.49 0.03
N SER A 72 -11.39 -2.22 -0.42
CA SER A 72 -11.99 -3.01 -1.49
C SER A 72 -11.59 -2.50 -2.87
N LEU A 73 -11.30 -1.19 -2.98
CA LEU A 73 -10.92 -0.61 -4.25
C LEU A 73 -9.41 -0.63 -4.46
N VAL A 74 -8.68 0.10 -3.62
CA VAL A 74 -7.23 0.19 -3.74
C VAL A 74 -6.51 -1.07 -3.29
N GLU A 75 -6.67 -1.42 -2.01
CA GLU A 75 -6.00 -2.61 -1.46
C GLU A 75 -6.29 -3.86 -2.28
N LYS A 76 -7.52 -3.97 -2.77
CA LYS A 76 -7.91 -5.14 -3.58
C LYS A 76 -7.27 -5.08 -4.96
N TYR A 77 -7.13 -3.87 -5.51
CA TYR A 77 -6.53 -3.70 -6.83
C TYR A 77 -5.10 -4.25 -6.87
N ILE A 78 -4.25 -3.76 -6.00
CA ILE A 78 -2.86 -4.19 -5.95
C ILE A 78 -2.76 -5.68 -5.63
N GLU A 79 -3.57 -6.14 -4.69
CA GLU A 79 -3.56 -7.54 -4.28
C GLU A 79 -3.80 -8.47 -5.46
N GLU A 80 -4.83 -8.18 -6.24
CA GLU A 80 -5.17 -9.01 -7.41
C GLU A 80 -4.02 -9.05 -8.42
N GLN A 81 -3.42 -7.90 -8.69
CA GLN A 81 -2.32 -7.81 -9.65
C GLN A 81 -1.17 -8.72 -9.26
N LEU A 82 -0.90 -8.82 -7.97
CA LEU A 82 0.19 -9.66 -7.47
C LEU A 82 -0.19 -11.13 -7.50
N LEU A 83 -1.46 -11.42 -7.23
CA LEU A 83 -1.94 -12.81 -7.21
C LEU A 83 -1.93 -13.42 -8.61
N GLN A 84 -2.09 -12.57 -9.63
CA GLN A 84 -2.10 -13.05 -11.01
C GLN A 84 -0.79 -13.77 -11.36
N ARG A 85 0.24 -13.54 -10.56
CA ARG A 85 1.54 -14.17 -10.80
C ARG A 85 1.98 -14.98 -9.60
N ILE A 86 1.40 -14.69 -8.43
CA ILE A 86 1.74 -15.40 -7.20
C ILE A 86 0.48 -15.78 -6.44
N PRO A 87 -0.08 -16.98 -6.71
CA PRO A 87 -1.30 -17.46 -6.03
C PRO A 87 -1.04 -17.84 -4.58
N GLU A 88 0.22 -17.75 -4.16
CA GLU A 88 0.60 -18.07 -2.78
C GLU A 88 1.06 -16.83 -2.04
N PHE A 89 0.75 -15.66 -2.60
CA PHE A 89 1.15 -14.40 -2.00
C PHE A 89 0.21 -14.01 -0.87
N ASN A 90 0.78 -13.44 0.19
CA ASN A 90 -0.01 -13.02 1.35
C ASN A 90 0.26 -11.55 1.65
N MET A 91 -0.66 -10.69 1.23
CA MET A 91 -0.53 -9.25 1.46
C MET A 91 -0.46 -8.92 2.94
N ALA A 92 -1.07 -9.78 3.76
CA ALA A 92 -1.08 -9.58 5.20
C ALA A 92 0.32 -9.69 5.79
N ALA A 93 0.96 -10.84 5.56
CA ALA A 93 2.31 -11.08 6.07
C ALA A 93 3.33 -10.21 5.36
N PHE A 94 3.01 -9.81 4.13
CA PHE A 94 3.90 -8.97 3.33
C PHE A 94 4.06 -7.59 3.97
N THR A 95 2.92 -6.98 4.32
CA THR A 95 2.93 -5.65 4.93
C THR A 95 3.58 -5.68 6.31
N THR A 96 3.28 -6.71 7.08
CA THR A 96 3.84 -6.86 8.44
C THR A 96 5.36 -6.92 8.40
N THR A 97 5.90 -7.70 7.47
CA THR A 97 7.34 -7.85 7.34
C THR A 97 7.97 -6.60 6.72
N LEU A 98 7.21 -5.92 5.87
CA LEU A 98 7.69 -4.72 5.21
C LEU A 98 7.90 -3.59 6.22
N GLN A 99 7.03 -3.51 7.21
CA GLN A 99 7.12 -2.47 8.24
C GLN A 99 8.51 -2.40 8.84
N HIS A 100 9.14 -3.55 9.01
CA HIS A 100 10.49 -3.60 9.57
C HIS A 100 11.53 -3.49 8.46
N HIS A 101 11.21 -4.09 7.31
CA HIS A 101 12.12 -4.07 6.17
C HIS A 101 12.30 -2.66 5.63
N LYS A 102 11.54 -1.71 6.18
CA LYS A 102 11.62 -0.31 5.78
C LYS A 102 13.03 0.22 5.91
N ASP A 103 13.84 -0.47 6.72
CA ASP A 103 15.23 -0.06 6.93
C ASP A 103 16.08 -0.30 5.68
N GLU A 104 15.47 -0.86 4.65
CA GLU A 104 16.17 -1.13 3.40
C GLU A 104 15.43 -0.55 2.20
N VAL A 105 14.19 -1.00 1.99
CA VAL A 105 13.38 -0.51 0.88
C VAL A 105 13.19 1.00 0.95
N ALA A 106 12.86 1.61 -0.19
CA ALA A 106 12.63 3.04 -0.26
C ALA A 106 11.47 3.44 0.65
N GLY A 107 11.80 4.09 1.76
CA GLY A 107 10.78 4.52 2.71
C GLY A 107 9.85 5.56 2.10
N ASP A 108 10.37 6.35 1.18
CA ASP A 108 9.59 7.40 0.52
C ASP A 108 8.47 6.80 -0.34
N ILE A 109 8.76 5.70 -1.02
CA ILE A 109 7.77 5.06 -1.88
C ILE A 109 6.70 4.36 -1.07
N PHE A 110 7.11 3.54 -0.10
CA PHE A 110 6.16 2.82 0.72
C PHE A 110 5.34 3.76 1.59
N ASP A 111 5.92 4.91 1.94
CA ASP A 111 5.23 5.90 2.77
C ASP A 111 3.83 6.17 2.23
N MET A 112 3.67 6.07 0.91
CA MET A 112 2.38 6.29 0.29
C MET A 112 1.45 5.12 0.58
N LEU A 113 1.96 3.91 0.35
CA LEU A 113 1.19 2.70 0.60
C LEU A 113 0.92 2.52 2.09
N LEU A 114 1.77 3.15 2.91
CA LEU A 114 1.66 3.07 4.36
C LEU A 114 0.24 3.39 4.82
N THR A 115 -0.47 4.18 4.03
CA THR A 115 -1.84 4.56 4.35
C THR A 115 -2.75 3.34 4.53
N PHE A 116 -2.20 2.15 4.27
CA PHE A 116 -2.96 0.91 4.40
C PHE A 116 -3.35 0.68 5.87
N THR A 117 -2.57 1.25 6.78
CA THR A 117 -2.82 1.11 8.21
C THR A 117 -2.75 2.45 8.93
N ASP A 118 -1.75 3.26 8.59
CA ASP A 118 -1.58 4.56 9.22
C ASP A 118 -2.69 5.52 8.81
N PHE A 119 -3.78 5.52 9.58
CA PHE A 119 -4.92 6.38 9.31
C PHE A 119 -4.52 7.85 9.32
N LEU A 120 -3.56 8.19 10.17
CA LEU A 120 -3.09 9.57 10.29
C LEU A 120 -2.51 10.06 8.96
N ALA A 121 -1.84 9.17 8.24
CA ALA A 121 -1.26 9.50 6.95
C ALA A 121 -2.34 9.60 5.88
N PHE A 122 -3.38 8.79 6.04
CA PHE A 122 -4.48 8.77 5.09
C PHE A 122 -5.17 10.13 5.04
N LYS A 123 -5.59 10.63 6.20
CA LYS A 123 -6.25 11.92 6.31
C LYS A 123 -5.28 13.05 5.95
N GLU A 124 -4.02 12.90 6.35
CA GLU A 124 -3.00 13.90 6.07
C GLU A 124 -2.70 13.97 4.58
N MET A 125 -2.90 12.85 3.89
CA MET A 125 -2.65 12.79 2.46
C MET A 125 -3.68 13.60 1.69
N PHE A 126 -4.95 13.41 2.02
CA PHE A 126 -6.03 14.14 1.35
C PHE A 126 -6.02 15.62 1.72
N LEU A 127 -5.75 15.91 2.99
CA LEU A 127 -5.71 17.28 3.47
C LEU A 127 -4.61 18.07 2.76
N ASP A 128 -3.45 17.45 2.60
CA ASP A 128 -2.32 18.10 1.94
C ASP A 128 -2.62 18.38 0.47
N TYR A 129 -3.14 17.37 -0.22
CA TYR A 129 -3.49 17.51 -1.63
C TYR A 129 -4.49 18.63 -1.85
N ARG A 130 -5.39 18.80 -0.89
CA ARG A 130 -6.41 19.85 -0.97
C ARG A 130 -5.80 21.23 -0.78
N ALA A 131 -4.86 21.33 0.17
CA ALA A 131 -4.19 22.59 0.45
C ALA A 131 -3.42 23.08 -0.77
N GLU A 132 -2.92 22.14 -1.57
CA GLU A 132 -2.17 22.48 -2.77
C GLU A 132 -3.06 23.16 -3.81
N LYS A 133 -4.37 22.91 -3.71
CA LYS A 133 -5.32 23.50 -4.64
C LYS A 133 -5.49 25.00 -4.39
N GLU A 134 -5.00 25.47 -3.25
CA GLU A 134 -5.09 26.89 -2.89
C GLU A 134 -3.78 27.61 -3.18
N GLY A 135 -2.80 26.87 -3.69
CA GLY A 135 -1.51 27.46 -3.99
C GLY A 135 -1.39 27.91 -5.43
N ARG A 136 -2.09 27.21 -6.32
CA ARG A 136 -2.07 27.52 -7.74
C ARG A 136 -3.23 28.44 -8.11
N GLY A 137 -3.05 29.20 -9.18
CA GLY A 137 -4.10 30.10 -9.62
C GLY A 137 -4.18 30.20 -11.14
N MET A 2 -6.49 -23.29 23.31
CA MET A 2 -5.09 -23.30 22.79
C MET A 2 -4.10 -22.85 23.87
N ASP A 3 -2.91 -23.42 23.84
CA ASP A 3 -1.87 -23.08 24.80
C ASP A 3 -0.48 -23.38 24.25
N ALA A 4 -0.23 -24.66 23.97
CA ALA A 4 1.05 -25.08 23.44
C ALA A 4 1.07 -25.03 21.92
N LEU A 5 -0.09 -24.76 21.33
CA LEU A 5 -0.21 -24.67 19.87
C LEU A 5 0.14 -23.27 19.37
N GLU A 6 0.17 -22.31 20.29
CA GLU A 6 0.49 -20.93 19.93
C GLU A 6 2.00 -20.69 19.98
N GLY A 7 2.62 -20.65 18.80
CA GLY A 7 4.05 -20.43 18.73
C GLY A 7 4.51 -20.02 17.34
N GLU A 8 5.79 -19.69 17.22
CA GLU A 8 6.35 -19.29 15.93
C GLU A 8 6.84 -20.49 15.13
N SER A 9 6.02 -20.92 14.17
CA SER A 9 6.36 -22.06 13.34
C SER A 9 5.60 -22.03 12.02
N PHE A 10 4.38 -21.49 12.06
CA PHE A 10 3.54 -21.39 10.86
C PHE A 10 3.33 -22.76 10.22
N ALA A 11 2.77 -22.77 9.03
CA ALA A 11 2.51 -24.01 8.30
C ALA A 11 2.99 -23.93 6.85
N LEU A 12 3.46 -22.75 6.46
CA LEU A 12 3.95 -22.54 5.10
C LEU A 12 5.40 -22.98 4.97
N SER A 13 5.91 -23.00 3.74
CA SER A 13 7.28 -23.39 3.48
C SER A 13 7.95 -22.41 2.52
N PHE A 14 7.18 -21.48 1.99
CA PHE A 14 7.70 -20.49 1.05
C PHE A 14 7.56 -19.08 1.63
N SER A 15 8.58 -18.26 1.41
CA SER A 15 8.58 -16.88 1.90
C SER A 15 9.44 -15.99 1.02
N SER A 16 9.07 -14.72 0.91
CA SER A 16 9.81 -13.76 0.10
C SER A 16 10.81 -12.98 0.95
N ALA A 17 10.69 -13.13 2.27
CA ALA A 17 11.58 -12.43 3.19
C ALA A 17 13.00 -12.96 3.10
N SER A 18 13.19 -14.01 2.29
CA SER A 18 14.51 -14.62 2.11
C SER A 18 15.57 -13.55 1.83
N ASP A 19 15.56 -13.01 0.62
CA ASP A 19 16.52 -12.00 0.23
C ASP A 19 16.17 -11.39 -1.13
N ALA A 20 16.62 -12.07 -2.19
CA ALA A 20 16.36 -11.60 -3.55
C ALA A 20 14.87 -11.65 -3.89
N GLU A 21 14.16 -12.58 -3.28
CA GLU A 21 12.72 -12.73 -3.53
C GLU A 21 11.98 -11.45 -3.18
N PHE A 22 12.22 -10.93 -1.98
CA PHE A 22 11.58 -9.71 -1.53
C PHE A 22 11.81 -8.58 -2.54
N ASP A 23 13.04 -8.43 -2.99
CA ASP A 23 13.39 -7.39 -3.94
C ASP A 23 12.55 -7.52 -5.21
N ALA A 24 12.29 -8.75 -5.62
CA ALA A 24 11.49 -9.00 -6.82
C ALA A 24 10.10 -8.39 -6.66
N VAL A 25 9.49 -8.61 -5.50
CA VAL A 25 8.17 -8.07 -5.22
C VAL A 25 8.17 -6.54 -5.30
N VAL A 26 9.23 -5.93 -4.78
CA VAL A 26 9.36 -4.48 -4.80
C VAL A 26 9.33 -3.95 -6.23
N GLY A 27 9.93 -4.72 -7.14
CA GLY A 27 9.95 -4.33 -8.54
C GLY A 27 8.57 -4.29 -9.15
N TYR A 28 7.81 -5.36 -8.96
CA TYR A 28 6.46 -5.45 -9.51
C TYR A 28 5.59 -4.32 -8.97
N LEU A 29 5.88 -3.89 -7.75
CA LEU A 29 5.12 -2.81 -7.12
C LEU A 29 5.37 -1.48 -7.82
N GLU A 30 6.63 -1.17 -8.07
CA GLU A 30 7.01 0.08 -8.74
C GLU A 30 6.32 0.20 -10.09
N ASP A 31 6.26 -0.91 -10.83
CA ASP A 31 5.64 -0.93 -12.15
C ASP A 31 4.14 -0.61 -12.05
N ILE A 32 3.52 -1.03 -10.95
CA ILE A 32 2.10 -0.79 -10.75
C ILE A 32 1.84 0.66 -10.33
N ILE A 33 2.68 1.18 -9.45
CA ILE A 33 2.53 2.56 -8.97
C ILE A 33 2.73 3.54 -10.11
N MET A 34 3.59 3.20 -11.06
CA MET A 34 3.87 4.06 -12.20
C MET A 34 2.97 3.71 -13.38
N ASP A 35 2.03 2.80 -13.15
CA ASP A 35 1.10 2.39 -14.20
C ASP A 35 0.01 3.44 -14.41
N ASP A 36 -0.28 3.75 -15.67
CA ASP A 36 -1.29 4.74 -16.01
C ASP A 36 -2.65 4.37 -15.43
N GLU A 37 -3.00 3.09 -15.53
CA GLU A 37 -4.28 2.61 -15.02
C GLU A 37 -4.38 2.81 -13.51
N PHE A 38 -3.24 2.78 -12.83
CA PHE A 38 -3.21 2.95 -11.38
C PHE A 38 -3.39 4.42 -11.00
N GLN A 39 -2.71 5.31 -11.71
CA GLN A 39 -2.82 6.74 -11.43
C GLN A 39 -4.20 7.26 -11.80
N LEU A 40 -4.79 6.69 -12.84
CA LEU A 40 -6.11 7.09 -13.31
C LEU A 40 -7.18 6.68 -12.30
N LEU A 41 -7.09 5.44 -11.82
CA LEU A 41 -8.06 4.92 -10.85
C LEU A 41 -7.95 5.66 -9.52
N GLN A 42 -6.73 5.75 -9.01
CA GLN A 42 -6.48 6.42 -7.73
C GLN A 42 -7.02 7.84 -7.73
N ARG A 43 -6.70 8.60 -8.77
CA ARG A 43 -7.15 9.99 -8.89
C ARG A 43 -8.66 10.07 -9.02
N ASN A 44 -9.25 9.07 -9.67
CA ASN A 44 -10.70 9.05 -9.87
C ASN A 44 -11.46 9.02 -8.56
N PHE A 45 -11.04 8.15 -7.64
CA PHE A 45 -11.69 8.03 -6.34
C PHE A 45 -11.26 9.15 -5.39
N MET A 46 -9.96 9.44 -5.37
CA MET A 46 -9.44 10.49 -4.49
C MET A 46 -10.13 11.82 -4.79
N ASP A 47 -10.64 11.95 -6.00
CA ASP A 47 -11.34 13.16 -6.42
C ASP A 47 -12.50 13.49 -5.48
N LYS A 48 -13.11 12.45 -4.92
CA LYS A 48 -14.23 12.63 -4.00
C LYS A 48 -13.80 12.48 -2.55
N TYR A 49 -12.93 11.50 -2.28
CA TYR A 49 -12.44 11.25 -0.93
C TYR A 49 -11.80 12.48 -0.30
N TYR A 50 -10.97 13.18 -1.07
CA TYR A 50 -10.28 14.37 -0.57
C TYR A 50 -11.27 15.42 -0.05
N LEU A 51 -12.47 15.44 -0.63
CA LEU A 51 -13.48 16.40 -0.24
C LEU A 51 -14.22 15.95 1.02
N GLU A 52 -14.46 14.65 1.14
CA GLU A 52 -15.14 14.10 2.30
C GLU A 52 -14.29 14.25 3.56
N PHE A 53 -13.01 13.94 3.43
CA PHE A 53 -12.08 14.04 4.56
C PHE A 53 -11.76 15.50 4.86
N GLU A 54 -12.56 16.09 5.74
CA GLU A 54 -12.37 17.48 6.14
C GLU A 54 -11.29 17.59 7.21
N ASP A 55 -10.62 18.74 7.26
CA ASP A 55 -9.56 18.97 8.23
C ASP A 55 -10.10 19.01 9.65
N THR A 56 -11.42 18.92 9.79
CA THR A 56 -12.06 18.95 11.10
C THR A 56 -11.69 17.71 11.91
N GLU A 57 -11.65 17.87 13.22
CA GLU A 57 -11.32 16.77 14.12
C GLU A 57 -12.54 15.92 14.43
N GLU A 58 -13.70 16.39 14.00
CA GLU A 58 -14.96 15.69 14.23
C GLU A 58 -15.13 14.56 13.21
N ASN A 59 -15.15 13.33 13.69
CA ASN A 59 -15.30 12.17 12.82
C ASN A 59 -16.76 11.73 12.74
N LYS A 60 -17.30 11.70 11.52
CA LYS A 60 -18.68 11.28 11.30
C LYS A 60 -18.76 9.79 11.02
N LEU A 61 -19.98 9.28 10.87
CA LEU A 61 -20.19 7.86 10.61
C LEU A 61 -19.94 7.53 9.14
N ILE A 62 -19.96 8.56 8.29
CA ILE A 62 -19.75 8.37 6.86
C ILE A 62 -18.34 7.88 6.57
N TYR A 63 -17.44 8.07 7.55
CA TYR A 63 -16.05 7.65 7.39
C TYR A 63 -15.91 6.13 7.47
N THR A 64 -16.93 5.47 8.02
CA THR A 64 -16.91 4.02 8.15
C THR A 64 -17.09 3.32 6.79
N PRO A 65 -18.15 3.67 6.02
CA PRO A 65 -18.39 3.09 4.70
C PRO A 65 -17.33 3.49 3.69
N ILE A 66 -16.93 4.77 3.74
CA ILE A 66 -15.91 5.27 2.83
C ILE A 66 -14.60 4.51 2.99
N PHE A 67 -14.20 4.26 4.23
CA PHE A 67 -12.98 3.54 4.52
C PHE A 67 -13.04 2.12 3.97
N ASN A 68 -14.16 1.45 4.22
CA ASN A 68 -14.37 0.09 3.75
C ASN A 68 -14.25 0.00 2.23
N GLU A 69 -14.66 1.06 1.55
CA GLU A 69 -14.61 1.11 0.09
C GLU A 69 -13.16 1.19 -0.41
N TYR A 70 -12.34 1.96 0.31
CA TYR A 70 -10.94 2.12 -0.05
C TYR A 70 -10.16 0.83 0.18
N ILE A 71 -10.48 0.15 1.27
CA ILE A 71 -9.82 -1.10 1.63
C ILE A 71 -10.28 -2.26 0.74
N SER A 72 -11.52 -2.17 0.24
CA SER A 72 -12.06 -3.21 -0.62
C SER A 72 -11.67 -3.00 -2.08
N LEU A 73 -11.57 -1.74 -2.50
CA LEU A 73 -11.23 -1.41 -3.88
C LEU A 73 -9.72 -1.28 -4.10
N VAL A 74 -9.11 -0.32 -3.41
CA VAL A 74 -7.68 -0.04 -3.57
C VAL A 74 -6.79 -1.18 -3.04
N GLU A 75 -6.91 -1.49 -1.75
CA GLU A 75 -6.09 -2.54 -1.16
C GLU A 75 -6.16 -3.84 -1.95
N LYS A 76 -7.38 -4.20 -2.39
CA LYS A 76 -7.57 -5.42 -3.17
C LYS A 76 -7.05 -5.25 -4.59
N TYR A 77 -6.98 -4.01 -5.06
CA TYR A 77 -6.50 -3.71 -6.40
C TYR A 77 -5.05 -4.16 -6.54
N ILE A 78 -4.22 -3.78 -5.57
CA ILE A 78 -2.80 -4.14 -5.59
C ILE A 78 -2.62 -5.63 -5.35
N GLU A 79 -3.35 -6.16 -4.37
CA GLU A 79 -3.26 -7.58 -4.02
C GLU A 79 -3.58 -8.47 -5.22
N GLU A 80 -4.69 -8.19 -5.89
CA GLU A 80 -5.11 -8.97 -7.05
C GLU A 80 -4.08 -8.92 -8.17
N GLN A 81 -3.59 -7.72 -8.47
CA GLN A 81 -2.60 -7.53 -9.53
C GLN A 81 -1.35 -8.36 -9.26
N LEU A 82 -1.02 -8.54 -7.99
CA LEU A 82 0.15 -9.31 -7.60
C LEU A 82 -0.12 -10.81 -7.71
N LEU A 83 -1.35 -11.21 -7.38
CA LEU A 83 -1.74 -12.61 -7.44
C LEU A 83 -1.77 -13.13 -8.88
N GLN A 84 -1.93 -12.21 -9.83
CA GLN A 84 -1.96 -12.59 -11.24
C GLN A 84 -0.68 -13.30 -11.65
N ARG A 85 0.41 -13.04 -10.94
CA ARG A 85 1.69 -13.66 -11.25
C ARG A 85 2.19 -14.51 -10.07
N ILE A 86 1.69 -14.20 -8.88
CA ILE A 86 2.08 -14.93 -7.67
C ILE A 86 0.85 -15.42 -6.90
N PRO A 87 0.35 -16.63 -7.23
CA PRO A 87 -0.82 -17.20 -6.56
C PRO A 87 -0.53 -17.61 -5.12
N GLU A 88 0.73 -17.48 -4.72
CA GLU A 88 1.14 -17.84 -3.37
C GLU A 88 1.58 -16.61 -2.58
N PHE A 89 1.21 -15.44 -3.08
CA PHE A 89 1.56 -14.18 -2.43
C PHE A 89 0.71 -13.94 -1.19
N ASN A 90 1.37 -13.54 -0.11
CA ASN A 90 0.68 -13.26 1.15
C ASN A 90 0.81 -11.79 1.51
N MET A 91 -0.24 -11.03 1.24
CA MET A 91 -0.25 -9.59 1.53
C MET A 91 -0.08 -9.33 3.02
N ALA A 92 -0.60 -10.24 3.84
CA ALA A 92 -0.52 -10.10 5.29
C ALA A 92 0.92 -10.24 5.78
N ALA A 93 1.54 -11.37 5.48
CA ALA A 93 2.91 -11.64 5.89
C ALA A 93 3.89 -10.69 5.21
N PHE A 94 3.52 -10.20 4.04
CA PHE A 94 4.37 -9.28 3.29
C PHE A 94 4.55 -7.97 4.05
N THR A 95 3.44 -7.35 4.44
CA THR A 95 3.49 -6.09 5.17
C THR A 95 4.16 -6.25 6.54
N THR A 96 3.92 -7.39 7.18
CA THR A 96 4.49 -7.66 8.49
C THR A 96 6.02 -7.54 8.45
N THR A 97 6.63 -8.22 7.48
CA THR A 97 8.08 -8.19 7.32
C THR A 97 8.54 -6.87 6.71
N LEU A 98 7.67 -6.28 5.89
CA LEU A 98 7.98 -5.02 5.21
C LEU A 98 8.35 -3.94 6.24
N GLN A 99 7.53 -3.82 7.28
CA GLN A 99 7.76 -2.82 8.32
C GLN A 99 9.19 -2.89 8.85
N HIS A 100 9.77 -4.08 8.79
CA HIS A 100 11.13 -4.28 9.25
C HIS A 100 12.12 -4.07 8.10
N HIS A 101 11.74 -4.53 6.91
CA HIS A 101 12.58 -4.40 5.74
C HIS A 101 12.71 -2.95 5.31
N LYS A 102 11.97 -2.06 5.99
CA LYS A 102 12.00 -0.64 5.68
C LYS A 102 13.41 -0.09 5.86
N ASP A 103 14.25 -0.81 6.62
CA ASP A 103 15.62 -0.37 6.84
C ASP A 103 16.35 -0.15 5.52
N GLU A 104 15.84 -0.77 4.46
CA GLU A 104 16.42 -0.64 3.13
C GLU A 104 15.40 -0.09 2.15
N VAL A 105 14.16 -0.56 2.26
CA VAL A 105 13.08 -0.11 1.38
C VAL A 105 12.83 1.38 1.53
N ALA A 106 12.44 2.03 0.44
CA ALA A 106 12.17 3.47 0.45
C ALA A 106 10.90 3.76 1.24
N GLY A 107 11.08 4.44 2.38
CA GLY A 107 9.94 4.79 3.22
C GLY A 107 9.00 5.77 2.56
N ASP A 108 9.55 6.62 1.70
CA ASP A 108 8.76 7.62 0.99
C ASP A 108 7.71 6.96 0.10
N ILE A 109 8.08 5.89 -0.58
CA ILE A 109 7.17 5.18 -1.47
C ILE A 109 6.11 4.39 -0.69
N PHE A 110 6.57 3.61 0.28
CA PHE A 110 5.66 2.80 1.10
C PHE A 110 4.72 3.69 1.91
N ASP A 111 5.19 4.89 2.25
CA ASP A 111 4.39 5.82 3.04
C ASP A 111 2.98 5.96 2.47
N MET A 112 2.85 5.78 1.16
CA MET A 112 1.55 5.86 0.51
C MET A 112 0.72 4.63 0.87
N LEU A 113 1.31 3.46 0.70
CA LEU A 113 0.65 2.21 1.01
C LEU A 113 0.39 2.08 2.50
N LEU A 114 1.18 2.81 3.29
CA LEU A 114 1.06 2.79 4.75
C LEU A 114 -0.38 3.02 5.18
N THR A 115 -1.14 3.73 4.35
CA THR A 115 -2.53 4.04 4.64
C THR A 115 -3.38 2.76 4.75
N PHE A 116 -2.74 1.60 4.57
CA PHE A 116 -3.45 0.33 4.66
C PHE A 116 -3.99 0.09 6.07
N THR A 117 -3.33 0.66 7.06
CA THR A 117 -3.74 0.49 8.45
C THR A 117 -3.58 1.79 9.25
N ASP A 118 -2.56 2.57 8.91
CA ASP A 118 -2.30 3.83 9.60
C ASP A 118 -3.30 4.89 9.20
N PHE A 119 -4.38 5.01 9.97
CA PHE A 119 -5.44 5.98 9.69
C PHE A 119 -4.89 7.41 9.73
N LEU A 120 -3.81 7.60 10.49
CA LEU A 120 -3.19 8.91 10.61
C LEU A 120 -2.58 9.35 9.29
N ALA A 121 -1.99 8.40 8.56
CA ALA A 121 -1.37 8.69 7.28
C ALA A 121 -2.43 8.89 6.20
N PHE A 122 -3.54 8.17 6.33
CA PHE A 122 -4.63 8.27 5.36
C PHE A 122 -5.24 9.67 5.35
N LYS A 123 -5.64 10.14 6.53
CA LYS A 123 -6.23 11.47 6.67
C LYS A 123 -5.24 12.55 6.27
N GLU A 124 -4.04 12.50 6.84
CA GLU A 124 -3.01 13.48 6.54
C GLU A 124 -2.69 13.50 5.05
N MET A 125 -2.85 12.35 4.40
CA MET A 125 -2.57 12.24 2.97
C MET A 125 -3.52 13.13 2.18
N PHE A 126 -4.81 13.05 2.50
CA PHE A 126 -5.81 13.86 1.81
C PHE A 126 -5.59 15.35 2.06
N LEU A 127 -5.26 15.69 3.31
CA LEU A 127 -5.02 17.09 3.68
C LEU A 127 -3.91 17.68 2.83
N ASP A 128 -2.81 16.96 2.71
CA ASP A 128 -1.67 17.41 1.91
C ASP A 128 -2.06 17.53 0.45
N TYR A 129 -2.83 16.56 -0.03
CA TYR A 129 -3.28 16.55 -1.42
C TYR A 129 -4.05 17.83 -1.74
N ARG A 130 -4.81 18.32 -0.77
CA ARG A 130 -5.58 19.54 -0.95
C ARG A 130 -4.66 20.75 -0.99
N ALA A 131 -3.59 20.71 -0.18
CA ALA A 131 -2.62 21.80 -0.13
C ALA A 131 -1.98 22.02 -1.49
N GLU A 132 -1.79 20.92 -2.22
CA GLU A 132 -1.18 20.99 -3.55
C GLU A 132 -2.11 21.71 -4.53
N LYS A 133 -3.41 21.54 -4.32
CA LYS A 133 -4.42 22.16 -5.18
C LYS A 133 -4.37 23.68 -5.07
N GLU A 134 -4.17 24.17 -3.86
CA GLU A 134 -4.11 25.60 -3.62
C GLU A 134 -2.73 26.16 -3.95
N GLY A 135 -1.78 25.25 -4.21
CA GLY A 135 -0.43 25.66 -4.54
C GLY A 135 -0.32 26.20 -5.96
N ARG A 136 -1.22 25.76 -6.83
CA ARG A 136 -1.23 26.20 -8.23
C ARG A 136 0.12 25.98 -8.88
N GLY A 137 0.26 24.84 -9.56
CA GLY A 137 1.52 24.53 -10.23
C GLY A 137 1.94 23.09 -10.03
N MET A 2 20.70 -26.05 25.59
CA MET A 2 20.66 -24.74 24.88
C MET A 2 20.00 -24.90 23.51
N ASP A 3 20.62 -25.70 22.65
CA ASP A 3 20.10 -25.94 21.31
C ASP A 3 20.06 -27.43 20.99
N ALA A 4 21.14 -28.13 21.34
CA ALA A 4 21.25 -29.57 21.10
C ALA A 4 21.13 -29.90 19.61
N LEU A 5 19.90 -30.05 19.14
CA LEU A 5 19.65 -30.36 17.74
C LEU A 5 19.91 -29.15 16.85
N GLU A 6 21.01 -29.20 16.10
CA GLU A 6 21.38 -28.10 15.20
C GLU A 6 20.33 -27.93 14.10
N GLY A 7 19.63 -29.01 13.78
CA GLY A 7 18.62 -28.96 12.74
C GLY A 7 17.22 -29.08 13.30
N GLU A 8 16.23 -28.83 12.45
CA GLU A 8 14.83 -28.91 12.86
C GLU A 8 14.00 -29.71 11.86
N SER A 9 13.81 -29.13 10.68
CA SER A 9 13.04 -29.79 9.62
C SER A 9 13.28 -29.13 8.27
N PHE A 10 13.90 -27.96 8.29
CA PHE A 10 14.19 -27.22 7.07
C PHE A 10 12.90 -26.88 6.31
N ALA A 11 13.06 -26.28 5.14
CA ALA A 11 11.91 -25.90 4.32
C ALA A 11 12.35 -25.57 2.90
N LEU A 12 13.58 -25.94 2.57
CA LEU A 12 14.13 -25.69 1.23
C LEU A 12 14.15 -24.20 0.94
N SER A 13 14.53 -23.85 -0.30
CA SER A 13 14.60 -22.45 -0.73
C SER A 13 15.62 -21.67 0.10
N PHE A 14 15.21 -21.21 1.28
CA PHE A 14 16.08 -20.45 2.16
C PHE A 14 16.47 -19.11 1.54
N SER A 15 16.43 -18.05 2.36
CA SER A 15 16.78 -16.71 1.90
C SER A 15 16.08 -16.37 0.59
N SER A 16 14.84 -15.89 0.68
CA SER A 16 14.07 -15.52 -0.51
C SER A 16 12.79 -14.79 -0.11
N ALA A 17 11.93 -15.47 0.64
CA ALA A 17 10.66 -14.88 1.07
C ALA A 17 10.88 -13.56 1.81
N SER A 18 12.09 -13.34 2.29
CA SER A 18 12.42 -12.11 3.01
C SER A 18 13.72 -11.50 2.51
N ASP A 19 14.04 -11.74 1.23
CA ASP A 19 15.26 -11.21 0.63
C ASP A 19 15.14 -11.12 -0.88
N ALA A 20 15.36 -12.24 -1.55
CA ALA A 20 15.30 -12.31 -3.01
C ALA A 20 13.87 -12.10 -3.50
N GLU A 21 12.96 -12.96 -3.04
CA GLU A 21 11.56 -12.87 -3.44
C GLU A 21 10.95 -11.54 -3.01
N PHE A 22 11.23 -11.14 -1.78
CA PHE A 22 10.69 -9.89 -1.24
C PHE A 22 11.10 -8.71 -2.13
N ASP A 23 12.37 -8.65 -2.49
CA ASP A 23 12.88 -7.59 -3.34
C ASP A 23 12.13 -7.55 -4.66
N ALA A 24 11.86 -8.73 -5.21
CA ALA A 24 11.15 -8.85 -6.47
C ALA A 24 9.79 -8.18 -6.38
N VAL A 25 9.09 -8.42 -5.28
CA VAL A 25 7.77 -7.84 -5.06
C VAL A 25 7.83 -6.33 -5.10
N VAL A 26 8.85 -5.76 -4.45
CA VAL A 26 9.03 -4.32 -4.40
C VAL A 26 9.10 -3.74 -5.81
N GLY A 27 9.82 -4.42 -6.70
CA GLY A 27 9.96 -3.96 -8.06
C GLY A 27 8.61 -3.89 -8.78
N TYR A 28 7.88 -5.00 -8.75
CA TYR A 28 6.58 -5.07 -9.41
C TYR A 28 5.64 -3.98 -8.88
N LEU A 29 5.80 -3.64 -7.60
CA LEU A 29 4.98 -2.62 -6.96
C LEU A 29 5.24 -1.25 -7.60
N GLU A 30 6.51 -0.90 -7.74
CA GLU A 30 6.90 0.38 -8.32
C GLU A 30 6.28 0.55 -9.71
N ASP A 31 6.29 -0.52 -10.50
CA ASP A 31 5.74 -0.50 -11.84
C ASP A 31 4.25 -0.14 -11.82
N ILE A 32 3.57 -0.56 -10.76
CA ILE A 32 2.14 -0.28 -10.62
C ILE A 32 1.89 1.15 -10.14
N ILE A 33 2.79 1.65 -9.29
CA ILE A 33 2.65 3.00 -8.77
C ILE A 33 2.76 4.04 -9.89
N MET A 34 3.68 3.79 -10.84
CA MET A 34 3.88 4.71 -11.95
C MET A 34 3.03 4.32 -13.15
N ASP A 35 2.10 3.39 -12.94
CA ASP A 35 1.22 2.94 -14.01
C ASP A 35 0.16 3.99 -14.33
N ASP A 36 0.01 4.30 -15.61
CA ASP A 36 -0.97 5.30 -16.05
C ASP A 36 -2.37 4.92 -15.60
N GLU A 37 -2.74 3.66 -15.80
CA GLU A 37 -4.07 3.20 -15.41
C GLU A 37 -4.27 3.32 -13.89
N PHE A 38 -3.17 3.21 -13.15
CA PHE A 38 -3.23 3.32 -11.69
C PHE A 38 -3.53 4.76 -11.27
N GLN A 39 -2.97 5.71 -12.02
CA GLN A 39 -3.18 7.12 -11.72
C GLN A 39 -4.61 7.55 -12.02
N LEU A 40 -5.20 6.95 -13.06
CA LEU A 40 -6.57 7.26 -13.45
C LEU A 40 -7.56 6.75 -12.40
N LEU A 41 -7.42 5.48 -12.04
CA LEU A 41 -8.31 4.86 -11.06
C LEU A 41 -8.15 5.50 -9.68
N GLN A 42 -6.91 5.60 -9.22
CA GLN A 42 -6.62 6.18 -7.91
C GLN A 42 -7.18 7.59 -7.80
N ARG A 43 -7.02 8.38 -8.86
CA ARG A 43 -7.51 9.76 -8.87
C ARG A 43 -9.03 9.80 -8.91
N ASN A 44 -9.63 8.83 -9.59
CA ASN A 44 -11.09 8.76 -9.72
C ASN A 44 -11.76 8.67 -8.35
N PHE A 45 -11.24 7.79 -7.48
CA PHE A 45 -11.80 7.62 -6.15
C PHE A 45 -11.36 8.72 -5.20
N MET A 46 -10.05 9.01 -5.18
CA MET A 46 -9.52 10.05 -4.30
C MET A 46 -10.22 11.38 -4.53
N ASP A 47 -10.78 11.56 -5.71
CA ASP A 47 -11.49 12.79 -6.06
C ASP A 47 -12.63 13.07 -5.09
N LYS A 48 -13.23 12.02 -4.54
CA LYS A 48 -14.34 12.15 -3.61
C LYS A 48 -13.87 12.05 -2.16
N TYR A 49 -12.94 11.15 -1.91
CA TYR A 49 -12.40 10.94 -0.57
C TYR A 49 -11.89 12.24 0.04
N TYR A 50 -11.03 12.95 -0.69
CA TYR A 50 -10.45 14.21 -0.22
C TYR A 50 -11.53 15.26 0.05
N LEU A 51 -12.72 15.03 -0.50
CA LEU A 51 -13.83 15.98 -0.31
C LEU A 51 -14.52 15.77 1.03
N GLU A 52 -14.82 14.51 1.35
CA GLU A 52 -15.49 14.19 2.60
C GLU A 52 -14.56 14.39 3.79
N PHE A 53 -13.29 14.03 3.61
CA PHE A 53 -12.30 14.16 4.68
C PHE A 53 -11.94 15.62 4.91
N GLU A 54 -12.68 16.27 5.81
CA GLU A 54 -12.44 17.68 6.13
C GLU A 54 -11.63 17.81 7.42
N ASP A 55 -10.92 18.93 7.55
CA ASP A 55 -10.10 19.18 8.74
C ASP A 55 -10.95 19.72 9.88
N THR A 56 -11.44 18.83 10.73
CA THR A 56 -12.27 19.22 11.87
C THR A 56 -11.90 18.42 13.11
N GLU A 57 -12.34 18.92 14.28
CA GLU A 57 -12.05 18.25 15.53
C GLU A 57 -13.11 17.19 15.85
N GLU A 58 -14.14 17.12 15.02
CA GLU A 58 -15.23 16.17 15.21
C GLU A 58 -15.20 15.08 14.14
N ASN A 59 -15.14 13.83 14.59
CA ASN A 59 -15.10 12.69 13.69
C ASN A 59 -16.49 12.06 13.56
N LYS A 60 -16.69 11.28 12.49
CA LYS A 60 -17.97 10.63 12.26
C LYS A 60 -17.80 9.14 11.97
N LEU A 61 -18.90 8.41 11.99
CA LEU A 61 -18.89 6.97 11.74
C LEU A 61 -18.81 6.69 10.24
N ILE A 62 -19.09 7.70 9.43
CA ILE A 62 -19.06 7.55 7.98
C ILE A 62 -17.66 7.20 7.49
N TYR A 63 -16.65 7.52 8.30
CA TYR A 63 -15.27 7.25 7.96
C TYR A 63 -14.97 5.76 7.99
N THR A 64 -15.82 4.98 8.68
CA THR A 64 -15.62 3.54 8.76
C THR A 64 -15.96 2.83 7.44
N PRO A 65 -17.16 3.06 6.88
CA PRO A 65 -17.55 2.44 5.61
C PRO A 65 -16.68 2.91 4.45
N ILE A 66 -16.38 4.21 4.43
CA ILE A 66 -15.54 4.77 3.37
C ILE A 66 -14.16 4.12 3.38
N PHE A 67 -13.60 3.95 4.57
CA PHE A 67 -12.28 3.33 4.71
C PHE A 67 -12.28 1.92 4.15
N ASN A 68 -13.34 1.17 4.46
CA ASN A 68 -13.47 -0.20 3.97
C ASN A 68 -13.45 -0.22 2.45
N GLU A 69 -14.06 0.78 1.84
CA GLU A 69 -14.12 0.88 0.38
C GLU A 69 -12.72 1.05 -0.20
N TYR A 70 -11.88 1.80 0.51
CA TYR A 70 -10.51 2.03 0.07
C TYR A 70 -9.69 0.74 0.12
N ILE A 71 -10.00 -0.09 1.12
CA ILE A 71 -9.32 -1.36 1.29
C ILE A 71 -9.74 -2.39 0.25
N SER A 72 -10.98 -2.27 -0.22
CA SER A 72 -11.51 -3.19 -1.22
C SER A 72 -11.21 -2.70 -2.64
N LEU A 73 -11.03 -1.40 -2.78
CA LEU A 73 -10.74 -0.82 -4.09
C LEU A 73 -9.23 -0.74 -4.35
N VAL A 74 -8.53 0.05 -3.53
CA VAL A 74 -7.09 0.24 -3.69
C VAL A 74 -6.27 -0.97 -3.24
N GLU A 75 -6.37 -1.31 -1.96
CA GLU A 75 -5.61 -2.42 -1.40
C GLU A 75 -5.86 -3.72 -2.18
N LYS A 76 -7.10 -3.93 -2.61
CA LYS A 76 -7.43 -5.12 -3.37
C LYS A 76 -6.82 -5.08 -4.76
N TYR A 77 -6.80 -3.90 -5.37
CA TYR A 77 -6.23 -3.74 -6.70
C TYR A 77 -4.77 -4.17 -6.71
N ILE A 78 -4.01 -3.77 -5.70
CA ILE A 78 -2.61 -4.12 -5.60
C ILE A 78 -2.44 -5.63 -5.43
N GLU A 79 -3.31 -6.22 -4.61
CA GLU A 79 -3.25 -7.66 -4.35
C GLU A 79 -3.44 -8.47 -5.63
N GLU A 80 -4.48 -8.16 -6.40
CA GLU A 80 -4.75 -8.88 -7.63
C GLU A 80 -3.60 -8.74 -8.64
N GLN A 81 -3.16 -7.51 -8.86
CA GLN A 81 -2.07 -7.24 -9.80
C GLN A 81 -0.79 -7.99 -9.43
N LEU A 82 -0.60 -8.25 -8.14
CA LEU A 82 0.59 -8.95 -7.68
C LEU A 82 0.47 -10.45 -7.92
N LEU A 83 -0.73 -10.97 -7.70
CA LEU A 83 -0.99 -12.39 -7.87
C LEU A 83 -0.92 -12.80 -9.34
N GLN A 84 -1.11 -11.83 -10.24
CA GLN A 84 -1.05 -12.10 -11.67
C GLN A 84 0.26 -12.78 -12.05
N ARG A 85 1.26 -12.67 -11.17
CA ARG A 85 2.56 -13.29 -11.42
C ARG A 85 2.94 -14.25 -10.29
N ILE A 86 2.29 -14.09 -9.14
CA ILE A 86 2.56 -14.95 -7.99
C ILE A 86 1.26 -15.53 -7.41
N PRO A 87 0.89 -16.76 -7.83
CA PRO A 87 -0.32 -17.41 -7.35
C PRO A 87 -0.19 -17.92 -5.92
N GLU A 88 1.04 -17.92 -5.42
CA GLU A 88 1.33 -18.36 -4.06
C GLU A 88 1.68 -17.17 -3.18
N PHE A 89 1.36 -15.98 -3.65
CA PHE A 89 1.63 -14.75 -2.93
C PHE A 89 0.87 -14.68 -1.62
N ASN A 90 1.47 -14.03 -0.63
CA ASN A 90 0.86 -13.87 0.68
C ASN A 90 0.93 -12.42 1.13
N MET A 91 -0.08 -11.63 0.72
CA MET A 91 -0.14 -10.22 1.07
C MET A 91 -0.24 -10.03 2.58
N ALA A 92 -0.78 -11.03 3.27
CA ALA A 92 -0.93 -10.97 4.72
C ALA A 92 0.42 -10.95 5.40
N ALA A 93 1.22 -11.97 5.16
CA ALA A 93 2.55 -12.08 5.75
C ALA A 93 3.50 -11.04 5.15
N PHE A 94 3.22 -10.63 3.92
CA PHE A 94 4.06 -9.65 3.23
C PHE A 94 4.00 -8.29 3.94
N THR A 95 2.78 -7.81 4.17
CA THR A 95 2.60 -6.51 4.83
C THR A 95 3.14 -6.54 6.26
N THR A 96 2.82 -7.59 7.00
CA THR A 96 3.27 -7.70 8.38
C THR A 96 4.80 -7.60 8.46
N THR A 97 5.48 -8.36 7.61
CA THR A 97 6.94 -8.36 7.58
C THR A 97 7.47 -7.04 7.01
N LEU A 98 6.69 -6.42 6.13
CA LEU A 98 7.09 -5.16 5.51
C LEU A 98 7.30 -4.08 6.57
N GLN A 99 6.44 -4.08 7.59
CA GLN A 99 6.52 -3.10 8.66
C GLN A 99 7.92 -3.04 9.26
N HIS A 100 8.65 -4.15 9.14
CA HIS A 100 10.01 -4.23 9.66
C HIS A 100 11.02 -4.11 8.52
N HIS A 101 10.64 -4.58 7.34
CA HIS A 101 11.51 -4.53 6.17
C HIS A 101 11.67 -3.09 5.68
N LYS A 102 10.90 -2.18 6.27
CA LYS A 102 10.97 -0.77 5.89
C LYS A 102 12.33 -0.18 6.25
N ASP A 103 13.08 -0.91 7.08
CA ASP A 103 14.40 -0.45 7.51
C ASP A 103 15.44 -0.76 6.42
N GLU A 104 15.02 -1.46 5.38
CA GLU A 104 15.92 -1.81 4.29
C GLU A 104 15.42 -1.23 2.96
N VAL A 105 14.12 -1.37 2.71
CA VAL A 105 13.52 -0.86 1.48
C VAL A 105 13.23 0.63 1.60
N ALA A 106 13.06 1.29 0.47
CA ALA A 106 12.78 2.72 0.45
C ALA A 106 11.52 3.05 1.24
N GLY A 107 11.70 3.65 2.42
CA GLY A 107 10.57 4.01 3.25
C GLY A 107 9.68 5.03 2.59
N ASP A 108 10.27 5.89 1.77
CA ASP A 108 9.52 6.93 1.07
C ASP A 108 8.49 6.32 0.14
N ILE A 109 8.83 5.20 -0.48
CA ILE A 109 7.92 4.53 -1.39
C ILE A 109 6.78 3.83 -0.64
N PHE A 110 7.14 3.06 0.38
CA PHE A 110 6.15 2.36 1.18
C PHE A 110 5.26 3.34 1.93
N ASP A 111 5.80 4.51 2.25
CA ASP A 111 5.07 5.54 2.98
C ASP A 111 3.70 5.77 2.36
N MET A 112 3.59 5.54 1.06
CA MET A 112 2.32 5.71 0.36
C MET A 112 1.36 4.60 0.76
N LEU A 113 1.84 3.36 0.64
CA LEU A 113 1.04 2.19 0.99
C LEU A 113 0.76 2.15 2.47
N LEU A 114 1.60 2.83 3.25
CA LEU A 114 1.46 2.88 4.70
C LEU A 114 0.04 3.27 5.09
N THR A 115 -0.64 4.00 4.21
CA THR A 115 -2.01 4.45 4.47
C THR A 115 -2.97 3.26 4.62
N PHE A 116 -2.44 2.04 4.58
CA PHE A 116 -3.26 0.84 4.73
C PHE A 116 -3.90 0.79 6.11
N THR A 117 -3.21 1.35 7.10
CA THR A 117 -3.72 1.35 8.48
C THR A 117 -3.43 2.67 9.18
N ASP A 118 -2.37 3.36 8.76
CA ASP A 118 -2.01 4.64 9.36
C ASP A 118 -3.02 5.72 9.00
N PHE A 119 -4.05 5.86 9.84
CA PHE A 119 -5.10 6.85 9.61
C PHE A 119 -4.52 8.25 9.53
N LEU A 120 -3.49 8.52 10.33
CA LEU A 120 -2.83 9.82 10.34
C LEU A 120 -2.27 10.16 8.96
N ALA A 121 -1.71 9.17 8.29
CA ALA A 121 -1.13 9.37 6.97
C ALA A 121 -2.24 9.45 5.92
N PHE A 122 -3.36 8.80 6.20
CA PHE A 122 -4.50 8.79 5.29
C PHE A 122 -5.06 10.20 5.10
N LYS A 123 -5.39 10.84 6.22
CA LYS A 123 -5.93 12.18 6.19
C LYS A 123 -4.91 13.19 5.66
N GLU A 124 -3.71 13.17 6.23
CA GLU A 124 -2.65 14.08 5.82
C GLU A 124 -2.39 13.98 4.32
N MET A 125 -2.65 12.81 3.76
CA MET A 125 -2.44 12.58 2.33
C MET A 125 -3.48 13.32 1.50
N PHE A 126 -4.74 13.19 1.88
CA PHE A 126 -5.83 13.85 1.14
C PHE A 126 -5.74 15.37 1.26
N LEU A 127 -5.58 15.86 2.49
CA LEU A 127 -5.48 17.30 2.73
C LEU A 127 -4.35 17.91 1.91
N ASP A 128 -3.22 17.22 1.85
CA ASP A 128 -2.07 17.69 1.10
C ASP A 128 -2.40 17.74 -0.40
N TYR A 129 -3.03 16.69 -0.89
CA TYR A 129 -3.41 16.60 -2.29
C TYR A 129 -4.32 17.77 -2.67
N ARG A 130 -5.15 18.18 -1.72
CA ARG A 130 -6.07 19.29 -1.95
C ARG A 130 -5.31 20.59 -2.20
N ALA A 131 -4.36 20.89 -1.32
CA ALA A 131 -3.54 22.09 -1.43
C ALA A 131 -2.82 22.14 -2.78
N GLU A 132 -2.48 20.97 -3.31
CA GLU A 132 -1.78 20.88 -4.58
C GLU A 132 -2.56 21.59 -5.69
N LYS A 133 -3.88 21.38 -5.72
CA LYS A 133 -4.73 22.01 -6.72
C LYS A 133 -4.91 23.49 -6.42
N GLU A 134 -4.68 23.85 -5.16
CA GLU A 134 -4.82 25.24 -4.72
C GLU A 134 -3.48 25.97 -4.79
N GLY A 135 -2.48 25.30 -5.35
CA GLY A 135 -1.15 25.90 -5.46
C GLY A 135 -0.63 25.90 -6.88
N ARG A 136 -1.15 24.99 -7.70
CA ARG A 136 -0.72 24.88 -9.09
C ARG A 136 -1.42 25.94 -9.94
N GLY A 137 -2.65 26.28 -9.58
CA GLY A 137 -3.41 27.27 -10.32
C GLY A 137 -2.95 28.69 -10.04
N MET A 2 20.33 -37.91 14.39
CA MET A 2 19.28 -38.33 15.35
C MET A 2 17.92 -37.72 14.99
N ASP A 3 17.91 -36.92 13.93
CA ASP A 3 16.68 -36.27 13.47
C ASP A 3 16.14 -35.31 14.53
N ALA A 4 15.16 -34.51 14.15
CA ALA A 4 14.55 -33.54 15.07
C ALA A 4 13.15 -33.97 15.49
N LEU A 5 12.83 -35.24 15.23
CA LEU A 5 11.51 -35.78 15.58
C LEU A 5 10.39 -34.98 14.94
N GLU A 6 10.72 -34.21 13.91
CA GLU A 6 9.74 -33.40 13.20
C GLU A 6 8.95 -34.25 12.21
N GLY A 7 7.66 -33.96 12.08
CA GLY A 7 6.82 -34.71 11.16
C GLY A 7 5.35 -34.38 11.33
N GLU A 8 5.00 -33.82 12.48
CA GLU A 8 3.61 -33.46 12.77
C GLU A 8 3.31 -32.04 12.26
N SER A 9 4.13 -31.08 12.68
CA SER A 9 3.95 -29.69 12.28
C SER A 9 4.58 -29.43 10.92
N PHE A 10 3.87 -28.67 10.08
CA PHE A 10 4.36 -28.35 8.75
C PHE A 10 4.55 -26.84 8.58
N ALA A 11 5.50 -26.45 7.73
CA ALA A 11 5.78 -25.04 7.50
C ALA A 11 5.69 -24.72 6.01
N LEU A 12 5.82 -23.44 5.68
CA LEU A 12 5.75 -22.98 4.29
C LEU A 12 6.55 -21.69 4.11
N SER A 13 6.89 -21.05 5.22
CA SER A 13 7.64 -19.79 5.18
C SER A 13 9.15 -20.06 5.11
N PHE A 14 9.74 -19.76 3.96
CA PHE A 14 11.18 -19.97 3.77
C PHE A 14 11.84 -18.72 3.22
N SER A 15 12.75 -18.14 4.01
CA SER A 15 13.47 -16.93 3.62
C SER A 15 12.51 -15.88 3.07
N SER A 16 12.40 -15.80 1.74
CA SER A 16 11.51 -14.83 1.09
C SER A 16 11.91 -13.39 1.40
N ALA A 17 11.53 -12.91 2.59
CA ALA A 17 11.84 -11.55 3.00
C ALA A 17 13.35 -11.31 2.99
N SER A 18 14.11 -12.30 3.44
CA SER A 18 15.57 -12.18 3.48
C SER A 18 16.19 -12.83 2.25
N ASP A 19 15.41 -12.92 1.18
CA ASP A 19 15.89 -13.52 -0.07
C ASP A 19 15.55 -12.63 -1.27
N ALA A 20 16.10 -12.99 -2.44
CA ALA A 20 15.85 -12.24 -3.66
C ALA A 20 14.37 -12.08 -3.95
N GLU A 21 13.56 -12.98 -3.39
CA GLU A 21 12.12 -12.92 -3.59
C GLU A 21 11.54 -11.58 -3.17
N PHE A 22 11.94 -11.12 -1.98
CA PHE A 22 11.46 -9.84 -1.46
C PHE A 22 11.75 -8.71 -2.46
N ASP A 23 13.00 -8.64 -2.93
CA ASP A 23 13.39 -7.60 -3.88
C ASP A 23 12.52 -7.66 -5.13
N ALA A 24 12.16 -8.87 -5.55
CA ALA A 24 11.32 -9.05 -6.73
C ALA A 24 9.96 -8.40 -6.54
N VAL A 25 9.36 -8.61 -5.37
CA VAL A 25 8.05 -8.04 -5.06
C VAL A 25 8.09 -6.51 -5.14
N VAL A 26 9.13 -5.92 -4.56
CA VAL A 26 9.27 -4.47 -4.56
C VAL A 26 9.28 -3.94 -5.99
N GLY A 27 9.93 -4.67 -6.89
CA GLY A 27 10.00 -4.26 -8.28
C GLY A 27 8.63 -4.20 -8.93
N TYR A 28 7.84 -5.24 -8.72
CA TYR A 28 6.49 -5.31 -9.29
C TYR A 28 5.64 -4.14 -8.81
N LEU A 29 5.89 -3.69 -7.59
CA LEU A 29 5.13 -2.59 -7.01
C LEU A 29 5.44 -1.28 -7.74
N GLU A 30 6.72 -1.02 -7.96
CA GLU A 30 7.15 0.19 -8.65
C GLU A 30 6.47 0.32 -10.01
N ASP A 31 6.46 -0.77 -10.77
CA ASP A 31 5.82 -0.77 -12.09
C ASP A 31 4.36 -0.33 -11.99
N ILE A 32 3.71 -0.69 -10.89
CA ILE A 32 2.32 -0.33 -10.68
C ILE A 32 2.18 1.16 -10.33
N ILE A 33 3.10 1.65 -9.50
CA ILE A 33 3.09 3.05 -9.09
C ILE A 33 3.08 3.98 -10.29
N MET A 34 3.82 3.61 -11.33
CA MET A 34 3.90 4.42 -12.54
C MET A 34 2.93 3.91 -13.60
N ASP A 35 2.28 2.79 -13.31
CA ASP A 35 1.32 2.19 -14.24
C ASP A 35 0.16 3.14 -14.50
N ASP A 36 -0.04 3.50 -15.77
CA ASP A 36 -1.11 4.40 -16.16
C ASP A 36 -2.47 3.96 -15.60
N GLU A 37 -2.79 2.69 -15.77
CA GLU A 37 -4.06 2.15 -15.29
C GLU A 37 -4.20 2.38 -13.79
N PHE A 38 -3.09 2.31 -13.07
CA PHE A 38 -3.09 2.50 -11.62
C PHE A 38 -3.35 3.98 -11.29
N GLN A 39 -2.84 4.86 -12.14
CA GLN A 39 -3.01 6.30 -11.93
C GLN A 39 -4.48 6.68 -12.03
N LEU A 40 -5.16 6.13 -13.02
CA LEU A 40 -6.58 6.41 -13.24
C LEU A 40 -7.42 5.88 -12.08
N LEU A 41 -7.12 4.65 -11.66
CA LEU A 41 -7.84 4.01 -10.57
C LEU A 41 -7.77 4.85 -9.29
N GLN A 42 -6.55 5.20 -8.90
CA GLN A 42 -6.32 5.98 -7.69
C GLN A 42 -6.97 7.36 -7.77
N ARG A 43 -6.66 8.10 -8.82
CA ARG A 43 -7.21 9.45 -8.99
C ARG A 43 -8.73 9.43 -9.10
N ASN A 44 -9.28 8.37 -9.68
CA ASN A 44 -10.73 8.26 -9.85
C ASN A 44 -11.45 8.26 -8.51
N PHE A 45 -10.99 7.41 -7.58
CA PHE A 45 -11.61 7.31 -6.26
C PHE A 45 -11.17 8.45 -5.35
N MET A 46 -9.91 8.85 -5.48
CA MET A 46 -9.36 9.93 -4.65
C MET A 46 -10.12 11.23 -4.88
N ASP A 47 -10.69 11.37 -6.07
CA ASP A 47 -11.44 12.56 -6.43
C ASP A 47 -12.63 12.78 -5.49
N LYS A 48 -13.19 11.69 -4.98
CA LYS A 48 -14.32 11.76 -4.08
C LYS A 48 -13.88 11.64 -2.62
N TYR A 49 -12.90 10.79 -2.37
CA TYR A 49 -12.39 10.57 -1.02
C TYR A 49 -11.88 11.87 -0.39
N TYR A 50 -10.99 12.57 -1.09
CA TYR A 50 -10.43 13.82 -0.59
C TYR A 50 -11.51 14.86 -0.31
N LEU A 51 -12.70 14.64 -0.86
CA LEU A 51 -13.81 15.57 -0.66
C LEU A 51 -14.50 15.32 0.68
N GLU A 52 -14.85 14.06 0.93
CA GLU A 52 -15.53 13.69 2.18
C GLU A 52 -14.69 14.05 3.40
N PHE A 53 -13.38 13.86 3.30
CA PHE A 53 -12.49 14.16 4.40
C PHE A 53 -12.32 15.66 4.58
N GLU A 54 -13.17 16.25 5.40
CA GLU A 54 -13.12 17.69 5.67
C GLU A 54 -12.45 17.97 7.01
N ASP A 55 -11.68 19.06 7.06
CA ASP A 55 -10.98 19.44 8.28
C ASP A 55 -11.97 19.78 9.40
N THR A 56 -12.05 18.90 10.40
CA THR A 56 -12.95 19.11 11.52
C THR A 56 -12.26 18.77 12.85
N GLU A 57 -12.96 19.02 13.94
CA GLU A 57 -12.42 18.74 15.28
C GLU A 57 -12.75 17.33 15.71
N GLU A 58 -13.97 16.89 15.41
CA GLU A 58 -14.41 15.55 15.77
C GLU A 58 -14.70 14.71 14.52
N ASN A 59 -14.00 13.59 14.39
CA ASN A 59 -14.17 12.71 13.25
C ASN A 59 -15.57 12.09 13.25
N LYS A 60 -16.19 12.05 12.08
CA LYS A 60 -17.53 11.47 11.94
C LYS A 60 -17.48 9.96 11.81
N LEU A 61 -18.64 9.33 11.82
CA LEU A 61 -18.72 7.88 11.70
C LEU A 61 -18.57 7.42 10.26
N ILE A 62 -18.76 8.35 9.32
CA ILE A 62 -18.65 8.05 7.90
C ILE A 62 -17.24 7.62 7.53
N TYR A 63 -16.28 7.90 8.43
CA TYR A 63 -14.89 7.56 8.19
C TYR A 63 -14.68 6.04 8.23
N THR A 64 -15.57 5.33 8.90
CA THR A 64 -15.44 3.87 8.99
C THR A 64 -15.82 3.18 7.66
N PRO A 65 -17.00 3.47 7.08
CA PRO A 65 -17.42 2.86 5.82
C PRO A 65 -16.48 3.23 4.67
N ILE A 66 -16.09 4.51 4.62
CA ILE A 66 -15.18 4.97 3.56
C ILE A 66 -13.86 4.23 3.61
N PHE A 67 -13.30 4.09 4.81
CA PHE A 67 -12.03 3.40 4.97
C PHE A 67 -12.13 1.96 4.48
N ASN A 68 -13.24 1.31 4.80
CA ASN A 68 -13.46 -0.07 4.38
C ASN A 68 -13.45 -0.20 2.86
N GLU A 69 -14.01 0.80 2.19
CA GLU A 69 -14.06 0.81 0.74
C GLU A 69 -12.67 0.96 0.13
N TYR A 70 -11.81 1.68 0.84
CA TYR A 70 -10.45 1.91 0.37
C TYR A 70 -9.63 0.62 0.44
N ILE A 71 -9.89 -0.17 1.48
CA ILE A 71 -9.18 -1.43 1.68
C ILE A 71 -9.66 -2.50 0.69
N SER A 72 -10.92 -2.40 0.28
CA SER A 72 -11.49 -3.37 -0.65
C SER A 72 -11.27 -2.95 -2.10
N LEU A 73 -11.15 -1.65 -2.34
CA LEU A 73 -10.95 -1.14 -3.70
C LEU A 73 -9.47 -1.03 -4.06
N VAL A 74 -8.74 -0.17 -3.33
CA VAL A 74 -7.33 0.06 -3.60
C VAL A 74 -6.43 -1.10 -3.16
N GLU A 75 -6.45 -1.41 -1.87
CA GLU A 75 -5.61 -2.48 -1.33
C GLU A 75 -5.82 -3.77 -2.12
N LYS A 76 -7.08 -4.09 -2.42
CA LYS A 76 -7.40 -5.30 -3.17
C LYS A 76 -6.85 -5.22 -4.58
N TYR A 77 -6.91 -4.02 -5.18
CA TYR A 77 -6.40 -3.82 -6.54
C TYR A 77 -4.95 -4.24 -6.65
N ILE A 78 -4.13 -3.83 -5.68
CA ILE A 78 -2.71 -4.17 -5.68
C ILE A 78 -2.52 -5.68 -5.56
N GLU A 79 -3.27 -6.29 -4.64
CA GLU A 79 -3.18 -7.73 -4.42
C GLU A 79 -3.45 -8.51 -5.70
N GLU A 80 -4.47 -8.08 -6.44
CA GLU A 80 -4.83 -8.75 -7.69
C GLU A 80 -3.70 -8.66 -8.72
N GLN A 81 -3.18 -7.46 -8.92
CA GLN A 81 -2.10 -7.23 -9.88
C GLN A 81 -0.88 -8.08 -9.55
N LEU A 82 -0.64 -8.31 -8.26
CA LEU A 82 0.51 -9.10 -7.83
C LEU A 82 0.26 -10.59 -8.04
N LEU A 83 -1.00 -11.00 -7.89
CA LEU A 83 -1.37 -12.40 -8.06
C LEU A 83 -1.28 -12.81 -9.53
N GLN A 84 -1.39 -11.83 -10.42
CA GLN A 84 -1.31 -12.09 -11.85
C GLN A 84 0.05 -12.69 -12.23
N ARG A 85 1.04 -12.48 -11.37
CA ARG A 85 2.38 -13.00 -11.60
C ARG A 85 2.73 -14.08 -10.58
N ILE A 86 2.30 -13.88 -9.34
CA ILE A 86 2.55 -14.84 -8.27
C ILE A 86 1.25 -15.25 -7.59
N PRO A 87 0.57 -16.30 -8.11
CA PRO A 87 -0.69 -16.77 -7.54
C PRO A 87 -0.52 -17.33 -6.13
N GLU A 88 0.73 -17.46 -5.70
CA GLU A 88 1.05 -17.98 -4.37
C GLU A 88 1.51 -16.85 -3.47
N PHE A 89 1.24 -15.61 -3.87
CA PHE A 89 1.63 -14.45 -3.09
C PHE A 89 0.62 -14.15 -2.00
N ASN A 90 1.11 -13.64 -0.88
CA ASN A 90 0.25 -13.31 0.26
C ASN A 90 0.40 -11.83 0.62
N MET A 91 -0.62 -11.05 0.28
CA MET A 91 -0.60 -9.61 0.55
C MET A 91 -0.62 -9.35 2.06
N ALA A 92 -1.30 -10.21 2.80
CA ALA A 92 -1.40 -10.07 4.25
C ALA A 92 -0.04 -10.24 4.91
N ALA A 93 0.60 -11.38 4.67
CA ALA A 93 1.91 -11.66 5.25
C ALA A 93 2.96 -10.69 4.74
N PHE A 94 2.73 -10.14 3.55
CA PHE A 94 3.66 -9.20 2.95
C PHE A 94 3.67 -7.88 3.71
N THR A 95 2.49 -7.35 4.00
CA THR A 95 2.37 -6.08 4.71
C THR A 95 2.99 -6.18 6.11
N THR A 96 2.67 -7.26 6.83
CA THR A 96 3.21 -7.46 8.17
C THR A 96 4.73 -7.41 8.18
N THR A 97 5.35 -8.11 7.24
CA THR A 97 6.80 -8.15 7.14
C THR A 97 7.34 -6.82 6.60
N LEU A 98 6.54 -6.14 5.78
CA LEU A 98 6.93 -4.87 5.19
C LEU A 98 7.08 -3.79 6.26
N GLN A 99 6.13 -3.76 7.19
CA GLN A 99 6.15 -2.76 8.26
C GLN A 99 7.49 -2.77 8.99
N HIS A 100 8.11 -3.95 9.04
CA HIS A 100 9.41 -4.09 9.69
C HIS A 100 10.53 -3.74 8.71
N HIS A 101 10.39 -4.22 7.48
CA HIS A 101 11.39 -3.97 6.45
C HIS A 101 11.34 -2.52 6.00
N LYS A 102 10.41 -1.76 6.57
CA LYS A 102 10.28 -0.35 6.24
C LYS A 102 11.54 0.41 6.63
N ASP A 103 12.31 -0.18 7.53
CA ASP A 103 13.55 0.43 7.99
C ASP A 103 14.65 0.30 6.94
N GLU A 104 14.47 -0.63 6.01
CA GLU A 104 15.43 -0.87 4.95
C GLU A 104 14.92 -0.34 3.61
N VAL A 105 13.81 -0.90 3.15
CA VAL A 105 13.21 -0.49 1.89
C VAL A 105 12.93 1.02 1.88
N ALA A 106 12.81 1.59 0.68
CA ALA A 106 12.55 3.01 0.54
C ALA A 106 11.31 3.42 1.31
N GLY A 107 11.52 4.12 2.42
CA GLY A 107 10.40 4.56 3.25
C GLY A 107 9.52 5.57 2.54
N ASP A 108 10.13 6.37 1.66
CA ASP A 108 9.39 7.38 0.92
C ASP A 108 8.33 6.75 0.03
N ILE A 109 8.65 5.61 -0.59
CA ILE A 109 7.72 4.93 -1.47
C ILE A 109 6.61 4.25 -0.68
N PHE A 110 6.99 3.48 0.33
CA PHE A 110 6.02 2.76 1.15
C PHE A 110 5.12 3.73 1.92
N ASP A 111 5.65 4.91 2.22
CA ASP A 111 4.90 5.93 2.95
C ASP A 111 3.51 6.13 2.36
N MET A 112 3.39 5.90 1.05
CA MET A 112 2.11 6.04 0.37
C MET A 112 1.20 4.87 0.75
N LEU A 113 1.74 3.66 0.62
CA LEU A 113 1.00 2.45 0.95
C LEU A 113 0.71 2.38 2.45
N LEU A 114 1.53 3.09 3.22
CA LEU A 114 1.40 3.12 4.67
C LEU A 114 -0.04 3.43 5.09
N THR A 115 -0.76 4.14 4.22
CA THR A 115 -2.15 4.51 4.50
C THR A 115 -3.04 3.28 4.70
N PHE A 116 -2.45 2.09 4.61
CA PHE A 116 -3.21 0.85 4.78
C PHE A 116 -3.77 0.73 6.20
N THR A 117 -3.02 1.25 7.17
CA THR A 117 -3.45 1.18 8.57
C THR A 117 -3.24 2.51 9.29
N ASP A 118 -2.21 3.25 8.88
CA ASP A 118 -1.91 4.55 9.50
C ASP A 118 -2.98 5.57 9.17
N PHE A 119 -4.00 5.66 10.02
CA PHE A 119 -5.09 6.60 9.83
C PHE A 119 -4.56 8.03 9.77
N LEU A 120 -3.55 8.32 10.58
CA LEU A 120 -2.95 9.64 10.63
C LEU A 120 -2.38 10.01 9.27
N ALA A 121 -1.78 9.03 8.59
CA ALA A 121 -1.18 9.25 7.28
C ALA A 121 -2.25 9.32 6.20
N PHE A 122 -3.37 8.63 6.44
CA PHE A 122 -4.48 8.61 5.49
C PHE A 122 -5.12 10.00 5.38
N LYS A 123 -5.52 10.55 6.52
CA LYS A 123 -6.14 11.87 6.55
C LYS A 123 -5.14 12.94 6.10
N GLU A 124 -3.91 12.82 6.57
CA GLU A 124 -2.86 13.76 6.22
C GLU A 124 -2.59 13.73 4.72
N MET A 125 -2.82 12.57 4.11
CA MET A 125 -2.61 12.40 2.68
C MET A 125 -3.62 13.23 1.89
N PHE A 126 -4.87 13.16 2.32
CA PHE A 126 -5.95 13.90 1.65
C PHE A 126 -5.72 15.42 1.77
N LEU A 127 -5.49 15.88 2.99
CA LEU A 127 -5.26 17.31 3.23
C LEU A 127 -4.05 17.82 2.46
N ASP A 128 -3.06 16.94 2.27
CA ASP A 128 -1.85 17.31 1.54
C ASP A 128 -2.16 17.49 0.06
N TYR A 129 -2.81 16.49 -0.53
CA TYR A 129 -3.17 16.53 -1.93
C TYR A 129 -4.06 17.75 -2.23
N ARG A 130 -4.88 18.11 -1.24
CA ARG A 130 -5.77 19.25 -1.37
C ARG A 130 -4.98 20.54 -1.51
N ALA A 131 -4.02 20.73 -0.59
CA ALA A 131 -3.18 21.92 -0.60
C ALA A 131 -2.49 22.10 -1.93
N GLU A 132 -2.16 20.98 -2.58
CA GLU A 132 -1.48 21.01 -3.87
C GLU A 132 -2.28 21.83 -4.88
N LYS A 133 -3.59 21.62 -4.92
CA LYS A 133 -4.45 22.34 -5.86
C LYS A 133 -4.66 23.78 -5.42
N GLU A 134 -4.36 24.06 -4.15
CA GLU A 134 -4.51 25.41 -3.60
C GLU A 134 -3.22 26.22 -3.79
N GLY A 135 -2.20 25.55 -4.32
CA GLY A 135 -0.92 26.22 -4.54
C GLY A 135 -0.72 26.57 -6.00
N ARG A 136 -1.74 26.37 -6.80
CA ARG A 136 -1.67 26.67 -8.24
C ARG A 136 -2.06 28.13 -8.50
N GLY A 137 -1.34 28.75 -9.43
CA GLY A 137 -1.63 30.14 -9.77
C GLY A 137 -2.67 30.27 -10.87
N MET A 2 9.60 -46.27 6.90
CA MET A 2 10.91 -45.55 6.94
C MET A 2 11.12 -44.86 8.28
N ASP A 3 12.05 -45.39 9.07
CA ASP A 3 12.34 -44.83 10.39
C ASP A 3 13.85 -44.75 10.61
N ALA A 4 14.49 -45.90 10.71
CA ALA A 4 15.93 -45.97 10.93
C ALA A 4 16.68 -46.16 9.61
N LEU A 5 16.00 -46.79 8.65
CA LEU A 5 16.58 -47.02 7.34
C LEU A 5 16.36 -45.82 6.42
N GLU A 6 16.98 -45.86 5.24
CA GLU A 6 16.85 -44.77 4.27
C GLU A 6 17.39 -43.47 4.83
N GLY A 7 16.57 -42.77 5.60
CA GLY A 7 16.98 -41.50 6.19
C GLY A 7 16.73 -40.33 5.27
N GLU A 8 15.64 -39.62 5.50
CA GLU A 8 15.28 -38.46 4.68
C GLU A 8 14.88 -37.28 5.56
N SER A 9 15.66 -36.20 5.49
CA SER A 9 15.38 -35.01 6.27
C SER A 9 14.33 -34.14 5.58
N PHE A 10 13.68 -34.70 4.57
CA PHE A 10 12.65 -33.98 3.82
C PHE A 10 13.20 -32.72 3.18
N ALA A 11 12.33 -31.94 2.55
CA ALA A 11 12.74 -30.70 1.90
C ALA A 11 12.46 -29.49 2.78
N LEU A 12 13.38 -28.52 2.76
CA LEU A 12 13.23 -27.31 3.56
C LEU A 12 12.48 -26.24 2.77
N SER A 13 11.99 -25.22 3.49
CA SER A 13 11.26 -24.13 2.86
C SER A 13 12.20 -22.98 2.51
N PHE A 14 12.30 -22.69 1.22
CA PHE A 14 13.16 -21.61 0.74
C PHE A 14 12.72 -20.26 1.30
N SER A 15 13.68 -19.43 1.67
CA SER A 15 13.39 -18.11 2.22
C SER A 15 12.74 -17.22 1.17
N SER A 16 12.15 -16.12 1.62
CA SER A 16 11.48 -15.18 0.71
C SER A 16 11.68 -13.75 1.18
N ALA A 17 11.59 -13.54 2.49
CA ALA A 17 11.76 -12.21 3.07
C ALA A 17 13.18 -11.69 2.85
N SER A 18 14.16 -12.48 3.27
CA SER A 18 15.56 -12.10 3.12
C SER A 18 16.15 -12.67 1.83
N ASP A 19 15.29 -13.32 1.05
CA ASP A 19 15.71 -13.91 -0.22
C ASP A 19 15.40 -12.99 -1.40
N ALA A 20 15.95 -13.32 -2.55
CA ALA A 20 15.74 -12.53 -3.77
C ALA A 20 14.25 -12.35 -4.07
N GLU A 21 13.43 -13.25 -3.53
CA GLU A 21 11.99 -13.19 -3.75
C GLU A 21 11.41 -11.85 -3.34
N PHE A 22 11.79 -11.37 -2.17
CA PHE A 22 11.31 -10.08 -1.67
C PHE A 22 11.68 -8.96 -2.63
N ASP A 23 12.93 -8.98 -3.09
CA ASP A 23 13.43 -7.95 -4.01
C ASP A 23 12.57 -7.90 -5.27
N ALA A 24 12.21 -9.07 -5.78
CA ALA A 24 11.37 -9.15 -6.97
C ALA A 24 10.06 -8.42 -6.77
N VAL A 25 9.45 -8.64 -5.61
CA VAL A 25 8.18 -7.99 -5.28
C VAL A 25 8.33 -6.47 -5.29
N VAL A 26 9.45 -5.99 -4.74
CA VAL A 26 9.71 -4.56 -4.69
C VAL A 26 9.67 -3.95 -6.09
N GLY A 27 10.24 -4.67 -7.06
CA GLY A 27 10.24 -4.20 -8.42
C GLY A 27 8.84 -4.05 -8.97
N TYR A 28 8.00 -5.05 -8.71
CA TYR A 28 6.63 -5.03 -9.17
C TYR A 28 5.88 -3.84 -8.58
N LEU A 29 6.12 -3.58 -7.30
CA LEU A 29 5.48 -2.47 -6.60
C LEU A 29 5.75 -1.16 -7.32
N GLU A 30 6.99 -0.95 -7.75
CA GLU A 30 7.36 0.26 -8.46
C GLU A 30 6.54 0.41 -9.74
N ASP A 31 6.43 -0.68 -10.50
CA ASP A 31 5.67 -0.67 -11.73
C ASP A 31 4.22 -0.26 -11.47
N ILE A 32 3.71 -0.62 -10.30
CA ILE A 32 2.34 -0.28 -9.93
C ILE A 32 2.19 1.22 -9.73
N ILE A 33 3.14 1.81 -9.02
CA ILE A 33 3.10 3.25 -8.75
C ILE A 33 3.05 4.05 -10.04
N MET A 34 3.78 3.60 -11.05
CA MET A 34 3.83 4.29 -12.34
C MET A 34 2.85 3.65 -13.34
N ASP A 35 2.02 2.74 -12.85
CA ASP A 35 1.05 2.06 -13.70
C ASP A 35 -0.09 3.01 -14.07
N ASP A 36 -0.47 3.02 -15.35
CA ASP A 36 -1.54 3.89 -15.83
C ASP A 36 -2.83 3.65 -15.06
N GLU A 37 -3.25 2.39 -14.99
CA GLU A 37 -4.48 2.02 -14.28
C GLU A 37 -4.42 2.47 -12.82
N PHE A 38 -3.21 2.53 -12.27
CA PHE A 38 -3.03 2.93 -10.88
C PHE A 38 -3.15 4.46 -10.73
N GLN A 39 -2.71 5.19 -11.74
CA GLN A 39 -2.78 6.64 -11.72
C GLN A 39 -4.23 7.13 -11.77
N LEU A 40 -5.01 6.56 -12.68
CA LEU A 40 -6.41 6.92 -12.83
C LEU A 40 -7.22 6.47 -11.62
N LEU A 41 -7.01 5.23 -11.21
CA LEU A 41 -7.72 4.66 -10.07
C LEU A 41 -7.44 5.45 -8.79
N GLN A 42 -6.19 5.84 -8.61
CA GLN A 42 -5.78 6.58 -7.42
C GLN A 42 -6.45 7.96 -7.37
N ARG A 43 -6.38 8.69 -8.48
CA ARG A 43 -6.97 10.02 -8.55
C ARG A 43 -8.50 9.95 -8.51
N ASN A 44 -9.06 8.88 -9.07
CA ASN A 44 -10.50 8.70 -9.10
C ASN A 44 -11.07 8.55 -7.69
N PHE A 45 -10.44 7.70 -6.89
CA PHE A 45 -10.89 7.47 -5.52
C PHE A 45 -10.57 8.66 -4.62
N MET A 46 -9.38 9.23 -4.79
CA MET A 46 -8.95 10.36 -3.99
C MET A 46 -9.81 11.59 -4.27
N ASP A 47 -10.40 11.62 -5.45
CA ASP A 47 -11.25 12.75 -5.86
C ASP A 47 -12.49 12.84 -4.98
N LYS A 48 -12.95 11.70 -4.48
CA LYS A 48 -14.13 11.65 -3.62
C LYS A 48 -13.74 11.71 -2.15
N TYR A 49 -12.68 10.98 -1.81
CA TYR A 49 -12.19 10.93 -0.44
C TYR A 49 -11.79 12.31 0.08
N TYR A 50 -10.98 13.04 -0.71
CA TYR A 50 -10.53 14.36 -0.31
C TYR A 50 -11.71 15.30 -0.08
N LEU A 51 -12.87 14.93 -0.59
CA LEU A 51 -14.07 15.74 -0.43
C LEU A 51 -14.71 15.51 0.93
N GLU A 52 -14.89 14.24 1.28
CA GLU A 52 -15.49 13.88 2.57
C GLU A 52 -14.55 14.23 3.72
N PHE A 53 -13.25 14.09 3.47
CA PHE A 53 -12.24 14.39 4.48
C PHE A 53 -12.01 15.90 4.58
N GLU A 54 -12.83 16.56 5.40
CA GLU A 54 -12.72 18.00 5.58
C GLU A 54 -12.08 18.31 6.93
N ASP A 55 -11.29 19.39 6.97
CA ASP A 55 -10.61 19.79 8.20
C ASP A 55 -11.62 20.24 9.26
N THR A 56 -12.03 19.30 10.11
CA THR A 56 -12.98 19.60 11.17
C THR A 56 -12.65 18.81 12.43
N GLU A 57 -13.47 18.97 13.47
CA GLU A 57 -13.26 18.28 14.73
C GLU A 57 -14.39 17.29 15.00
N GLU A 58 -15.30 17.16 14.04
CA GLU A 58 -16.43 16.24 14.18
C GLU A 58 -16.09 14.87 13.61
N ASN A 59 -16.59 13.83 14.27
CA ASN A 59 -16.35 12.46 13.82
C ASN A 59 -17.65 11.75 13.48
N LYS A 60 -17.90 11.55 12.20
CA LYS A 60 -19.12 10.88 11.75
C LYS A 60 -18.87 9.39 11.51
N LEU A 61 -19.95 8.62 11.43
CA LEU A 61 -19.85 7.19 11.21
C LEU A 61 -19.62 6.88 9.74
N ILE A 62 -19.72 7.89 8.89
CA ILE A 62 -19.51 7.73 7.45
C ILE A 62 -18.07 7.31 7.15
N TYR A 63 -17.18 7.56 8.10
CA TYR A 63 -15.78 7.22 7.93
C TYR A 63 -15.57 5.70 8.01
N THR A 64 -16.58 4.98 8.51
CA THR A 64 -16.48 3.53 8.61
C THR A 64 -16.65 2.87 7.24
N PRO A 65 -17.74 3.17 6.50
CA PRO A 65 -17.96 2.59 5.18
C PRO A 65 -16.89 3.03 4.20
N ILE A 66 -16.48 4.30 4.32
CA ILE A 66 -15.44 4.84 3.46
C ILE A 66 -14.12 4.12 3.68
N PHE A 67 -13.85 3.75 4.93
CA PHE A 67 -12.62 3.04 5.28
C PHE A 67 -12.57 1.70 4.55
N ASN A 68 -13.65 0.93 4.64
CA ASN A 68 -13.71 -0.37 3.98
C ASN A 68 -13.61 -0.22 2.47
N GLU A 69 -14.06 0.93 1.97
CA GLU A 69 -14.03 1.21 0.54
C GLU A 69 -12.59 1.28 0.05
N TYR A 70 -11.73 1.91 0.84
CA TYR A 70 -10.32 2.06 0.49
C TYR A 70 -9.61 0.71 0.54
N ILE A 71 -9.97 -0.10 1.53
CA ILE A 71 -9.37 -1.42 1.71
C ILE A 71 -9.87 -2.40 0.66
N SER A 72 -11.09 -2.19 0.18
CA SER A 72 -11.67 -3.07 -0.82
C SER A 72 -11.34 -2.63 -2.25
N LEU A 73 -11.12 -1.33 -2.43
CA LEU A 73 -10.79 -0.80 -3.75
C LEU A 73 -9.28 -0.79 -4.02
N VAL A 74 -8.56 -0.02 -3.21
CA VAL A 74 -7.11 0.13 -3.37
C VAL A 74 -6.34 -1.11 -2.93
N GLU A 75 -6.44 -1.46 -1.65
CA GLU A 75 -5.73 -2.61 -1.11
C GLU A 75 -5.96 -3.87 -1.94
N LYS A 76 -7.21 -4.12 -2.29
CA LYS A 76 -7.55 -5.30 -3.08
C LYS A 76 -6.94 -5.21 -4.48
N TYR A 77 -6.93 -4.02 -5.06
CA TYR A 77 -6.38 -3.82 -6.39
C TYR A 77 -4.94 -4.31 -6.46
N ILE A 78 -4.13 -3.93 -5.48
CA ILE A 78 -2.72 -4.32 -5.44
C ILE A 78 -2.58 -5.84 -5.31
N GLU A 79 -3.26 -6.41 -4.34
CA GLU A 79 -3.20 -7.86 -4.10
C GLU A 79 -3.62 -8.65 -5.33
N GLU A 80 -4.76 -8.27 -5.90
CA GLU A 80 -5.30 -8.95 -7.08
C GLU A 80 -4.36 -8.88 -8.28
N GLN A 81 -4.00 -7.67 -8.68
CA GLN A 81 -3.11 -7.48 -9.83
C GLN A 81 -1.79 -8.22 -9.62
N LEU A 82 -1.39 -8.37 -8.37
CA LEU A 82 -0.16 -9.09 -8.04
C LEU A 82 -0.33 -10.59 -8.28
N LEU A 83 -1.46 -11.13 -7.87
CA LEU A 83 -1.74 -12.56 -8.04
C LEU A 83 -1.85 -12.91 -9.52
N GLN A 84 -2.15 -11.92 -10.35
CA GLN A 84 -2.29 -12.13 -11.79
C GLN A 84 -0.99 -12.70 -12.37
N ARG A 85 0.12 -12.50 -11.66
CA ARG A 85 1.41 -12.98 -12.11
C ARG A 85 2.01 -13.96 -11.10
N ILE A 86 1.57 -13.83 -9.85
CA ILE A 86 2.06 -14.70 -8.78
C ILE A 86 0.91 -15.28 -7.96
N PRO A 87 0.39 -16.46 -8.35
CA PRO A 87 -0.72 -17.10 -7.63
C PRO A 87 -0.30 -17.67 -6.28
N GLU A 88 0.99 -17.51 -5.96
CA GLU A 88 1.53 -18.01 -4.71
C GLU A 88 1.95 -16.86 -3.80
N PHE A 89 1.53 -15.65 -4.17
CA PHE A 89 1.87 -14.45 -3.39
C PHE A 89 1.03 -14.37 -2.12
N ASN A 90 1.66 -13.93 -1.04
CA ASN A 90 0.98 -13.78 0.23
C ASN A 90 1.15 -12.36 0.77
N MET A 91 0.21 -11.49 0.45
CA MET A 91 0.26 -10.10 0.89
C MET A 91 0.14 -10.00 2.41
N ALA A 92 -0.35 -11.07 3.03
CA ALA A 92 -0.53 -11.10 4.47
C ALA A 92 0.82 -11.14 5.17
N ALA A 93 1.63 -12.14 4.86
CA ALA A 93 2.95 -12.29 5.45
C ALA A 93 3.91 -11.24 4.90
N PHE A 94 3.64 -10.78 3.68
CA PHE A 94 4.49 -9.78 3.03
C PHE A 94 4.40 -8.44 3.77
N THR A 95 3.19 -8.01 4.07
CA THR A 95 2.99 -6.74 4.76
C THR A 95 3.51 -6.80 6.19
N THR A 96 3.23 -7.91 6.87
CA THR A 96 3.68 -8.09 8.25
C THR A 96 5.19 -7.97 8.35
N THR A 97 5.90 -8.57 7.41
CA THR A 97 7.35 -8.52 7.38
C THR A 97 7.86 -7.17 6.89
N LEU A 98 7.08 -6.53 6.04
CA LEU A 98 7.44 -5.23 5.47
C LEU A 98 7.54 -4.15 6.54
N GLN A 99 6.68 -4.21 7.55
CA GLN A 99 6.66 -3.19 8.61
C GLN A 99 8.06 -2.96 9.19
N HIS A 100 8.84 -4.03 9.33
CA HIS A 100 10.19 -3.90 9.88
C HIS A 100 11.23 -3.99 8.76
N HIS A 101 10.87 -4.65 7.67
CA HIS A 101 11.77 -4.80 6.54
C HIS A 101 11.93 -3.47 5.81
N LYS A 102 11.14 -2.48 6.22
CA LYS A 102 11.20 -1.16 5.62
C LYS A 102 12.55 -0.50 5.88
N ASP A 103 13.26 -0.99 6.88
CA ASP A 103 14.57 -0.46 7.23
C ASP A 103 15.61 -0.85 6.18
N GLU A 104 15.21 -1.72 5.27
CA GLU A 104 16.10 -2.19 4.21
C GLU A 104 15.74 -1.52 2.89
N VAL A 105 14.48 -1.64 2.49
CA VAL A 105 14.01 -1.05 1.25
C VAL A 105 13.84 0.46 1.40
N ALA A 106 13.26 1.10 0.37
CA ALA A 106 13.05 2.53 0.40
C ALA A 106 11.83 2.90 1.24
N GLY A 107 12.08 3.46 2.41
CA GLY A 107 11.00 3.85 3.30
C GLY A 107 10.08 4.87 2.64
N ASP A 108 10.63 5.69 1.76
CA ASP A 108 9.86 6.72 1.07
C ASP A 108 8.80 6.09 0.17
N ILE A 109 9.14 4.96 -0.43
CA ILE A 109 8.20 4.27 -1.32
C ILE A 109 7.06 3.64 -0.55
N PHE A 110 7.40 2.87 0.50
CA PHE A 110 6.39 2.22 1.32
C PHE A 110 5.55 3.25 2.06
N ASP A 111 6.17 4.40 2.36
CA ASP A 111 5.48 5.47 3.08
C ASP A 111 4.11 5.74 2.48
N MET A 112 3.97 5.48 1.18
CA MET A 112 2.71 5.68 0.50
C MET A 112 1.70 4.62 0.92
N LEU A 113 2.12 3.36 0.82
CA LEU A 113 1.27 2.24 1.19
C LEU A 113 1.00 2.23 2.69
N LEU A 114 1.90 2.87 3.44
CA LEU A 114 1.79 2.94 4.88
C LEU A 114 0.41 3.41 5.31
N THR A 115 -0.25 4.18 4.44
CA THR A 115 -1.58 4.69 4.72
C THR A 115 -2.58 3.55 4.95
N PHE A 116 -2.11 2.31 4.86
CA PHE A 116 -2.97 1.15 5.07
C PHE A 116 -3.47 1.10 6.52
N THR A 117 -2.72 1.70 7.43
CA THR A 117 -3.09 1.72 8.84
C THR A 117 -2.89 3.10 9.44
N ASP A 118 -1.93 3.85 8.92
CA ASP A 118 -1.64 5.19 9.43
C ASP A 118 -2.70 6.18 8.96
N PHE A 119 -3.81 6.22 9.67
CA PHE A 119 -4.92 7.13 9.33
C PHE A 119 -4.45 8.57 9.33
N LEU A 120 -3.45 8.88 10.15
CA LEU A 120 -2.91 10.22 10.24
C LEU A 120 -2.33 10.67 8.91
N ALA A 121 -1.61 9.78 8.24
CA ALA A 121 -1.00 10.08 6.95
C ALA A 121 -2.04 10.08 5.84
N PHE A 122 -3.11 9.30 6.05
CA PHE A 122 -4.18 9.19 5.07
C PHE A 122 -4.92 10.52 4.92
N LYS A 123 -5.39 11.05 6.05
CA LYS A 123 -6.10 12.32 6.06
C LYS A 123 -5.18 13.45 5.62
N GLU A 124 -3.96 13.45 6.16
CA GLU A 124 -2.98 14.48 5.82
C GLU A 124 -2.69 14.48 4.32
N MET A 125 -2.83 13.32 3.69
CA MET A 125 -2.58 13.18 2.26
C MET A 125 -3.65 13.92 1.46
N PHE A 126 -4.91 13.70 1.83
CA PHE A 126 -6.03 14.34 1.13
C PHE A 126 -6.03 15.85 1.36
N LEU A 127 -5.81 16.26 2.59
CA LEU A 127 -5.79 17.69 2.93
C LEU A 127 -4.66 18.40 2.20
N ASP A 128 -3.52 17.72 2.06
CA ASP A 128 -2.37 18.29 1.37
C ASP A 128 -2.64 18.41 -0.12
N TYR A 129 -3.32 17.40 -0.67
CA TYR A 129 -3.66 17.40 -2.09
C TYR A 129 -4.66 18.50 -2.42
N ARG A 130 -5.57 18.76 -1.48
CA ARG A 130 -6.58 19.79 -1.67
C ARG A 130 -5.94 21.18 -1.68
N ALA A 131 -4.92 21.36 -0.85
CA ALA A 131 -4.22 22.64 -0.77
C ALA A 131 -3.43 22.91 -2.04
N GLU A 132 -2.92 21.84 -2.65
CA GLU A 132 -2.14 21.95 -3.89
C GLU A 132 -3.03 22.42 -5.04
N LYS A 133 -4.34 22.32 -4.85
CA LYS A 133 -5.31 22.74 -5.88
C LYS A 133 -5.37 24.26 -5.96
N GLU A 134 -4.63 24.93 -5.10
CA GLU A 134 -4.61 26.39 -5.09
C GLU A 134 -3.43 26.94 -5.90
N GLY A 135 -2.52 26.06 -6.28
CA GLY A 135 -1.37 26.46 -7.04
C GLY A 135 -1.73 27.01 -8.41
N ARG A 136 -2.49 26.22 -9.17
CA ARG A 136 -2.92 26.63 -10.50
C ARG A 136 -4.34 26.15 -10.79
N GLY A 137 -4.98 25.56 -9.78
CA GLY A 137 -6.34 25.08 -9.95
C GLY A 137 -7.37 26.14 -9.64
N MET A 2 -9.34 -30.05 22.89
CA MET A 2 -9.29 -29.90 21.42
C MET A 2 -8.12 -29.01 21.00
N ASP A 3 -7.99 -28.79 19.69
CA ASP A 3 -6.91 -27.97 19.16
C ASP A 3 -7.41 -27.05 18.04
N ALA A 4 -8.36 -27.56 17.26
CA ALA A 4 -8.94 -26.79 16.16
C ALA A 4 -7.87 -26.43 15.12
N LEU A 5 -7.91 -27.10 13.98
CA LEU A 5 -6.96 -26.85 12.90
C LEU A 5 -7.50 -27.31 11.56
N GLU A 6 -7.28 -26.49 10.53
CA GLU A 6 -7.75 -26.81 9.19
C GLU A 6 -6.66 -26.52 8.15
N GLY A 7 -5.72 -25.67 8.52
CA GLY A 7 -4.63 -25.32 7.62
C GLY A 7 -3.63 -26.45 7.47
N GLU A 8 -3.61 -27.07 6.30
CA GLU A 8 -2.71 -28.17 6.03
C GLU A 8 -1.33 -27.64 5.59
N SER A 9 -0.31 -27.95 6.39
CA SER A 9 1.05 -27.51 6.08
C SER A 9 2.07 -28.40 6.77
N PHE A 10 3.20 -28.62 6.10
CA PHE A 10 4.26 -29.46 6.65
C PHE A 10 5.60 -28.72 6.65
N ALA A 11 6.06 -28.33 5.47
CA ALA A 11 7.32 -27.62 5.33
C ALA A 11 7.33 -26.76 4.07
N LEU A 12 7.89 -25.55 4.18
CA LEU A 12 7.95 -24.63 3.05
C LEU A 12 9.34 -24.67 2.41
N SER A 13 9.53 -23.83 1.41
CA SER A 13 10.81 -23.75 0.71
C SER A 13 11.85 -23.02 1.55
N PHE A 14 13.00 -22.73 0.94
CA PHE A 14 14.08 -22.04 1.64
C PHE A 14 13.73 -20.57 1.86
N SER A 15 14.70 -19.80 2.33
CA SER A 15 14.50 -18.38 2.59
C SER A 15 14.55 -17.58 1.29
N SER A 16 13.44 -16.93 0.95
CA SER A 16 13.37 -16.13 -0.27
C SER A 16 12.29 -15.06 -0.15
N ALA A 17 11.23 -15.37 0.60
CA ALA A 17 10.11 -14.45 0.79
C ALA A 17 10.59 -13.14 1.41
N SER A 18 11.74 -13.17 2.07
CA SER A 18 12.30 -11.98 2.70
C SER A 18 13.69 -11.68 2.16
N ASP A 19 14.02 -12.29 1.02
CA ASP A 19 15.33 -12.08 0.41
C ASP A 19 15.20 -11.91 -1.11
N ALA A 20 15.33 -13.01 -1.84
CA ALA A 20 15.24 -12.98 -3.30
C ALA A 20 13.83 -12.65 -3.77
N GLU A 21 12.86 -13.46 -3.35
CA GLU A 21 11.47 -13.26 -3.74
C GLU A 21 11.00 -11.86 -3.36
N PHE A 22 11.48 -11.36 -2.23
CA PHE A 22 11.10 -10.03 -1.76
C PHE A 22 11.51 -8.96 -2.76
N ASP A 23 12.70 -9.09 -3.33
CA ASP A 23 13.19 -8.14 -4.31
C ASP A 23 12.37 -8.20 -5.59
N ALA A 24 11.91 -9.40 -5.93
CA ALA A 24 11.12 -9.61 -7.13
C ALA A 24 9.78 -8.88 -7.06
N VAL A 25 9.03 -9.14 -5.99
CA VAL A 25 7.73 -8.52 -5.79
C VAL A 25 7.84 -7.01 -5.81
N VAL A 26 8.86 -6.50 -5.13
CA VAL A 26 9.11 -5.07 -5.05
C VAL A 26 9.20 -4.47 -6.46
N GLY A 27 9.91 -5.17 -7.34
CA GLY A 27 10.05 -4.69 -8.71
C GLY A 27 8.71 -4.56 -9.40
N TYR A 28 7.87 -5.58 -9.25
CA TYR A 28 6.54 -5.57 -9.86
C TYR A 28 5.72 -4.40 -9.31
N LEU A 29 5.87 -4.13 -8.02
CA LEU A 29 5.17 -3.04 -7.37
C LEU A 29 5.49 -1.71 -8.03
N GLU A 30 6.76 -1.50 -8.32
CA GLU A 30 7.20 -0.26 -8.96
C GLU A 30 6.56 -0.09 -10.33
N ASP A 31 6.45 -1.19 -11.07
CA ASP A 31 5.86 -1.16 -12.41
C ASP A 31 4.36 -0.89 -12.34
N ILE A 32 3.71 -1.42 -11.31
CA ILE A 32 2.27 -1.24 -11.14
C ILE A 32 1.93 0.17 -10.67
N ILE A 33 2.77 0.71 -9.80
CA ILE A 33 2.55 2.06 -9.28
C ILE A 33 2.70 3.11 -10.38
N MET A 34 3.71 2.92 -11.24
CA MET A 34 3.96 3.84 -12.34
C MET A 34 3.10 3.49 -13.55
N ASP A 35 2.17 2.56 -13.36
CA ASP A 35 1.29 2.14 -14.45
C ASP A 35 0.17 3.16 -14.66
N ASP A 36 -0.14 3.44 -15.92
CA ASP A 36 -1.18 4.40 -16.27
C ASP A 36 -2.53 4.02 -15.66
N GLU A 37 -2.85 2.73 -15.72
CA GLU A 37 -4.13 2.25 -15.18
C GLU A 37 -4.21 2.49 -13.68
N PHE A 38 -3.07 2.45 -13.00
CA PHE A 38 -3.04 2.66 -11.56
C PHE A 38 -3.20 4.14 -11.22
N GLN A 39 -2.54 4.99 -12.00
CA GLN A 39 -2.60 6.44 -11.78
C GLN A 39 -3.99 6.97 -12.09
N LEU A 40 -4.63 6.40 -13.10
CA LEU A 40 -5.97 6.81 -13.51
C LEU A 40 -7.01 6.44 -12.46
N LEU A 41 -6.94 5.19 -12.00
CA LEU A 41 -7.88 4.69 -11.00
C LEU A 41 -7.69 5.40 -9.66
N GLN A 42 -6.46 5.42 -9.16
CA GLN A 42 -6.15 6.05 -7.88
C GLN A 42 -6.58 7.52 -7.87
N ARG A 43 -6.10 8.28 -8.86
CA ARG A 43 -6.43 9.70 -8.96
C ARG A 43 -7.94 9.92 -9.06
N ASN A 44 -8.61 9.06 -9.82
CA ASN A 44 -10.05 9.16 -10.02
C ASN A 44 -10.79 9.20 -8.69
N PHE A 45 -10.44 8.30 -7.78
CA PHE A 45 -11.09 8.23 -6.48
C PHE A 45 -10.58 9.33 -5.54
N MET A 46 -9.29 9.66 -5.66
CA MET A 46 -8.69 10.69 -4.81
C MET A 46 -9.45 12.01 -4.95
N ASP A 47 -10.01 12.25 -6.12
CA ASP A 47 -10.77 13.48 -6.38
C ASP A 47 -12.00 13.59 -5.48
N LYS A 48 -12.58 12.45 -5.13
CA LYS A 48 -13.77 12.43 -4.28
C LYS A 48 -13.42 12.26 -2.81
N TYR A 49 -12.49 11.35 -2.53
CA TYR A 49 -12.06 11.07 -1.17
C TYR A 49 -11.56 12.33 -0.46
N TYR A 50 -10.64 13.04 -1.10
CA TYR A 50 -10.07 14.26 -0.52
C TYR A 50 -11.15 15.31 -0.24
N LEU A 51 -12.32 15.15 -0.87
CA LEU A 51 -13.42 16.08 -0.67
C LEU A 51 -14.17 15.77 0.62
N GLU A 52 -14.53 14.51 0.80
CA GLU A 52 -15.26 14.10 2.00
C GLU A 52 -14.44 14.36 3.27
N PHE A 53 -13.14 14.09 3.20
CA PHE A 53 -12.26 14.30 4.34
C PHE A 53 -12.01 15.78 4.57
N GLU A 54 -12.87 16.40 5.39
CA GLU A 54 -12.75 17.82 5.70
C GLU A 54 -12.16 18.00 7.09
N ASP A 55 -11.37 19.06 7.26
CA ASP A 55 -10.74 19.35 8.55
C ASP A 55 -11.79 19.57 9.63
N THR A 56 -12.14 18.51 10.34
CA THR A 56 -13.13 18.59 11.41
C THR A 56 -12.72 17.76 12.62
N GLU A 57 -13.21 18.14 13.79
CA GLU A 57 -12.90 17.43 15.02
C GLU A 57 -14.01 16.45 15.38
N GLU A 58 -15.21 16.71 14.86
CA GLU A 58 -16.36 15.85 15.15
C GLU A 58 -16.25 14.53 14.38
N ASN A 59 -16.69 13.46 15.02
CA ASN A 59 -16.63 12.13 14.41
C ASN A 59 -17.90 11.85 13.60
N LYS A 60 -17.72 11.36 12.37
CA LYS A 60 -18.85 11.05 11.50
C LYS A 60 -18.89 9.56 11.18
N LEU A 61 -20.09 9.04 10.92
CA LEU A 61 -20.27 7.63 10.60
C LEU A 61 -19.93 7.35 9.14
N ILE A 62 -19.73 8.41 8.36
CA ILE A 62 -19.42 8.28 6.94
C ILE A 62 -18.01 7.74 6.73
N TYR A 63 -17.19 7.83 7.76
CA TYR A 63 -15.81 7.35 7.69
C TYR A 63 -15.74 5.83 7.65
N THR A 64 -16.83 5.18 8.07
CA THR A 64 -16.88 3.72 8.09
C THR A 64 -17.02 3.16 6.66
N PRO A 65 -18.03 3.62 5.88
CA PRO A 65 -18.25 3.13 4.51
C PRO A 65 -17.10 3.53 3.58
N ILE A 66 -16.63 4.77 3.71
CA ILE A 66 -15.55 5.27 2.88
C ILE A 66 -14.27 4.46 3.09
N PHE A 67 -13.96 4.18 4.35
CA PHE A 67 -12.77 3.42 4.69
C PHE A 67 -12.81 2.02 4.07
N ASN A 68 -13.94 1.35 4.20
CA ASN A 68 -14.12 0.01 3.66
C ASN A 68 -14.03 0.03 2.13
N GLU A 69 -14.46 1.14 1.53
CA GLU A 69 -14.45 1.29 0.08
C GLU A 69 -13.01 1.38 -0.44
N TYR A 70 -12.14 2.05 0.33
CA TYR A 70 -10.75 2.22 -0.06
C TYR A 70 -9.99 0.89 0.01
N ILE A 71 -10.26 0.13 1.06
CA ILE A 71 -9.60 -1.16 1.25
C ILE A 71 -10.13 -2.21 0.27
N SER A 72 -11.38 -2.05 -0.13
CA SER A 72 -12.00 -3.00 -1.06
C SER A 72 -11.64 -2.65 -2.51
N LEU A 73 -11.46 -1.37 -2.78
CA LEU A 73 -11.13 -0.91 -4.12
C LEU A 73 -9.61 -0.86 -4.36
N VAL A 74 -8.93 0.00 -3.60
CA VAL A 74 -7.47 0.18 -3.77
C VAL A 74 -6.66 -1.00 -3.22
N GLU A 75 -6.77 -1.25 -1.92
CA GLU A 75 -6.01 -2.34 -1.29
C GLU A 75 -6.20 -3.65 -2.04
N LYS A 76 -7.44 -3.93 -2.44
CA LYS A 76 -7.76 -5.16 -3.16
C LYS A 76 -7.11 -5.15 -4.55
N TYR A 77 -7.07 -3.96 -5.16
CA TYR A 77 -6.48 -3.82 -6.49
C TYR A 77 -5.03 -4.28 -6.50
N ILE A 78 -4.23 -3.74 -5.57
CA ILE A 78 -2.82 -4.11 -5.48
C ILE A 78 -2.65 -5.60 -5.23
N GLU A 79 -3.50 -6.14 -4.35
CA GLU A 79 -3.44 -7.55 -4.01
C GLU A 79 -3.63 -8.44 -5.24
N GLU A 80 -4.68 -8.17 -6.01
CA GLU A 80 -4.97 -8.95 -7.21
C GLU A 80 -3.84 -8.89 -8.22
N GLN A 81 -3.29 -7.69 -8.42
CA GLN A 81 -2.21 -7.49 -9.39
C GLN A 81 -0.98 -8.34 -9.05
N LEU A 82 -0.71 -8.50 -7.75
CA LEU A 82 0.45 -9.28 -7.31
C LEU A 82 0.17 -10.77 -7.40
N LEU A 83 -1.06 -11.15 -7.09
CA LEU A 83 -1.47 -12.55 -7.10
C LEU A 83 -1.47 -13.11 -8.52
N GLN A 84 -1.58 -12.24 -9.51
CA GLN A 84 -1.60 -12.65 -10.91
C GLN A 84 -0.37 -13.50 -11.24
N ARG A 85 0.70 -13.33 -10.46
CA ARG A 85 1.93 -14.08 -10.68
C ARG A 85 2.32 -14.89 -9.44
N ILE A 86 1.72 -14.55 -8.31
CA ILE A 86 2.00 -15.26 -7.05
C ILE A 86 0.70 -15.61 -6.33
N PRO A 87 0.14 -16.81 -6.59
CA PRO A 87 -1.10 -17.26 -5.95
C PRO A 87 -0.92 -17.57 -4.48
N GLU A 88 0.30 -17.92 -4.11
CA GLU A 88 0.63 -18.25 -2.72
C GLU A 88 1.12 -17.01 -1.99
N PHE A 89 0.84 -15.85 -2.56
CA PHE A 89 1.26 -14.57 -1.97
C PHE A 89 0.71 -14.41 -0.56
N ASN A 90 1.48 -13.72 0.28
CA ASN A 90 1.09 -13.45 1.65
C ASN A 90 1.19 -11.97 1.96
N MET A 91 0.11 -11.24 1.69
CA MET A 91 0.08 -9.80 1.93
C MET A 91 0.26 -9.48 3.41
N ALA A 92 -0.14 -10.41 4.28
CA ALA A 92 -0.02 -10.23 5.72
C ALA A 92 1.44 -10.21 6.16
N ALA A 93 2.15 -11.31 5.87
CA ALA A 93 3.55 -11.42 6.24
C ALA A 93 4.42 -10.46 5.44
N PHE A 94 3.93 -10.08 4.26
CA PHE A 94 4.66 -9.16 3.39
C PHE A 94 4.76 -7.78 4.03
N THR A 95 3.63 -7.23 4.45
CA THR A 95 3.60 -5.92 5.09
C THR A 95 4.36 -5.92 6.41
N THR A 96 4.25 -7.02 7.15
CA THR A 96 4.93 -7.15 8.44
C THR A 96 6.44 -7.10 8.26
N THR A 97 6.94 -7.85 7.27
CA THR A 97 8.37 -7.90 6.98
C THR A 97 8.84 -6.61 6.32
N LEU A 98 7.93 -5.96 5.58
CA LEU A 98 8.25 -4.72 4.88
C LEU A 98 8.61 -3.63 5.88
N GLN A 99 7.82 -3.52 6.95
CA GLN A 99 8.05 -2.51 7.98
C GLN A 99 9.50 -2.55 8.46
N HIS A 100 10.04 -3.76 8.56
CA HIS A 100 11.41 -3.94 9.00
C HIS A 100 12.38 -3.67 7.84
N HIS A 101 12.02 -4.13 6.66
CA HIS A 101 12.86 -3.95 5.47
C HIS A 101 12.95 -2.48 5.08
N LYS A 102 12.16 -1.63 5.75
CA LYS A 102 12.16 -0.20 5.48
C LYS A 102 13.57 0.38 5.66
N ASP A 103 14.42 -0.38 6.34
CA ASP A 103 15.80 0.06 6.57
C ASP A 103 16.54 0.28 5.26
N GLU A 104 15.95 -0.19 4.16
CA GLU A 104 16.55 -0.04 2.84
C GLU A 104 15.49 0.33 1.80
N VAL A 105 14.29 -0.21 1.97
CA VAL A 105 13.18 0.07 1.04
C VAL A 105 12.82 1.55 1.06
N ALA A 106 12.43 2.06 -0.10
CA ALA A 106 12.05 3.46 -0.23
C ALA A 106 10.84 3.78 0.64
N GLY A 107 11.08 4.51 1.73
CA GLY A 107 10.00 4.88 2.63
C GLY A 107 9.00 5.82 1.99
N ASP A 108 9.48 6.65 1.06
CA ASP A 108 8.63 7.61 0.37
C ASP A 108 7.52 6.91 -0.42
N ILE A 109 7.87 5.80 -1.06
CA ILE A 109 6.89 5.04 -1.86
C ILE A 109 5.91 4.29 -0.96
N PHE A 110 6.45 3.53 -0.01
CA PHE A 110 5.61 2.77 0.90
C PHE A 110 4.71 3.70 1.72
N ASP A 111 5.17 4.93 1.91
CA ASP A 111 4.43 5.92 2.68
C ASP A 111 2.98 6.01 2.23
N MET A 112 2.74 5.89 0.93
CA MET A 112 1.37 5.94 0.41
C MET A 112 0.64 4.65 0.77
N LEU A 113 1.36 3.54 0.70
CA LEU A 113 0.79 2.23 1.01
C LEU A 113 0.42 2.14 2.49
N LEU A 114 1.06 2.97 3.31
CA LEU A 114 0.80 2.98 4.75
C LEU A 114 -0.69 3.07 5.04
N THR A 115 -1.44 3.67 4.11
CA THR A 115 -2.88 3.81 4.26
C THR A 115 -3.57 2.47 4.53
N PHE A 116 -2.81 1.37 4.46
CA PHE A 116 -3.37 0.05 4.69
C PHE A 116 -3.84 -0.09 6.13
N THR A 117 -3.13 0.56 7.05
CA THR A 117 -3.47 0.50 8.47
C THR A 117 -3.30 1.86 9.14
N ASP A 118 -2.32 2.63 8.66
CA ASP A 118 -2.04 3.95 9.21
C ASP A 118 -3.17 4.93 8.90
N PHE A 119 -4.21 4.90 9.73
CA PHE A 119 -5.36 5.79 9.55
C PHE A 119 -4.92 7.25 9.62
N LEU A 120 -3.90 7.51 10.43
CA LEU A 120 -3.39 8.87 10.60
C LEU A 120 -2.78 9.37 9.31
N ALA A 121 -2.13 8.48 8.56
CA ALA A 121 -1.49 8.84 7.31
C ALA A 121 -2.54 8.99 6.21
N PHE A 122 -3.66 8.30 6.38
CA PHE A 122 -4.76 8.36 5.42
C PHE A 122 -5.34 9.77 5.35
N LYS A 123 -5.73 10.29 6.52
CA LYS A 123 -6.30 11.63 6.60
C LYS A 123 -5.27 12.67 6.19
N GLU A 124 -4.06 12.58 6.74
CA GLU A 124 -3.00 13.52 6.43
C GLU A 124 -2.71 13.55 4.94
N MET A 125 -2.87 12.40 4.29
CA MET A 125 -2.62 12.29 2.86
C MET A 125 -3.59 13.18 2.09
N PHE A 126 -4.88 13.09 2.43
CA PHE A 126 -5.90 13.89 1.76
C PHE A 126 -5.68 15.38 2.02
N LEU A 127 -5.45 15.73 3.28
CA LEU A 127 -5.23 17.12 3.66
C LEU A 127 -4.03 17.71 2.92
N ASP A 128 -3.07 16.85 2.60
CA ASP A 128 -1.87 17.28 1.88
C ASP A 128 -2.23 17.67 0.45
N TYR A 129 -3.08 16.86 -0.18
CA TYR A 129 -3.52 17.11 -1.55
C TYR A 129 -4.16 18.49 -1.67
N ARG A 130 -5.08 18.79 -0.75
CA ARG A 130 -5.76 20.08 -0.73
C ARG A 130 -4.81 21.21 -0.32
N ALA A 131 -3.81 20.86 0.49
CA ALA A 131 -2.84 21.84 0.96
C ALA A 131 -2.11 22.48 -0.20
N GLU A 132 -1.76 21.69 -1.21
CA GLU A 132 -1.05 22.19 -2.38
C GLU A 132 -1.94 23.13 -3.20
N LYS A 133 -3.25 22.99 -3.03
CA LYS A 133 -4.20 23.83 -3.76
C LYS A 133 -4.19 25.25 -3.23
N GLU A 134 -3.60 25.44 -2.06
CA GLU A 134 -3.53 26.76 -1.44
C GLU A 134 -2.52 27.65 -2.17
N GLY A 135 -1.69 27.05 -3.01
CA GLY A 135 -0.70 27.80 -3.76
C GLY A 135 -1.04 27.93 -5.23
N ARG A 136 -2.09 27.21 -5.65
CA ARG A 136 -2.52 27.24 -7.04
C ARG A 136 -3.94 26.70 -7.18
N GLY A 137 -4.89 27.61 -7.43
CA GLY A 137 -6.27 27.21 -7.57
C GLY A 137 -7.12 28.31 -8.20
N MET A 2 1.49 -21.84 21.92
CA MET A 2 0.04 -21.47 21.90
C MET A 2 -0.15 -20.00 22.23
N ASP A 3 -1.40 -19.59 22.40
CA ASP A 3 -1.74 -18.21 22.71
C ASP A 3 -1.21 -17.26 21.65
N ALA A 4 -0.91 -17.80 20.46
CA ALA A 4 -0.40 -17.01 19.35
C ALA A 4 0.93 -16.35 19.71
N LEU A 5 2.01 -16.83 19.09
CA LEU A 5 3.33 -16.29 19.34
C LEU A 5 3.60 -15.06 18.46
N GLU A 6 4.71 -14.40 18.72
CA GLU A 6 5.08 -13.20 17.96
C GLU A 6 6.19 -13.51 16.95
N GLY A 7 6.13 -12.84 15.81
CA GLY A 7 7.13 -13.06 14.78
C GLY A 7 7.05 -14.44 14.17
N GLU A 8 5.90 -15.09 14.32
CA GLU A 8 5.70 -16.43 13.79
C GLU A 8 4.27 -16.60 13.29
N SER A 9 4.12 -16.70 11.98
CA SER A 9 2.80 -16.86 11.37
C SER A 9 2.77 -18.11 10.48
N PHE A 10 1.57 -18.51 10.08
CA PHE A 10 1.41 -19.69 9.23
C PHE A 10 1.34 -19.28 7.76
N ALA A 11 2.20 -19.89 6.95
CA ALA A 11 2.24 -19.59 5.51
C ALA A 11 2.34 -20.87 4.69
N LEU A 12 1.54 -20.95 3.64
CA LEU A 12 1.54 -22.12 2.76
C LEU A 12 2.85 -22.23 1.99
N SER A 13 3.19 -21.17 1.27
CA SER A 13 4.43 -21.14 0.49
C SER A 13 5.65 -21.15 1.40
N PHE A 14 6.82 -21.31 0.80
CA PHE A 14 8.08 -21.34 1.55
C PHE A 14 8.59 -19.92 1.81
N SER A 15 9.78 -19.82 2.39
CA SER A 15 10.40 -18.53 2.68
C SER A 15 10.54 -17.70 1.41
N SER A 16 10.45 -16.38 1.55
CA SER A 16 10.58 -15.48 0.41
C SER A 16 11.08 -14.11 0.86
N ALA A 17 10.87 -13.79 2.14
CA ALA A 17 11.31 -12.51 2.68
C ALA A 17 12.82 -12.36 2.58
N SER A 18 13.54 -13.32 3.15
CA SER A 18 15.01 -13.29 3.11
C SER A 18 15.53 -13.86 1.80
N ASP A 19 14.61 -14.15 0.88
CA ASP A 19 14.98 -14.70 -0.42
C ASP A 19 14.93 -13.62 -1.50
N ALA A 20 15.35 -14.00 -2.71
CA ALA A 20 15.36 -13.08 -3.84
C ALA A 20 13.95 -12.69 -4.25
N GLU A 21 12.98 -13.55 -3.92
CA GLU A 21 11.58 -13.30 -4.27
C GLU A 21 11.11 -11.96 -3.72
N PHE A 22 11.45 -11.66 -2.48
CA PHE A 22 11.06 -10.40 -1.84
C PHE A 22 11.45 -9.22 -2.72
N ASP A 23 12.70 -9.21 -3.16
CA ASP A 23 13.21 -8.13 -4.00
C ASP A 23 12.38 -8.01 -5.29
N ALA A 24 12.01 -9.15 -5.84
CA ALA A 24 11.21 -9.18 -7.06
C ALA A 24 9.89 -8.44 -6.88
N VAL A 25 9.22 -8.72 -5.77
CA VAL A 25 7.94 -8.08 -5.47
C VAL A 25 8.09 -6.56 -5.40
N VAL A 26 9.20 -6.11 -4.81
CA VAL A 26 9.46 -4.68 -4.70
C VAL A 26 9.47 -4.03 -6.07
N GLY A 27 10.09 -4.71 -7.04
CA GLY A 27 10.15 -4.19 -8.39
C GLY A 27 8.78 -4.07 -9.01
N TYR A 28 7.93 -5.07 -8.80
CA TYR A 28 6.58 -5.07 -9.34
C TYR A 28 5.77 -3.91 -8.76
N LEU A 29 6.00 -3.61 -7.49
CA LEU A 29 5.30 -2.52 -6.81
C LEU A 29 5.58 -1.19 -7.50
N GLU A 30 6.86 -0.94 -7.77
CA GLU A 30 7.27 0.30 -8.43
C GLU A 30 6.58 0.43 -9.78
N ASP A 31 6.46 -0.68 -10.50
CA ASP A 31 5.82 -0.69 -11.80
C ASP A 31 4.35 -0.29 -11.69
N ILE A 32 3.72 -0.65 -10.58
CA ILE A 32 2.32 -0.32 -10.36
C ILE A 32 2.15 1.15 -10.02
N ILE A 33 3.06 1.67 -9.21
CA ILE A 33 3.01 3.08 -8.82
C ILE A 33 3.13 3.99 -10.04
N MET A 34 3.89 3.52 -11.03
CA MET A 34 4.09 4.29 -12.26
C MET A 34 3.15 3.81 -13.37
N ASP A 35 2.24 2.92 -13.02
CA ASP A 35 1.29 2.38 -13.98
C ASP A 35 0.19 3.40 -14.28
N ASP A 36 -0.10 3.60 -15.57
CA ASP A 36 -1.12 4.55 -15.99
C ASP A 36 -2.47 4.24 -15.37
N GLU A 37 -2.91 2.98 -15.51
CA GLU A 37 -4.19 2.56 -14.96
C GLU A 37 -4.25 2.79 -13.45
N PHE A 38 -3.09 2.80 -12.81
CA PHE A 38 -3.02 3.01 -11.37
C PHE A 38 -3.21 4.49 -11.02
N GLN A 39 -2.69 5.35 -11.88
CA GLN A 39 -2.79 6.79 -11.67
C GLN A 39 -4.24 7.27 -11.80
N LEU A 40 -4.93 6.75 -12.82
CA LEU A 40 -6.33 7.13 -13.06
C LEU A 40 -7.24 6.58 -11.96
N LEU A 41 -7.04 5.31 -11.61
CA LEU A 41 -7.83 4.67 -10.57
C LEU A 41 -7.75 5.43 -9.25
N GLN A 42 -6.52 5.69 -8.81
CA GLN A 42 -6.30 6.39 -7.54
C GLN A 42 -6.93 7.78 -7.55
N ARG A 43 -6.63 8.56 -8.59
CA ARG A 43 -7.16 9.91 -8.70
C ARG A 43 -8.68 9.91 -8.80
N ASN A 44 -9.23 8.88 -9.44
CA ASN A 44 -10.68 8.76 -9.61
C ASN A 44 -11.41 8.72 -8.27
N PHE A 45 -10.95 7.85 -7.38
CA PHE A 45 -11.57 7.70 -6.07
C PHE A 45 -11.14 8.83 -5.11
N MET A 46 -9.88 9.24 -5.22
CA MET A 46 -9.37 10.30 -4.36
C MET A 46 -10.15 11.59 -4.57
N ASP A 47 -10.76 11.73 -5.74
CA ASP A 47 -11.55 12.91 -6.06
C ASP A 47 -12.71 13.06 -5.08
N LYS A 48 -13.21 11.93 -4.59
CA LYS A 48 -14.32 11.95 -3.63
C LYS A 48 -13.81 11.84 -2.19
N TYR A 49 -12.80 11.02 -2.00
CA TYR A 49 -12.22 10.82 -0.67
C TYR A 49 -11.72 12.13 -0.07
N TYR A 50 -11.01 12.92 -0.86
CA TYR A 50 -10.46 14.19 -0.40
C TYR A 50 -11.59 15.18 -0.05
N LEU A 51 -12.79 14.89 -0.54
CA LEU A 51 -13.93 15.75 -0.28
C LEU A 51 -14.56 15.46 1.09
N GLU A 52 -14.74 14.19 1.39
CA GLU A 52 -15.32 13.78 2.66
C GLU A 52 -14.35 14.00 3.80
N PHE A 53 -13.06 13.79 3.54
CA PHE A 53 -12.03 13.97 4.55
C PHE A 53 -11.72 15.46 4.76
N GLU A 54 -12.48 16.08 5.66
CA GLU A 54 -12.29 17.50 5.96
C GLU A 54 -11.81 17.69 7.39
N ASP A 55 -10.89 18.62 7.59
CA ASP A 55 -10.34 18.90 8.91
C ASP A 55 -11.33 19.72 9.73
N THR A 56 -12.10 19.03 10.57
CA THR A 56 -13.08 19.70 11.43
C THR A 56 -12.99 19.18 12.86
N GLU A 57 -13.91 19.65 13.71
CA GLU A 57 -13.93 19.23 15.11
C GLU A 57 -15.03 18.20 15.36
N GLU A 58 -15.84 17.95 14.35
CA GLU A 58 -16.93 16.99 14.45
C GLU A 58 -16.47 15.60 14.04
N ASN A 59 -16.84 14.59 14.83
CA ASN A 59 -16.47 13.21 14.54
C ASN A 59 -17.56 12.52 13.73
N LYS A 60 -17.23 12.18 12.48
CA LYS A 60 -18.18 11.53 11.59
C LYS A 60 -17.87 10.04 11.46
N LEU A 61 -18.91 9.22 11.52
CA LEU A 61 -18.75 7.76 11.39
C LEU A 61 -18.61 7.35 9.93
N ILE A 62 -18.84 8.30 9.02
CA ILE A 62 -18.74 8.04 7.59
C ILE A 62 -17.35 7.58 7.19
N TYR A 63 -16.38 7.76 8.10
CA TYR A 63 -15.01 7.36 7.83
C TYR A 63 -14.84 5.85 7.83
N THR A 64 -15.73 5.15 8.54
CA THR A 64 -15.65 3.68 8.60
C THR A 64 -16.05 3.03 7.27
N PRO A 65 -17.22 3.38 6.71
CA PRO A 65 -17.67 2.82 5.43
C PRO A 65 -16.72 3.16 4.29
N ILE A 66 -16.35 4.44 4.21
CA ILE A 66 -15.43 4.90 3.16
C ILE A 66 -14.11 4.17 3.23
N PHE A 67 -13.58 4.00 4.45
CA PHE A 67 -12.32 3.31 4.66
C PHE A 67 -12.38 1.89 4.08
N ASN A 68 -13.49 1.22 4.32
CA ASN A 68 -13.68 -0.14 3.83
C ASN A 68 -13.59 -0.18 2.30
N GLU A 69 -14.15 0.85 1.67
CA GLU A 69 -14.13 0.96 0.21
C GLU A 69 -12.69 1.09 -0.29
N TYR A 70 -11.85 1.73 0.51
CA TYR A 70 -10.46 1.93 0.15
C TYR A 70 -9.69 0.61 0.17
N ILE A 71 -10.00 -0.21 1.17
CA ILE A 71 -9.35 -1.50 1.33
C ILE A 71 -9.83 -2.49 0.27
N SER A 72 -11.06 -2.31 -0.19
CA SER A 72 -11.64 -3.19 -1.20
C SER A 72 -11.25 -2.74 -2.61
N LEU A 73 -11.03 -1.45 -2.78
CA LEU A 73 -10.66 -0.89 -4.08
C LEU A 73 -9.15 -0.85 -4.29
N VAL A 74 -8.46 -0.08 -3.47
CA VAL A 74 -7.01 0.09 -3.58
C VAL A 74 -6.23 -1.14 -3.10
N GLU A 75 -6.39 -1.49 -1.82
CA GLU A 75 -5.68 -2.63 -1.25
C GLU A 75 -5.88 -3.88 -2.09
N LYS A 76 -7.08 -4.05 -2.62
CA LYS A 76 -7.40 -5.22 -3.44
C LYS A 76 -6.73 -5.12 -4.81
N TYR A 77 -6.62 -3.89 -5.34
CA TYR A 77 -6.00 -3.67 -6.63
C TYR A 77 -4.52 -4.08 -6.58
N ILE A 78 -3.89 -3.90 -5.42
CA ILE A 78 -2.49 -4.25 -5.24
C ILE A 78 -2.31 -5.76 -5.11
N GLU A 79 -3.16 -6.40 -4.31
CA GLU A 79 -3.08 -7.83 -4.10
C GLU A 79 -3.35 -8.60 -5.39
N GLU A 80 -4.27 -8.10 -6.20
CA GLU A 80 -4.63 -8.74 -7.46
C GLU A 80 -3.49 -8.65 -8.49
N GLN A 81 -2.95 -7.46 -8.65
CA GLN A 81 -1.86 -7.24 -9.62
C GLN A 81 -0.66 -8.14 -9.30
N LEU A 82 -0.39 -8.33 -8.02
CA LEU A 82 0.74 -9.15 -7.58
C LEU A 82 0.42 -10.64 -7.70
N LEU A 83 -0.83 -11.00 -7.44
CA LEU A 83 -1.26 -12.40 -7.51
C LEU A 83 -1.21 -12.92 -8.94
N GLN A 84 -1.49 -12.05 -9.90
CA GLN A 84 -1.48 -12.43 -11.31
C GLN A 84 -0.07 -12.83 -11.77
N ARG A 85 0.93 -12.39 -11.02
CA ARG A 85 2.32 -12.69 -11.35
C ARG A 85 2.91 -13.70 -10.36
N ILE A 86 2.30 -13.79 -9.18
CA ILE A 86 2.76 -14.71 -8.15
C ILE A 86 1.57 -15.42 -7.48
N PRO A 87 1.23 -16.63 -7.95
CA PRO A 87 0.11 -17.41 -7.40
C PRO A 87 0.37 -17.88 -5.97
N GLU A 88 1.58 -17.64 -5.47
CA GLU A 88 1.95 -18.05 -4.13
C GLU A 88 2.19 -16.83 -3.23
N PHE A 89 1.71 -15.68 -3.67
CA PHE A 89 1.90 -14.44 -2.91
C PHE A 89 0.88 -14.33 -1.78
N ASN A 90 1.34 -13.86 -0.63
CA ASN A 90 0.47 -13.68 0.53
C ASN A 90 0.56 -12.25 1.03
N MET A 91 -0.44 -11.43 0.68
CA MET A 91 -0.47 -10.04 1.07
C MET A 91 -0.46 -9.88 2.60
N ALA A 92 -0.93 -10.91 3.30
CA ALA A 92 -0.98 -10.89 4.75
C ALA A 92 0.42 -11.00 5.37
N ALA A 93 1.11 -12.09 5.04
CA ALA A 93 2.46 -12.32 5.56
C ALA A 93 3.45 -11.32 5.00
N PHE A 94 3.15 -10.78 3.82
CA PHE A 94 4.02 -9.82 3.16
C PHE A 94 4.04 -8.48 3.91
N THR A 95 2.85 -7.94 4.19
CA THR A 95 2.73 -6.67 4.89
C THR A 95 3.30 -6.76 6.30
N THR A 96 3.04 -7.88 6.98
CA THR A 96 3.54 -8.09 8.33
C THR A 96 5.07 -8.02 8.36
N THR A 97 5.70 -8.66 7.39
CA THR A 97 7.15 -8.68 7.29
C THR A 97 7.69 -7.37 6.72
N LEU A 98 6.88 -6.70 5.90
CA LEU A 98 7.28 -5.44 5.27
C LEU A 98 7.51 -4.33 6.31
N GLN A 99 6.59 -4.19 7.26
CA GLN A 99 6.71 -3.15 8.28
C GLN A 99 8.07 -3.20 8.95
N HIS A 100 8.72 -4.36 8.89
CA HIS A 100 10.04 -4.53 9.49
C HIS A 100 11.12 -4.40 8.41
N HIS A 101 10.83 -4.93 7.23
CA HIS A 101 11.77 -4.89 6.12
C HIS A 101 11.93 -3.47 5.59
N LYS A 102 11.18 -2.54 6.17
CA LYS A 102 11.25 -1.15 5.76
C LYS A 102 12.63 -0.57 6.05
N ASP A 103 13.40 -1.28 6.88
CA ASP A 103 14.74 -0.84 7.22
C ASP A 103 15.68 -1.00 6.03
N GLU A 104 15.23 -1.74 5.01
CA GLU A 104 16.03 -1.96 3.82
C GLU A 104 15.38 -1.31 2.60
N VAL A 105 14.19 -1.79 2.24
CA VAL A 105 13.47 -1.25 1.09
C VAL A 105 13.26 0.25 1.23
N ALA A 106 13.09 0.93 0.10
CA ALA A 106 12.87 2.37 0.08
C ALA A 106 11.70 2.76 0.99
N GLY A 107 12.03 3.37 2.12
CA GLY A 107 11.00 3.79 3.05
C GLY A 107 10.06 4.80 2.46
N ASP A 108 10.57 5.61 1.53
CA ASP A 108 9.76 6.64 0.87
C ASP A 108 8.66 6.00 0.02
N ILE A 109 8.97 4.84 -0.56
CA ILE A 109 8.02 4.14 -1.40
C ILE A 109 6.91 3.52 -0.56
N PHE A 110 7.28 2.80 0.49
CA PHE A 110 6.30 2.17 1.36
C PHE A 110 5.48 3.23 2.09
N ASP A 111 6.10 4.39 2.33
CA ASP A 111 5.44 5.48 3.03
C ASP A 111 4.04 5.74 2.45
N MET A 112 3.88 5.46 1.17
CA MET A 112 2.59 5.65 0.52
C MET A 112 1.61 4.58 0.99
N LEU A 113 2.05 3.32 0.90
CA LEU A 113 1.23 2.19 1.32
C LEU A 113 0.99 2.22 2.82
N LEU A 114 1.87 2.91 3.54
CA LEU A 114 1.78 3.02 5.00
C LEU A 114 0.39 3.46 5.42
N THR A 115 -0.29 4.18 4.55
CA THR A 115 -1.64 4.67 4.83
C THR A 115 -2.61 3.51 5.10
N PHE A 116 -2.11 2.28 5.03
CA PHE A 116 -2.93 1.10 5.27
C PHE A 116 -3.42 1.06 6.72
N THR A 117 -2.61 1.59 7.63
CA THR A 117 -2.95 1.61 9.05
C THR A 117 -2.77 3.00 9.64
N ASP A 118 -1.88 3.79 9.06
CA ASP A 118 -1.62 5.14 9.56
C ASP A 118 -2.72 6.10 9.10
N PHE A 119 -3.79 6.18 9.89
CA PHE A 119 -4.92 7.05 9.58
C PHE A 119 -4.48 8.51 9.51
N LEU A 120 -3.49 8.87 10.33
CA LEU A 120 -2.98 10.24 10.36
C LEU A 120 -2.38 10.64 9.01
N ALA A 121 -1.73 9.68 8.36
CA ALA A 121 -1.11 9.94 7.06
C ALA A 121 -2.15 9.99 5.95
N PHE A 122 -3.21 9.20 6.11
CA PHE A 122 -4.29 9.15 5.13
C PHE A 122 -5.03 10.48 5.07
N LYS A 123 -5.53 10.93 6.21
CA LYS A 123 -6.27 12.18 6.30
C LYS A 123 -5.38 13.35 5.90
N GLU A 124 -4.21 13.44 6.51
CA GLU A 124 -3.27 14.53 6.21
C GLU A 124 -2.94 14.57 4.72
N MET A 125 -2.97 13.41 4.07
CA MET A 125 -2.68 13.32 2.66
C MET A 125 -3.72 14.08 1.83
N PHE A 126 -4.99 13.84 2.15
CA PHE A 126 -6.09 14.50 1.44
C PHE A 126 -6.09 16.00 1.71
N LEU A 127 -5.80 16.38 2.94
CA LEU A 127 -5.78 17.80 3.31
C LEU A 127 -4.75 18.55 2.47
N ASP A 128 -3.51 18.03 2.44
CA ASP A 128 -2.45 18.66 1.67
C ASP A 128 -2.80 18.65 0.18
N TYR A 129 -3.48 17.59 -0.25
CA TYR A 129 -3.88 17.46 -1.65
C TYR A 129 -4.82 18.60 -2.04
N ARG A 130 -5.75 18.93 -1.14
CA ARG A 130 -6.71 20.01 -1.39
C ARG A 130 -5.98 21.34 -1.54
N ALA A 131 -4.99 21.58 -0.69
CA ALA A 131 -4.22 22.81 -0.73
C ALA A 131 -3.61 23.02 -2.11
N GLU A 132 -3.09 21.94 -2.70
CA GLU A 132 -2.47 22.00 -4.01
C GLU A 132 -3.54 22.19 -5.09
N LYS A 133 -4.73 21.67 -4.83
CA LYS A 133 -5.84 21.78 -5.78
C LYS A 133 -6.36 23.20 -5.86
N GLU A 134 -5.90 24.06 -4.94
CA GLU A 134 -6.32 25.45 -4.91
C GLU A 134 -5.72 26.22 -6.09
N GLY A 135 -4.77 25.58 -6.77
CA GLY A 135 -4.14 26.23 -7.91
C GLY A 135 -2.69 25.81 -8.08
N ARG A 136 -1.91 25.97 -7.02
CA ARG A 136 -0.50 25.60 -7.05
C ARG A 136 0.07 25.45 -5.64
N GLY A 137 -0.03 26.53 -4.86
CA GLY A 137 0.47 26.49 -3.49
C GLY A 137 0.12 27.75 -2.72
N MET A 2 8.43 -42.38 15.39
CA MET A 2 8.12 -41.04 15.94
C MET A 2 8.96 -39.96 15.26
N ASP A 3 10.22 -40.29 14.97
CA ASP A 3 11.13 -39.35 14.32
C ASP A 3 11.20 -39.62 12.82
N ALA A 4 11.42 -38.56 12.05
CA ALA A 4 11.52 -38.67 10.59
C ALA A 4 12.54 -37.69 10.03
N LEU A 5 13.64 -38.23 9.51
CA LEU A 5 14.69 -37.40 8.94
C LEU A 5 15.50 -38.17 7.90
N GLU A 6 15.60 -37.62 6.71
CA GLU A 6 16.35 -38.26 5.62
C GLU A 6 17.30 -37.26 4.96
N GLY A 7 17.30 -36.03 5.46
CA GLY A 7 18.16 -35.00 4.90
C GLY A 7 17.38 -33.86 4.29
N GLU A 8 17.07 -32.84 5.11
CA GLU A 8 16.32 -31.68 4.64
C GLU A 8 17.20 -30.44 4.61
N SER A 9 17.53 -29.99 3.40
CA SER A 9 18.36 -28.80 3.22
C SER A 9 17.50 -27.55 3.12
N PHE A 10 16.65 -27.49 2.10
CA PHE A 10 15.78 -26.36 1.89
C PHE A 10 14.41 -26.81 1.37
N ALA A 11 13.38 -26.61 2.18
CA ALA A 11 12.02 -27.00 1.80
C ALA A 11 11.15 -25.79 1.53
N LEU A 12 10.81 -25.07 2.59
CA LEU A 12 9.96 -23.89 2.46
C LEU A 12 10.22 -22.91 3.61
N SER A 13 10.82 -21.77 3.30
CA SER A 13 11.11 -20.76 4.32
C SER A 13 9.83 -20.17 4.88
N PHE A 14 8.99 -19.64 3.99
CA PHE A 14 7.73 -19.04 4.39
C PHE A 14 6.84 -18.78 3.18
N SER A 15 7.23 -17.81 2.36
CA SER A 15 6.47 -17.45 1.16
C SER A 15 7.29 -16.57 0.23
N SER A 16 7.61 -15.36 0.70
CA SER A 16 8.39 -14.43 -0.09
C SER A 16 9.50 -13.79 0.75
N ALA A 17 9.37 -13.91 2.07
CA ALA A 17 10.34 -13.35 3.00
C ALA A 17 11.68 -14.09 2.90
N SER A 18 11.70 -15.14 2.08
CA SER A 18 12.91 -15.93 1.90
C SER A 18 14.13 -15.04 1.67
N ASP A 19 14.23 -14.46 0.47
CA ASP A 19 15.36 -13.60 0.15
C ASP A 19 15.14 -12.88 -1.18
N ALA A 20 15.48 -13.55 -2.27
CA ALA A 20 15.35 -12.99 -3.60
C ALA A 20 13.88 -12.80 -3.99
N GLU A 21 13.00 -13.61 -3.41
CA GLU A 21 11.58 -13.53 -3.71
C GLU A 21 11.00 -12.19 -3.28
N PHE A 22 11.28 -11.79 -2.03
CA PHE A 22 10.79 -10.52 -1.51
C PHE A 22 11.18 -9.37 -2.43
N ASP A 23 12.46 -9.29 -2.76
CA ASP A 23 12.96 -8.23 -3.64
C ASP A 23 12.22 -8.24 -4.97
N ALA A 24 11.90 -9.44 -5.45
CA ALA A 24 11.17 -9.57 -6.71
C ALA A 24 9.82 -8.87 -6.64
N VAL A 25 9.12 -9.05 -5.53
CA VAL A 25 7.81 -8.44 -5.34
C VAL A 25 7.94 -6.92 -5.36
N VAL A 26 9.00 -6.41 -4.73
CA VAL A 26 9.24 -4.96 -4.69
C VAL A 26 9.31 -4.39 -6.10
N GLY A 27 9.97 -5.13 -6.99
CA GLY A 27 10.08 -4.68 -8.38
C GLY A 27 8.73 -4.61 -9.06
N TYR A 28 7.90 -5.62 -8.83
CA TYR A 28 6.57 -5.66 -9.43
C TYR A 28 5.72 -4.50 -8.91
N LEU A 29 5.96 -4.10 -7.67
CA LEU A 29 5.23 -3.00 -7.04
C LEU A 29 5.53 -1.69 -7.76
N GLU A 30 6.82 -1.42 -7.97
CA GLU A 30 7.24 -0.20 -8.63
C GLU A 30 6.68 -0.11 -10.04
N ASP A 31 6.52 -1.27 -10.69
CA ASP A 31 5.98 -1.32 -12.05
C ASP A 31 4.49 -0.96 -12.06
N ILE A 32 3.78 -1.38 -11.03
CA ILE A 32 2.34 -1.11 -10.93
C ILE A 32 2.08 0.33 -10.54
N ILE A 33 2.87 0.85 -9.61
CA ILE A 33 2.71 2.23 -9.15
C ILE A 33 3.00 3.23 -10.28
N MET A 34 3.94 2.87 -11.15
CA MET A 34 4.31 3.73 -12.27
C MET A 34 3.44 3.44 -13.49
N ASP A 35 2.41 2.62 -13.32
CA ASP A 35 1.52 2.26 -14.41
C ASP A 35 0.53 3.39 -14.68
N ASP A 36 0.24 3.62 -15.96
CA ASP A 36 -0.69 4.68 -16.37
C ASP A 36 -2.07 4.47 -15.77
N GLU A 37 -2.55 3.22 -15.81
CA GLU A 37 -3.87 2.89 -15.28
C GLU A 37 -3.93 3.10 -13.76
N PHE A 38 -2.77 3.06 -13.11
CA PHE A 38 -2.70 3.25 -11.67
C PHE A 38 -2.83 4.71 -11.29
N GLN A 39 -2.13 5.58 -12.02
CA GLN A 39 -2.17 7.01 -11.75
C GLN A 39 -3.57 7.57 -11.95
N LEU A 40 -4.22 7.13 -13.01
CA LEU A 40 -5.58 7.58 -13.34
C LEU A 40 -6.59 7.05 -12.32
N LEU A 41 -6.45 5.78 -11.98
CA LEU A 41 -7.35 5.14 -11.02
C LEU A 41 -7.29 5.81 -9.65
N GLN A 42 -6.07 5.97 -9.14
CA GLN A 42 -5.87 6.58 -7.82
C GLN A 42 -6.42 8.00 -7.77
N ARG A 43 -6.08 8.82 -8.76
CA ARG A 43 -6.54 10.20 -8.80
C ARG A 43 -8.05 10.29 -8.99
N ASN A 44 -8.61 9.32 -9.73
CA ASN A 44 -10.04 9.31 -9.99
C ASN A 44 -10.84 9.21 -8.70
N PHE A 45 -10.45 8.28 -7.83
CA PHE A 45 -11.14 8.09 -6.56
C PHE A 45 -10.76 9.17 -5.55
N MET A 46 -9.46 9.45 -5.43
CA MET A 46 -8.98 10.47 -4.50
C MET A 46 -9.65 11.82 -4.76
N ASP A 47 -10.09 12.02 -5.99
CA ASP A 47 -10.75 13.27 -6.37
C ASP A 47 -11.99 13.51 -5.52
N LYS A 48 -12.64 12.43 -5.11
CA LYS A 48 -13.84 12.52 -4.28
C LYS A 48 -13.52 12.32 -2.81
N TYR A 49 -12.53 11.48 -2.53
CA TYR A 49 -12.12 11.20 -1.15
C TYR A 49 -11.71 12.47 -0.41
N TYR A 50 -10.77 13.23 -0.98
CA TYR A 50 -10.30 14.45 -0.35
C TYR A 50 -11.45 15.43 -0.09
N LEU A 51 -12.57 15.21 -0.76
CA LEU A 51 -13.74 16.07 -0.61
C LEU A 51 -14.53 15.69 0.64
N GLU A 52 -14.71 14.38 0.85
CA GLU A 52 -15.44 13.90 2.00
C GLU A 52 -14.65 14.09 3.28
N PHE A 53 -13.33 13.92 3.20
CA PHE A 53 -12.47 14.09 4.36
C PHE A 53 -12.28 15.57 4.68
N GLU A 54 -13.19 16.11 5.49
CA GLU A 54 -13.13 17.51 5.88
C GLU A 54 -12.64 17.63 7.32
N ASP A 55 -11.88 18.69 7.60
CA ASP A 55 -11.35 18.92 8.94
C ASP A 55 -12.48 19.19 9.92
N THR A 56 -12.84 18.16 10.69
CA THR A 56 -13.91 18.28 11.67
C THR A 56 -13.45 17.77 13.04
N GLU A 57 -14.23 18.09 14.07
CA GLU A 57 -13.91 17.67 15.43
C GLU A 57 -14.77 16.47 15.84
N GLU A 58 -16.02 16.48 15.40
CA GLU A 58 -16.95 15.39 15.71
C GLU A 58 -16.76 14.21 14.75
N ASN A 59 -16.45 13.05 15.31
CA ASN A 59 -16.23 11.85 14.51
C ASN A 59 -17.49 11.47 13.73
N LYS A 60 -17.38 11.47 12.40
CA LYS A 60 -18.50 11.13 11.54
C LYS A 60 -18.49 9.64 11.20
N LEU A 61 -19.66 9.08 10.99
CA LEU A 61 -19.79 7.66 10.68
C LEU A 61 -19.51 7.40 9.20
N ILE A 62 -19.54 8.45 8.39
CA ILE A 62 -19.30 8.31 6.96
C ILE A 62 -17.86 7.88 6.67
N TYR A 63 -16.99 8.05 7.66
CA TYR A 63 -15.59 7.68 7.53
C TYR A 63 -15.40 6.17 7.46
N THR A 64 -16.37 5.42 7.97
CA THR A 64 -16.28 3.96 7.97
C THR A 64 -16.56 3.39 6.57
N PRO A 65 -17.69 3.75 5.93
CA PRO A 65 -18.02 3.25 4.59
C PRO A 65 -16.96 3.65 3.56
N ILE A 66 -16.55 4.92 3.61
CA ILE A 66 -15.54 5.42 2.68
C ILE A 66 -14.22 4.65 2.81
N PHE A 67 -13.77 4.50 4.05
CA PHE A 67 -12.52 3.80 4.31
C PHE A 67 -12.57 2.38 3.75
N ASN A 68 -13.72 1.73 3.90
CA ASN A 68 -13.90 0.37 3.41
C ASN A 68 -13.79 0.32 1.88
N GLU A 69 -14.23 1.38 1.23
CA GLU A 69 -14.16 1.48 -0.22
C GLU A 69 -12.72 1.50 -0.70
N TYR A 70 -11.86 2.16 0.08
CA TYR A 70 -10.45 2.26 -0.24
C TYR A 70 -9.76 0.91 -0.09
N ILE A 71 -10.20 0.16 0.92
CA ILE A 71 -9.63 -1.16 1.19
C ILE A 71 -10.09 -2.18 0.17
N SER A 72 -11.29 -1.98 -0.37
CA SER A 72 -11.85 -2.90 -1.35
C SER A 72 -11.38 -2.55 -2.77
N LEU A 73 -11.11 -1.28 -3.00
CA LEU A 73 -10.67 -0.82 -4.32
C LEU A 73 -9.14 -0.85 -4.46
N VAL A 74 -8.45 -0.06 -3.65
CA VAL A 74 -7.00 0.04 -3.71
C VAL A 74 -6.29 -1.19 -3.13
N GLU A 75 -6.49 -1.45 -1.84
CA GLU A 75 -5.84 -2.59 -1.20
C GLU A 75 -6.07 -3.88 -1.97
N LYS A 76 -7.26 -4.03 -2.53
CA LYS A 76 -7.60 -5.22 -3.29
C LYS A 76 -6.89 -5.21 -4.64
N TYR A 77 -6.71 -4.02 -5.20
CA TYR A 77 -6.03 -3.87 -6.48
C TYR A 77 -4.62 -4.45 -6.44
N ILE A 78 -3.80 -3.94 -5.52
CA ILE A 78 -2.42 -4.41 -5.38
C ILE A 78 -2.38 -5.91 -5.07
N GLU A 79 -3.21 -6.34 -4.14
CA GLU A 79 -3.26 -7.74 -3.73
C GLU A 79 -3.52 -8.65 -4.93
N GLU A 80 -4.52 -8.32 -5.74
CA GLU A 80 -4.87 -9.11 -6.91
C GLU A 80 -3.76 -9.10 -7.95
N GLN A 81 -3.20 -7.93 -8.22
CA GLN A 81 -2.15 -7.79 -9.21
C GLN A 81 -0.94 -8.67 -8.86
N LEU A 82 -0.66 -8.80 -7.58
CA LEU A 82 0.46 -9.60 -7.12
C LEU A 82 0.14 -11.10 -7.17
N LEU A 83 -1.11 -11.44 -6.84
CA LEU A 83 -1.54 -12.83 -6.85
C LEU A 83 -1.54 -13.39 -8.28
N GLN A 84 -1.64 -12.50 -9.26
CA GLN A 84 -1.65 -12.91 -10.66
C GLN A 84 -0.45 -13.77 -11.01
N ARG A 85 0.62 -13.64 -10.23
CA ARG A 85 1.84 -14.41 -10.46
C ARG A 85 2.17 -15.28 -9.24
N ILE A 86 1.97 -14.71 -8.05
CA ILE A 86 2.25 -15.44 -6.81
C ILE A 86 0.95 -15.82 -6.10
N PRO A 87 0.43 -17.04 -6.35
CA PRO A 87 -0.81 -17.51 -5.73
C PRO A 87 -0.63 -17.84 -4.25
N GLU A 88 0.62 -17.77 -3.79
CA GLU A 88 0.93 -18.05 -2.39
C GLU A 88 1.33 -16.77 -1.67
N PHE A 89 1.03 -15.63 -2.29
CA PHE A 89 1.37 -14.33 -1.71
C PHE A 89 0.42 -13.98 -0.56
N ASN A 90 0.93 -13.29 0.44
CA ASN A 90 0.12 -12.88 1.58
C ASN A 90 0.34 -11.40 1.88
N MET A 91 -0.63 -10.58 1.51
CA MET A 91 -0.55 -9.14 1.70
C MET A 91 -0.34 -8.79 3.18
N ALA A 92 -0.89 -9.61 4.07
CA ALA A 92 -0.78 -9.38 5.50
C ALA A 92 0.65 -9.59 5.99
N ALA A 93 1.18 -10.79 5.77
CA ALA A 93 2.53 -11.12 6.20
C ALA A 93 3.57 -10.30 5.44
N PHE A 94 3.21 -9.85 4.25
CA PHE A 94 4.11 -9.05 3.42
C PHE A 94 4.40 -7.71 4.07
N THR A 95 3.34 -6.99 4.45
CA THR A 95 3.48 -5.69 5.08
C THR A 95 4.22 -5.79 6.41
N THR A 96 3.86 -6.81 7.20
CA THR A 96 4.49 -7.02 8.49
C THR A 96 6.00 -7.14 8.36
N THR A 97 6.44 -7.93 7.40
CA THR A 97 7.87 -8.14 7.15
C THR A 97 8.47 -6.94 6.43
N LEU A 98 7.67 -6.25 5.64
CA LEU A 98 8.11 -5.09 4.89
C LEU A 98 8.66 -4.01 5.81
N GLN A 99 8.04 -3.86 6.98
CA GLN A 99 8.48 -2.85 7.95
C GLN A 99 9.97 -2.95 8.22
N HIS A 100 10.47 -4.18 8.31
CA HIS A 100 11.88 -4.39 8.56
C HIS A 100 12.68 -4.25 7.26
N HIS A 101 12.12 -4.77 6.18
CA HIS A 101 12.77 -4.70 4.87
C HIS A 101 12.77 -3.28 4.34
N LYS A 102 12.16 -2.38 5.09
CA LYS A 102 12.09 -0.97 4.70
C LYS A 102 13.49 -0.37 4.64
N ASP A 103 14.42 -0.99 5.36
CA ASP A 103 15.80 -0.52 5.39
C ASP A 103 16.46 -0.64 4.01
N GLU A 104 15.81 -1.40 3.12
CA GLU A 104 16.32 -1.59 1.77
C GLU A 104 15.35 -1.02 0.75
N VAL A 105 14.07 -1.35 0.92
CA VAL A 105 13.02 -0.87 0.02
C VAL A 105 12.79 0.63 0.22
N ALA A 106 12.44 1.32 -0.87
CA ALA A 106 12.19 2.75 -0.81
C ALA A 106 11.13 3.07 0.23
N GLY A 107 11.57 3.66 1.35
CA GLY A 107 10.66 4.02 2.41
C GLY A 107 9.67 5.08 2.00
N ASP A 108 10.09 5.95 1.08
CA ASP A 108 9.23 7.03 0.60
C ASP A 108 8.01 6.49 -0.11
N ILE A 109 8.18 5.43 -0.89
CA ILE A 109 7.08 4.83 -1.63
C ILE A 109 6.13 4.09 -0.70
N PHE A 110 6.68 3.21 0.13
CA PHE A 110 5.86 2.45 1.06
C PHE A 110 5.17 3.38 2.05
N ASP A 111 5.81 4.51 2.36
CA ASP A 111 5.24 5.47 3.29
C ASP A 111 3.88 5.97 2.82
N MET A 112 3.74 6.14 1.50
CA MET A 112 2.47 6.61 0.93
C MET A 112 1.41 5.51 0.97
N LEU A 113 1.75 4.36 0.43
CA LEU A 113 0.84 3.22 0.40
C LEU A 113 0.63 2.68 1.81
N LEU A 114 1.55 3.01 2.69
CA LEU A 114 1.51 2.60 4.10
C LEU A 114 0.14 2.90 4.71
N THR A 115 -0.56 3.88 4.12
CA THR A 115 -1.90 4.26 4.59
C THR A 115 -2.82 3.06 4.79
N PHE A 116 -2.34 1.86 4.43
CA PHE A 116 -3.12 0.65 4.58
C PHE A 116 -3.41 0.38 6.06
N THR A 117 -2.52 0.86 6.92
CA THR A 117 -2.67 0.67 8.35
C THR A 117 -2.57 2.00 9.11
N ASP A 118 -1.83 2.95 8.54
CA ASP A 118 -1.66 4.25 9.17
C ASP A 118 -2.79 5.20 8.77
N PHE A 119 -3.92 5.10 9.46
CA PHE A 119 -5.07 5.96 9.18
C PHE A 119 -4.72 7.42 9.40
N LEU A 120 -3.76 7.68 10.29
CA LEU A 120 -3.32 9.04 10.58
C LEU A 120 -2.72 9.68 9.35
N ALA A 121 -1.94 8.90 8.59
CA ALA A 121 -1.30 9.40 7.38
C ALA A 121 -2.31 9.51 6.25
N PHE A 122 -3.35 8.68 6.32
CA PHE A 122 -4.41 8.67 5.31
C PHE A 122 -5.15 10.01 5.32
N LYS A 123 -5.65 10.38 6.49
CA LYS A 123 -6.39 11.63 6.64
C LYS A 123 -5.51 12.83 6.29
N GLU A 124 -4.34 12.90 6.91
CA GLU A 124 -3.41 13.99 6.68
C GLU A 124 -3.02 14.08 5.21
N MET A 125 -3.03 12.94 4.52
CA MET A 125 -2.68 12.89 3.11
C MET A 125 -3.67 13.69 2.28
N PHE A 126 -4.96 13.45 2.51
CA PHE A 126 -6.00 14.16 1.78
C PHE A 126 -6.01 15.65 2.11
N LEU A 127 -5.84 15.97 3.39
CA LEU A 127 -5.83 17.36 3.84
C LEU A 127 -4.70 18.14 3.16
N ASP A 128 -3.59 17.46 2.91
CA ASP A 128 -2.43 18.08 2.28
C ASP A 128 -2.73 18.39 0.81
N TYR A 129 -3.28 17.40 0.11
CA TYR A 129 -3.62 17.57 -1.30
C TYR A 129 -4.66 18.67 -1.49
N ARG A 130 -5.60 18.76 -0.56
CA ARG A 130 -6.65 19.77 -0.61
C ARG A 130 -6.04 21.17 -0.53
N ALA A 131 -5.08 21.33 0.37
CA ALA A 131 -4.41 22.62 0.55
C ALA A 131 -3.63 23.00 -0.70
N GLU A 132 -3.15 22.00 -1.43
CA GLU A 132 -2.38 22.23 -2.65
C GLU A 132 -3.24 22.98 -3.68
N LYS A 133 -4.54 22.74 -3.64
CA LYS A 133 -5.47 23.40 -4.56
C LYS A 133 -5.44 24.90 -4.38
N GLU A 134 -5.47 25.34 -3.12
CA GLU A 134 -5.45 26.76 -2.80
C GLU A 134 -4.02 27.27 -2.64
N GLY A 135 -3.06 26.37 -2.89
CA GLY A 135 -1.66 26.74 -2.77
C GLY A 135 -1.27 27.86 -3.71
N ARG A 136 -1.41 27.60 -5.02
CA ARG A 136 -1.07 28.59 -6.03
C ARG A 136 -2.29 29.41 -6.43
N GLY A 137 -2.33 30.66 -5.96
CA GLY A 137 -3.45 31.53 -6.29
C GLY A 137 -3.11 33.00 -6.13
#